data_8FF4
#
_entry.id   8FF4
#
_cell.length_a   1.00
_cell.length_b   1.00
_cell.length_c   1.00
_cell.angle_alpha   90.00
_cell.angle_beta   90.00
_cell.angle_gamma   90.00
#
_symmetry.space_group_name_H-M   'P 1'
#
loop_
_entity.id
_entity.type
_entity.pdbx_description
1 polymer 'Type I-B CRISPR-associated protein Cas5'
2 polymer 'Type I-B CRISPR-associated protein Cas6'
3 polymer 'Type I-B CRISPR-associated protein Cas7'
4 polymer 'Type I-B CRISPR-associated protein Cas8'
5 polymer 'Type I-B CRISPR-associated protein Cas11'
6 polymer RNA
7 polymer 'Target DNA strand'
8 polymer 'Non-target DNA strand'
9 polymer TniQ
10 polymer TnsC
11 non-polymer "ADENOSINE-5'-TRIPHOSPHATE"
12 non-polymer 'MAGNESIUM ION'
#
loop_
_entity_poly.entity_id
_entity_poly.type
_entity_poly.pdbx_seq_one_letter_code
_entity_poly.pdbx_strand_id
1 'polypeptide(L)'
;MIAPLILYLDVPFTTFRESHAREMGKTYPVPPPATVYGMLLSLVGETNVYRHCGVELAIAMLSSPKKSRILRQMRRFKNA
DFSHPENVIPCYQEILSNLKCLIWVRSDEEKIQPSLRERIQLAFDHPELVRRFGCLFLGESDQLIKTIKLAREDYLEGVR
QWAIRDNRGRLTLPYWVDHVGSRNTRFLRYRIEEMDRLSPPDLAWTMVQSPI
;
A
2 'polypeptide(L)'
;MTAILIQSEEYVDLTFKLRGAPIPLDNGYLTYAALSRICPPLHELKSIGIHPIAGIPTRNNLLELTAQSRLKIRIYHQQI
PLIYPYLAGQAFHIGQNFYQLDIPDYKPLISSESVYSRLVIIKGFQDSTNFIEAVQRQMDNLGIQGKIELLTRQDGTPQR
RQLTINKEGKQFKVRGFGVKISELNPEDSLTLQEQGIGGKRKMMCGIFVPATRSKEEEET
;
B
3 'polypeptide(L)'
;MMTQKKNDSNIPNYYLYGTVLTRYGLASLNHDIRRGNKTILQKGYWNNGKIHSFVGSSAIRWALRFYLQKQGYLVNRVWD
EEEHINRLTSEDFDPEKFYDDDIFGFALLESAETEEDTSTTKRKKKQTKTSTPNQRMGALGMNMAVSLTPYDGAVKLGAK
SGREKDSTSLHFTEYHATRYQYYFGIDATHLKDFSRILPMIDGIMNLPKVGGSSNIFNYPFCPDSLVFQWTNHFASYISY
CFEYCDPKSKEAKLSQEFIDEVECGQIDPSKLWIGGTIVKDLQQLDNFESSPLNKAHIYRNRNEMIEALKTVIKRDLGLE
ESK
;
C,D,E,F,G,H
4 'polypeptide(L)'
;MHHHHHHHHIVSTQPKISLSLHAADTTIMHRVGMTGLYMTLKRLEKQYPLSRQRGGHISWFLTADTIELFWEGSDFIALS
WLINESFQLDDTGLIHLVGLDNDRIDLRQKIHIHEGICGVFLRLNKFYQAGEIINTELRFEEKQVEYQYKSLTWYAHQTF
AEKLCEADTQQLRHDYIQITSWLYLGGIVRHARTQNTTKLEEKPEYALALLFVPVVCHYCLLHIPSEDLKERKPHRYLVV
IPEIKDFEDASQRRWRLQQLETKQFHVSSLGEAGLLYYSLDDIQPEVAYYQACQVWLYEKTNKASRQRTLMSIEEIKIDK
NILITYQQVQKYFKTNYQIIKYKQIFIKVNPIRSLIADNLVKGIHWWSNFWEKLVIEDSKEYLFNQLFSNREGFIIMAEN
SEEDKQYLIFIKVFQQAMKGNFAKIYAKTEEGKDPPIKKKVERLRAELNYCYDELSFKEYLSDFLVRGGLNKYFNEHQEE
IALLIKKSPWQEIRIWSLLAIASYKPKDKLTNRDDSSLSNNQKLEEVNDDSEEE
;
I
5 'polypeptide(L)'
;MAENSEEDKQYLIFIKVFQQAMKGNFAKIYAKTEEGKDPPIKKKVERLRAELNYCYDELSFKEYLSDFLVRGGLNKYFNE
HQEEIALLIKKSPWQEIRIWSLLAIASYKPKDKLTNRDDSSLSNNQKLEEVNDDSEEE
;
J,K,L
6 'polyribonucleotide' UUGCUCAAGAGAAGUCAUUUAAUAAGGCCACUGUUAAACGUAGGUGAGUCGUGGCUUUAUGCCGUUAGGCG M
7 'polydeoxyribonucleotide'
;(DG)(DG)(DC)(DC)(DG)(DC)(DT)(DA)(DC)(DG)(DT)(DA)(DT)(DC)(DG)(DT)(DA)(DG)(DA)(DT)
(DA)(DT)(DA)(DT)(DC)(DT)(DA)(DC)(DG)(DC)(DG)(DT)(DA)(DG)(DA)(DT)(DA)(DT)(DA)(DT)
(DC)(DT)(DA)(DC)(DG)(DT)(DT)(DT)(DA)(DA)(DC)(DA)(DG)(DT)(DG)(DG)(DC)(DC)(DT)(DT)
(DA)(DT)(DT)(DA)(DA)(DA)(DT)(DG)(DA)(DC)(DT)(DT)(DC)(DT)(DC)(DC)(DA)(DT)(DG)(DA)
(DT)(DC)(DT)(DA)(DC)
;
N
8 'polydeoxyribonucleotide'
;(DG)(DT)(DA)(DG)(DA)(DT)(DC)(DA)(DT)(DG)(DG)(DA)(DG)(DA)(DA)(DG)(DT)(DC)(DA)(DT)
(DT)(DT)(DA)(DA)(DT)(DA)(DA)(DG)(DG)(DC)(DC)(DA)(DC)(DT)(DG)(DT)(DT)(DA)(DA)(DA)
(DC)(DG)(DT)(DA)(DG)(DA)(DT)(DA)(DT)(DA)(DT)(DC)(DT)(DA)(DC)(DG)(DC)(DG)(DT)(DA)
(DG)(DA)(DT)(DA)(DT)(DA)(DT)(DC)(DT)(DA)(DC)(DG)(DA)(DT)(DA)(DC)(DG)(DT)(DA)(DG)
(DC)(DG)(DG)(DC)(DC)
;
O
9 'polypeptide(L)'
;MTIYSEHWSLNPLEIPQRSRLFSLEPVAVGTPYAESLSSYLHRLAQAHCLTSEKLVMGEIAPLILKDEDKSELLSKNLSH
LLGNSDAKPAINGMREMTEKLVTVLEELTMRQDLRFLTLLSWKGMIYDKGLFRNYRAWCPCCCEEWMQKNKTIYEPLSWS
FKDVEFCLIHKQRLIEECSHCGARLPVMARLSPAGFCSRCYGWLGQEIKGEEEIEKYRVNIQGISELIALTPQLGYKPIP
IELTRKLQLILLVFEQAIGKDVKLLGDLGGIMESLRIASTTNQSQPYHLVKLIIPVCEKAKISVFQLFGSDFKELGKILF
GNFSLELKL
;
P
10 'polypeptide(L)'
;MTKSTGFPLELLTRPATERLAYFENYTVAHPRLKEVYEILMRTIAEPAGASFIFVYGASGVGKTTLRLRVEQKLTELALP
KLESDRARVPVVGIEAIAPESRYFNWKEYYTRALITLEEPLIDHKFDYGVRGISRDNFGKINVESKVVAPALRRALENAL
IHRHPDVFFVDEAQHFGKVASGYKLQDQLDCLKSLANMTGILHCLLGTYELLTFRNLSGQLSRRSVDIHFRRYCADSPED
VQAFKSVLLTFQQHLPLAETPNLVDHWEYFYERTLGCIGTLKDWLKRVLSDALDREATTITLKDLQKRALSVAQCQKMFK
EIQEGERQLSETEADVQNLRSALGLGAKPIVLPEETPKTTRPPGKVGKRKPKRDPIGVQQDVS
;
Q,R,S,T,U,V,W
#
# COMPACT_ATOMS: atom_id res chain seq x y z
N MET A 1 23.91 105.50 31.19
CA MET A 1 23.32 105.43 32.53
C MET A 1 22.80 104.00 32.55
N ILE A 2 23.26 103.19 33.51
CA ILE A 2 22.99 101.75 33.55
C ILE A 2 21.50 101.47 33.37
N ALA A 3 21.17 100.51 32.50
CA ALA A 3 19.78 100.19 32.25
C ALA A 3 19.05 99.80 33.55
N PRO A 4 17.91 100.41 33.85
CA PRO A 4 17.18 100.07 35.08
C PRO A 4 16.73 98.61 35.09
N LEU A 5 16.80 98.00 36.27
CA LEU A 5 16.43 96.60 36.40
C LEU A 5 14.93 96.44 36.20
N ILE A 6 14.54 95.35 35.53
CA ILE A 6 13.14 95.07 35.21
C ILE A 6 12.78 93.71 35.79
N LEU A 7 11.67 93.67 36.50
CA LEU A 7 11.14 92.44 37.08
C LEU A 7 9.77 92.13 36.50
N TYR A 8 9.52 90.85 36.22
CA TYR A 8 8.22 90.39 35.76
C TYR A 8 7.46 89.84 36.96
N LEU A 9 6.24 90.32 37.17
CA LEU A 9 5.42 89.93 38.30
C LEU A 9 4.21 89.16 37.82
N ASP A 10 3.85 88.11 38.56
CA ASP A 10 2.62 87.38 38.28
C ASP A 10 2.12 86.88 39.63
N VAL A 11 1.00 87.44 40.09
CA VAL A 11 0.40 87.08 41.37
C VAL A 11 -1.00 86.57 41.09
N PRO A 12 -1.35 85.36 41.52
CA PRO A 12 -2.71 84.86 41.27
C PRO A 12 -3.79 85.69 41.95
N PHE A 13 -3.67 85.92 43.25
CA PHE A 13 -4.61 86.74 44.00
C PHE A 13 -3.84 87.81 44.77
N THR A 14 -4.37 89.03 44.74
CA THR A 14 -3.75 90.12 45.47
C THR A 14 -4.82 91.13 45.87
N THR A 15 -4.53 91.89 46.93
CA THR A 15 -5.45 92.93 47.40
C THR A 15 -4.62 94.06 47.96
N PHE A 16 -4.82 95.27 47.43
CA PHE A 16 -4.17 96.45 47.99
C PHE A 16 -5.23 97.38 48.54
N ARG A 17 -5.75 97.06 49.73
CA ARG A 17 -6.80 97.87 50.34
C ARG A 17 -6.46 99.36 50.41
N GLU A 18 -7.49 100.19 50.54
CA GLU A 18 -7.27 101.64 50.62
C GLU A 18 -7.05 102.12 52.04
N SER A 19 -6.17 103.10 52.20
CA SER A 19 -5.91 103.66 53.51
C SER A 19 -7.19 104.05 54.21
N HIS A 20 -8.04 104.80 53.50
CA HIS A 20 -9.27 105.28 54.12
C HIS A 20 -10.38 104.25 54.08
N ALA A 21 -10.22 103.16 53.33
CA ALA A 21 -11.21 102.08 53.30
C ALA A 21 -10.86 101.09 54.41
N ARG A 22 -11.18 101.50 55.65
CA ARG A 22 -10.98 100.63 56.79
C ARG A 22 -12.22 99.87 57.18
N GLU A 23 -13.41 100.29 56.73
CA GLU A 23 -14.62 99.52 56.95
C GLU A 23 -14.75 98.40 55.92
N MET A 24 -14.12 98.56 54.77
CA MET A 24 -14.22 97.62 53.67
C MET A 24 -12.85 97.31 53.08
N GLY A 25 -12.64 96.04 52.74
CA GLY A 25 -11.44 95.67 52.02
C GLY A 25 -11.52 96.00 50.55
N LYS A 26 -11.77 97.27 50.23
CA LYS A 26 -11.79 97.73 48.85
C LYS A 26 -10.41 98.22 48.43
N THR A 27 -9.97 97.76 47.26
CA THR A 27 -8.56 97.82 46.88
C THR A 27 -8.32 98.75 45.71
N TYR A 28 -7.07 99.21 45.59
CA TYR A 28 -6.60 99.92 44.40
C TYR A 28 -6.55 99.00 43.19
N PRO A 29 -6.81 99.52 42.00
CA PRO A 29 -6.60 98.71 40.79
C PRO A 29 -5.15 98.32 40.56
N VAL A 30 -4.19 99.13 40.99
CA VAL A 30 -2.78 98.90 40.72
C VAL A 30 -2.04 98.75 42.05
N PRO A 31 -1.01 97.91 42.13
CA PRO A 31 -0.19 97.88 43.34
C PRO A 31 0.42 99.23 43.63
N PRO A 32 0.23 99.75 44.85
CA PRO A 32 0.78 101.06 45.17
C PRO A 32 2.30 101.00 45.25
N PRO A 33 2.97 102.14 45.04
CA PRO A 33 4.44 102.12 45.15
C PRO A 33 4.94 101.68 46.52
N ALA A 34 4.20 101.98 47.59
CA ALA A 34 4.63 101.58 48.93
C ALA A 34 4.62 100.07 49.08
N THR A 35 3.57 99.41 48.61
CA THR A 35 3.51 97.94 48.73
C THR A 35 4.59 97.28 47.90
N VAL A 36 4.84 97.78 46.68
CA VAL A 36 5.89 97.24 45.85
C VAL A 36 7.25 97.44 46.50
N TYR A 37 7.47 98.63 47.09
CA TYR A 37 8.74 98.91 47.75
C TYR A 37 8.93 97.96 48.93
N GLY A 38 7.88 97.74 49.72
CA GLY A 38 7.97 96.79 50.82
C GLY A 38 8.26 95.38 50.37
N MET A 39 7.62 94.96 49.27
CA MET A 39 7.86 93.61 48.77
C MET A 39 9.29 93.46 48.26
N LEU A 40 9.82 94.50 47.61
CA LEU A 40 11.22 94.46 47.19
C LEU A 40 12.14 94.38 48.39
N LEU A 41 11.84 95.13 49.45
CA LEU A 41 12.62 95.02 50.69
C LEU A 41 12.58 93.60 51.24
N SER A 42 11.40 92.98 51.20
CA SER A 42 11.28 91.59 51.65
C SER A 42 12.09 90.65 50.78
N LEU A 43 12.11 90.88 49.47
CA LEU A 43 12.89 90.05 48.56
C LEU A 43 14.37 90.16 48.86
N VAL A 44 14.86 91.40 49.08
CA VAL A 44 16.27 91.60 49.41
C VAL A 44 16.56 91.37 50.88
N GLY A 45 15.57 91.01 51.68
CA GLY A 45 15.78 90.78 53.10
C GLY A 45 16.20 92.00 53.88
N GLU A 46 15.56 93.14 53.64
CA GLU A 46 15.87 94.39 54.31
C GLU A 46 14.74 94.72 55.28
N THR A 47 15.00 94.53 56.57
CA THR A 47 13.98 94.80 57.58
C THR A 47 13.75 96.30 57.75
N ASN A 48 14.83 97.08 57.78
CA ASN A 48 14.70 98.53 57.93
C ASN A 48 14.03 99.13 56.71
N VAL A 49 13.13 100.09 56.95
CA VAL A 49 12.41 100.73 55.86
C VAL A 49 13.13 101.97 55.34
N TYR A 50 13.93 102.63 56.18
CA TYR A 50 14.63 103.83 55.78
C TYR A 50 15.93 103.56 55.05
N ARG A 51 16.30 102.29 54.85
CA ARG A 51 17.56 101.97 54.20
C ARG A 51 17.57 102.43 52.74
N HIS A 52 16.47 102.22 52.02
CA HIS A 52 16.45 102.41 50.57
C HIS A 52 15.45 103.50 50.16
N CYS A 53 15.46 104.63 50.86
CA CYS A 53 14.68 105.77 50.41
C CYS A 53 15.31 106.38 49.16
N GLY A 54 14.49 106.86 48.25
CA GLY A 54 14.94 107.50 47.04
C GLY A 54 14.85 106.65 45.79
N VAL A 55 14.64 105.34 45.92
CA VAL A 55 14.54 104.47 44.75
C VAL A 55 13.27 104.81 43.99
N GLU A 56 13.40 104.94 42.67
CA GLU A 56 12.27 105.27 41.81
C GLU A 56 11.69 104.01 41.20
N LEU A 57 10.37 103.84 41.34
CA LEU A 57 9.67 102.65 40.86
C LEU A 57 8.63 103.04 39.81
N ALA A 58 8.58 102.28 38.73
CA ALA A 58 7.58 102.44 37.69
C ALA A 58 6.93 101.09 37.43
N ILE A 59 5.61 101.09 37.27
CA ILE A 59 4.83 99.87 37.15
C ILE A 59 4.15 99.86 35.79
N ALA A 60 4.33 98.77 35.04
CA ALA A 60 3.64 98.55 33.78
C ALA A 60 2.69 97.38 33.99
N MET A 61 1.40 97.62 33.77
CA MET A 61 0.37 96.63 34.02
C MET A 61 0.05 95.90 32.73
N LEU A 62 0.39 94.60 32.67
CA LEU A 62 0.26 93.86 31.42
C LEU A 62 -1.20 93.61 31.06
N SER A 63 -2.01 93.21 32.04
CA SER A 63 -3.42 92.90 31.78
C SER A 63 -4.26 93.44 32.92
N SER A 64 -5.38 94.07 32.58
CA SER A 64 -6.28 94.60 33.58
C SER A 64 -6.96 93.45 34.32
N PRO A 65 -6.85 93.37 35.64
CA PRO A 65 -7.42 92.24 36.36
C PRO A 65 -8.90 92.48 36.66
N LYS A 66 -9.55 91.39 37.08
CA LYS A 66 -10.94 91.44 37.50
C LYS A 66 -11.00 91.67 39.01
N LYS A 67 -12.01 92.41 39.44
CA LYS A 67 -12.20 92.70 40.86
C LYS A 67 -13.33 91.84 41.41
N SER A 68 -13.02 91.12 42.49
CA SER A 68 -13.98 90.19 43.09
C SER A 68 -14.02 90.41 44.59
N ARG A 69 -15.19 90.21 45.18
CA ARG A 69 -15.38 90.39 46.62
C ARG A 69 -15.47 89.02 47.31
N ILE A 70 -14.82 88.91 48.46
CA ILE A 70 -14.87 87.70 49.27
C ILE A 70 -15.19 88.09 50.71
N LEU A 71 -15.80 87.14 51.42
CA LEU A 71 -16.17 87.33 52.82
C LEU A 71 -15.10 86.76 53.73
N ARG A 72 -14.83 87.46 54.83
CA ARG A 72 -13.84 87.03 55.80
C ARG A 72 -14.28 87.42 57.20
N GLN A 73 -14.11 86.50 58.15
CA GLN A 73 -14.37 86.78 59.56
C GLN A 73 -13.10 87.35 60.19
N MET A 74 -12.75 88.55 59.75
CA MET A 74 -11.52 89.19 60.22
C MET A 74 -11.60 89.49 61.71
N ARG A 75 -10.46 89.36 62.37
CA ARG A 75 -10.36 89.56 63.81
C ARG A 75 -9.82 90.95 64.11
N ARG A 76 -10.44 91.62 65.08
CA ARG A 76 -10.06 92.99 65.44
C ARG A 76 -9.88 93.08 66.94
N PHE A 77 -9.16 94.12 67.36
CA PHE A 77 -8.81 94.34 68.76
C PHE A 77 -9.81 95.31 69.39
N LYS A 78 -11.01 94.78 69.67
CA LYS A 78 -12.08 95.58 70.26
C LYS A 78 -12.25 95.33 71.74
N ASN A 79 -12.14 94.08 72.19
CA ASN A 79 -12.31 93.73 73.59
C ASN A 79 -11.01 93.14 74.13
N ALA A 80 -10.79 93.33 75.43
CA ALA A 80 -9.58 92.81 76.06
C ALA A 80 -9.54 91.28 75.99
N ASP A 81 -10.67 90.64 76.24
CA ASP A 81 -10.71 89.18 76.17
C ASP A 81 -10.64 88.72 74.72
N PHE A 82 -9.75 87.74 74.47
CA PHE A 82 -9.57 87.23 73.12
C PHE A 82 -10.78 86.41 72.67
N SER A 83 -11.39 85.66 73.58
CA SER A 83 -12.51 84.79 73.25
C SER A 83 -13.83 85.53 73.11
N HIS A 84 -13.86 86.82 73.42
CA HIS A 84 -15.11 87.57 73.32
C HIS A 84 -15.56 87.63 71.87
N PRO A 85 -16.86 87.42 71.59
CA PRO A 85 -17.34 87.47 70.20
C PRO A 85 -17.20 88.82 69.53
N GLU A 86 -17.00 89.89 70.30
CA GLU A 86 -16.85 91.21 69.71
C GLU A 86 -15.62 91.33 68.82
N ASN A 87 -14.64 90.44 68.99
CA ASN A 87 -13.42 90.52 68.19
C ASN A 87 -13.69 90.13 66.74
N VAL A 88 -14.45 89.05 66.53
CA VAL A 88 -14.70 88.55 65.19
C VAL A 88 -15.79 89.38 64.53
N ILE A 89 -15.51 89.88 63.33
CA ILE A 89 -16.48 90.68 62.58
C ILE A 89 -16.50 90.19 61.14
N PRO A 90 -17.68 89.95 60.58
CA PRO A 90 -17.75 89.56 59.16
C PRO A 90 -17.78 90.78 58.25
N CYS A 91 -16.85 90.85 57.30
CA CYS A 91 -16.81 91.96 56.37
C CYS A 91 -16.23 91.48 55.04
N TYR A 92 -16.47 92.26 53.99
CA TYR A 92 -16.08 91.91 52.64
C TYR A 92 -14.71 92.51 52.32
N GLN A 93 -13.92 91.78 51.53
CA GLN A 93 -12.64 92.27 51.06
C GLN A 93 -12.51 91.98 49.57
N GLU A 94 -12.12 92.99 48.81
CA GLU A 94 -11.96 92.85 47.36
C GLU A 94 -10.57 92.32 47.04
N ILE A 95 -10.49 91.49 45.99
CA ILE A 95 -9.24 90.89 45.55
C ILE A 95 -9.07 91.15 44.06
N LEU A 96 -7.82 91.13 43.60
CA LEU A 96 -7.51 91.23 42.18
C LEU A 96 -6.92 89.91 41.71
N SER A 97 -7.48 89.36 40.64
CA SER A 97 -7.13 88.03 40.18
C SER A 97 -6.31 88.09 38.90
N ASN A 98 -5.30 87.21 38.81
CA ASN A 98 -4.45 87.07 37.64
C ASN A 98 -3.77 88.40 37.29
N LEU A 99 -3.04 88.92 38.27
CA LEU A 99 -2.33 90.17 38.11
C LEU A 99 -0.95 89.92 37.53
N LYS A 100 -0.71 90.43 36.33
CA LYS A 100 0.58 90.36 35.67
C LYS A 100 1.06 91.77 35.40
N CYS A 101 2.25 92.10 35.90
CA CYS A 101 2.77 93.45 35.74
C CYS A 101 4.29 93.40 35.69
N LEU A 102 4.88 94.45 35.13
CA LEU A 102 6.32 94.61 35.03
C LEU A 102 6.74 95.83 35.87
N ILE A 103 7.87 95.70 36.56
CA ILE A 103 8.34 96.73 37.48
C ILE A 103 9.70 97.23 37.01
N TRP A 104 9.85 98.55 36.94
CA TRP A 104 11.13 99.18 36.66
C TRP A 104 11.68 99.78 37.94
N VAL A 105 12.94 99.46 38.24
CA VAL A 105 13.61 99.94 39.44
C VAL A 105 14.77 100.82 39.03
N ARG A 106 14.79 102.05 39.53
CA ARG A 106 15.85 103.02 39.26
C ARG A 106 16.34 103.53 40.61
N SER A 107 17.50 103.04 41.05
CA SER A 107 18.04 103.34 42.36
C SER A 107 19.15 104.38 42.33
N ASP A 108 19.21 105.20 41.27
CA ASP A 108 20.30 106.16 41.16
C ASP A 108 20.21 107.27 42.21
N GLU A 109 19.00 107.59 42.66
CA GLU A 109 18.81 108.62 43.67
C GLU A 109 19.21 108.17 45.07
N GLU A 110 19.45 106.87 45.27
CA GLU A 110 19.85 106.38 46.58
C GLU A 110 21.23 106.92 46.95
N LYS A 111 21.40 107.29 48.22
CA LYS A 111 22.66 107.82 48.71
C LYS A 111 23.45 106.82 49.54
N ILE A 112 22.96 105.58 49.65
CA ILE A 112 23.62 104.55 50.47
C ILE A 112 23.92 103.36 49.57
N GLN A 113 25.18 102.89 49.60
CA GLN A 113 25.58 101.75 48.80
C GLN A 113 25.60 100.48 49.63
N PRO A 114 25.24 99.33 49.05
CA PRO A 114 24.78 99.13 47.67
C PRO A 114 23.33 99.55 47.47
N SER A 115 22.97 100.02 46.29
CA SER A 115 21.61 100.45 46.03
C SER A 115 20.67 99.26 45.90
N LEU A 116 19.36 99.56 45.86
CA LEU A 116 18.36 98.51 45.79
C LEU A 116 18.47 97.72 44.49
N ARG A 117 18.77 98.40 43.38
CA ARG A 117 18.91 97.70 42.10
C ARG A 117 20.04 96.69 42.16
N GLU A 118 21.19 97.08 42.74
CA GLU A 118 22.31 96.16 42.86
C GLU A 118 21.96 94.98 43.75
N ARG A 119 21.24 95.25 44.85
CA ARG A 119 20.85 94.16 45.76
C ARG A 119 19.91 93.17 45.07
N ILE A 120 18.93 93.69 44.32
CA ILE A 120 18.00 92.81 43.62
C ILE A 120 18.74 91.98 42.57
N GLN A 121 19.62 92.63 41.80
CA GLN A 121 20.38 91.90 40.80
C GLN A 121 21.22 90.79 41.44
N LEU A 122 22.00 91.14 42.46
CA LEU A 122 22.85 90.16 43.14
C LEU A 122 22.02 89.03 43.74
N ALA A 123 20.82 89.36 44.23
CA ALA A 123 19.92 88.33 44.73
C ALA A 123 19.52 87.37 43.61
N PHE A 124 19.27 87.90 42.42
CA PHE A 124 18.82 87.04 41.34
C PHE A 124 19.95 86.22 40.71
N ASP A 125 21.18 86.73 40.68
CA ASP A 125 22.26 85.90 40.13
C ASP A 125 22.61 84.77 41.09
N HIS A 126 22.60 85.03 42.39
CA HIS A 126 22.98 84.04 43.40
C HIS A 126 21.88 83.95 44.44
N PRO A 127 20.83 83.17 44.16
CA PRO A 127 19.74 83.03 45.14
C PRO A 127 20.18 82.46 46.47
N GLU A 128 21.18 81.57 46.48
CA GLU A 128 21.59 80.93 47.73
C GLU A 128 22.31 81.88 48.67
N LEU A 129 22.95 82.93 48.15
CA LEU A 129 23.72 83.81 49.02
C LEU A 129 22.82 84.69 49.87
N VAL A 130 21.68 85.12 49.32
CA VAL A 130 20.82 86.06 50.02
C VAL A 130 20.17 85.38 51.22
N ARG A 131 20.28 86.01 52.38
CA ARG A 131 19.70 85.50 53.62
C ARG A 131 18.52 86.38 54.00
N ARG A 132 17.36 85.76 54.19
CA ARG A 132 16.14 86.48 54.57
C ARG A 132 15.23 85.49 55.28
N PHE A 133 13.98 85.87 55.48
CA PHE A 133 12.99 85.02 56.12
C PHE A 133 11.69 85.08 55.32
N GLY A 134 10.64 84.49 55.88
CA GLY A 134 9.31 84.57 55.32
C GLY A 134 9.16 84.03 53.90
N CYS A 135 7.96 84.17 53.35
CA CYS A 135 7.68 83.82 51.97
C CYS A 135 7.26 85.07 51.21
N LEU A 136 7.83 85.26 50.03
CA LEU A 136 7.54 86.47 49.24
C LEU A 136 6.06 86.53 48.89
N PHE A 137 5.47 87.71 49.14
CA PHE A 137 4.05 87.90 48.90
C PHE A 137 3.80 89.36 48.50
N LEU A 138 2.71 89.57 47.77
CA LEU A 138 2.27 90.90 47.38
C LEU A 138 0.92 91.17 48.03
N GLY A 139 0.85 92.24 48.81
CA GLY A 139 -0.37 92.58 49.53
C GLY A 139 -0.47 91.84 50.85
N GLU A 140 -1.49 91.01 51.00
CA GLU A 140 -1.68 90.25 52.22
C GLU A 140 -0.69 89.09 52.26
N SER A 141 -0.34 88.67 53.47
CA SER A 141 0.72 87.68 53.65
C SER A 141 0.39 86.37 52.95
N ASP A 142 -0.88 85.97 52.93
CA ASP A 142 -1.26 84.69 52.34
C ASP A 142 -1.33 84.75 50.82
N GLN A 143 -1.14 85.92 50.21
CA GLN A 143 -1.21 86.05 48.76
C GLN A 143 0.22 85.97 48.19
N LEU A 144 0.65 84.73 47.94
CA LEU A 144 1.99 84.50 47.42
C LEU A 144 2.10 84.93 45.96
N ILE A 145 3.34 84.97 45.47
CA ILE A 145 3.63 85.38 44.11
C ILE A 145 3.93 84.15 43.27
N LYS A 146 3.23 84.01 42.15
CA LYS A 146 3.47 82.87 41.27
C LYS A 146 4.85 82.94 40.63
N THR A 147 5.20 84.10 40.07
CA THR A 147 6.44 84.24 39.31
C THR A 147 6.98 85.65 39.44
N ILE A 148 8.18 85.77 40.00
CA ILE A 148 8.96 87.00 39.93
C ILE A 148 10.33 86.62 39.36
N LYS A 149 10.67 87.17 38.21
CA LYS A 149 11.88 86.81 37.49
C LYS A 149 12.46 88.04 36.81
N LEU A 150 13.75 87.97 36.51
CA LEU A 150 14.39 89.00 35.71
C LEU A 150 13.94 88.89 34.28
N ALA A 151 13.47 90.00 33.71
CA ALA A 151 12.91 90.01 32.37
C ALA A 151 13.29 91.29 31.66
N ARG A 152 13.20 91.26 30.34
CA ARG A 152 13.49 92.41 29.49
C ARG A 152 12.21 93.19 29.21
N GLU A 153 12.35 94.23 28.38
CA GLU A 153 11.19 95.03 27.99
C GLU A 153 10.31 94.32 26.97
N ASP A 154 10.73 93.16 26.47
CA ASP A 154 10.11 92.49 25.34
C ASP A 154 9.49 91.16 25.79
N TYR A 155 9.39 90.96 27.11
CA TYR A 155 8.98 89.67 27.65
C TYR A 155 7.60 89.26 27.16
N LEU A 156 6.65 90.20 27.09
CA LEU A 156 5.36 89.94 26.45
C LEU A 156 5.25 90.51 25.04
N GLU A 157 6.19 91.36 24.62
CA GLU A 157 6.21 92.01 23.31
C GLU A 157 4.82 92.48 22.88
N GLY A 158 4.06 92.95 23.85
CA GLY A 158 2.67 93.29 23.64
C GLY A 158 2.42 94.76 23.88
N VAL A 159 1.24 95.05 24.43
CA VAL A 159 0.80 96.41 24.68
C VAL A 159 0.64 96.59 26.19
N ARG A 160 1.10 97.73 26.70
CA ARG A 160 1.30 97.92 28.13
C ARG A 160 0.38 99.01 28.66
N GLN A 161 -0.14 98.81 29.87
CA GLN A 161 -0.94 99.82 30.56
C GLN A 161 -0.09 100.40 31.69
N TRP A 162 0.38 101.63 31.53
CA TRP A 162 1.25 102.28 32.49
C TRP A 162 0.46 103.05 33.54
N ALA A 163 1.08 103.23 34.69
CA ALA A 163 0.54 104.09 35.75
C ALA A 163 1.31 105.40 35.71
N ILE A 164 0.61 106.50 35.39
CA ILE A 164 1.23 107.78 35.14
C ILE A 164 0.74 108.79 36.17
N ARG A 165 1.63 109.53 36.82
CA ARG A 165 1.20 110.42 37.91
C ARG A 165 0.54 111.74 37.48
N ASP A 166 -0.75 111.70 37.14
CA ASP A 166 -1.45 112.91 36.67
C ASP A 166 -2.16 113.68 37.79
N ASN A 167 -2.07 115.00 37.78
CA ASN A 167 -2.69 115.80 38.84
C ASN A 167 -4.21 115.79 38.77
N ARG A 168 -4.79 115.27 37.67
CA ARG A 168 -6.22 115.16 37.51
C ARG A 168 -6.67 113.72 37.33
N GLY A 169 -5.85 112.77 37.78
CA GLY A 169 -6.17 111.36 37.65
C GLY A 169 -7.21 110.90 38.65
N ARG A 170 -7.46 109.59 38.63
CA ARG A 170 -8.46 108.98 39.48
C ARG A 170 -7.87 108.28 40.70
N LEU A 171 -6.89 107.40 40.49
CA LEU A 171 -6.30 106.63 41.58
C LEU A 171 -5.49 107.55 42.49
N THR A 172 -5.54 107.27 43.79
CA THR A 172 -4.77 108.00 44.79
C THR A 172 -3.90 106.99 45.52
N LEU A 173 -2.75 106.62 44.90
CA LEU A 173 -1.90 105.58 45.46
C LEU A 173 -0.92 106.17 46.46
N PRO A 174 -0.70 105.50 47.59
CA PRO A 174 0.29 105.96 48.55
C PRO A 174 1.67 105.36 48.28
N TYR A 175 2.71 106.20 48.27
CA TYR A 175 4.07 105.70 48.11
C TYR A 175 4.80 105.51 49.43
N TRP A 176 4.31 106.14 50.51
CA TRP A 176 4.79 105.87 51.86
C TRP A 176 3.58 105.64 52.74
N VAL A 177 3.54 104.49 53.42
CA VAL A 177 2.37 104.07 54.18
C VAL A 177 2.70 104.19 55.67
N ASP A 178 1.84 104.92 56.40
CA ASP A 178 1.92 105.02 57.85
C ASP A 178 0.93 104.02 58.43
N HIS A 179 1.46 102.91 58.96
CA HIS A 179 0.61 101.79 59.38
C HIS A 179 -0.21 102.11 60.64
N VAL A 180 0.31 102.94 61.54
CA VAL A 180 -0.38 103.19 62.80
C VAL A 180 -1.66 103.99 62.54
N GLY A 181 -1.51 105.20 62.02
CA GLY A 181 -2.65 106.02 61.67
C GLY A 181 -2.64 106.46 60.22
N SER A 182 -2.72 107.77 60.00
CA SER A 182 -2.63 108.31 58.65
C SER A 182 -1.79 109.58 58.59
N ARG A 183 -1.00 109.88 59.64
CA ARG A 183 -0.23 111.12 59.67
C ARG A 183 0.86 111.13 58.60
N ASN A 184 1.66 110.07 58.55
CA ASN A 184 2.83 110.02 57.68
C ASN A 184 2.52 109.47 56.30
N THR A 185 1.32 108.98 56.06
CA THR A 185 0.97 108.46 54.74
C THR A 185 0.99 109.60 53.72
N ARG A 186 1.63 109.35 52.58
CA ARG A 186 1.76 110.34 51.52
C ARG A 186 1.17 109.78 50.24
N PHE A 187 0.29 110.57 49.61
CA PHE A 187 -0.45 110.12 48.45
C PHE A 187 0.01 110.83 47.19
N LEU A 188 -0.11 110.14 46.06
CA LEU A 188 0.10 110.73 44.75
C LEU A 188 -1.04 110.28 43.85
N ARG A 189 -1.46 111.16 42.95
CA ARG A 189 -2.61 110.90 42.09
C ARG A 189 -2.12 110.34 40.76
N TYR A 190 -2.66 109.20 40.36
CA TYR A 190 -2.23 108.47 39.18
C TYR A 190 -3.37 108.29 38.20
N ARG A 191 -3.02 107.71 37.05
CA ARG A 191 -3.99 107.30 36.05
C ARG A 191 -3.42 106.12 35.28
N ILE A 192 -4.31 105.37 34.64
CA ILE A 192 -3.93 104.25 33.78
C ILE A 192 -4.10 104.70 32.34
N GLU A 193 -2.98 104.85 31.64
CA GLU A 193 -2.98 105.25 30.24
C GLU A 193 -2.45 104.10 29.40
N GLU A 194 -3.15 103.79 28.32
CA GLU A 194 -2.80 102.67 27.46
C GLU A 194 -1.85 103.21 26.38
N MET A 195 -0.57 102.89 26.52
CA MET A 195 0.45 103.33 25.56
C MET A 195 1.32 102.15 25.16
N ASP A 196 1.79 102.18 23.92
CA ASP A 196 2.62 101.11 23.36
C ASP A 196 4.07 101.57 23.45
N ARG A 197 4.66 101.41 24.63
CA ARG A 197 6.07 101.70 24.84
C ARG A 197 6.70 100.58 25.66
N LEU A 198 7.94 100.24 25.32
CA LEU A 198 8.72 99.26 26.07
C LEU A 198 9.50 99.90 27.20
N SER A 199 9.50 101.22 27.32
CA SER A 199 10.18 101.94 28.39
C SER A 199 9.20 102.90 29.06
N PRO A 200 9.29 103.06 30.37
CA PRO A 200 8.34 103.90 31.09
C PRO A 200 8.46 105.36 30.69
N PRO A 201 7.33 106.10 30.69
CA PRO A 201 7.49 107.52 30.43
C PRO A 201 7.96 108.18 31.72
N ASP A 202 8.69 109.29 31.62
CA ASP A 202 9.21 109.95 32.80
C ASP A 202 8.18 110.01 33.93
N LEU A 203 7.06 110.66 33.68
CA LEU A 203 6.03 110.80 34.71
C LEU A 203 5.76 109.50 35.46
N ALA A 204 5.84 108.38 34.76
CA ALA A 204 5.51 107.11 35.39
C ALA A 204 6.48 106.72 36.48
N TRP A 205 7.57 107.46 36.66
CA TRP A 205 8.57 107.17 37.69
C TRP A 205 8.11 107.74 39.02
N THR A 206 7.87 106.85 39.98
CA THR A 206 7.45 107.23 41.32
C THR A 206 8.62 107.01 42.27
N MET A 207 9.10 108.10 42.88
CA MET A 207 10.30 108.07 43.69
C MET A 207 9.92 108.14 45.17
N VAL A 208 10.27 107.09 45.91
CA VAL A 208 9.84 106.94 47.29
C VAL A 208 10.75 107.77 48.20
N GLN A 209 10.13 108.55 49.08
CA GLN A 209 10.85 109.35 50.06
C GLN A 209 10.16 109.19 51.42
N SER A 210 10.92 109.49 52.47
CA SER A 210 10.34 109.56 53.80
C SER A 210 9.29 110.68 53.84
N PRO A 211 8.28 110.54 54.69
CA PRO A 211 7.22 111.57 54.73
C PRO A 211 7.72 112.95 55.10
N ILE A 212 8.83 113.03 55.83
CA ILE A 212 9.38 114.32 56.24
C ILE A 212 9.88 115.10 55.03
N SER B 8 -45.98 -3.86 -35.08
CA SER B 8 -45.28 -3.02 -36.04
C SER B 8 -43.94 -2.56 -35.48
N GLU B 9 -43.98 -1.56 -34.60
CA GLU B 9 -42.77 -1.03 -33.98
C GLU B 9 -42.16 -1.99 -32.96
N GLU B 10 -42.86 -3.07 -32.60
CA GLU B 10 -42.34 -4.03 -31.65
C GLU B 10 -41.14 -4.81 -32.18
N TYR B 11 -40.88 -4.74 -33.49
CA TYR B 11 -39.70 -5.30 -34.11
C TYR B 11 -39.04 -4.24 -34.96
N VAL B 12 -37.72 -4.30 -35.06
CA VAL B 12 -36.93 -3.26 -35.71
C VAL B 12 -36.03 -3.91 -36.76
N ASP B 13 -35.76 -3.16 -37.82
CA ASP B 13 -34.82 -3.57 -38.86
C ASP B 13 -33.57 -2.70 -38.74
N LEU B 14 -32.48 -3.28 -38.26
CA LEU B 14 -31.22 -2.57 -38.08
C LEU B 14 -30.55 -2.40 -39.44
N THR B 15 -30.28 -1.15 -39.82
CA THR B 15 -29.71 -0.82 -41.11
C THR B 15 -28.32 -0.23 -40.93
N PHE B 16 -27.38 -0.65 -41.77
CA PHE B 16 -26.00 -0.18 -41.74
C PHE B 16 -25.61 0.27 -43.15
N LYS B 17 -25.07 1.48 -43.26
CA LYS B 17 -24.55 1.96 -44.54
C LYS B 17 -23.32 1.13 -44.89
N LEU B 18 -23.46 0.24 -45.85
CA LEU B 18 -22.40 -0.72 -46.18
C LEU B 18 -21.65 -0.26 -47.43
N ARG B 19 -20.32 -0.29 -47.35
CA ARG B 19 -19.45 0.10 -48.46
C ARG B 19 -18.32 -0.93 -48.60
N GLY B 20 -17.80 -1.05 -49.80
CA GLY B 20 -16.66 -1.91 -50.02
C GLY B 20 -16.64 -2.48 -51.43
N ALA B 21 -15.98 -3.63 -51.54
CA ALA B 21 -15.80 -4.31 -52.81
C ALA B 21 -17.13 -4.86 -53.32
N PRO B 22 -17.24 -5.13 -54.63
CA PRO B 22 -18.48 -5.74 -55.12
C PRO B 22 -18.61 -7.18 -54.65
N ILE B 23 -19.86 -7.62 -54.52
CA ILE B 23 -20.17 -8.85 -53.79
C ILE B 23 -20.95 -9.80 -54.69
N PRO B 24 -20.73 -11.11 -54.59
CA PRO B 24 -21.57 -12.06 -55.33
C PRO B 24 -23.03 -11.96 -54.94
N LEU B 25 -23.91 -12.31 -55.88
CA LEU B 25 -25.35 -12.20 -55.67
C LEU B 25 -25.93 -13.37 -54.88
N ASP B 26 -25.11 -14.37 -54.54
CA ASP B 26 -25.56 -15.45 -53.68
C ASP B 26 -24.69 -15.49 -52.42
N ASN B 27 -24.50 -14.31 -51.82
CA ASN B 27 -23.51 -14.10 -50.77
C ASN B 27 -24.03 -14.39 -49.38
N GLY B 28 -25.10 -15.18 -49.25
CA GLY B 28 -25.70 -15.45 -47.96
C GLY B 28 -24.73 -15.95 -46.91
N TYR B 29 -24.13 -17.12 -47.14
CA TYR B 29 -23.24 -17.70 -46.15
C TYR B 29 -21.99 -16.86 -45.96
N LEU B 30 -21.51 -16.20 -47.03
CA LEU B 30 -20.32 -15.38 -46.89
C LEU B 30 -20.53 -14.26 -45.88
N THR B 31 -21.59 -13.46 -46.05
CA THR B 31 -21.82 -12.36 -45.12
C THR B 31 -22.22 -12.87 -43.75
N TYR B 32 -22.97 -13.97 -43.69
CA TYR B 32 -23.35 -14.52 -42.39
C TYR B 32 -22.12 -14.97 -41.61
N ALA B 33 -21.19 -15.67 -42.28
CA ALA B 33 -19.99 -16.14 -41.63
C ALA B 33 -19.09 -14.98 -41.21
N ALA B 34 -18.97 -13.95 -42.07
CA ALA B 34 -18.17 -12.79 -41.69
C ALA B 34 -18.76 -12.09 -40.47
N LEU B 35 -20.08 -11.92 -40.45
CA LEU B 35 -20.73 -11.25 -39.32
C LEU B 35 -20.57 -12.08 -38.05
N SER B 36 -20.72 -13.40 -38.14
CA SER B 36 -20.51 -14.25 -36.98
C SER B 36 -19.06 -14.20 -36.52
N ARG B 37 -18.13 -14.03 -37.47
CA ARG B 37 -16.72 -13.87 -37.12
C ARG B 37 -16.50 -12.60 -36.32
N ILE B 38 -17.14 -11.50 -36.72
CA ILE B 38 -16.99 -10.23 -35.99
C ILE B 38 -18.08 -10.02 -34.95
N CYS B 39 -18.98 -10.97 -34.75
CA CYS B 39 -20.04 -10.84 -33.75
C CYS B 39 -20.40 -12.24 -33.25
N PRO B 40 -19.81 -12.67 -32.14
CA PRO B 40 -20.10 -14.00 -31.58
C PRO B 40 -21.58 -14.18 -31.25
N PRO B 41 -22.23 -13.24 -30.57
CA PRO B 41 -23.62 -13.50 -30.16
C PRO B 41 -24.58 -13.72 -31.31
N LEU B 42 -24.26 -13.22 -32.51
CA LEU B 42 -25.12 -13.47 -33.67
C LEU B 42 -25.25 -14.96 -33.97
N HIS B 43 -24.26 -15.76 -33.59
CA HIS B 43 -24.25 -17.18 -33.92
C HIS B 43 -25.25 -17.99 -33.10
N GLU B 44 -25.81 -17.42 -32.03
CA GLU B 44 -26.72 -18.17 -31.17
C GLU B 44 -28.13 -17.58 -31.09
N LEU B 45 -28.37 -16.40 -31.65
CA LEU B 45 -29.70 -15.81 -31.57
C LEU B 45 -30.69 -16.57 -32.45
N LYS B 46 -31.98 -16.35 -32.18
CA LYS B 46 -33.05 -17.13 -32.79
C LYS B 46 -33.89 -16.31 -33.76
N SER B 47 -34.41 -15.17 -33.30
CA SER B 47 -35.39 -14.39 -34.07
C SER B 47 -34.75 -13.33 -34.95
N ILE B 48 -33.53 -13.56 -35.42
CA ILE B 48 -32.77 -12.57 -36.19
C ILE B 48 -32.79 -12.96 -37.66
N GLY B 49 -32.79 -11.95 -38.54
CA GLY B 49 -32.73 -12.18 -39.96
C GLY B 49 -32.12 -10.98 -40.67
N ILE B 50 -31.57 -11.25 -41.85
CA ILE B 50 -30.85 -10.23 -42.61
C ILE B 50 -31.53 -10.05 -43.96
N HIS B 51 -31.83 -8.79 -44.29
CA HIS B 51 -32.39 -8.34 -45.56
C HIS B 51 -31.35 -8.42 -46.67
N PRO B 52 -31.77 -8.77 -47.88
CA PRO B 52 -30.84 -8.75 -49.02
C PRO B 52 -30.21 -7.38 -49.23
N ILE B 53 -28.97 -7.38 -49.69
CA ILE B 53 -28.18 -6.16 -49.84
C ILE B 53 -28.42 -5.60 -51.24
N ALA B 54 -28.99 -4.41 -51.32
CA ALA B 54 -29.35 -3.79 -52.58
C ALA B 54 -28.11 -3.29 -53.32
N GLY B 55 -28.31 -2.94 -54.59
CA GLY B 55 -27.24 -2.38 -55.39
C GLY B 55 -27.54 -2.55 -56.88
N ILE B 56 -26.52 -2.26 -57.68
CA ILE B 56 -26.57 -2.42 -59.13
C ILE B 56 -25.72 -3.64 -59.50
N PRO B 57 -26.31 -4.69 -60.05
CA PRO B 57 -25.52 -5.90 -60.34
C PRO B 57 -24.60 -5.70 -61.54
N THR B 58 -23.70 -6.66 -61.71
CA THR B 58 -22.73 -6.68 -62.81
C THR B 58 -23.02 -7.87 -63.71
N ARG B 59 -22.19 -8.00 -64.76
CA ARG B 59 -22.40 -9.07 -65.74
C ARG B 59 -21.96 -10.43 -65.22
N ASN B 60 -21.08 -10.47 -64.22
CA ASN B 60 -20.52 -11.73 -63.72
C ASN B 60 -21.20 -12.19 -62.43
N ASN B 61 -22.51 -11.97 -62.32
CA ASN B 61 -23.29 -12.41 -61.15
C ASN B 61 -22.75 -11.80 -59.85
N LEU B 62 -22.26 -10.56 -59.95
CA LEU B 62 -21.79 -9.82 -58.80
C LEU B 62 -22.55 -8.51 -58.69
N LEU B 63 -22.67 -8.00 -57.47
CA LEU B 63 -23.41 -6.78 -57.18
C LEU B 63 -22.44 -5.67 -56.81
N GLU B 64 -22.59 -4.52 -57.46
CA GLU B 64 -21.79 -3.34 -57.17
C GLU B 64 -22.54 -2.49 -56.15
N LEU B 65 -21.96 -2.35 -54.96
CA LEU B 65 -22.62 -1.59 -53.89
C LEU B 65 -22.71 -0.12 -54.26
N THR B 66 -23.86 0.48 -53.97
CA THR B 66 -24.14 1.88 -54.28
C THR B 66 -24.39 2.65 -52.99
N ALA B 67 -24.82 3.90 -53.14
CA ALA B 67 -25.16 4.71 -51.98
C ALA B 67 -26.36 4.15 -51.22
N GLN B 68 -27.35 3.60 -51.93
CA GLN B 68 -28.50 2.99 -51.29
C GLN B 68 -28.24 1.56 -50.85
N SER B 69 -27.09 0.99 -51.19
CA SER B 69 -26.73 -0.33 -50.71
C SER B 69 -26.49 -0.28 -49.20
N ARG B 70 -27.12 -1.20 -48.47
CA ARG B 70 -26.98 -1.19 -47.03
C ARG B 70 -27.32 -2.57 -46.48
N LEU B 71 -26.62 -2.94 -45.41
CA LEU B 71 -26.88 -4.18 -44.69
C LEU B 71 -27.99 -3.94 -43.69
N LYS B 72 -29.08 -4.70 -43.82
CA LYS B 72 -30.26 -4.53 -42.99
C LYS B 72 -30.54 -5.82 -42.22
N ILE B 73 -30.68 -5.71 -40.91
CA ILE B 73 -30.84 -6.85 -40.02
C ILE B 73 -32.15 -6.71 -39.27
N ARG B 74 -32.98 -7.75 -39.33
CA ARG B 74 -34.25 -7.80 -38.60
C ARG B 74 -34.00 -8.42 -37.23
N ILE B 75 -34.42 -7.74 -36.16
CA ILE B 75 -34.15 -8.18 -34.81
C ILE B 75 -35.22 -7.67 -33.85
N TYR B 76 -35.48 -8.47 -32.81
CA TYR B 76 -36.34 -8.05 -31.71
C TYR B 76 -35.66 -6.91 -30.95
N HIS B 77 -36.46 -5.93 -30.53
CA HIS B 77 -35.90 -4.75 -29.87
C HIS B 77 -35.30 -5.08 -28.51
N GLN B 78 -35.63 -6.24 -27.94
CA GLN B 78 -35.06 -6.65 -26.66
C GLN B 78 -33.77 -7.45 -26.82
N GLN B 79 -33.19 -7.47 -28.02
CA GLN B 79 -31.91 -8.10 -28.22
C GLN B 79 -30.91 -7.21 -28.95
N ILE B 80 -31.25 -5.95 -29.23
CA ILE B 80 -30.30 -5.06 -29.89
C ILE B 80 -29.02 -4.87 -29.09
N PRO B 81 -29.05 -4.63 -27.78
CA PRO B 81 -27.78 -4.43 -27.05
C PRO B 81 -26.83 -5.61 -27.11
N LEU B 82 -27.26 -6.78 -27.58
CA LEU B 82 -26.35 -7.90 -27.79
C LEU B 82 -25.65 -7.86 -29.14
N ILE B 83 -26.13 -7.03 -30.07
CA ILE B 83 -25.55 -6.93 -31.40
C ILE B 83 -24.92 -5.57 -31.67
N TYR B 84 -25.47 -4.50 -31.11
CA TYR B 84 -24.95 -3.15 -31.36
C TYR B 84 -23.47 -3.00 -31.04
N PRO B 85 -22.92 -3.50 -29.93
CA PRO B 85 -21.48 -3.30 -29.68
C PRO B 85 -20.57 -3.85 -30.77
N TYR B 86 -20.93 -4.99 -31.35
CA TYR B 86 -20.04 -5.66 -32.30
C TYR B 86 -20.22 -5.22 -33.74
N LEU B 87 -21.15 -4.29 -34.02
CA LEU B 87 -21.37 -3.87 -35.40
C LEU B 87 -21.34 -2.36 -35.58
N ALA B 88 -21.52 -1.59 -34.50
CA ALA B 88 -21.52 -0.14 -34.62
C ALA B 88 -20.13 0.35 -35.00
N GLY B 89 -19.98 0.76 -36.25
CA GLY B 89 -18.71 1.28 -36.73
C GLY B 89 -17.73 0.19 -37.11
N GLN B 90 -18.15 -1.08 -36.94
CA GLN B 90 -17.24 -2.20 -37.13
C GLN B 90 -17.09 -2.55 -38.60
N ALA B 91 -15.99 -3.25 -38.91
CA ALA B 91 -15.67 -3.70 -40.25
C ALA B 91 -15.39 -5.20 -40.25
N PHE B 92 -15.71 -5.85 -41.37
CA PHE B 92 -15.50 -7.28 -41.52
C PHE B 92 -14.91 -7.56 -42.89
N HIS B 93 -14.39 -8.78 -43.06
CA HIS B 93 -13.80 -9.22 -44.32
C HIS B 93 -14.60 -10.39 -44.86
N ILE B 94 -14.98 -10.30 -46.13
CA ILE B 94 -15.54 -11.43 -46.87
C ILE B 94 -14.46 -11.91 -47.83
N GLY B 95 -13.84 -13.04 -47.51
CA GLY B 95 -12.70 -13.51 -48.27
C GLY B 95 -11.53 -12.55 -48.15
N GLN B 96 -11.17 -11.92 -49.27
CA GLN B 96 -10.10 -10.93 -49.30
C GLN B 96 -10.63 -9.52 -49.50
N ASN B 97 -11.92 -9.29 -49.29
CA ASN B 97 -12.55 -8.00 -49.51
C ASN B 97 -12.87 -7.33 -48.18
N PHE B 98 -12.66 -6.02 -48.11
CA PHE B 98 -12.91 -5.27 -46.89
C PHE B 98 -14.26 -4.57 -46.94
N TYR B 99 -15.03 -4.71 -45.87
CA TYR B 99 -16.35 -4.11 -45.76
C TYR B 99 -16.45 -3.34 -44.46
N GLN B 100 -17.07 -2.17 -44.52
CA GLN B 100 -17.18 -1.27 -43.38
C GLN B 100 -18.64 -0.91 -43.15
N LEU B 101 -19.02 -0.85 -41.86
CA LEU B 101 -20.36 -0.47 -41.45
C LEU B 101 -20.31 0.82 -40.65
N ASP B 102 -21.26 1.71 -40.90
CA ASP B 102 -21.32 2.99 -40.21
C ASP B 102 -22.13 2.84 -38.92
N ILE B 103 -22.49 3.97 -38.31
CA ILE B 103 -23.35 3.98 -37.14
C ILE B 103 -24.74 3.52 -37.57
N PRO B 104 -25.31 2.50 -36.94
CA PRO B 104 -26.59 1.96 -37.40
C PRO B 104 -27.74 2.93 -37.19
N ASP B 105 -28.78 2.75 -38.01
CA ASP B 105 -30.05 3.45 -37.84
C ASP B 105 -31.17 2.45 -37.77
N TYR B 106 -32.24 2.82 -37.07
CA TYR B 106 -33.38 1.95 -36.83
C TYR B 106 -34.52 2.27 -37.78
N LYS B 107 -35.11 1.23 -38.36
CA LYS B 107 -36.22 1.34 -39.28
C LYS B 107 -37.36 0.45 -38.81
N PRO B 108 -38.60 0.92 -38.92
CA PRO B 108 -39.74 0.16 -38.40
C PRO B 108 -40.20 -0.93 -39.34
N LEU B 109 -41.04 -1.80 -38.81
CA LEU B 109 -41.66 -2.87 -39.58
C LEU B 109 -43.04 -2.39 -40.01
N ILE B 110 -43.15 -1.88 -41.23
CA ILE B 110 -44.37 -1.28 -41.73
C ILE B 110 -45.18 -2.36 -42.45
N SER B 111 -46.50 -2.29 -42.30
CA SER B 111 -47.38 -3.21 -43.00
C SER B 111 -47.69 -2.70 -44.40
N SER B 112 -47.90 -3.64 -45.32
CA SER B 112 -48.28 -3.30 -46.69
C SER B 112 -49.32 -4.30 -47.16
N GLU B 113 -50.05 -3.93 -48.21
CA GLU B 113 -51.17 -4.75 -48.68
C GLU B 113 -50.65 -6.10 -49.18
N SER B 114 -49.51 -6.11 -49.86
CA SER B 114 -48.91 -7.32 -50.39
C SER B 114 -47.44 -7.39 -49.98
N VAL B 115 -46.91 -8.61 -49.83
CA VAL B 115 -45.54 -8.83 -49.41
C VAL B 115 -44.81 -9.67 -50.46
N TYR B 116 -43.53 -9.96 -50.19
CA TYR B 116 -42.68 -10.65 -51.13
C TYR B 116 -41.43 -11.15 -50.42
N SER B 117 -40.89 -12.28 -50.89
CA SER B 117 -39.62 -12.80 -50.40
C SER B 117 -38.75 -13.21 -51.58
N ARG B 118 -37.47 -12.84 -51.55
CA ARG B 118 -36.58 -13.11 -52.67
C ARG B 118 -36.25 -14.59 -52.78
N LEU B 119 -36.08 -15.27 -51.64
CA LEU B 119 -35.64 -16.66 -51.65
C LEU B 119 -36.15 -17.30 -50.36
N VAL B 120 -36.92 -18.36 -50.50
CA VAL B 120 -37.40 -19.17 -49.38
C VAL B 120 -37.02 -20.61 -49.65
N ILE B 121 -36.51 -21.30 -48.63
CA ILE B 121 -36.16 -22.71 -48.73
C ILE B 121 -36.79 -23.47 -47.57
N ILE B 122 -37.43 -24.59 -47.88
CA ILE B 122 -37.92 -25.54 -46.89
C ILE B 122 -37.40 -26.91 -47.27
N LYS B 123 -36.92 -27.66 -46.28
CA LYS B 123 -36.17 -28.88 -46.55
C LYS B 123 -37.03 -29.91 -47.28
N GLY B 124 -36.47 -30.49 -48.33
CA GLY B 124 -37.15 -31.56 -49.05
C GLY B 124 -38.28 -31.12 -49.94
N PHE B 125 -38.22 -29.92 -50.51
CA PHE B 125 -39.26 -29.43 -51.41
C PHE B 125 -38.60 -28.71 -52.58
N GLN B 126 -38.55 -29.37 -53.73
CA GLN B 126 -37.94 -28.80 -54.92
C GLN B 126 -38.95 -28.40 -55.98
N ASP B 127 -40.04 -29.14 -56.15
CA ASP B 127 -41.04 -28.78 -57.14
C ASP B 127 -41.86 -27.59 -56.67
N SER B 128 -42.39 -26.84 -57.65
CA SER B 128 -43.11 -25.61 -57.33
C SER B 128 -44.43 -25.89 -56.61
N THR B 129 -45.15 -26.95 -57.01
CA THR B 129 -46.46 -27.21 -56.42
C THR B 129 -46.35 -27.60 -54.96
N ASN B 130 -45.47 -28.55 -54.63
CA ASN B 130 -45.30 -28.93 -53.24
C ASN B 130 -44.67 -27.80 -52.44
N PHE B 131 -43.86 -26.95 -53.07
CA PHE B 131 -43.37 -25.77 -52.39
C PHE B 131 -44.51 -24.83 -52.02
N ILE B 132 -45.46 -24.63 -52.93
CA ILE B 132 -46.64 -23.83 -52.62
C ILE B 132 -47.42 -24.45 -51.48
N GLU B 133 -47.56 -25.78 -51.50
CA GLU B 133 -48.28 -26.45 -50.43
C GLU B 133 -47.58 -26.27 -49.08
N ALA B 134 -46.25 -26.39 -49.06
CA ALA B 134 -45.51 -26.23 -47.81
C ALA B 134 -45.53 -24.80 -47.31
N VAL B 135 -45.43 -23.82 -48.23
CA VAL B 135 -45.53 -22.43 -47.81
C VAL B 135 -46.93 -22.14 -47.28
N GLN B 136 -47.94 -22.79 -47.85
CA GLN B 136 -49.30 -22.69 -47.32
C GLN B 136 -49.39 -23.31 -45.93
N ARG B 137 -48.71 -24.42 -45.71
CA ARG B 137 -48.75 -25.07 -44.39
C ARG B 137 -48.11 -24.18 -43.33
N GLN B 138 -46.91 -23.66 -43.61
CA GLN B 138 -46.29 -22.70 -42.71
C GLN B 138 -47.16 -21.45 -42.57
N MET B 139 -47.88 -21.12 -43.64
CA MET B 139 -48.79 -19.99 -43.64
C MET B 139 -49.93 -20.18 -42.64
N ASP B 140 -50.51 -21.38 -42.59
CA ASP B 140 -51.53 -21.68 -41.59
C ASP B 140 -50.94 -21.75 -40.19
N ASN B 141 -49.72 -22.30 -40.06
CA ASN B 141 -49.12 -22.45 -38.75
C ASN B 141 -48.97 -21.12 -38.02
N LEU B 142 -48.89 -20.03 -38.77
CA LEU B 142 -48.72 -18.70 -38.21
C LEU B 142 -50.04 -17.96 -38.02
N GLY B 143 -51.17 -18.57 -38.34
CA GLY B 143 -52.46 -17.91 -38.26
C GLY B 143 -52.57 -16.76 -39.24
N ILE B 144 -52.19 -17.00 -40.49
CA ILE B 144 -52.07 -15.96 -41.49
C ILE B 144 -53.05 -16.30 -42.61
N GLN B 145 -53.62 -15.28 -43.25
CA GLN B 145 -54.52 -15.46 -44.38
C GLN B 145 -53.97 -14.71 -45.59
N GLY B 146 -53.98 -15.37 -46.75
CA GLY B 146 -53.49 -14.74 -47.97
C GLY B 146 -53.50 -15.75 -49.09
N LYS B 147 -53.08 -15.29 -50.27
CA LYS B 147 -52.96 -16.13 -51.45
C LYS B 147 -51.49 -16.21 -51.87
N ILE B 148 -51.07 -17.38 -52.34
CA ILE B 148 -49.67 -17.67 -52.62
C ILE B 148 -49.44 -17.58 -54.13
N GLU B 149 -48.43 -16.81 -54.52
CA GLU B 149 -47.96 -16.74 -55.89
C GLU B 149 -46.44 -16.84 -55.90
N LEU B 150 -45.91 -17.36 -56.99
CA LEU B 150 -44.46 -17.52 -57.16
C LEU B 150 -43.98 -16.55 -58.23
N LEU B 151 -42.94 -15.78 -57.90
CA LEU B 151 -42.37 -14.84 -58.85
C LEU B 151 -41.79 -15.60 -60.04
N THR B 152 -42.06 -15.08 -61.24
CA THR B 152 -41.72 -15.76 -62.48
C THR B 152 -40.68 -14.96 -63.27
N ARG B 153 -39.92 -15.69 -64.08
CA ARG B 153 -38.90 -15.09 -64.93
C ARG B 153 -39.58 -14.43 -66.14
N GLN B 154 -38.77 -13.95 -67.07
CA GLN B 154 -39.33 -13.35 -68.27
C GLN B 154 -40.09 -14.41 -69.03
N ASP B 155 -39.68 -15.67 -68.87
CA ASP B 155 -40.35 -16.76 -69.54
C ASP B 155 -41.65 -17.13 -68.85
N GLY B 156 -41.84 -16.64 -67.63
CA GLY B 156 -43.02 -16.98 -66.87
C GLY B 156 -42.77 -18.19 -66.00
N THR B 157 -41.64 -18.85 -66.20
CA THR B 157 -41.29 -19.99 -65.37
C THR B 157 -41.06 -19.50 -63.96
N PRO B 158 -41.55 -20.24 -62.96
CA PRO B 158 -41.22 -19.77 -61.60
C PRO B 158 -39.71 -19.67 -61.42
N GLN B 159 -39.28 -18.59 -60.77
CA GLN B 159 -37.87 -18.29 -60.62
C GLN B 159 -37.34 -18.96 -59.35
N ARG B 160 -36.31 -19.80 -59.52
CA ARG B 160 -35.62 -20.40 -58.39
C ARG B 160 -34.32 -19.63 -58.12
N ARG B 161 -33.98 -19.49 -56.85
CA ARG B 161 -32.71 -18.93 -56.43
C ARG B 161 -31.96 -19.96 -55.59
N GLN B 162 -30.64 -19.92 -55.68
CA GLN B 162 -29.79 -20.94 -55.08
C GLN B 162 -28.86 -20.32 -54.06
N LEU B 163 -28.68 -21.01 -52.94
CA LEU B 163 -27.80 -20.58 -51.87
C LEU B 163 -26.66 -21.58 -51.74
N THR B 164 -25.42 -21.09 -51.79
CA THR B 164 -24.22 -21.92 -51.74
C THR B 164 -23.60 -21.79 -50.35
N ILE B 165 -23.85 -22.79 -49.50
CA ILE B 165 -23.24 -22.85 -48.18
C ILE B 165 -21.93 -23.61 -48.31
N ASN B 166 -20.82 -22.90 -48.15
CA ASN B 166 -19.48 -23.47 -48.31
C ASN B 166 -18.93 -23.99 -46.99
N LYS B 167 -19.72 -24.86 -46.36
CA LYS B 167 -19.32 -25.44 -45.08
C LYS B 167 -18.14 -26.38 -45.27
N GLU B 168 -17.09 -26.17 -44.46
CA GLU B 168 -15.86 -26.95 -44.52
C GLU B 168 -15.30 -26.96 -45.94
N GLY B 169 -14.66 -28.07 -46.33
CA GLY B 169 -14.15 -28.17 -47.69
C GLY B 169 -15.25 -28.25 -48.73
N LYS B 170 -16.32 -28.98 -48.42
CA LYS B 170 -17.40 -29.18 -49.35
C LYS B 170 -18.27 -27.92 -49.44
N GLN B 171 -19.35 -28.01 -50.23
CA GLN B 171 -20.36 -26.97 -50.29
C GLN B 171 -21.68 -27.63 -50.66
N PHE B 172 -22.75 -27.25 -49.96
CA PHE B 172 -24.06 -27.85 -50.19
C PHE B 172 -24.94 -26.91 -51.00
N LYS B 173 -25.85 -27.50 -51.78
CA LYS B 173 -26.77 -26.74 -52.62
C LYS B 173 -28.16 -26.79 -52.01
N VAL B 174 -28.77 -25.62 -51.84
CA VAL B 174 -30.17 -25.51 -51.44
C VAL B 174 -30.87 -24.55 -52.40
N ARG B 175 -31.94 -25.03 -53.02
CA ARG B 175 -32.68 -24.27 -54.02
C ARG B 175 -34.00 -23.81 -53.43
N GLY B 176 -34.41 -22.60 -53.78
CA GLY B 176 -35.63 -22.03 -53.24
C GLY B 176 -36.37 -21.24 -54.29
N PHE B 177 -37.54 -20.73 -53.89
CA PHE B 177 -38.41 -19.98 -54.78
C PHE B 177 -38.67 -18.59 -54.19
N GLY B 178 -39.01 -17.66 -55.07
CA GLY B 178 -39.53 -16.37 -54.66
C GLY B 178 -41.03 -16.47 -54.50
N VAL B 179 -41.51 -16.03 -53.34
CA VAL B 179 -42.92 -16.18 -52.97
C VAL B 179 -43.52 -14.80 -52.77
N LYS B 180 -44.63 -14.54 -53.46
CA LYS B 180 -45.40 -13.32 -53.28
C LYS B 180 -46.77 -13.67 -52.70
N ILE B 181 -47.12 -13.06 -51.58
CA ILE B 181 -48.38 -13.28 -50.91
C ILE B 181 -49.09 -11.94 -50.77
N SER B 182 -50.34 -11.88 -51.19
CA SER B 182 -51.13 -10.67 -51.14
C SER B 182 -52.39 -10.90 -50.32
N GLU B 183 -53.11 -9.80 -50.06
CA GLU B 183 -54.34 -9.81 -49.26
C GLU B 183 -54.10 -10.46 -47.89
N LEU B 184 -53.26 -9.80 -47.09
CA LEU B 184 -52.91 -10.28 -45.76
C LEU B 184 -53.70 -9.63 -44.63
N ASN B 185 -54.14 -8.37 -44.79
CA ASN B 185 -54.64 -7.53 -43.72
C ASN B 185 -53.45 -7.10 -42.86
N PRO B 186 -53.33 -5.81 -42.53
CA PRO B 186 -52.05 -5.30 -41.99
C PRO B 186 -51.52 -6.02 -40.76
N GLU B 187 -52.38 -6.45 -39.84
CA GLU B 187 -51.89 -7.19 -38.68
C GLU B 187 -51.23 -8.49 -39.10
N ASP B 188 -51.91 -9.26 -39.94
CA ASP B 188 -51.32 -10.50 -40.45
C ASP B 188 -50.10 -10.20 -41.32
N SER B 189 -50.11 -9.10 -42.05
CA SER B 189 -48.96 -8.70 -42.83
C SER B 189 -47.73 -8.50 -41.94
N LEU B 190 -47.91 -7.79 -40.82
CA LEU B 190 -46.82 -7.58 -39.89
C LEU B 190 -46.34 -8.91 -39.31
N THR B 191 -47.28 -9.78 -38.94
CA THR B 191 -46.91 -11.09 -38.44
C THR B 191 -46.06 -11.85 -39.47
N LEU B 192 -46.43 -11.75 -40.74
CA LEU B 192 -45.66 -12.43 -41.77
C LEU B 192 -44.26 -11.85 -41.90
N GLN B 193 -44.15 -10.52 -42.01
CA GLN B 193 -42.83 -9.92 -42.12
C GLN B 193 -41.96 -10.23 -40.92
N GLU B 194 -42.55 -10.38 -39.75
CA GLU B 194 -41.69 -10.60 -38.59
C GLU B 194 -41.30 -12.08 -38.49
N GLN B 195 -42.29 -12.98 -38.56
CA GLN B 195 -41.99 -14.42 -38.64
C GLN B 195 -41.24 -14.78 -39.92
N GLY B 196 -41.80 -14.45 -41.09
CA GLY B 196 -41.24 -14.97 -42.31
C GLY B 196 -41.50 -16.44 -42.52
N ILE B 197 -41.07 -16.98 -43.66
CA ILE B 197 -41.23 -18.38 -44.00
C ILE B 197 -39.92 -18.89 -44.60
N GLY B 198 -39.51 -20.08 -44.19
CA GLY B 198 -38.27 -20.69 -44.68
C GLY B 198 -37.30 -21.06 -43.58
N GLY B 199 -37.23 -20.21 -42.57
CA GLY B 199 -36.38 -20.43 -41.41
C GLY B 199 -34.95 -19.96 -41.57
N LYS B 200 -34.41 -20.06 -42.78
CA LYS B 200 -33.03 -19.65 -43.03
C LYS B 200 -32.93 -18.13 -43.08
N ARG B 201 -33.40 -17.46 -42.03
CA ARG B 201 -33.34 -16.01 -41.97
C ARG B 201 -31.94 -15.52 -41.61
N LYS B 202 -31.24 -16.26 -40.74
CA LYS B 202 -29.81 -16.03 -40.58
C LYS B 202 -29.07 -16.29 -41.88
N MET B 203 -29.59 -17.21 -42.69
CA MET B 203 -29.00 -17.52 -43.98
C MET B 203 -29.42 -16.56 -45.09
N MET B 204 -30.03 -15.42 -44.73
CA MET B 204 -30.21 -14.29 -45.63
C MET B 204 -31.33 -14.60 -46.67
N CYS B 205 -32.26 -15.47 -46.29
CA CYS B 205 -33.34 -15.86 -47.21
C CYS B 205 -34.71 -15.38 -46.77
N GLY B 206 -35.15 -15.74 -45.56
CA GLY B 206 -36.56 -15.74 -45.23
C GLY B 206 -37.23 -14.42 -44.93
N ILE B 207 -36.52 -13.30 -45.02
CA ILE B 207 -37.12 -12.01 -44.68
C ILE B 207 -38.10 -11.60 -45.77
N PHE B 208 -39.27 -11.10 -45.35
CA PHE B 208 -40.29 -10.61 -46.28
C PHE B 208 -40.23 -9.10 -46.39
N VAL B 209 -40.60 -8.58 -47.56
CA VAL B 209 -40.46 -7.17 -47.89
C VAL B 209 -41.75 -6.73 -48.61
N PRO B 210 -42.13 -5.45 -48.55
CA PRO B 210 -43.22 -4.96 -49.39
C PRO B 210 -43.04 -5.33 -50.86
N ALA B 211 -44.14 -5.24 -51.61
CA ALA B 211 -44.23 -5.88 -52.92
C ALA B 211 -43.50 -5.12 -54.03
N THR B 212 -43.05 -3.88 -53.79
CA THR B 212 -42.37 -3.14 -54.84
C THR B 212 -41.04 -3.79 -55.22
N ARG B 213 -40.34 -4.35 -54.23
CA ARG B 213 -39.07 -5.00 -54.53
C ARG B 213 -39.30 -6.25 -55.37
N SER B 214 -40.49 -6.84 -55.27
CA SER B 214 -40.84 -7.94 -56.18
C SER B 214 -40.85 -7.48 -57.62
N LYS B 215 -41.43 -6.31 -57.89
CA LYS B 215 -41.38 -5.74 -59.24
C LYS B 215 -39.94 -5.44 -59.64
N GLU B 216 -39.16 -4.91 -58.69
CA GLU B 216 -37.75 -4.63 -58.96
C GLU B 216 -37.01 -5.87 -59.43
N GLU B 217 -37.22 -7.00 -58.73
CA GLU B 217 -36.56 -8.24 -59.11
C GLU B 217 -37.16 -8.87 -60.37
N GLU B 218 -38.45 -8.63 -60.64
CA GLU B 218 -39.06 -9.20 -61.83
C GLU B 218 -38.65 -8.46 -63.10
N GLU B 219 -38.40 -7.16 -63.01
CA GLU B 219 -37.93 -6.42 -64.19
C GLU B 219 -36.59 -6.96 -64.67
N THR B 220 -35.64 -7.13 -63.74
CA THR B 220 -34.35 -7.74 -64.07
C THR B 220 -34.05 -8.87 -63.09
N PRO C 12 -74.50 28.95 -32.28
CA PRO C 12 -74.31 28.04 -31.15
C PRO C 12 -72.85 27.71 -30.91
N ASN C 13 -72.36 27.99 -29.71
CA ASN C 13 -70.98 27.73 -29.34
C ASN C 13 -70.76 26.22 -29.30
N TYR C 14 -70.08 25.69 -30.29
CA TYR C 14 -69.84 24.25 -30.40
C TYR C 14 -68.38 23.95 -30.09
N TYR C 15 -68.15 22.85 -29.37
CA TYR C 15 -66.82 22.43 -28.97
C TYR C 15 -66.64 20.96 -29.31
N LEU C 16 -65.43 20.59 -29.70
CA LEU C 16 -65.08 19.20 -29.98
C LEU C 16 -63.88 18.82 -29.14
N TYR C 17 -64.11 18.06 -28.08
CA TYR C 17 -63.04 17.53 -27.25
C TYR C 17 -62.83 16.06 -27.58
N GLY C 18 -61.62 15.57 -27.28
CA GLY C 18 -61.34 14.17 -27.54
C GLY C 18 -60.04 13.67 -26.96
N THR C 19 -60.04 12.41 -26.53
CA THR C 19 -58.84 11.72 -26.12
C THR C 19 -58.56 10.61 -27.13
N VAL C 20 -57.42 10.71 -27.82
CA VAL C 20 -57.04 9.75 -28.84
C VAL C 20 -55.85 8.96 -28.33
N LEU C 21 -55.79 7.68 -28.70
CA LEU C 21 -54.77 6.77 -28.21
C LEU C 21 -54.00 6.21 -29.39
N THR C 22 -52.68 6.09 -29.24
CA THR C 22 -51.82 5.65 -30.33
C THR C 22 -51.53 4.15 -30.18
N ARG C 23 -50.78 3.61 -31.13
CA ARG C 23 -50.45 2.20 -31.17
C ARG C 23 -49.21 1.91 -30.34
N TYR C 24 -49.10 0.68 -29.87
CA TYR C 24 -47.96 0.29 -29.04
C TYR C 24 -46.67 0.29 -29.85
N GLY C 25 -45.59 0.72 -29.22
CA GLY C 25 -44.31 0.74 -29.89
C GLY C 25 -43.28 1.47 -29.04
N LEU C 26 -42.07 1.54 -29.59
CA LEU C 26 -40.94 2.16 -28.91
C LEU C 26 -40.97 3.67 -29.13
N ALA C 27 -40.60 4.42 -28.09
CA ALA C 27 -40.67 5.88 -28.15
C ALA C 27 -39.40 6.49 -27.57
N SER C 28 -38.79 7.39 -28.34
CA SER C 28 -37.62 8.16 -27.92
C SER C 28 -37.78 9.59 -28.39
N LEU C 29 -38.96 10.16 -28.16
CA LEU C 29 -39.44 11.27 -28.98
C LEU C 29 -38.88 12.62 -28.53
N ASN C 30 -39.09 12.97 -27.26
CA ASN C 30 -38.93 14.36 -26.83
C ASN C 30 -37.85 14.50 -25.76
N HIS C 31 -36.66 13.95 -26.04
CA HIS C 31 -35.56 13.92 -25.08
C HIS C 31 -35.32 15.28 -24.42
N ASP C 32 -34.89 15.22 -23.17
CA ASP C 32 -34.63 16.36 -22.30
C ASP C 32 -33.17 16.79 -22.39
N ILE C 33 -32.72 17.58 -21.41
CA ILE C 33 -31.43 18.27 -21.40
C ILE C 33 -30.25 17.32 -21.54
N ARG C 34 -30.47 16.01 -21.41
CA ARG C 34 -29.42 15.01 -21.62
C ARG C 34 -28.27 15.24 -20.64
N ARG C 35 -28.55 14.94 -19.37
CA ARG C 35 -27.72 15.36 -18.24
C ARG C 35 -26.22 15.19 -18.47
N GLY C 36 -25.72 13.96 -18.57
CA GLY C 36 -24.33 13.80 -18.94
C GLY C 36 -24.03 12.96 -20.16
N ASN C 37 -24.74 11.83 -20.31
CA ASN C 37 -24.60 11.00 -21.51
C ASN C 37 -25.91 10.45 -22.05
N LYS C 38 -26.96 10.34 -21.23
CA LYS C 38 -28.19 9.69 -21.65
C LYS C 38 -29.18 10.73 -22.14
N THR C 39 -29.72 10.53 -23.33
CA THR C 39 -30.83 11.36 -23.79
C THR C 39 -32.07 10.92 -23.03
N ILE C 40 -32.25 11.45 -21.82
CA ILE C 40 -33.32 10.98 -20.94
C ILE C 40 -34.67 11.30 -21.58
N LEU C 41 -35.61 10.38 -21.44
CA LEU C 41 -36.95 10.59 -21.96
C LEU C 41 -37.75 11.46 -21.00
N GLN C 42 -38.56 12.35 -21.56
CA GLN C 42 -39.31 13.30 -20.76
C GLN C 42 -40.32 12.55 -19.89
N LYS C 43 -40.06 12.50 -18.60
CA LYS C 43 -40.87 11.72 -17.68
C LYS C 43 -41.33 12.59 -16.52
N GLY C 44 -42.41 12.16 -15.88
CA GLY C 44 -42.93 12.83 -14.72
C GLY C 44 -43.75 11.87 -13.89
N TYR C 45 -44.56 12.43 -13.01
CA TYR C 45 -45.43 11.64 -12.14
C TYR C 45 -46.85 11.64 -12.68
N TRP C 46 -47.53 10.53 -12.49
CA TRP C 46 -48.88 10.32 -13.01
C TRP C 46 -49.66 9.53 -11.98
N ASN C 47 -50.78 8.94 -12.39
CA ASN C 47 -51.63 8.17 -11.49
C ASN C 47 -50.83 7.14 -10.70
N ASN C 48 -51.22 6.95 -9.45
CA ASN C 48 -50.62 5.99 -8.51
C ASN C 48 -49.17 6.33 -8.17
N GLY C 49 -48.69 7.50 -8.59
CA GLY C 49 -47.34 7.92 -8.24
C GLY C 49 -46.23 7.09 -8.85
N LYS C 50 -46.43 6.63 -10.08
CA LYS C 50 -45.38 5.93 -10.82
C LYS C 50 -44.96 6.78 -12.01
N ILE C 51 -43.68 6.73 -12.34
CA ILE C 51 -43.11 7.61 -13.37
C ILE C 51 -43.65 7.20 -14.73
N HIS C 52 -44.13 8.18 -15.48
CA HIS C 52 -44.64 7.98 -16.82
C HIS C 52 -43.91 8.90 -17.80
N SER C 53 -43.71 8.42 -19.02
CA SER C 53 -43.05 9.22 -20.04
C SER C 53 -44.07 10.08 -20.77
N PHE C 54 -43.65 11.28 -21.14
CA PHE C 54 -44.53 12.27 -21.75
C PHE C 54 -44.00 12.68 -23.12
N VAL C 55 -44.91 13.22 -23.93
CA VAL C 55 -44.57 13.82 -25.22
C VAL C 55 -45.16 15.22 -25.22
N GLY C 56 -44.32 16.22 -25.51
CA GLY C 56 -44.79 17.59 -25.47
C GLY C 56 -45.89 17.84 -26.47
N SER C 57 -46.91 18.58 -26.02
CA SER C 57 -48.03 18.91 -26.91
C SER C 57 -47.59 19.83 -28.04
N SER C 58 -46.56 20.64 -27.82
CA SER C 58 -46.07 21.52 -28.88
C SER C 58 -45.52 20.72 -30.05
N ALA C 59 -44.94 19.54 -29.79
CA ALA C 59 -44.48 18.68 -30.87
C ALA C 59 -45.65 18.22 -31.72
N ILE C 60 -46.76 17.84 -31.09
CA ILE C 60 -47.94 17.41 -31.83
C ILE C 60 -48.53 18.57 -32.62
N ARG C 61 -48.53 19.77 -32.03
CA ARG C 61 -49.00 20.95 -32.75
C ARG C 61 -48.13 21.23 -33.96
N TRP C 62 -46.81 21.08 -33.82
CA TRP C 62 -45.91 21.26 -34.95
C TRP C 62 -46.17 20.21 -36.03
N ALA C 63 -46.42 18.97 -35.62
CA ALA C 63 -46.73 17.92 -36.59
C ALA C 63 -48.01 18.23 -37.35
N LEU C 64 -49.03 18.72 -36.64
CA LEU C 64 -50.28 19.11 -37.30
C LEU C 64 -50.04 20.26 -38.27
N ARG C 65 -49.24 21.23 -37.87
CA ARG C 65 -48.92 22.35 -38.76
C ARG C 65 -48.19 21.87 -40.01
N PHE C 66 -47.24 20.94 -39.84
CA PHE C 66 -46.53 20.38 -40.98
C PHE C 66 -47.48 19.64 -41.92
N TYR C 67 -48.41 18.86 -41.34
CA TYR C 67 -49.41 18.20 -42.18
C TYR C 67 -50.22 19.21 -42.96
N LEU C 68 -50.64 20.29 -42.29
CA LEU C 68 -51.43 21.32 -42.97
C LEU C 68 -50.64 21.93 -44.12
N GLN C 69 -49.36 22.22 -43.89
CA GLN C 69 -48.52 22.78 -44.95
C GLN C 69 -48.30 21.80 -46.08
N LYS C 70 -48.30 20.50 -45.81
CA LYS C 70 -48.03 19.51 -46.85
C LYS C 70 -49.09 19.55 -47.94
N GLN C 71 -50.36 19.46 -47.57
CA GLN C 71 -51.45 19.29 -48.54
C GLN C 71 -52.13 20.64 -48.80
N GLY C 72 -51.45 21.45 -49.60
CA GLY C 72 -51.97 22.78 -49.91
C GLY C 72 -52.12 23.57 -48.62
N TYR C 73 -53.33 24.13 -48.41
CA TYR C 73 -53.69 24.74 -47.12
C TYR C 73 -52.72 25.86 -46.76
N LEU C 74 -52.80 26.95 -47.52
CA LEU C 74 -51.91 28.10 -47.37
C LEU C 74 -51.61 28.38 -45.90
N VAL C 75 -50.33 28.36 -45.55
CA VAL C 75 -49.88 28.44 -44.17
C VAL C 75 -48.72 29.43 -44.09
N ASN C 76 -48.72 30.25 -43.04
CA ASN C 76 -47.67 31.25 -42.88
C ASN C 76 -46.30 30.62 -42.69
N ARG C 77 -46.22 29.56 -41.89
CA ARG C 77 -44.94 28.94 -41.53
C ARG C 77 -44.68 27.75 -42.44
N VAL C 78 -43.71 27.89 -43.34
CA VAL C 78 -43.36 26.83 -44.27
C VAL C 78 -42.11 26.13 -43.76
N TRP C 79 -42.19 24.79 -43.66
CA TRP C 79 -41.07 23.98 -43.22
C TRP C 79 -40.19 23.63 -44.42
N ASP C 80 -38.93 24.04 -44.37
CA ASP C 80 -38.05 23.89 -45.52
C ASP C 80 -37.77 22.43 -45.84
N GLU C 81 -37.62 21.59 -44.81
CA GLU C 81 -37.36 20.16 -44.91
C GLU C 81 -35.94 19.88 -45.39
N GLU C 82 -35.20 20.92 -45.74
CA GLU C 82 -33.79 20.78 -46.12
C GLU C 82 -32.88 21.62 -45.25
N GLU C 83 -33.12 22.93 -45.18
CA GLU C 83 -32.34 23.81 -44.32
C GLU C 83 -32.91 23.91 -42.92
N HIS C 84 -34.08 23.31 -42.67
CA HIS C 84 -34.70 23.28 -41.35
C HIS C 84 -34.93 24.69 -40.81
N ILE C 85 -35.45 25.56 -41.66
CA ILE C 85 -35.75 26.95 -41.31
C ILE C 85 -37.19 27.26 -41.67
N ASN C 86 -37.94 27.77 -40.70
CA ASN C 86 -39.29 28.25 -40.93
C ASN C 86 -39.24 29.61 -41.61
N ARG C 87 -39.99 29.76 -42.70
CA ARG C 87 -40.08 31.02 -43.43
C ARG C 87 -41.52 31.50 -43.41
N LEU C 88 -41.69 32.80 -43.13
CA LEU C 88 -43.00 33.42 -43.07
C LEU C 88 -43.41 33.87 -44.46
N THR C 89 -44.52 33.33 -44.96
CA THR C 89 -45.03 33.76 -46.26
C THR C 89 -45.40 35.23 -46.24
N SER C 90 -46.01 35.69 -45.15
CA SER C 90 -46.31 37.10 -44.96
C SER C 90 -45.86 37.52 -43.56
N GLU C 91 -45.32 38.74 -43.47
CA GLU C 91 -44.85 39.24 -42.18
C GLU C 91 -46.02 39.42 -41.22
N ASP C 92 -47.08 40.11 -41.67
CA ASP C 92 -48.28 40.27 -40.86
C ASP C 92 -49.08 38.99 -40.85
N PHE C 93 -49.50 38.57 -39.64
CA PHE C 93 -50.32 37.38 -39.49
C PHE C 93 -51.74 37.69 -39.96
N ASP C 94 -52.28 36.80 -40.79
CA ASP C 94 -53.63 36.97 -41.33
C ASP C 94 -54.38 35.65 -41.15
N PRO C 95 -55.02 35.45 -40.00
CA PRO C 95 -55.78 34.20 -39.78
C PRO C 95 -56.93 34.01 -40.74
N GLU C 96 -57.43 35.09 -41.36
CA GLU C 96 -58.54 34.96 -42.30
C GLU C 96 -58.13 34.15 -43.52
N LYS C 97 -56.88 34.30 -43.97
CA LYS C 97 -56.40 33.63 -45.17
C LYS C 97 -55.62 32.36 -44.90
N PHE C 98 -54.85 32.31 -43.81
CA PHE C 98 -53.97 31.18 -43.53
C PHE C 98 -54.65 30.21 -42.57
N TYR C 99 -54.53 28.91 -42.86
CA TYR C 99 -55.04 27.89 -41.95
C TYR C 99 -54.29 27.91 -40.63
N ASP C 100 -52.97 28.08 -40.68
CA ASP C 100 -52.14 27.95 -39.47
C ASP C 100 -52.46 29.04 -38.46
N ASP C 101 -52.48 30.30 -38.91
CA ASP C 101 -52.79 31.40 -38.00
C ASP C 101 -54.20 31.29 -37.47
N ASP C 102 -55.14 30.85 -38.30
CA ASP C 102 -56.52 30.68 -37.85
C ASP C 102 -56.64 29.62 -36.77
N ILE C 103 -55.89 28.53 -36.91
CA ILE C 103 -56.06 27.39 -36.02
C ILE C 103 -55.21 27.55 -34.76
N PHE C 104 -53.90 27.64 -34.91
CA PHE C 104 -53.00 27.60 -33.77
C PHE C 104 -52.72 28.96 -33.15
N GLY C 105 -53.16 30.05 -33.77
CA GLY C 105 -52.88 31.36 -33.22
C GLY C 105 -51.44 31.78 -33.46
N PHE C 106 -51.09 32.93 -32.89
CA PHE C 106 -49.76 33.49 -33.07
C PHE C 106 -49.50 34.51 -31.96
N ALA C 107 -48.24 34.88 -31.81
CA ALA C 107 -47.85 35.91 -30.86
C ALA C 107 -46.58 36.57 -31.38
N LEU C 108 -46.66 37.87 -31.71
CA LEU C 108 -45.53 38.57 -32.30
C LEU C 108 -44.64 39.18 -31.22
N LEU C 109 -45.20 40.05 -30.38
CA LEU C 109 -44.46 40.75 -29.33
C LEU C 109 -43.26 41.50 -29.90
N PRO C 133 -49.75 43.32 -32.70
CA PRO C 133 -50.69 43.07 -33.80
C PRO C 133 -52.05 42.61 -33.31
N ASN C 134 -52.32 41.31 -33.39
CA ASN C 134 -53.61 40.77 -32.99
C ASN C 134 -53.52 39.67 -31.94
N GLN C 135 -52.46 38.87 -31.95
CA GLN C 135 -52.20 37.87 -30.92
C GLN C 135 -53.39 36.92 -30.77
N ARG C 136 -53.62 36.13 -31.82
CA ARG C 136 -54.80 35.27 -31.88
C ARG C 136 -54.77 34.24 -30.74
N MET C 137 -55.95 34.01 -30.16
CA MET C 137 -56.06 33.07 -29.05
C MET C 137 -55.83 31.63 -29.51
N GLY C 138 -56.21 31.31 -30.74
CA GLY C 138 -55.99 29.98 -31.26
C GLY C 138 -57.12 29.03 -30.92
N ALA C 139 -57.69 28.38 -31.94
CA ALA C 139 -58.83 27.49 -31.70
C ALA C 139 -58.39 26.23 -30.98
N LEU C 140 -57.33 25.60 -31.43
CA LEU C 140 -56.97 24.27 -30.93
C LEU C 140 -56.23 24.37 -29.60
N GLY C 141 -56.68 23.59 -28.63
CA GLY C 141 -55.96 23.42 -27.38
C GLY C 141 -55.55 21.98 -27.21
N MET C 142 -54.38 21.78 -26.60
CA MET C 142 -53.79 20.45 -26.53
C MET C 142 -53.18 20.23 -25.16
N ASN C 143 -53.04 18.96 -24.79
CA ASN C 143 -52.32 18.53 -23.60
C ASN C 143 -51.27 17.50 -24.00
N MET C 144 -50.24 17.38 -23.16
CA MET C 144 -49.15 16.48 -23.47
C MET C 144 -49.62 15.03 -23.41
N ALA C 145 -49.00 14.19 -24.25
CA ALA C 145 -49.35 12.78 -24.34
C ALA C 145 -48.72 12.04 -23.17
N VAL C 146 -49.53 11.25 -22.46
CA VAL C 146 -49.08 10.52 -21.28
C VAL C 146 -48.99 9.04 -21.62
N SER C 147 -47.85 8.43 -21.31
CA SER C 147 -47.68 7.01 -21.56
C SER C 147 -48.66 6.19 -20.74
N LEU C 148 -49.26 5.19 -21.39
CA LEU C 148 -50.24 4.35 -20.71
C LEU C 148 -49.62 3.57 -19.56
N THR C 149 -48.46 2.98 -19.80
CA THR C 149 -47.79 2.20 -18.77
C THR C 149 -46.65 2.99 -18.15
N PRO C 150 -46.34 2.76 -16.87
CA PRO C 150 -45.25 3.50 -16.24
C PRO C 150 -43.91 3.20 -16.87
N TYR C 151 -43.04 4.22 -16.89
CA TYR C 151 -41.70 4.06 -17.43
C TYR C 151 -40.80 3.44 -16.36
N ASP C 152 -40.33 2.23 -16.62
CA ASP C 152 -39.55 1.48 -15.63
C ASP C 152 -38.05 1.52 -15.92
N GLY C 153 -37.64 1.00 -17.06
CA GLY C 153 -36.23 0.86 -17.41
C GLY C 153 -35.98 1.19 -18.86
N ALA C 154 -35.41 0.22 -19.58
CA ALA C 154 -35.29 0.27 -21.04
C ALA C 154 -34.43 1.45 -21.50
N VAL C 155 -33.17 1.40 -21.11
CA VAL C 155 -32.14 2.25 -21.71
C VAL C 155 -31.51 1.47 -22.87
N LYS C 156 -31.05 2.19 -23.89
CA LYS C 156 -30.54 1.57 -25.10
C LYS C 156 -29.12 2.05 -25.37
N LEU C 157 -28.34 1.20 -26.03
CA LEU C 157 -26.94 1.49 -26.32
C LEU C 157 -26.83 2.27 -27.61
N GLY C 158 -26.31 3.50 -27.52
CA GLY C 158 -26.09 4.32 -28.70
C GLY C 158 -24.68 4.86 -28.76
N ALA C 159 -23.95 4.50 -29.80
CA ALA C 159 -22.56 4.93 -29.96
C ALA C 159 -22.52 6.06 -30.99
N LYS C 160 -22.06 7.23 -30.57
CA LYS C 160 -21.87 8.35 -31.47
C LYS C 160 -20.44 8.38 -31.99
N SER C 161 -20.29 8.83 -33.23
CA SER C 161 -18.98 8.83 -33.87
C SER C 161 -18.10 9.95 -33.30
N GLY C 162 -16.83 9.91 -33.67
CA GLY C 162 -15.88 10.92 -33.23
C GLY C 162 -14.73 11.08 -34.21
N ARG C 163 -14.27 12.33 -34.39
CA ARG C 163 -13.17 12.60 -35.30
C ARG C 163 -11.83 12.13 -34.79
N GLU C 164 -11.75 11.70 -33.52
CA GLU C 164 -10.48 11.33 -32.89
C GLU C 164 -10.02 9.97 -33.43
N LYS C 165 -9.45 10.01 -34.64
CA LYS C 165 -8.92 8.81 -35.29
C LYS C 165 -10.00 7.74 -35.42
N ASP C 166 -11.19 8.16 -35.85
CA ASP C 166 -12.35 7.28 -35.98
C ASP C 166 -12.68 6.63 -34.63
N SER C 167 -13.05 7.46 -33.67
CA SER C 167 -13.41 6.99 -32.35
C SER C 167 -14.92 6.97 -32.17
N THR C 168 -15.39 5.97 -31.42
CA THR C 168 -16.80 5.82 -31.11
C THR C 168 -16.97 5.78 -29.60
N SER C 169 -17.58 6.82 -29.04
CA SER C 169 -17.85 6.91 -27.61
C SER C 169 -19.29 6.45 -27.36
N LEU C 170 -19.45 5.52 -26.43
CA LEU C 170 -20.77 4.98 -26.13
C LEU C 170 -21.54 5.93 -25.23
N HIS C 171 -22.79 6.20 -25.60
CA HIS C 171 -23.70 7.00 -24.79
C HIS C 171 -25.00 6.23 -24.61
N PHE C 172 -25.87 6.73 -23.74
CA PHE C 172 -27.13 6.07 -23.43
C PHE C 172 -28.30 6.84 -24.03
N THR C 173 -29.41 6.13 -24.19
CA THR C 173 -30.63 6.72 -24.73
C THR C 173 -31.82 5.97 -24.15
N GLU C 174 -32.74 6.69 -23.53
CA GLU C 174 -33.91 6.07 -22.94
C GLU C 174 -34.97 5.83 -24.02
N TYR C 175 -35.59 4.67 -23.98
CA TYR C 175 -36.72 4.36 -24.85
C TYR C 175 -37.82 3.73 -24.01
N HIS C 176 -39.06 3.90 -24.46
CA HIS C 176 -40.22 3.40 -23.75
C HIS C 176 -41.14 2.68 -24.73
N ALA C 177 -41.63 1.52 -24.32
CA ALA C 177 -42.57 0.73 -25.12
C ALA C 177 -43.95 0.90 -24.49
N THR C 178 -44.76 1.76 -25.08
CA THR C 178 -46.06 2.12 -24.51
C THR C 178 -46.92 2.73 -25.61
N ARG C 179 -48.15 3.08 -25.26
CA ARG C 179 -49.06 3.79 -26.15
C ARG C 179 -49.38 5.15 -25.53
N TYR C 180 -49.20 6.21 -26.31
CA TYR C 180 -49.43 7.56 -25.82
C TYR C 180 -50.85 8.00 -26.12
N GLN C 181 -51.52 8.50 -25.08
CA GLN C 181 -52.83 9.12 -25.20
C GLN C 181 -52.69 10.60 -24.87
N TYR C 182 -53.43 11.43 -25.60
CA TYR C 182 -53.42 12.86 -25.29
C TYR C 182 -54.80 13.42 -25.49
N TYR C 183 -55.00 14.63 -24.95
CA TYR C 183 -56.30 15.29 -24.92
C TYR C 183 -56.21 16.60 -25.68
N PHE C 184 -57.29 16.93 -26.37
CA PHE C 184 -57.33 18.15 -27.17
C PHE C 184 -58.75 18.68 -27.22
N GLY C 185 -58.86 19.99 -27.42
CA GLY C 185 -60.16 20.63 -27.53
C GLY C 185 -60.18 21.65 -28.64
N ILE C 186 -61.27 21.71 -29.39
CA ILE C 186 -61.40 22.59 -30.55
C ILE C 186 -62.55 23.55 -30.30
N ASP C 187 -62.25 24.84 -30.26
CA ASP C 187 -63.27 25.87 -30.15
C ASP C 187 -63.73 26.19 -31.57
N ALA C 188 -64.67 25.39 -32.08
CA ALA C 188 -65.07 25.49 -33.48
C ALA C 188 -65.59 26.89 -33.80
N THR C 189 -66.32 27.51 -32.88
CA THR C 189 -66.82 28.86 -33.11
C THR C 189 -65.69 29.88 -33.23
N HIS C 190 -64.53 29.61 -32.62
CA HIS C 190 -63.43 30.57 -32.64
C HIS C 190 -62.76 30.65 -34.00
N LEU C 191 -62.93 29.63 -34.85
CA LEU C 191 -62.29 29.64 -36.16
C LEU C 191 -62.84 30.76 -37.02
N LYS C 192 -61.93 31.44 -37.73
CA LYS C 192 -62.36 32.50 -38.64
C LYS C 192 -63.17 31.93 -39.79
N ASP C 193 -62.77 30.77 -40.30
CA ASP C 193 -63.53 30.04 -41.32
C ASP C 193 -63.98 28.72 -40.70
N PHE C 194 -65.30 28.51 -40.65
CA PHE C 194 -65.83 27.35 -39.95
C PHE C 194 -65.49 26.05 -40.68
N SER C 195 -65.19 26.12 -41.98
CA SER C 195 -64.87 24.92 -42.74
C SER C 195 -63.48 24.39 -42.41
N ARG C 196 -62.65 25.16 -41.71
CA ARG C 196 -61.28 24.73 -41.46
C ARG C 196 -61.19 23.62 -40.42
N ILE C 197 -62.30 23.30 -39.74
CA ILE C 197 -62.27 22.21 -38.77
C ILE C 197 -62.04 20.88 -39.48
N LEU C 198 -62.61 20.71 -40.67
CA LEU C 198 -62.53 19.42 -41.35
C LEU C 198 -61.10 18.96 -41.62
N PRO C 199 -60.19 19.79 -42.14
CA PRO C 199 -58.81 19.31 -42.32
C PRO C 199 -58.14 18.93 -41.01
N MET C 200 -58.55 19.52 -39.89
CA MET C 200 -57.88 19.28 -38.62
C MET C 200 -58.07 17.83 -38.17
N ILE C 201 -59.29 17.30 -38.33
CA ILE C 201 -59.55 15.92 -37.95
C ILE C 201 -58.76 14.97 -38.84
N ASP C 202 -58.68 15.28 -40.13
CA ASP C 202 -57.86 14.49 -41.03
C ASP C 202 -56.40 14.51 -40.61
N GLY C 203 -55.88 15.68 -40.25
CA GLY C 203 -54.51 15.77 -39.79
C GLY C 203 -54.28 14.96 -38.53
N ILE C 204 -55.23 14.98 -37.61
CA ILE C 204 -55.12 14.14 -36.43
C ILE C 204 -55.10 12.67 -36.83
N MET C 205 -55.91 12.28 -37.81
CA MET C 205 -55.92 10.89 -38.26
C MET C 205 -54.63 10.54 -39.01
N ASN C 206 -54.09 11.48 -39.77
CA ASN C 206 -52.92 11.24 -40.60
C ASN C 206 -51.74 12.10 -40.13
N LEU C 207 -51.52 12.07 -38.82
CA LEU C 207 -50.46 12.87 -38.22
C LEU C 207 -49.10 12.40 -38.73
N PRO C 208 -48.23 13.33 -39.16
CA PRO C 208 -46.90 12.92 -39.65
C PRO C 208 -45.97 12.50 -38.52
N LYS C 209 -44.71 12.23 -38.86
CA LYS C 209 -43.73 11.86 -37.85
C LYS C 209 -43.52 13.00 -36.86
N VAL C 210 -43.57 12.67 -35.57
CA VAL C 210 -43.46 13.65 -34.50
C VAL C 210 -41.98 13.82 -34.14
N GLY C 211 -41.53 15.06 -34.05
CA GLY C 211 -40.14 15.34 -33.73
C GLY C 211 -39.22 15.26 -34.92
N GLY C 212 -39.21 14.13 -35.61
CA GLY C 212 -38.40 13.98 -36.81
C GLY C 212 -37.08 13.29 -36.58
N SER C 213 -36.00 14.07 -36.51
CA SER C 213 -34.66 13.49 -36.41
C SER C 213 -34.47 12.70 -35.13
N SER C 214 -34.94 13.24 -33.99
CA SER C 214 -34.71 12.58 -32.72
C SER C 214 -35.67 11.44 -32.47
N ASN C 215 -36.67 11.24 -33.33
CA ASN C 215 -37.52 10.06 -33.22
C ASN C 215 -36.72 8.86 -33.70
N ILE C 216 -35.91 8.28 -32.81
CA ILE C 216 -34.99 7.21 -33.19
C ILE C 216 -35.75 6.06 -33.84
N PHE C 217 -36.69 5.48 -33.09
CA PHE C 217 -37.60 4.50 -33.67
C PHE C 217 -38.80 5.24 -34.24
N ASN C 218 -39.11 4.98 -35.51
CA ASN C 218 -40.19 5.72 -36.16
C ASN C 218 -41.52 5.36 -35.49
N TYR C 219 -42.02 6.26 -34.65
CA TYR C 219 -43.20 5.98 -33.85
C TYR C 219 -44.40 6.69 -34.46
N PRO C 220 -45.36 5.97 -35.04
CA PRO C 220 -46.53 6.64 -35.61
C PRO C 220 -47.40 7.25 -34.53
N PHE C 221 -48.01 8.39 -34.85
CA PHE C 221 -48.97 9.03 -33.97
C PHE C 221 -50.37 9.08 -34.57
N CYS C 222 -50.64 8.29 -35.60
CA CYS C 222 -52.01 8.11 -36.04
C CYS C 222 -52.78 7.31 -34.99
N PRO C 223 -53.91 7.83 -34.52
CA PRO C 223 -54.62 7.18 -33.41
C PRO C 223 -55.18 5.84 -33.83
N ASP C 224 -55.21 4.91 -32.87
CA ASP C 224 -55.79 3.59 -33.06
C ASP C 224 -57.12 3.42 -32.34
N SER C 225 -57.46 4.31 -31.42
CA SER C 225 -58.75 4.31 -30.76
C SER C 225 -59.10 5.74 -30.36
N LEU C 226 -60.32 6.16 -30.68
CA LEU C 226 -60.75 7.53 -30.47
C LEU C 226 -61.91 7.57 -29.49
N VAL C 227 -61.98 8.67 -28.73
CA VAL C 227 -63.13 8.98 -27.89
C VAL C 227 -63.42 10.46 -28.11
N PHE C 228 -64.44 10.75 -28.92
CA PHE C 228 -64.78 12.11 -29.30
C PHE C 228 -66.12 12.51 -28.71
N GLN C 229 -66.17 13.73 -28.16
CA GLN C 229 -67.40 14.30 -27.64
C GLN C 229 -67.64 15.63 -28.33
N TRP C 230 -68.64 15.67 -29.20
CA TRP C 230 -69.01 16.89 -29.92
C TRP C 230 -70.27 17.44 -29.24
N THR C 231 -70.05 18.36 -28.30
CA THR C 231 -71.12 18.96 -27.53
C THR C 231 -71.11 20.47 -27.74
N ASN C 232 -72.01 21.15 -27.03
CA ASN C 232 -72.18 22.59 -27.17
C ASN C 232 -72.03 23.35 -25.86
N HIS C 233 -71.49 22.72 -24.82
CA HIS C 233 -71.26 23.38 -23.55
C HIS C 233 -69.81 23.19 -23.12
N PHE C 234 -69.32 24.14 -22.30
CA PHE C 234 -67.90 24.18 -21.97
C PHE C 234 -67.46 22.98 -21.13
N ALA C 235 -68.34 22.46 -20.29
CA ALA C 235 -67.97 21.33 -19.43
C ALA C 235 -67.52 20.15 -20.27
N SER C 236 -66.37 19.58 -19.91
CA SER C 236 -65.76 18.52 -20.70
C SER C 236 -65.13 17.48 -19.79
N TYR C 237 -65.69 16.29 -19.81
CA TYR C 237 -65.08 15.11 -19.23
C TYR C 237 -64.25 14.43 -20.33
N ILE C 238 -63.92 13.14 -20.14
CA ILE C 238 -63.23 12.26 -21.09
C ILE C 238 -61.83 12.79 -21.38
N SER C 239 -61.29 13.59 -20.47
CA SER C 239 -59.97 14.17 -20.69
C SER C 239 -58.90 13.10 -20.87
N TYR C 240 -58.87 12.12 -19.97
CA TYR C 240 -57.88 11.05 -20.03
C TYR C 240 -58.56 9.70 -19.79
N CYS C 241 -59.65 9.45 -20.51
CA CYS C 241 -60.46 8.25 -20.29
C CYS C 241 -59.65 6.98 -20.47
N PHE C 242 -58.72 6.96 -21.42
CA PHE C 242 -57.96 5.74 -21.68
C PHE C 242 -57.00 5.45 -20.54
N GLU C 243 -56.99 4.20 -20.08
CA GLU C 243 -56.06 3.77 -19.04
C GLU C 243 -56.14 2.25 -18.96
N TYR C 244 -54.98 1.59 -18.89
CA TYR C 244 -55.00 0.14 -18.70
C TYR C 244 -54.15 -0.19 -17.48
N CYS C 245 -53.00 0.46 -17.36
CA CYS C 245 -51.91 0.09 -16.43
C CYS C 245 -51.51 -1.36 -16.74
N ASP C 246 -51.10 -2.16 -15.74
CA ASP C 246 -50.65 -3.53 -15.95
C ASP C 246 -49.66 -3.61 -17.10
N PRO C 247 -48.41 -3.17 -16.90
CA PRO C 247 -47.49 -3.06 -18.05
C PRO C 247 -47.21 -4.35 -18.78
N LYS C 248 -47.54 -5.52 -18.19
CA LYS C 248 -47.23 -6.79 -18.84
C LYS C 248 -47.93 -6.94 -20.19
N SER C 249 -49.03 -6.25 -20.42
CA SER C 249 -49.76 -6.35 -21.68
C SER C 249 -50.00 -4.96 -22.26
N LYS C 250 -50.67 -4.93 -23.42
CA LYS C 250 -50.91 -3.70 -24.15
C LYS C 250 -52.35 -3.64 -24.69
N GLU C 251 -53.32 -4.06 -23.88
CA GLU C 251 -54.70 -4.11 -24.33
C GLU C 251 -55.36 -2.74 -24.37
N ALA C 252 -54.89 -1.79 -23.56
CA ALA C 252 -55.36 -0.41 -23.57
C ALA C 252 -56.87 -0.34 -23.30
N LYS C 253 -57.23 -0.76 -22.09
CA LYS C 253 -58.62 -0.76 -21.68
C LYS C 253 -59.12 0.66 -21.43
N LEU C 254 -60.37 0.77 -21.00
CA LEU C 254 -61.00 2.02 -20.67
C LEU C 254 -61.11 2.17 -19.17
N SER C 255 -60.89 3.38 -18.66
CA SER C 255 -60.93 3.62 -17.23
C SER C 255 -62.34 3.40 -16.70
N GLN C 256 -62.43 2.80 -15.50
CA GLN C 256 -63.73 2.59 -14.87
C GLN C 256 -64.42 3.92 -14.58
N GLU C 257 -63.66 4.98 -14.35
CA GLU C 257 -64.26 6.29 -14.07
C GLU C 257 -65.04 6.80 -15.27
N PHE C 258 -64.48 6.67 -16.48
CA PHE C 258 -65.20 7.09 -17.67
C PHE C 258 -66.45 6.27 -17.92
N ILE C 259 -66.36 4.95 -17.72
CA ILE C 259 -67.53 4.09 -17.89
C ILE C 259 -68.62 4.49 -16.90
N ASP C 260 -68.24 4.73 -15.65
CA ASP C 260 -69.21 5.15 -14.65
C ASP C 260 -69.83 6.50 -15.01
N GLU C 261 -69.02 7.45 -15.47
CA GLU C 261 -69.54 8.77 -15.83
C GLU C 261 -70.52 8.66 -16.99
N VAL C 262 -70.23 7.79 -17.96
CA VAL C 262 -71.17 7.57 -19.05
C VAL C 262 -72.47 6.95 -18.53
N GLU C 263 -72.35 5.96 -17.64
CA GLU C 263 -73.52 5.22 -17.18
C GLU C 263 -74.41 6.08 -16.30
N CYS C 264 -73.83 7.02 -15.55
CA CYS C 264 -74.58 7.78 -14.56
C CYS C 264 -75.67 8.62 -15.20
N GLY C 265 -75.36 9.24 -16.34
CA GLY C 265 -76.29 10.15 -16.96
C GLY C 265 -75.59 11.35 -17.58
N GLN C 266 -74.40 11.67 -17.07
CA GLN C 266 -73.56 12.66 -17.71
C GLN C 266 -72.98 12.09 -19.00
N ILE C 267 -72.37 12.97 -19.79
CA ILE C 267 -71.88 12.63 -21.12
C ILE C 267 -73.01 12.01 -21.93
N ASP C 268 -73.86 12.86 -22.50
CA ASP C 268 -75.02 12.40 -23.26
C ASP C 268 -74.56 11.47 -24.38
N PRO C 269 -75.09 10.24 -24.44
CA PRO C 269 -74.59 9.28 -25.45
C PRO C 269 -74.71 9.78 -26.88
N SER C 270 -75.75 10.55 -27.19
CA SER C 270 -75.86 11.12 -28.53
C SER C 270 -74.71 12.06 -28.87
N LYS C 271 -74.02 12.59 -27.85
CA LYS C 271 -72.87 13.46 -28.04
C LYS C 271 -71.55 12.71 -27.99
N LEU C 272 -71.56 11.40 -27.80
CA LEU C 272 -70.35 10.61 -27.61
C LEU C 272 -70.02 9.82 -28.87
N TRP C 273 -68.79 9.97 -29.36
CA TRP C 273 -68.28 9.22 -30.50
C TRP C 273 -67.09 8.40 -30.03
N ILE C 274 -67.19 7.08 -30.18
CA ILE C 274 -66.17 6.14 -29.72
C ILE C 274 -65.85 5.19 -30.85
N GLY C 275 -64.57 4.85 -31.00
CA GLY C 275 -64.15 3.93 -32.04
C GLY C 275 -62.69 3.53 -31.99
N GLY C 276 -62.34 2.49 -32.74
CA GLY C 276 -61.00 1.95 -32.76
C GLY C 276 -60.98 0.51 -32.27
N THR C 277 -59.78 0.03 -31.93
CA THR C 277 -59.65 -1.31 -31.38
C THR C 277 -60.36 -1.44 -30.04
N ILE C 278 -60.55 -0.32 -29.33
CA ILE C 278 -61.22 -0.37 -28.04
C ILE C 278 -62.69 -0.76 -28.20
N VAL C 279 -63.29 -0.43 -29.35
CA VAL C 279 -64.67 -0.83 -29.61
C VAL C 279 -64.79 -2.35 -29.72
N LYS C 280 -63.76 -2.99 -30.29
CA LYS C 280 -63.76 -4.45 -30.36
C LYS C 280 -63.83 -5.06 -28.96
N ASP C 281 -63.06 -4.50 -28.02
CA ASP C 281 -63.12 -4.96 -26.65
C ASP C 281 -64.47 -4.63 -26.00
N LEU C 282 -65.00 -3.44 -26.29
CA LEU C 282 -66.24 -3.00 -25.65
C LEU C 282 -67.42 -3.88 -26.07
N GLN C 283 -67.51 -4.20 -27.36
CA GLN C 283 -68.64 -4.97 -27.87
C GLN C 283 -68.70 -6.37 -27.28
N GLN C 284 -67.55 -6.95 -26.92
CA GLN C 284 -67.52 -8.27 -26.31
C GLN C 284 -68.05 -8.25 -24.88
N LEU C 285 -68.03 -7.09 -24.22
CA LEU C 285 -68.44 -6.98 -22.82
C LEU C 285 -69.90 -7.39 -22.64
N ASP C 286 -70.19 -8.02 -21.51
CA ASP C 286 -71.55 -8.36 -21.15
C ASP C 286 -72.33 -7.10 -20.79
N ASN C 287 -73.66 -7.19 -20.96
CA ASN C 287 -74.59 -6.09 -20.70
C ASN C 287 -74.32 -4.87 -21.55
N PHE C 288 -73.50 -5.00 -22.60
CA PHE C 288 -73.19 -3.85 -23.45
C PHE C 288 -74.43 -3.31 -24.14
N GLU C 289 -75.31 -4.21 -24.61
CA GLU C 289 -76.54 -3.78 -25.26
C GLU C 289 -77.42 -3.01 -24.30
N SER C 290 -77.53 -3.49 -23.06
CA SER C 290 -78.35 -2.81 -22.07
C SER C 290 -77.68 -1.55 -21.52
N SER C 291 -76.35 -1.50 -21.57
CA SER C 291 -75.62 -0.37 -21.00
C SER C 291 -75.89 0.89 -21.82
N PRO C 292 -75.89 2.06 -21.18
CA PRO C 292 -76.03 3.32 -21.94
C PRO C 292 -74.87 3.58 -22.88
N LEU C 293 -73.77 2.84 -22.75
CA LEU C 293 -72.66 3.00 -23.69
C LEU C 293 -73.06 2.59 -25.11
N ASN C 294 -74.08 1.74 -25.24
CA ASN C 294 -74.48 1.24 -26.56
C ASN C 294 -75.03 2.35 -27.43
N LYS C 295 -75.91 3.20 -26.87
CA LYS C 295 -76.54 4.24 -27.68
C LYS C 295 -75.58 5.35 -28.07
N ALA C 296 -74.39 5.38 -27.48
CA ALA C 296 -73.35 6.30 -27.95
C ALA C 296 -72.90 5.91 -29.36
N HIS C 297 -72.60 6.93 -30.16
CA HIS C 297 -72.15 6.68 -31.53
C HIS C 297 -70.85 5.89 -31.50
N ILE C 298 -70.92 4.64 -31.97
CA ILE C 298 -69.83 3.69 -31.85
C ILE C 298 -69.60 3.02 -33.19
N TYR C 299 -68.33 2.90 -33.59
CA TYR C 299 -67.97 2.29 -34.86
C TYR C 299 -66.66 1.53 -34.70
N ARG C 300 -66.62 0.31 -35.23
CA ARG C 300 -65.37 -0.45 -35.21
C ARG C 300 -64.30 0.23 -36.04
N ASN C 301 -64.65 0.69 -37.24
CA ASN C 301 -63.70 1.35 -38.12
C ASN C 301 -63.59 2.82 -37.75
N ARG C 302 -62.37 3.36 -37.77
CA ARG C 302 -62.17 4.76 -37.44
C ARG C 302 -62.65 5.68 -38.54
N ASN C 303 -62.50 5.26 -39.80
CA ASN C 303 -62.93 6.09 -40.92
C ASN C 303 -64.44 6.27 -40.93
N GLU C 304 -65.18 5.26 -40.48
CA GLU C 304 -66.63 5.41 -40.35
C GLU C 304 -66.96 6.50 -39.33
N MET C 305 -66.26 6.50 -38.18
CA MET C 305 -66.39 7.61 -37.25
C MET C 305 -66.12 8.93 -37.95
N ILE C 306 -65.01 9.02 -38.67
CA ILE C 306 -64.61 10.30 -39.23
C ILE C 306 -65.67 10.81 -40.19
N GLU C 307 -66.18 9.93 -41.05
CA GLU C 307 -67.18 10.35 -42.03
C GLU C 307 -68.48 10.75 -41.34
N ALA C 308 -68.97 9.93 -40.41
CA ALA C 308 -70.23 10.26 -39.73
C ALA C 308 -70.11 11.55 -38.93
N LEU C 309 -69.02 11.70 -38.19
CA LEU C 309 -68.82 12.91 -37.41
C LEU C 309 -68.70 14.13 -38.31
N LYS C 310 -67.98 14.01 -39.43
CA LYS C 310 -67.85 15.15 -40.33
C LYS C 310 -69.18 15.52 -40.94
N THR C 311 -70.02 14.52 -41.23
CA THR C 311 -71.39 14.82 -41.66
C THR C 311 -72.14 15.60 -40.58
N VAL C 312 -71.98 15.18 -39.32
CA VAL C 312 -72.63 15.89 -38.22
C VAL C 312 -72.15 17.33 -38.13
N ILE C 313 -70.83 17.53 -38.26
CA ILE C 313 -70.28 18.89 -38.16
C ILE C 313 -70.81 19.75 -39.29
N LYS C 314 -70.76 19.23 -40.53
CA LYS C 314 -71.24 20.00 -41.66
C LYS C 314 -72.73 20.31 -41.56
N ARG C 315 -73.48 19.44 -40.88
CA ARG C 315 -74.89 19.74 -40.62
C ARG C 315 -75.02 20.87 -39.60
N ASP C 316 -74.24 20.80 -38.51
CA ASP C 316 -74.37 21.76 -37.42
C ASP C 316 -73.78 23.12 -37.75
N LEU C 317 -72.74 23.17 -38.59
CA LEU C 317 -72.07 24.42 -38.92
C LEU C 317 -72.54 25.00 -40.25
N GLY C 318 -73.54 24.39 -40.89
CA GLY C 318 -74.06 24.89 -42.14
C GLY C 318 -73.02 24.94 -43.24
N LEU C 319 -72.26 23.86 -43.38
CA LEU C 319 -71.20 23.80 -44.39
C LEU C 319 -71.72 23.20 -45.68
N PRO D 12 -85.78 36.11 4.12
CA PRO D 12 -84.71 35.60 4.98
C PRO D 12 -83.37 35.49 4.24
N ASN D 13 -82.28 35.75 4.93
CA ASN D 13 -80.96 35.64 4.32
C ASN D 13 -80.65 34.18 4.00
N TYR D 14 -80.10 33.93 2.82
CA TYR D 14 -79.72 32.60 2.39
C TYR D 14 -78.33 32.62 1.81
N TYR D 15 -77.56 31.57 2.12
CA TYR D 15 -76.16 31.47 1.70
C TYR D 15 -75.91 30.09 1.12
N LEU D 16 -75.23 30.05 -0.02
CA LEU D 16 -74.84 28.79 -0.65
C LEU D 16 -73.31 28.73 -0.64
N TYR D 17 -72.77 27.80 0.15
CA TYR D 17 -71.33 27.59 0.24
C TYR D 17 -70.97 26.28 -0.44
N GLY D 18 -69.82 26.27 -1.09
CA GLY D 18 -69.41 25.08 -1.82
C GLY D 18 -67.92 24.89 -1.99
N THR D 19 -67.45 23.68 -1.67
CA THR D 19 -66.10 23.25 -1.97
C THR D 19 -66.14 22.35 -3.19
N VAL D 20 -65.38 22.73 -4.22
CA VAL D 20 -65.48 22.10 -5.53
C VAL D 20 -64.09 21.64 -5.96
N LEU D 21 -64.01 20.44 -6.51
CA LEU D 21 -62.76 19.82 -6.92
C LEU D 21 -62.78 19.59 -8.43
N THR D 22 -61.71 20.00 -9.10
CA THR D 22 -61.61 19.89 -10.55
C THR D 22 -61.15 18.49 -10.95
N ARG D 23 -60.93 18.30 -12.25
CA ARG D 23 -60.52 17.01 -12.78
C ARG D 23 -59.01 16.89 -12.81
N TYR D 24 -58.53 15.65 -12.76
CA TYR D 24 -57.10 15.39 -12.82
C TYR D 24 -56.55 15.71 -14.21
N GLY D 25 -55.32 16.20 -14.25
CA GLY D 25 -54.69 16.52 -15.51
C GLY D 25 -53.43 17.32 -15.29
N LEU D 26 -52.86 17.80 -16.39
CA LEU D 26 -51.68 18.64 -16.37
C LEU D 26 -52.09 20.09 -16.54
N ALA D 27 -51.69 20.94 -15.60
CA ALA D 27 -52.13 22.33 -15.60
C ALA D 27 -50.96 23.27 -15.39
N SER D 28 -51.00 24.39 -16.09
CA SER D 28 -50.03 25.48 -15.92
C SER D 28 -50.79 26.80 -15.88
N LEU D 29 -51.87 26.84 -15.09
CA LEU D 29 -52.86 27.90 -15.21
C LEU D 29 -52.29 29.27 -14.82
N ASN D 30 -51.67 29.37 -13.66
CA ASN D 30 -51.23 30.67 -13.14
C ASN D 30 -49.72 30.72 -13.08
N HIS D 31 -49.16 31.87 -13.45
CA HIS D 31 -47.71 32.09 -13.51
C HIS D 31 -47.36 33.37 -12.78
N ASP D 32 -46.27 33.36 -12.02
CA ASP D 32 -45.95 34.51 -11.17
C ASP D 32 -45.17 35.61 -11.88
N ILE D 33 -43.89 35.36 -12.16
CA ILE D 33 -42.99 36.48 -12.43
C ILE D 33 -42.07 36.19 -13.61
N ARG D 34 -41.97 34.93 -14.02
CA ARG D 34 -41.14 34.55 -15.16
C ARG D 34 -39.67 34.92 -14.90
N ARG D 35 -39.07 34.17 -13.97
CA ARG D 35 -37.76 34.47 -13.42
C ARG D 35 -36.74 34.86 -14.49
N GLY D 36 -36.31 33.91 -15.31
CA GLY D 36 -35.67 34.25 -16.56
C GLY D 36 -36.19 33.49 -17.77
N ASN D 37 -36.56 32.23 -17.56
CA ASN D 37 -37.11 31.39 -18.62
C ASN D 37 -38.30 30.55 -18.21
N LYS D 38 -38.48 30.23 -16.93
CA LYS D 38 -39.63 29.46 -16.50
C LYS D 38 -40.80 30.38 -16.21
N THR D 39 -41.99 29.95 -16.61
CA THR D 39 -43.23 30.58 -16.17
C THR D 39 -43.63 29.87 -14.87
N ILE D 40 -43.25 30.47 -13.74
CA ILE D 40 -43.37 29.78 -12.46
C ILE D 40 -44.84 29.59 -12.11
N LEU D 41 -45.24 28.34 -11.90
CA LEU D 41 -46.58 28.06 -11.41
C LEU D 41 -46.78 28.71 -10.05
N GLN D 42 -47.95 29.32 -9.88
CA GLN D 42 -48.24 30.04 -8.64
C GLN D 42 -48.26 29.06 -7.49
N LYS D 43 -47.22 29.09 -6.66
CA LYS D 43 -47.06 28.08 -5.62
C LYS D 43 -46.82 28.77 -4.28
N GLY D 44 -47.15 28.04 -3.22
CA GLY D 44 -46.95 28.52 -1.86
C GLY D 44 -47.19 27.39 -0.90
N TYR D 45 -46.86 27.65 0.37
CA TYR D 45 -47.02 26.63 1.39
C TYR D 45 -48.50 26.39 1.70
N TRP D 46 -48.80 25.19 2.14
CA TRP D 46 -50.17 24.78 2.43
C TRP D 46 -50.12 23.76 3.56
N ASN D 47 -51.18 22.96 3.70
CA ASN D 47 -51.26 21.97 4.76
C ASN D 47 -50.04 21.05 4.74
N ASN D 48 -49.56 20.70 5.93
CA ASN D 48 -48.43 19.82 6.17
C ASN D 48 -47.11 20.42 5.70
N GLY D 49 -47.10 21.69 5.31
CA GLY D 49 -45.85 22.39 5.05
C GLY D 49 -45.07 21.93 3.85
N LYS D 50 -45.74 21.57 2.77
CA LYS D 50 -45.09 21.32 1.49
C LYS D 50 -45.72 22.21 0.43
N ILE D 51 -44.92 22.57 -0.57
CA ILE D 51 -45.34 23.57 -1.53
C ILE D 51 -46.44 23.01 -2.43
N HIS D 52 -47.56 23.72 -2.49
CA HIS D 52 -48.66 23.40 -3.39
C HIS D 52 -48.82 24.52 -4.41
N SER D 53 -49.21 24.14 -5.62
CA SER D 53 -49.49 25.13 -6.64
C SER D 53 -50.88 25.71 -6.43
N PHE D 54 -51.08 26.94 -6.90
CA PHE D 54 -52.32 27.65 -6.66
C PHE D 54 -52.88 28.18 -7.97
N VAL D 55 -54.20 28.35 -7.99
CA VAL D 55 -54.90 28.96 -9.10
C VAL D 55 -55.67 30.16 -8.55
N GLY D 56 -55.39 31.34 -9.10
CA GLY D 56 -55.98 32.56 -8.62
C GLY D 56 -57.50 32.58 -8.69
N SER D 57 -58.15 33.00 -7.60
CA SER D 57 -59.60 33.11 -7.60
C SER D 57 -60.07 34.17 -8.59
N SER D 58 -59.24 35.17 -8.86
CA SER D 58 -59.60 36.16 -9.87
C SER D 58 -59.70 35.53 -11.25
N ALA D 59 -58.87 34.52 -11.54
CA ALA D 59 -58.99 33.81 -12.81
C ALA D 59 -60.32 33.07 -12.90
N ILE D 60 -60.77 32.46 -11.80
CA ILE D 60 -62.04 31.75 -11.82
C ILE D 60 -63.20 32.74 -11.96
N ARG D 61 -63.09 33.91 -11.32
CA ARG D 61 -64.10 34.94 -11.49
C ARG D 61 -64.15 35.43 -12.93
N TRP D 62 -62.99 35.60 -13.57
CA TRP D 62 -62.96 35.94 -14.98
C TRP D 62 -63.60 34.86 -15.84
N ALA D 63 -63.33 33.60 -15.50
CA ALA D 63 -63.94 32.49 -16.26
C ALA D 63 -65.45 32.52 -16.14
N LEU D 64 -65.97 32.76 -14.93
CA LEU D 64 -67.42 32.82 -14.74
C LEU D 64 -68.03 34.01 -15.48
N ARG D 65 -67.35 35.16 -15.44
CA ARG D 65 -67.83 36.33 -16.17
C ARG D 65 -67.84 36.08 -17.67
N PHE D 66 -66.80 35.41 -18.17
CA PHE D 66 -66.77 35.05 -19.58
C PHE D 66 -67.89 34.08 -19.94
N TYR D 67 -68.18 33.13 -19.04
CA TYR D 67 -69.32 32.25 -19.24
C TYR D 67 -70.61 33.04 -19.38
N LEU D 68 -70.84 33.99 -18.46
CA LEU D 68 -72.03 34.80 -18.53
C LEU D 68 -72.09 35.60 -19.82
N GLN D 69 -70.93 36.05 -20.30
CA GLN D 69 -70.89 36.74 -21.58
C GLN D 69 -71.28 35.83 -22.74
N LYS D 70 -70.76 34.60 -22.75
CA LYS D 70 -70.95 33.73 -23.90
C LYS D 70 -72.41 33.31 -24.07
N GLN D 71 -73.04 32.82 -23.01
CA GLN D 71 -74.41 32.33 -23.10
C GLN D 71 -75.42 33.46 -23.04
N GLY D 72 -75.32 34.40 -23.97
CA GLY D 72 -76.23 35.54 -23.96
C GLY D 72 -76.00 36.40 -22.74
N TYR D 73 -77.09 36.74 -22.05
CA TYR D 73 -77.07 37.54 -20.83
C TYR D 73 -76.51 38.94 -21.07
N LEU D 74 -76.66 39.81 -20.07
CA LEU D 74 -76.17 41.18 -20.15
C LEU D 74 -74.97 41.33 -19.21
N VAL D 75 -73.87 41.83 -19.75
CA VAL D 75 -72.64 42.04 -18.98
C VAL D 75 -72.09 43.42 -19.33
N ASN D 76 -71.60 44.13 -18.31
CA ASN D 76 -70.99 45.44 -18.56
C ASN D 76 -69.64 45.28 -19.25
N ARG D 77 -68.80 44.37 -18.77
CA ARG D 77 -67.51 44.12 -19.38
C ARG D 77 -67.67 43.04 -20.46
N VAL D 78 -67.26 43.36 -21.68
CA VAL D 78 -67.35 42.46 -22.81
C VAL D 78 -65.94 42.05 -23.22
N TRP D 79 -65.70 40.74 -23.29
CA TRP D 79 -64.40 40.21 -23.70
C TRP D 79 -64.37 40.14 -25.22
N ASP D 80 -63.46 40.90 -25.84
CA ASP D 80 -63.49 41.07 -27.28
C ASP D 80 -63.18 39.78 -28.03
N GLU D 81 -62.25 38.98 -27.51
CA GLU D 81 -61.81 37.71 -28.10
C GLU D 81 -61.05 37.91 -29.40
N GLU D 82 -60.94 39.15 -29.86
CA GLU D 82 -60.15 39.48 -31.04
C GLU D 82 -59.12 40.56 -30.79
N GLU D 83 -59.50 41.63 -30.09
CA GLU D 83 -58.55 42.63 -29.65
C GLU D 83 -57.95 42.32 -28.29
N HIS D 84 -58.45 41.29 -27.62
CA HIS D 84 -58.00 40.92 -26.27
C HIS D 84 -58.12 42.09 -25.31
N ILE D 85 -59.18 42.88 -25.48
CA ILE D 85 -59.43 44.07 -24.68
C ILE D 85 -60.81 43.95 -24.05
N ASN D 86 -60.99 44.63 -22.93
CA ASN D 86 -62.26 44.64 -22.21
C ASN D 86 -62.98 45.96 -22.48
N ARG D 87 -64.23 45.87 -22.91
CA ARG D 87 -65.03 47.03 -23.25
C ARG D 87 -66.22 47.14 -22.31
N LEU D 88 -66.56 48.38 -21.95
CA LEU D 88 -67.66 48.65 -21.05
C LEU D 88 -68.87 49.11 -21.86
N THR D 89 -69.99 48.41 -21.69
CA THR D 89 -71.23 48.82 -22.36
C THR D 89 -71.66 50.20 -21.91
N SER D 90 -71.56 50.47 -20.61
CA SER D 90 -71.82 51.79 -20.04
C SER D 90 -70.74 52.12 -19.03
N GLU D 91 -70.25 53.35 -19.07
CA GLU D 91 -69.19 53.76 -18.13
C GLU D 91 -69.69 53.71 -16.70
N ASP D 92 -70.97 53.98 -16.48
CA ASP D 92 -71.57 53.92 -15.16
C ASP D 92 -72.15 52.53 -14.94
N PHE D 93 -71.72 51.87 -13.87
CA PHE D 93 -72.19 50.52 -13.57
C PHE D 93 -73.63 50.54 -13.09
N ASP D 94 -74.34 49.43 -13.34
CA ASP D 94 -75.74 49.30 -12.94
C ASP D 94 -75.98 47.85 -12.55
N PRO D 95 -75.93 47.53 -11.26
CA PRO D 95 -76.19 46.14 -10.83
C PRO D 95 -77.61 45.67 -11.11
N GLU D 96 -78.57 46.60 -11.29
CA GLU D 96 -79.95 46.19 -11.52
C GLU D 96 -80.09 45.44 -12.84
N LYS D 97 -79.41 45.91 -13.88
CA LYS D 97 -79.57 45.33 -15.21
C LYS D 97 -78.53 44.25 -15.50
N PHE D 98 -77.26 44.60 -15.44
CA PHE D 98 -76.20 43.68 -15.86
C PHE D 98 -75.97 42.60 -14.82
N TYR D 99 -75.80 41.36 -15.29
CA TYR D 99 -75.45 40.27 -14.39
C TYR D 99 -74.05 40.45 -13.82
N ASP D 100 -73.12 40.94 -14.64
CA ASP D 100 -71.73 41.03 -14.24
C ASP D 100 -71.55 41.95 -13.03
N ASP D 101 -72.08 43.16 -13.12
CA ASP D 101 -71.89 44.12 -12.04
C ASP D 101 -72.63 43.70 -10.78
N ASP D 102 -73.79 43.06 -10.93
CA ASP D 102 -74.56 42.63 -9.77
C ASP D 102 -73.83 41.50 -9.05
N ILE D 103 -73.32 40.52 -9.80
CA ILE D 103 -72.72 39.34 -9.19
C ILE D 103 -71.33 39.66 -8.65
N PHE D 104 -70.47 40.25 -9.47
CA PHE D 104 -69.06 40.37 -9.12
C PHE D 104 -68.71 41.70 -8.45
N GLY D 105 -69.58 42.71 -8.54
CA GLY D 105 -69.25 44.01 -8.00
C GLY D 105 -68.37 44.81 -8.94
N PHE D 106 -68.01 46.00 -8.48
CA PHE D 106 -67.25 46.94 -9.31
C PHE D 106 -66.68 48.04 -8.43
N ALA D 107 -65.48 48.50 -8.77
CA ALA D 107 -64.88 49.66 -8.12
C ALA D 107 -64.47 50.67 -9.18
N LEU D 108 -64.80 51.94 -8.95
CA LEU D 108 -64.52 53.01 -9.91
C LEU D 108 -63.27 53.80 -9.53
N LEU D 109 -63.24 54.35 -8.33
CA LEU D 109 -62.13 55.17 -7.85
C LEU D 109 -61.83 56.33 -8.79
N PRO D 133 -69.43 56.61 -6.61
CA PRO D 133 -70.59 55.92 -7.16
C PRO D 133 -71.27 55.02 -6.14
N ASN D 134 -71.20 53.71 -6.36
CA ASN D 134 -71.78 52.73 -5.44
C ASN D 134 -70.76 51.72 -4.93
N GLN D 135 -69.83 51.29 -5.79
CA GLN D 135 -68.73 50.39 -5.44
C GLN D 135 -69.20 48.99 -5.06
N ARG D 136 -70.52 48.77 -4.97
CA ARG D 136 -71.16 47.54 -4.52
C ARG D 136 -70.37 46.72 -3.49
N MET D 137 -70.69 45.44 -3.37
CA MET D 137 -69.96 44.55 -2.47
C MET D 137 -69.63 43.25 -3.20
N GLY D 138 -70.48 42.87 -4.15
CA GLY D 138 -70.28 41.63 -4.88
C GLY D 138 -70.95 40.46 -4.20
N ALA D 139 -71.85 39.79 -4.90
CA ALA D 139 -72.58 38.67 -4.29
C ALA D 139 -71.69 37.44 -4.19
N LEU D 140 -70.81 37.24 -5.16
CA LEU D 140 -69.97 36.04 -5.19
C LEU D 140 -68.65 36.29 -4.49
N GLY D 141 -68.36 35.46 -3.49
CA GLY D 141 -67.07 35.47 -2.84
C GLY D 141 -66.38 34.14 -2.98
N MET D 142 -65.14 34.15 -3.48
CA MET D 142 -64.43 32.92 -3.81
C MET D 142 -63.06 32.92 -3.16
N ASN D 143 -62.57 31.73 -2.88
CA ASN D 143 -61.23 31.53 -2.33
C ASN D 143 -60.31 30.95 -3.40
N MET D 144 -59.02 31.16 -3.20
CA MET D 144 -58.02 30.72 -4.16
C MET D 144 -57.97 29.19 -4.21
N ALA D 145 -57.68 28.68 -5.41
CA ALA D 145 -57.72 27.25 -5.68
C ALA D 145 -56.38 26.63 -5.35
N VAL D 146 -56.39 25.68 -4.42
CA VAL D 146 -55.17 24.98 -4.02
C VAL D 146 -55.05 23.70 -4.82
N SER D 147 -53.82 23.25 -5.02
CA SER D 147 -53.62 21.98 -5.72
C SER D 147 -53.72 20.83 -4.73
N LEU D 148 -54.62 19.88 -4.98
CA LEU D 148 -54.78 18.75 -4.08
C LEU D 148 -53.45 18.04 -3.86
N THR D 149 -52.64 17.96 -4.90
CA THR D 149 -51.36 17.26 -4.79
C THR D 149 -50.21 18.20 -4.51
N PRO D 150 -49.29 17.81 -3.61
CA PRO D 150 -48.13 18.68 -3.44
C PRO D 150 -47.34 18.79 -4.74
N TYR D 151 -46.80 19.99 -4.98
CA TYR D 151 -46.10 20.29 -6.22
C TYR D 151 -44.60 20.18 -6.00
N ASP D 152 -43.95 19.27 -6.72
CA ASP D 152 -42.51 19.05 -6.56
C ASP D 152 -41.70 19.66 -7.71
N GLY D 153 -41.93 19.19 -8.93
CA GLY D 153 -41.07 19.52 -10.05
C GLY D 153 -41.79 19.76 -11.37
N ALA D 154 -41.41 19.01 -12.39
CA ALA D 154 -42.15 18.91 -13.65
C ALA D 154 -42.19 20.27 -14.38
N VAL D 155 -41.02 20.70 -14.83
CA VAL D 155 -40.90 21.84 -15.72
C VAL D 155 -40.71 21.35 -17.15
N LYS D 156 -41.47 21.96 -18.06
CA LYS D 156 -41.54 21.58 -19.46
C LYS D 156 -40.47 22.32 -20.27
N LEU D 157 -39.94 21.63 -21.29
CA LEU D 157 -38.99 22.21 -22.23
C LEU D 157 -39.72 22.92 -23.37
N GLY D 158 -39.00 23.77 -24.09
CA GLY D 158 -39.62 24.51 -25.18
C GLY D 158 -38.64 25.07 -26.19
N ALA D 159 -38.53 24.41 -27.34
CA ALA D 159 -37.60 24.85 -28.38
C ALA D 159 -38.34 25.52 -29.54
N LYS D 160 -37.78 25.39 -30.74
CA LYS D 160 -38.40 25.99 -31.93
C LYS D 160 -37.74 25.55 -33.22
N SER D 161 -38.49 24.85 -34.07
CA SER D 161 -37.96 24.42 -35.36
C SER D 161 -36.47 24.11 -35.30
N GLY D 162 -35.65 24.94 -35.94
CA GLY D 162 -34.21 24.70 -35.87
C GLY D 162 -33.43 25.85 -36.49
N ARG D 163 -32.26 26.12 -35.92
CA ARG D 163 -31.33 27.13 -36.42
C ARG D 163 -31.92 28.53 -36.37
N GLU D 164 -31.09 29.54 -36.69
CA GLU D 164 -31.47 30.95 -36.60
C GLU D 164 -32.14 31.26 -35.26
N LYS D 165 -31.54 30.72 -34.19
CA LYS D 165 -32.12 30.83 -32.87
C LYS D 165 -31.89 32.22 -32.29
N ASP D 166 -32.96 32.85 -31.84
CA ASP D 166 -32.95 34.20 -31.28
C ASP D 166 -33.29 34.13 -29.79
N SER D 167 -33.52 35.31 -29.20
CA SER D 167 -33.78 35.39 -27.76
C SER D 167 -35.02 34.60 -27.34
N THR D 168 -35.92 34.30 -28.27
CA THR D 168 -37.15 33.57 -27.97
C THR D 168 -37.05 32.08 -28.30
N SER D 169 -35.85 31.58 -28.58
CA SER D 169 -35.72 30.18 -28.98
C SER D 169 -35.93 29.22 -27.82
N LEU D 170 -35.36 29.49 -26.65
CA LEU D 170 -35.41 28.60 -25.51
C LEU D 170 -36.34 29.15 -24.44
N HIS D 171 -37.22 28.30 -23.93
CA HIS D 171 -38.17 28.72 -22.90
C HIS D 171 -38.63 27.49 -22.13
N PHE D 172 -38.64 27.59 -20.80
CA PHE D 172 -39.16 26.53 -19.96
C PHE D 172 -40.56 26.89 -19.46
N THR D 173 -41.28 25.88 -18.99
CA THR D 173 -42.64 26.08 -18.49
C THR D 173 -42.91 25.05 -17.41
N GLU D 174 -43.48 25.50 -16.29
CA GLU D 174 -43.78 24.61 -15.19
C GLU D 174 -45.18 24.02 -15.35
N TYR D 175 -45.35 22.77 -14.93
CA TYR D 175 -46.66 22.14 -14.95
C TYR D 175 -46.81 21.25 -13.73
N HIS D 176 -48.05 21.05 -13.31
CA HIS D 176 -48.38 20.23 -12.16
C HIS D 176 -49.48 19.24 -12.52
N ALA D 177 -49.27 17.98 -12.18
CA ALA D 177 -50.25 16.92 -12.43
C ALA D 177 -51.06 16.74 -11.15
N THR D 178 -52.20 17.42 -11.07
CA THR D 178 -53.01 17.42 -9.87
C THR D 178 -54.45 17.73 -10.24
N ARG D 179 -55.30 17.86 -9.21
CA ARG D 179 -56.69 18.24 -9.38
C ARG D 179 -56.95 19.40 -8.44
N TYR D 180 -57.18 20.59 -8.99
CA TYR D 180 -57.33 21.78 -8.17
C TYR D 180 -58.67 21.80 -7.47
N GLN D 181 -58.70 22.48 -6.32
CA GLN D 181 -59.87 22.53 -5.46
C GLN D 181 -60.00 23.93 -4.88
N TYR D 182 -61.17 24.53 -5.01
CA TYR D 182 -61.38 25.84 -4.39
C TYR D 182 -62.74 25.91 -3.74
N TYR D 183 -62.85 26.69 -2.67
CA TYR D 183 -64.14 26.84 -2.00
C TYR D 183 -64.71 28.21 -2.34
N PHE D 184 -66.04 28.33 -2.32
CA PHE D 184 -66.68 29.59 -2.62
C PHE D 184 -67.91 29.81 -1.78
N GLY D 185 -68.43 31.04 -1.77
CA GLY D 185 -69.66 31.28 -1.06
C GLY D 185 -70.35 32.52 -1.61
N ILE D 186 -71.67 32.51 -1.69
CA ILE D 186 -72.42 33.59 -2.33
C ILE D 186 -73.54 34.05 -1.40
N ASP D 187 -73.74 35.36 -1.33
CA ASP D 187 -74.82 35.95 -0.54
C ASP D 187 -75.99 36.18 -1.48
N ALA D 188 -76.93 35.22 -1.50
CA ALA D 188 -78.05 35.29 -2.44
C ALA D 188 -78.91 36.52 -2.18
N THR D 189 -79.11 36.87 -0.92
CA THR D 189 -79.92 38.05 -0.59
C THR D 189 -79.28 39.33 -1.13
N HIS D 190 -77.95 39.37 -1.21
CA HIS D 190 -77.27 40.55 -1.72
C HIS D 190 -77.52 40.76 -3.21
N LEU D 191 -77.96 39.73 -3.92
CA LEU D 191 -78.20 39.85 -5.35
C LEU D 191 -79.33 40.86 -5.61
N LYS D 192 -79.11 41.73 -6.59
CA LYS D 192 -80.15 42.68 -6.97
C LYS D 192 -81.37 41.95 -7.53
N ASP D 193 -81.14 40.93 -8.35
CA ASP D 193 -82.20 40.04 -8.83
C ASP D 193 -81.90 38.65 -8.30
N PHE D 194 -82.87 38.08 -7.58
CA PHE D 194 -82.66 36.79 -6.93
C PHE D 194 -82.56 35.66 -7.96
N SER D 195 -83.13 35.87 -9.15
CA SER D 195 -83.13 34.82 -10.16
C SER D 195 -81.75 34.61 -10.79
N ARG D 196 -80.81 35.54 -10.57
CA ARG D 196 -79.49 35.43 -11.19
C ARG D 196 -78.63 34.33 -10.57
N ILE D 197 -79.07 33.72 -9.48
CA ILE D 197 -78.28 32.68 -8.84
C ILE D 197 -78.17 31.44 -9.74
N LEU D 198 -79.23 31.11 -10.48
CA LEU D 198 -79.21 29.91 -11.31
C LEU D 198 -78.16 29.96 -12.41
N PRO D 199 -78.04 31.03 -13.21
CA PRO D 199 -76.96 31.06 -14.21
C PRO D 199 -75.58 30.92 -13.60
N MET D 200 -75.38 31.43 -12.38
CA MET D 200 -74.08 31.29 -11.73
C MET D 200 -73.76 29.83 -11.46
N ILE D 201 -74.73 29.07 -10.94
CA ILE D 201 -74.51 27.65 -10.69
C ILE D 201 -74.29 26.91 -12.00
N ASP D 202 -75.04 27.29 -13.04
CA ASP D 202 -74.85 26.68 -14.35
C ASP D 202 -73.44 26.92 -14.87
N GLY D 203 -72.94 28.14 -14.69
CA GLY D 203 -71.57 28.43 -15.08
C GLY D 203 -70.54 27.67 -14.27
N ILE D 204 -70.79 27.53 -12.96
CA ILE D 204 -69.89 26.75 -12.13
C ILE D 204 -69.83 25.31 -12.61
N MET D 205 -70.97 24.78 -13.07
CA MET D 205 -70.95 23.46 -13.71
C MET D 205 -70.15 23.47 -15.00
N ASN D 206 -70.59 24.26 -15.99
CA ASN D 206 -69.90 24.34 -17.27
C ASN D 206 -68.96 25.55 -17.29
N LEU D 207 -67.93 25.45 -16.47
CA LEU D 207 -66.94 26.53 -16.39
C LEU D 207 -66.08 26.55 -17.64
N PRO D 208 -65.96 27.68 -18.32
CA PRO D 208 -65.07 27.75 -19.49
C PRO D 208 -63.61 27.65 -19.10
N LYS D 209 -62.71 27.82 -20.08
CA LYS D 209 -61.29 27.73 -19.79
C LYS D 209 -60.88 28.76 -18.74
N VAL D 210 -60.04 28.32 -17.81
CA VAL D 210 -59.50 29.19 -16.78
C VAL D 210 -58.15 29.69 -17.25
N GLY D 211 -57.94 31.00 -17.15
CA GLY D 211 -56.77 31.66 -17.71
C GLY D 211 -55.45 30.95 -17.48
N GLY D 212 -54.86 30.46 -18.56
CA GLY D 212 -53.61 29.73 -18.48
C GLY D 212 -53.19 29.30 -19.87
N SER D 213 -52.03 28.66 -19.93
CA SER D 213 -51.44 28.25 -21.21
C SER D 213 -52.25 27.08 -21.74
N SER D 214 -53.42 27.39 -22.31
CA SER D 214 -54.30 26.36 -22.84
C SER D 214 -53.83 25.83 -24.19
N ASN D 215 -52.94 26.55 -24.86
CA ASN D 215 -52.42 26.08 -26.15
C ASN D 215 -51.65 24.78 -25.99
N ILE D 216 -50.84 24.68 -24.93
CA ILE D 216 -50.03 23.48 -24.67
C ILE D 216 -50.47 22.75 -23.42
N PHE D 217 -51.27 23.37 -22.55
CA PHE D 217 -51.78 22.74 -21.33
C PHE D 217 -53.27 23.05 -21.25
N ASN D 218 -54.09 22.20 -21.87
CA ASN D 218 -55.54 22.38 -21.86
C ASN D 218 -56.08 21.65 -20.63
N TYR D 219 -56.39 22.43 -19.59
CA TYR D 219 -56.88 21.86 -18.34
C TYR D 219 -58.37 22.13 -18.21
N PRO D 220 -59.22 21.11 -18.29
CA PRO D 220 -60.65 21.34 -18.09
C PRO D 220 -60.96 21.58 -16.62
N PHE D 221 -61.62 22.70 -16.34
CA PHE D 221 -61.93 23.12 -14.98
C PHE D 221 -63.35 22.73 -14.57
N CYS D 222 -64.01 21.88 -15.36
CA CYS D 222 -65.34 21.42 -15.00
C CYS D 222 -65.29 20.57 -13.74
N PRO D 223 -66.19 20.78 -12.80
CA PRO D 223 -66.16 20.01 -11.55
C PRO D 223 -66.42 18.53 -11.78
N ASP D 224 -65.80 17.71 -10.93
CA ASP D 224 -66.12 16.30 -10.86
C ASP D 224 -66.60 15.86 -9.48
N SER D 225 -66.60 16.76 -8.50
CA SER D 225 -67.11 16.48 -7.17
C SER D 225 -67.52 17.78 -6.51
N LEU D 226 -68.69 17.78 -5.88
CA LEU D 226 -69.25 18.98 -5.27
C LEU D 226 -69.66 18.69 -3.84
N VAL D 227 -69.50 19.68 -2.97
CA VAL D 227 -70.04 19.67 -1.62
C VAL D 227 -70.66 21.05 -1.42
N PHE D 228 -71.97 21.15 -1.57
CA PHE D 228 -72.70 22.40 -1.45
C PHE D 228 -73.50 22.44 -0.16
N GLN D 229 -73.65 23.64 0.39
CA GLN D 229 -74.47 23.85 1.58
C GLN D 229 -75.35 25.06 1.36
N TRP D 230 -76.66 24.84 1.35
CA TRP D 230 -77.64 25.90 1.18
C TRP D 230 -78.33 26.10 2.53
N THR D 231 -77.95 27.15 3.24
CA THR D 231 -78.45 27.40 4.58
C THR D 231 -78.61 28.90 4.79
N ASN D 232 -79.14 29.26 5.95
CA ASN D 232 -79.44 30.65 6.28
C ASN D 232 -78.50 31.22 7.35
N HIS D 233 -77.37 30.57 7.59
CA HIS D 233 -76.43 31.01 8.61
C HIS D 233 -75.14 31.52 7.96
N PHE D 234 -74.49 32.45 8.67
CA PHE D 234 -73.20 32.96 8.20
C PHE D 234 -72.09 31.96 8.43
N ALA D 235 -72.21 31.13 9.47
CA ALA D 235 -71.19 30.15 9.80
C ALA D 235 -70.99 29.17 8.65
N SER D 236 -69.84 29.23 8.00
CA SER D 236 -69.58 28.47 6.78
C SER D 236 -68.51 27.43 7.05
N TYR D 237 -68.94 26.23 7.42
CA TYR D 237 -68.09 25.05 7.41
C TYR D 237 -68.01 24.52 5.98
N ILE D 238 -67.58 23.28 5.82
CA ILE D 238 -67.40 22.62 4.52
C ILE D 238 -66.46 23.45 3.64
N SER D 239 -65.40 23.96 4.25
CA SER D 239 -64.29 24.58 3.53
C SER D 239 -63.49 23.45 2.88
N TYR D 240 -62.27 23.73 2.44
CA TYR D 240 -61.48 22.69 1.77
C TYR D 240 -61.54 21.38 2.56
N CYS D 241 -62.22 20.40 1.98
CA CYS D 241 -62.39 19.12 2.65
C CYS D 241 -61.84 17.97 1.83
N PHE D 242 -61.94 18.08 0.52
CA PHE D 242 -61.39 17.03 -0.33
C PHE D 242 -59.92 16.86 0.03
N GLU D 243 -59.49 15.63 0.25
CA GLU D 243 -58.11 15.37 0.63
C GLU D 243 -57.50 14.29 -0.25
N TYR D 244 -56.18 14.25 -0.32
CA TYR D 244 -55.51 13.26 -1.16
C TYR D 244 -55.05 12.08 -0.33
N CYS D 245 -55.51 10.90 -0.69
CA CYS D 245 -55.13 9.70 0.05
C CYS D 245 -53.64 9.44 -0.08
N ASP D 246 -53.12 9.54 -1.30
CA ASP D 246 -51.72 9.29 -1.54
C ASP D 246 -51.11 10.45 -2.28
N PRO D 247 -50.01 10.99 -1.75
CA PRO D 247 -49.34 12.04 -2.50
C PRO D 247 -49.00 11.52 -3.88
N LYS D 248 -48.97 12.40 -4.87
CA LYS D 248 -48.63 11.99 -6.23
C LYS D 248 -49.63 10.97 -6.76
N SER D 249 -50.91 11.18 -6.48
CA SER D 249 -51.94 10.28 -6.96
C SER D 249 -53.23 11.04 -7.18
N LYS D 250 -54.28 10.34 -7.60
CA LYS D 250 -55.56 10.99 -7.83
C LYS D 250 -56.70 10.28 -7.12
N GLU D 251 -56.59 10.16 -5.80
CA GLU D 251 -57.64 9.52 -5.03
C GLU D 251 -58.72 10.52 -4.68
N ALA D 252 -58.36 11.57 -3.94
CA ALA D 252 -59.32 12.63 -3.64
C ALA D 252 -60.41 12.16 -2.68
N LYS D 253 -60.03 11.50 -1.59
CA LYS D 253 -61.01 11.10 -0.59
C LYS D 253 -61.44 12.32 0.21
N LEU D 254 -62.40 12.16 1.11
CA LEU D 254 -62.91 13.30 1.87
C LEU D 254 -62.26 13.40 3.25
N SER D 255 -61.84 14.60 3.64
CA SER D 255 -61.15 14.79 4.92
C SER D 255 -61.86 14.13 6.10
N GLN D 256 -61.08 13.62 7.05
CA GLN D 256 -61.69 12.99 8.21
C GLN D 256 -62.33 14.05 9.11
N GLU D 257 -61.77 15.26 9.15
CA GLU D 257 -62.34 16.32 9.97
C GLU D 257 -63.73 16.72 9.48
N PHE D 258 -63.93 16.77 8.16
CA PHE D 258 -65.25 17.14 7.64
C PHE D 258 -66.28 16.07 7.95
N ILE D 259 -65.92 14.80 7.77
CA ILE D 259 -66.84 13.72 8.09
C ILE D 259 -67.16 13.71 9.57
N ASP D 260 -66.15 13.95 10.42
CA ASP D 260 -66.39 14.01 11.85
C ASP D 260 -67.29 15.18 12.22
N GLU D 261 -67.12 16.32 11.54
CA GLU D 261 -67.99 17.47 11.76
C GLU D 261 -69.43 17.15 11.39
N VAL D 262 -69.63 16.47 10.26
CA VAL D 262 -70.97 16.08 9.84
C VAL D 262 -71.59 15.12 10.85
N GLU D 263 -70.80 14.15 11.31
CA GLU D 263 -71.32 13.13 12.23
C GLU D 263 -71.63 13.71 13.60
N CYS D 264 -70.82 14.66 14.06
CA CYS D 264 -70.95 15.15 15.43
C CYS D 264 -72.27 15.86 15.68
N GLY D 265 -72.90 16.37 14.63
CA GLY D 265 -74.17 17.05 14.79
C GLY D 265 -74.25 18.35 14.03
N GLN D 266 -73.13 19.04 13.89
CA GLN D 266 -73.10 20.28 13.12
C GLN D 266 -73.13 19.94 11.63
N ILE D 267 -73.30 20.97 10.80
CA ILE D 267 -73.50 20.81 9.36
C ILE D 267 -74.71 19.90 9.14
N ASP D 268 -75.90 20.46 9.22
CA ASP D 268 -77.13 19.68 9.13
C ASP D 268 -77.19 18.93 7.80
N PRO D 269 -77.33 17.61 7.81
CA PRO D 269 -77.35 16.86 6.54
C PRO D 269 -78.45 17.29 5.60
N SER D 270 -79.60 17.74 6.12
CA SER D 270 -80.67 18.20 5.24
C SER D 270 -80.27 19.43 4.43
N LYS D 271 -79.26 20.17 4.88
CA LYS D 271 -78.76 21.33 4.16
C LYS D 271 -77.53 21.00 3.33
N LEU D 272 -77.09 19.74 3.29
CA LEU D 272 -75.86 19.34 2.64
C LEU D 272 -76.16 18.75 1.26
N TRP D 273 -75.39 19.18 0.28
CA TRP D 273 -75.59 18.85 -1.13
C TRP D 273 -74.29 18.31 -1.69
N ILE D 274 -74.20 17.00 -1.86
CA ILE D 274 -73.00 16.32 -2.33
C ILE D 274 -73.28 15.71 -3.69
N GLY D 275 -72.40 15.97 -4.64
CA GLY D 275 -72.50 15.36 -5.96
C GLY D 275 -71.15 15.29 -6.64
N GLY D 276 -70.92 14.18 -7.32
CA GLY D 276 -69.68 13.98 -8.03
C GLY D 276 -69.10 12.58 -7.86
N THR D 277 -67.84 12.46 -8.27
CA THR D 277 -67.16 11.16 -8.23
C THR D 277 -66.94 10.69 -6.80
N ILE D 278 -66.94 11.63 -5.84
CA ILE D 278 -66.73 11.26 -4.44
C ILE D 278 -67.91 10.46 -3.90
N VAL D 279 -69.05 10.47 -4.61
CA VAL D 279 -70.23 9.76 -4.14
C VAL D 279 -69.97 8.26 -4.10
N LYS D 280 -69.28 7.73 -5.11
CA LYS D 280 -68.97 6.30 -5.13
C LYS D 280 -68.10 5.91 -3.94
N ASP D 281 -67.07 6.73 -3.66
CA ASP D 281 -66.21 6.45 -2.51
C ASP D 281 -66.99 6.54 -1.21
N LEU D 282 -67.89 7.52 -1.10
CA LEU D 282 -68.72 7.62 0.10
C LEU D 282 -69.60 6.39 0.27
N GLN D 283 -70.22 5.92 -0.81
CA GLN D 283 -71.09 4.76 -0.74
C GLN D 283 -70.32 3.46 -0.49
N GLN D 284 -69.05 3.40 -0.85
CA GLN D 284 -68.24 2.23 -0.50
C GLN D 284 -67.70 2.28 0.92
N LEU D 285 -67.93 3.37 1.65
CA LEU D 285 -67.54 3.42 3.05
C LEU D 285 -68.42 2.49 3.88
N ASP D 286 -67.83 1.87 4.89
CA ASP D 286 -68.58 0.98 5.77
C ASP D 286 -69.58 1.77 6.60
N ASN D 287 -70.65 1.08 7.02
CA ASN D 287 -71.74 1.62 7.85
C ASN D 287 -72.18 3.01 7.40
N PHE D 288 -72.16 3.26 6.09
CA PHE D 288 -72.56 4.56 5.56
C PHE D 288 -74.02 4.84 5.84
N GLU D 289 -74.87 3.80 5.79
CA GLU D 289 -76.29 3.99 6.05
C GLU D 289 -76.54 4.50 7.45
N SER D 290 -75.82 3.95 8.44
CA SER D 290 -75.99 4.40 9.82
C SER D 290 -75.44 5.80 10.03
N SER D 291 -74.45 6.20 9.23
CA SER D 291 -73.84 7.51 9.40
C SER D 291 -74.82 8.62 9.04
N PRO D 292 -74.72 9.77 9.71
CA PRO D 292 -75.58 10.92 9.33
C PRO D 292 -75.33 11.42 7.92
N LEU D 293 -74.18 11.08 7.33
CA LEU D 293 -73.90 11.48 5.95
C LEU D 293 -74.94 10.93 4.98
N ASN D 294 -75.46 9.73 5.25
CA ASN D 294 -76.45 9.13 4.35
C ASN D 294 -77.73 9.95 4.29
N LYS D 295 -78.04 10.69 5.35
CA LYS D 295 -79.22 11.55 5.34
C LYS D 295 -79.01 12.83 4.55
N ALA D 296 -77.77 13.11 4.14
CA ALA D 296 -77.52 14.28 3.30
C ALA D 296 -77.95 14.01 1.87
N HIS D 297 -78.21 15.09 1.14
CA HIS D 297 -78.62 15.00 -0.26
C HIS D 297 -77.40 14.62 -1.10
N ILE D 298 -77.31 13.35 -1.47
CA ILE D 298 -76.20 12.84 -2.28
C ILE D 298 -76.77 12.37 -3.62
N TYR D 299 -76.08 12.73 -4.70
CA TYR D 299 -76.40 12.25 -6.04
C TYR D 299 -75.10 11.93 -6.77
N ARG D 300 -75.00 10.69 -7.26
CA ARG D 300 -73.80 10.31 -8.01
C ARG D 300 -73.70 11.13 -9.30
N ASN D 301 -74.83 11.38 -9.96
CA ASN D 301 -74.85 12.26 -11.12
C ASN D 301 -74.83 13.71 -10.66
N ARG D 302 -74.05 14.54 -11.35
CA ARG D 302 -73.94 15.95 -10.97
C ARG D 302 -75.16 16.74 -11.41
N ASN D 303 -75.70 16.44 -12.61
CA ASN D 303 -76.81 17.21 -13.13
C ASN D 303 -78.07 17.00 -12.29
N GLU D 304 -78.30 15.78 -11.80
CA GLU D 304 -79.46 15.53 -10.96
C GLU D 304 -79.39 16.34 -9.67
N MET D 305 -78.22 16.37 -9.03
CA MET D 305 -78.06 17.16 -7.82
C MET D 305 -78.21 18.64 -8.11
N ILE D 306 -77.72 19.10 -9.27
CA ILE D 306 -77.88 20.50 -9.63
C ILE D 306 -79.35 20.86 -9.81
N GLU D 307 -80.11 19.99 -10.48
CA GLU D 307 -81.53 20.23 -10.67
C GLU D 307 -82.25 20.27 -9.33
N ALA D 308 -81.95 19.33 -8.44
CA ALA D 308 -82.59 19.31 -7.13
C ALA D 308 -82.25 20.57 -6.33
N LEU D 309 -80.98 20.97 -6.34
CA LEU D 309 -80.58 22.18 -5.64
C LEU D 309 -81.27 23.41 -6.20
N LYS D 310 -81.38 23.50 -7.52
CA LYS D 310 -82.03 24.67 -8.11
C LYS D 310 -83.52 24.68 -7.82
N THR D 311 -84.16 23.50 -7.76
CA THR D 311 -85.55 23.44 -7.34
C THR D 311 -85.72 23.94 -5.91
N VAL D 312 -84.84 23.49 -5.02
CA VAL D 312 -84.92 23.94 -3.62
C VAL D 312 -84.70 25.43 -3.52
N ILE D 313 -83.74 25.96 -4.28
CA ILE D 313 -83.44 27.39 -4.24
C ILE D 313 -84.62 28.20 -4.75
N LYS D 314 -85.23 27.74 -5.85
CA LYS D 314 -86.40 28.42 -6.39
C LYS D 314 -87.55 28.39 -5.39
N ARG D 315 -87.70 27.29 -4.66
CA ARG D 315 -88.72 27.24 -3.60
C ARG D 315 -88.42 28.27 -2.53
N ASP D 316 -87.18 28.33 -2.06
CA ASP D 316 -86.82 29.18 -0.94
C ASP D 316 -86.67 30.65 -1.32
N LEU D 317 -86.68 30.98 -2.61
CA LEU D 317 -86.62 32.36 -3.05
C LEU D 317 -87.90 32.83 -3.71
N GLY D 318 -88.92 31.98 -3.79
CA GLY D 318 -90.19 32.37 -4.38
C GLY D 318 -90.07 32.72 -5.85
N LEU D 319 -89.32 31.94 -6.61
CA LEU D 319 -89.12 32.19 -8.03
C LEU D 319 -90.19 31.50 -8.87
N PRO E 12 -74.67 39.37 41.55
CA PRO E 12 -73.20 39.48 41.62
C PRO E 12 -72.61 39.96 40.31
N ASN E 13 -71.27 39.88 40.20
CA ASN E 13 -70.56 40.26 38.99
C ASN E 13 -70.13 38.99 38.27
N TYR E 14 -70.48 38.89 36.99
CA TYR E 14 -70.14 37.72 36.19
C TYR E 14 -69.38 38.16 34.94
N TYR E 15 -68.32 37.41 34.62
CA TYR E 15 -67.45 37.71 33.48
C TYR E 15 -67.37 36.48 32.58
N LEU E 16 -67.47 36.72 31.27
CA LEU E 16 -67.37 35.66 30.28
C LEU E 16 -66.07 35.84 29.51
N TYR E 17 -65.07 35.00 29.82
CA TYR E 17 -63.81 34.99 29.10
C TYR E 17 -63.73 33.78 28.18
N GLY E 18 -63.23 34.00 26.98
CA GLY E 18 -63.12 32.92 26.02
C GLY E 18 -62.05 33.19 24.99
N THR E 19 -61.39 32.12 24.55
CA THR E 19 -60.43 32.18 23.46
C THR E 19 -60.93 31.25 22.35
N VAL E 20 -61.00 31.78 21.13
CA VAL E 20 -61.63 31.09 20.01
C VAL E 20 -60.65 31.02 18.85
N LEU E 21 -60.55 29.86 18.23
CA LEU E 21 -59.68 29.63 17.08
C LEU E 21 -60.52 29.45 15.83
N THR E 22 -60.16 30.16 14.76
CA THR E 22 -60.89 30.08 13.51
C THR E 22 -60.50 28.79 12.76
N ARG E 23 -60.99 28.66 11.54
CA ARG E 23 -60.69 27.50 10.70
C ARG E 23 -59.59 27.82 9.71
N TYR E 24 -58.88 26.78 9.29
CA TYR E 24 -57.75 26.95 8.38
C TYR E 24 -58.21 27.44 7.02
N GLY E 25 -57.38 28.26 6.39
CA GLY E 25 -57.70 28.79 5.08
C GLY E 25 -56.78 29.95 4.74
N LEU E 26 -57.04 30.53 3.57
CA LEU E 26 -56.30 31.68 3.09
C LEU E 26 -57.01 32.96 3.51
N ALA E 27 -56.26 33.90 4.10
CA ALA E 27 -56.85 35.12 4.62
C ALA E 27 -56.00 36.32 4.24
N SER E 28 -56.68 37.41 3.87
CA SER E 28 -56.04 38.68 3.55
C SER E 28 -56.84 39.81 4.19
N LEU E 29 -57.23 39.63 5.45
CA LEU E 29 -58.23 40.44 6.11
C LEU E 29 -57.66 41.66 6.83
N ASN E 30 -56.35 41.91 6.72
CA ASN E 30 -55.69 42.92 7.56
C ASN E 30 -54.67 43.72 6.76
N HIS E 31 -55.07 44.18 5.57
CA HIS E 31 -54.18 45.00 4.76
C HIS E 31 -53.75 46.25 5.52
N ASP E 32 -52.44 46.43 5.67
CA ASP E 32 -51.91 47.42 6.61
C ASP E 32 -51.82 48.83 6.03
N ILE E 33 -50.95 49.04 5.06
CA ILE E 33 -50.70 50.40 4.61
C ILE E 33 -50.68 50.53 3.09
N ARG E 34 -50.57 49.40 2.39
CA ARG E 34 -50.43 49.40 0.93
C ARG E 34 -49.21 50.22 0.50
N ARG E 35 -48.05 49.68 0.84
CA ARG E 35 -46.77 50.34 0.58
C ARG E 35 -46.59 50.64 -0.90
N GLY E 36 -46.89 49.67 -1.77
CA GLY E 36 -46.82 49.87 -3.20
C GLY E 36 -47.98 49.19 -3.90
N ASN E 37 -47.68 48.36 -4.90
CA ASN E 37 -48.68 47.42 -5.38
C ASN E 37 -49.06 46.45 -4.28
N LYS E 38 -48.10 46.03 -3.47
CA LYS E 38 -48.33 45.05 -2.42
C LYS E 38 -49.25 45.62 -1.35
N THR E 39 -50.31 44.88 -1.03
CA THR E 39 -51.16 45.18 0.11
C THR E 39 -50.72 44.27 1.26
N ILE E 40 -49.96 44.82 2.20
CA ILE E 40 -49.29 44.02 3.21
C ILE E 40 -50.25 43.74 4.36
N LEU E 41 -50.25 42.49 4.83
CA LEU E 41 -51.00 42.13 6.02
C LEU E 41 -50.44 42.86 7.23
N GLN E 42 -51.33 43.20 8.17
CA GLN E 42 -50.89 43.77 9.44
C GLN E 42 -50.17 42.70 10.24
N LYS E 43 -48.90 42.92 10.54
CA LYS E 43 -48.06 41.87 11.11
C LYS E 43 -47.08 42.47 12.10
N GLY E 44 -46.58 41.59 12.97
CA GLY E 44 -45.60 41.99 13.97
C GLY E 44 -45.10 40.77 14.70
N TYR E 45 -44.07 40.98 15.51
CA TYR E 45 -43.46 39.87 16.25
C TYR E 45 -44.41 39.42 17.36
N TRP E 46 -44.68 38.11 17.39
CA TRP E 46 -45.65 37.55 18.34
C TRP E 46 -45.00 36.62 19.35
N ASN E 47 -44.28 35.59 18.91
CA ASN E 47 -43.71 34.62 19.82
C ASN E 47 -42.48 34.00 19.17
N ASN E 48 -41.46 33.73 20.00
CA ASN E 48 -40.19 33.18 19.56
C ASN E 48 -39.50 34.07 18.53
N GLY E 49 -39.87 35.34 18.48
CA GLY E 49 -39.25 36.27 17.54
C GLY E 49 -39.66 36.08 16.11
N LYS E 50 -40.78 35.40 15.85
CA LYS E 50 -41.25 35.14 14.51
C LYS E 50 -42.41 36.07 14.16
N ILE E 51 -42.46 36.48 12.90
CA ILE E 51 -43.46 37.43 12.44
C ILE E 51 -44.79 36.71 12.24
N HIS E 52 -45.84 37.23 12.86
CA HIS E 52 -47.19 36.68 12.72
C HIS E 52 -48.12 37.76 12.18
N SER E 53 -49.20 37.32 11.54
CA SER E 53 -50.17 38.24 10.97
C SER E 53 -51.34 38.41 11.94
N PHE E 54 -51.75 39.65 12.14
CA PHE E 54 -52.80 39.98 13.10
C PHE E 54 -54.01 40.55 12.39
N VAL E 55 -55.20 40.16 12.85
CA VAL E 55 -56.45 40.73 12.36
C VAL E 55 -56.95 41.73 13.40
N GLY E 56 -57.27 42.94 12.96
CA GLY E 56 -57.71 43.96 13.88
C GLY E 56 -58.98 43.56 14.60
N SER E 57 -58.99 43.78 15.91
CA SER E 57 -60.17 43.45 16.71
C SER E 57 -61.35 44.36 16.36
N SER E 58 -61.07 45.58 15.89
CA SER E 58 -62.15 46.46 15.46
C SER E 58 -62.91 45.85 14.29
N ALA E 59 -62.23 45.10 13.42
CA ALA E 59 -62.93 44.41 12.35
C ALA E 59 -63.89 43.37 12.89
N ILE E 60 -63.48 42.64 13.92
CA ILE E 60 -64.37 41.64 14.52
C ILE E 60 -65.55 42.33 15.22
N ARG E 61 -65.30 43.47 15.86
CA ARG E 61 -66.40 44.22 16.44
C ARG E 61 -67.37 44.70 15.38
N TRP E 62 -66.86 45.15 14.24
CA TRP E 62 -67.72 45.52 13.12
C TRP E 62 -68.54 44.33 12.64
N ALA E 63 -67.90 43.15 12.58
CA ALA E 63 -68.62 41.95 12.18
C ALA E 63 -69.75 41.63 13.14
N LEU E 64 -69.49 41.77 14.45
CA LEU E 64 -70.55 41.53 15.44
C LEU E 64 -71.67 42.55 15.32
N ARG E 65 -71.33 43.82 15.10
CA ARG E 65 -72.34 44.84 14.88
C ARG E 65 -73.19 44.51 13.67
N PHE E 66 -72.55 44.08 12.58
CA PHE E 66 -73.29 43.71 11.38
C PHE E 66 -74.18 42.50 11.63
N TYR E 67 -73.71 41.53 12.40
CA TYR E 67 -74.54 40.38 12.74
C TYR E 67 -75.78 40.82 13.50
N LEU E 68 -75.61 41.68 14.50
CA LEU E 68 -76.75 42.16 15.27
C LEU E 68 -77.71 42.96 14.38
N GLN E 69 -77.16 43.69 13.41
CA GLN E 69 -78.01 44.43 12.48
C GLN E 69 -78.81 43.49 11.59
N LYS E 70 -78.18 42.43 11.10
CA LYS E 70 -78.82 41.56 10.10
C LYS E 70 -79.99 40.79 10.70
N GLN E 71 -79.77 40.16 11.86
CA GLN E 71 -80.80 39.29 12.46
C GLN E 71 -81.80 40.12 13.27
N GLY E 72 -82.39 41.10 12.58
CA GLY E 72 -83.36 41.95 13.24
C GLY E 72 -82.70 42.82 14.29
N TYR E 73 -83.25 42.79 15.50
CA TYR E 73 -82.75 43.56 16.64
C TYR E 73 -82.78 45.06 16.38
N LEU E 74 -82.39 45.85 17.37
CA LEU E 74 -82.29 47.30 17.24
C LEU E 74 -80.84 47.70 17.39
N VAL E 75 -80.29 48.32 16.35
CA VAL E 75 -78.90 48.76 16.35
C VAL E 75 -78.86 50.18 15.81
N ASN E 76 -78.23 51.09 16.58
CA ASN E 76 -78.23 52.50 16.22
C ASN E 76 -77.47 52.74 14.92
N ARG E 77 -76.30 52.13 14.77
CA ARG E 77 -75.53 52.29 13.54
C ARG E 77 -75.98 51.26 12.51
N VAL E 78 -76.70 51.71 11.50
CA VAL E 78 -77.23 50.84 10.45
C VAL E 78 -76.29 50.90 9.26
N TRP E 79 -75.81 49.73 8.83
CA TRP E 79 -74.95 49.64 7.67
C TRP E 79 -75.81 49.67 6.40
N ASP E 80 -75.56 50.66 5.54
CA ASP E 80 -76.41 50.83 4.36
C ASP E 80 -76.31 49.63 3.44
N GLU E 81 -75.10 49.07 3.28
CA GLU E 81 -74.86 47.87 2.50
C GLU E 81 -75.08 48.11 1.00
N GLU E 82 -75.41 49.33 0.63
CA GLU E 82 -75.53 49.69 -0.79
C GLU E 82 -74.67 50.89 -1.16
N GLU E 83 -74.59 51.90 -0.31
CA GLU E 83 -73.63 52.99 -0.47
C GLU E 83 -72.40 52.82 0.40
N HIS E 84 -72.37 51.80 1.25
CA HIS E 84 -71.32 51.62 2.24
C HIS E 84 -71.14 52.89 3.08
N ILE E 85 -72.26 53.35 3.65
CA ILE E 85 -72.28 54.54 4.48
C ILE E 85 -73.00 54.20 5.79
N ASN E 86 -72.51 54.74 6.89
CA ASN E 86 -73.11 54.49 8.20
C ASN E 86 -74.13 55.57 8.53
N ARG E 87 -75.28 55.15 9.05
CA ARG E 87 -76.33 56.05 9.47
C ARG E 87 -76.71 55.76 10.92
N LEU E 88 -77.17 56.80 11.61
CA LEU E 88 -77.58 56.69 13.01
C LEU E 88 -79.09 56.93 13.12
N THR E 89 -79.80 55.95 13.69
CA THR E 89 -81.24 56.10 13.88
C THR E 89 -81.54 57.22 14.86
N SER E 90 -80.76 57.32 15.93
CA SER E 90 -80.88 58.39 16.91
C SER E 90 -79.51 58.95 17.20
N GLU E 91 -79.36 60.27 17.04
CA GLU E 91 -78.06 60.90 17.28
C GLU E 91 -77.61 60.75 18.73
N ASP E 92 -78.53 60.96 19.67
CA ASP E 92 -78.23 60.74 21.07
C ASP E 92 -78.24 59.26 21.38
N PHE E 93 -77.07 58.71 21.68
CA PHE E 93 -76.95 57.27 21.93
C PHE E 93 -77.75 56.89 23.16
N ASP E 94 -78.53 55.81 23.06
CA ASP E 94 -79.39 55.32 24.14
C ASP E 94 -79.04 53.87 24.41
N PRO E 95 -78.16 53.59 25.36
CA PRO E 95 -77.81 52.20 25.66
C PRO E 95 -78.98 51.37 26.16
N GLU E 96 -80.03 52.00 26.70
CA GLU E 96 -81.17 51.24 27.18
C GLU E 96 -81.89 50.53 26.03
N LYS E 97 -82.04 51.21 24.90
CA LYS E 97 -82.80 50.68 23.78
C LYS E 97 -81.93 49.91 22.78
N PHE E 98 -80.93 50.57 22.21
CA PHE E 98 -80.15 49.99 21.12
C PHE E 98 -79.20 48.91 21.63
N TYR E 99 -79.07 47.83 20.86
CA TYR E 99 -78.15 46.76 21.24
C TYR E 99 -76.70 47.18 21.05
N ASP E 100 -76.38 47.82 19.92
CA ASP E 100 -74.99 48.15 19.62
C ASP E 100 -74.42 49.13 20.63
N ASP E 101 -75.20 50.15 21.00
CA ASP E 101 -74.71 51.11 21.99
C ASP E 101 -74.60 50.47 23.37
N ASP E 102 -75.51 49.54 23.70
CA ASP E 102 -75.45 48.87 24.98
C ASP E 102 -74.23 47.97 25.08
N ILE E 103 -73.83 47.35 23.97
CA ILE E 103 -72.76 46.35 24.00
C ILE E 103 -71.41 46.99 23.75
N PHE E 104 -71.24 47.61 22.58
CA PHE E 104 -69.92 48.07 22.14
C PHE E 104 -69.55 49.44 22.70
N GLY E 105 -70.49 50.16 23.29
CA GLY E 105 -70.22 51.50 23.76
C GLY E 105 -70.23 52.50 22.62
N PHE E 106 -69.92 53.75 22.97
CA PHE E 106 -69.96 54.85 22.00
C PHE E 106 -69.21 56.04 22.57
N ALA E 107 -68.60 56.83 21.68
CA ALA E 107 -67.99 58.09 22.05
C ALA E 107 -68.54 59.19 21.14
N LEU E 108 -69.09 60.24 21.75
CA LEU E 108 -69.79 61.26 20.98
C LEU E 108 -68.86 62.41 20.57
N LEU E 109 -68.20 63.02 21.55
CA LEU E 109 -67.29 64.14 21.30
C LEU E 109 -68.00 65.32 20.66
N THR E 132 -78.57 61.51 29.38
CA THR E 132 -77.79 60.29 29.25
C THR E 132 -76.32 60.61 29.02
N PRO E 133 -75.42 59.78 29.55
CA PRO E 133 -74.00 60.00 29.36
C PRO E 133 -73.63 59.91 27.88
N ASN E 134 -72.70 60.75 27.44
CA ASN E 134 -72.27 60.71 26.06
C ASN E 134 -71.17 59.68 25.86
N GLN E 135 -70.80 58.99 26.93
CA GLN E 135 -69.74 57.99 26.84
C GLN E 135 -70.16 56.66 27.45
N ARG E 136 -69.89 55.57 26.74
CA ARG E 136 -70.24 54.25 27.24
C ARG E 136 -68.99 53.43 27.41
N MET E 137 -68.97 52.55 28.41
CA MET E 137 -67.76 51.78 28.69
C MET E 137 -67.50 50.68 27.68
N GLY E 138 -68.55 49.97 27.25
CA GLY E 138 -68.35 48.86 26.36
C GLY E 138 -68.37 47.53 27.09
N ALA E 139 -69.44 46.77 26.91
CA ALA E 139 -69.58 45.51 27.63
C ALA E 139 -68.63 44.45 27.07
N LEU E 140 -68.29 44.55 25.80
CA LEU E 140 -67.43 43.56 25.17
C LEU E 140 -66.02 44.11 25.02
N GLY E 141 -65.05 43.40 25.59
CA GLY E 141 -63.65 43.74 25.43
C GLY E 141 -62.88 42.60 24.81
N MET E 142 -62.32 42.82 23.63
CA MET E 142 -61.68 41.75 22.86
C MET E 142 -60.31 42.19 22.38
N ASN E 143 -59.48 41.19 22.08
CA ASN E 143 -58.12 41.41 21.63
C ASN E 143 -58.02 41.16 20.14
N MET E 144 -56.89 41.60 19.56
CA MET E 144 -56.63 41.38 18.15
C MET E 144 -56.41 39.90 17.87
N ALA E 145 -56.80 39.46 16.68
CA ALA E 145 -56.69 38.06 16.32
C ALA E 145 -55.28 37.74 15.85
N VAL E 146 -54.66 36.73 16.47
CA VAL E 146 -53.30 36.33 16.17
C VAL E 146 -53.33 35.18 15.18
N SER E 147 -52.28 35.05 14.36
CA SER E 147 -52.16 33.91 13.49
C SER E 147 -51.39 32.80 14.19
N LEU E 148 -51.99 31.60 14.22
CA LEU E 148 -51.37 30.47 14.88
C LEU E 148 -50.11 29.99 14.17
N THR E 149 -49.86 30.47 12.95
CA THR E 149 -48.72 30.09 12.13
C THR E 149 -47.89 31.31 11.79
N PRO E 150 -46.55 31.22 11.89
CA PRO E 150 -45.72 32.33 11.43
C PRO E 150 -45.93 32.61 9.96
N TYR E 151 -45.92 33.89 9.60
CA TYR E 151 -46.22 34.33 8.24
C TYR E 151 -44.92 34.57 7.51
N ASP E 152 -44.63 33.72 6.52
CA ASP E 152 -43.33 33.79 5.85
C ASP E 152 -43.36 34.62 4.56
N GLY E 153 -44.08 34.12 3.56
CA GLY E 153 -44.13 34.74 2.24
C GLY E 153 -45.52 35.09 1.78
N ALA E 154 -46.02 34.29 0.83
CA ALA E 154 -47.42 34.29 0.41
C ALA E 154 -47.86 35.66 -0.12
N VAL E 155 -47.24 36.03 -1.22
CA VAL E 155 -47.70 37.16 -2.04
C VAL E 155 -48.28 36.61 -3.33
N LYS E 156 -49.33 37.25 -3.81
CA LYS E 156 -50.07 36.77 -4.98
C LYS E 156 -50.20 37.90 -6.00
N LEU E 157 -49.94 37.59 -7.26
CA LEU E 157 -50.02 38.58 -8.32
C LEU E 157 -51.47 38.87 -8.69
N GLY E 158 -51.68 40.07 -9.23
CA GLY E 158 -52.93 40.42 -9.87
C GLY E 158 -52.69 41.23 -11.13
N ALA E 159 -53.17 40.74 -12.26
CA ALA E 159 -53.05 41.43 -13.54
C ALA E 159 -54.44 41.61 -14.11
N LYS E 160 -54.72 42.79 -14.65
CA LYS E 160 -56.07 43.15 -15.07
C LYS E 160 -56.21 42.94 -16.58
N SER E 161 -56.89 41.87 -16.96
CA SER E 161 -57.29 41.59 -18.36
C SER E 161 -56.03 41.50 -19.22
N GLY E 162 -56.01 42.16 -20.37
CA GLY E 162 -54.85 42.14 -21.24
C GLY E 162 -54.88 43.33 -22.18
N ARG E 163 -53.69 43.73 -22.65
CA ARG E 163 -53.51 44.86 -23.55
C ARG E 163 -53.94 46.18 -22.92
N GLU E 164 -53.49 47.29 -23.52
CA GLU E 164 -53.84 48.63 -23.07
C GLU E 164 -53.57 48.80 -21.57
N LYS E 165 -52.45 48.26 -21.13
CA LYS E 165 -52.15 48.25 -19.70
C LYS E 165 -51.67 49.62 -19.22
N ASP E 166 -52.20 50.04 -18.08
CA ASP E 166 -51.87 51.32 -17.45
C ASP E 166 -51.26 51.06 -16.07
N SER E 167 -51.11 52.14 -15.31
CA SER E 167 -50.46 52.05 -14.00
C SER E 167 -51.19 51.13 -13.04
N THR E 168 -52.48 50.88 -13.25
CA THR E 168 -53.27 50.02 -12.38
C THR E 168 -53.42 48.61 -12.92
N SER E 169 -52.56 48.20 -13.85
CA SER E 169 -52.68 46.87 -14.44
C SER E 169 -51.97 45.79 -13.65
N LEU E 170 -50.92 46.14 -12.91
CA LEU E 170 -50.15 45.17 -12.14
C LEU E 170 -50.28 45.47 -10.66
N HIS E 171 -50.62 44.45 -9.88
CA HIS E 171 -50.75 44.63 -8.43
C HIS E 171 -50.50 43.29 -7.74
N PHE E 172 -50.03 43.37 -6.49
CA PHE E 172 -49.74 42.21 -5.68
C PHE E 172 -50.63 42.21 -4.46
N THR E 173 -51.07 41.02 -4.04
CA THR E 173 -51.87 40.87 -2.84
C THR E 173 -51.21 39.83 -1.94
N GLU E 174 -50.89 40.22 -0.72
CA GLU E 174 -50.34 39.29 0.25
C GLU E 174 -51.46 38.47 0.87
N TYR E 175 -51.13 37.24 1.29
CA TYR E 175 -52.10 36.37 1.93
C TYR E 175 -51.38 35.53 2.97
N HIS E 176 -52.10 34.60 3.59
CA HIS E 176 -51.54 33.76 4.65
C HIS E 176 -52.46 32.58 4.88
N ALA E 177 -51.89 31.38 4.84
CA ALA E 177 -52.62 30.15 5.09
C ALA E 177 -52.36 29.74 6.55
N THR E 178 -53.31 30.04 7.41
CA THR E 178 -53.13 29.83 8.84
C THR E 178 -54.50 29.73 9.51
N ARG E 179 -54.48 29.56 10.83
CA ARG E 179 -55.67 29.64 11.66
C ARG E 179 -55.55 30.86 12.57
N TYR E 180 -56.59 31.69 12.60
CA TYR E 180 -56.58 32.87 13.43
C TYR E 180 -57.26 32.60 14.76
N GLN E 181 -56.76 33.26 15.80
CA GLN E 181 -57.19 33.04 17.17
C GLN E 181 -57.22 34.37 17.89
N TYR E 182 -58.33 34.66 18.58
CA TYR E 182 -58.46 35.93 19.29
C TYR E 182 -59.13 35.71 20.64
N TYR E 183 -58.97 36.71 21.51
CA TYR E 183 -59.38 36.66 22.90
C TYR E 183 -60.37 37.78 23.18
N PHE E 184 -61.46 37.44 23.86
CA PHE E 184 -62.53 38.38 24.15
C PHE E 184 -63.07 38.13 25.55
N GLY E 185 -63.65 39.18 26.13
CA GLY E 185 -64.22 39.09 27.46
C GLY E 185 -65.38 40.04 27.67
N ILE E 186 -66.47 39.54 28.26
CA ILE E 186 -67.67 40.34 28.49
C ILE E 186 -68.03 40.25 29.96
N ASP E 187 -68.46 41.37 30.54
CA ASP E 187 -69.06 41.40 31.86
C ASP E 187 -70.56 41.62 31.70
N ALA E 188 -71.33 40.54 31.86
CA ALA E 188 -72.78 40.62 31.63
C ALA E 188 -73.44 41.57 32.62
N THR E 189 -72.81 41.79 33.78
CA THR E 189 -73.37 42.71 34.75
C THR E 189 -73.43 44.13 34.20
N HIS E 190 -72.44 44.53 33.40
CA HIS E 190 -72.38 45.90 32.89
C HIS E 190 -73.45 46.18 31.83
N LEU E 191 -74.07 45.14 31.27
CA LEU E 191 -75.07 45.34 30.25
C LEU E 191 -76.32 45.97 30.84
N LYS E 192 -76.90 46.92 30.12
CA LYS E 192 -78.14 47.54 30.58
C LYS E 192 -79.27 46.52 30.64
N ASP E 193 -79.33 45.63 29.66
CA ASP E 193 -80.24 44.49 29.67
C ASP E 193 -79.41 43.22 29.67
N PHE E 194 -79.59 42.40 30.71
CA PHE E 194 -78.78 41.20 30.84
C PHE E 194 -79.08 40.18 29.75
N SER E 195 -80.27 40.26 29.15
CA SER E 195 -80.64 39.31 28.10
C SER E 195 -79.85 39.54 26.82
N ARG E 196 -79.15 40.67 26.70
CA ARG E 196 -78.38 40.94 25.49
C ARG E 196 -77.10 40.13 25.40
N ILE E 197 -76.74 39.39 26.46
CA ILE E 197 -75.59 38.50 26.37
C ILE E 197 -75.86 37.36 25.39
N LEU E 198 -77.12 36.92 25.31
CA LEU E 198 -77.45 35.79 24.46
C LEU E 198 -77.22 36.06 22.97
N PRO E 199 -77.67 37.20 22.40
CA PRO E 199 -77.36 37.43 20.98
C PRO E 199 -75.87 37.50 20.68
N MET E 200 -75.07 37.98 21.63
CA MET E 200 -73.64 38.15 21.39
C MET E 200 -72.94 36.81 21.18
N ILE E 201 -73.32 35.80 21.96
CA ILE E 201 -72.71 34.48 21.82
C ILE E 201 -73.06 33.89 20.45
N ASP E 202 -74.32 34.04 20.04
CA ASP E 202 -74.74 33.56 18.73
C ASP E 202 -73.98 34.29 17.62
N GLY E 203 -73.75 35.59 17.80
CA GLY E 203 -72.94 36.32 16.84
C GLY E 203 -71.51 35.84 16.79
N ILE E 204 -70.94 35.52 17.95
CA ILE E 204 -69.59 34.94 17.97
C ILE E 204 -69.57 33.63 17.19
N MET E 205 -70.59 32.80 17.37
CA MET E 205 -70.65 31.54 16.63
C MET E 205 -70.86 31.79 15.13
N ASN E 206 -71.95 32.46 14.77
CA ASN E 206 -72.25 32.75 13.38
C ASN E 206 -71.79 34.16 13.00
N LEU E 207 -70.48 34.35 13.05
CA LEU E 207 -69.90 35.64 12.73
C LEU E 207 -69.95 35.87 11.22
N PRO E 208 -70.44 37.02 10.75
CA PRO E 208 -70.39 37.32 9.32
C PRO E 208 -68.97 37.55 8.84
N LYS E 209 -68.81 37.92 7.58
CA LYS E 209 -67.48 38.13 7.04
C LYS E 209 -66.74 39.22 7.81
N VAL E 210 -65.47 38.95 8.12
CA VAL E 210 -64.60 39.92 8.78
C VAL E 210 -63.94 40.76 7.69
N GLY E 211 -63.89 42.07 7.92
CA GLY E 211 -63.41 43.02 6.93
C GLY E 211 -62.12 42.61 6.24
N GLY E 212 -62.22 42.30 4.95
CA GLY E 212 -61.07 41.89 4.18
C GLY E 212 -61.50 41.57 2.76
N SER E 213 -60.51 41.24 1.93
CA SER E 213 -60.79 40.99 0.53
C SER E 213 -61.51 39.65 0.36
N SER E 214 -62.81 39.63 0.66
CA SER E 214 -63.58 38.40 0.52
C SER E 214 -63.87 38.07 -0.93
N ASN E 215 -63.73 39.02 -1.83
CA ASN E 215 -63.97 38.76 -3.24
C ASN E 215 -63.00 37.71 -3.79
N ILE E 216 -61.72 37.81 -3.42
CA ILE E 216 -60.72 36.88 -3.89
C ILE E 216 -60.15 35.99 -2.80
N PHE E 217 -60.28 36.39 -1.53
CA PHE E 217 -59.83 35.57 -0.39
C PHE E 217 -60.99 35.50 0.60
N ASN E 218 -61.88 34.52 0.40
CA ASN E 218 -63.04 34.36 1.26
C ASN E 218 -62.64 33.49 2.44
N TYR E 219 -62.46 34.12 3.60
CA TYR E 219 -62.03 33.42 4.81
C TYR E 219 -63.18 33.35 5.79
N PRO E 220 -63.78 32.17 6.00
CA PRO E 220 -64.85 32.05 6.99
C PRO E 220 -64.28 32.14 8.41
N PHE E 221 -64.85 33.05 9.20
CA PHE E 221 -64.37 33.31 10.55
C PHE E 221 -65.17 32.57 11.61
N CYS E 222 -65.97 31.59 11.21
CA CYS E 222 -66.76 30.83 12.18
C CYS E 222 -65.83 30.02 13.08
N PRO E 223 -66.15 29.90 14.36
CA PRO E 223 -65.31 29.09 15.25
C PRO E 223 -65.30 27.62 14.86
N ASP E 224 -64.14 26.98 15.04
CA ASP E 224 -64.03 25.54 14.97
C ASP E 224 -63.53 24.92 16.26
N SER E 225 -63.05 25.72 17.20
CA SER E 225 -62.64 25.23 18.52
C SER E 225 -62.78 26.38 19.50
N LEU E 226 -63.44 26.11 20.63
CA LEU E 226 -63.77 27.12 21.62
C LEU E 226 -63.25 26.72 22.98
N VAL E 227 -62.81 27.71 23.76
CA VAL E 227 -62.44 27.54 25.16
C VAL E 227 -63.04 28.70 25.91
N PHE E 228 -64.17 28.46 26.59
CA PHE E 228 -64.91 29.51 27.29
C PHE E 228 -64.81 29.31 28.79
N GLN E 229 -64.63 30.41 29.51
CA GLN E 229 -64.65 30.39 30.98
C GLN E 229 -65.66 31.41 31.45
N TRP E 230 -66.61 30.97 32.26
CA TRP E 230 -67.66 31.83 32.81
C TRP E 230 -67.50 31.82 34.33
N THR E 231 -66.96 32.92 34.86
CA THR E 231 -66.64 33.01 36.28
C THR E 231 -67.08 34.36 36.81
N ASN E 232 -66.96 34.52 38.14
CA ASN E 232 -67.40 35.72 38.82
C ASN E 232 -66.23 36.55 39.34
N HIS E 233 -65.04 36.39 38.79
CA HIS E 233 -63.88 37.17 39.19
C HIS E 233 -63.05 37.53 37.95
N PHE E 234 -62.18 38.51 38.13
CA PHE E 234 -61.57 39.19 36.98
C PHE E 234 -60.42 38.39 36.39
N ALA E 235 -59.94 37.35 37.09
CA ALA E 235 -58.83 36.57 36.58
C ALA E 235 -59.29 35.71 35.40
N SER E 236 -58.49 35.69 34.33
CA SER E 236 -58.81 34.94 33.13
C SER E 236 -57.85 33.78 32.88
N TYR E 237 -56.55 34.06 32.79
CA TYR E 237 -55.51 33.05 32.60
C TYR E 237 -55.71 32.19 31.36
N ILE E 238 -56.66 32.56 30.49
CA ILE E 238 -56.95 31.78 29.29
C ILE E 238 -56.79 32.66 28.06
N SER E 239 -55.87 33.62 28.12
CA SER E 239 -55.74 34.66 27.10
C SER E 239 -55.59 34.06 25.71
N TYR E 240 -54.52 33.31 25.47
CA TYR E 240 -54.32 32.60 24.21
C TYR E 240 -53.96 31.16 24.53
N CYS E 241 -54.98 30.33 24.73
CA CYS E 241 -54.74 28.93 25.09
C CYS E 241 -54.32 28.09 23.89
N PHE E 242 -54.75 28.48 22.68
CA PHE E 242 -54.44 27.69 21.49
C PHE E 242 -53.06 28.05 20.96
N GLU E 243 -52.20 27.04 20.82
CA GLU E 243 -50.88 27.24 20.26
C GLU E 243 -50.34 25.91 19.77
N TYR E 244 -49.85 25.91 18.53
CA TYR E 244 -49.36 24.68 17.89
C TYR E 244 -47.99 24.83 17.25
N CYS E 245 -47.62 26.04 16.85
CA CYS E 245 -46.35 26.25 16.16
C CYS E 245 -46.28 25.45 14.86
N ASP E 246 -45.62 24.29 14.89
CA ASP E 246 -45.45 23.46 13.68
C ASP E 246 -45.60 24.30 12.42
N PRO E 247 -44.66 25.20 12.17
CA PRO E 247 -44.73 26.12 11.02
C PRO E 247 -45.96 25.98 10.14
N LYS E 248 -45.81 25.40 8.95
CA LYS E 248 -46.93 25.33 8.01
C LYS E 248 -47.82 24.11 8.17
N SER E 249 -48.24 23.83 9.39
CA SER E 249 -49.18 22.72 9.56
C SER E 249 -50.54 23.30 9.99
N LYS E 250 -51.47 22.43 10.34
CA LYS E 250 -52.78 22.84 10.86
C LYS E 250 -53.19 21.96 12.05
N GLU E 251 -52.22 21.49 12.83
CA GLU E 251 -52.53 20.60 13.94
C GLU E 251 -53.40 21.28 14.98
N ALA E 252 -53.03 22.51 15.38
CA ALA E 252 -53.80 23.32 16.31
C ALA E 252 -54.01 22.60 17.65
N LYS E 253 -52.90 22.33 18.32
CA LYS E 253 -52.96 21.70 19.65
C LYS E 253 -53.17 22.76 20.71
N LEU E 254 -53.49 22.33 21.93
CA LEU E 254 -53.66 23.21 23.07
C LEU E 254 -52.30 23.43 23.74
N SER E 255 -52.05 24.66 24.18
CA SER E 255 -50.76 25.01 24.74
C SER E 255 -50.48 24.22 26.02
N GLN E 256 -49.21 23.88 26.23
CA GLN E 256 -48.83 23.09 27.40
C GLN E 256 -49.08 23.87 28.69
N GLU E 257 -48.82 25.17 28.69
CA GLU E 257 -48.97 25.96 29.90
C GLU E 257 -50.42 26.00 30.35
N PHE E 258 -51.37 26.07 29.42
CA PHE E 258 -52.77 26.07 29.79
C PHE E 258 -53.17 24.76 30.44
N ILE E 259 -52.69 23.63 29.90
CA ILE E 259 -53.00 22.32 30.48
C ILE E 259 -52.37 22.22 31.86
N ASP E 260 -51.14 22.73 32.02
CA ASP E 260 -50.51 22.74 33.34
C ASP E 260 -51.31 23.56 34.33
N GLU E 261 -51.80 24.73 33.91
CA GLU E 261 -52.62 25.56 34.79
C GLU E 261 -53.90 24.83 35.18
N VAL E 262 -54.51 24.10 34.23
CA VAL E 262 -55.70 23.33 34.56
C VAL E 262 -55.38 22.26 35.59
N GLU E 263 -54.25 21.55 35.42
CA GLU E 263 -53.88 20.52 36.37
C GLU E 263 -53.52 21.10 37.73
N CYS E 264 -53.11 22.37 37.78
CA CYS E 264 -52.67 22.97 39.03
C CYS E 264 -53.81 23.13 40.03
N GLY E 265 -55.06 23.02 39.58
CA GLY E 265 -56.19 23.26 40.45
C GLY E 265 -56.77 24.64 40.21
N GLN E 266 -55.92 25.55 39.74
CA GLN E 266 -56.37 26.86 39.30
C GLN E 266 -57.20 26.70 38.02
N ILE E 267 -58.13 27.64 37.82
CA ILE E 267 -59.13 27.57 36.76
C ILE E 267 -59.96 26.32 36.98
N ASP E 268 -61.03 26.44 37.75
CA ASP E 268 -61.84 25.29 38.10
C ASP E 268 -62.46 24.68 36.84
N PRO E 269 -62.37 23.36 36.65
CA PRO E 269 -63.00 22.74 35.48
C PRO E 269 -64.50 22.98 35.42
N SER E 270 -65.16 23.16 36.57
CA SER E 270 -66.58 23.45 36.58
C SER E 270 -66.90 24.78 35.90
N LYS E 271 -65.93 25.69 35.78
CA LYS E 271 -66.13 26.97 35.13
C LYS E 271 -65.57 27.03 33.72
N LEU E 272 -65.14 25.90 33.17
CA LEU E 272 -64.50 25.87 31.85
C LEU E 272 -65.44 25.24 30.84
N TRP E 273 -65.47 25.82 29.64
CA TRP E 273 -66.28 25.33 28.53
C TRP E 273 -65.40 25.20 27.30
N ILE E 274 -65.12 23.97 26.90
CA ILE E 274 -64.27 23.67 25.75
C ILE E 274 -65.10 22.92 24.73
N GLY E 275 -65.09 23.42 23.49
CA GLY E 275 -65.83 22.77 22.43
C GLY E 275 -65.18 23.03 21.08
N GLY E 276 -65.33 22.05 20.19
CA GLY E 276 -64.76 22.15 18.86
C GLY E 276 -63.92 20.94 18.49
N THR E 277 -63.12 21.12 17.44
CA THR E 277 -62.28 20.03 16.95
C THR E 277 -61.17 19.70 17.93
N ILE E 278 -60.79 20.66 18.80
CA ILE E 278 -59.76 20.41 19.79
C ILE E 278 -60.21 19.33 20.78
N VAL E 279 -61.52 19.11 20.87
CA VAL E 279 -62.05 18.11 21.79
C VAL E 279 -61.53 16.73 21.43
N LYS E 280 -61.45 16.42 20.14
CA LYS E 280 -60.96 15.11 19.72
C LYS E 280 -59.52 14.90 20.17
N ASP E 281 -58.67 15.91 19.99
CA ASP E 281 -57.28 15.80 20.43
C ASP E 281 -57.21 15.67 21.94
N LEU E 282 -58.07 16.39 22.68
CA LEU E 282 -58.08 16.26 24.13
C LEU E 282 -58.47 14.86 24.57
N GLN E 283 -59.47 14.25 23.92
CA GLN E 283 -59.85 12.88 24.24
C GLN E 283 -58.77 11.87 23.88
N GLN E 284 -58.03 12.10 22.79
CA GLN E 284 -56.97 11.18 22.40
C GLN E 284 -55.76 11.23 23.33
N LEU E 285 -55.69 12.21 24.24
CA LEU E 285 -54.57 12.29 25.16
C LEU E 285 -54.60 11.14 26.16
N ASP E 286 -53.41 10.66 26.51
CA ASP E 286 -53.30 9.59 27.49
C ASP E 286 -53.59 10.10 28.89
N ASN E 287 -54.13 9.21 29.73
CA ASN E 287 -54.50 9.54 31.11
C ASN E 287 -55.45 10.73 31.17
N PHE E 288 -56.30 10.88 30.15
CA PHE E 288 -57.22 12.00 30.11
C PHE E 288 -58.26 11.91 31.22
N GLU E 289 -58.74 10.71 31.50
CA GLU E 289 -59.75 10.53 32.55
C GLU E 289 -59.23 10.95 33.91
N SER E 290 -57.98 10.58 34.22
CA SER E 290 -57.40 10.98 35.50
C SER E 290 -57.10 12.47 35.54
N SER E 291 -56.92 13.10 34.38
CA SER E 291 -56.60 14.52 34.34
C SER E 291 -57.80 15.35 34.78
N PRO E 292 -57.57 16.49 35.44
CA PRO E 292 -58.69 17.36 35.82
C PRO E 292 -59.45 17.92 34.62
N LEU E 293 -58.85 17.93 33.43
CA LEU E 293 -59.56 18.43 32.25
C LEU E 293 -60.82 17.61 31.96
N ASN E 294 -60.83 16.33 32.35
CA ASN E 294 -62.00 15.51 32.12
C ASN E 294 -63.22 16.00 32.89
N LYS E 295 -63.02 16.71 34.00
CA LYS E 295 -64.12 17.23 34.78
C LYS E 295 -64.68 18.54 34.23
N ALA E 296 -64.01 19.14 33.25
CA ALA E 296 -64.51 20.37 32.64
C ALA E 296 -65.63 20.06 31.66
N HIS E 297 -66.43 21.09 31.39
CA HIS E 297 -67.52 20.97 30.42
C HIS E 297 -66.93 20.89 29.02
N ILE E 298 -66.85 19.68 28.48
CA ILE E 298 -66.24 19.43 27.17
C ILE E 298 -67.30 18.82 26.27
N TYR E 299 -67.52 19.46 25.11
CA TYR E 299 -68.49 18.99 24.13
C TYR E 299 -67.84 19.01 22.75
N ARG E 300 -67.88 17.87 22.06
CA ARG E 300 -67.33 17.83 20.70
C ARG E 300 -68.11 18.75 19.78
N ASN E 301 -69.44 18.72 19.88
CA ASN E 301 -70.29 19.62 19.10
C ASN E 301 -70.26 21.01 19.70
N ARG E 302 -70.23 22.02 18.82
CA ARG E 302 -70.17 23.41 19.29
C ARG E 302 -71.53 23.91 19.75
N ASN E 303 -72.59 23.59 18.99
CA ASN E 303 -73.91 24.14 19.28
C ASN E 303 -74.45 23.63 20.61
N GLU E 304 -74.21 22.35 20.93
CA GLU E 304 -74.68 21.82 22.21
C GLU E 304 -73.93 22.46 23.37
N MET E 305 -72.64 22.73 23.20
CA MET E 305 -71.87 23.43 24.23
C MET E 305 -72.40 24.85 24.42
N ILE E 306 -72.75 25.51 23.31
CA ILE E 306 -73.32 26.86 23.39
C ILE E 306 -74.65 26.82 24.12
N GLU E 307 -75.48 25.82 23.83
CA GLU E 307 -76.77 25.69 24.49
C GLU E 307 -76.59 25.49 25.99
N ALA E 308 -75.66 24.62 26.38
CA ALA E 308 -75.40 24.40 27.80
C ALA E 308 -74.90 25.67 28.47
N LEU E 309 -73.99 26.40 27.81
CA LEU E 309 -73.48 27.64 28.36
C LEU E 309 -74.59 28.67 28.53
N LYS E 310 -75.48 28.78 27.55
CA LYS E 310 -76.58 29.73 27.66
C LYS E 310 -77.56 29.33 28.74
N THR E 311 -77.79 28.03 28.92
CA THR E 311 -78.63 27.57 30.02
C THR E 311 -78.04 27.96 31.36
N VAL E 312 -76.74 27.75 31.53
CA VAL E 312 -76.08 28.12 32.78
C VAL E 312 -76.14 29.62 32.99
N ILE E 313 -75.92 30.40 31.92
CA ILE E 313 -75.93 31.85 32.02
C ILE E 313 -77.30 32.35 32.44
N LYS E 314 -78.36 31.81 31.82
CA LYS E 314 -79.71 32.22 32.17
C LYS E 314 -80.05 31.81 33.60
N ARG E 315 -79.60 30.63 34.03
CA ARG E 315 -79.86 30.19 35.39
C ARG E 315 -79.16 31.09 36.40
N ASP E 316 -77.94 31.54 36.09
CA ASP E 316 -77.19 32.38 37.01
C ASP E 316 -77.45 33.86 36.81
N LEU E 317 -78.32 34.23 35.87
CA LEU E 317 -78.71 35.63 35.68
C LEU E 317 -80.21 35.85 35.85
N GLY E 318 -80.97 34.80 36.18
CA GLY E 318 -82.39 34.93 36.42
C GLY E 318 -83.18 35.35 35.19
N LEU E 319 -82.89 34.74 34.05
CA LEU E 319 -83.61 35.05 32.82
C LEU E 319 -84.51 33.90 32.42
N PRO F 12 -44.61 45.14 66.38
CA PRO F 12 -43.44 45.05 65.50
C PRO F 12 -43.76 45.48 64.07
N ASN F 13 -42.85 46.23 63.45
CA ASN F 13 -43.06 46.67 62.08
C ASN F 13 -43.01 45.49 61.12
N TYR F 14 -43.88 45.52 60.13
CA TYR F 14 -43.93 44.48 59.10
C TYR F 14 -44.21 45.11 57.74
N TYR F 15 -43.58 44.58 56.71
CA TYR F 15 -43.74 45.06 55.35
C TYR F 15 -43.93 43.88 54.41
N LEU F 16 -44.61 44.14 53.30
CA LEU F 16 -44.84 43.12 52.27
C LEU F 16 -44.37 43.69 50.94
N TYR F 17 -43.19 43.28 50.50
CA TYR F 17 -42.65 43.68 49.21
C TYR F 17 -42.84 42.53 48.21
N GLY F 18 -43.18 42.89 46.98
CA GLY F 18 -43.44 41.89 45.97
C GLY F 18 -43.29 42.44 44.57
N THR F 19 -43.00 41.54 43.64
CA THR F 19 -42.92 41.87 42.23
C THR F 19 -43.58 40.74 41.45
N VAL F 20 -44.69 41.03 40.79
CA VAL F 20 -45.44 40.01 40.08
C VAL F 20 -45.39 40.31 38.59
N LEU F 21 -45.54 39.26 37.79
CA LEU F 21 -45.44 39.33 36.34
C LEU F 21 -46.78 39.02 35.71
N THR F 22 -47.15 39.79 34.70
CA THR F 22 -48.42 39.61 34.02
C THR F 22 -48.31 38.51 32.96
N ARG F 23 -49.45 38.18 32.35
CA ARG F 23 -49.49 37.21 31.28
C ARG F 23 -49.04 37.84 29.96
N TYR F 24 -48.76 36.99 28.99
CA TYR F 24 -48.38 37.45 27.66
C TYR F 24 -49.61 37.88 26.87
N GLY F 25 -49.46 38.98 26.13
CA GLY F 25 -50.56 39.47 25.32
C GLY F 25 -50.26 40.87 24.83
N LEU F 26 -51.17 41.39 24.01
CA LEU F 26 -51.05 42.72 23.45
C LEU F 26 -51.38 43.75 24.52
N ALA F 27 -50.73 44.91 24.44
CA ALA F 27 -50.88 45.94 25.45
C ALA F 27 -50.86 47.33 24.81
N SER F 28 -51.90 48.11 25.11
CA SER F 28 -51.97 49.52 24.75
C SER F 28 -52.54 50.30 25.93
N LEU F 29 -52.04 49.99 27.12
CA LEU F 29 -52.69 50.41 28.35
C LEU F 29 -52.46 51.88 28.70
N ASN F 30 -51.33 52.47 28.31
CA ASN F 30 -50.93 53.76 28.89
C ASN F 30 -50.50 54.74 27.81
N HIS F 31 -51.36 54.94 26.79
CA HIS F 31 -51.13 55.95 25.76
C HIS F 31 -50.65 57.26 26.37
N ASP F 32 -49.57 57.81 25.80
CA ASP F 32 -48.92 58.97 26.40
C ASP F 32 -49.55 60.30 25.99
N ILE F 33 -49.42 60.69 24.71
CA ILE F 33 -49.75 62.05 24.32
C ILE F 33 -50.53 62.11 23.00
N ARG F 34 -50.56 60.99 22.26
CA ARG F 34 -51.12 60.92 20.90
C ARG F 34 -50.54 62.05 20.02
N ARG F 35 -49.25 61.90 19.75
CA ARG F 35 -48.49 62.88 18.96
C ARG F 35 -49.26 63.33 17.73
N GLY F 36 -49.52 62.41 16.80
CA GLY F 36 -50.33 62.70 15.64
C GLY F 36 -51.59 61.87 15.63
N ASN F 37 -51.69 60.94 14.68
CA ASN F 37 -52.70 59.90 14.77
C ASN F 37 -52.25 58.73 15.62
N LYS F 38 -50.98 58.68 15.99
CA LYS F 38 -50.40 57.57 16.74
C LYS F 38 -50.63 57.83 18.22
N THR F 39 -51.51 57.04 18.84
CA THR F 39 -51.65 57.09 20.29
C THR F 39 -50.39 56.48 20.88
N ILE F 40 -49.46 57.33 21.28
CA ILE F 40 -48.11 56.88 21.65
C ILE F 40 -48.20 56.07 22.93
N LEU F 41 -47.99 54.75 22.81
CA LEU F 41 -47.84 53.93 24.00
C LEU F 41 -46.61 54.38 24.77
N GLN F 42 -46.80 54.76 26.02
CA GLN F 42 -45.74 55.41 26.78
C GLN F 42 -44.57 54.45 27.00
N LYS F 43 -43.36 54.95 26.79
CA LYS F 43 -42.17 54.12 26.81
C LYS F 43 -40.99 54.95 27.27
N GLY F 44 -39.92 54.26 27.65
CA GLY F 44 -38.69 54.90 28.07
C GLY F 44 -37.60 53.87 28.19
N TYR F 45 -36.38 54.35 28.41
CA TYR F 45 -35.24 53.46 28.48
C TYR F 45 -35.26 52.63 29.77
N TRP F 46 -34.64 51.47 29.69
CA TRP F 46 -34.62 50.49 30.78
C TRP F 46 -33.29 49.73 30.67
N ASN F 47 -33.23 48.56 31.30
CA ASN F 47 -32.04 47.71 31.24
C ASN F 47 -31.50 47.59 29.82
N ASN F 48 -30.17 47.63 29.72
CA ASN F 48 -29.44 47.46 28.46
C ASN F 48 -29.74 48.58 27.45
N GLY F 49 -30.29 49.70 27.90
CA GLY F 49 -30.51 50.83 27.02
C GLY F 49 -31.53 50.63 25.93
N LYS F 50 -32.40 49.63 26.04
CA LYS F 50 -33.45 49.39 25.08
C LYS F 50 -34.75 50.01 25.56
N ILE F 51 -35.51 50.56 24.61
CA ILE F 51 -36.76 51.25 24.92
C ILE F 51 -37.79 50.22 25.34
N HIS F 52 -38.33 50.38 26.55
CA HIS F 52 -39.35 49.49 27.09
C HIS F 52 -40.63 50.29 27.34
N SER F 53 -41.76 49.68 27.01
CA SER F 53 -43.05 50.33 27.26
C SER F 53 -43.39 50.26 28.73
N PHE F 54 -44.11 51.27 29.20
CA PHE F 54 -44.41 51.41 30.62
C PHE F 54 -45.92 51.46 30.84
N VAL F 55 -46.34 50.97 32.00
CA VAL F 55 -47.71 51.09 32.47
C VAL F 55 -47.66 51.85 33.79
N GLY F 56 -48.42 52.94 33.87
CA GLY F 56 -48.34 53.78 35.04
C GLY F 56 -48.75 53.06 36.31
N SER F 57 -48.04 53.37 37.40
CA SER F 57 -48.39 52.80 38.70
C SER F 57 -49.74 53.33 39.18
N SER F 58 -50.05 54.58 38.85
CA SER F 58 -51.36 55.12 39.17
C SER F 58 -52.47 54.28 38.53
N ALA F 59 -52.19 53.63 37.41
CA ALA F 59 -53.18 52.75 36.81
C ALA F 59 -53.47 51.56 37.71
N ILE F 60 -52.44 50.96 38.30
CA ILE F 60 -52.67 49.84 39.21
C ILE F 60 -53.35 50.32 40.48
N ARG F 61 -53.00 51.52 40.97
CA ARG F 61 -53.69 52.04 42.14
C ARG F 61 -55.16 52.26 41.86
N TRP F 62 -55.49 52.80 40.68
CA TRP F 62 -56.89 52.95 40.29
C TRP F 62 -57.59 51.60 40.17
N ALA F 63 -56.89 50.60 39.63
CA ALA F 63 -57.47 49.28 39.50
C ALA F 63 -57.79 48.68 40.87
N LEU F 64 -56.88 48.85 41.83
CA LEU F 64 -57.14 48.36 43.19
C LEU F 64 -58.28 49.13 43.84
N ARG F 65 -58.35 50.45 43.61
CA ARG F 65 -59.47 51.23 44.12
C ARG F 65 -60.78 50.71 43.57
N PHE F 66 -60.83 50.44 42.27
CA PHE F 66 -62.04 49.91 41.64
C PHE F 66 -62.38 48.54 42.21
N TYR F 67 -61.37 47.69 42.42
CA TYR F 67 -61.64 46.37 42.99
C TYR F 67 -62.25 46.50 44.38
N LEU F 68 -61.70 47.39 45.21
CA LEU F 68 -62.24 47.59 46.54
C LEU F 68 -63.67 48.11 46.47
N GLN F 69 -63.94 49.03 45.55
CA GLN F 69 -65.28 49.59 45.44
C GLN F 69 -66.29 48.54 44.98
N LYS F 70 -65.88 47.64 44.08
CA LYS F 70 -66.82 46.70 43.47
C LYS F 70 -67.38 45.69 44.46
N GLN F 71 -66.64 45.36 45.52
CA GLN F 71 -67.03 44.30 46.46
C GLN F 71 -67.13 44.87 47.86
N GLY F 72 -68.30 45.42 48.19
CA GLY F 72 -68.50 45.98 49.52
C GLY F 72 -67.45 47.03 49.81
N TYR F 73 -66.81 46.91 50.97
CA TYR F 73 -65.55 47.60 51.24
C TYR F 73 -65.71 49.12 51.06
N LEU F 74 -66.48 49.72 51.96
CA LEU F 74 -66.73 51.16 51.95
C LEU F 74 -65.48 51.96 51.56
N VAL F 75 -65.62 52.78 50.52
CA VAL F 75 -64.56 53.67 50.04
C VAL F 75 -65.14 55.08 49.91
N ASN F 76 -64.27 56.08 50.09
CA ASN F 76 -64.71 57.47 49.95
C ASN F 76 -65.03 57.82 48.50
N ARG F 77 -64.19 57.38 47.57
CA ARG F 77 -64.32 57.74 46.15
C ARG F 77 -65.08 56.63 45.43
N VAL F 78 -66.31 56.92 45.03
CA VAL F 78 -67.15 55.97 44.30
C VAL F 78 -67.05 56.27 42.81
N TRP F 79 -66.73 55.26 42.02
CA TRP F 79 -66.66 55.40 40.56
C TRP F 79 -68.04 55.14 39.98
N ASP F 80 -68.54 56.09 39.18
CA ASP F 80 -69.93 56.05 38.76
C ASP F 80 -70.22 54.89 37.80
N GLU F 81 -69.31 54.65 36.85
CA GLU F 81 -69.42 53.60 35.83
C GLU F 81 -70.49 53.93 34.80
N GLU F 82 -71.23 55.02 35.01
CA GLU F 82 -72.24 55.47 34.06
C GLU F 82 -72.01 56.90 33.61
N GLU F 83 -71.81 57.83 34.55
CA GLU F 83 -71.52 59.21 34.20
C GLU F 83 -70.03 59.46 33.96
N HIS F 84 -69.19 58.46 34.21
CA HIS F 84 -67.73 58.61 34.15
C HIS F 84 -67.28 59.79 35.01
N ILE F 85 -67.56 59.67 36.30
CA ILE F 85 -67.23 60.71 37.26
C ILE F 85 -66.99 60.04 38.61
N ASN F 86 -66.27 60.74 39.48
CA ASN F 86 -65.94 60.24 40.80
C ASN F 86 -66.70 61.03 41.86
N ARG F 87 -67.41 60.32 42.73
CA ARG F 87 -68.20 60.93 43.78
C ARG F 87 -67.59 60.63 45.13
N LEU F 88 -67.56 61.65 46.00
CA LEU F 88 -67.03 61.52 47.35
C LEU F 88 -68.18 61.39 48.33
N THR F 89 -68.23 60.27 49.05
CA THR F 89 -69.27 60.08 50.05
C THR F 89 -69.16 61.11 51.16
N SER F 90 -67.95 61.39 51.63
CA SER F 90 -67.73 62.40 52.65
C SER F 90 -66.40 63.09 52.36
N GLU F 91 -66.44 64.42 52.26
CA GLU F 91 -65.23 65.17 51.96
C GLU F 91 -64.21 65.07 53.08
N ASP F 92 -64.66 64.94 54.32
CA ASP F 92 -63.77 64.69 55.45
C ASP F 92 -63.27 63.26 55.36
N PHE F 93 -62.05 63.08 54.86
CA PHE F 93 -61.47 61.74 54.76
C PHE F 93 -61.29 61.15 56.14
N ASP F 94 -61.77 59.91 56.32
CA ASP F 94 -61.73 59.21 57.60
C ASP F 94 -61.09 57.84 57.38
N PRO F 95 -59.77 57.73 57.51
CA PRO F 95 -59.12 56.43 57.31
C PRO F 95 -59.56 55.36 58.29
N GLU F 96 -60.09 55.74 59.45
CA GLU F 96 -60.57 54.76 60.41
C GLU F 96 -61.75 53.95 59.86
N LYS F 97 -62.49 54.48 58.91
CA LYS F 97 -63.69 53.83 58.38
C LYS F 97 -63.53 53.40 56.93
N PHE F 98 -63.14 54.31 56.04
CA PHE F 98 -63.04 53.99 54.62
C PHE F 98 -61.79 53.17 54.34
N TYR F 99 -61.92 52.17 53.47
CA TYR F 99 -60.75 51.40 53.04
C TYR F 99 -59.85 52.24 52.14
N ASP F 100 -60.45 53.05 51.27
CA ASP F 100 -59.67 53.82 50.30
C ASP F 100 -58.75 54.81 51.00
N ASP F 101 -59.28 55.58 51.94
CA ASP F 101 -58.47 56.56 52.65
C ASP F 101 -57.40 55.88 53.49
N ASP F 102 -57.75 54.76 54.13
CA ASP F 102 -56.79 54.05 54.96
C ASP F 102 -55.64 53.50 54.14
N ILE F 103 -55.93 53.04 52.93
CA ILE F 103 -54.93 52.35 52.11
C ILE F 103 -54.13 53.33 51.26
N PHE F 104 -54.80 54.07 50.37
CA PHE F 104 -54.11 54.86 49.35
C PHE F 104 -53.74 56.27 49.81
N GLY F 105 -54.32 56.76 50.89
CA GLY F 105 -54.04 58.11 51.33
C GLY F 105 -54.87 59.15 50.58
N PHE F 106 -54.64 60.41 50.94
CA PHE F 106 -55.39 61.52 50.37
C PHE F 106 -54.60 62.81 50.56
N ALA F 107 -55.04 63.85 49.84
CA ALA F 107 -54.42 65.17 49.94
C ALA F 107 -55.45 66.22 49.56
N LEU F 108 -55.67 67.18 50.46
CA LEU F 108 -56.73 68.17 50.24
C LEU F 108 -56.27 69.31 49.34
N LEU F 109 -55.26 70.06 49.77
CA LEU F 109 -54.81 71.26 49.09
C LEU F 109 -55.97 72.21 48.77
N PRO F 133 -55.54 68.99 56.86
CA PRO F 133 -56.20 67.91 57.59
C PRO F 133 -55.19 66.93 58.20
N ASN F 134 -55.16 65.72 57.64
CA ASN F 134 -54.19 64.71 58.05
C ASN F 134 -53.30 64.25 56.91
N GLN F 135 -53.84 64.16 55.69
CA GLN F 135 -53.09 63.92 54.47
C GLN F 135 -52.56 62.48 54.40
N ARG F 136 -52.70 61.74 55.49
CA ARG F 136 -52.23 60.36 55.60
C ARG F 136 -50.80 60.19 55.10
N MET F 137 -50.43 58.96 54.78
CA MET F 137 -49.14 58.67 54.16
C MET F 137 -49.30 57.64 53.05
N GLY F 138 -50.42 56.92 53.02
CA GLY F 138 -50.60 55.84 52.07
C GLY F 138 -49.94 54.58 52.59
N ALA F 139 -50.69 53.48 52.61
CA ALA F 139 -50.13 52.21 53.04
C ALA F 139 -49.43 51.45 51.93
N LEU F 140 -49.73 51.76 50.67
CA LEU F 140 -49.28 50.98 49.53
C LEU F 140 -48.38 51.84 48.66
N GLY F 141 -47.18 51.34 48.41
CA GLY F 141 -46.24 52.04 47.54
C GLY F 141 -46.02 51.28 46.24
N MET F 142 -46.24 51.94 45.11
CA MET F 142 -46.21 51.29 43.81
C MET F 142 -45.10 51.87 42.95
N ASN F 143 -44.57 51.03 42.07
CA ASN F 143 -43.63 51.43 41.03
C ASN F 143 -44.25 51.20 39.66
N MET F 144 -43.81 51.99 38.69
CA MET F 144 -44.35 51.89 37.34
C MET F 144 -44.05 50.52 36.74
N ALA F 145 -45.06 49.95 36.09
CA ALA F 145 -44.89 48.65 35.45
C ALA F 145 -44.01 48.78 34.21
N VAL F 146 -43.06 47.87 34.06
CA VAL F 146 -42.14 47.89 32.92
C VAL F 146 -42.47 46.69 32.04
N SER F 147 -42.16 46.83 30.75
CA SER F 147 -42.32 45.74 29.82
C SER F 147 -41.08 44.85 29.87
N LEU F 148 -41.30 43.54 30.03
CA LEU F 148 -40.19 42.61 30.13
C LEU F 148 -39.43 42.45 28.82
N THR F 149 -39.95 42.99 27.72
CA THR F 149 -39.34 42.89 26.40
C THR F 149 -39.29 44.27 25.76
N PRO F 150 -38.20 44.58 25.05
CA PRO F 150 -38.13 45.87 24.35
C PRO F 150 -39.22 46.02 23.30
N TYR F 151 -39.63 47.26 23.07
CA TYR F 151 -40.71 47.59 22.16
C TYR F 151 -40.12 48.14 20.86
N ASP F 152 -40.39 47.46 19.74
CA ASP F 152 -39.80 47.89 18.49
C ASP F 152 -40.59 48.99 17.79
N GLY F 153 -41.71 48.65 17.16
CA GLY F 153 -42.65 49.68 16.73
C GLY F 153 -44.11 49.39 17.00
N ALA F 154 -44.48 48.11 16.89
CA ALA F 154 -45.80 47.58 17.23
C ALA F 154 -46.97 48.54 16.98
N VAL F 155 -47.14 49.00 15.74
CA VAL F 155 -48.19 49.97 15.43
C VAL F 155 -49.33 49.24 14.71
N LYS F 156 -50.51 49.86 14.72
CA LYS F 156 -51.72 49.27 14.16
C LYS F 156 -52.56 50.34 13.49
N LEU F 157 -53.16 50.00 12.35
CA LEU F 157 -54.02 50.92 11.62
C LEU F 157 -55.39 51.03 12.29
N GLY F 158 -56.14 52.05 11.87
CA GLY F 158 -57.52 52.22 12.29
C GLY F 158 -58.30 53.07 11.30
N ALA F 159 -59.46 52.57 10.87
CA ALA F 159 -60.29 53.26 9.91
C ALA F 159 -61.75 53.15 10.34
N LYS F 160 -62.59 54.04 9.81
CA LYS F 160 -63.99 54.11 10.21
C LYS F 160 -64.87 53.79 8.99
N SER F 161 -65.27 52.52 8.91
CA SER F 161 -66.22 52.01 7.90
C SER F 161 -65.76 52.46 6.52
N GLY F 162 -66.62 53.00 5.68
CA GLY F 162 -66.23 53.46 4.36
C GLY F 162 -67.03 54.68 3.95
N ARG F 163 -66.46 55.45 3.02
CA ARG F 163 -67.08 56.64 2.44
C ARG F 163 -67.30 57.74 3.47
N GLU F 164 -67.54 58.96 2.98
CA GLU F 164 -67.77 60.14 3.83
C GLU F 164 -66.72 60.24 4.93
N LYS F 165 -65.46 60.26 4.51
CA LYS F 165 -64.35 60.25 5.45
C LYS F 165 -63.96 61.66 5.87
N ASP F 166 -63.77 61.83 7.18
CA ASP F 166 -63.38 63.11 7.74
C ASP F 166 -62.00 62.99 8.39
N SER F 167 -61.60 64.02 9.14
CA SER F 167 -60.30 64.00 9.80
C SER F 167 -60.18 62.89 10.83
N THR F 168 -61.30 62.37 11.32
CA THR F 168 -61.31 61.31 12.32
C THR F 168 -61.31 59.91 11.69
N SER F 169 -61.26 59.82 10.37
CA SER F 169 -61.39 58.52 9.70
C SER F 169 -60.15 57.66 9.90
N LEU F 170 -58.96 58.24 9.75
CA LEU F 170 -57.71 57.49 9.79
C LEU F 170 -56.96 57.78 11.07
N HIS F 171 -56.51 56.71 11.74
CA HIS F 171 -55.76 56.86 12.98
C HIS F 171 -54.94 55.60 13.23
N PHE F 172 -53.97 55.73 14.13
CA PHE F 172 -53.06 54.65 14.45
C PHE F 172 -53.06 54.39 15.96
N THR F 173 -52.77 53.16 16.34
CA THR F 173 -52.67 52.79 17.75
C THR F 173 -51.46 51.89 17.94
N GLU F 174 -50.66 52.19 18.96
CA GLU F 174 -49.49 51.38 19.29
C GLU F 174 -49.87 50.30 20.28
N TYR F 175 -49.35 49.10 20.07
CA TYR F 175 -49.56 47.99 21.00
C TYR F 175 -48.20 47.46 21.45
N HIS F 176 -48.23 46.31 22.13
CA HIS F 176 -47.01 45.67 22.61
C HIS F 176 -47.35 44.27 23.08
N ALA F 177 -46.68 43.26 22.56
CA ALA F 177 -46.96 41.87 22.91
C ALA F 177 -45.85 41.36 23.84
N THR F 178 -46.00 41.68 25.13
CA THR F 178 -45.05 41.27 26.15
C THR F 178 -45.79 40.96 27.44
N ARG F 179 -45.01 40.64 28.47
CA ARG F 179 -45.49 40.54 29.85
C ARG F 179 -44.99 41.74 30.62
N TYR F 180 -45.85 42.30 31.46
CA TYR F 180 -45.50 43.47 32.25
C TYR F 180 -45.13 43.09 33.67
N GLN F 181 -44.23 43.87 34.26
CA GLN F 181 -43.66 43.59 35.57
C GLN F 181 -43.60 44.88 36.37
N TYR F 182 -44.10 44.84 37.61
CA TYR F 182 -44.06 46.00 38.49
C TYR F 182 -43.80 45.54 39.91
N TYR F 183 -43.32 46.49 40.72
CA TYR F 183 -42.90 46.23 42.09
C TYR F 183 -43.72 47.10 43.03
N PHE F 184 -44.21 46.50 44.12
CA PHE F 184 -45.06 47.19 45.06
C PHE F 184 -44.64 46.84 46.48
N GLY F 185 -44.96 47.73 47.43
CA GLY F 185 -44.69 47.49 48.82
C GLY F 185 -45.68 48.15 49.76
N ILE F 186 -46.15 47.41 50.76
CA ILE F 186 -47.06 47.94 51.78
C ILE F 186 -46.38 47.89 53.14
N ASP F 187 -46.52 48.97 53.91
CA ASP F 187 -46.21 48.96 55.32
C ASP F 187 -47.44 48.43 56.05
N ALA F 188 -47.34 47.21 56.57
CA ALA F 188 -48.49 46.59 57.24
C ALA F 188 -48.90 47.36 58.48
N THR F 189 -47.93 47.77 59.30
CA THR F 189 -48.25 48.41 60.57
C THR F 189 -48.94 49.74 60.35
N HIS F 190 -48.63 50.43 59.25
CA HIS F 190 -49.18 51.75 59.02
C HIS F 190 -50.68 51.74 58.72
N LEU F 191 -51.26 50.58 58.44
CA LEU F 191 -52.70 50.50 58.20
C LEU F 191 -53.46 50.78 59.50
N LYS F 192 -54.50 51.61 59.39
CA LYS F 192 -55.33 51.90 60.56
C LYS F 192 -56.02 50.65 61.07
N ASP F 193 -56.55 49.84 60.17
CA ASP F 193 -57.12 48.54 60.50
C ASP F 193 -56.23 47.47 59.89
N PHE F 194 -55.63 46.63 60.74
CA PHE F 194 -54.63 45.68 60.26
C PHE F 194 -55.24 44.63 59.36
N SER F 195 -56.56 44.39 59.49
CA SER F 195 -57.23 43.41 58.64
C SER F 195 -57.35 43.88 57.20
N ARG F 196 -57.05 45.15 56.91
CA ARG F 196 -57.22 45.66 55.57
C ARG F 196 -56.13 45.21 54.61
N ILE F 197 -55.09 44.54 55.11
CA ILE F 197 -54.08 44.00 54.21
C ILE F 197 -54.63 42.84 53.38
N LEU F 198 -55.60 42.09 53.91
CA LEU F 198 -56.16 40.96 53.18
C LEU F 198 -56.85 41.38 51.88
N PRO F 199 -57.74 42.38 51.88
CA PRO F 199 -58.39 42.75 50.61
C PRO F 199 -57.44 43.18 49.52
N MET F 200 -56.32 43.83 49.85
CA MET F 200 -55.40 44.24 48.78
C MET F 200 -54.73 43.03 48.15
N ILE F 201 -54.38 42.03 48.96
CA ILE F 201 -53.82 40.80 48.41
C ILE F 201 -54.84 40.13 47.50
N ASP F 202 -56.10 40.07 47.95
CA ASP F 202 -57.15 39.51 47.12
C ASP F 202 -57.30 40.27 45.81
N GLY F 203 -57.19 41.60 45.86
CA GLY F 203 -57.32 42.40 44.66
C GLY F 203 -56.14 42.29 43.72
N ILE F 204 -54.92 42.22 44.26
CA ILE F 204 -53.75 42.04 43.43
C ILE F 204 -53.80 40.69 42.73
N MET F 205 -54.27 39.66 43.44
CA MET F 205 -54.51 38.38 42.80
C MET F 205 -55.63 38.43 41.77
N ASN F 206 -56.59 39.35 41.93
CA ASN F 206 -57.77 39.42 41.09
C ASN F 206 -57.95 40.84 40.54
N LEU F 207 -56.89 41.39 39.99
CA LEU F 207 -56.90 42.78 39.56
C LEU F 207 -57.88 42.98 38.41
N PRO F 208 -58.78 43.97 38.49
CA PRO F 208 -59.70 44.23 37.38
C PRO F 208 -58.98 44.87 36.21
N LYS F 209 -59.73 45.30 35.21
CA LYS F 209 -59.15 45.95 34.05
C LYS F 209 -58.29 47.14 34.48
N VAL F 210 -57.02 47.11 34.07
CA VAL F 210 -56.14 48.25 34.28
C VAL F 210 -56.38 49.25 33.16
N GLY F 211 -56.51 50.53 33.52
CA GLY F 211 -56.83 51.58 32.58
C GLY F 211 -56.09 51.46 31.26
N GLY F 212 -56.84 51.33 30.18
CA GLY F 212 -56.26 51.14 28.86
C GLY F 212 -57.33 50.81 27.85
N SER F 213 -56.89 50.62 26.61
CA SER F 213 -57.83 50.38 25.52
C SER F 213 -58.35 48.94 25.62
N SER F 214 -59.32 48.76 26.51
CA SER F 214 -59.88 47.43 26.72
C SER F 214 -60.71 46.96 25.53
N ASN F 215 -61.31 47.89 24.79
CA ASN F 215 -62.12 47.53 23.65
C ASN F 215 -61.29 46.86 22.56
N ILE F 216 -60.15 47.46 22.21
CA ILE F 216 -59.32 46.96 21.13
C ILE F 216 -58.27 45.97 21.64
N PHE F 217 -57.63 46.28 22.77
CA PHE F 217 -56.58 45.43 23.34
C PHE F 217 -56.97 45.09 24.77
N ASN F 218 -57.75 44.03 24.94
CA ASN F 218 -58.18 43.60 26.27
C ASN F 218 -57.06 42.81 26.91
N TYR F 219 -56.27 43.49 27.75
CA TYR F 219 -55.12 42.87 28.38
C TYR F 219 -55.47 42.53 29.83
N PRO F 220 -55.55 41.26 30.20
CA PRO F 220 -55.74 40.92 31.62
C PRO F 220 -54.45 41.15 32.40
N PHE F 221 -54.56 41.87 33.51
CA PHE F 221 -53.41 42.18 34.34
C PHE F 221 -53.26 41.20 35.51
N CYS F 222 -53.97 40.08 35.47
CA CYS F 222 -53.78 39.06 36.49
C CYS F 222 -52.36 38.51 36.43
N PRO F 223 -51.74 38.19 37.56
CA PRO F 223 -50.34 37.76 37.56
C PRO F 223 -50.20 36.24 37.45
N ASP F 224 -49.13 35.82 36.79
CA ASP F 224 -48.86 34.40 36.60
C ASP F 224 -47.56 33.93 37.26
N SER F 225 -46.83 34.83 37.92
CA SER F 225 -45.62 34.44 38.64
C SER F 225 -45.34 35.49 39.70
N LEU F 226 -45.27 35.04 40.96
CA LEU F 226 -45.20 35.94 42.10
C LEU F 226 -43.88 35.75 42.83
N VAL F 227 -43.33 36.86 43.34
CA VAL F 227 -42.18 36.84 44.23
C VAL F 227 -42.51 37.78 45.38
N PHE F 228 -42.96 37.22 46.50
CA PHE F 228 -43.37 37.98 47.67
C PHE F 228 -42.40 37.71 48.81
N GLN F 229 -42.13 38.73 49.61
CA GLN F 229 -41.34 38.59 50.83
C GLN F 229 -42.07 39.31 51.95
N TRP F 230 -42.12 38.68 53.12
CA TRP F 230 -42.79 39.22 54.30
C TRP F 230 -41.79 39.22 55.45
N THR F 231 -41.17 40.37 55.68
CA THR F 231 -40.12 40.49 56.70
C THR F 231 -40.46 41.65 57.62
N ASN F 232 -39.68 41.78 58.69
CA ASN F 232 -39.95 42.74 59.74
C ASN F 232 -38.97 43.91 59.75
N HIS F 233 -38.13 44.02 58.72
CA HIS F 233 -37.24 45.17 58.58
C HIS F 233 -37.38 45.72 57.17
N PHE F 234 -37.09 47.02 57.03
CA PHE F 234 -37.38 47.70 55.79
C PHE F 234 -36.55 47.18 54.63
N ALA F 235 -35.38 46.58 54.91
CA ALA F 235 -34.44 46.24 53.85
C ALA F 235 -35.12 45.43 52.76
N SER F 236 -35.31 46.04 51.60
CA SER F 236 -36.24 45.55 50.59
C SER F 236 -35.47 45.28 49.30
N TYR F 237 -34.98 44.06 49.18
CA TYR F 237 -34.57 43.51 47.89
C TYR F 237 -35.82 42.99 47.18
N ILE F 238 -35.65 42.11 46.20
CA ILE F 238 -36.68 41.62 45.29
C ILE F 238 -37.39 42.81 44.65
N SER F 239 -36.59 43.68 44.05
CA SER F 239 -37.03 44.70 43.10
C SER F 239 -37.33 43.99 41.79
N TYR F 240 -37.29 44.69 40.67
CA TYR F 240 -37.72 44.04 39.43
C TYR F 240 -36.76 42.91 39.10
N CYS F 241 -36.90 41.80 39.83
CA CYS F 241 -36.02 40.65 39.64
C CYS F 241 -36.33 39.94 38.33
N PHE F 242 -37.62 39.75 38.02
CA PHE F 242 -38.02 39.08 36.79
C PHE F 242 -37.38 39.77 35.60
N GLU F 243 -36.47 39.05 34.93
CA GLU F 243 -35.79 39.59 33.77
C GLU F 243 -35.39 38.43 32.88
N TYR F 244 -35.76 38.50 31.61
CA TYR F 244 -35.47 37.46 30.64
C TYR F 244 -34.91 37.96 29.33
N CYS F 245 -35.19 39.21 28.94
CA CYS F 245 -34.72 39.78 27.68
C CYS F 245 -35.05 38.86 26.52
N ASP F 246 -34.08 38.04 26.08
CA ASP F 246 -34.20 37.06 25.01
C ASP F 246 -35.04 37.62 23.86
N PRO F 247 -34.72 38.83 23.38
CA PRO F 247 -35.68 39.67 22.65
C PRO F 247 -37.12 39.18 22.63
N LYS F 248 -37.65 38.87 21.46
CA LYS F 248 -39.07 38.62 21.29
C LYS F 248 -39.37 37.17 21.65
N SER F 249 -39.78 36.96 22.89
CA SER F 249 -40.15 35.63 23.38
C SER F 249 -41.13 35.79 24.55
N LYS F 250 -41.41 34.69 25.25
CA LYS F 250 -42.24 34.74 26.44
C LYS F 250 -41.73 33.80 27.53
N GLU F 251 -40.44 33.50 27.52
CA GLU F 251 -39.90 32.52 28.47
C GLU F 251 -39.97 33.05 29.89
N ALA F 252 -39.56 34.30 30.11
CA ALA F 252 -39.64 34.96 31.41
C ALA F 252 -38.89 34.18 32.49
N LYS F 253 -37.58 34.07 32.30
CA LYS F 253 -36.74 33.48 33.34
C LYS F 253 -36.61 34.47 34.50
N LEU F 254 -36.35 33.91 35.69
CA LEU F 254 -36.36 34.72 36.89
C LEU F 254 -35.30 35.82 36.88
N SER F 255 -34.03 35.43 37.03
CA SER F 255 -32.91 36.36 37.02
C SER F 255 -31.61 35.61 37.26
N GLN F 256 -30.48 36.32 37.19
CA GLN F 256 -29.23 35.83 37.73
C GLN F 256 -28.85 36.51 39.04
N GLU F 257 -29.11 37.81 39.16
CA GLU F 257 -28.70 38.54 40.37
C GLU F 257 -29.57 38.17 41.57
N PHE F 258 -30.88 38.01 41.37
CA PHE F 258 -31.73 37.62 42.50
C PHE F 258 -31.40 36.23 43.00
N ILE F 259 -31.15 35.30 42.07
CA ILE F 259 -30.75 33.97 42.49
C ILE F 259 -29.49 34.11 43.33
N ASP F 260 -28.53 34.86 42.80
CA ASP F 260 -27.29 35.09 43.54
C ASP F 260 -27.61 35.58 44.93
N GLU F 261 -28.34 36.69 45.01
CA GLU F 261 -28.71 37.25 46.30
C GLU F 261 -29.22 36.16 47.23
N VAL F 262 -29.99 35.23 46.68
CA VAL F 262 -30.54 34.14 47.49
C VAL F 262 -29.43 33.20 47.93
N GLU F 263 -28.52 32.86 47.01
CA GLU F 263 -27.42 31.95 47.33
C GLU F 263 -26.51 32.53 48.41
N CYS F 264 -26.23 33.84 48.33
CA CYS F 264 -25.19 34.42 49.16
C CYS F 264 -25.49 34.29 50.65
N GLY F 265 -26.77 34.44 51.03
CA GLY F 265 -27.13 34.30 52.43
C GLY F 265 -28.16 35.30 52.91
N GLN F 266 -28.20 36.48 52.32
CA GLN F 266 -29.26 37.42 52.63
C GLN F 266 -30.54 37.02 51.90
N ILE F 267 -31.61 37.75 52.17
CA ILE F 267 -32.95 37.40 51.69
C ILE F 267 -33.20 35.95 52.06
N ASP F 268 -33.31 35.67 53.36
CA ASP F 268 -33.41 34.30 53.82
C ASP F 268 -34.67 33.64 53.24
N PRO F 269 -34.54 32.39 52.78
CA PRO F 269 -35.66 31.73 52.09
C PRO F 269 -36.92 31.63 52.94
N SER F 270 -36.80 31.59 54.26
CA SER F 270 -37.98 31.52 55.11
C SER F 270 -38.86 32.75 54.95
N LYS F 271 -38.27 33.88 54.56
CA LYS F 271 -39.02 35.11 54.35
C LYS F 271 -39.46 35.31 52.90
N LEU F 272 -39.15 34.38 52.01
CA LEU F 272 -39.47 34.51 50.60
C LEU F 272 -40.69 33.66 50.23
N TRP F 273 -41.47 34.17 49.28
CA TRP F 273 -42.62 33.46 48.75
C TRP F 273 -42.59 33.56 47.23
N ILE F 274 -42.46 32.42 46.55
CA ILE F 274 -42.42 32.36 45.11
C ILE F 274 -43.53 31.42 44.64
N GLY F 275 -44.34 31.91 43.70
CA GLY F 275 -45.41 31.10 43.16
C GLY F 275 -45.77 31.54 41.75
N GLY F 276 -46.25 30.58 40.97
CA GLY F 276 -46.68 30.83 39.61
C GLY F 276 -46.03 29.90 38.61
N THR F 277 -46.09 30.30 37.34
CA THR F 277 -45.48 29.49 36.29
C THR F 277 -43.97 29.49 36.40
N ILE F 278 -43.40 30.49 37.07
CA ILE F 278 -41.95 30.53 37.27
C ILE F 278 -41.49 29.36 38.13
N VAL F 279 -42.41 28.77 38.90
CA VAL F 279 -42.06 27.61 39.71
C VAL F 279 -41.65 26.45 38.81
N LYS F 280 -42.35 26.28 37.68
CA LYS F 280 -42.01 25.19 36.76
C LYS F 280 -40.59 25.33 36.24
N ASP F 281 -40.19 26.55 35.88
CA ASP F 281 -38.81 26.77 35.45
C ASP F 281 -37.83 26.56 36.60
N LEU F 282 -38.19 27.01 37.80
CA LEU F 282 -37.30 26.89 38.94
C LEU F 282 -37.01 25.44 39.30
N GLN F 283 -38.04 24.60 39.32
CA GLN F 283 -37.87 23.19 39.68
C GLN F 283 -37.03 22.41 38.68
N GLN F 284 -36.82 22.93 37.47
CA GLN F 284 -36.01 22.25 36.47
C GLN F 284 -34.55 22.67 36.50
N LEU F 285 -34.18 23.63 37.35
CA LEU F 285 -32.78 24.01 37.46
C LEU F 285 -31.97 22.91 38.12
N ASP F 286 -30.73 22.75 37.68
CA ASP F 286 -29.85 21.75 38.28
C ASP F 286 -29.40 22.21 39.67
N ASN F 287 -29.16 21.22 40.54
CA ASN F 287 -28.77 21.44 41.93
C ASN F 287 -29.79 22.25 42.70
N PHE F 288 -31.05 22.24 42.24
CA PHE F 288 -32.10 22.98 42.94
C PHE F 288 -32.39 22.37 44.31
N GLU F 289 -32.22 21.05 44.45
CA GLU F 289 -32.46 20.39 45.73
C GLU F 289 -31.49 20.85 46.81
N SER F 290 -30.24 21.15 46.45
CA SER F 290 -29.24 21.60 47.41
C SER F 290 -29.16 23.11 47.55
N SER F 291 -29.72 23.87 46.60
CA SER F 291 -29.66 25.31 46.67
C SER F 291 -30.54 25.83 47.81
N PRO F 292 -30.14 26.95 48.43
CA PRO F 292 -30.99 27.54 49.48
C PRO F 292 -32.36 27.96 48.97
N LEU F 293 -32.50 28.22 47.68
CA LEU F 293 -33.80 28.59 47.12
C LEU F 293 -34.83 27.48 47.31
N ASN F 294 -34.40 26.24 47.53
CA ASN F 294 -35.33 25.13 47.70
C ASN F 294 -36.17 25.29 48.97
N LYS F 295 -35.54 25.69 50.07
CA LYS F 295 -36.22 25.75 51.36
C LYS F 295 -37.09 27.00 51.51
N ALA F 296 -37.28 27.76 50.44
CA ALA F 296 -38.22 28.87 50.43
C ALA F 296 -39.62 28.35 50.16
N HIS F 297 -40.62 29.16 50.49
CA HIS F 297 -42.00 28.78 50.26
C HIS F 297 -42.30 28.81 48.77
N ILE F 298 -42.34 27.64 48.14
CA ILE F 298 -42.55 27.51 46.71
C ILE F 298 -43.84 26.75 46.49
N TYR F 299 -44.80 27.36 45.81
CA TYR F 299 -46.04 26.70 45.41
C TYR F 299 -46.31 26.99 43.95
N ARG F 300 -46.46 25.94 43.15
CA ARG F 300 -46.77 26.13 41.74
C ARG F 300 -48.13 26.80 41.56
N ASN F 301 -49.12 26.39 42.34
CA ASN F 301 -50.41 27.04 42.32
C ASN F 301 -50.36 28.36 43.09
N ARG F 302 -50.92 29.41 42.49
CA ARG F 302 -50.90 30.72 43.12
C ARG F 302 -51.84 30.77 44.32
N ASN F 303 -52.98 30.08 44.24
CA ASN F 303 -53.96 30.14 45.33
C ASN F 303 -53.41 29.54 46.61
N GLU F 304 -52.69 28.43 46.51
CA GLU F 304 -52.11 27.81 47.71
C GLU F 304 -51.10 28.73 48.38
N MET F 305 -50.22 29.34 47.59
CA MET F 305 -49.23 30.25 48.15
C MET F 305 -49.89 31.46 48.78
N ILE F 306 -50.94 31.98 48.13
CA ILE F 306 -51.64 33.13 48.68
C ILE F 306 -52.33 32.78 49.99
N GLU F 307 -52.94 31.59 50.05
CA GLU F 307 -53.58 31.14 51.30
C GLU F 307 -52.54 31.01 52.41
N ALA F 308 -51.39 30.43 52.10
CA ALA F 308 -50.34 30.29 53.11
C ALA F 308 -49.83 31.64 53.59
N LEU F 309 -49.64 32.58 52.66
CA LEU F 309 -49.19 33.91 53.04
C LEU F 309 -50.24 34.62 53.89
N LYS F 310 -51.51 34.46 53.54
CA LYS F 310 -52.58 35.04 54.34
C LYS F 310 -52.60 34.45 55.75
N THR F 311 -52.41 33.14 55.87
CA THR F 311 -52.35 32.51 57.19
C THR F 311 -51.19 33.06 58.00
N VAL F 312 -50.02 33.20 57.36
CA VAL F 312 -48.85 33.71 58.06
C VAL F 312 -49.08 35.15 58.53
N ILE F 313 -49.64 35.98 57.65
CA ILE F 313 -49.89 37.38 58.00
C ILE F 313 -50.89 37.48 59.15
N LYS F 314 -51.98 36.69 59.08
CA LYS F 314 -52.98 36.73 60.14
C LYS F 314 -52.39 36.25 61.47
N ARG F 315 -51.55 35.22 61.43
CA ARG F 315 -50.89 34.77 62.66
C ARG F 315 -49.97 35.83 63.23
N ASP F 316 -49.20 36.48 62.37
CA ASP F 316 -48.21 37.46 62.84
C ASP F 316 -48.85 38.73 63.35
N LEU F 317 -49.92 39.21 62.73
CA LEU F 317 -50.54 40.47 63.11
C LEU F 317 -51.66 40.30 64.13
N GLY F 318 -51.94 39.08 64.56
CA GLY F 318 -52.94 38.86 65.59
C GLY F 318 -54.37 39.06 65.14
N LEU F 319 -54.64 38.95 63.85
CA LEU F 319 -56.01 39.11 63.34
C LEU F 319 -56.87 37.91 63.72
N PRO G 12 -7.09 57.20 70.19
CA PRO G 12 -6.75 57.62 68.83
C PRO G 12 -7.87 58.41 68.17
N ASN G 13 -7.85 58.49 66.84
CA ASN G 13 -8.84 59.25 66.07
C ASN G 13 -9.29 58.36 64.90
N TYR G 14 -10.33 57.58 65.12
CA TYR G 14 -10.87 56.71 64.08
C TYR G 14 -12.06 57.36 63.39
N TYR G 15 -12.15 57.17 62.09
CA TYR G 15 -13.26 57.67 61.29
C TYR G 15 -13.76 56.58 60.35
N LEU G 16 -15.01 56.71 59.91
CA LEU G 16 -15.62 55.76 59.00
C LEU G 16 -16.12 56.50 57.78
N TYR G 17 -15.64 56.10 56.61
CA TYR G 17 -16.06 56.67 55.34
C TYR G 17 -16.57 55.57 54.42
N GLY G 18 -17.55 55.92 53.59
CA GLY G 18 -18.12 54.94 52.69
C GLY G 18 -18.83 55.58 51.52
N THR G 19 -18.81 54.87 50.39
CA THR G 19 -19.60 55.24 49.23
C THR G 19 -20.55 54.08 48.95
N VAL G 20 -21.83 54.38 48.85
CA VAL G 20 -22.87 53.36 48.77
C VAL G 20 -23.59 53.47 47.43
N LEU G 21 -23.93 52.33 46.87
CA LEU G 21 -24.69 52.25 45.63
C LEU G 21 -26.00 51.52 45.89
N THR G 22 -27.07 52.02 45.28
CA THR G 22 -28.40 51.47 45.49
C THR G 22 -28.78 50.56 44.32
N ARG G 23 -29.92 49.90 44.45
CA ARG G 23 -30.40 49.03 43.39
C ARG G 23 -30.88 49.85 42.20
N TYR G 24 -31.34 49.14 41.18
CA TYR G 24 -31.86 49.78 39.97
C TYR G 24 -33.38 49.86 40.02
N GLY G 25 -33.90 51.04 39.75
CA GLY G 25 -35.34 51.24 39.74
C GLY G 25 -35.68 52.65 39.33
N LEU G 26 -36.97 52.88 39.19
CA LEU G 26 -37.49 54.19 38.81
C LEU G 26 -37.58 55.06 40.06
N ALA G 27 -37.01 56.26 40.00
CA ALA G 27 -36.94 57.14 41.16
C ALA G 27 -37.34 58.56 40.76
N SER G 28 -38.13 59.19 41.64
CA SER G 28 -38.51 60.59 41.51
C SER G 28 -38.45 61.27 42.87
N LEU G 29 -37.36 61.01 43.61
CA LEU G 29 -37.30 61.26 45.04
C LEU G 29 -37.04 62.73 45.39
N ASN G 30 -36.56 63.54 44.44
CA ASN G 30 -36.12 64.88 44.83
C ASN G 30 -36.69 65.96 43.92
N HIS G 31 -38.00 65.96 43.71
CA HIS G 31 -38.67 67.04 43.00
C HIS G 31 -38.21 68.39 43.52
N ASP G 32 -37.73 69.24 42.61
CA ASP G 32 -37.38 70.61 42.96
C ASP G 32 -38.61 71.50 42.72
N ILE G 33 -38.41 72.81 42.75
CA ILE G 33 -39.52 73.74 42.56
C ILE G 33 -40.09 73.53 41.16
N ARG G 34 -41.35 73.08 41.10
CA ARG G 34 -41.96 72.70 39.84
C ARG G 34 -42.30 73.92 39.00
N ARG G 35 -42.33 73.72 37.68
CA ARG G 35 -42.73 74.75 36.73
C ARG G 35 -43.98 74.29 35.99
N GLY G 36 -44.91 75.21 35.77
CA GLY G 36 -46.12 74.92 35.05
C GLY G 36 -46.87 73.70 35.54
N ASN G 37 -46.98 72.69 34.67
CA ASN G 37 -47.68 71.44 35.01
C ASN G 37 -46.73 70.29 35.31
N LYS G 38 -45.45 70.41 34.97
CA LYS G 38 -44.49 69.34 35.12
C LYS G 38 -43.76 69.49 36.45
N THR G 39 -43.63 68.38 37.18
CA THR G 39 -42.92 68.38 38.45
C THR G 39 -41.49 67.93 38.20
N ILE G 40 -40.60 68.91 38.01
CA ILE G 40 -39.20 68.61 37.72
C ILE G 40 -38.53 68.04 38.96
N LEU G 41 -37.81 66.93 38.78
CA LEU G 41 -36.95 66.38 39.82
C LEU G 41 -35.58 67.02 39.69
N GLN G 42 -34.98 67.34 40.83
CA GLN G 42 -33.76 68.14 40.85
C GLN G 42 -32.63 67.42 40.14
N LYS G 43 -31.88 68.17 39.33
CA LYS G 43 -30.80 67.59 38.53
C LYS G 43 -29.71 68.62 38.34
N GLY G 44 -28.52 68.13 38.03
CA GLY G 44 -27.39 69.00 37.78
C GLY G 44 -26.31 68.25 37.04
N TYR G 45 -25.21 68.96 36.77
CA TYR G 45 -24.12 68.37 36.00
C TYR G 45 -23.22 67.52 36.88
N TRP G 46 -22.51 66.60 36.24
CA TRP G 46 -21.63 65.66 36.92
C TRP G 46 -20.63 65.18 35.87
N ASN G 47 -19.92 64.08 36.15
CA ASN G 47 -18.90 63.52 35.27
C ASN G 47 -19.31 63.58 33.80
N ASN G 48 -18.35 63.97 32.96
CA ASN G 48 -18.47 64.06 31.50
C ASN G 48 -19.40 65.18 31.06
N GLY G 49 -19.92 66.00 31.96
CA GLY G 49 -20.77 67.10 31.56
C GLY G 49 -22.22 66.74 31.29
N LYS G 50 -22.62 65.51 31.58
CA LYS G 50 -23.99 65.07 31.36
C LYS G 50 -24.81 65.30 32.62
N ILE G 51 -26.07 65.69 32.44
CA ILE G 51 -26.93 66.01 33.57
C ILE G 51 -27.30 64.75 34.33
N HIS G 52 -27.14 64.79 35.65
CA HIS G 52 -27.50 63.69 36.52
C HIS G 52 -28.53 64.17 37.54
N SER G 53 -29.34 63.23 38.02
CA SER G 53 -30.37 63.53 39.01
C SER G 53 -29.80 63.34 40.41
N PHE G 54 -30.06 64.30 41.29
CA PHE G 54 -29.50 64.32 42.63
C PHE G 54 -30.60 64.12 43.66
N VAL G 55 -30.31 63.30 44.67
CA VAL G 55 -31.15 63.19 45.86
C VAL G 55 -30.37 63.77 47.02
N GLY G 56 -30.96 64.74 47.71
CA GLY G 56 -30.22 65.51 48.69
C GLY G 56 -29.82 64.71 49.91
N SER G 57 -28.71 65.13 50.52
CA SER G 57 -28.22 64.45 51.72
C SER G 57 -29.14 64.67 52.91
N SER G 58 -29.84 65.80 52.97
CA SER G 58 -30.80 66.04 54.05
C SER G 58 -31.87 64.96 54.07
N ALA G 59 -32.24 64.42 52.91
CA ALA G 59 -33.23 63.36 52.86
C ALA G 59 -32.72 62.11 53.56
N ILE G 60 -31.47 61.72 53.29
CA ILE G 60 -30.91 60.54 53.94
C ILE G 60 -30.70 60.79 55.43
N ARG G 61 -30.35 62.03 55.81
CA ARG G 61 -30.25 62.33 57.23
C ARG G 61 -31.60 62.21 57.92
N TRP G 62 -32.67 62.67 57.26
CA TRP G 62 -34.02 62.48 57.79
C TRP G 62 -34.37 61.00 57.89
N ALA G 63 -33.96 60.21 56.88
CA ALA G 63 -34.23 58.77 56.92
C ALA G 63 -33.52 58.10 58.09
N LEU G 64 -32.27 58.49 58.35
CA LEU G 64 -31.55 57.96 59.50
C LEU G 64 -32.21 58.37 60.81
N ARG G 65 -32.66 59.62 60.89
CA ARG G 65 -33.39 60.08 62.07
C ARG G 65 -34.64 59.23 62.28
N PHE G 66 -35.38 58.96 61.20
CA PHE G 66 -36.59 58.15 61.30
C PHE G 66 -36.26 56.72 61.73
N TYR G 67 -35.16 56.16 61.21
CA TYR G 67 -34.74 54.83 61.63
C TYR G 67 -34.44 54.79 63.11
N LEU G 68 -33.70 55.78 63.61
CA LEU G 68 -33.39 55.83 65.04
C LEU G 68 -34.64 56.00 65.88
N GLN G 69 -35.61 56.77 65.38
CA GLN G 69 -36.88 56.92 66.09
C GLN G 69 -37.64 55.60 66.13
N LYS G 70 -37.66 54.87 65.01
CA LYS G 70 -38.46 53.66 64.93
C LYS G 70 -37.85 52.52 65.74
N GLN G 71 -36.52 52.42 65.76
CA GLN G 71 -35.88 51.30 66.45
C GLN G 71 -36.05 51.40 67.96
N GLY G 72 -36.40 52.56 68.48
CA GLY G 72 -36.68 52.70 69.89
C GLY G 72 -35.68 53.54 70.66
N TYR G 73 -34.69 54.09 69.96
CA TYR G 73 -33.73 54.96 70.61
C TYR G 73 -34.38 56.30 70.96
N LEU G 74 -33.69 57.07 71.80
CA LEU G 74 -34.27 58.26 72.42
C LEU G 74 -34.79 59.25 71.39
N VAL G 75 -33.88 59.85 70.63
CA VAL G 75 -34.20 60.76 69.53
C VAL G 75 -34.96 61.98 70.03
N ASN G 76 -34.29 63.13 70.08
CA ASN G 76 -34.92 64.35 70.56
C ASN G 76 -36.10 64.75 69.68
N ARG G 77 -35.95 64.67 68.36
CA ARG G 77 -37.01 65.07 67.43
C ARG G 77 -37.90 63.88 67.14
N VAL G 78 -39.15 63.94 67.58
CA VAL G 78 -40.13 62.89 67.30
C VAL G 78 -40.98 63.33 66.11
N TRP G 79 -41.16 62.41 65.17
CA TRP G 79 -41.88 62.68 63.92
C TRP G 79 -43.23 61.99 64.01
N ASP G 80 -44.29 62.78 64.23
CA ASP G 80 -45.65 62.24 64.29
C ASP G 80 -46.08 61.90 62.88
N GLU G 81 -46.16 60.60 62.59
CA GLU G 81 -46.50 60.16 61.23
C GLU G 81 -47.91 60.59 60.85
N GLU G 82 -48.87 60.45 61.77
CA GLU G 82 -50.25 60.78 61.44
C GLU G 82 -50.45 62.29 61.29
N GLU G 83 -49.83 63.07 62.18
CA GLU G 83 -49.90 64.52 62.07
C GLU G 83 -48.98 65.11 61.02
N HIS G 84 -47.98 64.34 60.56
CA HIS G 84 -46.96 64.83 59.63
C HIS G 84 -46.27 66.06 60.19
N ILE G 85 -46.03 66.06 61.50
CA ILE G 85 -45.42 67.18 62.18
C ILE G 85 -44.24 66.67 63.00
N ASN G 86 -43.33 67.58 63.32
CA ASN G 86 -42.14 67.28 64.10
C ASN G 86 -42.24 67.98 65.45
N ARG G 87 -42.02 67.22 66.52
CA ARG G 87 -42.09 67.73 67.87
C ARG G 87 -40.77 67.49 68.58
N LEU G 88 -40.51 68.33 69.59
CA LEU G 88 -39.28 68.27 70.36
C LEU G 88 -39.60 67.74 71.75
N THR G 89 -38.91 66.65 72.13
CA THR G 89 -39.11 66.09 73.46
C THR G 89 -38.67 67.06 74.54
N SER G 90 -37.55 67.75 74.32
CA SER G 90 -37.06 68.76 75.25
C SER G 90 -36.54 69.94 74.45
N GLU G 91 -36.82 71.15 74.93
CA GLU G 91 -36.40 72.36 74.21
C GLU G 91 -34.89 72.52 74.23
N ASP G 92 -34.22 71.97 75.24
CA ASP G 92 -32.78 72.08 75.34
C ASP G 92 -32.14 70.82 74.77
N PHE G 93 -31.26 71.00 73.78
CA PHE G 93 -30.58 69.87 73.17
C PHE G 93 -29.56 69.29 74.13
N ASP G 94 -29.60 67.96 74.31
CA ASP G 94 -28.69 67.25 75.20
C ASP G 94 -28.04 66.12 74.41
N PRO G 95 -26.89 66.39 73.78
CA PRO G 95 -26.23 65.34 73.01
C PRO G 95 -25.81 64.14 73.83
N GLU G 96 -25.65 64.29 75.15
CA GLU G 96 -25.31 63.16 75.99
C GLU G 96 -26.43 62.12 76.01
N LYS G 97 -27.68 62.57 75.98
CA LYS G 97 -28.83 61.68 76.15
C LYS G 97 -29.51 61.31 74.84
N PHE G 98 -29.53 62.21 73.86
CA PHE G 98 -30.30 62.00 72.64
C PHE G 98 -29.39 61.59 71.49
N TYR G 99 -29.79 60.52 70.78
CA TYR G 99 -28.95 60.01 69.70
C TYR G 99 -28.88 60.98 68.53
N ASP G 100 -30.02 61.56 68.15
CA ASP G 100 -30.02 62.47 67.00
C ASP G 100 -29.22 63.72 67.30
N ASP G 101 -29.35 64.26 68.51
CA ASP G 101 -28.54 65.42 68.89
C ASP G 101 -27.06 65.07 68.93
N ASP G 102 -26.74 63.84 69.33
CA ASP G 102 -25.35 63.39 69.36
C ASP G 102 -24.78 63.31 67.95
N ILE G 103 -25.54 62.75 67.01
CA ILE G 103 -25.00 62.40 65.69
C ILE G 103 -25.18 63.54 64.70
N PHE G 104 -26.43 63.93 64.45
CA PHE G 104 -26.73 64.90 63.40
C PHE G 104 -26.45 66.34 63.81
N GLY G 105 -26.27 66.62 65.09
CA GLY G 105 -26.04 67.98 65.54
C GLY G 105 -27.31 68.78 65.62
N PHE G 106 -27.16 70.05 66.01
CA PHE G 106 -28.31 70.93 66.18
C PHE G 106 -27.86 72.38 66.13
N ALA G 107 -28.81 73.28 65.88
CA ALA G 107 -28.57 74.72 65.92
C ALA G 107 -29.92 75.40 66.15
N LEU G 108 -30.16 75.88 67.37
CA LEU G 108 -31.44 76.45 67.74
C LEU G 108 -31.58 77.92 67.35
N LEU G 109 -30.51 78.70 67.47
CA LEU G 109 -30.52 80.13 67.13
C LEU G 109 -31.62 80.89 67.85
N PRO G 133 -25.05 74.01 75.63
CA PRO G 133 -24.65 75.06 74.69
C PRO G 133 -25.74 75.42 73.70
N ASN G 134 -25.36 75.76 72.47
CA ASN G 134 -26.29 76.14 71.43
C ASN G 134 -26.20 75.27 70.18
N GLN G 135 -25.00 74.83 69.81
CA GLN G 135 -24.80 74.13 68.55
C GLN G 135 -23.77 73.03 68.73
N ARG G 136 -23.87 72.02 67.87
CA ARG G 136 -22.93 70.91 67.85
C ARG G 136 -22.46 70.67 66.43
N MET G 137 -21.19 70.26 66.29
CA MET G 137 -20.61 70.05 64.97
C MET G 137 -21.33 68.93 64.22
N GLY G 138 -21.65 67.84 64.91
CA GLY G 138 -22.32 66.73 64.28
C GLY G 138 -21.36 65.69 63.72
N ALA G 139 -21.46 64.46 64.20
CA ALA G 139 -20.54 63.41 63.78
C ALA G 139 -20.78 63.01 62.33
N LEU G 140 -22.04 62.77 61.96
CA LEU G 140 -22.33 62.29 60.62
C LEU G 140 -22.21 63.41 59.61
N GLY G 141 -21.31 63.23 58.63
CA GLY G 141 -21.19 64.15 57.52
C GLY G 141 -21.47 63.44 56.21
N MET G 142 -22.57 63.78 55.57
CA MET G 142 -23.05 63.07 54.39
C MET G 142 -23.12 64.03 53.20
N ASN G 143 -22.88 63.48 52.01
CA ASN G 143 -22.92 64.23 50.77
C ASN G 143 -24.16 63.81 49.99
N MET G 144 -24.36 64.44 48.84
CA MET G 144 -25.58 64.24 48.06
C MET G 144 -25.57 62.85 47.41
N ALA G 145 -26.75 62.43 46.96
CA ALA G 145 -26.91 61.14 46.30
C ALA G 145 -27.03 61.39 44.80
N VAL G 146 -25.97 61.10 44.05
CA VAL G 146 -25.92 61.34 42.62
C VAL G 146 -26.45 60.12 41.89
N SER G 147 -26.90 60.32 40.66
CA SER G 147 -27.35 59.22 39.82
C SER G 147 -26.19 58.68 39.01
N LEU G 148 -25.98 57.37 39.07
CA LEU G 148 -24.84 56.77 38.37
C LEU G 148 -24.96 56.94 36.87
N THR G 149 -26.18 56.98 36.34
CA THR G 149 -26.47 57.09 34.92
C THR G 149 -27.02 58.47 34.61
N PRO G 150 -26.56 59.10 33.53
CA PRO G 150 -27.05 60.44 33.19
C PRO G 150 -28.55 60.44 32.91
N TYR G 151 -29.17 61.58 33.17
CA TYR G 151 -30.63 61.72 33.07
C TYR G 151 -30.99 62.13 31.65
N ASP G 152 -31.72 61.26 30.95
CA ASP G 152 -32.11 61.56 29.58
C ASP G 152 -33.20 62.62 29.52
N GLY G 153 -34.18 62.53 30.42
CA GLY G 153 -35.29 63.46 30.41
C GLY G 153 -36.64 62.80 30.37
N ALA G 154 -36.70 61.52 30.74
CA ALA G 154 -37.95 60.78 30.71
C ALA G 154 -38.98 61.41 31.64
N VAL G 155 -40.22 61.51 31.15
CA VAL G 155 -41.31 62.11 31.90
C VAL G 155 -42.52 61.18 31.85
N LYS G 156 -43.40 61.34 32.83
CA LYS G 156 -44.60 60.52 32.97
C LYS G 156 -45.82 61.43 33.12
N LEU G 157 -46.87 61.13 32.37
CA LEU G 157 -48.11 61.90 32.43
C LEU G 157 -49.08 61.25 33.41
N GLY G 158 -49.66 62.07 34.28
CA GLY G 158 -50.72 61.62 35.17
C GLY G 158 -51.92 62.53 35.06
N ALA G 159 -53.11 61.93 35.08
CA ALA G 159 -54.34 62.68 34.86
C ALA G 159 -55.42 62.15 35.78
N LYS G 160 -56.23 63.06 36.32
CA LYS G 160 -57.36 62.66 37.14
C LYS G 160 -58.42 62.00 36.29
N SER G 161 -58.98 60.90 36.78
CA SER G 161 -59.97 60.15 36.02
C SER G 161 -61.31 60.86 36.02
N GLY G 162 -62.19 60.40 35.15
CA GLY G 162 -63.53 60.93 35.05
C GLY G 162 -63.66 61.99 33.98
N ARG G 163 -64.86 62.09 33.41
CA ARG G 163 -65.15 63.11 32.41
C ARG G 163 -65.12 64.51 32.99
N GLU G 164 -65.45 64.69 34.26
CA GLU G 164 -65.38 65.98 34.94
C GLU G 164 -63.92 66.35 35.09
N LYS G 165 -63.44 67.29 34.27
CA LYS G 165 -62.04 67.66 34.23
C LYS G 165 -61.89 69.13 34.61
N ASP G 166 -60.93 69.42 35.48
CA ASP G 166 -60.71 70.76 35.97
C ASP G 166 -59.25 71.15 35.73
N SER G 167 -58.81 72.27 36.30
CA SER G 167 -57.43 72.72 36.10
C SER G 167 -56.43 71.70 36.60
N THR G 168 -56.78 70.98 37.68
CA THR G 168 -55.92 69.96 38.25
C THR G 168 -56.12 68.57 37.63
N SER G 169 -56.61 68.52 36.40
CA SER G 169 -56.93 67.23 35.79
C SER G 169 -55.66 66.43 35.48
N LEU G 170 -54.82 66.95 34.58
CA LEU G 170 -53.66 66.23 34.10
C LEU G 170 -52.38 66.91 34.57
N HIS G 171 -51.32 66.11 34.70
CA HIS G 171 -50.04 66.60 35.18
C HIS G 171 -48.93 65.69 34.67
N PHE G 172 -47.71 66.21 34.69
CA PHE G 172 -46.53 65.46 34.27
C PHE G 172 -45.55 65.35 35.44
N THR G 173 -45.07 64.13 35.67
CA THR G 173 -44.09 63.88 36.71
C THR G 173 -42.83 63.30 36.09
N GLU G 174 -41.69 63.93 36.38
CA GLU G 174 -40.41 63.48 35.87
C GLU G 174 -39.88 62.34 36.74
N TYR G 175 -39.30 61.34 36.10
CA TYR G 175 -38.77 60.17 36.78
C TYR G 175 -37.44 59.78 36.16
N HIS G 176 -36.70 58.94 36.88
CA HIS G 176 -35.39 58.50 36.42
C HIS G 176 -35.18 57.06 36.84
N ALA G 177 -34.67 56.24 35.92
CA ALA G 177 -34.37 54.83 36.19
C ALA G 177 -32.86 54.72 36.36
N THR G 178 -32.40 54.70 37.61
CA THR G 178 -30.98 54.81 37.90
C THR G 178 -30.66 54.14 39.23
N ARG G 179 -29.39 53.79 39.39
CA ARG G 179 -28.83 53.48 40.70
C ARG G 179 -28.26 54.77 41.29
N TYR G 180 -28.55 55.00 42.57
CA TYR G 180 -28.12 56.22 43.23
C TYR G 180 -26.93 55.94 44.13
N GLN G 181 -26.02 56.92 44.22
CA GLN G 181 -24.76 56.77 44.91
C GLN G 181 -24.50 58.01 45.75
N TYR G 182 -24.27 57.81 47.05
CA TYR G 182 -23.97 58.93 47.93
C TYR G 182 -22.78 58.59 48.81
N TYR G 183 -22.12 59.63 49.29
CA TYR G 183 -20.92 59.53 50.09
C TYR G 183 -21.17 60.12 51.47
N PHE G 184 -20.69 59.42 52.50
CA PHE G 184 -20.88 59.85 53.87
C PHE G 184 -19.59 59.62 54.66
N GLY G 185 -19.41 60.43 55.70
CA GLY G 185 -18.25 60.31 56.56
C GLY G 185 -18.56 60.69 57.99
N ILE G 186 -18.21 59.83 58.94
CA ILE G 186 -18.51 60.04 60.35
C ILE G 186 -17.22 60.01 61.14
N ASP G 187 -17.23 60.69 62.29
CA ASP G 187 -16.08 60.77 63.18
C ASP G 187 -16.41 60.00 64.45
N ALA G 188 -15.79 58.83 64.62
CA ALA G 188 -16.09 57.99 65.78
C ALA G 188 -15.74 58.70 67.08
N THR G 189 -14.59 59.39 67.12
CA THR G 189 -14.19 60.08 68.34
C THR G 189 -15.17 61.19 68.70
N HIS G 190 -15.72 61.89 67.71
CA HIS G 190 -16.60 63.02 67.98
C HIS G 190 -17.92 62.61 68.64
N LEU G 191 -18.30 61.34 68.53
CA LEU G 191 -19.52 60.88 69.19
C LEU G 191 -19.38 61.00 70.69
N LYS G 192 -20.42 61.55 71.34
CA LYS G 192 -20.40 61.66 72.80
C LYS G 192 -20.40 60.27 73.44
N ASP G 193 -21.18 59.35 72.90
CA ASP G 193 -21.14 57.95 73.28
C ASP G 193 -20.66 57.14 72.08
N PHE G 194 -19.58 56.40 72.26
CA PHE G 194 -18.96 55.70 71.14
C PHE G 194 -19.82 54.54 70.66
N SER G 195 -20.69 54.01 71.53
CA SER G 195 -21.55 52.90 71.13
C SER G 195 -22.62 53.32 70.12
N ARG G 196 -22.79 54.62 69.91
CA ARG G 196 -23.82 55.10 68.98
C ARG G 196 -23.46 54.85 67.53
N ILE G 197 -22.23 54.42 67.24
CA ILE G 197 -21.84 54.17 65.85
C ILE G 197 -22.53 52.92 65.31
N LEU G 198 -22.81 51.95 66.19
CA LEU G 198 -23.47 50.73 65.73
C LEU G 198 -24.86 50.97 65.18
N PRO G 199 -25.77 51.67 65.87
CA PRO G 199 -27.11 51.89 65.29
C PRO G 199 -27.08 52.67 63.99
N MET G 200 -26.13 53.59 63.82
CA MET G 200 -26.04 54.34 62.57
C MET G 200 -25.66 53.44 61.41
N ILE G 201 -24.72 52.50 61.63
CA ILE G 201 -24.37 51.55 60.60
C ILE G 201 -25.56 50.65 60.27
N ASP G 202 -26.25 50.17 61.32
CA ASP G 202 -27.43 49.34 61.10
C ASP G 202 -28.49 50.10 60.30
N GLY G 203 -28.66 51.38 60.59
CA GLY G 203 -29.60 52.19 59.84
C GLY G 203 -29.19 52.40 58.40
N ILE G 204 -27.91 52.61 58.15
CA ILE G 204 -27.44 52.76 56.77
C ILE G 204 -27.71 51.47 55.99
N MET G 205 -27.44 50.32 56.60
CA MET G 205 -27.70 49.06 55.91
C MET G 205 -29.19 48.74 55.85
N ASN G 206 -29.99 49.35 56.73
CA ASN G 206 -31.43 49.12 56.71
C ASN G 206 -32.15 50.46 56.61
N LEU G 207 -31.75 51.27 55.63
CA LEU G 207 -32.28 52.62 55.52
C LEU G 207 -33.77 52.60 55.21
N PRO G 208 -34.61 53.28 56.00
CA PRO G 208 -36.03 53.38 55.64
C PRO G 208 -36.24 54.21 54.40
N LYS G 209 -37.49 54.49 54.06
CA LYS G 209 -37.78 55.23 52.84
C LYS G 209 -37.08 56.58 52.84
N VAL G 210 -36.45 56.90 51.72
CA VAL G 210 -35.88 58.23 51.50
C VAL G 210 -36.95 59.10 50.86
N GLY G 211 -37.12 60.31 51.40
CA GLY G 211 -38.16 61.22 50.95
C GLY G 211 -38.32 61.30 49.45
N GLY G 212 -39.50 60.95 48.95
CA GLY G 212 -39.77 60.94 47.53
C GLY G 212 -41.26 60.82 47.23
N SER G 213 -41.60 60.14 46.15
CA SER G 213 -43.00 59.90 45.78
C SER G 213 -43.22 58.39 45.77
N SER G 214 -43.52 57.83 46.95
CA SER G 214 -43.65 56.39 47.07
C SER G 214 -44.92 55.85 46.45
N ASN G 215 -45.93 56.70 46.23
CA ASN G 215 -47.17 56.24 45.64
C ASN G 215 -46.95 55.69 44.24
N ILE G 216 -46.28 56.48 43.40
CA ILE G 216 -46.11 56.11 42.00
C ILE G 216 -44.67 55.78 41.63
N PHE G 217 -43.68 56.14 42.44
CA PHE G 217 -42.29 55.74 42.23
C PHE G 217 -41.72 55.31 43.58
N ASN G 218 -41.94 54.05 43.95
CA ASN G 218 -41.46 53.52 45.22
C ASN G 218 -40.07 52.96 44.99
N TYR G 219 -39.06 53.77 45.32
CA TYR G 219 -37.68 53.43 45.03
C TYR G 219 -36.98 53.01 46.31
N PRO G 220 -36.63 51.73 46.47
CA PRO G 220 -35.91 51.31 47.67
C PRO G 220 -34.48 51.84 47.66
N PHE G 221 -34.08 52.44 48.78
CA PHE G 221 -32.74 53.00 48.93
C PHE G 221 -31.80 52.06 49.68
N CYS G 222 -32.18 50.80 49.84
CA CYS G 222 -31.36 49.85 50.56
C CYS G 222 -30.04 49.63 49.81
N PRO G 223 -28.91 49.58 50.51
CA PRO G 223 -27.63 49.36 49.83
C PRO G 223 -27.56 48.00 49.18
N ASP G 224 -26.84 47.94 48.06
CA ASP G 224 -26.51 46.68 47.41
C ASP G 224 -25.05 46.57 47.01
N SER G 225 -24.23 47.57 47.32
CA SER G 225 -22.78 47.51 47.10
C SER G 225 -22.12 48.61 47.91
N LEU G 226 -21.24 48.24 48.83
CA LEU G 226 -20.56 49.19 49.70
C LEU G 226 -19.08 49.23 49.41
N VAL G 227 -18.47 50.37 49.72
CA VAL G 227 -17.03 50.53 49.79
C VAL G 227 -16.74 51.32 51.07
N PHE G 228 -16.35 50.61 52.13
CA PHE G 228 -16.20 51.21 53.45
C PHE G 228 -14.73 51.28 53.82
N GLN G 229 -14.34 52.37 54.48
CA GLN G 229 -12.98 52.58 54.94
C GLN G 229 -13.02 52.97 56.42
N TRP G 230 -12.26 52.28 57.24
CA TRP G 230 -12.22 52.49 58.69
C TRP G 230 -10.76 52.66 59.08
N THR G 231 -10.30 53.91 59.10
CA THR G 231 -8.89 54.22 59.29
C THR G 231 -8.72 55.30 60.33
N ASN G 232 -7.47 55.44 60.81
CA ASN G 232 -7.13 56.49 61.76
C ASN G 232 -6.69 57.78 61.08
N HIS G 233 -6.08 57.69 59.91
CA HIS G 233 -5.84 58.87 59.09
C HIS G 233 -7.17 59.36 58.54
N PHE G 234 -7.22 60.65 58.17
CA PHE G 234 -8.47 61.14 57.62
C PHE G 234 -8.58 60.90 56.12
N ALA G 235 -7.47 60.96 55.39
CA ALA G 235 -7.49 60.99 53.94
C ALA G 235 -8.36 59.87 53.37
N SER G 236 -9.30 60.24 52.51
CA SER G 236 -10.29 59.32 51.98
C SER G 236 -10.23 59.33 50.47
N TYR G 237 -10.13 58.16 49.87
CA TYR G 237 -10.03 58.02 48.43
C TYR G 237 -11.05 57.03 47.90
N ILE G 238 -12.24 57.02 48.50
CA ILE G 238 -13.35 56.18 48.11
C ILE G 238 -14.60 56.98 47.77
N SER G 239 -14.47 58.29 47.64
CA SER G 239 -15.62 59.14 47.36
C SER G 239 -16.06 58.98 45.92
N TYR G 240 -17.27 58.48 45.71
CA TYR G 240 -17.85 58.26 44.38
C TYR G 240 -16.93 57.40 43.51
N CYS G 241 -16.71 56.17 43.98
CA CYS G 241 -15.82 55.22 43.33
C CYS G 241 -16.57 54.26 42.40
N PHE G 242 -17.75 54.65 41.92
CA PHE G 242 -18.58 53.81 41.08
C PHE G 242 -18.79 54.48 39.74
N GLU G 243 -18.79 53.67 38.67
CA GLU G 243 -18.95 54.18 37.31
C GLU G 243 -19.77 53.19 36.50
N TYR G 244 -20.42 53.72 35.47
CA TYR G 244 -21.27 52.90 34.60
C TYR G 244 -20.48 52.34 33.44
N CYS G 245 -20.80 51.10 33.05
CA CYS G 245 -20.19 50.51 31.86
C CYS G 245 -20.71 51.14 30.59
N ASP G 246 -22.03 51.35 30.51
CA ASP G 246 -22.68 51.93 29.34
C ASP G 246 -23.58 53.07 29.80
N PRO G 247 -23.72 54.13 29.00
CA PRO G 247 -24.45 55.31 29.46
C PRO G 247 -25.91 55.04 29.83
N LYS G 248 -26.52 53.98 29.31
CA LYS G 248 -27.89 53.62 29.68
C LYS G 248 -27.91 52.12 29.97
N SER G 249 -27.63 51.76 31.22
CA SER G 249 -27.53 50.35 31.58
C SER G 249 -27.49 50.24 33.11
N LYS G 250 -27.84 49.05 33.58
CA LYS G 250 -27.68 48.69 34.99
C LYS G 250 -26.52 47.71 35.08
N GLU G 251 -25.31 48.26 35.13
CA GLU G 251 -24.09 47.46 35.19
C GLU G 251 -23.29 47.73 36.47
N ALA G 252 -22.99 49.00 36.75
CA ALA G 252 -22.43 49.43 38.03
C ALA G 252 -21.10 48.73 38.34
N LYS G 253 -20.11 49.03 37.49
CA LYS G 253 -18.76 48.53 37.72
C LYS G 253 -17.98 49.50 38.60
N LEU G 254 -16.94 48.99 39.23
CA LEU G 254 -16.06 49.82 40.04
C LEU G 254 -15.26 50.76 39.15
N SER G 255 -15.01 51.97 39.66
CA SER G 255 -14.28 52.97 38.88
C SER G 255 -12.82 52.56 38.71
N GLN G 256 -12.23 53.02 37.62
CA GLN G 256 -10.83 52.70 37.34
C GLN G 256 -9.90 53.42 38.31
N GLU G 257 -10.26 54.64 38.71
CA GLU G 257 -9.39 55.41 39.60
C GLU G 257 -9.22 54.73 40.94
N PHE G 258 -10.30 54.20 41.52
CA PHE G 258 -10.21 53.57 42.82
C PHE G 258 -9.33 52.32 42.77
N ILE G 259 -9.54 51.47 41.77
CA ILE G 259 -8.74 50.26 41.64
C ILE G 259 -7.28 50.62 41.39
N ASP G 260 -7.03 51.61 40.54
CA ASP G 260 -5.66 52.03 40.25
C ASP G 260 -4.97 52.57 41.50
N GLU G 261 -5.70 53.35 42.30
CA GLU G 261 -5.12 53.89 43.53
C GLU G 261 -4.84 52.79 44.54
N VAL G 262 -5.69 51.77 44.59
CA VAL G 262 -5.38 50.62 45.46
C VAL G 262 -4.13 49.91 44.94
N GLU G 263 -3.98 49.83 43.63
CA GLU G 263 -2.77 49.22 43.05
C GLU G 263 -1.52 50.00 43.41
N CYS G 264 -1.59 51.34 43.36
CA CYS G 264 -0.38 52.15 43.41
C CYS G 264 0.32 52.06 44.76
N GLY G 265 -0.43 51.91 45.84
CA GLY G 265 0.20 51.74 47.14
C GLY G 265 -0.49 52.39 48.32
N GLN G 266 -1.26 53.45 48.09
CA GLN G 266 -2.01 54.08 49.17
C GLN G 266 -3.25 53.24 49.48
N ILE G 267 -4.13 53.82 50.30
CA ILE G 267 -5.41 53.25 50.72
C ILE G 267 -5.23 51.76 51.05
N ASP G 268 -4.74 51.50 52.25
CA ASP G 268 -4.30 50.17 52.62
C ASP G 268 -5.44 49.16 52.49
N PRO G 269 -5.22 48.03 51.81
CA PRO G 269 -6.30 47.04 51.68
C PRO G 269 -6.81 46.50 53.01
N SER G 270 -5.96 46.46 54.04
CA SER G 270 -6.40 46.00 55.34
C SER G 270 -7.48 46.91 55.93
N LYS G 271 -7.54 48.17 55.53
CA LYS G 271 -8.55 49.10 56.00
C LYS G 271 -9.69 49.25 55.01
N LEU G 272 -9.71 48.47 53.94
CA LEU G 272 -10.75 48.54 52.92
C LEU G 272 -11.84 47.52 53.21
N TRP G 273 -13.08 47.91 52.95
CA TRP G 273 -14.23 47.03 53.16
C TRP G 273 -15.17 47.19 51.98
N ILE G 274 -15.23 46.18 51.12
CA ILE G 274 -16.07 46.19 49.93
C ILE G 274 -17.02 45.00 50.00
N GLY G 275 -18.31 45.28 49.82
CA GLY G 275 -19.30 44.22 49.82
C GLY G 275 -20.46 44.58 48.92
N GLY G 276 -21.16 43.57 48.47
CA GLY G 276 -22.33 43.75 47.63
C GLY G 276 -22.21 43.08 46.27
N THR G 277 -22.94 43.64 45.31
CA THR G 277 -22.99 43.06 43.97
C THR G 277 -21.68 43.28 43.22
N ILE G 278 -20.92 44.31 43.59
CA ILE G 278 -19.66 44.60 42.91
C ILE G 278 -18.62 43.53 43.22
N VAL G 279 -18.86 42.72 44.26
CA VAL G 279 -17.92 41.67 44.62
C VAL G 279 -17.79 40.65 43.49
N LYS G 280 -18.91 40.31 42.87
CA LYS G 280 -18.88 39.38 41.75
C LYS G 280 -18.04 39.92 40.60
N ASP G 281 -18.26 41.20 40.23
CA ASP G 281 -17.50 41.78 39.15
C ASP G 281 -16.01 41.85 39.48
N LEU G 282 -15.68 42.18 40.73
CA LEU G 282 -14.28 42.20 41.15
C LEU G 282 -13.66 40.81 41.06
N GLN G 283 -14.39 39.77 41.48
CA GLN G 283 -13.88 38.41 41.42
C GLN G 283 -13.78 37.86 40.01
N GLN G 284 -14.55 38.41 39.05
CA GLN G 284 -14.44 38.01 37.66
C GLN G 284 -13.36 38.77 36.91
N LEU G 285 -12.69 39.72 37.55
CA LEU G 285 -11.60 40.44 36.91
C LEU G 285 -10.39 39.53 36.72
N ASP G 286 -9.61 39.81 35.68
CA ASP G 286 -8.38 39.08 35.45
C ASP G 286 -7.35 39.42 36.52
N ASN G 287 -6.40 38.51 36.71
CA ASN G 287 -5.29 38.62 37.66
C ASN G 287 -5.73 39.10 39.04
N PHE G 288 -6.97 38.81 39.44
CA PHE G 288 -7.48 39.30 40.71
C PHE G 288 -6.74 38.70 41.89
N GLU G 289 -6.29 37.45 41.78
CA GLU G 289 -5.56 36.80 42.86
C GLU G 289 -4.20 37.41 43.10
N SER G 290 -3.68 38.22 42.18
CA SER G 290 -2.39 38.87 42.35
C SER G 290 -2.50 40.35 42.71
N SER G 291 -3.61 40.99 42.40
CA SER G 291 -3.77 42.41 42.67
C SER G 291 -3.91 42.65 44.18
N PRO G 292 -3.54 43.84 44.65
CA PRO G 292 -3.75 44.17 46.07
C PRO G 292 -5.21 44.14 46.49
N LEU G 293 -6.16 44.22 45.53
CA LEU G 293 -7.57 44.04 45.88
C LEU G 293 -7.84 42.69 46.53
N ASN G 294 -6.99 41.69 46.27
CA ASN G 294 -7.23 40.36 46.82
C ASN G 294 -7.15 40.36 48.34
N LYS G 295 -6.19 41.09 48.91
CA LYS G 295 -5.96 41.09 50.34
C LYS G 295 -6.76 42.16 51.07
N ALA G 296 -7.91 42.55 50.50
CA ALA G 296 -8.82 43.48 51.15
C ALA G 296 -10.09 42.76 51.58
N HIS G 297 -10.76 43.31 52.59
CA HIS G 297 -11.98 42.70 53.10
C HIS G 297 -13.09 42.77 52.07
N ILE G 298 -13.37 41.65 51.40
CA ILE G 298 -14.43 41.58 50.39
C ILE G 298 -15.38 40.46 50.79
N TYR G 299 -16.68 40.76 50.80
CA TYR G 299 -17.69 39.77 51.14
C TYR G 299 -18.85 39.90 50.18
N ARG G 300 -19.27 38.77 49.61
CA ARG G 300 -20.44 38.77 48.74
C ARG G 300 -21.69 39.18 49.51
N ASN G 301 -21.91 38.55 50.67
CA ASN G 301 -23.04 38.91 51.51
C ASN G 301 -22.71 40.18 52.29
N ARG G 302 -23.61 41.17 52.21
CA ARG G 302 -23.36 42.44 52.88
C ARG G 302 -23.45 42.30 54.40
N ASN G 303 -24.32 41.41 54.88
CA ASN G 303 -24.48 41.24 56.32
C ASN G 303 -23.20 40.73 56.96
N GLU G 304 -22.50 39.80 56.29
CA GLU G 304 -21.25 39.28 56.84
C GLU G 304 -20.18 40.37 56.92
N MET G 305 -20.06 41.17 55.87
CA MET G 305 -19.08 42.25 55.88
C MET G 305 -19.42 43.27 56.96
N ILE G 306 -20.71 43.55 57.15
CA ILE G 306 -21.13 44.47 58.20
C ILE G 306 -20.81 43.90 59.57
N GLU G 307 -21.05 42.61 59.77
CA GLU G 307 -20.72 41.99 61.05
C GLU G 307 -19.22 42.07 61.33
N ALA G 308 -18.40 41.80 60.31
CA ALA G 308 -16.95 41.86 60.50
C ALA G 308 -16.50 43.28 60.81
N LEU G 309 -17.03 44.27 60.09
CA LEU G 309 -16.65 45.66 60.34
C LEU G 309 -17.10 46.11 61.72
N LYS G 310 -18.29 45.68 62.15
CA LYS G 310 -18.77 46.02 63.48
C LYS G 310 -17.90 45.38 64.56
N THR G 311 -17.48 44.14 64.35
CA THR G 311 -16.56 43.51 65.31
C THR G 311 -15.25 44.27 65.38
N VAL G 312 -14.72 44.69 64.23
CA VAL G 312 -13.48 45.45 64.20
C VAL G 312 -13.64 46.77 64.95
N ILE G 313 -14.76 47.47 64.71
CA ILE G 313 -15.00 48.75 65.36
C ILE G 313 -15.13 48.58 66.86
N LYS G 314 -15.87 47.56 67.30
CA LYS G 314 -16.05 47.33 68.72
C LYS G 314 -14.73 46.96 69.39
N ARG G 315 -13.86 46.25 68.68
CA ARG G 315 -12.54 45.95 69.21
C ARG G 315 -11.68 47.21 69.29
N ASP G 316 -11.79 48.08 68.30
CA ASP G 316 -10.93 49.26 68.24
C ASP G 316 -11.33 50.30 69.27
N LEU G 317 -12.63 50.49 69.48
CA LEU G 317 -13.10 51.53 70.37
C LEU G 317 -13.42 51.03 71.78
N GLY G 318 -13.07 49.78 72.10
CA GLY G 318 -13.31 49.27 73.44
C GLY G 318 -14.77 49.16 73.80
N LEU G 319 -15.59 48.62 72.90
CA LEU G 319 -17.02 48.45 73.17
C LEU G 319 -17.37 46.98 73.31
N PRO H 12 21.46 79.81 55.04
CA PRO H 12 20.98 79.12 53.84
C PRO H 12 19.47 78.93 53.86
N ASN H 13 18.74 79.85 53.23
CA ASN H 13 17.28 79.78 53.23
C ASN H 13 16.80 78.55 52.48
N TYR H 14 15.78 77.90 53.01
CA TYR H 14 15.14 76.78 52.36
C TYR H 14 13.63 76.97 52.41
N TYR H 15 12.97 76.75 51.27
CA TYR H 15 11.54 76.91 51.16
C TYR H 15 10.92 75.61 50.66
N LEU H 16 9.60 75.50 50.83
CA LEU H 16 8.83 74.37 50.29
C LEU H 16 7.51 74.91 49.77
N TYR H 17 7.41 75.07 48.46
CA TYR H 17 6.18 75.49 47.82
C TYR H 17 5.44 74.28 47.27
N GLY H 18 4.14 74.44 47.07
CA GLY H 18 3.36 73.32 46.58
C GLY H 18 1.98 73.66 46.06
N THR H 19 1.66 73.13 44.89
CA THR H 19 0.34 73.23 44.30
C THR H 19 -0.35 71.88 44.43
N VAL H 20 -1.50 71.86 45.11
CA VAL H 20 -2.18 70.62 45.45
C VAL H 20 -3.60 70.67 44.92
N LEU H 21 -4.01 69.59 44.24
CA LEU H 21 -5.34 69.47 43.67
C LEU H 21 -6.11 68.37 44.39
N THR H 22 -7.32 68.71 44.83
CA THR H 22 -8.16 67.79 45.57
C THR H 22 -8.96 66.92 44.61
N ARG H 23 -9.79 66.06 45.18
CA ARG H 23 -10.59 65.12 44.39
C ARG H 23 -11.80 65.80 43.76
N TYR H 24 -12.62 65.02 43.06
CA TYR H 24 -13.86 65.52 42.48
C TYR H 24 -15.01 65.17 43.41
N GLY H 25 -15.80 66.17 43.76
CA GLY H 25 -16.91 65.94 44.67
C GLY H 25 -17.82 67.15 44.73
N LEU H 26 -18.87 67.02 45.55
CA LEU H 26 -19.85 68.07 45.72
C LEU H 26 -19.51 68.91 46.93
N ALA H 27 -19.33 70.21 46.72
CA ALA H 27 -18.81 71.09 47.76
C ALA H 27 -19.60 72.39 47.83
N SER H 28 -19.87 72.82 49.06
CA SER H 28 -20.43 74.13 49.35
C SER H 28 -19.68 74.75 50.52
N LEU H 29 -18.34 74.73 50.43
CA LEU H 29 -17.52 74.88 51.61
C LEU H 29 -17.70 76.25 52.26
N ASN H 30 -17.25 77.32 51.62
CA ASN H 30 -17.05 78.53 52.38
C ASN H 30 -18.32 79.36 52.52
N HIS H 31 -19.03 79.58 51.41
CA HIS H 31 -20.21 80.45 51.40
C HIS H 31 -19.88 81.90 51.73
N ASP H 32 -20.88 82.75 51.64
CA ASP H 32 -20.76 84.15 52.06
C ASP H 32 -22.13 84.60 52.58
N ILE H 33 -22.31 85.91 52.74
CA ILE H 33 -23.55 86.43 53.31
C ILE H 33 -24.74 86.05 52.42
N ARG H 34 -25.79 85.53 53.05
CA ARG H 34 -26.98 85.10 52.35
C ARG H 34 -27.87 86.27 51.97
N ARG H 35 -28.87 85.99 51.13
CA ARG H 35 -29.82 86.99 50.64
C ARG H 35 -31.26 86.62 51.03
N GLY H 36 -31.46 86.20 52.28
CA GLY H 36 -32.76 85.71 52.69
C GLY H 36 -32.97 84.30 52.18
N ASN H 37 -33.12 84.17 50.87
CA ASN H 37 -32.99 82.87 50.23
C ASN H 37 -31.57 82.70 49.74
N LYS H 38 -31.16 81.44 49.54
CA LYS H 38 -29.86 81.09 48.97
C LYS H 38 -28.72 81.35 49.95
N THR H 39 -27.79 80.43 50.04
CA THR H 39 -26.54 80.63 50.76
C THR H 39 -25.43 80.66 49.71
N ILE H 40 -25.09 81.85 49.25
CA ILE H 40 -24.21 81.98 48.10
C ILE H 40 -22.81 81.51 48.45
N LEU H 41 -22.34 80.48 47.75
CA LEU H 41 -20.92 80.19 47.73
C LEU H 41 -20.19 81.36 47.10
N GLN H 42 -19.18 81.89 47.79
CA GLN H 42 -18.47 83.05 47.27
C GLN H 42 -17.69 82.64 46.02
N LYS H 43 -17.57 83.58 45.10
CA LYS H 43 -16.93 83.28 43.82
C LYS H 43 -16.35 84.57 43.25
N GLY H 44 -15.44 84.40 42.31
CA GLY H 44 -14.80 85.53 41.67
C GLY H 44 -14.18 85.07 40.38
N TYR H 45 -13.65 86.04 39.65
CA TYR H 45 -13.14 85.75 38.32
C TYR H 45 -11.81 85.02 38.41
N TRP H 46 -11.47 84.32 37.33
CA TRP H 46 -10.26 83.51 37.24
C TRP H 46 -9.82 83.55 35.78
N ASN H 47 -9.00 82.59 35.37
CA ASN H 47 -8.51 82.52 34.00
C ASN H 47 -9.66 82.58 33.00
N ASN H 48 -9.49 83.41 31.98
CA ASN H 48 -10.47 83.68 30.92
C ASN H 48 -11.70 84.41 31.42
N GLY H 49 -11.72 84.85 32.67
CA GLY H 49 -12.86 85.58 33.19
C GLY H 49 -14.02 84.73 33.64
N LYS H 50 -13.92 83.41 33.54
CA LYS H 50 -14.98 82.53 34.02
C LYS H 50 -15.02 82.53 35.53
N ILE H 51 -16.23 82.47 36.09
CA ILE H 51 -16.42 82.58 37.53
C ILE H 51 -16.18 81.22 38.17
N HIS H 52 -15.27 81.19 39.14
CA HIS H 52 -14.94 79.98 39.88
C HIS H 52 -15.25 80.17 41.36
N SER H 53 -15.65 79.09 42.02
CA SER H 53 -15.92 79.13 43.44
C SER H 53 -14.61 79.07 44.22
N PHE H 54 -14.51 79.89 45.27
CA PHE H 54 -13.29 80.00 46.06
C PHE H 54 -13.48 79.39 47.44
N VAL H 55 -12.35 79.15 48.10
CA VAL H 55 -12.30 78.79 49.51
C VAL H 55 -11.24 79.66 50.16
N GLY H 56 -11.62 80.39 51.19
CA GLY H 56 -10.73 81.38 51.77
C GLY H 56 -9.45 80.76 52.29
N SER H 57 -8.37 81.55 52.24
CA SER H 57 -7.09 81.10 52.78
C SER H 57 -7.19 80.85 54.28
N SER H 58 -7.87 81.74 54.99
CA SER H 58 -8.06 81.55 56.43
C SER H 58 -8.77 80.24 56.73
N ALA H 59 -9.61 79.75 55.81
CA ALA H 59 -10.25 78.46 56.00
C ALA H 59 -9.22 77.34 56.09
N ILE H 60 -8.29 77.31 55.14
CA ILE H 60 -7.29 76.24 55.14
C ILE H 60 -6.32 76.40 56.30
N ARG H 61 -5.99 77.65 56.65
CA ARG H 61 -5.14 77.85 57.83
C ARG H 61 -5.85 77.37 59.10
N TRP H 62 -7.15 77.61 59.21
CA TRP H 62 -7.92 77.10 60.33
C TRP H 62 -7.93 75.58 60.34
N ALA H 63 -8.03 74.97 59.15
CA ALA H 63 -8.00 73.52 59.07
C ALA H 63 -6.66 72.96 59.56
N LEU H 64 -5.56 73.61 59.18
CA LEU H 64 -4.25 73.17 59.66
C LEU H 64 -4.11 73.38 61.16
N ARG H 65 -4.62 74.50 61.68
CA ARG H 65 -4.59 74.72 63.12
C ARG H 65 -5.37 73.62 63.85
N PHE H 66 -6.54 73.25 63.32
CA PHE H 66 -7.32 72.19 63.93
C PHE H 66 -6.59 70.86 63.85
N TYR H 67 -5.92 70.59 62.73
CA TYR H 67 -5.14 69.35 62.64
C TYR H 67 -4.04 69.33 63.69
N LEU H 68 -3.32 70.45 63.84
CA LEU H 68 -2.23 70.50 64.81
C LEU H 68 -2.75 70.31 66.22
N GLN H 69 -3.91 70.90 66.53
CA GLN H 69 -4.49 70.75 67.86
C GLN H 69 -5.00 69.33 68.09
N LYS H 70 -5.50 68.67 67.05
CA LYS H 70 -6.12 67.37 67.21
C LYS H 70 -5.12 66.28 67.57
N GLN H 71 -3.83 66.45 67.24
CA GLN H 71 -2.82 65.43 67.46
C GLN H 71 -1.66 66.05 68.25
N GLY H 72 -1.82 66.14 69.56
CA GLY H 72 -0.78 66.72 70.40
C GLY H 72 -0.40 68.10 69.92
N TYR H 73 0.91 68.34 69.81
CA TYR H 73 1.46 69.51 69.09
C TYR H 73 0.90 70.80 69.67
N LEU H 74 1.29 71.07 70.93
CA LEU H 74 0.76 72.14 71.76
C LEU H 74 0.40 73.39 70.96
N VAL H 75 -0.83 73.86 71.13
CA VAL H 75 -1.37 75.00 70.40
C VAL H 75 -1.76 76.08 71.39
N ASN H 76 -1.29 77.32 71.14
CA ASN H 76 -1.73 78.44 71.95
C ASN H 76 -3.21 78.76 71.71
N ARG H 77 -3.66 78.70 70.46
CA ARG H 77 -5.01 79.05 70.08
C ARG H 77 -5.84 77.77 70.01
N VAL H 78 -6.28 77.30 71.16
CA VAL H 78 -7.08 76.08 71.24
C VAL H 78 -8.52 76.39 70.83
N TRP H 79 -9.15 75.44 70.13
CA TRP H 79 -10.50 75.60 69.62
C TRP H 79 -11.43 74.73 70.47
N ASP H 80 -12.30 75.38 71.23
CA ASP H 80 -13.28 74.67 72.06
C ASP H 80 -14.40 74.14 71.17
N GLU H 81 -14.38 72.84 70.89
CA GLU H 81 -15.39 72.25 70.02
C GLU H 81 -16.79 72.37 70.62
N GLU H 82 -16.90 72.20 71.94
CA GLU H 82 -18.21 72.27 72.58
C GLU H 82 -18.82 73.66 72.46
N GLU H 83 -18.01 74.71 72.68
CA GLU H 83 -18.51 76.07 72.69
C GLU H 83 -18.39 76.76 71.34
N HIS H 84 -17.71 76.16 70.37
CA HIS H 84 -17.46 76.76 69.06
C HIS H 84 -16.86 78.16 69.22
N ILE H 85 -15.79 78.23 70.02
CA ILE H 85 -15.09 79.47 70.31
C ILE H 85 -13.60 79.18 70.37
N ASN H 86 -12.81 80.24 70.27
CA ASN H 86 -11.34 80.13 70.26
C ASN H 86 -10.81 80.71 71.57
N ARG H 87 -10.31 79.83 72.44
CA ARG H 87 -9.68 80.23 73.69
C ARG H 87 -8.17 80.29 73.50
N LEU H 88 -7.52 81.24 74.16
CA LEU H 88 -6.10 81.47 74.00
C LEU H 88 -5.40 81.18 75.32
N THR H 89 -4.47 80.22 75.30
CA THR H 89 -3.88 79.73 76.55
C THR H 89 -2.96 80.75 77.20
N SER H 90 -2.04 81.33 76.41
CA SER H 90 -1.02 82.24 76.94
C SER H 90 -1.05 83.52 76.13
N GLU H 91 -1.49 84.62 76.76
CA GLU H 91 -1.66 85.88 76.03
C GLU H 91 -0.34 86.39 75.48
N ASP H 92 0.77 86.03 76.09
CA ASP H 92 2.09 86.34 75.57
C ASP H 92 2.51 85.18 74.67
N PHE H 93 2.44 85.40 73.36
CA PHE H 93 2.74 84.34 72.41
C PHE H 93 4.20 83.91 72.51
N ASP H 94 4.43 82.60 72.48
CA ASP H 94 5.76 82.01 72.61
C ASP H 94 5.98 81.07 71.44
N PRO H 95 6.49 81.59 70.32
CA PRO H 95 6.71 80.73 69.15
C PRO H 95 7.69 79.59 69.39
N GLU H 96 8.62 79.75 70.33
CA GLU H 96 9.57 78.68 70.63
C GLU H 96 8.89 77.46 71.23
N LYS H 97 7.67 77.60 71.74
CA LYS H 97 6.95 76.50 72.36
C LYS H 97 5.71 76.09 71.59
N PHE H 98 4.83 77.04 71.26
CA PHE H 98 3.58 76.74 70.59
C PHE H 98 3.80 76.56 69.08
N TYR H 99 3.27 75.47 68.54
CA TYR H 99 3.42 75.20 67.12
C TYR H 99 2.71 76.25 66.28
N ASP H 100 1.50 76.66 66.70
CA ASP H 100 0.71 77.60 65.91
C ASP H 100 1.38 78.96 65.82
N ASP H 101 1.94 79.46 66.92
CA ASP H 101 2.67 80.73 66.84
C ASP H 101 3.96 80.58 66.04
N ASP H 102 4.55 79.39 66.04
CA ASP H 102 5.74 79.16 65.24
C ASP H 102 5.41 79.21 63.75
N ILE H 103 4.30 78.61 63.35
CA ILE H 103 3.97 78.48 61.93
C ILE H 103 3.13 79.66 61.46
N PHE H 104 1.89 79.76 61.94
CA PHE H 104 0.95 80.77 61.47
C PHE H 104 1.24 82.15 62.03
N GLY H 105 2.11 82.26 63.02
CA GLY H 105 2.43 83.55 63.59
C GLY H 105 1.33 84.07 64.51
N PHE H 106 1.44 85.36 64.83
CA PHE H 106 0.48 86.02 65.69
C PHE H 106 0.57 87.52 65.46
N ALA H 107 -0.34 88.25 66.08
CA ALA H 107 -0.35 89.71 66.01
C ALA H 107 -0.73 90.27 67.37
N LEU H 108 -0.25 91.47 67.65
CA LEU H 108 -0.51 92.13 68.92
C LEU H 108 -0.56 93.63 68.69
N LEU H 109 -0.89 94.35 69.76
CA LEU H 109 -1.00 95.80 69.70
C LEU H 109 0.35 96.45 69.49
N PRO H 133 7.97 88.87 70.49
CA PRO H 133 7.79 90.23 71.01
C PRO H 133 6.50 90.87 70.51
N ASN H 134 6.63 91.93 69.71
CA ASN H 134 5.45 92.65 69.23
C ASN H 134 4.62 91.78 68.29
N GLN H 135 5.26 91.18 67.30
CA GLN H 135 4.55 90.39 66.30
C GLN H 135 5.50 89.37 65.71
N ARG H 136 4.95 88.48 64.90
CA ARG H 136 5.75 87.46 64.20
C ARG H 136 5.03 87.08 62.93
N MET H 137 5.66 87.34 61.78
CA MET H 137 5.07 86.96 60.51
C MET H 137 4.93 85.45 60.44
N GLY H 138 3.77 84.97 60.01
CA GLY H 138 3.56 83.54 59.89
C GLY H 138 4.52 82.92 58.90
N ALA H 139 5.06 81.77 59.27
CA ALA H 139 5.97 81.02 58.41
C ALA H 139 5.25 80.22 57.35
N LEU H 140 3.95 80.46 57.17
CA LEU H 140 3.15 79.73 56.18
C LEU H 140 2.29 80.74 55.45
N GLY H 141 2.30 80.66 54.12
CA GLY H 141 1.43 81.48 53.31
C GLY H 141 0.77 80.68 52.21
N MET H 142 -0.56 80.66 52.18
CA MET H 142 -1.31 79.90 51.18
C MET H 142 -2.37 80.77 50.56
N ASN H 143 -2.49 80.71 49.23
CA ASN H 143 -3.55 81.38 48.52
C ASN H 143 -4.89 80.70 48.80
N MET H 144 -5.97 81.34 48.34
CA MET H 144 -7.29 80.77 48.49
C MET H 144 -7.51 79.68 47.45
N ALA H 145 -8.22 78.63 47.85
CA ALA H 145 -8.48 77.52 46.95
C ALA H 145 -9.40 77.94 45.81
N VAL H 146 -9.20 77.34 44.65
CA VAL H 146 -9.95 77.69 43.45
C VAL H 146 -10.54 76.43 42.84
N SER H 147 -11.83 76.48 42.52
CA SER H 147 -12.47 75.38 41.81
C SER H 147 -11.88 75.26 40.42
N LEU H 148 -11.41 74.06 40.07
CA LEU H 148 -10.72 73.85 38.81
C LEU H 148 -11.63 74.12 37.61
N THR H 149 -12.95 74.01 37.78
CA THR H 149 -13.90 74.20 36.70
C THR H 149 -14.77 75.42 36.97
N PRO H 150 -15.16 76.16 35.94
CA PRO H 150 -15.99 77.35 36.16
C PRO H 150 -17.32 76.99 36.81
N TYR H 151 -17.85 77.94 37.57
CA TYR H 151 -19.07 77.71 38.33
C TYR H 151 -20.30 77.93 37.47
N ASP H 152 -21.22 76.98 37.51
CA ASP H 152 -22.52 77.10 36.88
C ASP H 152 -23.59 77.21 37.96
N GLY H 153 -24.70 77.84 37.63
CA GLY H 153 -25.78 77.99 38.60
C GLY H 153 -26.15 76.66 39.21
N ALA H 154 -25.80 76.46 40.47
CA ALA H 154 -26.12 75.20 41.14
C ALA H 154 -26.51 75.44 42.59
N VAL H 155 -27.78 75.28 42.91
CA VAL H 155 -28.27 75.50 44.27
C VAL H 155 -29.06 74.29 44.75
N LYS H 156 -29.43 74.27 46.02
CA LYS H 156 -30.18 73.14 46.56
C LYS H 156 -31.31 73.58 47.49
N LEU H 157 -32.55 73.30 47.09
CA LEU H 157 -33.69 73.63 47.94
C LEU H 157 -33.72 72.74 49.16
N GLY H 158 -34.13 73.28 50.30
CA GLY H 158 -34.14 72.51 51.52
C GLY H 158 -35.34 72.69 52.43
N ALA H 159 -36.54 72.75 51.87
CA ALA H 159 -37.72 72.84 52.73
C ALA H 159 -37.69 71.74 53.78
N LYS H 160 -37.93 72.13 55.03
CA LYS H 160 -37.85 71.21 56.16
C LYS H 160 -39.16 70.45 56.32
N SER H 161 -39.04 69.16 56.65
CA SER H 161 -40.19 68.28 56.78
C SER H 161 -41.14 68.72 57.87
N GLY H 162 -42.44 68.66 57.62
CA GLY H 162 -43.44 69.03 58.60
C GLY H 162 -44.71 69.52 57.96
N ARG H 163 -45.86 69.15 58.54
CA ARG H 163 -47.13 69.66 58.02
C ARG H 163 -47.20 71.17 58.12
N GLU H 164 -46.78 71.73 59.26
CA GLU H 164 -46.77 73.17 59.44
C GLU H 164 -45.62 73.72 58.60
N LYS H 165 -45.91 74.75 57.80
CA LYS H 165 -44.92 75.36 56.93
C LYS H 165 -44.79 76.83 57.29
N ASP H 166 -43.96 77.10 58.28
CA ASP H 166 -43.68 78.46 58.70
C ASP H 166 -42.42 78.96 57.98
N SER H 167 -41.84 80.06 58.44
CA SER H 167 -40.66 80.62 57.83
C SER H 167 -39.45 79.75 58.16
N THR H 168 -38.25 80.23 57.79
CA THR H 168 -37.01 79.47 57.98
C THR H 168 -37.08 78.12 57.26
N SER H 169 -37.90 78.05 56.22
CA SER H 169 -38.00 76.89 55.36
C SER H 169 -37.76 77.34 53.92
N LEU H 170 -37.61 76.36 53.03
CA LEU H 170 -37.17 76.61 51.65
C LEU H 170 -35.85 77.37 51.64
N HIS H 171 -34.83 76.77 52.24
CA HIS H 171 -33.51 77.35 52.10
C HIS H 171 -32.85 76.80 50.84
N PHE H 172 -31.94 77.59 50.28
CA PHE H 172 -31.26 77.23 49.05
C PHE H 172 -29.76 77.22 49.33
N THR H 173 -29.09 76.13 48.94
CA THR H 173 -27.67 75.96 49.18
C THR H 173 -26.97 75.82 47.83
N GLU H 174 -26.30 76.89 47.41
CA GLU H 174 -25.54 76.84 46.17
C GLU H 174 -24.33 75.92 46.34
N TYR H 175 -24.23 74.93 45.46
CA TYR H 175 -23.19 73.92 45.56
C TYR H 175 -22.40 73.88 44.25
N HIS H 176 -21.33 73.09 44.25
CA HIS H 176 -20.43 73.02 43.11
C HIS H 176 -19.82 71.63 43.04
N ALA H 177 -19.81 71.04 41.85
CA ALA H 177 -19.25 69.71 41.63
C ALA H 177 -17.97 69.87 40.83
N THR H 178 -16.87 70.15 41.53
CA THR H 178 -15.58 70.41 40.89
C THR H 178 -14.48 69.88 41.79
N ARG H 179 -13.23 70.13 41.40
CA ARG H 179 -12.07 69.88 42.23
C ARG H 179 -11.48 71.22 42.65
N TYR H 180 -10.94 71.27 43.86
CA TYR H 180 -10.36 72.49 44.41
C TYR H 180 -8.85 72.37 44.44
N GLN H 181 -8.17 73.42 43.97
CA GLN H 181 -6.72 73.44 43.87
C GLN H 181 -6.21 74.70 44.56
N TYR H 182 -5.30 74.51 45.53
CA TYR H 182 -4.77 75.64 46.30
C TYR H 182 -3.26 75.51 46.39
N TYR H 183 -2.60 76.65 46.61
CA TYR H 183 -1.16 76.76 46.56
C TYR H 183 -0.66 77.33 47.89
N PHE H 184 0.42 76.73 48.40
CA PHE H 184 0.99 77.15 49.68
C PHE H 184 2.50 77.25 49.56
N GLY H 185 3.09 77.99 50.48
CA GLY H 185 4.53 78.11 50.56
C GLY H 185 5.01 78.36 51.97
N ILE H 186 6.04 77.63 52.41
CA ILE H 186 6.59 77.77 53.75
C ILE H 186 8.08 78.04 53.66
N ASP H 187 8.55 79.03 54.40
CA ASP H 187 9.97 79.22 54.62
C ASP H 187 10.38 78.38 55.83
N ALA H 188 10.98 77.21 55.58
CA ALA H 188 11.40 76.35 56.68
C ALA H 188 12.46 77.02 57.55
N THR H 189 13.26 77.91 56.95
CA THR H 189 14.27 78.62 57.71
C THR H 189 13.65 79.52 58.78
N HIS H 190 12.56 80.20 58.44
CA HIS H 190 11.92 81.10 59.38
C HIS H 190 11.35 80.38 60.61
N LEU H 191 11.18 79.06 60.52
CA LEU H 191 10.66 78.32 61.66
C LEU H 191 11.63 78.38 62.83
N LYS H 192 11.08 78.56 64.04
CA LYS H 192 11.91 78.54 65.23
C LYS H 192 12.45 77.14 65.49
N ASP H 193 11.62 76.12 65.27
CA ASP H 193 12.04 74.72 65.36
C ASP H 193 11.97 74.11 63.96
N PHE H 194 13.13 73.71 63.44
CA PHE H 194 13.17 73.23 62.06
C PHE H 194 12.48 71.88 61.90
N SER H 195 12.20 71.19 63.01
CA SER H 195 11.54 69.91 62.94
C SER H 195 10.02 70.05 62.77
N ARG H 196 9.49 71.26 62.81
CA ARG H 196 8.05 71.47 62.70
C ARG H 196 7.56 71.43 61.27
N ILE H 197 8.46 71.33 60.29
CA ILE H 197 8.03 71.23 58.89
C ILE H 197 7.29 69.92 58.65
N LEU H 198 7.75 68.83 59.26
CA LEU H 198 7.15 67.52 59.01
C LEU H 198 5.68 67.44 59.46
N PRO H 199 5.31 67.87 60.67
CA PRO H 199 3.88 67.83 61.03
C PRO H 199 3.01 68.62 60.07
N MET H 200 3.52 69.72 59.53
CA MET H 200 2.75 70.45 58.52
C MET H 200 2.57 69.62 57.27
N ILE H 201 3.59 68.84 56.88
CA ILE H 201 3.46 67.96 55.73
C ILE H 201 2.37 66.92 55.98
N ASP H 202 2.38 66.31 57.17
CA ASP H 202 1.32 65.34 57.48
C ASP H 202 -0.04 66.01 57.50
N GLY H 203 -0.12 67.24 58.00
CA GLY H 203 -1.39 67.95 58.05
C GLY H 203 -1.93 68.29 56.67
N ILE H 204 -1.05 68.76 55.78
CA ILE H 204 -1.49 69.07 54.42
C ILE H 204 -1.88 67.79 53.69
N MET H 205 -1.14 66.71 53.90
CA MET H 205 -1.54 65.43 53.31
C MET H 205 -2.87 64.94 53.90
N ASN H 206 -2.96 64.88 55.22
CA ASN H 206 -4.22 64.52 55.88
C ASN H 206 -4.92 65.78 56.40
N LEU H 207 -5.39 66.61 55.48
CA LEU H 207 -6.14 67.80 55.87
C LEU H 207 -7.50 67.38 56.41
N PRO H 208 -7.81 67.68 57.67
CA PRO H 208 -9.05 67.17 58.26
C PRO H 208 -10.31 67.69 57.60
N LYS H 209 -10.53 69.00 57.63
CA LYS H 209 -11.78 69.53 57.09
C LYS H 209 -11.65 71.02 56.89
N VAL H 210 -11.95 71.49 55.68
CA VAL H 210 -12.14 72.93 55.47
C VAL H 210 -13.55 73.30 55.90
N GLY H 211 -13.66 74.44 56.60
CA GLY H 211 -14.94 74.85 57.14
C GLY H 211 -16.05 74.90 56.10
N GLY H 212 -17.00 73.97 56.20
CA GLY H 212 -18.04 73.90 55.20
C GLY H 212 -19.20 73.08 55.67
N SER H 213 -20.22 73.00 54.82
CA SER H 213 -21.48 72.34 55.16
C SER H 213 -21.25 70.83 55.10
N SER H 214 -20.52 70.33 56.10
CA SER H 214 -20.28 68.90 56.20
C SER H 214 -21.57 68.13 56.40
N ASN H 215 -22.58 68.77 56.99
CA ASN H 215 -23.86 68.10 57.20
C ASN H 215 -24.56 67.80 55.88
N ILE H 216 -24.47 68.73 54.92
CA ILE H 216 -25.12 68.56 53.62
C ILE H 216 -24.12 68.11 52.56
N PHE H 217 -22.92 68.67 52.57
CA PHE H 217 -21.91 68.43 51.53
C PHE H 217 -20.60 68.08 52.21
N ASN H 218 -20.40 66.79 52.49
CA ASN H 218 -19.15 66.32 53.09
C ASN H 218 -18.12 66.19 51.98
N TYR H 219 -17.29 67.21 51.82
CA TYR H 219 -16.30 67.26 50.76
C TYR H 219 -14.92 67.01 51.34
N PRO H 220 -14.30 65.87 51.09
CA PRO H 220 -12.92 65.65 51.56
C PRO H 220 -11.96 66.57 50.84
N PHE H 221 -10.90 66.97 51.55
CA PHE H 221 -9.89 67.86 51.00
C PHE H 221 -8.52 67.24 50.94
N CYS H 222 -8.43 65.91 51.01
CA CYS H 222 -7.13 65.25 50.88
C CYS H 222 -6.60 65.41 49.47
N PRO H 223 -5.29 65.55 49.31
CA PRO H 223 -4.72 65.72 47.97
C PRO H 223 -4.95 64.53 47.07
N ASP H 224 -5.13 64.81 45.78
CA ASP H 224 -5.19 63.78 44.76
C ASP H 224 -4.06 63.89 43.75
N SER H 225 -3.37 65.03 43.68
CA SER H 225 -2.23 65.21 42.80
C SER H 225 -1.42 66.40 43.31
N LEU H 226 -0.13 66.18 43.51
CA LEU H 226 0.73 67.15 44.16
C LEU H 226 1.81 67.64 43.19
N VAL H 227 2.21 68.89 43.38
CA VAL H 227 3.37 69.46 42.71
C VAL H 227 4.15 70.20 43.78
N PHE H 228 5.15 69.55 44.36
CA PHE H 228 5.98 70.13 45.39
C PHE H 228 7.35 70.51 44.83
N GLN H 229 7.97 71.51 45.47
CA GLN H 229 9.32 71.91 45.14
C GLN H 229 10.00 72.40 46.40
N TRP H 230 11.17 71.85 46.69
CA TRP H 230 11.95 72.20 47.88
C TRP H 230 13.25 72.84 47.37
N THR H 231 13.28 74.17 47.37
CA THR H 231 14.40 74.90 46.79
C THR H 231 14.82 76.02 47.72
N ASN H 232 16.08 76.45 47.56
CA ASN H 232 16.57 77.65 48.23
C ASN H 232 16.20 78.92 47.49
N HIS H 233 15.57 78.82 46.32
CA HIS H 233 15.14 79.99 45.58
C HIS H 233 13.84 80.53 46.16
N PHE H 234 13.71 81.86 46.18
CA PHE H 234 12.53 82.49 46.76
C PHE H 234 11.31 82.36 45.86
N ALA H 235 11.49 82.31 44.55
CA ALA H 235 10.38 82.28 43.60
C ALA H 235 10.23 80.88 43.02
N SER H 236 9.02 80.32 43.13
CA SER H 236 8.69 79.03 42.54
C SER H 236 7.55 79.26 41.54
N TYR H 237 7.78 78.90 40.29
CA TYR H 237 6.82 79.15 39.22
C TYR H 237 5.87 77.96 39.03
N ILE H 238 5.30 77.49 40.13
CA ILE H 238 4.42 76.32 40.10
C ILE H 238 3.13 76.61 40.86
N SER H 239 2.77 77.88 40.95
CA SER H 239 1.68 78.29 41.84
C SER H 239 0.37 77.59 41.48
N TYR H 240 -0.04 77.66 40.22
CA TYR H 240 -1.28 77.02 39.78
C TYR H 240 -0.99 76.30 38.46
N CYS H 241 -0.58 75.03 38.59
CA CYS H 241 -0.20 74.23 37.43
C CYS H 241 -1.30 73.28 37.00
N PHE H 242 -2.22 72.91 37.89
CA PHE H 242 -3.36 72.09 37.51
C PHE H 242 -4.43 72.97 36.88
N GLU H 243 -4.75 72.70 35.62
CA GLU H 243 -5.78 73.46 34.92
C GLU H 243 -6.33 72.59 33.80
N TYR H 244 -7.65 72.47 33.75
CA TYR H 244 -8.29 71.73 32.67
C TYR H 244 -9.36 72.53 31.96
N CYS H 245 -10.05 73.43 32.66
CA CYS H 245 -11.27 74.05 32.15
C CYS H 245 -12.19 72.95 31.64
N ASP H 246 -12.56 73.02 30.35
CA ASP H 246 -13.42 72.02 29.72
C ASP H 246 -14.62 71.76 30.62
N PRO H 247 -15.58 72.68 30.65
CA PRO H 247 -16.51 72.75 31.78
C PRO H 247 -17.22 71.42 32.04
N LYS H 248 -17.46 71.15 33.33
CA LYS H 248 -18.10 69.93 33.81
C LYS H 248 -17.32 68.68 33.38
N SER H 249 -16.09 68.59 33.88
CA SER H 249 -15.22 67.46 33.58
C SER H 249 -14.17 67.33 34.68
N LYS H 250 -13.50 66.17 34.71
CA LYS H 250 -12.58 65.85 35.81
C LYS H 250 -11.19 65.43 35.37
N GLU H 251 -10.86 65.54 34.07
CA GLU H 251 -9.56 65.04 33.61
C GLU H 251 -8.41 65.73 34.33
N ALA H 252 -8.49 67.05 34.50
CA ALA H 252 -7.52 67.81 35.29
C ALA H 252 -6.09 67.58 34.81
N LYS H 253 -5.86 67.87 33.53
CA LYS H 253 -4.54 67.77 32.97
C LYS H 253 -3.62 68.85 33.53
N LEU H 254 -2.32 68.61 33.43
CA LEU H 254 -1.35 69.63 33.80
C LEU H 254 -1.38 70.76 32.77
N SER H 255 -1.37 72.00 33.26
CA SER H 255 -1.49 73.15 32.37
C SER H 255 -0.31 73.21 31.41
N GLN H 256 -0.58 73.66 30.19
CA GLN H 256 0.46 73.70 29.16
C GLN H 256 1.58 74.66 29.55
N GLU H 257 1.23 75.79 30.16
CA GLU H 257 2.24 76.79 30.52
C GLU H 257 3.25 76.25 31.51
N PHE H 258 2.81 75.42 32.47
CA PHE H 258 3.74 74.81 33.41
C PHE H 258 4.74 73.91 32.68
N ILE H 259 4.25 73.12 31.72
CA ILE H 259 5.13 72.23 30.96
C ILE H 259 6.11 73.03 30.12
N ASP H 260 5.64 74.12 29.50
CA ASP H 260 6.54 74.97 28.72
C ASP H 260 7.60 75.61 29.61
N GLU H 261 7.21 76.05 30.81
CA GLU H 261 8.17 76.62 31.75
C GLU H 261 9.20 75.58 32.17
N VAL H 262 8.78 74.34 32.38
CA VAL H 262 9.72 73.27 32.70
C VAL H 262 10.68 73.04 31.55
N GLU H 263 10.15 73.00 30.32
CA GLU H 263 11.00 72.75 29.15
C GLU H 263 11.94 73.91 28.87
N CYS H 264 11.60 75.12 29.32
CA CYS H 264 12.40 76.29 28.99
C CYS H 264 13.81 76.19 29.55
N GLY H 265 13.95 75.71 30.78
CA GLY H 265 15.25 75.63 31.41
C GLY H 265 15.21 76.09 32.85
N GLN H 266 14.34 77.04 33.15
CA GLN H 266 14.08 77.45 34.52
C GLN H 266 13.22 76.39 35.22
N ILE H 267 12.80 76.71 36.45
CA ILE H 267 12.02 75.84 37.33
C ILE H 267 12.61 74.44 37.29
N ASP H 268 13.77 74.29 37.93
CA ASP H 268 14.64 73.13 37.73
C ASP H 268 13.92 71.82 38.04
N PRO H 269 13.87 70.88 37.10
CA PRO H 269 13.17 69.61 37.36
C PRO H 269 13.76 68.80 38.51
N SER H 270 15.05 68.99 38.82
CA SER H 270 15.65 68.23 39.92
C SER H 270 14.99 68.55 41.25
N LYS H 271 14.53 69.80 41.42
CA LYS H 271 13.86 70.19 42.64
C LYS H 271 12.37 69.92 42.61
N LEU H 272 11.81 69.53 41.46
CA LEU H 272 10.39 69.25 41.35
C LEU H 272 10.04 67.91 42.01
N TRP H 273 8.81 67.82 42.48
CA TRP H 273 8.27 66.58 43.03
C TRP H 273 6.83 66.47 42.54
N ILE H 274 6.56 65.49 41.69
CA ILE H 274 5.24 65.28 41.09
C ILE H 274 4.68 63.97 41.60
N GLY H 275 3.47 64.02 42.17
CA GLY H 275 2.85 62.83 42.71
C GLY H 275 1.34 62.95 42.66
N GLY H 276 0.69 61.80 42.58
CA GLY H 276 -0.76 61.74 42.51
C GLY H 276 -1.26 61.01 41.28
N THR H 277 -2.52 61.32 40.93
CA THR H 277 -3.14 60.70 39.77
C THR H 277 -2.64 61.33 38.47
N ILE H 278 -2.07 62.53 38.56
CA ILE H 278 -1.55 63.19 37.36
C ILE H 278 -0.34 62.46 36.82
N VAL H 279 0.30 61.63 37.66
CA VAL H 279 1.44 60.83 37.21
C VAL H 279 1.05 59.89 36.09
N LYS H 280 -0.16 59.32 36.16
CA LYS H 280 -0.61 58.43 35.10
C LYS H 280 -0.68 59.17 33.77
N ASP H 281 -1.29 60.35 33.76
CA ASP H 281 -1.38 61.12 32.52
C ASP H 281 -0.01 61.55 32.03
N LEU H 282 0.89 61.90 32.95
CA LEU H 282 2.25 62.25 32.55
C LEU H 282 2.95 61.06 31.91
N GLN H 283 2.80 59.86 32.46
CA GLN H 283 3.41 58.68 31.88
C GLN H 283 2.75 58.25 30.58
N GLN H 284 1.50 58.65 30.35
CA GLN H 284 0.85 58.39 29.07
C GLN H 284 1.17 59.47 28.03
N LEU H 285 1.89 60.52 28.40
CA LEU H 285 2.28 61.54 27.44
C LEU H 285 3.36 61.02 26.52
N ASP H 286 3.26 61.37 25.24
CA ASP H 286 4.27 60.98 24.27
C ASP H 286 5.56 61.75 24.52
N ASN H 287 6.68 61.10 24.23
CA ASN H 287 8.04 61.63 24.39
C ASN H 287 8.37 61.97 25.84
N PHE H 288 7.55 61.55 26.80
CA PHE H 288 7.80 61.89 28.20
C PHE H 288 9.09 61.25 28.71
N GLU H 289 9.47 60.10 28.14
CA GLU H 289 10.71 59.44 28.55
C GLU H 289 11.94 60.27 28.20
N SER H 290 11.82 61.20 27.26
CA SER H 290 12.93 62.06 26.88
C SER H 290 12.75 63.51 27.30
N SER H 291 11.58 63.89 27.79
CA SER H 291 11.35 65.27 28.20
C SER H 291 12.10 65.58 29.49
N PRO H 292 12.46 66.84 29.72
CA PRO H 292 13.09 67.20 31.00
C PRO H 292 12.22 66.90 32.21
N LEU H 293 10.90 66.84 32.03
CA LEU H 293 10.02 66.47 33.14
C LEU H 293 10.25 65.05 33.62
N ASN H 294 10.90 64.21 32.81
CA ASN H 294 11.15 62.84 33.20
C ASN H 294 12.09 62.75 34.41
N LYS H 295 13.12 63.60 34.46
CA LYS H 295 14.13 63.54 35.50
C LYS H 295 13.69 64.26 36.78
N ALA H 296 12.39 64.50 36.95
CA ALA H 296 11.86 65.04 38.19
C ALA H 296 11.37 63.92 39.08
N HIS H 297 11.42 64.14 40.39
CA HIS H 297 10.94 63.14 41.33
C HIS H 297 9.46 62.88 41.11
N ILE H 298 9.15 61.66 40.64
CA ILE H 298 7.82 61.31 40.19
C ILE H 298 7.43 59.98 40.82
N TYR H 299 6.28 59.96 41.51
CA TYR H 299 5.79 58.74 42.14
C TYR H 299 4.27 58.71 42.02
N ARG H 300 3.73 57.55 41.63
CA ARG H 300 2.29 57.37 41.68
C ARG H 300 1.78 57.36 43.12
N ASN H 301 2.49 56.66 44.00
CA ASN H 301 2.08 56.56 45.39
C ASN H 301 2.39 57.87 46.11
N ARG H 302 1.37 58.44 46.77
CA ARG H 302 1.54 59.70 47.48
C ARG H 302 2.46 59.54 48.68
N ASN H 303 2.32 58.43 49.42
CA ASN H 303 3.11 58.24 50.63
C ASN H 303 4.59 58.06 50.30
N GLU H 304 4.91 57.42 49.18
CA GLU H 304 6.30 57.30 48.77
C GLU H 304 6.90 58.67 48.45
N MET H 305 6.13 59.52 47.75
CA MET H 305 6.50 60.92 47.57
C MET H 305 6.79 61.61 48.89
N ILE H 306 5.89 61.46 49.86
CA ILE H 306 6.04 62.16 51.12
C ILE H 306 7.28 61.67 51.86
N GLU H 307 7.50 60.35 51.85
CA GLU H 307 8.69 59.80 52.50
C GLU H 307 9.97 60.32 51.86
N ALA H 308 10.03 60.31 50.53
CA ALA H 308 11.24 60.78 49.85
C ALA H 308 11.50 62.26 50.12
N LEU H 309 10.45 63.08 50.02
CA LEU H 309 10.61 64.51 50.27
C LEU H 309 11.01 64.77 51.71
N LYS H 310 10.42 64.05 52.66
CA LYS H 310 10.77 64.25 54.06
C LYS H 310 12.20 63.82 54.33
N THR H 311 12.65 62.74 53.69
CA THR H 311 14.05 62.34 53.83
C THR H 311 14.98 63.41 53.30
N VAL H 312 14.66 63.99 52.13
CA VAL H 312 15.50 65.03 51.56
C VAL H 312 15.52 66.25 52.49
N ILE H 313 14.35 66.65 52.99
CA ILE H 313 14.26 67.82 53.85
C ILE H 313 15.04 67.61 55.14
N LYS H 314 14.90 66.43 55.75
CA LYS H 314 15.63 66.13 56.97
C LYS H 314 17.14 66.10 56.73
N ARG H 315 17.57 65.55 55.61
CA ARG H 315 19.00 65.53 55.29
C ARG H 315 19.53 66.95 55.11
N ASP H 316 18.77 67.81 54.42
CA ASP H 316 19.25 69.15 54.14
C ASP H 316 19.21 70.05 55.37
N LEU H 317 18.22 69.87 56.25
CA LEU H 317 18.09 70.70 57.44
C LEU H 317 18.80 70.11 58.65
N GLY H 318 19.40 68.93 58.52
CA GLY H 318 20.17 68.36 59.61
C GLY H 318 19.37 67.87 60.79
N LEU H 319 18.12 67.46 60.56
CA LEU H 319 17.30 66.93 61.64
C LEU H 319 17.83 65.58 62.12
N THR I 13 -6.69 138.93 49.44
CA THR I 13 -5.69 138.75 50.49
C THR I 13 -5.13 137.33 50.46
N GLN I 14 -4.25 137.01 51.41
CA GLN I 14 -3.65 135.68 51.45
C GLN I 14 -4.69 134.64 51.84
N PRO I 15 -4.61 133.42 51.30
CA PRO I 15 -5.62 132.41 51.61
C PRO I 15 -5.29 131.66 52.90
N LYS I 16 -6.16 131.81 53.90
CA LYS I 16 -6.02 130.99 55.10
C LYS I 16 -6.48 129.56 54.84
N ILE I 17 -7.41 129.38 53.89
CA ILE I 17 -7.85 128.07 53.43
C ILE I 17 -7.69 128.03 51.91
N SER I 18 -6.89 127.09 51.43
CA SER I 18 -6.65 126.91 50.00
C SER I 18 -7.03 125.49 49.61
N LEU I 19 -7.83 125.37 48.55
CA LEU I 19 -8.33 124.07 48.11
C LEU I 19 -8.35 124.03 46.59
N SER I 20 -7.72 123.02 46.01
CA SER I 20 -7.69 122.83 44.57
C SER I 20 -7.93 121.36 44.24
N LEU I 21 -8.72 121.12 43.18
CA LEU I 21 -8.97 119.76 42.72
C LEU I 21 -7.69 119.12 42.19
N HIS I 22 -6.73 119.91 41.71
CA HIS I 22 -5.51 119.37 41.13
C HIS I 22 -4.53 118.88 42.18
N ALA I 23 -4.80 119.10 43.46
CA ALA I 23 -3.90 118.64 44.52
C ALA I 23 -3.77 117.12 44.50
N ALA I 24 -2.53 116.64 44.66
CA ALA I 24 -2.26 115.21 44.55
C ALA I 24 -2.81 114.41 45.71
N ASP I 25 -2.74 114.93 46.94
CA ASP I 25 -3.13 114.16 48.11
C ASP I 25 -4.62 113.90 48.21
N THR I 26 -5.44 114.61 47.44
CA THR I 26 -6.88 114.47 47.56
C THR I 26 -7.35 113.12 47.02
N THR I 27 -8.45 112.63 47.59
CA THR I 27 -9.14 111.44 47.12
C THR I 27 -10.45 111.84 46.48
N ILE I 28 -11.23 110.82 46.08
CA ILE I 28 -12.53 111.09 45.47
C ILE I 28 -13.46 111.77 46.47
N MET I 29 -13.47 111.30 47.71
CA MET I 29 -14.36 111.88 48.71
C MET I 29 -13.99 113.33 48.99
N HIS I 30 -12.69 113.64 49.01
CA HIS I 30 -12.27 115.03 49.16
C HIS I 30 -12.77 115.89 48.01
N ARG I 31 -12.74 115.36 46.79
CA ARG I 31 -13.23 116.12 45.64
C ARG I 31 -14.73 116.36 45.71
N VAL I 32 -15.51 115.35 46.12
CA VAL I 32 -16.95 115.54 46.21
C VAL I 32 -17.29 116.49 47.36
N GLY I 33 -16.53 116.46 48.45
CA GLY I 33 -16.69 117.46 49.48
C GLY I 33 -16.34 118.86 48.99
N MET I 34 -15.32 118.96 48.13
CA MET I 34 -14.98 120.23 47.52
C MET I 34 -16.12 120.77 46.69
N THR I 35 -16.76 119.88 45.92
CA THR I 35 -17.94 120.26 45.14
C THR I 35 -19.07 120.71 46.05
N GLY I 36 -19.26 120.01 47.18
CA GLY I 36 -20.26 120.44 48.14
C GLY I 36 -19.99 121.83 48.67
N LEU I 37 -18.72 122.11 49.00
CA LEU I 37 -18.34 123.46 49.37
C LEU I 37 -18.70 124.47 48.27
N TYR I 38 -18.37 124.12 47.02
CA TYR I 38 -18.65 125.04 45.91
C TYR I 38 -20.14 125.37 45.83
N MET I 39 -20.99 124.35 45.88
CA MET I 39 -22.42 124.58 45.71
C MET I 39 -23.02 125.30 46.92
N THR I 40 -22.55 124.97 48.14
CA THR I 40 -23.12 125.66 49.30
C THR I 40 -22.72 127.12 49.31
N LEU I 41 -21.49 127.43 48.86
CA LEU I 41 -21.09 128.83 48.78
C LEU I 41 -21.83 129.56 47.66
N LYS I 42 -22.10 128.86 46.56
CA LYS I 42 -22.94 129.45 45.51
C LYS I 42 -24.32 129.80 46.04
N ARG I 43 -24.93 128.88 46.78
CA ARG I 43 -26.25 129.13 47.34
C ARG I 43 -26.20 130.23 48.40
N LEU I 44 -25.07 130.33 49.12
CA LEU I 44 -24.92 131.39 50.11
C LEU I 44 -24.84 132.76 49.45
N GLU I 45 -24.04 132.88 48.38
CA GLU I 45 -23.96 134.17 47.70
C GLU I 45 -25.27 134.49 46.98
N LYS I 46 -26.04 133.46 46.61
CA LYS I 46 -27.41 133.70 46.17
C LYS I 46 -28.26 134.24 47.31
N GLN I 47 -28.04 133.73 48.53
CA GLN I 47 -28.85 134.17 49.67
C GLN I 47 -28.25 135.42 50.31
N TYR I 48 -26.93 135.49 50.43
CA TYR I 48 -26.24 136.64 51.02
C TYR I 48 -25.23 137.19 50.01
N PRO I 49 -25.69 138.00 49.05
CA PRO I 49 -24.66 138.55 48.16
C PRO I 49 -23.78 139.57 48.87
N LEU I 50 -24.30 140.27 49.87
CA LEU I 50 -23.47 141.19 50.63
C LEU I 50 -22.55 140.40 51.54
N SER I 51 -21.27 140.30 51.16
CA SER I 51 -20.31 139.54 51.96
C SER I 51 -20.44 139.84 53.44
N ARG I 52 -20.66 141.10 53.78
CA ARG I 52 -20.85 141.48 55.17
C ARG I 52 -21.72 140.46 55.87
N GLN I 53 -22.91 140.22 55.34
CA GLN I 53 -23.83 139.26 55.94
C GLN I 53 -23.10 138.10 56.59
N ARG I 54 -22.20 137.47 55.84
CA ARG I 54 -21.42 136.38 56.40
C ARG I 54 -20.80 136.79 57.72
N GLY I 55 -21.36 136.30 58.83
CA GLY I 55 -20.80 136.60 60.13
C GLY I 55 -19.30 136.39 60.06
N GLY I 56 -18.51 137.43 60.32
CA GLY I 56 -17.09 137.28 60.17
C GLY I 56 -16.52 137.82 58.87
N HIS I 57 -17.39 138.32 57.97
CA HIS I 57 -16.97 138.89 56.71
C HIS I 57 -16.09 137.92 55.92
N ILE I 58 -16.64 136.74 55.67
CA ILE I 58 -16.02 135.75 54.80
C ILE I 58 -16.14 136.22 53.37
N SER I 59 -15.15 135.91 52.55
CA SER I 59 -15.17 136.20 51.13
C SER I 59 -14.62 135.00 50.38
N TRP I 60 -15.42 134.45 49.46
CA TRP I 60 -15.03 133.28 48.70
C TRP I 60 -14.84 133.64 47.23
N PHE I 61 -13.71 133.22 46.67
CA PHE I 61 -13.46 133.30 45.24
C PHE I 61 -13.58 131.90 44.65
N LEU I 62 -14.47 131.74 43.67
CA LEU I 62 -14.79 130.43 43.11
C LEU I 62 -14.40 130.39 41.65
N THR I 63 -13.72 129.31 41.26
CA THR I 63 -13.33 129.05 39.88
C THR I 63 -13.93 127.71 39.43
N ALA I 64 -13.50 127.25 38.25
CA ALA I 64 -13.98 125.98 37.74
C ALA I 64 -13.55 124.82 38.62
N ASP I 65 -12.32 124.85 39.14
CA ASP I 65 -11.82 123.75 39.96
C ASP I 65 -11.09 124.23 41.22
N THR I 66 -11.30 125.48 41.63
CA THR I 66 -10.65 126.00 42.82
C THR I 66 -11.67 126.76 43.65
N ILE I 67 -11.61 126.57 44.97
CA ILE I 67 -12.41 127.33 45.92
C ILE I 67 -11.45 128.05 46.86
N GLU I 68 -11.68 129.34 47.06
CA GLU I 68 -10.71 130.23 47.67
C GLU I 68 -11.39 131.01 48.78
N LEU I 69 -10.79 131.03 49.97
CA LEU I 69 -11.43 131.59 51.15
C LEU I 69 -10.58 132.66 51.83
N PHE I 70 -11.20 133.79 52.16
CA PHE I 70 -10.62 134.81 53.03
C PHE I 70 -11.70 135.27 54.01
N TRP I 71 -11.31 135.62 55.23
CA TRP I 71 -12.22 136.26 56.17
C TRP I 71 -11.46 137.26 57.05
N GLU I 72 -12.22 137.87 57.96
CA GLU I 72 -11.71 138.90 58.86
C GLU I 72 -11.82 138.42 60.30
N GLY I 73 -10.85 138.81 61.12
CA GLY I 73 -10.89 138.51 62.53
C GLY I 73 -10.52 137.06 62.83
N SER I 74 -10.97 136.60 63.99
CA SER I 74 -10.69 135.23 64.41
C SER I 74 -11.44 134.24 63.54
N ASP I 75 -10.82 133.07 63.30
CA ASP I 75 -11.42 132.07 62.43
C ASP I 75 -12.68 131.47 63.05
N PHE I 76 -12.66 131.24 64.36
CA PHE I 76 -13.70 130.44 65.01
C PHE I 76 -15.09 130.97 64.67
N ILE I 77 -15.29 132.28 64.77
CA ILE I 77 -16.62 132.85 64.51
C ILE I 77 -16.98 132.68 63.04
N ALA I 78 -16.00 132.83 62.15
CA ALA I 78 -16.27 132.70 60.71
C ALA I 78 -16.73 131.29 60.36
N LEU I 79 -15.95 130.28 60.77
CA LEU I 79 -16.35 128.90 60.48
C LEU I 79 -17.61 128.52 61.23
N SER I 80 -17.85 129.10 62.42
CA SER I 80 -19.08 128.83 63.13
C SER I 80 -20.29 129.34 62.35
N TRP I 81 -20.21 130.56 61.83
CA TRP I 81 -21.29 131.09 61.01
C TRP I 81 -21.48 130.25 59.76
N LEU I 82 -20.37 129.88 59.11
CA LEU I 82 -20.44 129.08 57.88
C LEU I 82 -21.13 127.75 58.14
N ILE I 83 -20.75 127.07 59.22
CA ILE I 83 -21.30 125.76 59.53
C ILE I 83 -22.78 125.89 59.92
N ASN I 84 -23.10 126.87 60.76
CA ASN I 84 -24.48 127.02 61.20
C ASN I 84 -25.41 127.34 60.03
N GLU I 85 -24.95 128.18 59.11
CA GLU I 85 -25.77 128.47 57.92
C GLU I 85 -25.83 127.27 56.98
N SER I 86 -24.75 126.51 56.87
CA SER I 86 -24.69 125.42 55.90
C SER I 86 -25.67 124.30 56.27
N PHE I 87 -25.63 123.84 57.51
CA PHE I 87 -26.50 122.76 57.97
C PHE I 87 -27.55 123.32 58.91
N GLN I 88 -28.82 123.00 58.63
CA GLN I 88 -29.94 123.51 59.40
C GLN I 88 -31.02 122.43 59.46
N LEU I 89 -32.00 122.65 60.33
CA LEU I 89 -33.13 121.74 60.48
C LEU I 89 -34.41 122.56 60.44
N ASP I 90 -35.35 122.16 59.59
CA ASP I 90 -36.62 122.86 59.49
C ASP I 90 -37.51 122.49 60.68
N ASP I 91 -38.73 123.06 60.68
CA ASP I 91 -39.67 122.81 61.77
C ASP I 91 -40.08 121.34 61.79
N THR I 92 -40.26 120.73 60.61
CA THR I 92 -40.66 119.33 60.53
C THR I 92 -39.58 118.37 60.98
N GLY I 93 -38.35 118.85 61.19
CA GLY I 93 -37.26 118.00 61.63
C GLY I 93 -36.41 117.44 60.51
N LEU I 94 -36.81 117.63 59.25
CA LEU I 94 -36.02 117.13 58.14
C LEU I 94 -34.74 117.92 57.99
N ILE I 95 -33.77 117.32 57.29
CA ILE I 95 -32.49 117.98 57.04
C ILE I 95 -32.72 119.20 56.17
N HIS I 96 -31.90 120.23 56.36
CA HIS I 96 -31.94 121.45 55.56
C HIS I 96 -30.50 121.80 55.18
N LEU I 97 -30.09 121.38 53.98
CA LEU I 97 -28.78 121.69 53.45
C LEU I 97 -28.95 122.76 52.39
N VAL I 98 -28.36 123.94 52.64
CA VAL I 98 -28.54 125.07 51.73
C VAL I 98 -27.95 124.80 50.35
N GLY I 99 -27.00 123.87 50.25
CA GLY I 99 -26.43 123.55 48.95
C GLY I 99 -27.46 123.04 47.97
N LEU I 100 -28.42 122.27 48.46
CA LEU I 100 -29.51 121.79 47.61
C LEU I 100 -30.70 122.76 47.69
N ASP I 101 -31.37 122.93 46.55
CA ASP I 101 -32.46 123.90 46.43
C ASP I 101 -33.72 123.29 47.02
N ASN I 102 -33.92 123.52 48.33
CA ASN I 102 -35.06 122.95 49.03
C ASN I 102 -36.40 123.54 48.59
N ASP I 103 -36.40 124.75 48.03
CA ASP I 103 -37.67 125.40 47.67
C ASP I 103 -38.42 124.57 46.63
N ARG I 104 -37.74 124.11 45.59
CA ARG I 104 -38.42 123.35 44.54
C ARG I 104 -38.38 121.85 44.83
N ILE I 105 -37.72 121.44 45.91
CA ILE I 105 -37.80 120.06 46.36
C ILE I 105 -39.04 119.89 47.24
N ASP I 106 -39.87 118.91 46.90
CA ASP I 106 -41.09 118.66 47.66
C ASP I 106 -40.74 117.97 48.98
N LEU I 107 -41.78 117.71 49.78
CA LEU I 107 -41.56 117.16 51.11
C LEU I 107 -41.18 115.68 51.05
N ARG I 108 -41.68 114.96 50.05
CA ARG I 108 -41.35 113.54 49.92
C ARG I 108 -39.87 113.36 49.65
N GLN I 109 -39.30 114.14 48.73
CA GLN I 109 -37.87 114.04 48.45
C GLN I 109 -37.04 114.52 49.64
N LYS I 110 -37.55 115.51 50.39
CA LYS I 110 -36.87 115.95 51.60
C LYS I 110 -36.81 114.83 52.63
N ILE I 111 -37.92 114.11 52.82
CA ILE I 111 -37.94 112.96 53.71
C ILE I 111 -36.95 111.91 53.21
N HIS I 112 -36.92 111.68 51.89
CA HIS I 112 -35.99 110.72 51.32
C HIS I 112 -34.55 111.06 51.66
N ILE I 113 -34.13 112.29 51.40
CA ILE I 113 -32.73 112.66 51.61
C ILE I 113 -32.41 112.67 53.10
N HIS I 114 -33.33 113.15 53.94
CA HIS I 114 -33.08 113.17 55.37
C HIS I 114 -32.92 111.76 55.93
N GLU I 115 -33.82 110.85 55.53
CA GLU I 115 -33.71 109.47 55.98
C GLU I 115 -32.40 108.85 55.50
N GLY I 116 -32.02 109.11 54.25
CA GLY I 116 -30.75 108.60 53.76
C GLY I 116 -29.57 109.09 54.58
N ILE I 117 -29.53 110.39 54.86
CA ILE I 117 -28.36 110.95 55.52
C ILE I 117 -28.26 110.45 56.97
N CYS I 118 -29.40 110.30 57.66
CA CYS I 118 -29.30 109.72 59.00
C CYS I 118 -28.97 108.24 58.93
N GLY I 119 -29.32 107.58 57.83
CA GLY I 119 -29.04 106.17 57.71
C GLY I 119 -27.63 105.81 57.27
N VAL I 120 -26.90 106.74 56.66
CA VAL I 120 -25.54 106.48 56.19
C VAL I 120 -24.51 107.32 56.93
N PHE I 121 -24.74 108.63 57.06
CA PHE I 121 -23.76 109.48 57.74
C PHE I 121 -23.99 109.47 59.25
N LEU I 122 -25.15 109.91 59.70
CA LEU I 122 -25.47 109.93 61.12
C LEU I 122 -26.02 108.59 61.60
N ARG I 123 -25.27 107.52 61.30
CA ARG I 123 -25.71 106.19 61.68
C ARG I 123 -25.65 105.98 63.19
N LEU I 124 -24.88 106.80 63.90
CA LEU I 124 -24.68 106.64 65.33
C LEU I 124 -25.30 107.80 66.09
N ASN I 125 -25.99 107.49 67.19
CA ASN I 125 -26.63 108.52 67.99
C ASN I 125 -25.66 109.30 68.85
N LYS I 126 -24.39 108.87 68.94
CA LYS I 126 -23.39 109.66 69.64
C LYS I 126 -23.12 111.00 68.95
N PHE I 127 -23.52 111.14 67.69
CA PHE I 127 -23.26 112.36 66.93
C PHE I 127 -24.50 113.23 66.75
N TYR I 128 -25.70 112.69 66.98
CA TYR I 128 -26.91 113.46 66.75
C TYR I 128 -27.93 113.16 67.84
N GLN I 129 -28.78 114.14 68.12
CA GLN I 129 -29.92 113.99 69.02
C GLN I 129 -31.20 114.15 68.21
N ALA I 130 -32.10 113.18 68.34
CA ALA I 130 -33.31 113.15 67.54
C ALA I 130 -34.48 113.78 68.28
N GLY I 131 -35.47 114.23 67.52
CA GLY I 131 -36.71 114.77 68.06
C GLY I 131 -37.78 113.72 68.19
N GLU I 132 -39.03 114.15 68.03
CA GLU I 132 -40.16 113.24 68.08
C GLU I 132 -40.52 112.73 66.71
N ILE I 133 -40.99 111.48 66.66
CA ILE I 133 -41.39 110.85 65.40
C ILE I 133 -42.60 111.60 64.85
N ILE I 134 -42.42 112.28 63.72
CA ILE I 134 -43.47 113.09 63.11
C ILE I 134 -44.08 112.30 61.95
N ASN I 135 -45.40 112.15 61.99
CA ASN I 135 -46.13 111.42 60.97
C ASN I 135 -47.06 112.38 60.24
N THR I 136 -46.98 112.39 58.90
CA THR I 136 -47.82 113.23 58.07
C THR I 136 -48.46 112.40 56.97
N GLU I 137 -49.73 112.67 56.71
CA GLU I 137 -50.52 111.91 55.73
C GLU I 137 -50.57 112.71 54.43
N LEU I 138 -49.61 112.46 53.54
CA LEU I 138 -49.57 113.12 52.25
C LEU I 138 -50.54 112.46 51.29
N ARG I 139 -51.15 113.27 50.43
CA ARG I 139 -52.30 112.86 49.63
C ARG I 139 -51.85 112.55 48.20
N PHE I 140 -52.02 111.29 47.79
CA PHE I 140 -51.77 110.87 46.42
C PHE I 140 -52.96 110.05 45.96
N GLU I 141 -53.60 110.48 44.87
CA GLU I 141 -54.76 109.80 44.29
C GLU I 141 -55.80 109.45 45.34
N GLU I 142 -56.19 110.47 46.11
CA GLU I 142 -57.20 110.33 47.16
C GLU I 142 -56.80 109.27 48.18
N LYS I 143 -55.50 109.18 48.47
CA LYS I 143 -54.97 108.28 49.48
C LYS I 143 -53.99 109.07 50.34
N GLN I 144 -54.30 109.18 51.64
CA GLN I 144 -53.43 109.91 52.57
C GLN I 144 -52.52 108.90 53.26
N VAL I 145 -51.40 108.59 52.60
CA VAL I 145 -50.41 107.69 53.18
C VAL I 145 -49.62 108.45 54.24
N GLU I 146 -49.55 107.90 55.44
CA GLU I 146 -48.91 108.56 56.57
C GLU I 146 -47.41 108.28 56.51
N TYR I 147 -46.64 109.30 56.13
CA TYR I 147 -45.19 109.20 56.15
C TYR I 147 -44.68 109.40 57.57
N GLN I 148 -44.07 108.36 58.13
CA GLN I 148 -43.60 108.36 59.51
C GLN I 148 -42.07 108.40 59.49
N TYR I 149 -41.50 109.41 60.12
CA TYR I 149 -40.06 109.60 60.18
C TYR I 149 -39.66 110.20 61.52
N LYS I 150 -38.41 110.00 61.89
CA LYS I 150 -37.88 110.52 63.15
C LYS I 150 -37.26 111.90 62.91
N SER I 151 -37.85 112.93 63.52
CA SER I 151 -37.30 114.27 63.42
C SER I 151 -36.01 114.38 64.23
N LEU I 152 -35.18 115.34 63.85
CA LEU I 152 -33.90 115.57 64.50
C LEU I 152 -33.89 116.91 65.22
N THR I 153 -32.94 117.07 66.13
CA THR I 153 -32.75 118.31 66.87
C THR I 153 -31.35 118.88 66.75
N TRP I 154 -30.31 118.04 66.72
CA TRP I 154 -28.94 118.49 66.61
C TRP I 154 -28.10 117.34 66.09
N TYR I 155 -26.95 117.68 65.49
CA TYR I 155 -26.02 116.68 65.01
C TYR I 155 -24.61 117.27 64.97
N ALA I 156 -23.62 116.38 64.87
CA ALA I 156 -22.23 116.79 64.98
C ALA I 156 -21.81 117.72 63.83
N HIS I 157 -22.54 117.69 62.71
CA HIS I 157 -22.22 118.58 61.61
C HIS I 157 -22.37 120.03 62.01
N GLN I 158 -23.40 120.36 62.78
CA GLN I 158 -23.63 121.74 63.19
C GLN I 158 -22.54 122.27 64.11
N THR I 159 -21.83 121.38 64.82
CA THR I 159 -20.88 121.80 65.84
C THR I 159 -19.48 121.22 65.62
N PHE I 160 -19.15 120.80 64.40
CA PHE I 160 -17.78 120.39 64.14
C PHE I 160 -16.80 121.55 64.23
N ALA I 161 -17.29 122.80 64.21
CA ALA I 161 -16.41 123.97 64.25
C ALA I 161 -15.55 123.98 65.51
N GLU I 162 -16.06 123.45 66.62
CA GLU I 162 -15.25 123.39 67.83
C GLU I 162 -14.02 122.51 67.63
N LYS I 163 -14.19 121.36 66.98
CA LYS I 163 -13.06 120.48 66.73
C LYS I 163 -12.14 121.05 65.65
N LEU I 164 -12.71 121.73 64.64
CA LEU I 164 -11.90 122.25 63.56
C LEU I 164 -10.91 123.30 64.05
N CYS I 165 -11.36 124.18 64.94
CA CYS I 165 -10.53 125.28 65.41
C CYS I 165 -9.92 124.98 66.76
N GLU I 166 -8.79 125.61 67.05
CA GLU I 166 -8.15 125.45 68.34
C GLU I 166 -9.02 126.06 69.44
N ALA I 167 -9.00 125.41 70.61
CA ALA I 167 -9.83 125.87 71.72
C ALA I 167 -9.33 127.20 72.28
N ASP I 168 -8.02 127.29 72.53
CA ASP I 168 -7.49 128.47 73.22
C ASP I 168 -7.42 129.68 72.28
N THR I 169 -6.97 129.47 71.04
CA THR I 169 -6.75 130.58 70.13
C THR I 169 -7.93 130.87 69.21
N GLN I 170 -8.94 130.01 69.20
CA GLN I 170 -10.11 130.18 68.33
C GLN I 170 -9.69 130.31 66.86
N GLN I 171 -8.69 129.53 66.47
CA GLN I 171 -8.14 129.55 65.13
C GLN I 171 -7.98 128.13 64.62
N LEU I 172 -7.83 128.00 63.31
CA LEU I 172 -7.68 126.68 62.70
C LEU I 172 -6.40 126.01 63.19
N ARG I 173 -6.49 124.70 63.42
CA ARG I 173 -5.34 123.95 63.92
C ARG I 173 -4.28 123.81 62.83
N HIS I 174 -3.02 123.76 63.25
CA HIS I 174 -1.89 123.62 62.35
C HIS I 174 -1.33 122.20 62.34
N ASP I 175 -2.13 121.22 62.75
CA ASP I 175 -1.72 119.83 62.77
C ASP I 175 -2.88 118.98 62.30
N TYR I 176 -2.60 117.69 62.10
CA TYR I 176 -3.63 116.77 61.62
C TYR I 176 -4.70 116.56 62.67
N ILE I 177 -5.94 116.40 62.23
CA ILE I 177 -7.09 116.25 63.11
C ILE I 177 -7.65 114.84 62.94
N GLN I 178 -7.85 114.15 64.05
CA GLN I 178 -8.44 112.82 64.00
C GLN I 178 -9.90 112.90 63.57
N ILE I 179 -10.29 112.09 62.60
CA ILE I 179 -11.65 112.10 62.08
C ILE I 179 -12.31 110.76 62.39
N THR I 180 -13.58 110.65 62.04
CA THR I 180 -14.37 109.47 62.36
C THR I 180 -15.19 109.05 61.14
N SER I 181 -15.90 107.92 61.24
CA SER I 181 -16.62 107.39 60.09
C SER I 181 -17.77 108.28 59.63
N TRP I 182 -18.37 109.05 60.53
CA TRP I 182 -19.45 109.94 60.12
C TRP I 182 -18.97 111.01 59.17
N LEU I 183 -17.71 111.42 59.32
CA LEU I 183 -17.14 112.40 58.40
C LEU I 183 -16.70 111.74 57.10
N TYR I 184 -15.91 110.68 57.19
CA TYR I 184 -15.45 109.92 56.03
C TYR I 184 -16.06 108.53 56.10
N LEU I 185 -16.95 108.23 55.15
CA LEU I 185 -17.59 106.92 55.11
C LEU I 185 -16.54 105.83 54.97
N GLY I 186 -16.67 104.80 55.80
CA GLY I 186 -15.72 103.70 55.79
C GLY I 186 -14.51 103.88 56.68
N GLY I 187 -14.36 105.05 57.31
CA GLY I 187 -13.21 105.28 58.15
C GLY I 187 -13.41 104.93 59.61
N ILE I 188 -13.89 103.72 59.88
CA ILE I 188 -14.09 103.26 61.25
C ILE I 188 -12.74 102.83 61.81
N VAL I 189 -12.60 102.90 63.13
CA VAL I 189 -11.42 102.37 63.80
C VAL I 189 -11.57 100.86 63.90
N ARG I 190 -10.69 100.11 63.22
CA ARG I 190 -10.79 98.66 63.23
C ARG I 190 -10.61 98.09 64.63
N HIS I 191 -9.63 98.60 65.37
CA HIS I 191 -9.30 98.10 66.69
C HIS I 191 -9.72 99.14 67.72
N ALA I 192 -10.83 98.88 68.40
CA ALA I 192 -11.38 99.84 69.36
C ALA I 192 -10.43 100.09 70.53
N ARG I 193 -9.68 99.05 70.95
CA ARG I 193 -8.77 99.21 72.06
C ARG I 193 -7.63 100.18 71.75
N THR I 194 -7.41 100.48 70.48
CA THR I 194 -6.41 101.46 70.05
C THR I 194 -7.08 102.70 69.46
N GLN I 195 -8.16 103.15 70.10
CA GLN I 195 -8.98 104.22 69.52
C GLN I 195 -8.21 105.54 69.46
N ASN I 196 -7.41 105.83 70.49
CA ASN I 196 -6.73 107.13 70.53
C ASN I 196 -5.69 107.26 69.44
N THR I 197 -4.93 106.20 69.16
CA THR I 197 -3.82 106.27 68.22
C THR I 197 -4.26 106.00 66.78
N THR I 198 -4.82 104.81 66.53
CA THR I 198 -5.20 104.41 65.18
C THR I 198 -6.52 105.05 64.76
N LYS I 199 -6.46 106.36 64.52
CA LYS I 199 -7.58 107.15 64.03
C LYS I 199 -7.13 107.92 62.80
N LEU I 200 -7.97 107.95 61.77
CA LEU I 200 -7.63 108.65 60.56
C LEU I 200 -7.44 110.14 60.84
N GLU I 201 -6.42 110.71 60.21
CA GLU I 201 -6.06 112.11 60.42
C GLU I 201 -6.03 112.86 59.09
N GLU I 202 -6.41 114.13 59.13
CA GLU I 202 -6.51 114.93 57.92
C GLU I 202 -6.26 116.39 58.25
N LYS I 203 -5.94 117.16 57.21
CA LYS I 203 -5.76 118.59 57.36
C LYS I 203 -7.13 119.27 57.52
N PRO I 204 -7.16 120.48 58.12
CA PRO I 204 -8.46 121.11 58.39
C PRO I 204 -9.32 121.35 57.16
N GLU I 205 -8.73 121.73 56.04
CA GLU I 205 -9.51 122.02 54.84
C GLU I 205 -10.15 120.75 54.30
N TYR I 206 -9.39 119.65 54.25
CA TYR I 206 -9.97 118.38 53.86
C TYR I 206 -11.03 117.93 54.85
N ALA I 207 -10.86 118.28 56.13
CA ALA I 207 -11.90 117.99 57.11
C ALA I 207 -13.17 118.77 56.81
N LEU I 208 -13.04 120.01 56.35
CA LEU I 208 -14.22 120.77 55.93
C LEU I 208 -14.88 120.14 54.71
N ALA I 209 -14.06 119.64 53.78
CA ALA I 209 -14.62 118.93 52.64
C ALA I 209 -15.38 117.68 53.08
N LEU I 210 -14.82 116.95 54.05
CA LEU I 210 -15.52 115.78 54.60
C LEU I 210 -16.76 116.19 55.38
N LEU I 211 -16.80 117.43 55.88
CA LEU I 211 -18.03 117.96 56.44
C LEU I 211 -19.09 118.13 55.36
N PHE I 212 -18.70 118.68 54.22
CA PHE I 212 -19.66 119.09 53.20
C PHE I 212 -19.88 118.04 52.10
N VAL I 213 -19.30 116.85 52.24
CA VAL I 213 -19.59 115.77 51.29
C VAL I 213 -21.08 115.44 51.16
N PRO I 214 -21.88 115.37 52.24
CA PRO I 214 -23.24 114.80 52.09
C PRO I 214 -24.11 115.50 51.06
N VAL I 215 -23.88 116.79 50.79
CA VAL I 215 -24.78 117.53 49.90
C VAL I 215 -24.73 116.96 48.50
N VAL I 216 -23.54 116.66 47.99
CA VAL I 216 -23.41 116.21 46.61
C VAL I 216 -24.04 114.85 46.41
N CYS I 217 -23.71 113.88 47.26
CA CYS I 217 -24.14 112.50 47.03
C CYS I 217 -25.64 112.35 47.22
N HIS I 218 -26.26 111.65 46.28
CA HIS I 218 -27.67 111.30 46.37
C HIS I 218 -27.84 109.95 47.03
N TYR I 219 -29.08 109.62 47.38
CA TYR I 219 -29.39 108.41 48.12
C TYR I 219 -30.54 107.68 47.44
N CYS I 220 -30.40 106.37 47.31
CA CYS I 220 -31.40 105.55 46.66
C CYS I 220 -31.73 104.35 47.54
N LEU I 221 -32.92 103.80 47.33
CA LEU I 221 -33.36 102.62 48.07
C LEU I 221 -33.32 101.39 47.16
N LEU I 222 -32.78 100.31 47.70
CA LEU I 222 -32.58 99.07 46.96
C LEU I 222 -33.62 98.04 47.36
N HIS I 223 -34.21 97.38 46.38
CA HIS I 223 -35.23 96.36 46.59
C HIS I 223 -34.67 95.02 46.11
N ILE I 224 -34.70 94.02 46.99
CA ILE I 224 -34.23 92.68 46.63
C ILE I 224 -35.30 92.01 45.76
N PRO I 225 -34.95 91.61 44.54
CA PRO I 225 -35.95 90.94 43.70
C PRO I 225 -36.49 89.66 44.29
N SER I 226 -35.65 88.89 44.99
CA SER I 226 -36.11 87.66 45.62
C SER I 226 -37.10 87.95 46.74
N GLU I 227 -36.88 89.03 47.49
CA GLU I 227 -37.79 89.40 48.56
C GLU I 227 -39.01 90.11 48.01
N ASP I 228 -40.19 89.60 48.36
CA ASP I 228 -41.43 90.30 48.02
C ASP I 228 -41.45 91.65 48.71
N LEU I 229 -41.69 92.71 47.93
CA LEU I 229 -41.66 94.06 48.50
C LEU I 229 -42.80 94.26 49.48
N LYS I 230 -43.93 93.56 49.27
CA LYS I 230 -45.02 93.59 50.24
C LYS I 230 -44.56 93.06 51.60
N GLU I 231 -43.81 91.95 51.61
CA GLU I 231 -43.38 91.35 52.86
C GLU I 231 -42.08 91.96 53.40
N ARG I 232 -41.48 92.90 52.69
CA ARG I 232 -40.22 93.51 53.14
C ARG I 232 -40.15 94.93 52.61
N LYS I 233 -40.33 95.91 53.49
CA LYS I 233 -40.12 97.29 53.11
C LYS I 233 -38.64 97.54 52.86
N PRO I 234 -38.29 98.41 51.91
CA PRO I 234 -36.88 98.63 51.59
C PRO I 234 -36.16 99.34 52.72
N HIS I 235 -34.96 98.86 53.04
CA HIS I 235 -34.11 99.52 54.02
C HIS I 235 -32.66 99.65 53.59
N ARG I 236 -32.21 98.93 52.57
CA ARG I 236 -30.85 99.12 52.07
C ARG I 236 -30.72 100.48 51.40
N TYR I 237 -29.61 101.16 51.67
CA TYR I 237 -29.38 102.50 51.17
C TYR I 237 -28.15 102.52 50.28
N LEU I 238 -28.34 102.94 49.02
CA LEU I 238 -27.26 103.09 48.07
C LEU I 238 -26.85 104.57 48.03
N VAL I 239 -25.56 104.83 48.21
CA VAL I 239 -25.02 106.18 48.16
C VAL I 239 -24.22 106.32 46.87
N VAL I 240 -24.65 107.24 46.01
CA VAL I 240 -24.00 107.47 44.73
C VAL I 240 -23.08 108.68 44.89
N ILE I 241 -21.77 108.44 44.76
CA ILE I 241 -20.78 109.50 44.88
C ILE I 241 -20.09 109.69 43.54
N PRO I 242 -20.24 110.85 42.90
CA PRO I 242 -19.72 111.01 41.54
C PRO I 242 -18.29 111.52 41.53
N GLU I 243 -17.51 111.02 40.56
CA GLU I 243 -16.18 111.56 40.32
C GLU I 243 -16.31 112.99 39.82
N ILE I 244 -15.44 113.87 40.31
CA ILE I 244 -15.56 115.29 40.04
C ILE I 244 -14.56 115.67 38.94
N LYS I 245 -15.08 116.25 37.86
CA LYS I 245 -14.26 116.81 36.79
C LYS I 245 -14.29 118.33 36.77
N ASP I 246 -15.38 118.93 37.23
CA ASP I 246 -15.54 120.38 37.25
C ASP I 246 -16.63 120.73 38.26
N PHE I 247 -16.41 121.83 38.99
CA PHE I 247 -17.38 122.24 40.00
C PHE I 247 -18.73 122.58 39.37
N GLU I 248 -18.72 123.37 38.30
CA GLU I 248 -19.97 123.81 37.69
C GLU I 248 -20.72 122.65 37.06
N ASP I 249 -20.00 121.74 36.41
CA ASP I 249 -20.65 120.57 35.80
C ASP I 249 -21.33 119.72 36.86
N ALA I 250 -20.64 119.47 37.97
CA ALA I 250 -21.24 118.69 39.06
C ALA I 250 -22.43 119.40 39.67
N SER I 251 -22.33 120.73 39.86
CA SER I 251 -23.45 121.47 40.44
C SER I 251 -24.68 121.42 39.55
N GLN I 252 -24.48 121.65 38.24
CA GLN I 252 -25.59 121.57 37.30
C GLN I 252 -26.17 120.17 37.25
N ARG I 253 -25.33 119.14 37.29
CA ARG I 253 -25.81 117.77 37.27
C ARG I 253 -26.65 117.46 38.50
N ARG I 254 -26.17 117.86 39.68
CA ARG I 254 -26.92 117.59 40.91
C ARG I 254 -28.25 118.33 40.91
N TRP I 255 -28.25 119.59 40.47
CA TRP I 255 -29.49 120.36 40.43
C TRP I 255 -30.46 119.78 39.41
N ARG I 256 -29.96 119.25 38.29
CA ARG I 256 -30.84 118.55 37.36
C ARG I 256 -31.42 117.29 37.98
N LEU I 257 -30.58 116.46 38.60
CA LEU I 257 -31.06 115.24 39.23
C LEU I 257 -32.04 115.52 40.36
N GLN I 258 -32.03 116.74 40.92
CA GLN I 258 -33.05 117.09 41.90
C GLN I 258 -34.47 116.98 41.34
N GLN I 259 -34.66 117.10 40.02
CA GLN I 259 -36.00 117.10 39.45
C GLN I 259 -36.69 115.75 39.54
N LEU I 260 -35.95 114.65 39.65
CA LEU I 260 -36.55 113.33 39.49
C LEU I 260 -37.48 113.01 40.66
N GLU I 261 -38.42 112.10 40.37
CA GLU I 261 -39.41 111.64 41.34
C GLU I 261 -38.80 110.56 42.25
N THR I 262 -39.31 110.52 43.49
CA THR I 262 -38.80 109.56 44.46
C THR I 262 -38.99 108.13 43.97
N LYS I 263 -40.08 107.85 43.25
CA LYS I 263 -40.32 106.50 42.76
C LYS I 263 -39.25 106.05 41.78
N GLN I 264 -38.57 106.99 41.12
CA GLN I 264 -37.42 106.62 40.29
C GLN I 264 -36.25 106.16 41.16
N PHE I 265 -36.07 106.79 42.32
CA PHE I 265 -34.90 106.50 43.15
C PHE I 265 -34.92 105.07 43.67
N HIS I 266 -36.10 104.48 43.83
CA HIS I 266 -36.20 103.08 44.22
C HIS I 266 -35.77 102.20 43.05
N VAL I 267 -34.63 101.54 43.19
CA VAL I 267 -34.03 100.74 42.13
C VAL I 267 -33.80 99.33 42.62
N SER I 268 -33.50 98.44 41.67
CA SER I 268 -33.27 97.04 41.96
C SER I 268 -31.81 96.63 41.81
N SER I 269 -30.91 97.55 41.48
CA SER I 269 -29.50 97.21 41.34
C SER I 269 -28.67 98.48 41.54
N LEU I 270 -27.42 98.26 41.95
CA LEU I 270 -26.50 99.38 42.14
C LEU I 270 -26.24 100.11 40.82
N GLY I 271 -26.06 99.35 39.74
CA GLY I 271 -25.88 99.97 38.44
C GLY I 271 -27.07 100.78 38.01
N GLU I 272 -28.28 100.36 38.38
CA GLU I 272 -29.48 101.13 38.06
C GLU I 272 -29.42 102.51 38.73
N ALA I 273 -29.04 102.56 40.01
CA ALA I 273 -28.92 103.83 40.70
C ALA I 273 -27.82 104.69 40.08
N GLY I 274 -26.69 104.07 39.73
CA GLY I 274 -25.63 104.83 39.10
C GLY I 274 -26.06 105.44 37.77
N LEU I 275 -26.77 104.64 36.95
CA LEU I 275 -27.26 105.15 35.68
C LEU I 275 -28.30 106.24 35.88
N LEU I 276 -29.15 106.10 36.90
CA LEU I 276 -30.12 107.13 37.22
C LEU I 276 -29.44 108.43 37.58
N TYR I 277 -28.32 108.35 38.32
CA TYR I 277 -27.58 109.56 38.64
C TYR I 277 -27.09 110.27 37.38
N TYR I 278 -26.83 109.53 36.30
CA TYR I 278 -26.39 110.12 35.06
C TYR I 278 -27.47 110.09 33.96
N SER I 279 -28.72 109.82 34.34
CA SER I 279 -29.79 109.75 33.35
C SER I 279 -30.12 111.13 32.78
N LEU I 280 -30.08 112.17 33.62
CA LEU I 280 -30.47 113.50 33.20
C LEU I 280 -29.32 114.30 32.59
N ASP I 281 -28.14 113.71 32.45
CA ASP I 281 -27.02 114.41 31.83
C ASP I 281 -27.32 114.67 30.36
N ASP I 282 -26.93 115.85 29.89
CA ASP I 282 -27.08 116.18 28.47
C ASP I 282 -26.11 115.37 27.64
N ILE I 283 -26.56 114.98 26.45
CA ILE I 283 -25.74 114.23 25.51
C ILE I 283 -25.33 115.15 24.38
N GLN I 284 -24.02 115.26 24.16
CA GLN I 284 -23.47 116.08 23.08
C GLN I 284 -22.72 115.17 22.11
N PRO I 285 -23.04 115.20 20.82
CA PRO I 285 -22.37 114.27 19.90
C PRO I 285 -20.96 114.69 19.51
N GLU I 286 -20.64 115.99 19.60
CA GLU I 286 -19.26 116.41 19.33
C GLU I 286 -18.34 116.10 20.51
N VAL I 287 -18.87 116.13 21.73
CA VAL I 287 -18.08 115.94 22.94
C VAL I 287 -18.13 114.47 23.33
N ALA I 288 -16.95 113.89 23.56
CA ALA I 288 -16.87 112.50 24.00
C ALA I 288 -17.31 112.41 25.46
N TYR I 289 -18.53 111.94 25.68
CA TYR I 289 -19.07 111.90 27.03
C TYR I 289 -18.49 110.71 27.80
N TYR I 290 -18.06 110.98 29.03
CA TYR I 290 -17.55 109.93 29.91
C TYR I 290 -17.69 110.41 31.34
N GLN I 291 -18.43 109.65 32.15
CA GLN I 291 -18.66 110.02 33.54
C GLN I 291 -18.47 108.80 34.42
N ALA I 292 -17.88 109.00 35.59
CA ALA I 292 -17.63 107.94 36.55
C ALA I 292 -18.21 108.31 37.91
N CYS I 293 -18.74 107.31 38.61
CA CYS I 293 -19.29 107.52 39.93
C CYS I 293 -19.14 106.24 40.74
N GLN I 294 -19.20 106.39 42.06
CA GLN I 294 -19.11 105.27 42.99
C GLN I 294 -20.46 105.06 43.65
N VAL I 295 -20.83 103.80 43.83
CA VAL I 295 -22.07 103.44 44.52
C VAL I 295 -21.68 102.70 45.80
N TRP I 296 -22.10 103.23 46.93
CA TRP I 296 -21.78 102.66 48.24
C TRP I 296 -23.05 102.08 48.85
N LEU I 297 -23.05 100.78 49.07
CA LEU I 297 -24.21 100.06 49.58
C LEU I 297 -24.12 99.99 51.09
N TYR I 298 -25.19 100.43 51.77
CA TYR I 298 -25.29 100.35 53.22
C TYR I 298 -26.48 99.48 53.57
N GLU I 299 -26.26 98.48 54.41
CA GLU I 299 -27.28 97.47 54.70
C GLU I 299 -27.05 96.92 56.09
N LYS I 300 -28.14 96.71 56.82
CA LYS I 300 -28.06 96.08 58.13
C LYS I 300 -27.59 94.64 57.99
N THR I 301 -26.60 94.26 58.79
CA THR I 301 -26.04 92.91 58.69
C THR I 301 -27.07 91.85 59.04
N ASN I 302 -27.88 92.10 60.07
CA ASN I 302 -28.91 91.17 60.50
C ASN I 302 -30.21 91.93 60.73
N LYS I 303 -31.24 91.19 61.15
CA LYS I 303 -32.54 91.79 61.37
C LYS I 303 -32.49 92.83 62.50
N ALA I 304 -31.77 92.54 63.57
CA ALA I 304 -31.69 93.40 64.73
C ALA I 304 -30.49 94.33 64.71
N SER I 305 -29.86 94.54 63.56
CA SER I 305 -28.71 95.43 63.48
C SER I 305 -29.11 96.85 63.85
N ARG I 306 -28.32 97.48 64.73
CA ARG I 306 -28.64 98.83 65.20
C ARG I 306 -28.35 99.87 64.13
N GLN I 307 -27.31 99.66 63.34
CA GLN I 307 -26.88 100.63 62.35
C GLN I 307 -26.41 99.90 61.10
N ARG I 308 -26.43 100.62 59.98
CA ARG I 308 -26.06 100.04 58.70
C ARG I 308 -24.54 99.91 58.57
N THR I 309 -24.13 98.92 57.78
CA THR I 309 -22.72 98.65 57.52
C THR I 309 -22.49 98.65 56.02
N LEU I 310 -21.31 99.13 55.62
CA LEU I 310 -20.94 99.21 54.22
C LEU I 310 -20.71 97.81 53.66
N MET I 311 -21.60 97.36 52.78
CA MET I 311 -21.58 96.00 52.27
C MET I 311 -21.06 95.89 50.85
N SER I 312 -21.08 96.97 50.07
CA SER I 312 -20.55 96.89 48.71
C SER I 312 -20.20 98.28 48.21
N ILE I 313 -19.07 98.37 47.50
CA ILE I 313 -18.69 99.54 46.73
C ILE I 313 -18.37 99.08 45.32
N GLU I 314 -18.95 99.75 44.32
CA GLU I 314 -18.80 99.36 42.92
C GLU I 314 -18.65 100.60 42.07
N GLU I 315 -17.69 100.57 41.14
CA GLU I 315 -17.38 101.67 40.24
C GLU I 315 -18.19 101.54 38.96
N ILE I 316 -18.79 102.65 38.52
CA ILE I 316 -19.53 102.69 37.26
C ILE I 316 -18.89 103.73 36.37
N LYS I 317 -18.48 103.31 35.17
CA LYS I 317 -17.96 104.21 34.14
C LYS I 317 -18.93 104.17 32.97
N ILE I 318 -19.59 105.28 32.70
CA ILE I 318 -20.61 105.37 31.67
C ILE I 318 -20.10 106.18 30.51
N ASP I 319 -20.13 105.59 29.31
CA ASP I 319 -19.76 106.25 28.08
C ASP I 319 -21.03 106.67 27.33
N LYS I 320 -20.86 107.16 26.11
CA LYS I 320 -22.01 107.58 25.31
C LYS I 320 -22.92 106.40 24.99
N ASN I 321 -22.34 105.31 24.46
CA ASN I 321 -23.13 104.18 23.99
C ASN I 321 -23.95 103.56 25.12
N ILE I 322 -23.34 103.38 26.28
CA ILE I 322 -24.05 102.78 27.40
C ILE I 322 -25.22 103.66 27.82
N LEU I 323 -25.01 104.97 27.87
CA LEU I 323 -26.07 105.86 28.34
C LEU I 323 -27.23 105.91 27.33
N ILE I 324 -26.93 105.97 26.03
CA ILE I 324 -28.01 106.03 25.06
C ILE I 324 -28.78 104.71 25.04
N THR I 325 -28.06 103.59 25.21
CA THR I 325 -28.73 102.31 25.32
C THR I 325 -29.63 102.26 26.55
N TYR I 326 -29.18 102.84 27.66
CA TYR I 326 -29.99 102.87 28.86
C TYR I 326 -31.24 103.73 28.67
N GLN I 327 -31.10 104.87 27.99
CA GLN I 327 -32.27 105.69 27.67
C GLN I 327 -33.24 104.92 26.76
N GLN I 328 -32.71 104.18 25.79
CA GLN I 328 -33.55 103.37 24.92
C GLN I 328 -34.31 102.32 25.71
N VAL I 329 -33.63 101.66 26.66
CA VAL I 329 -34.28 100.69 27.52
C VAL I 329 -35.35 101.35 28.37
N GLN I 330 -35.05 102.53 28.93
CA GLN I 330 -36.04 103.24 29.73
C GLN I 330 -37.27 103.58 28.91
N LYS I 331 -37.06 103.99 27.65
CA LYS I 331 -38.18 104.35 26.78
C LYS I 331 -39.03 103.13 26.45
N TYR I 332 -38.41 102.04 26.00
CA TYR I 332 -39.19 100.89 25.57
C TYR I 332 -39.78 100.13 26.74
N PHE I 333 -39.01 99.91 27.79
CA PHE I 333 -39.45 99.10 28.91
C PHE I 333 -40.25 99.95 29.89
N LYS I 334 -41.23 99.31 30.53
CA LYS I 334 -42.17 100.01 31.39
C LYS I 334 -41.48 100.53 32.65
N THR I 335 -42.07 101.58 33.23
CA THR I 335 -41.55 102.16 34.46
C THR I 335 -42.07 101.39 35.67
N ASN I 336 -41.72 101.88 36.86
CA ASN I 336 -42.12 101.22 38.10
C ASN I 336 -43.60 101.44 38.37
N TYR I 337 -44.24 100.42 38.92
CA TYR I 337 -45.64 100.55 39.28
C TYR I 337 -45.70 101.05 40.71
N GLN I 338 -46.23 102.25 40.89
CA GLN I 338 -46.27 102.83 42.22
C GLN I 338 -47.44 102.29 43.00
N ILE I 339 -47.37 101.02 43.39
CA ILE I 339 -48.43 100.43 44.18
C ILE I 339 -48.60 101.25 45.44
N ILE I 340 -49.84 101.63 45.76
CA ILE I 340 -50.09 102.39 46.98
C ILE I 340 -51.11 101.69 47.84
N LYS I 341 -50.73 101.37 49.07
CA LYS I 341 -51.65 100.70 49.98
C LYS I 341 -51.71 101.45 51.30
N TYR I 342 -52.24 100.83 52.34
CA TYR I 342 -52.35 101.49 53.62
C TYR I 342 -51.01 102.05 54.02
N LYS I 343 -50.79 103.34 53.74
CA LYS I 343 -49.51 103.94 54.03
C LYS I 343 -48.43 103.05 53.45
N GLN I 344 -48.68 102.49 52.28
CA GLN I 344 -47.73 101.57 51.67
C GLN I 344 -47.53 101.84 50.19
N ILE I 345 -46.68 102.83 49.88
CA ILE I 345 -46.42 103.17 48.49
C ILE I 345 -45.34 102.28 47.91
N PHE I 346 -45.67 101.02 47.65
CA PHE I 346 -44.70 100.11 47.08
C PHE I 346 -44.34 100.50 45.66
N ILE I 347 -43.15 100.10 45.21
CA ILE I 347 -42.72 100.46 43.87
C ILE I 347 -42.27 99.22 43.10
N LYS I 348 -42.92 98.94 41.98
CA LYS I 348 -42.62 97.74 41.22
C LYS I 348 -41.55 97.98 40.15
N VAL I 349 -40.31 97.59 40.45
CA VAL I 349 -39.23 97.79 39.49
C VAL I 349 -39.16 96.68 38.46
N ASN I 350 -38.91 97.05 37.20
CA ASN I 350 -38.79 96.05 36.15
C ASN I 350 -37.41 95.43 36.21
N PRO I 351 -37.34 94.13 36.54
CA PRO I 351 -36.04 93.47 36.66
C PRO I 351 -35.26 93.51 35.36
N ILE I 352 -35.95 93.37 34.24
CA ILE I 352 -35.27 93.34 32.95
C ILE I 352 -34.41 94.58 32.74
N ARG I 353 -34.97 95.75 33.05
CA ARG I 353 -34.23 96.98 32.85
C ARG I 353 -32.91 96.86 33.57
N SER I 354 -32.96 96.43 34.83
CA SER I 354 -31.75 96.29 35.62
C SER I 354 -30.82 95.26 35.00
N LEU I 355 -31.37 94.14 34.55
CA LEU I 355 -30.55 93.10 33.95
C LEU I 355 -29.80 93.66 32.77
N ILE I 356 -30.49 94.38 31.90
CA ILE I 356 -29.85 94.97 30.75
C ILE I 356 -28.79 95.94 31.20
N ALA I 357 -29.15 96.81 32.15
CA ALA I 357 -28.21 97.81 32.63
C ALA I 357 -26.97 97.13 33.16
N ASP I 358 -27.15 96.06 33.91
CA ASP I 358 -26.02 95.35 34.48
C ASP I 358 -25.11 94.85 33.37
N ASN I 359 -25.69 94.18 32.39
CA ASN I 359 -24.92 93.65 31.28
C ASN I 359 -24.22 94.78 30.54
N LEU I 360 -24.89 95.91 30.41
CA LEU I 360 -24.29 97.06 29.74
C LEU I 360 -23.06 97.49 30.48
N VAL I 361 -23.17 97.63 31.79
CA VAL I 361 -22.02 98.02 32.60
C VAL I 361 -20.94 96.97 32.45
N LYS I 362 -21.33 95.71 32.48
CA LYS I 362 -20.36 94.63 32.30
C LYS I 362 -19.73 94.74 30.93
N GLY I 363 -20.45 95.35 29.99
CA GLY I 363 -19.96 95.44 28.63
C GLY I 363 -20.36 94.22 27.84
N ILE I 364 -20.96 93.25 28.51
CA ILE I 364 -21.42 92.04 27.85
C ILE I 364 -22.75 92.27 27.15
N HIS I 365 -23.14 91.35 26.28
CA HIS I 365 -24.39 91.50 25.55
C HIS I 365 -25.57 91.64 26.50
N TRP I 366 -26.46 92.58 26.20
CA TRP I 366 -27.62 92.77 27.04
C TRP I 366 -28.40 91.48 27.09
N TRP I 367 -28.55 90.82 25.95
CA TRP I 367 -29.28 89.57 25.90
C TRP I 367 -28.45 88.42 26.46
N SER I 368 -27.91 88.61 27.66
CA SER I 368 -27.11 87.56 28.29
C SER I 368 -27.99 86.35 28.54
N ASN I 369 -29.18 86.57 29.09
CA ASN I 369 -30.09 85.46 29.39
C ASN I 369 -31.45 85.99 29.85
N PHE I 370 -32.04 86.89 29.07
CA PHE I 370 -33.32 87.46 29.46
C PHE I 370 -34.39 86.39 29.69
N TRP I 371 -34.52 85.47 28.75
CA TRP I 371 -35.56 84.44 28.86
C TRP I 371 -35.43 83.69 30.18
N GLU I 372 -34.21 83.37 30.57
CA GLU I 372 -34.00 82.67 31.82
C GLU I 372 -34.65 83.46 32.93
N LYS I 373 -34.36 84.75 32.99
CA LYS I 373 -34.93 85.60 34.04
C LYS I 373 -36.42 85.77 33.83
N LEU I 374 -36.84 86.00 32.60
CA LEU I 374 -38.25 86.26 32.30
C LEU I 374 -39.17 85.07 32.53
N VAL I 375 -38.72 83.87 32.18
CA VAL I 375 -39.58 82.70 32.29
C VAL I 375 -39.03 81.66 33.24
N ILE I 376 -37.88 81.10 32.90
CA ILE I 376 -37.31 80.04 33.73
C ILE I 376 -37.33 80.45 35.17
N GLU I 377 -36.67 81.55 35.49
CA GLU I 377 -36.64 82.04 36.85
C GLU I 377 -37.96 82.68 37.23
N ASP I 378 -38.52 83.48 36.33
CA ASP I 378 -39.76 84.19 36.64
C ASP I 378 -40.99 83.38 36.29
N SER I 379 -41.25 82.33 37.06
CA SER I 379 -42.48 81.56 36.84
C SER I 379 -43.65 82.45 37.13
N LYS I 380 -43.50 83.31 38.14
CA LYS I 380 -44.57 84.22 38.52
C LYS I 380 -44.87 85.23 37.43
N GLU I 381 -43.97 85.35 36.46
CA GLU I 381 -44.15 86.30 35.36
C GLU I 381 -44.14 87.75 35.84
N TYR I 382 -43.47 88.00 36.96
CA TYR I 382 -43.36 89.38 37.46
C TYR I 382 -42.71 90.24 36.39
N LEU I 383 -41.58 89.79 35.86
CA LEU I 383 -40.94 90.53 34.78
C LEU I 383 -41.31 89.91 33.44
N PHE I 384 -41.89 88.71 33.46
CA PHE I 384 -42.35 88.10 32.23
C PHE I 384 -43.48 88.94 31.69
N ASN I 385 -44.31 89.47 32.60
CA ASN I 385 -45.38 90.37 32.16
C ASN I 385 -44.70 91.58 31.56
N GLN I 386 -43.63 92.04 32.17
CA GLN I 386 -42.88 93.15 31.61
C GLN I 386 -42.41 92.73 30.23
N LEU I 387 -42.05 91.47 30.08
CA LEU I 387 -41.66 90.99 28.77
C LEU I 387 -42.85 91.19 27.86
N PHE I 388 -44.03 90.80 28.30
CA PHE I 388 -45.22 90.98 27.50
C PHE I 388 -45.39 92.45 27.19
N SER I 389 -45.15 93.30 28.18
CA SER I 389 -45.28 94.74 27.99
C SER I 389 -44.13 95.29 27.16
N ASN I 390 -42.98 94.63 27.20
CA ASN I 390 -41.81 95.15 26.49
C ASN I 390 -41.20 94.13 25.53
N ARG I 391 -42.00 93.19 25.05
CA ARG I 391 -41.48 92.16 24.15
C ARG I 391 -40.90 92.80 22.92
N GLU I 392 -41.57 93.84 22.41
CA GLU I 392 -41.05 94.54 21.26
C GLU I 392 -39.67 95.07 21.57
N GLY I 393 -39.51 95.66 22.76
CA GLY I 393 -38.22 96.19 23.16
C GLY I 393 -37.19 95.10 23.18
N PHE I 394 -37.55 93.93 23.69
CA PHE I 394 -36.63 92.79 23.68
C PHE I 394 -36.22 92.50 22.26
N ILE I 395 -37.20 92.41 21.37
CA ILE I 395 -36.92 92.13 19.98
C ILE I 395 -36.03 93.22 19.40
N ILE I 396 -36.29 94.47 19.76
CA ILE I 396 -35.51 95.57 19.24
C ILE I 396 -34.04 95.36 19.55
N MET I 397 -33.73 95.05 20.81
CA MET I 397 -32.34 94.82 21.18
C MET I 397 -31.82 93.59 20.48
N ALA I 398 -32.64 92.54 20.39
CA ALA I 398 -32.24 91.34 19.70
C ALA I 398 -31.92 91.68 18.25
N GLU I 399 -32.70 92.57 17.65
CA GLU I 399 -32.43 92.99 16.29
C GLU I 399 -31.04 93.59 16.24
N ASN I 400 -30.71 94.40 17.23
CA ASN I 400 -29.39 95.00 17.28
C ASN I 400 -28.36 93.89 17.29
N SER I 401 -28.67 92.79 17.98
CA SER I 401 -27.75 91.66 18.03
C SER I 401 -27.61 91.01 16.66
N GLU I 402 -26.42 91.05 16.11
CA GLU I 402 -26.17 90.43 14.81
C GLU I 402 -26.26 88.91 14.90
N GLU I 403 -25.70 88.35 15.96
CA GLU I 403 -25.71 86.90 16.13
C GLU I 403 -27.14 86.38 16.12
N ASP I 404 -28.06 87.18 16.65
CA ASP I 404 -29.45 86.78 16.66
C ASP I 404 -29.94 86.50 15.26
N LYS I 405 -29.41 87.22 14.28
CA LYS I 405 -29.84 87.04 12.90
C LYS I 405 -30.36 85.64 12.62
N GLN I 406 -29.50 84.64 12.74
CA GLN I 406 -29.91 83.28 12.40
C GLN I 406 -31.19 82.89 13.13
N TYR I 407 -31.27 83.23 14.43
CA TYR I 407 -32.47 82.90 15.18
C TYR I 407 -33.65 83.75 14.72
N LEU I 408 -33.39 84.97 14.24
CA LEU I 408 -34.48 85.76 13.65
C LEU I 408 -35.02 85.09 12.38
N ILE I 409 -34.12 84.57 11.55
CA ILE I 409 -34.55 83.85 10.36
C ILE I 409 -35.36 82.63 10.76
N PHE I 410 -34.93 81.93 11.81
CA PHE I 410 -35.69 80.78 12.31
C PHE I 410 -37.05 81.22 12.85
N ILE I 411 -37.11 82.39 13.47
CA ILE I 411 -38.39 82.94 13.94
C ILE I 411 -39.34 83.13 12.78
N LYS I 412 -38.83 83.74 11.70
CA LYS I 412 -39.66 83.93 10.51
C LYS I 412 -40.09 82.60 9.91
N VAL I 413 -39.19 81.62 9.92
CA VAL I 413 -39.52 80.29 9.39
C VAL I 413 -40.67 79.66 10.18
N PHE I 414 -40.57 79.71 11.51
CA PHE I 414 -41.62 79.11 12.33
C PHE I 414 -42.93 79.89 12.20
N GLN I 415 -42.85 81.20 12.06
CA GLN I 415 -44.06 81.99 11.86
C GLN I 415 -44.73 81.63 10.53
N GLN I 416 -43.95 81.44 9.48
CA GLN I 416 -44.52 81.01 8.20
C GLN I 416 -45.15 79.62 8.32
N ALA I 417 -44.49 78.71 9.04
CA ALA I 417 -45.04 77.38 9.22
C ALA I 417 -46.36 77.41 9.97
N MET I 418 -46.44 78.21 11.04
CA MET I 418 -47.69 78.30 11.78
C MET I 418 -48.76 79.04 10.98
N LYS I 419 -48.35 79.96 10.11
CA LYS I 419 -49.30 80.58 9.18
C LYS I 419 -49.91 79.53 8.27
N GLY I 420 -49.07 78.63 7.75
CA GLY I 420 -49.59 77.55 6.92
C GLY I 420 -50.52 76.62 7.68
N ASN I 421 -50.15 76.29 8.92
CA ASN I 421 -51.01 75.43 9.73
C ASN I 421 -52.35 76.10 10.02
N PHE I 422 -52.34 77.39 10.33
CA PHE I 422 -53.58 78.11 10.57
C PHE I 422 -54.42 78.22 9.31
N ALA I 423 -53.77 78.35 8.14
CA ALA I 423 -54.51 78.31 6.89
C ALA I 423 -55.17 76.95 6.68
N LYS I 424 -54.46 75.88 7.00
CA LYS I 424 -55.05 74.55 6.90
C LYS I 424 -56.25 74.40 7.82
N ILE I 425 -56.15 74.93 9.04
CA ILE I 425 -57.28 74.87 9.97
C ILE I 425 -58.44 75.70 9.46
N TYR I 426 -58.15 76.88 8.90
CA TYR I 426 -59.20 77.71 8.32
C TYR I 426 -59.92 76.98 7.20
N ALA I 427 -59.17 76.28 6.35
CA ALA I 427 -59.79 75.46 5.31
C ALA I 427 -60.64 74.36 5.92
N LYS I 428 -60.14 73.72 6.99
CA LYS I 428 -60.91 72.69 7.67
C LYS I 428 -62.14 73.24 8.39
N THR I 429 -62.10 74.51 8.78
CA THR I 429 -63.20 75.09 9.57
C THR I 429 -64.49 75.10 8.77
N GLU I 430 -65.56 74.62 9.40
CA GLU I 430 -66.87 74.62 8.78
C GLU I 430 -67.44 76.04 8.74
N GLU I 431 -68.33 76.27 7.78
CA GLU I 431 -68.98 77.58 7.68
C GLU I 431 -69.85 77.83 8.90
N GLY I 432 -69.81 79.06 9.41
CA GLY I 432 -70.54 79.45 10.59
C GLY I 432 -69.83 79.16 11.89
N LYS I 433 -69.14 78.02 11.99
CA LYS I 433 -68.40 77.69 13.20
C LYS I 433 -67.19 78.61 13.36
N ASP I 434 -66.85 78.90 14.60
CA ASP I 434 -65.70 79.74 14.91
C ASP I 434 -64.45 78.87 15.03
N PRO I 435 -63.44 79.07 14.19
CA PRO I 435 -62.21 78.26 14.30
C PRO I 435 -61.52 78.50 15.63
N PRO I 436 -61.00 77.45 16.24
CA PRO I 436 -60.31 77.58 17.55
C PRO I 436 -58.83 77.88 17.40
N ILE I 437 -58.52 79.06 16.84
CA ILE I 437 -57.13 79.44 16.64
C ILE I 437 -56.44 79.69 17.97
N LYS I 438 -57.15 80.31 18.92
CA LYS I 438 -56.59 80.48 20.26
C LYS I 438 -56.35 79.13 20.92
N LYS I 439 -57.30 78.20 20.79
CA LYS I 439 -57.13 76.87 21.35
C LYS I 439 -55.97 76.15 20.67
N LYS I 440 -55.82 76.32 19.36
CA LYS I 440 -54.71 75.69 18.66
C LYS I 440 -53.38 76.27 19.11
N VAL I 441 -53.32 77.58 19.35
CA VAL I 441 -52.09 78.20 19.83
C VAL I 441 -51.74 77.67 21.22
N GLU I 442 -52.74 77.57 22.09
CA GLU I 442 -52.51 77.00 23.41
C GLU I 442 -52.03 75.56 23.31
N ARG I 443 -52.61 74.79 22.37
CA ARG I 443 -52.14 73.42 22.15
C ARG I 443 -50.70 73.41 21.68
N LEU I 444 -50.32 74.36 20.82
CA LEU I 444 -48.94 74.45 20.37
C LEU I 444 -47.99 74.69 21.52
N ARG I 445 -48.34 75.65 22.39
CA ARG I 445 -47.50 75.92 23.56
C ARG I 445 -47.40 74.70 24.46
N ALA I 446 -48.52 74.03 24.70
CA ALA I 446 -48.51 72.86 25.58
C ALA I 446 -47.68 71.73 24.98
N GLU I 447 -47.81 71.48 23.68
CA GLU I 447 -47.06 70.43 23.03
C GLU I 447 -45.57 70.72 23.05
N LEU I 448 -45.19 71.97 22.77
CA LEU I 448 -43.78 72.33 22.80
C LEU I 448 -43.21 72.19 24.22
N ASN I 449 -43.96 72.64 25.22
CA ASN I 449 -43.51 72.49 26.60
C ASN I 449 -43.45 71.03 27.02
N TYR I 450 -44.25 70.16 26.41
CA TYR I 450 -44.24 68.75 26.77
C TYR I 450 -42.93 68.08 26.35
N CYS I 451 -42.35 68.50 25.24
CA CYS I 451 -41.16 67.84 24.72
C CYS I 451 -40.05 67.80 25.77
N TYR I 452 -39.50 66.61 25.98
CA TYR I 452 -38.64 66.35 27.13
C TYR I 452 -37.19 66.09 26.78
N ASP I 453 -36.87 65.81 25.52
CA ASP I 453 -35.49 65.57 25.12
C ASP I 453 -35.27 66.14 23.73
N GLU I 454 -34.06 65.95 23.22
CA GLU I 454 -33.73 66.48 21.90
C GLU I 454 -34.50 65.77 20.80
N LEU I 455 -34.60 64.44 20.89
CA LEU I 455 -35.19 63.66 19.81
C LEU I 455 -36.66 63.98 19.63
N SER I 456 -37.43 63.97 20.72
CA SER I 456 -38.87 64.22 20.61
C SER I 456 -39.15 65.65 20.14
N PHE I 457 -38.42 66.61 20.69
CA PHE I 457 -38.64 68.01 20.29
C PHE I 457 -38.29 68.22 18.83
N LYS I 458 -37.19 67.63 18.36
CA LYS I 458 -36.83 67.77 16.96
C LYS I 458 -37.84 67.06 16.06
N GLU I 459 -38.34 65.90 16.50
CA GLU I 459 -39.41 65.23 15.78
C GLU I 459 -40.59 66.17 15.59
N TYR I 460 -41.06 66.78 16.68
CA TYR I 460 -42.25 67.62 16.61
C TYR I 460 -41.97 68.87 15.77
N LEU I 461 -40.80 69.47 15.92
CA LEU I 461 -40.48 70.67 15.15
C LEU I 461 -40.43 70.37 13.66
N SER I 462 -39.77 69.28 13.27
CA SER I 462 -39.70 68.92 11.86
C SER I 462 -41.07 68.58 11.30
N ASP I 463 -41.88 67.85 12.07
CA ASP I 463 -43.22 67.51 11.61
C ASP I 463 -44.07 68.76 11.43
N PHE I 464 -43.97 69.71 12.36
CA PHE I 464 -44.72 70.96 12.24
C PHE I 464 -44.26 71.77 11.04
N LEU I 465 -42.94 71.82 10.82
CA LEU I 465 -42.43 72.54 9.65
C LEU I 465 -42.93 71.91 8.36
N VAL I 466 -42.96 70.58 8.30
CA VAL I 466 -43.48 69.89 7.12
C VAL I 466 -44.95 70.21 6.91
N ARG I 467 -45.73 70.13 7.99
CA ARG I 467 -47.16 70.42 7.89
C ARG I 467 -47.43 71.86 7.50
N GLY I 468 -46.52 72.78 7.82
CA GLY I 468 -46.72 74.17 7.45
C GLY I 468 -46.87 74.37 5.95
N GLY I 469 -46.10 73.62 5.16
CA GLY I 469 -46.16 73.74 3.72
C GLY I 469 -44.89 74.32 3.12
N LEU I 470 -45.01 74.97 1.97
CA LEU I 470 -43.86 75.58 1.32
C LEU I 470 -43.49 76.86 2.07
N ASN I 471 -42.28 76.90 2.60
CA ASN I 471 -41.78 78.05 3.37
C ASN I 471 -40.73 78.76 2.51
N LYS I 472 -40.98 80.04 2.22
CA LYS I 472 -40.01 80.82 1.45
C LYS I 472 -38.73 81.01 2.23
N TYR I 473 -38.84 81.43 3.49
CA TYR I 473 -37.65 81.74 4.29
C TYR I 473 -36.78 80.50 4.48
N PHE I 474 -37.39 79.35 4.73
CA PHE I 474 -36.61 78.13 4.90
C PHE I 474 -35.97 77.70 3.59
N ASN I 475 -36.53 78.12 2.46
CA ASN I 475 -35.91 77.86 1.17
C ASN I 475 -34.70 78.77 0.95
N GLU I 476 -34.84 80.06 1.26
CA GLU I 476 -33.76 81.01 1.02
C GLU I 476 -32.54 80.70 1.90
N HIS I 477 -32.76 80.31 3.15
CA HIS I 477 -31.68 80.07 4.09
C HIS I 477 -31.62 78.60 4.48
N GLN I 478 -31.69 77.73 3.47
CA GLN I 478 -31.71 76.29 3.69
C GLN I 478 -30.57 75.81 4.58
N GLU I 479 -29.33 76.01 4.13
CA GLU I 479 -28.20 75.44 4.85
C GLU I 479 -28.05 76.05 6.25
N GLU I 480 -28.25 77.36 6.36
CA GLU I 480 -28.09 78.02 7.65
C GLU I 480 -29.09 77.51 8.67
N ILE I 481 -30.36 77.42 8.28
CA ILE I 481 -31.39 76.96 9.21
C ILE I 481 -31.19 75.48 9.53
N ALA I 482 -30.79 74.69 8.54
CA ALA I 482 -30.54 73.27 8.78
C ALA I 482 -29.42 73.09 9.79
N LEU I 483 -28.33 73.85 9.64
CA LEU I 483 -27.23 73.75 10.59
C LEU I 483 -27.62 74.27 11.95
N LEU I 484 -28.44 75.32 12.00
CA LEU I 484 -28.92 75.82 13.28
C LEU I 484 -29.74 74.78 14.02
N ILE I 485 -30.61 74.07 13.30
CA ILE I 485 -31.39 73.00 13.91
C ILE I 485 -30.48 71.88 14.37
N LYS I 486 -29.49 71.52 13.56
CA LYS I 486 -28.63 70.38 13.91
C LYS I 486 -27.75 70.69 15.11
N LYS I 487 -27.25 71.92 15.22
CA LYS I 487 -26.25 72.28 16.23
C LYS I 487 -26.86 72.74 17.54
N SER I 488 -27.83 73.65 17.49
CA SER I 488 -28.28 74.31 18.71
C SER I 488 -28.90 73.30 19.67
N PRO I 489 -28.66 73.45 20.97
CA PRO I 489 -29.32 72.58 21.94
C PRO I 489 -30.84 72.73 21.85
N TRP I 490 -31.55 71.62 22.03
CA TRP I 490 -32.99 71.62 21.77
C TRP I 490 -33.74 72.54 22.72
N GLN I 491 -33.21 72.76 23.93
CA GLN I 491 -33.87 73.70 24.84
C GLN I 491 -33.89 75.11 24.26
N GLU I 492 -32.77 75.53 23.67
CA GLU I 492 -32.72 76.86 23.06
C GLU I 492 -33.70 76.96 21.90
N ILE I 493 -33.74 75.95 21.04
CA ILE I 493 -34.65 75.98 19.91
C ILE I 493 -36.10 76.03 20.39
N ARG I 494 -36.40 75.31 21.46
CA ARG I 494 -37.73 75.38 22.06
C ARG I 494 -38.03 76.79 22.56
N ILE I 495 -37.05 77.42 23.20
CA ILE I 495 -37.24 78.77 23.71
C ILE I 495 -37.58 79.73 22.57
N TRP I 496 -36.77 79.70 21.50
CA TRP I 496 -37.03 80.60 20.38
C TRP I 496 -38.33 80.25 19.65
N SER I 497 -38.72 78.98 19.63
CA SER I 497 -40.01 78.62 19.05
C SER I 497 -41.15 79.22 19.88
N LEU I 498 -41.03 79.17 21.20
CA LEU I 498 -42.04 79.80 22.06
C LEU I 498 -42.09 81.30 21.83
N LEU I 499 -40.93 81.93 21.67
CA LEU I 499 -40.91 83.37 21.37
C LEU I 499 -41.57 83.65 20.02
N ALA I 500 -41.33 82.79 19.03
CA ALA I 500 -41.98 82.95 17.73
C ALA I 500 -43.49 82.87 17.85
N ILE I 501 -43.98 81.90 18.65
CA ILE I 501 -45.42 81.79 18.86
C ILE I 501 -45.95 83.04 19.54
N ALA I 502 -45.22 83.54 20.55
CA ALA I 502 -45.68 84.73 21.28
C ALA I 502 -45.56 85.98 20.42
N SER I 503 -44.63 86.01 19.48
CA SER I 503 -44.40 87.18 18.64
C SER I 503 -45.17 87.15 17.33
N TYR I 504 -46.03 86.15 17.14
CA TYR I 504 -46.79 86.05 15.90
C TYR I 504 -47.78 87.21 15.81
N LYS I 505 -47.74 87.93 14.70
CA LYS I 505 -48.62 89.08 14.48
C LYS I 505 -48.88 89.19 12.98
N PRO I 506 -50.04 88.69 12.50
CA PRO I 506 -50.40 88.71 11.09
C PRO I 506 -50.52 90.11 10.51
N ASN J 4 -13.16 29.84 11.82
CA ASN J 4 -14.28 29.98 12.74
C ASN J 4 -15.59 29.54 12.08
N SER J 5 -16.56 29.12 12.90
CA SER J 5 -17.91 28.78 12.45
C SER J 5 -17.86 27.73 11.33
N GLU J 6 -17.49 26.51 11.73
CA GLU J 6 -17.13 25.43 10.83
C GLU J 6 -18.06 25.24 9.63
N GLU J 7 -19.36 25.49 9.78
CA GLU J 7 -20.26 25.36 8.63
C GLU J 7 -19.94 26.39 7.56
N ASP J 8 -19.54 27.60 7.96
CA ASP J 8 -19.07 28.57 6.98
C ASP J 8 -17.75 28.15 6.36
N LYS J 9 -16.91 27.42 7.11
CA LYS J 9 -15.73 26.83 6.50
C LYS J 9 -16.12 25.86 5.39
N GLN J 10 -17.11 25.00 5.66
CA GLN J 10 -17.58 24.08 4.63
C GLN J 10 -18.12 24.85 3.43
N TYR J 11 -18.84 25.93 3.68
CA TYR J 11 -19.38 26.76 2.60
C TYR J 11 -18.26 27.34 1.74
N LEU J 12 -17.20 27.85 2.38
CA LEU J 12 -16.09 28.43 1.63
C LEU J 12 -15.33 27.38 0.84
N ILE J 13 -15.09 26.20 1.43
CA ILE J 13 -14.40 25.16 0.67
C ILE J 13 -15.27 24.63 -0.46
N PHE J 14 -16.60 24.65 -0.30
CA PHE J 14 -17.47 24.33 -1.42
C PHE J 14 -17.33 25.37 -2.52
N ILE J 15 -17.25 26.65 -2.15
CA ILE J 15 -17.04 27.70 -3.13
C ILE J 15 -15.75 27.44 -3.91
N LYS J 16 -14.68 27.12 -3.20
CA LYS J 16 -13.40 26.86 -3.85
C LYS J 16 -13.45 25.64 -4.74
N VAL J 17 -14.15 24.58 -4.29
CA VAL J 17 -14.26 23.36 -5.09
C VAL J 17 -14.99 23.66 -6.39
N PHE J 18 -16.10 24.41 -6.30
CA PHE J 18 -16.84 24.76 -7.50
C PHE J 18 -16.00 25.61 -8.45
N GLN J 19 -15.24 26.57 -7.89
CA GLN J 19 -14.39 27.40 -8.72
C GLN J 19 -13.32 26.57 -9.43
N GLN J 20 -12.71 25.62 -8.73
CA GLN J 20 -11.68 24.79 -9.35
C GLN J 20 -12.28 23.89 -10.42
N ALA J 21 -13.47 23.34 -10.17
CA ALA J 21 -14.12 22.50 -11.18
C ALA J 21 -14.43 23.31 -12.43
N MET J 22 -14.94 24.53 -12.27
CA MET J 22 -15.20 25.35 -13.45
C MET J 22 -13.90 25.83 -14.11
N LYS J 23 -12.82 25.96 -13.35
CA LYS J 23 -11.52 26.20 -13.98
C LYS J 23 -11.13 25.04 -14.88
N GLY J 24 -11.33 23.81 -14.40
CA GLY J 24 -11.06 22.66 -15.23
C GLY J 24 -11.92 22.61 -16.48
N ASN J 25 -13.21 22.93 -16.33
CA ASN J 25 -14.10 22.95 -17.49
C ASN J 25 -13.67 24.03 -18.49
N PHE J 26 -13.28 25.20 -17.99
CA PHE J 26 -12.80 26.27 -18.88
C PHE J 26 -11.54 25.83 -19.61
N ALA J 27 -10.62 25.17 -18.90
CA ALA J 27 -9.42 24.66 -19.57
C ALA J 27 -9.77 23.67 -20.65
N LYS J 28 -10.73 22.79 -20.37
CA LYS J 28 -11.18 21.82 -21.38
C LYS J 28 -11.70 22.53 -22.63
N ILE J 29 -12.58 23.52 -22.45
CA ILE J 29 -13.18 24.14 -23.64
C ILE J 29 -12.17 25.01 -24.38
N TYR J 30 -11.25 25.66 -23.66
CA TYR J 30 -10.14 26.34 -24.33
C TYR J 30 -9.33 25.37 -25.16
N ALA J 31 -9.10 24.16 -24.63
CA ALA J 31 -8.39 23.14 -25.40
C ALA J 31 -9.17 22.74 -26.64
N LYS J 32 -10.51 22.68 -26.52
CA LYS J 32 -11.33 22.23 -27.66
C LYS J 32 -11.20 23.19 -28.86
N THR J 33 -11.26 24.49 -28.61
CA THR J 33 -11.26 25.45 -29.70
C THR J 33 -9.87 25.58 -30.32
N GLU J 34 -9.85 26.11 -31.55
CA GLU J 34 -8.60 26.27 -32.28
C GLU J 34 -8.73 27.46 -33.23
N GLU J 35 -7.58 28.02 -33.60
CA GLU J 35 -7.46 29.14 -34.53
C GLU J 35 -8.16 30.37 -33.93
N GLY J 36 -8.25 31.46 -34.67
CA GLY J 36 -8.57 32.77 -34.12
C GLY J 36 -9.98 33.00 -33.61
N LYS J 37 -10.88 32.01 -33.66
CA LYS J 37 -12.22 32.23 -33.12
C LYS J 37 -12.15 32.44 -31.62
N ASP J 38 -12.95 33.37 -31.12
CA ASP J 38 -12.93 33.67 -29.70
C ASP J 38 -13.57 32.49 -28.96
N PRO J 39 -12.86 31.84 -28.05
CA PRO J 39 -13.43 30.70 -27.32
C PRO J 39 -14.68 31.12 -26.55
N PRO J 40 -15.76 30.36 -26.64
CA PRO J 40 -17.01 30.79 -26.00
C PRO J 40 -16.98 30.58 -24.51
N ILE J 41 -16.83 31.67 -23.75
CA ILE J 41 -16.70 31.61 -22.30
C ILE J 41 -17.81 32.39 -21.61
N LYS J 42 -18.04 33.63 -22.05
CA LYS J 42 -19.22 34.36 -21.58
C LYS J 42 -20.48 33.62 -21.97
N LYS J 43 -20.52 33.06 -23.18
CA LYS J 43 -21.60 32.17 -23.56
C LYS J 43 -21.61 30.91 -22.69
N LYS J 44 -20.43 30.38 -22.38
CA LYS J 44 -20.37 29.23 -21.48
C LYS J 44 -20.86 29.58 -20.09
N VAL J 45 -20.51 30.77 -19.59
CA VAL J 45 -21.00 31.21 -18.29
C VAL J 45 -22.52 31.34 -18.31
N GLU J 46 -23.07 31.91 -19.38
CA GLU J 46 -24.52 32.03 -19.51
C GLU J 46 -25.18 30.65 -19.53
N ARG J 47 -24.60 29.71 -20.28
CA ARG J 47 -25.13 28.35 -20.31
C ARG J 47 -25.09 27.70 -18.94
N LEU J 48 -23.98 27.89 -18.22
CA LEU J 48 -23.85 27.33 -16.88
C LEU J 48 -24.91 27.90 -15.95
N ARG J 49 -25.11 29.22 -16.00
CA ARG J 49 -26.14 29.83 -15.17
C ARG J 49 -27.52 29.29 -15.53
N ALA J 50 -27.83 29.21 -16.83
CA ALA J 50 -29.15 28.77 -17.24
C ALA J 50 -29.41 27.32 -16.81
N GLU J 51 -28.41 26.46 -16.96
CA GLU J 51 -28.57 25.08 -16.54
C GLU J 51 -28.67 24.97 -15.02
N LEU J 52 -28.00 25.84 -14.28
CA LEU J 52 -28.15 25.87 -12.84
C LEU J 52 -29.56 26.30 -12.45
N ASN J 53 -30.08 27.32 -13.12
CA ASN J 53 -31.44 27.80 -12.84
C ASN J 53 -32.47 26.73 -13.12
N TYR J 54 -32.30 26.00 -14.23
CA TYR J 54 -33.21 24.91 -14.57
C TYR J 54 -32.98 23.75 -13.61
N CYS J 55 -33.94 23.50 -12.73
CA CYS J 55 -33.92 22.34 -11.84
C CYS J 55 -35.26 22.24 -11.13
N TYR J 56 -35.58 21.02 -10.71
CA TYR J 56 -36.85 20.73 -10.06
C TYR J 56 -36.64 19.86 -8.82
N ASP J 57 -35.66 20.27 -8.00
CA ASP J 57 -35.47 19.77 -6.64
C ASP J 57 -34.82 18.39 -6.57
N GLU J 58 -34.04 18.16 -5.52
CA GLU J 58 -33.41 16.88 -5.21
C GLU J 58 -32.61 16.31 -6.37
N LEU J 59 -33.08 15.21 -6.95
CA LEU J 59 -32.30 14.51 -7.98
C LEU J 59 -31.85 15.46 -9.08
N SER J 60 -32.80 16.24 -9.62
CA SER J 60 -32.42 17.31 -10.52
C SER J 60 -31.60 18.35 -9.77
N PHE J 61 -30.54 18.83 -10.42
CA PHE J 61 -29.52 19.72 -9.89
C PHE J 61 -28.53 19.01 -8.97
N LYS J 62 -28.87 17.82 -8.46
CA LYS J 62 -27.85 17.08 -7.74
C LYS J 62 -27.05 16.19 -8.67
N GLU J 63 -27.74 15.46 -9.56
CA GLU J 63 -27.03 14.85 -10.67
C GLU J 63 -26.27 15.90 -11.47
N TYR J 64 -26.85 17.10 -11.60
CA TYR J 64 -26.18 18.16 -12.34
C TYR J 64 -24.90 18.63 -11.65
N LEU J 65 -24.95 18.86 -10.33
CA LEU J 65 -23.76 19.30 -9.63
C LEU J 65 -22.69 18.20 -9.63
N SER J 66 -23.10 16.95 -9.45
CA SER J 66 -22.13 15.85 -9.52
C SER J 66 -21.48 15.76 -10.89
N ASP J 67 -22.29 15.88 -11.96
CA ASP J 67 -21.75 15.82 -13.31
C ASP J 67 -20.83 17.01 -13.58
N PHE J 68 -21.18 18.18 -13.09
CA PHE J 68 -20.31 19.35 -13.26
C PHE J 68 -18.99 19.14 -12.55
N LEU J 69 -19.02 18.62 -11.33
CA LEU J 69 -17.77 18.36 -10.61
C LEU J 69 -16.94 17.30 -11.33
N VAL J 70 -17.60 16.31 -11.94
CA VAL J 70 -16.87 15.27 -12.66
C VAL J 70 -16.21 15.86 -13.91
N ARG J 71 -16.98 16.61 -14.70
CA ARG J 71 -16.43 17.20 -15.93
C ARG J 71 -15.42 18.28 -15.64
N GLY J 72 -15.40 18.82 -14.41
CA GLY J 72 -14.36 19.74 -14.04
C GLY J 72 -12.98 19.10 -14.05
N GLY J 73 -12.90 17.82 -13.70
CA GLY J 73 -11.65 17.10 -13.67
C GLY J 73 -11.28 16.69 -12.25
N LEU J 74 -9.99 16.79 -11.96
CA LEU J 74 -9.50 16.51 -10.61
C LEU J 74 -9.51 17.78 -9.78
N ASN J 75 -10.19 17.71 -8.63
CA ASN J 75 -10.36 18.86 -7.74
C ASN J 75 -9.52 18.60 -6.50
N LYS J 76 -8.41 19.34 -6.36
CA LYS J 76 -7.53 19.14 -5.22
C LYS J 76 -8.24 19.43 -3.91
N TYR J 77 -9.01 20.52 -3.86
CA TYR J 77 -9.75 20.85 -2.64
C TYR J 77 -10.76 19.77 -2.31
N PHE J 78 -11.44 19.24 -3.33
CA PHE J 78 -12.34 18.11 -3.10
C PHE J 78 -11.55 16.89 -2.62
N ASN J 79 -10.35 16.68 -3.15
CA ASN J 79 -9.53 15.56 -2.71
C ASN J 79 -9.19 15.65 -1.23
N GLU J 80 -8.79 16.83 -0.75
CA GLU J 80 -8.51 16.98 0.67
C GLU J 80 -9.77 17.03 1.51
N HIS J 81 -10.90 17.43 0.91
CA HIS J 81 -12.13 17.62 1.68
C HIS J 81 -13.27 16.77 1.15
N GLN J 82 -13.03 15.47 0.95
CA GLN J 82 -14.07 14.58 0.44
C GLN J 82 -15.27 14.53 1.38
N GLU J 83 -15.02 14.22 2.66
CA GLU J 83 -16.11 13.95 3.59
C GLU J 83 -16.94 15.20 3.85
N GLU J 84 -16.28 16.33 4.10
CA GLU J 84 -17.01 17.56 4.41
C GLU J 84 -17.87 18.00 3.23
N ILE J 85 -17.30 17.97 2.03
CA ILE J 85 -18.05 18.38 0.85
C ILE J 85 -19.22 17.44 0.60
N ALA J 86 -18.99 16.13 0.70
CA ALA J 86 -20.07 15.18 0.45
C ALA J 86 -21.19 15.33 1.48
N LEU J 87 -20.84 15.51 2.76
CA LEU J 87 -21.86 15.67 3.79
C LEU J 87 -22.63 16.98 3.59
N LEU J 88 -21.93 18.05 3.22
CA LEU J 88 -22.61 19.32 2.96
C LEU J 88 -23.56 19.20 1.78
N ILE J 89 -23.14 18.50 0.72
CA ILE J 89 -23.99 18.34 -0.45
C ILE J 89 -25.21 17.50 -0.11
N LYS J 90 -25.03 16.40 0.61
CA LYS J 90 -26.15 15.52 0.94
C LYS J 90 -27.18 16.25 1.79
N LYS J 91 -26.72 17.07 2.74
CA LYS J 91 -27.61 17.85 3.58
C LYS J 91 -27.85 19.21 2.94
N SER J 92 -28.59 20.09 3.64
CA SER J 92 -28.89 21.47 3.27
C SER J 92 -29.89 21.53 2.11
N PRO J 93 -30.78 22.52 2.11
CA PRO J 93 -31.75 22.63 1.00
C PRO J 93 -31.04 22.88 -0.32
N TRP J 94 -31.55 22.23 -1.37
CA TRP J 94 -30.90 22.31 -2.68
C TRP J 94 -30.92 23.73 -3.22
N GLN J 95 -31.92 24.53 -2.84
CA GLN J 95 -31.94 25.93 -3.25
C GLN J 95 -30.76 26.69 -2.65
N GLU J 96 -30.42 26.40 -1.39
CA GLU J 96 -29.25 27.03 -0.77
C GLU J 96 -27.97 26.63 -1.50
N ILE J 97 -27.85 25.36 -1.89
CA ILE J 97 -26.68 24.93 -2.63
C ILE J 97 -26.63 25.60 -4.00
N ARG J 98 -27.78 25.80 -4.65
CA ARG J 98 -27.80 26.52 -5.91
C ARG J 98 -27.37 27.97 -5.72
N ILE J 99 -27.80 28.60 -4.63
CA ILE J 99 -27.39 29.97 -4.36
C ILE J 99 -25.88 30.04 -4.14
N TRP J 100 -25.33 29.09 -3.37
CA TRP J 100 -23.89 29.05 -3.18
C TRP J 100 -23.17 28.84 -4.50
N SER J 101 -23.71 27.98 -5.35
CA SER J 101 -23.10 27.72 -6.65
C SER J 101 -23.12 28.96 -7.53
N LEU J 102 -24.21 29.73 -7.48
CA LEU J 102 -24.27 30.97 -8.26
C LEU J 102 -23.28 32.00 -7.73
N LEU J 103 -23.11 32.03 -6.40
CA LEU J 103 -22.11 32.93 -5.84
C LEU J 103 -20.78 32.47 -6.41
N ALA J 104 -20.46 31.20 -6.24
CA ALA J 104 -19.20 30.66 -6.76
C ALA J 104 -19.00 31.05 -8.21
N ILE J 105 -20.06 30.95 -9.01
CA ILE J 105 -19.98 31.34 -10.41
C ILE J 105 -19.34 32.71 -10.52
N ALA J 106 -19.97 33.70 -9.91
CA ALA J 106 -19.44 35.07 -9.97
C ALA J 106 -18.18 35.23 -9.14
N SER J 107 -17.75 34.18 -8.46
CA SER J 107 -16.58 34.28 -7.60
C SER J 107 -15.33 33.69 -8.23
N TYR J 108 -15.44 33.17 -9.45
CA TYR J 108 -14.29 32.48 -10.03
C TYR J 108 -13.25 33.46 -10.57
N LYS J 109 -13.68 34.66 -10.96
CA LYS J 109 -12.84 35.57 -11.71
C LYS J 109 -11.47 35.88 -11.12
N PRO J 110 -11.29 36.07 -9.80
CA PRO J 110 -9.93 36.34 -9.29
C PRO J 110 -8.94 35.22 -9.56
N LYS J 111 -9.41 34.02 -9.90
CA LYS J 111 -8.48 32.95 -10.26
C LYS J 111 -7.62 33.34 -11.44
N ASP J 112 -8.23 33.94 -12.46
CA ASP J 112 -7.52 34.52 -13.59
C ASP J 112 -8.41 35.52 -14.33
N ASN K 4 -12.15 51.40 9.15
CA ASN K 4 -12.81 51.39 10.45
C ASN K 4 -14.14 50.65 10.40
N SER K 5 -14.38 49.78 11.39
CA SER K 5 -15.60 48.98 11.48
C SER K 5 -15.78 48.14 10.20
N GLU K 6 -14.88 47.16 10.07
CA GLU K 6 -14.73 46.34 8.86
C GLU K 6 -16.06 45.85 8.29
N GLU K 7 -17.09 45.71 9.13
CA GLU K 7 -18.42 45.40 8.62
C GLU K 7 -18.90 46.48 7.65
N ASP K 8 -18.67 47.76 8.01
CA ASP K 8 -19.02 48.84 7.10
C ASP K 8 -18.18 48.80 5.83
N LYS K 9 -16.91 48.41 5.94
CA LYS K 9 -16.10 48.24 4.73
C LYS K 9 -16.69 47.18 3.82
N GLN K 10 -17.10 46.04 4.40
CA GLN K 10 -17.73 45.00 3.60
C GLN K 10 -19.02 45.48 2.96
N TYR K 11 -19.79 46.28 3.70
CA TYR K 11 -21.03 46.83 3.17
C TYR K 11 -20.76 47.75 1.97
N LEU K 12 -19.72 48.59 2.09
CA LEU K 12 -19.38 49.48 0.98
C LEU K 12 -18.90 48.71 -0.24
N ILE K 13 -18.05 47.70 -0.03
CA ILE K 13 -17.58 46.91 -1.16
C ILE K 13 -18.71 46.09 -1.76
N PHE K 14 -19.71 45.69 -0.97
CA PHE K 14 -20.89 45.04 -1.54
C PHE K 14 -21.68 46.00 -2.40
N ILE K 15 -21.82 47.24 -1.95
CA ILE K 15 -22.47 48.27 -2.78
C ILE K 15 -21.74 48.40 -4.11
N LYS K 16 -20.41 48.44 -4.06
CA LYS K 16 -19.62 48.55 -5.30
C LYS K 16 -19.80 47.31 -6.18
N VAL K 17 -19.87 46.13 -5.56
CA VAL K 17 -20.05 44.89 -6.32
C VAL K 17 -21.37 44.93 -7.06
N PHE K 18 -22.44 45.33 -6.36
CA PHE K 18 -23.76 45.39 -7.00
C PHE K 18 -23.77 46.43 -8.11
N GLN K 19 -23.10 47.56 -7.90
CA GLN K 19 -23.00 48.57 -8.95
C GLN K 19 -22.30 48.03 -10.19
N GLN K 20 -21.21 47.29 -9.99
CA GLN K 20 -20.48 46.75 -11.13
C GLN K 20 -21.31 45.69 -11.85
N ALA K 21 -22.07 44.90 -11.10
CA ALA K 21 -22.95 43.92 -11.73
C ALA K 21 -24.02 44.60 -12.57
N MET K 22 -24.60 45.70 -12.06
CA MET K 22 -25.59 46.40 -12.85
C MET K 22 -24.94 47.06 -14.06
N LYS K 23 -23.69 47.50 -13.93
CA LYS K 23 -22.95 47.99 -15.09
C LYS K 23 -22.82 46.90 -16.15
N GLY K 24 -22.49 45.69 -15.73
CA GLY K 24 -22.40 44.59 -16.68
C GLY K 24 -23.73 44.31 -17.37
N ASN K 25 -24.82 44.34 -16.61
CA ASN K 25 -26.13 44.11 -17.22
C ASN K 25 -26.52 45.26 -18.16
N PHE K 26 -26.12 46.49 -17.82
CA PHE K 26 -26.35 47.62 -18.71
C PHE K 26 -25.58 47.44 -20.02
N ALA K 27 -24.34 46.99 -19.93
CA ALA K 27 -23.57 46.69 -21.13
C ALA K 27 -24.25 45.59 -21.95
N LYS K 28 -24.80 44.59 -21.27
CA LYS K 28 -25.49 43.51 -21.97
C LYS K 28 -26.71 44.02 -22.73
N ILE K 29 -27.54 44.84 -22.08
CA ILE K 29 -28.75 45.32 -22.74
C ILE K 29 -28.39 46.28 -23.86
N TYR K 30 -27.35 47.09 -23.66
CA TYR K 30 -26.89 47.98 -24.73
C TYR K 30 -26.38 47.19 -25.93
N ALA K 31 -25.73 46.05 -25.68
CA ALA K 31 -25.30 45.19 -26.78
C ALA K 31 -26.51 44.56 -27.47
N LYS K 32 -27.53 44.19 -26.70
CA LYS K 32 -28.69 43.50 -27.26
C LYS K 32 -29.50 44.40 -28.19
N THR K 33 -29.69 45.67 -27.82
CA THR K 33 -30.53 46.56 -28.62
C THR K 33 -29.87 46.84 -29.97
N GLU K 34 -30.70 47.13 -30.97
CA GLU K 34 -30.25 47.27 -32.35
C GLU K 34 -31.07 48.36 -33.03
N GLU K 35 -30.60 48.78 -34.20
CA GLU K 35 -31.20 49.86 -35.00
C GLU K 35 -31.17 51.14 -34.17
N GLY K 36 -32.06 52.08 -34.49
CA GLY K 36 -32.18 53.35 -33.80
C GLY K 36 -33.08 53.32 -32.59
N LYS K 37 -33.56 52.14 -32.19
CA LYS K 37 -34.43 52.03 -31.02
C LYS K 37 -33.69 52.50 -29.77
N ASP K 38 -34.40 53.22 -28.92
CA ASP K 38 -33.81 53.70 -27.67
C ASP K 38 -33.55 52.51 -26.75
N PRO K 39 -32.32 52.30 -26.31
CA PRO K 39 -32.05 51.20 -25.39
C PRO K 39 -32.81 51.39 -24.08
N PRO K 40 -33.58 50.39 -23.66
CA PRO K 40 -34.36 50.53 -22.43
C PRO K 40 -33.46 50.52 -21.19
N ILE K 41 -33.31 51.68 -20.56
CA ILE K 41 -32.50 51.79 -19.36
C ILE K 41 -33.38 52.21 -18.19
N LYS K 42 -34.16 53.27 -18.39
CA LYS K 42 -35.14 53.65 -17.38
C LYS K 42 -36.15 52.54 -17.15
N LYS K 43 -36.63 51.92 -18.23
CA LYS K 43 -37.52 50.78 -18.11
C LYS K 43 -36.82 49.63 -17.39
N LYS K 44 -35.56 49.37 -17.73
CA LYS K 44 -34.83 48.29 -17.09
C LYS K 44 -34.58 48.59 -15.62
N VAL K 45 -34.27 49.84 -15.28
CA VAL K 45 -34.03 50.20 -13.88
C VAL K 45 -35.30 50.05 -13.07
N GLU K 46 -36.44 50.52 -13.62
CA GLU K 46 -37.71 50.38 -12.92
C GLU K 46 -38.10 48.92 -12.77
N ARG K 47 -37.85 48.11 -13.79
CA ARG K 47 -38.10 46.67 -13.70
C ARG K 47 -37.25 46.04 -12.61
N LEU K 48 -35.97 46.42 -12.53
CA LEU K 48 -35.09 45.92 -11.48
C LEU K 48 -35.60 46.29 -10.10
N ARG K 49 -36.02 47.55 -9.94
CA ARG K 49 -36.52 47.99 -8.64
C ARG K 49 -37.80 47.23 -8.27
N ALA K 50 -38.70 47.05 -9.24
CA ALA K 50 -39.94 46.34 -8.97
C ALA K 50 -39.68 44.88 -8.58
N GLU K 51 -38.78 44.22 -9.28
CA GLU K 51 -38.45 42.84 -8.91
C GLU K 51 -37.72 42.78 -7.58
N LEU K 52 -36.93 43.81 -7.25
CA LEU K 52 -36.26 43.83 -5.95
C LEU K 52 -37.27 43.98 -4.82
N ASN K 53 -38.27 44.84 -5.00
CA ASN K 53 -39.29 45.00 -3.98
C ASN K 53 -40.10 43.72 -3.80
N TYR K 54 -40.36 43.00 -4.90
CA TYR K 54 -41.11 41.76 -4.85
C TYR K 54 -40.21 40.65 -4.34
N CYS K 55 -40.51 40.14 -3.15
CA CYS K 55 -39.72 39.07 -2.55
C CYS K 55 -40.42 38.55 -1.30
N TYR K 56 -40.24 37.27 -1.03
CA TYR K 56 -40.91 36.61 0.10
C TYR K 56 -39.93 35.71 0.86
N ASP K 57 -38.78 36.28 1.25
CA ASP K 57 -37.89 35.73 2.28
C ASP K 57 -36.92 34.67 1.78
N GLU K 58 -35.71 34.68 2.35
CA GLU K 58 -34.66 33.69 2.12
C GLU K 58 -34.46 33.36 0.65
N LEU K 59 -34.96 32.19 0.22
CA LEU K 59 -34.74 31.72 -1.14
C LEU K 59 -35.10 32.80 -2.16
N SER K 60 -36.28 33.37 -2.02
CA SER K 60 -36.66 34.50 -2.85
C SER K 60 -35.78 35.71 -2.53
N PHE K 61 -35.39 36.41 -3.59
CA PHE K 61 -34.52 37.58 -3.58
C PHE K 61 -33.07 37.24 -3.30
N LYS K 62 -32.79 36.07 -2.73
CA LYS K 62 -31.39 35.66 -2.65
C LYS K 62 -30.99 34.92 -3.90
N GLU K 63 -31.87 34.06 -4.40
CA GLU K 63 -31.70 33.53 -5.75
C GLU K 63 -31.61 34.66 -6.76
N TYR K 64 -32.45 35.68 -6.59
CA TYR K 64 -32.43 36.82 -7.52
C TYR K 64 -31.15 37.62 -7.41
N LEU K 65 -30.66 37.84 -6.18
CA LEU K 65 -29.39 38.53 -6.00
C LEU K 65 -28.25 37.79 -6.69
N SER K 66 -28.16 36.47 -6.45
CA SER K 66 -27.10 35.69 -7.08
C SER K 66 -27.23 35.69 -8.59
N ASP K 67 -28.45 35.54 -9.10
CA ASP K 67 -28.66 35.52 -10.54
C ASP K 67 -28.29 36.87 -11.17
N PHE K 68 -28.66 37.96 -10.52
CA PHE K 68 -28.31 39.28 -11.03
C PHE K 68 -26.80 39.50 -11.02
N LEU K 69 -26.12 39.07 -9.95
CA LEU K 69 -24.68 39.20 -9.91
C LEU K 69 -24.01 38.38 -11.02
N VAL K 70 -24.53 37.17 -11.28
CA VAL K 70 -24.00 36.38 -12.38
C VAL K 70 -24.25 37.05 -13.71
N ARG K 71 -25.46 37.59 -13.91
CA ARG K 71 -25.77 38.34 -15.13
C ARG K 71 -24.84 39.52 -15.31
N GLY K 72 -24.39 40.12 -14.22
CA GLY K 72 -23.45 41.23 -14.33
C GLY K 72 -22.14 40.82 -14.99
N GLY K 73 -21.69 39.59 -14.72
CA GLY K 73 -20.46 39.11 -15.32
C GLY K 73 -19.24 39.48 -14.51
N LEU K 74 -18.12 39.68 -15.20
CA LEU K 74 -16.86 40.00 -14.55
C LEU K 74 -16.99 41.24 -13.66
N ASN K 75 -16.76 41.04 -12.36
CA ASN K 75 -16.81 42.14 -11.39
C ASN K 75 -15.59 42.10 -10.48
N LYS K 76 -14.74 43.13 -10.60
CA LYS K 76 -13.45 43.13 -9.93
C LYS K 76 -13.59 43.29 -8.42
N TYR K 77 -14.52 44.14 -7.97
CA TYR K 77 -14.66 44.39 -6.55
C TYR K 77 -15.01 43.12 -5.80
N PHE K 78 -15.85 42.27 -6.39
CA PHE K 78 -16.11 40.97 -5.82
C PHE K 78 -14.92 40.03 -5.97
N ASN K 79 -14.09 40.23 -7.00
CA ASN K 79 -12.90 39.42 -7.17
C ASN K 79 -11.92 39.62 -6.02
N GLU K 80 -11.73 40.87 -5.59
CA GLU K 80 -10.72 41.15 -4.57
C GLU K 80 -11.04 40.45 -3.25
N HIS K 81 -12.32 40.43 -2.87
CA HIS K 81 -12.75 39.97 -1.55
C HIS K 81 -13.78 38.85 -1.72
N GLN K 82 -13.31 37.61 -1.61
CA GLN K 82 -14.19 36.46 -1.78
C GLN K 82 -14.93 36.09 -0.49
N GLU K 83 -14.18 35.73 0.54
CA GLU K 83 -14.79 35.19 1.75
C GLU K 83 -15.69 36.20 2.43
N GLU K 84 -15.27 37.47 2.49
CA GLU K 84 -16.06 38.48 3.19
C GLU K 84 -17.44 38.64 2.55
N ILE K 85 -17.48 38.85 1.23
CA ILE K 85 -18.77 39.04 0.57
C ILE K 85 -19.58 37.75 0.55
N ALA K 86 -18.92 36.60 0.39
CA ALA K 86 -19.65 35.34 0.42
C ALA K 86 -20.34 35.14 1.76
N LEU K 87 -19.63 35.41 2.86
CA LEU K 87 -20.24 35.29 4.18
C LEU K 87 -21.32 36.33 4.40
N LEU K 88 -21.11 37.55 3.88
CA LEU K 88 -22.12 38.59 4.02
C LEU K 88 -23.41 38.19 3.31
N ILE K 89 -23.29 37.59 2.12
CA ILE K 89 -24.48 37.17 1.39
C ILE K 89 -25.15 35.98 2.08
N LYS K 90 -24.37 34.99 2.51
CA LYS K 90 -24.97 33.84 3.19
C LYS K 90 -25.59 34.25 4.52
N LYS K 91 -24.90 35.10 5.28
CA LYS K 91 -25.43 35.59 6.54
C LYS K 91 -26.26 36.86 6.29
N SER K 92 -26.59 37.56 7.38
CA SER K 92 -27.33 38.82 7.41
C SER K 92 -28.78 38.61 7.01
N PRO K 93 -29.72 39.28 7.68
CA PRO K 93 -31.11 39.22 7.24
C PRO K 93 -31.24 39.75 5.82
N TRP K 94 -32.07 39.08 5.03
CA TRP K 94 -32.21 39.43 3.62
C TRP K 94 -32.75 40.84 3.42
N GLN K 95 -33.54 41.35 4.37
CA GLN K 95 -34.08 42.70 4.22
C GLN K 95 -32.97 43.75 4.22
N GLU K 96 -31.96 43.59 5.08
CA GLU K 96 -30.86 44.55 5.07
C GLU K 96 -30.08 44.47 3.77
N ILE K 97 -29.92 43.26 3.22
CA ILE K 97 -29.28 43.11 1.91
C ILE K 97 -30.11 43.82 0.85
N ARG K 98 -31.44 43.77 0.97
CA ARG K 98 -32.30 44.51 0.06
C ARG K 98 -32.08 46.01 0.19
N ILE K 99 -31.94 46.50 1.43
CA ILE K 99 -31.67 47.91 1.65
C ILE K 99 -30.37 48.30 0.96
N TRP K 100 -29.33 47.51 1.16
CA TRP K 100 -28.03 47.80 0.56
C TRP K 100 -28.11 47.78 -0.95
N SER K 101 -28.83 46.80 -1.52
CA SER K 101 -28.95 46.71 -2.97
C SER K 101 -29.73 47.89 -3.54
N LEU K 102 -30.79 48.33 -2.88
CA LEU K 102 -31.53 49.48 -3.36
C LEU K 102 -30.69 50.76 -3.26
N LEU K 103 -29.94 50.91 -2.17
CA LEU K 103 -29.02 52.04 -2.09
C LEU K 103 -28.00 51.98 -3.21
N ALA K 104 -27.54 50.78 -3.57
CA ALA K 104 -26.66 50.62 -4.71
C ALA K 104 -27.35 51.04 -6.01
N ILE K 105 -28.62 50.70 -6.14
CA ILE K 105 -29.35 51.12 -7.32
C ILE K 105 -29.19 52.62 -7.49
N ALA K 106 -29.36 53.35 -6.40
CA ALA K 106 -29.27 54.81 -6.48
C ALA K 106 -27.82 55.31 -6.44
N SER K 107 -26.88 54.43 -6.11
CA SER K 107 -25.49 54.87 -6.00
C SER K 107 -24.61 54.35 -7.14
N TYR K 108 -25.21 53.82 -8.19
CA TYR K 108 -24.43 53.40 -9.36
C TYR K 108 -24.37 54.58 -10.29
N LYS K 109 -25.41 55.39 -10.28
CA LYS K 109 -25.48 56.58 -11.13
C LYS K 109 -24.27 57.49 -11.03
N PRO K 110 -23.54 57.52 -9.90
CA PRO K 110 -22.24 58.21 -9.93
C PRO K 110 -21.29 57.72 -10.99
N LYS K 111 -21.29 56.41 -11.26
CA LYS K 111 -20.39 55.88 -12.27
C LYS K 111 -20.69 56.48 -13.64
N ASP K 112 -21.97 56.57 -13.99
CA ASP K 112 -22.42 57.31 -15.18
C ASP K 112 -23.90 57.60 -15.06
N ASN L 4 -17.28 74.09 9.07
CA ASN L 4 -18.16 73.03 9.55
C ASN L 4 -17.44 71.69 9.59
N SER L 5 -17.80 70.87 10.58
CA SER L 5 -17.21 69.54 10.71
C SER L 5 -17.72 68.63 9.61
N GLU L 6 -17.12 67.43 9.52
CA GLU L 6 -17.49 66.50 8.46
C GLU L 6 -18.94 66.04 8.58
N GLU L 7 -19.41 65.81 9.80
CA GLU L 7 -20.78 65.32 9.99
C GLU L 7 -21.80 66.31 9.43
N ASP L 8 -21.56 67.62 9.60
CA ASP L 8 -22.46 68.62 9.06
C ASP L 8 -22.48 68.58 7.53
N LYS L 9 -21.32 68.39 6.91
CA LYS L 9 -21.29 68.26 5.46
C LYS L 9 -22.09 67.03 5.02
N GLN L 10 -21.91 65.90 5.70
CA GLN L 10 -22.66 64.70 5.34
C GLN L 10 -24.16 64.93 5.47
N TYR L 11 -24.57 65.62 6.53
CA TYR L 11 -25.98 65.92 6.75
C TYR L 11 -26.52 66.81 5.64
N LEU L 12 -25.73 67.80 5.20
CA LEU L 12 -26.16 68.66 4.10
C LEU L 12 -26.30 67.89 2.80
N ILE L 13 -25.35 66.99 2.51
CA ILE L 13 -25.49 66.18 1.29
C ILE L 13 -26.71 65.27 1.39
N PHE L 14 -27.01 64.76 2.58
CA PHE L 14 -28.21 63.93 2.71
C PHE L 14 -29.47 64.75 2.44
N ILE L 15 -29.51 65.99 2.94
CA ILE L 15 -30.66 66.86 2.67
C ILE L 15 -30.81 67.10 1.18
N LYS L 16 -29.70 67.42 0.51
CA LYS L 16 -29.75 67.67 -0.93
C LYS L 16 -30.13 66.42 -1.71
N VAL L 17 -29.66 65.25 -1.24
CA VAL L 17 -30.00 63.98 -1.90
C VAL L 17 -31.50 63.74 -1.82
N PHE L 18 -32.07 63.93 -0.63
CA PHE L 18 -33.51 63.75 -0.48
C PHE L 18 -34.27 64.74 -1.34
N GLN L 19 -33.80 65.99 -1.40
CA GLN L 19 -34.48 66.98 -2.22
C GLN L 19 -34.45 66.61 -3.71
N GLN L 20 -33.31 66.10 -4.18
CA GLN L 20 -33.25 65.67 -5.58
C GLN L 20 -34.15 64.46 -5.82
N ALA L 21 -34.24 63.55 -4.85
CA ALA L 21 -35.15 62.42 -4.99
C ALA L 21 -36.60 62.89 -5.08
N MET L 22 -36.97 63.87 -4.26
CA MET L 22 -38.32 64.44 -4.36
C MET L 22 -38.53 65.14 -5.69
N LYS L 23 -37.49 65.82 -6.20
CA LYS L 23 -37.57 66.40 -7.53
C LYS L 23 -37.93 65.32 -8.56
N GLY L 24 -37.23 64.20 -8.51
CA GLY L 24 -37.51 63.12 -9.46
C GLY L 24 -38.90 62.57 -9.31
N ASN L 25 -39.34 62.34 -8.07
CA ASN L 25 -40.66 61.78 -7.83
C ASN L 25 -41.76 62.74 -8.30
N PHE L 26 -41.61 64.04 -8.01
CA PHE L 26 -42.59 65.01 -8.45
C PHE L 26 -42.61 65.13 -9.97
N ALA L 27 -41.43 65.03 -10.60
CA ALA L 27 -41.39 65.04 -12.06
C ALA L 27 -42.14 63.84 -12.63
N LYS L 28 -41.95 62.66 -12.03
CA LYS L 28 -42.69 61.48 -12.48
C LYS L 28 -44.19 61.65 -12.27
N ILE L 29 -44.59 62.27 -11.16
CA ILE L 29 -46.01 62.51 -10.91
C ILE L 29 -46.58 63.47 -11.95
N TYR L 30 -45.84 64.54 -12.27
CA TYR L 30 -46.28 65.49 -13.28
C TYR L 30 -46.43 64.81 -14.64
N ALA L 31 -45.45 63.98 -15.01
CA ALA L 31 -45.48 63.35 -16.32
C ALA L 31 -46.60 62.31 -16.41
N LYS L 32 -46.84 61.58 -15.32
CA LYS L 32 -47.81 60.49 -15.35
C LYS L 32 -49.25 61.01 -15.36
N THR L 33 -49.52 62.12 -14.68
CA THR L 33 -50.88 62.60 -14.55
C THR L 33 -50.95 64.04 -15.05
N GLU L 34 -50.53 64.26 -16.30
CA GLU L 34 -50.69 65.56 -16.92
C GLU L 34 -52.14 65.91 -17.18
N GLU L 35 -53.01 64.92 -17.28
CA GLU L 35 -54.43 65.17 -17.51
C GLU L 35 -55.06 65.83 -16.30
N GLY L 36 -56.12 66.59 -16.55
CA GLY L 36 -56.79 67.34 -15.50
C GLY L 36 -56.24 68.74 -15.35
N LYS L 37 -56.84 69.48 -14.42
CA LYS L 37 -56.41 70.86 -14.17
C LYS L 37 -54.98 70.90 -13.65
N ASP L 38 -54.65 70.04 -12.70
CA ASP L 38 -53.33 70.02 -12.09
C ASP L 38 -53.09 68.70 -11.37
N PRO L 39 -51.93 68.07 -11.56
CA PRO L 39 -51.61 66.86 -10.79
C PRO L 39 -51.54 67.18 -9.31
N PRO L 40 -51.74 66.18 -8.44
CA PRO L 40 -51.59 66.43 -6.99
C PRO L 40 -50.13 66.45 -6.59
N ILE L 41 -49.70 67.57 -6.00
CA ILE L 41 -48.40 67.66 -5.35
C ILE L 41 -48.55 67.91 -3.85
N LYS L 42 -49.43 68.85 -3.48
CA LYS L 42 -49.69 69.10 -2.06
C LYS L 42 -50.22 67.85 -1.38
N LYS L 43 -51.15 67.15 -2.02
CA LYS L 43 -51.61 65.87 -1.50
C LYS L 43 -50.48 64.86 -1.49
N LYS L 44 -49.63 64.89 -2.52
CA LYS L 44 -48.47 63.99 -2.54
C LYS L 44 -47.50 64.30 -1.40
N VAL L 45 -47.27 65.59 -1.13
CA VAL L 45 -46.38 65.95 -0.03
C VAL L 45 -46.98 65.50 1.30
N GLU L 46 -48.28 65.71 1.49
CA GLU L 46 -48.93 65.28 2.72
C GLU L 46 -48.86 63.76 2.88
N ARG L 47 -49.06 63.03 1.79
CA ARG L 47 -48.96 61.58 1.83
C ARG L 47 -47.54 61.13 2.15
N LEU L 48 -46.55 61.82 1.59
CA LEU L 48 -45.15 61.50 1.89
C LEU L 48 -44.85 61.71 3.36
N ARG L 49 -45.32 62.82 3.93
CA ARG L 49 -45.13 63.08 5.35
C ARG L 49 -45.82 62.01 6.19
N ALA L 50 -47.04 61.63 5.81
CA ALA L 50 -47.77 60.61 6.56
C ALA L 50 -47.05 59.27 6.50
N GLU L 51 -46.51 58.91 5.34
CA GLU L 51 -45.77 57.66 5.21
C GLU L 51 -44.51 57.69 6.06
N LEU L 52 -43.78 58.81 6.03
CA LEU L 52 -42.56 58.90 6.83
C LEU L 52 -42.87 58.82 8.32
N ASN L 53 -43.94 59.48 8.77
CA ASN L 53 -44.32 59.40 10.17
C ASN L 53 -44.89 58.03 10.53
N TYR L 54 -45.38 57.28 9.54
CA TYR L 54 -45.93 55.95 9.80
C TYR L 54 -44.84 54.99 10.24
N CYS L 55 -43.65 55.11 9.66
CA CYS L 55 -42.56 54.17 9.91
C CYS L 55 -42.26 54.10 11.40
N TYR L 56 -42.18 52.88 11.92
CA TYR L 56 -42.12 52.63 13.36
C TYR L 56 -40.76 52.15 13.84
N ASP L 57 -39.99 51.45 13.02
CA ASP L 57 -38.67 50.99 13.40
C ASP L 57 -37.67 51.26 12.27
N GLU L 58 -36.42 50.85 12.49
CA GLU L 58 -35.37 51.15 11.54
C GLU L 58 -35.58 50.41 10.22
N LEU L 59 -36.07 49.17 10.29
CA LEU L 59 -36.19 48.36 9.09
C LEU L 59 -37.18 48.96 8.10
N SER L 60 -38.40 49.25 8.57
CA SER L 60 -39.44 49.77 7.68
C SER L 60 -39.07 51.16 7.18
N PHE L 61 -38.54 52.01 8.05
CA PHE L 61 -38.19 53.37 7.63
C PHE L 61 -37.07 53.36 6.61
N LYS L 62 -36.05 52.52 6.84
CA LYS L 62 -34.96 52.42 5.86
C LYS L 62 -35.46 51.84 4.55
N GLU L 63 -36.39 50.88 4.61
CA GLU L 63 -36.98 50.34 3.39
C GLU L 63 -37.68 51.43 2.60
N TYR L 64 -38.51 52.22 3.27
CA TYR L 64 -39.22 53.29 2.58
C TYR L 64 -38.25 54.34 2.03
N LEU L 65 -37.22 54.68 2.80
CA LEU L 65 -36.25 55.67 2.35
C LEU L 65 -35.50 55.19 1.11
N SER L 66 -35.03 53.94 1.12
CA SER L 66 -34.33 53.39 -0.04
C SER L 66 -35.26 53.31 -1.25
N ASP L 67 -36.51 52.90 -1.03
CA ASP L 67 -37.46 52.80 -2.13
C ASP L 67 -37.71 54.18 -2.74
N PHE L 68 -37.87 55.19 -1.89
CA PHE L 68 -38.04 56.56 -2.41
C PHE L 68 -36.80 57.02 -3.16
N LEU L 69 -35.62 56.71 -2.63
CA LEU L 69 -34.38 57.13 -3.28
C LEU L 69 -34.23 56.52 -4.66
N VAL L 70 -34.53 55.22 -4.79
CA VAL L 70 -34.44 54.59 -6.11
C VAL L 70 -35.54 55.12 -7.03
N ARG L 71 -36.74 55.34 -6.49
CA ARG L 71 -37.82 55.89 -7.30
C ARG L 71 -37.51 57.29 -7.81
N GLY L 72 -36.67 58.04 -7.10
CA GLY L 72 -36.35 59.40 -7.53
C GLY L 72 -35.65 59.44 -8.87
N GLY L 73 -34.65 58.58 -9.07
CA GLY L 73 -33.87 58.57 -10.27
C GLY L 73 -32.42 58.92 -10.01
N LEU L 74 -31.78 59.49 -11.03
CA LEU L 74 -30.40 59.91 -10.90
C LEU L 74 -30.28 61.03 -9.86
N ASN L 75 -29.27 60.91 -9.00
CA ASN L 75 -29.14 61.75 -7.82
C ASN L 75 -27.73 62.35 -7.79
N LYS L 76 -27.56 63.52 -8.40
CA LYS L 76 -26.24 64.13 -8.55
C LYS L 76 -25.53 64.26 -7.20
N TYR L 77 -26.24 64.73 -6.18
CA TYR L 77 -25.65 64.82 -4.85
C TYR L 77 -25.28 63.44 -4.32
N PHE L 78 -26.12 62.44 -4.60
CA PHE L 78 -25.78 61.08 -4.23
C PHE L 78 -24.82 60.44 -5.22
N ASN L 79 -24.61 61.05 -6.39
CA ASN L 79 -23.54 60.61 -7.26
C ASN L 79 -22.18 60.99 -6.69
N GLU L 80 -22.01 62.27 -6.35
CA GLU L 80 -20.69 62.77 -5.96
C GLU L 80 -20.19 62.12 -4.67
N HIS L 81 -21.10 61.65 -3.83
CA HIS L 81 -20.73 61.07 -2.53
C HIS L 81 -21.44 59.74 -2.32
N GLN L 82 -20.74 58.66 -2.67
CA GLN L 82 -21.29 57.33 -2.47
C GLN L 82 -21.05 56.84 -1.04
N GLU L 83 -19.79 56.65 -0.68
CA GLU L 83 -19.45 55.96 0.56
C GLU L 83 -19.89 56.78 1.77
N GLU L 84 -19.67 58.09 1.73
CA GLU L 84 -20.02 58.94 2.87
C GLU L 84 -21.50 58.84 3.20
N ILE L 85 -22.36 59.03 2.19
CA ILE L 85 -23.80 59.05 2.45
C ILE L 85 -24.29 57.65 2.77
N ALA L 86 -23.74 56.63 2.10
CA ALA L 86 -24.13 55.25 2.39
C ALA L 86 -23.84 54.88 3.84
N LEU L 87 -22.63 55.23 4.32
CA LEU L 87 -22.27 54.96 5.70
C LEU L 87 -23.14 55.78 6.65
N LEU L 88 -23.44 57.03 6.28
CA LEU L 88 -24.30 57.86 7.12
C LEU L 88 -25.68 57.23 7.27
N ILE L 89 -26.22 56.68 6.18
CA ILE L 89 -27.53 56.05 6.23
C ILE L 89 -27.49 54.78 7.07
N LYS L 90 -26.47 53.95 6.87
CA LYS L 90 -26.43 52.68 7.58
C LYS L 90 -26.18 52.86 9.08
N LYS L 91 -25.29 53.78 9.45
CA LYS L 91 -24.84 53.92 10.83
C LYS L 91 -25.81 54.72 11.69
N SER L 92 -26.18 55.91 11.25
CA SER L 92 -26.94 56.83 12.09
C SER L 92 -28.31 56.24 12.44
N PRO L 93 -28.81 56.53 13.64
CA PRO L 93 -30.12 55.99 14.04
C PRO L 93 -31.22 56.48 13.10
N TRP L 94 -32.19 55.59 12.85
CA TRP L 94 -33.20 55.85 11.84
C TRP L 94 -34.05 57.07 12.19
N GLN L 95 -34.23 57.36 13.48
CA GLN L 95 -35.00 58.53 13.86
C GLN L 95 -34.34 59.81 13.36
N GLU L 96 -33.02 59.94 13.56
CA GLU L 96 -32.31 61.11 13.07
C GLU L 96 -32.44 61.23 11.56
N ILE L 97 -32.42 60.10 10.85
CA ILE L 97 -32.65 60.11 9.42
C ILE L 97 -34.05 60.64 9.12
N ARG L 98 -35.03 60.30 9.97
CA ARG L 98 -36.39 60.80 9.77
C ARG L 98 -36.44 62.32 9.94
N ILE L 99 -35.78 62.85 10.98
CA ILE L 99 -35.71 64.30 11.13
C ILE L 99 -35.05 64.94 9.91
N TRP L 100 -33.95 64.34 9.43
CA TRP L 100 -33.25 64.94 8.29
C TRP L 100 -34.13 64.93 7.04
N SER L 101 -34.86 63.82 6.81
CA SER L 101 -35.74 63.74 5.66
C SER L 101 -36.89 64.74 5.76
N LEU L 102 -37.47 64.90 6.95
CA LEU L 102 -38.55 65.87 7.10
C LEU L 102 -38.04 67.29 6.90
N LEU L 103 -36.83 67.59 7.41
CA LEU L 103 -36.26 68.91 7.20
C LEU L 103 -36.01 69.17 5.72
N ALA L 104 -35.52 68.16 4.99
CA ALA L 104 -35.34 68.29 3.56
C ALA L 104 -36.68 68.52 2.86
N ILE L 105 -37.72 67.82 3.33
CA ILE L 105 -39.06 68.02 2.77
C ILE L 105 -39.50 69.46 2.96
N ALA L 106 -39.32 70.00 4.16
CA ALA L 106 -39.77 71.36 4.44
C ALA L 106 -38.90 72.40 3.74
N SER L 107 -37.67 72.02 3.38
CA SER L 107 -36.73 72.94 2.75
C SER L 107 -36.71 72.82 1.23
N TYR L 108 -37.62 72.06 0.64
CA TYR L 108 -37.61 71.83 -0.80
C TYR L 108 -37.82 73.13 -1.56
N LYS L 109 -36.78 73.60 -2.24
CA LYS L 109 -36.90 74.80 -3.07
C LYS L 109 -37.55 74.45 -4.40
N PRO L 110 -38.70 75.04 -4.73
CA PRO L 110 -39.31 74.76 -6.04
C PRO L 110 -38.43 75.28 -7.17
N LYS L 111 -38.47 74.60 -8.30
CA LYS L 111 -37.70 75.01 -9.47
C LYS L 111 -38.38 76.21 -10.12
N ASP L 112 -37.65 77.32 -10.22
CA ASP L 112 -38.19 78.55 -10.79
C ASP L 112 -38.40 78.44 -12.29
N ILE P 3 -12.49 -75.61 -54.04
CA ILE P 3 -11.31 -74.88 -53.59
C ILE P 3 -11.72 -73.72 -52.69
N TYR P 4 -10.76 -72.82 -52.42
CA TYR P 4 -10.99 -71.67 -51.55
C TYR P 4 -11.10 -70.43 -52.43
N SER P 5 -12.22 -69.73 -52.32
CA SER P 5 -12.45 -68.51 -53.09
C SER P 5 -11.89 -67.27 -52.43
N GLU P 6 -11.41 -67.37 -51.19
CA GLU P 6 -10.91 -66.19 -50.49
C GLU P 6 -9.57 -65.77 -51.06
N HIS P 7 -9.48 -64.51 -51.48
CA HIS P 7 -8.25 -63.94 -52.03
C HIS P 7 -7.92 -62.68 -51.24
N TRP P 8 -6.93 -62.77 -50.36
CA TRP P 8 -6.54 -61.62 -49.55
C TRP P 8 -5.77 -60.61 -50.40
N SER P 9 -5.80 -59.36 -49.94
CA SER P 9 -5.06 -58.27 -50.57
C SER P 9 -4.31 -57.51 -49.49
N LEU P 10 -2.99 -57.40 -49.63
CA LEU P 10 -2.13 -56.80 -48.62
C LEU P 10 -1.67 -55.39 -49.00
N ASN P 11 -2.52 -54.62 -49.68
CA ASN P 11 -2.14 -53.27 -50.05
C ASN P 11 -2.09 -52.37 -48.81
N PRO P 12 -1.22 -51.36 -48.78
CA PRO P 12 -1.20 -50.44 -47.65
C PRO P 12 -2.45 -49.58 -47.61
N LEU P 13 -2.71 -49.03 -46.42
CA LEU P 13 -3.93 -48.27 -46.17
C LEU P 13 -3.76 -46.75 -46.23
N GLU P 14 -2.53 -46.25 -46.10
CA GLU P 14 -2.23 -44.83 -46.21
C GLU P 14 -3.02 -44.03 -45.17
N ILE P 15 -2.63 -44.25 -43.91
CA ILE P 15 -3.20 -43.51 -42.78
C ILE P 15 -2.78 -42.04 -42.90
N PRO P 16 -3.54 -41.11 -42.31
CA PRO P 16 -3.14 -39.70 -42.38
C PRO P 16 -1.81 -39.45 -41.70
N GLN P 17 -1.13 -38.40 -42.15
CA GLN P 17 0.21 -38.09 -41.66
C GLN P 17 0.22 -37.90 -40.16
N ARG P 18 1.22 -38.48 -39.50
CA ARG P 18 1.33 -38.44 -38.04
C ARG P 18 2.08 -37.19 -37.61
N SER P 19 1.93 -36.86 -36.33
CA SER P 19 2.59 -35.69 -35.77
C SER P 19 4.11 -35.91 -35.70
N ARG P 20 4.85 -34.86 -36.04
CA ARG P 20 6.31 -34.93 -35.93
C ARG P 20 6.76 -35.07 -34.49
N LEU P 21 6.10 -34.37 -33.57
CA LEU P 21 6.38 -34.44 -32.15
C LEU P 21 5.18 -35.06 -31.44
N PHE P 22 5.43 -35.57 -30.23
CA PHE P 22 4.36 -36.19 -29.46
C PHE P 22 3.26 -35.18 -29.14
N SER P 23 2.02 -35.64 -29.19
CA SER P 23 0.86 -34.79 -28.93
C SER P 23 0.57 -34.77 -27.42
N LEU P 24 1.50 -34.17 -26.69
CA LEU P 24 1.35 -34.04 -25.24
C LEU P 24 0.25 -33.03 -24.92
N GLU P 25 -0.68 -33.44 -24.08
CA GLU P 25 -1.76 -32.57 -23.66
C GLU P 25 -1.22 -31.47 -22.73
N PRO P 26 -1.72 -30.25 -22.82
CA PRO P 26 -1.31 -29.23 -21.85
C PRO P 26 -2.10 -29.39 -20.55
N VAL P 27 -1.42 -29.12 -19.44
CA VAL P 27 -1.97 -29.46 -18.12
C VAL P 27 -2.83 -28.31 -17.62
N ALA P 28 -4.05 -28.63 -17.20
CA ALA P 28 -4.95 -27.68 -16.53
C ALA P 28 -5.27 -26.48 -17.42
N VAL P 29 -5.65 -26.76 -18.66
CA VAL P 29 -6.07 -25.70 -19.57
C VAL P 29 -7.46 -25.23 -19.18
N GLY P 30 -7.64 -23.91 -19.12
CA GLY P 30 -8.88 -23.32 -18.68
C GLY P 30 -8.99 -23.09 -17.19
N THR P 31 -7.97 -23.45 -16.42
CA THR P 31 -7.93 -23.27 -14.99
C THR P 31 -6.83 -22.27 -14.61
N PRO P 32 -6.90 -21.69 -13.41
CA PRO P 32 -5.84 -20.75 -12.99
C PRO P 32 -4.45 -21.35 -12.92
N TYR P 33 -4.29 -22.64 -13.20
CA TYR P 33 -2.99 -23.32 -13.12
C TYR P 33 -2.59 -23.92 -14.47
N ALA P 34 -2.82 -23.20 -15.55
CA ALA P 34 -2.45 -23.67 -16.88
C ALA P 34 -0.93 -23.70 -17.04
N GLU P 35 -0.44 -24.68 -17.77
CA GLU P 35 0.99 -24.79 -18.02
C GLU P 35 1.46 -23.70 -18.98
N SER P 36 2.60 -23.10 -18.65
CA SER P 36 3.23 -22.10 -19.51
C SER P 36 3.83 -22.76 -20.74
N LEU P 37 4.01 -21.96 -21.80
CA LEU P 37 4.56 -22.50 -23.04
C LEU P 37 5.99 -22.99 -22.83
N SER P 38 6.76 -22.30 -21.97
CA SER P 38 8.12 -22.74 -21.68
C SER P 38 8.13 -24.10 -21.00
N SER P 39 7.26 -24.28 -20.00
CA SER P 39 7.17 -25.56 -19.33
C SER P 39 6.70 -26.65 -20.29
N TYR P 40 5.79 -26.31 -21.20
CA TYR P 40 5.35 -27.28 -22.20
C TYR P 40 6.49 -27.66 -23.13
N LEU P 41 7.31 -26.70 -23.53
CA LEU P 41 8.48 -27.00 -24.37
C LEU P 41 9.43 -27.94 -23.64
N HIS P 42 9.70 -27.65 -22.37
CA HIS P 42 10.60 -28.51 -21.61
C HIS P 42 10.02 -29.90 -21.40
N ARG P 43 8.70 -29.98 -21.19
CA ARG P 43 8.06 -31.29 -21.04
C ARG P 43 8.13 -32.09 -22.33
N LEU P 44 7.89 -31.43 -23.47
CA LEU P 44 8.00 -32.11 -24.75
C LEU P 44 9.43 -32.58 -25.01
N ALA P 45 10.42 -31.75 -24.64
CA ALA P 45 11.81 -32.16 -24.77
C ALA P 45 12.12 -33.37 -23.89
N GLN P 46 11.62 -33.35 -22.65
CA GLN P 46 11.85 -34.48 -21.75
C GLN P 46 11.19 -35.75 -22.27
N ALA P 47 9.99 -35.62 -22.84
CA ALA P 47 9.30 -36.79 -23.38
C ALA P 47 10.06 -37.40 -24.56
N HIS P 48 10.80 -36.59 -25.30
CA HIS P 48 11.57 -37.06 -26.45
C HIS P 48 12.99 -37.42 -26.08
N CYS P 49 13.36 -37.35 -24.80
CA CYS P 49 14.72 -37.61 -24.34
C CYS P 49 15.73 -36.70 -25.04
N LEU P 50 15.32 -35.46 -25.26
CA LEU P 50 16.17 -34.44 -25.88
C LEU P 50 16.16 -33.21 -24.98
N THR P 51 17.25 -32.47 -25.01
CA THR P 51 17.26 -31.18 -24.31
C THR P 51 16.37 -30.19 -25.06
N SER P 52 15.82 -29.23 -24.31
CA SER P 52 14.96 -28.23 -24.93
C SER P 52 15.69 -27.49 -26.04
N GLU P 53 16.94 -27.10 -25.78
CA GLU P 53 17.78 -26.48 -26.80
C GLU P 53 17.92 -27.38 -28.04
N LYS P 54 18.31 -28.64 -27.83
CA LYS P 54 18.58 -29.53 -28.95
C LYS P 54 17.33 -29.79 -29.77
N LEU P 55 16.21 -30.06 -29.11
CA LEU P 55 14.94 -30.22 -29.82
C LEU P 55 14.56 -28.95 -30.56
N VAL P 56 14.85 -27.79 -29.97
CA VAL P 56 14.50 -26.53 -30.61
C VAL P 56 15.22 -26.43 -31.95
N MET P 57 16.54 -26.49 -31.97
CA MET P 57 17.17 -26.39 -33.29
C MET P 57 16.96 -27.62 -34.15
N GLY P 58 16.51 -28.73 -33.58
CA GLY P 58 16.22 -29.89 -34.39
C GLY P 58 14.98 -29.71 -35.23
N GLU P 59 13.91 -29.18 -34.63
CA GLU P 59 12.63 -29.11 -35.35
C GLU P 59 12.02 -27.72 -35.44
N ILE P 60 12.04 -26.94 -34.36
CA ILE P 60 11.36 -25.64 -34.39
C ILE P 60 12.17 -24.63 -35.21
N ALA P 61 13.50 -24.69 -35.12
CA ALA P 61 14.34 -23.71 -35.81
C ALA P 61 14.14 -23.71 -37.32
N PRO P 62 14.15 -24.85 -38.03
CA PRO P 62 13.95 -24.79 -39.49
C PRO P 62 12.62 -24.17 -39.89
N LEU P 63 11.56 -24.40 -39.11
CA LEU P 63 10.28 -23.79 -39.42
C LEU P 63 10.25 -22.32 -39.01
N ILE P 64 11.01 -21.96 -37.97
CA ILE P 64 11.10 -20.55 -37.57
C ILE P 64 12.13 -19.82 -38.43
N LEU P 65 13.38 -20.27 -38.38
CA LEU P 65 14.44 -19.70 -39.21
C LEU P 65 14.28 -20.24 -40.62
N LYS P 66 13.81 -19.39 -41.54
CA LYS P 66 13.37 -19.86 -42.85
C LYS P 66 14.53 -20.26 -43.75
N ASP P 67 15.58 -19.44 -43.83
CA ASP P 67 16.64 -19.65 -44.83
C ASP P 67 17.99 -19.83 -44.12
N GLU P 68 18.23 -21.06 -43.67
CA GLU P 68 19.51 -21.49 -43.12
C GLU P 68 19.66 -22.98 -43.34
N ASP P 69 20.89 -23.47 -43.15
CA ASP P 69 21.14 -24.90 -43.22
C ASP P 69 20.75 -25.53 -41.88
N LYS P 70 19.79 -26.45 -41.92
CA LYS P 70 19.25 -27.03 -40.68
C LYS P 70 20.32 -27.78 -39.90
N SER P 71 21.15 -28.56 -40.59
CA SER P 71 22.25 -29.22 -39.90
C SER P 71 23.22 -28.21 -39.30
N GLU P 72 23.49 -27.13 -40.03
CA GLU P 72 24.33 -26.07 -39.51
C GLU P 72 23.62 -25.32 -38.38
N LEU P 73 22.29 -25.37 -38.34
CA LEU P 73 21.55 -24.83 -37.20
C LEU P 73 21.60 -25.75 -36.00
N LEU P 74 21.86 -27.04 -36.21
CA LEU P 74 21.87 -28.00 -35.11
C LEU P 74 23.01 -27.78 -34.12
N SER P 75 24.00 -26.94 -34.43
CA SER P 75 25.18 -26.77 -33.60
C SER P 75 25.34 -25.31 -33.20
N LYS P 76 24.27 -24.72 -32.67
CA LYS P 76 24.32 -23.33 -32.22
C LYS P 76 23.78 -23.16 -30.80
N ASN P 77 23.66 -21.92 -30.37
CA ASN P 77 23.10 -21.55 -29.08
C ASN P 77 21.64 -21.19 -29.25
N LEU P 78 20.86 -21.43 -28.20
CA LEU P 78 19.41 -21.21 -28.25
C LEU P 78 19.05 -19.77 -28.57
N SER P 79 19.95 -18.83 -28.25
CA SER P 79 19.62 -17.41 -28.39
C SER P 79 19.58 -16.98 -29.84
N HIS P 80 20.19 -17.74 -30.75
CA HIS P 80 20.23 -17.32 -32.14
C HIS P 80 18.84 -17.20 -32.73
N LEU P 81 17.91 -18.04 -32.28
CA LEU P 81 16.53 -17.98 -32.74
C LEU P 81 15.56 -17.51 -31.66
N LEU P 82 15.82 -17.81 -30.38
CA LEU P 82 14.90 -17.35 -29.34
C LEU P 82 15.08 -15.86 -29.05
N GLY P 83 16.30 -15.34 -29.13
CA GLY P 83 16.56 -13.98 -28.73
C GLY P 83 16.66 -13.84 -27.24
N ASN P 84 17.72 -14.41 -26.66
CA ASN P 84 17.95 -14.33 -25.23
C ASN P 84 18.30 -12.93 -24.76
N SER P 85 18.60 -12.00 -25.68
CA SER P 85 18.79 -10.61 -25.30
C SER P 85 17.53 -10.07 -24.61
N ASP P 86 16.37 -10.48 -25.10
CA ASP P 86 15.11 -10.32 -24.39
C ASP P 86 14.84 -11.52 -23.48
N ALA P 87 14.63 -12.70 -24.07
CA ALA P 87 14.26 -13.90 -23.34
C ALA P 87 13.22 -13.59 -22.28
N LYS P 88 13.55 -13.87 -21.02
CA LYS P 88 12.76 -13.56 -19.84
C LYS P 88 11.45 -14.33 -19.84
N PRO P 89 10.80 -14.51 -18.69
CA PRO P 89 9.47 -15.14 -18.68
C PRO P 89 8.45 -14.44 -19.57
N ALA P 90 8.84 -13.31 -20.15
CA ALA P 90 7.99 -12.59 -21.09
C ALA P 90 7.76 -13.34 -22.39
N ILE P 91 8.50 -14.43 -22.65
CA ILE P 91 8.20 -15.27 -23.81
C ILE P 91 6.78 -15.82 -23.71
N ASN P 92 6.27 -15.98 -22.48
CA ASN P 92 4.90 -16.43 -22.27
C ASN P 92 3.87 -15.37 -22.63
N GLY P 93 4.30 -14.16 -23.00
CA GLY P 93 3.38 -13.09 -23.30
C GLY P 93 2.84 -13.09 -24.71
N MET P 94 2.82 -11.92 -25.35
CA MET P 94 2.23 -11.74 -26.67
C MET P 94 3.24 -11.19 -27.66
N ARG P 95 4.50 -11.60 -27.54
CA ARG P 95 5.56 -11.06 -28.37
C ARG P 95 5.66 -11.83 -29.68
N GLU P 96 6.35 -11.23 -30.66
CA GLU P 96 6.37 -11.78 -32.01
C GLU P 96 7.01 -13.17 -32.04
N MET P 97 8.14 -13.35 -31.37
CA MET P 97 8.76 -14.67 -31.33
C MET P 97 7.86 -15.69 -30.64
N THR P 98 7.13 -15.25 -29.62
CA THR P 98 6.11 -16.12 -29.02
C THR P 98 5.06 -16.51 -30.05
N GLU P 99 4.63 -15.56 -30.88
CA GLU P 99 3.63 -15.84 -31.89
C GLU P 99 4.11 -16.91 -32.86
N LYS P 100 5.30 -16.71 -33.43
CA LYS P 100 5.78 -17.68 -34.42
C LYS P 100 6.10 -19.02 -33.77
N LEU P 101 6.61 -19.02 -32.53
CA LEU P 101 6.86 -20.28 -31.83
C LEU P 101 5.58 -21.04 -31.59
N VAL P 102 4.52 -20.35 -31.16
CA VAL P 102 3.24 -21.01 -30.95
C VAL P 102 2.70 -21.56 -32.27
N THR P 103 2.82 -20.79 -33.34
CA THR P 103 2.34 -21.27 -34.64
C THR P 103 3.08 -22.53 -35.07
N VAL P 104 4.42 -22.52 -34.93
CA VAL P 104 5.21 -23.67 -35.33
C VAL P 104 4.89 -24.89 -34.47
N LEU P 105 4.75 -24.68 -33.16
CA LEU P 105 4.41 -25.79 -32.27
C LEU P 105 3.05 -26.37 -32.62
N GLU P 106 2.05 -25.51 -32.87
CA GLU P 106 0.73 -25.98 -33.22
C GLU P 106 0.73 -26.70 -34.56
N GLU P 107 1.58 -26.29 -35.49
CA GLU P 107 1.67 -27.00 -36.77
C GLU P 107 2.35 -28.35 -36.61
N LEU P 108 3.38 -28.43 -35.75
CA LEU P 108 4.15 -29.66 -35.61
C LEU P 108 3.31 -30.79 -35.02
N THR P 109 2.57 -30.50 -33.95
CA THR P 109 1.76 -31.49 -33.27
C THR P 109 0.30 -31.49 -33.71
N MET P 110 -0.07 -30.64 -34.67
CA MET P 110 -1.47 -30.38 -35.03
C MET P 110 -2.38 -30.41 -33.81
N ARG P 111 -1.98 -29.66 -32.78
CA ARG P 111 -2.83 -29.43 -31.63
C ARG P 111 -3.46 -28.05 -31.73
N GLN P 112 -4.58 -27.86 -31.03
CA GLN P 112 -5.38 -26.66 -31.17
C GLN P 112 -5.58 -25.92 -29.85
N ASP P 113 -4.63 -26.01 -28.91
CA ASP P 113 -4.78 -25.37 -27.62
C ASP P 113 -3.52 -24.68 -27.11
N LEU P 114 -2.41 -24.72 -27.84
CA LEU P 114 -1.19 -24.08 -27.36
C LEU P 114 -1.33 -22.57 -27.29
N ARG P 115 -2.19 -21.97 -28.12
CA ARG P 115 -2.41 -20.53 -28.07
C ARG P 115 -2.97 -20.09 -26.72
N PHE P 116 -3.64 -20.98 -25.99
CA PHE P 116 -4.14 -20.67 -24.67
C PHE P 116 -3.06 -20.73 -23.60
N LEU P 117 -1.90 -21.33 -23.90
CA LEU P 117 -0.80 -21.39 -22.96
C LEU P 117 0.02 -20.11 -22.94
N THR P 118 -0.41 -19.08 -23.67
CA THR P 118 0.25 -17.79 -23.71
C THR P 118 -0.82 -16.69 -23.77
N LEU P 119 -0.38 -15.47 -24.06
CA LEU P 119 -1.27 -14.31 -24.09
C LEU P 119 -1.35 -13.66 -25.46
N LEU P 120 -1.10 -14.41 -26.53
CA LEU P 120 -1.26 -13.84 -27.87
C LEU P 120 -2.73 -13.58 -28.18
N SER P 121 -3.64 -14.29 -27.52
CA SER P 121 -5.07 -14.01 -27.67
C SER P 121 -5.43 -12.64 -27.13
N TRP P 122 -4.56 -12.04 -26.32
CA TRP P 122 -4.78 -10.71 -25.78
C TRP P 122 -3.84 -9.68 -26.42
N LYS P 123 -3.21 -10.01 -27.54
CA LYS P 123 -2.37 -9.06 -28.24
C LYS P 123 -3.22 -7.89 -28.75
N GLY P 124 -2.70 -6.68 -28.57
CA GLY P 124 -3.48 -5.49 -28.85
C GLY P 124 -4.50 -5.15 -27.80
N MET P 125 -4.61 -5.95 -26.74
CA MET P 125 -5.58 -5.75 -25.68
C MET P 125 -4.91 -5.38 -24.36
N ILE P 126 -3.77 -6.01 -24.06
CA ILE P 126 -3.06 -5.82 -22.80
C ILE P 126 -1.64 -5.40 -23.12
N TYR P 127 -1.19 -4.31 -22.49
CA TYR P 127 0.16 -3.81 -22.72
C TYR P 127 1.20 -4.81 -22.22
N ASP P 128 2.29 -4.94 -22.98
CA ASP P 128 3.35 -5.88 -22.64
C ASP P 128 4.24 -5.42 -21.50
N LYS P 129 4.56 -4.12 -21.44
CA LYS P 129 5.52 -3.64 -20.45
C LYS P 129 4.94 -3.73 -19.04
N GLY P 130 5.82 -3.91 -18.06
CA GLY P 130 5.41 -3.98 -16.67
C GLY P 130 4.49 -5.13 -16.33
N LEU P 131 4.56 -6.23 -17.08
CA LEU P 131 3.65 -7.35 -16.89
C LEU P 131 4.33 -8.64 -16.46
N PHE P 132 5.45 -8.98 -17.05
CA PHE P 132 6.11 -10.25 -16.80
C PHE P 132 7.46 -10.04 -16.11
N ARG P 133 7.81 -11.00 -15.25
CA ARG P 133 9.08 -10.96 -14.55
C ARG P 133 10.23 -11.13 -15.53
N ASN P 134 11.39 -10.61 -15.15
CA ASN P 134 12.60 -10.79 -15.94
C ASN P 134 13.28 -12.12 -15.69
N TYR P 135 13.05 -12.73 -14.52
CA TYR P 135 13.77 -13.91 -14.09
C TYR P 135 12.77 -14.99 -13.71
N ARG P 136 13.20 -16.24 -13.76
CA ARG P 136 12.30 -17.35 -13.50
C ARG P 136 11.88 -17.38 -12.03
N ALA P 137 10.63 -17.78 -11.79
CA ALA P 137 10.08 -17.87 -10.45
C ALA P 137 9.33 -19.19 -10.30
N TRP P 138 9.17 -19.62 -9.06
CA TRP P 138 8.52 -20.89 -8.77
C TRP P 138 7.95 -20.86 -7.36
N CYS P 139 6.99 -21.75 -7.11
CA CYS P 139 6.48 -21.97 -5.77
C CYS P 139 6.97 -23.33 -5.28
N PRO P 140 7.94 -23.38 -4.37
CA PRO P 140 8.50 -24.69 -3.97
C PRO P 140 7.46 -25.64 -3.39
N CYS P 141 6.46 -25.13 -2.68
CA CYS P 141 5.43 -25.99 -2.13
C CYS P 141 4.65 -26.70 -3.24
N CYS P 142 4.35 -25.98 -4.33
CA CYS P 142 3.63 -26.58 -5.45
C CYS P 142 4.43 -27.73 -6.05
N CYS P 143 5.73 -27.51 -6.31
CA CYS P 143 6.55 -28.56 -6.90
C CYS P 143 6.69 -29.75 -5.96
N GLU P 144 6.89 -29.49 -4.66
CA GLU P 144 7.04 -30.60 -3.72
C GLU P 144 5.75 -31.41 -3.62
N GLU P 145 4.60 -30.74 -3.55
CA GLU P 145 3.33 -31.46 -3.50
C GLU P 145 3.09 -32.25 -4.77
N TRP P 146 3.40 -31.67 -5.93
CA TRP P 146 3.19 -32.36 -7.20
C TRP P 146 4.08 -33.58 -7.32
N MET P 147 5.35 -33.45 -6.94
CA MET P 147 6.27 -34.59 -7.06
C MET P 147 5.94 -35.68 -6.05
N GLN P 148 5.55 -35.28 -4.82
CA GLN P 148 5.17 -36.28 -3.82
C GLN P 148 3.91 -37.03 -4.24
N LYS P 149 2.97 -36.33 -4.86
CA LYS P 149 1.73 -36.95 -5.34
C LYS P 149 1.89 -37.60 -6.71
N ASN P 150 3.12 -37.77 -7.18
CA ASN P 150 3.38 -38.38 -8.50
C ASN P 150 2.63 -37.66 -9.61
N LYS P 151 2.60 -36.33 -9.53
CA LYS P 151 1.92 -35.51 -10.51
C LYS P 151 2.94 -34.78 -11.39
N THR P 152 2.48 -34.39 -12.58
CA THR P 152 3.36 -33.76 -13.55
C THR P 152 3.82 -32.38 -13.07
N ILE P 153 5.13 -32.15 -13.11
CA ILE P 153 5.71 -30.88 -12.72
C ILE P 153 5.60 -29.91 -13.91
N TYR P 154 5.28 -28.65 -13.62
CA TYR P 154 5.15 -27.63 -14.64
C TYR P 154 5.16 -26.26 -13.96
N GLU P 155 5.20 -25.21 -14.78
CA GLU P 155 5.15 -23.84 -14.29
C GLU P 155 3.87 -23.16 -14.76
N PRO P 156 2.97 -22.76 -13.86
CA PRO P 156 1.78 -22.03 -14.29
C PRO P 156 2.12 -20.66 -14.86
N LEU P 157 1.24 -20.14 -15.70
CA LEU P 157 1.43 -18.79 -16.24
C LEU P 157 1.48 -17.75 -15.13
N SER P 158 0.70 -17.94 -14.06
CA SER P 158 0.63 -16.94 -13.00
C SER P 158 2.01 -16.66 -12.40
N TRP P 159 2.88 -17.66 -12.35
CA TRP P 159 4.21 -17.45 -11.78
C TRP P 159 5.05 -16.50 -12.63
N SER P 160 4.73 -16.35 -13.91
CA SER P 160 5.53 -15.51 -14.80
C SER P 160 5.22 -14.03 -14.65
N PHE P 161 4.17 -13.65 -13.91
CA PHE P 161 3.79 -12.26 -13.78
C PHE P 161 4.45 -11.62 -12.56
N LYS P 162 4.83 -10.35 -12.71
CA LYS P 162 5.44 -9.61 -11.59
C LYS P 162 4.45 -9.44 -10.45
N ASP P 163 3.19 -9.15 -10.75
CA ASP P 163 2.20 -8.85 -9.74
C ASP P 163 1.59 -10.10 -9.12
N VAL P 164 2.05 -11.29 -9.51
CA VAL P 164 1.71 -12.53 -8.84
C VAL P 164 2.95 -12.99 -8.08
N GLU P 165 2.93 -12.83 -6.76
CA GLU P 165 4.05 -13.27 -5.93
C GLU P 165 3.68 -14.37 -4.96
N PHE P 166 2.40 -14.76 -4.87
CA PHE P 166 1.96 -15.73 -3.90
C PHE P 166 1.13 -16.82 -4.56
N CYS P 167 1.25 -18.04 -4.04
CA CYS P 167 0.44 -19.16 -4.49
C CYS P 167 -0.74 -19.30 -3.53
N LEU P 168 -1.95 -19.01 -4.03
CA LEU P 168 -3.14 -19.04 -3.17
C LEU P 168 -3.36 -20.40 -2.55
N ILE P 169 -2.94 -21.48 -3.22
CA ILE P 169 -3.11 -22.81 -2.67
C ILE P 169 -2.27 -22.98 -1.40
N HIS P 170 -1.02 -22.51 -1.45
CA HIS P 170 -0.09 -22.68 -0.34
C HIS P 170 0.22 -21.41 0.43
N LYS P 171 -0.26 -20.25 -0.03
CA LYS P 171 -0.05 -18.97 0.65
C LYS P 171 1.44 -18.70 0.85
N GLN P 172 2.24 -19.02 -0.16
CA GLN P 172 3.69 -18.93 -0.09
C GLN P 172 4.21 -17.95 -1.12
N ARG P 173 5.10 -17.07 -0.69
CA ARG P 173 5.71 -16.10 -1.59
C ARG P 173 6.59 -16.81 -2.61
N LEU P 174 6.48 -16.39 -3.88
CA LEU P 174 7.27 -17.00 -4.93
C LEU P 174 8.75 -16.76 -4.70
N ILE P 175 9.57 -17.75 -5.02
CA ILE P 175 11.00 -17.71 -4.83
C ILE P 175 11.67 -17.64 -6.20
N GLU P 176 12.49 -16.61 -6.39
CA GLU P 176 13.16 -16.37 -7.66
C GLU P 176 14.61 -16.80 -7.67
N GLU P 177 15.15 -17.22 -6.53
CA GLU P 177 16.56 -17.57 -6.40
C GLU P 177 16.68 -19.03 -6.00
N CYS P 178 17.56 -19.76 -6.68
CA CYS P 178 17.83 -21.15 -6.31
C CYS P 178 18.52 -21.20 -4.96
N SER P 179 17.98 -22.03 -4.05
CA SER P 179 18.53 -22.10 -2.71
C SER P 179 19.93 -22.73 -2.67
N HIS P 180 20.31 -23.48 -3.70
CA HIS P 180 21.59 -24.17 -3.71
C HIS P 180 22.71 -23.30 -4.29
N CYS P 181 22.55 -22.89 -5.55
CA CYS P 181 23.57 -22.10 -6.23
C CYS P 181 23.47 -20.61 -5.95
N GLY P 182 22.32 -20.13 -5.48
CA GLY P 182 22.15 -18.72 -5.20
C GLY P 182 21.90 -17.85 -6.41
N ALA P 183 21.83 -18.43 -7.60
CA ALA P 183 21.60 -17.69 -8.83
C ALA P 183 20.13 -17.75 -9.23
N ARG P 184 19.75 -16.83 -10.11
CA ARG P 184 18.39 -16.72 -10.59
C ARG P 184 18.31 -17.32 -11.98
N LEU P 185 17.41 -18.27 -12.17
CA LEU P 185 17.34 -19.02 -13.42
C LEU P 185 16.72 -18.16 -14.51
N PRO P 186 17.27 -18.17 -15.72
CA PRO P 186 16.49 -17.75 -16.90
C PRO P 186 15.44 -18.80 -17.23
N VAL P 187 14.33 -18.34 -17.81
CA VAL P 187 13.26 -19.27 -18.17
C VAL P 187 13.71 -20.22 -19.25
N MET P 188 14.41 -19.72 -20.27
CA MET P 188 14.96 -20.52 -21.35
C MET P 188 16.41 -20.87 -21.06
N ALA P 189 16.75 -22.13 -21.31
CA ALA P 189 18.10 -22.63 -21.05
C ALA P 189 18.31 -23.86 -21.92
N ARG P 190 19.56 -24.36 -21.90
CA ARG P 190 19.89 -25.57 -22.65
C ARG P 190 19.11 -26.77 -22.12
N LEU P 191 19.00 -26.89 -20.80
CA LEU P 191 18.27 -27.99 -20.19
C LEU P 191 17.71 -27.49 -18.86
N SER P 192 16.42 -27.15 -18.86
CA SER P 192 15.74 -26.63 -17.67
C SER P 192 14.41 -27.36 -17.48
N PRO P 193 14.46 -28.61 -17.02
CA PRO P 193 13.21 -29.31 -16.69
C PRO P 193 12.49 -28.61 -15.55
N ALA P 194 11.16 -28.69 -15.58
CA ALA P 194 10.35 -27.99 -14.60
C ALA P 194 10.67 -28.46 -13.18
N GLY P 195 10.85 -27.50 -12.27
CA GLY P 195 11.17 -27.79 -10.90
C GLY P 195 12.65 -27.90 -10.58
N PHE P 196 13.49 -28.09 -11.59
CA PHE P 196 14.93 -28.23 -11.39
C PHE P 196 15.63 -26.90 -11.61
N CYS P 197 16.71 -26.69 -10.86
CA CYS P 197 17.57 -25.54 -11.09
C CYS P 197 18.26 -25.68 -12.44
N SER P 198 18.02 -24.73 -13.34
CA SER P 198 18.58 -24.81 -14.68
C SER P 198 20.10 -24.70 -14.69
N ARG P 199 20.71 -24.21 -13.60
CA ARG P 199 22.15 -24.01 -13.54
C ARG P 199 22.84 -25.13 -12.76
N CYS P 200 22.46 -25.34 -11.51
CA CYS P 200 23.14 -26.29 -10.64
C CYS P 200 22.43 -27.64 -10.53
N TYR P 201 21.31 -27.82 -11.25
CA TYR P 201 20.56 -29.07 -11.27
C TYR P 201 20.02 -29.41 -9.88
N GLY P 202 20.06 -28.45 -8.95
CA GLY P 202 19.54 -28.67 -7.63
C GLY P 202 18.02 -28.63 -7.59
N TRP P 203 17.48 -29.05 -6.44
CA TRP P 203 16.03 -29.07 -6.27
C TRP P 203 15.52 -27.71 -5.83
N LEU P 204 14.30 -27.38 -6.25
CA LEU P 204 13.68 -26.10 -5.94
C LEU P 204 12.35 -26.25 -5.21
N GLY P 205 12.03 -27.44 -4.71
CA GLY P 205 10.79 -27.67 -4.02
C GLY P 205 11.01 -27.99 -2.55
N GLN P 206 10.61 -27.05 -1.69
CA GLN P 206 10.74 -27.19 -0.25
C GLN P 206 9.52 -26.59 0.42
N GLU P 207 9.30 -26.98 1.68
CA GLU P 207 8.15 -26.48 2.45
C GLU P 207 8.50 -25.10 3.00
N ILE P 208 8.34 -24.10 2.14
CA ILE P 208 8.60 -22.71 2.51
C ILE P 208 7.28 -22.07 2.94
N LYS P 209 7.30 -21.43 4.11
CA LYS P 209 6.10 -20.82 4.66
C LYS P 209 6.02 -19.35 4.25
N GLY P 210 4.82 -18.91 3.85
CA GLY P 210 4.58 -17.53 3.50
C GLY P 210 3.84 -16.80 4.59
N GLU P 211 4.46 -15.79 5.18
CA GLU P 211 3.94 -15.09 6.35
C GLU P 211 3.86 -13.59 6.10
N GLU P 212 3.32 -13.21 4.94
CA GLU P 212 3.17 -11.82 4.56
C GLU P 212 1.69 -11.46 4.45
N GLU P 213 1.41 -10.19 4.19
CA GLU P 213 0.06 -9.70 4.01
C GLU P 213 -0.35 -10.00 2.56
N ILE P 214 -0.90 -11.19 2.35
CA ILE P 214 -1.28 -11.62 1.01
C ILE P 214 -2.56 -10.94 0.55
N GLU P 215 -3.32 -10.32 1.45
CA GLU P 215 -4.58 -9.69 1.06
C GLU P 215 -4.35 -8.50 0.15
N LYS P 216 -3.17 -7.86 0.23
CA LYS P 216 -2.88 -6.72 -0.63
C LYS P 216 -2.84 -7.14 -2.10
N TYR P 217 -2.21 -8.28 -2.39
CA TYR P 217 -2.05 -8.75 -3.76
C TYR P 217 -3.10 -9.76 -4.17
N ARG P 218 -4.08 -10.04 -3.29
CA ARG P 218 -5.07 -11.07 -3.59
C ARG P 218 -5.91 -10.69 -4.80
N VAL P 219 -6.33 -9.43 -4.89
CA VAL P 219 -7.14 -8.99 -6.03
C VAL P 219 -6.37 -9.16 -7.32
N ASN P 220 -5.10 -8.75 -7.33
CA ASN P 220 -4.28 -8.87 -8.53
C ASN P 220 -4.11 -10.32 -8.95
N ILE P 221 -3.77 -11.21 -8.00
CA ILE P 221 -3.47 -12.59 -8.36
C ILE P 221 -4.74 -13.29 -8.82
N GLN P 222 -5.86 -13.04 -8.15
CA GLN P 222 -7.11 -13.67 -8.55
C GLN P 222 -7.59 -13.16 -9.91
N GLY P 223 -7.42 -11.86 -10.16
CA GLY P 223 -7.80 -11.33 -11.47
C GLY P 223 -6.97 -11.91 -12.59
N ILE P 224 -5.66 -12.03 -12.37
CA ILE P 224 -4.80 -12.61 -13.40
C ILE P 224 -5.12 -14.08 -13.61
N SER P 225 -5.40 -14.79 -12.51
CA SER P 225 -5.80 -16.20 -12.63
C SER P 225 -7.09 -16.35 -13.42
N GLU P 226 -8.07 -15.48 -13.16
CA GLU P 226 -9.31 -15.51 -13.94
C GLU P 226 -9.04 -15.21 -15.40
N LEU P 227 -8.14 -14.25 -15.68
CA LEU P 227 -7.81 -13.91 -17.05
C LEU P 227 -7.20 -15.09 -17.78
N ILE P 228 -6.29 -15.81 -17.14
CA ILE P 228 -5.71 -17.00 -17.78
C ILE P 228 -6.76 -18.08 -17.96
N ALA P 229 -7.57 -18.34 -16.92
CA ALA P 229 -8.52 -19.44 -16.98
C ALA P 229 -9.67 -19.19 -17.93
N LEU P 230 -9.96 -17.93 -18.27
CA LEU P 230 -11.11 -17.60 -19.10
C LEU P 230 -10.84 -17.69 -20.59
N THR P 231 -9.60 -17.47 -21.02
CA THR P 231 -9.28 -17.45 -22.45
C THR P 231 -9.67 -18.72 -23.18
N PRO P 232 -9.34 -19.93 -22.70
CA PRO P 232 -9.76 -21.12 -23.46
C PRO P 232 -11.27 -21.31 -23.50
N GLN P 233 -12.01 -20.73 -22.56
CA GLN P 233 -13.46 -20.93 -22.49
C GLN P 233 -14.24 -19.98 -23.37
N LEU P 234 -13.60 -18.93 -23.91
CA LEU P 234 -14.32 -18.00 -24.77
C LEU P 234 -14.80 -18.66 -26.05
N GLY P 235 -13.94 -19.47 -26.67
CA GLY P 235 -14.26 -20.11 -27.93
C GLY P 235 -14.01 -19.26 -29.16
N TYR P 236 -13.42 -18.08 -29.02
CA TYR P 236 -13.16 -17.22 -30.17
C TYR P 236 -12.01 -16.29 -29.82
N LYS P 237 -11.45 -15.68 -30.86
CA LYS P 237 -10.47 -14.63 -30.64
C LYS P 237 -11.18 -13.36 -30.19
N PRO P 238 -10.83 -12.81 -29.02
CA PRO P 238 -11.53 -11.61 -28.54
C PRO P 238 -11.40 -10.45 -29.50
N ILE P 239 -12.44 -9.63 -29.55
CA ILE P 239 -12.51 -8.46 -30.42
C ILE P 239 -12.12 -7.25 -29.59
N PRO P 240 -11.14 -6.44 -30.05
CA PRO P 240 -10.69 -5.31 -29.22
C PRO P 240 -11.79 -4.34 -28.85
N ILE P 241 -12.66 -4.01 -29.80
CA ILE P 241 -13.68 -3.01 -29.51
C ILE P 241 -14.76 -3.57 -28.60
N GLU P 242 -14.91 -4.90 -28.57
CA GLU P 242 -15.77 -5.51 -27.56
C GLU P 242 -15.30 -5.12 -26.15
N LEU P 243 -14.02 -5.32 -25.88
CA LEU P 243 -13.47 -4.94 -24.58
C LEU P 243 -13.53 -3.43 -24.37
N THR P 244 -13.24 -2.65 -25.41
CA THR P 244 -13.28 -1.20 -25.28
C THR P 244 -14.67 -0.71 -24.90
N ARG P 245 -15.70 -1.28 -25.54
CA ARG P 245 -17.07 -0.86 -25.29
C ARG P 245 -17.59 -1.41 -23.96
N LYS P 246 -17.09 -2.56 -23.51
CA LYS P 246 -17.39 -2.98 -22.15
C LYS P 246 -16.80 -2.01 -21.13
N LEU P 247 -15.57 -1.56 -21.37
CA LEU P 247 -14.98 -0.53 -20.51
C LEU P 247 -15.80 0.75 -20.53
N GLN P 248 -16.25 1.15 -21.73
CA GLN P 248 -17.07 2.35 -21.83
C GLN P 248 -18.40 2.19 -21.10
N LEU P 249 -19.00 0.99 -21.16
CA LEU P 249 -20.22 0.73 -20.43
C LEU P 249 -19.99 0.83 -18.92
N ILE P 250 -18.86 0.29 -18.44
CA ILE P 250 -18.52 0.43 -17.03
C ILE P 250 -18.33 1.90 -16.67
N LEU P 251 -17.73 2.67 -17.58
CA LEU P 251 -17.56 4.11 -17.34
C LEU P 251 -18.90 4.81 -17.23
N LEU P 252 -19.86 4.46 -18.10
CA LEU P 252 -21.18 5.06 -18.02
C LEU P 252 -21.89 4.68 -16.72
N VAL P 253 -21.74 3.42 -16.30
CA VAL P 253 -22.32 3.00 -15.02
C VAL P 253 -21.70 3.80 -13.88
N PHE P 254 -20.38 4.00 -13.92
CA PHE P 254 -19.73 4.80 -12.90
C PHE P 254 -20.27 6.23 -12.89
N GLU P 255 -20.45 6.81 -14.08
CA GLU P 255 -20.95 8.18 -14.16
C GLU P 255 -22.38 8.29 -13.61
N GLN P 256 -23.23 7.32 -13.93
CA GLN P 256 -24.58 7.33 -13.38
C GLN P 256 -24.56 7.17 -11.86
N ALA P 257 -23.70 6.29 -11.35
CA ALA P 257 -23.60 6.12 -9.91
C ALA P 257 -23.13 7.40 -9.23
N ILE P 258 -22.17 8.09 -9.82
CA ILE P 258 -21.71 9.37 -9.29
C ILE P 258 -22.84 10.39 -9.34
N GLY P 259 -23.62 10.38 -10.42
CA GLY P 259 -24.77 11.27 -10.50
C GLY P 259 -25.76 11.02 -9.39
N LYS P 260 -25.97 9.75 -9.02
CA LYS P 260 -26.86 9.44 -7.91
C LYS P 260 -26.22 9.77 -6.57
N ASP P 261 -24.94 9.46 -6.39
CA ASP P 261 -24.26 9.66 -5.11
C ASP P 261 -22.98 10.45 -5.37
N VAL P 262 -22.87 11.63 -4.75
CA VAL P 262 -21.71 12.49 -4.98
C VAL P 262 -20.47 11.94 -4.28
N LYS P 263 -20.63 11.27 -3.14
CA LYS P 263 -19.48 10.82 -2.36
C LYS P 263 -18.63 9.82 -3.15
N LEU P 264 -19.26 9.01 -4.01
CA LEU P 264 -18.53 8.01 -4.77
C LEU P 264 -17.50 8.64 -5.70
N LEU P 265 -17.64 9.93 -6.01
CA LEU P 265 -16.63 10.60 -6.82
C LEU P 265 -15.28 10.59 -6.11
N GLY P 266 -15.26 10.76 -4.79
CA GLY P 266 -14.00 10.70 -4.06
C GLY P 266 -13.32 9.36 -4.20
N ASP P 267 -14.10 8.28 -4.20
CA ASP P 267 -13.52 6.94 -4.32
C ASP P 267 -13.16 6.58 -5.75
N LEU P 268 -13.80 7.20 -6.75
CA LEU P 268 -13.64 6.75 -8.13
C LEU P 268 -13.11 7.79 -9.10
N GLY P 269 -12.64 8.95 -8.64
CA GLY P 269 -12.21 10.00 -9.57
C GLY P 269 -11.02 9.60 -10.42
N GLY P 270 -9.99 9.04 -9.79
CA GLY P 270 -8.81 8.66 -10.54
C GLY P 270 -9.10 7.58 -11.57
N ILE P 271 -9.88 6.57 -11.18
CA ILE P 271 -10.24 5.51 -12.13
C ILE P 271 -11.14 6.05 -13.23
N MET P 272 -12.03 6.99 -12.89
CA MET P 272 -12.84 7.64 -13.90
C MET P 272 -11.97 8.34 -14.94
N GLU P 273 -10.98 9.11 -14.48
CA GLU P 273 -10.09 9.80 -15.40
C GLU P 273 -9.28 8.81 -16.23
N SER P 274 -8.80 7.74 -15.61
CA SER P 274 -8.02 6.74 -16.33
C SER P 274 -8.86 6.06 -17.41
N LEU P 275 -10.11 5.69 -17.08
CA LEU P 275 -10.98 5.06 -18.05
C LEU P 275 -11.33 6.03 -19.17
N ARG P 276 -11.57 7.30 -18.85
CA ARG P 276 -11.86 8.29 -19.87
C ARG P 276 -10.68 8.46 -20.82
N ILE P 277 -9.46 8.49 -20.28
CA ILE P 277 -8.28 8.59 -21.12
C ILE P 277 -8.17 7.35 -22.01
N ALA P 278 -8.35 6.17 -21.43
CA ALA P 278 -8.28 4.93 -22.19
C ALA P 278 -9.35 4.84 -23.28
N SER P 279 -10.49 5.51 -23.09
CA SER P 279 -11.54 5.55 -24.09
C SER P 279 -11.37 6.69 -25.09
N THR P 280 -10.52 7.67 -24.78
CA THR P 280 -10.20 8.74 -25.73
C THR P 280 -8.99 8.42 -26.59
N THR P 281 -7.99 7.73 -26.04
CA THR P 281 -6.90 7.25 -26.87
C THR P 281 -7.41 6.19 -27.85
N ASN P 282 -6.55 5.82 -28.80
CA ASN P 282 -6.92 4.87 -29.82
C ASN P 282 -7.36 3.56 -29.19
N GLN P 283 -8.52 3.06 -29.64
CA GLN P 283 -9.09 1.84 -29.04
C GLN P 283 -8.22 0.63 -29.31
N SER P 284 -7.56 0.59 -30.47
CA SER P 284 -6.68 -0.54 -30.79
C SER P 284 -5.47 -0.59 -29.86
N GLN P 285 -5.14 0.50 -29.19
CA GLN P 285 -4.06 0.49 -28.22
C GLN P 285 -4.41 -0.43 -27.06
N PRO P 286 -3.51 -1.31 -26.62
CA PRO P 286 -3.81 -2.18 -25.48
C PRO P 286 -3.91 -1.38 -24.19
N TYR P 287 -4.61 -1.98 -23.23
CA TYR P 287 -4.76 -1.40 -21.90
C TYR P 287 -3.87 -2.12 -20.89
N HIS P 288 -3.30 -1.36 -19.98
CA HIS P 288 -2.46 -1.92 -18.92
C HIS P 288 -3.32 -2.77 -18.00
N LEU P 289 -3.01 -4.07 -17.91
CA LEU P 289 -3.88 -4.98 -17.17
C LEU P 289 -3.99 -4.59 -15.70
N VAL P 290 -2.90 -4.72 -14.95
CA VAL P 290 -2.93 -4.49 -13.51
C VAL P 290 -3.13 -3.02 -13.18
N LYS P 291 -2.67 -2.12 -14.05
CA LYS P 291 -2.79 -0.69 -13.76
C LYS P 291 -4.22 -0.19 -13.99
N LEU P 292 -4.90 -0.72 -15.00
CA LEU P 292 -6.21 -0.20 -15.36
C LEU P 292 -7.35 -1.18 -15.17
N ILE P 293 -7.33 -2.34 -15.83
CA ILE P 293 -8.54 -3.17 -15.88
C ILE P 293 -8.85 -3.78 -14.52
N ILE P 294 -7.85 -4.36 -13.86
CA ILE P 294 -8.10 -5.01 -12.58
C ILE P 294 -8.63 -4.03 -11.53
N PRO P 295 -8.04 -2.86 -11.32
CA PRO P 295 -8.66 -1.90 -10.39
C PRO P 295 -10.04 -1.45 -10.84
N VAL P 296 -10.27 -1.31 -12.15
CA VAL P 296 -11.57 -0.85 -12.63
C VAL P 296 -12.65 -1.85 -12.29
N CYS P 297 -12.42 -3.13 -12.60
CA CYS P 297 -13.42 -4.15 -12.27
C CYS P 297 -13.50 -4.36 -10.76
N GLU P 298 -12.41 -4.06 -10.04
CA GLU P 298 -12.44 -4.15 -8.58
C GLU P 298 -13.40 -3.11 -7.99
N LYS P 299 -13.27 -1.85 -8.42
CA LYS P 299 -14.17 -0.82 -7.93
C LYS P 299 -15.60 -1.05 -8.39
N ALA P 300 -15.77 -1.59 -9.60
CA ALA P 300 -17.08 -2.00 -10.07
C ALA P 300 -17.58 -3.26 -9.38
N LYS P 301 -16.81 -3.81 -8.43
CA LYS P 301 -17.19 -5.02 -7.70
C LYS P 301 -17.47 -6.18 -8.65
N ILE P 302 -16.69 -6.29 -9.72
CA ILE P 302 -16.90 -7.27 -10.76
C ILE P 302 -15.59 -8.05 -10.98
N SER P 303 -15.72 -9.36 -11.04
CA SER P 303 -14.57 -10.22 -11.31
C SER P 303 -14.13 -10.06 -12.76
N VAL P 304 -12.84 -10.31 -12.99
CA VAL P 304 -12.30 -10.29 -14.34
C VAL P 304 -13.02 -11.32 -15.20
N PHE P 305 -13.34 -12.47 -14.63
CA PHE P 305 -14.10 -13.49 -15.33
C PHE P 305 -15.44 -12.95 -15.80
N GLN P 306 -16.16 -12.25 -14.92
CA GLN P 306 -17.45 -11.67 -15.31
C GLN P 306 -17.27 -10.62 -16.39
N LEU P 307 -16.22 -9.80 -16.28
CA LEU P 307 -16.01 -8.72 -17.25
C LEU P 307 -15.73 -9.27 -18.64
N PHE P 308 -14.85 -10.25 -18.75
CA PHE P 308 -14.48 -10.78 -20.06
C PHE P 308 -15.39 -11.89 -20.56
N GLY P 309 -16.25 -12.46 -19.72
CA GLY P 309 -17.04 -13.60 -20.14
C GLY P 309 -18.49 -13.30 -20.45
N SER P 310 -19.15 -12.51 -19.60
CA SER P 310 -20.56 -12.25 -19.77
C SER P 310 -20.80 -11.33 -20.95
N ASP P 311 -21.99 -11.45 -21.56
CA ASP P 311 -22.35 -10.59 -22.67
C ASP P 311 -22.69 -9.19 -22.16
N PHE P 312 -23.05 -8.30 -23.10
CA PHE P 312 -23.34 -6.92 -22.72
C PHE P 312 -24.59 -6.82 -21.87
N LYS P 313 -25.60 -7.65 -22.14
CA LYS P 313 -26.82 -7.62 -21.34
C LYS P 313 -26.54 -8.02 -19.89
N GLU P 314 -25.87 -9.16 -19.69
CA GLU P 314 -25.58 -9.60 -18.34
C GLU P 314 -24.66 -8.64 -17.62
N LEU P 315 -23.64 -8.14 -18.31
CA LEU P 315 -22.72 -7.18 -17.69
C LEU P 315 -23.45 -5.91 -17.28
N GLY P 316 -24.31 -5.39 -18.15
CA GLY P 316 -25.05 -4.19 -17.80
C GLY P 316 -26.00 -4.41 -16.64
N LYS P 317 -26.71 -5.55 -16.64
CA LYS P 317 -27.64 -5.83 -15.54
C LYS P 317 -26.89 -5.96 -14.22
N ILE P 318 -25.75 -6.64 -14.23
CA ILE P 318 -25.00 -6.84 -12.99
C ILE P 318 -24.41 -5.51 -12.51
N LEU P 319 -23.94 -4.67 -13.43
CA LEU P 319 -23.45 -3.36 -13.04
C LEU P 319 -24.57 -2.51 -12.43
N PHE P 320 -25.75 -2.50 -13.05
CA PHE P 320 -26.86 -1.72 -12.53
C PHE P 320 -27.27 -2.22 -11.15
N GLY P 321 -27.32 -3.54 -10.96
CA GLY P 321 -27.63 -4.07 -9.65
C GLY P 321 -26.55 -3.75 -8.62
N ASN P 322 -25.30 -3.76 -9.05
CA ASN P 322 -24.18 -3.51 -8.14
C ASN P 322 -24.20 -2.06 -7.64
N PHE P 323 -24.52 -1.11 -8.52
CA PHE P 323 -24.64 0.28 -8.12
C PHE P 323 -26.09 0.71 -7.89
N SER P 324 -27.02 -0.25 -7.84
CA SER P 324 -28.41 0.02 -7.47
C SER P 324 -29.06 1.04 -8.40
N LEU P 325 -28.64 1.05 -9.66
CA LEU P 325 -29.25 1.91 -10.65
C LEU P 325 -30.55 1.30 -11.14
N GLU P 326 -31.39 2.14 -11.75
CA GLU P 326 -32.68 1.72 -12.27
C GLU P 326 -32.66 1.49 -13.76
N LEU P 327 -31.48 1.48 -14.38
CA LEU P 327 -31.39 1.31 -15.82
C LEU P 327 -31.64 -0.15 -16.20
N LYS P 328 -32.00 -0.34 -17.47
CA LYS P 328 -32.24 -1.67 -18.02
C LYS P 328 -31.84 -1.64 -19.49
N LEU P 329 -30.76 -2.34 -19.83
CA LEU P 329 -30.32 -2.38 -21.22
C LEU P 329 -30.86 -3.61 -21.95
N SER Q 4 -13.94 -65.79 -57.95
CA SER Q 4 -13.94 -66.81 -58.99
C SER Q 4 -12.69 -67.68 -58.89
N THR Q 5 -12.81 -68.92 -59.38
CA THR Q 5 -11.68 -69.84 -59.35
C THR Q 5 -10.63 -69.53 -60.40
N GLY Q 6 -10.99 -68.78 -61.44
CA GLY Q 6 -10.08 -68.47 -62.53
C GLY Q 6 -9.53 -67.06 -62.45
N PHE Q 7 -8.31 -66.90 -62.96
CA PHE Q 7 -7.69 -65.60 -63.05
C PHE Q 7 -8.40 -64.74 -64.10
N PRO Q 8 -8.29 -63.42 -64.00
CA PRO Q 8 -8.87 -62.55 -65.04
C PRO Q 8 -8.38 -62.93 -66.43
N LEU Q 9 -9.31 -63.08 -67.38
CA LEU Q 9 -8.99 -63.65 -68.68
C LEU Q 9 -8.28 -62.66 -69.61
N GLU Q 10 -8.33 -61.36 -69.32
CA GLU Q 10 -7.62 -60.40 -70.16
C GLU Q 10 -6.13 -60.37 -69.88
N LEU Q 11 -5.67 -61.05 -68.82
CA LEU Q 11 -4.25 -61.06 -68.48
C LEU Q 11 -3.41 -61.78 -69.50
N LEU Q 12 -4.01 -62.66 -70.32
CA LEU Q 12 -3.25 -63.36 -71.35
C LEU Q 12 -2.68 -62.37 -72.37
N THR Q 13 -3.48 -61.39 -72.79
CA THR Q 13 -3.02 -60.40 -73.75
C THR Q 13 -1.99 -59.43 -73.16
N ARG Q 14 -1.96 -59.30 -71.83
CA ARG Q 14 -1.03 -58.40 -71.18
C ARG Q 14 0.38 -59.00 -71.16
N PRO Q 15 1.41 -58.17 -71.02
CA PRO Q 15 2.78 -58.68 -71.03
C PRO Q 15 3.05 -59.62 -69.85
N ALA Q 16 4.23 -60.25 -69.91
CA ALA Q 16 4.60 -61.25 -68.91
C ALA Q 16 4.72 -60.62 -67.52
N THR Q 17 5.24 -59.40 -67.44
CA THR Q 17 5.41 -58.74 -66.15
C THR Q 17 4.08 -58.58 -65.43
N GLU Q 18 3.03 -58.22 -66.17
CA GLU Q 18 1.72 -58.06 -65.55
C GLU Q 18 1.19 -59.37 -64.99
N ARG Q 19 1.35 -60.47 -65.74
CA ARG Q 19 0.92 -61.76 -65.23
C ARG Q 19 1.71 -62.16 -63.99
N LEU Q 20 3.02 -61.94 -64.00
CA LEU Q 20 3.84 -62.27 -62.84
C LEU Q 20 3.42 -61.44 -61.63
N ALA Q 21 3.12 -60.16 -61.85
CA ALA Q 21 2.65 -59.31 -60.75
C ALA Q 21 1.31 -59.81 -60.21
N TYR Q 22 0.36 -60.12 -61.09
CA TYR Q 22 -0.92 -60.64 -60.62
C TYR Q 22 -0.72 -61.89 -59.79
N PHE Q 23 0.22 -62.75 -60.21
CA PHE Q 23 0.46 -63.97 -59.43
C PHE Q 23 1.12 -63.66 -58.10
N GLU Q 24 2.05 -62.69 -58.06
CA GLU Q 24 2.83 -62.48 -56.84
C GLU Q 24 2.02 -61.77 -55.76
N ASN Q 25 1.23 -60.75 -56.13
CA ASN Q 25 0.38 -60.16 -55.09
C ASN Q 25 -0.87 -60.98 -54.78
N TYR Q 26 -1.10 -62.09 -55.48
CA TYR Q 26 -2.19 -62.99 -55.13
C TYR Q 26 -1.74 -63.93 -54.01
N THR Q 27 -2.58 -64.07 -52.99
CA THR Q 27 -2.37 -65.02 -51.90
C THR Q 27 -3.67 -65.74 -51.60
N VAL Q 28 -3.56 -67.00 -51.17
CA VAL Q 28 -4.71 -67.85 -50.90
C VAL Q 28 -4.80 -68.08 -49.39
N ALA Q 29 -6.02 -68.25 -48.88
CA ALA Q 29 -6.25 -68.47 -47.46
C ALA Q 29 -6.56 -69.95 -47.23
N HIS Q 30 -5.57 -70.69 -46.76
CA HIS Q 30 -5.77 -72.08 -46.37
C HIS Q 30 -6.22 -72.15 -44.92
N PRO Q 31 -6.89 -73.25 -44.52
CA PRO Q 31 -7.56 -73.25 -43.21
C PRO Q 31 -6.64 -72.95 -42.02
N ARG Q 32 -5.40 -73.44 -42.03
CA ARG Q 32 -4.50 -73.14 -40.93
C ARG Q 32 -4.21 -71.66 -40.83
N LEU Q 33 -3.96 -71.00 -41.97
CA LEU Q 33 -3.63 -69.58 -41.96
C LEU Q 33 -4.80 -68.76 -41.43
N LYS Q 34 -6.02 -69.05 -41.90
CA LYS Q 34 -7.16 -68.27 -41.43
C LYS Q 34 -7.47 -68.56 -39.97
N GLU Q 35 -7.30 -69.80 -39.53
CA GLU Q 35 -7.53 -70.12 -38.11
C GLU Q 35 -6.53 -69.39 -37.22
N VAL Q 36 -5.26 -69.39 -37.60
CA VAL Q 36 -4.24 -68.67 -36.83
C VAL Q 36 -4.52 -67.18 -36.87
N TYR Q 37 -5.01 -66.67 -38.00
CA TYR Q 37 -5.35 -65.26 -38.11
C TYR Q 37 -6.47 -64.88 -37.15
N GLU Q 38 -7.54 -65.69 -37.10
CA GLU Q 38 -8.61 -65.42 -36.16
C GLU Q 38 -8.11 -65.48 -34.72
N ILE Q 39 -7.30 -66.49 -34.40
CA ILE Q 39 -6.79 -66.62 -33.03
C ILE Q 39 -5.94 -65.42 -32.66
N LEU Q 40 -5.05 -65.01 -33.57
CA LEU Q 40 -4.15 -63.89 -33.30
C LEU Q 40 -4.92 -62.59 -33.11
N MET Q 41 -5.94 -62.35 -33.94
CA MET Q 41 -6.68 -61.11 -33.80
C MET Q 41 -7.60 -61.14 -32.58
N ARG Q 42 -8.11 -62.33 -32.21
CA ARG Q 42 -8.87 -62.42 -30.97
C ARG Q 42 -8.00 -62.12 -29.76
N THR Q 43 -6.75 -62.63 -29.76
CA THR Q 43 -5.83 -62.33 -28.68
C THR Q 43 -5.44 -60.85 -28.68
N ILE Q 44 -5.29 -60.27 -29.87
CA ILE Q 44 -4.92 -58.86 -29.98
C ILE Q 44 -6.04 -57.97 -29.44
N ALA Q 45 -7.28 -58.26 -29.80
CA ALA Q 45 -8.40 -57.45 -29.34
C ALA Q 45 -8.55 -57.53 -27.83
N GLU Q 46 -8.37 -58.73 -27.25
CA GLU Q 46 -8.48 -58.94 -25.81
C GLU Q 46 -7.19 -59.61 -25.34
N PRO Q 47 -6.18 -58.83 -24.94
CA PRO Q 47 -4.92 -59.44 -24.46
C PRO Q 47 -5.11 -60.32 -23.24
N ALA Q 48 -6.13 -60.06 -22.44
CA ALA Q 48 -6.43 -60.85 -21.23
C ALA Q 48 -5.23 -60.90 -20.28
N GLY Q 49 -4.53 -59.77 -20.17
CA GLY Q 49 -3.41 -59.65 -19.26
C GLY Q 49 -2.13 -60.29 -19.73
N ALA Q 50 -2.07 -60.81 -20.94
CA ALA Q 50 -0.88 -61.44 -21.49
C ALA Q 50 -0.14 -60.45 -22.38
N SER Q 51 1.16 -60.31 -22.14
CA SER Q 51 2.00 -59.36 -22.86
C SER Q 51 2.84 -60.00 -23.96
N PHE Q 52 2.64 -61.29 -24.22
CA PHE Q 52 3.44 -62.00 -25.22
C PHE Q 52 2.55 -62.97 -25.98
N ILE Q 53 2.64 -62.91 -27.31
CA ILE Q 53 1.79 -63.71 -28.20
C ILE Q 53 2.67 -64.55 -29.12
N PHE Q 54 3.77 -65.09 -28.58
CA PHE Q 54 4.74 -65.87 -29.35
C PHE Q 54 4.08 -66.76 -30.38
N VAL Q 55 4.54 -66.66 -31.62
CA VAL Q 55 4.02 -67.44 -32.74
C VAL Q 55 5.19 -68.19 -33.35
N TYR Q 56 5.12 -69.52 -33.34
CA TYR Q 56 6.12 -70.37 -33.96
C TYR Q 56 5.70 -70.70 -35.39
N GLY Q 57 6.37 -71.65 -36.00
CA GLY Q 57 6.02 -72.12 -37.33
C GLY Q 57 7.24 -72.53 -38.12
N ALA Q 58 7.02 -73.36 -39.14
CA ALA Q 58 8.09 -73.78 -40.02
C ALA Q 58 8.54 -72.61 -40.90
N SER Q 59 9.70 -72.78 -41.53
CA SER Q 59 10.18 -71.77 -42.46
C SER Q 59 9.37 -71.82 -43.74
N GLY Q 60 8.41 -70.89 -43.86
CA GLY Q 60 7.57 -70.82 -45.04
C GLY Q 60 6.11 -71.15 -44.84
N VAL Q 61 5.65 -71.31 -43.60
CA VAL Q 61 4.23 -71.53 -43.37
C VAL Q 61 3.41 -70.28 -43.63
N GLY Q 62 4.04 -69.10 -43.64
CA GLY Q 62 3.32 -67.87 -43.89
C GLY Q 62 3.32 -66.92 -42.72
N LYS Q 63 4.36 -67.00 -41.89
CA LYS Q 63 4.45 -66.12 -40.73
C LYS Q 63 4.51 -64.66 -41.14
N THR Q 64 5.36 -64.32 -42.12
CA THR Q 64 5.47 -62.95 -42.57
C THR Q 64 4.17 -62.48 -43.22
N THR Q 65 3.56 -63.32 -44.05
CA THR Q 65 2.31 -62.94 -44.70
C THR Q 65 1.21 -62.70 -43.68
N LEU Q 66 1.11 -63.57 -42.67
CA LEU Q 66 0.14 -63.36 -41.60
C LEU Q 66 0.41 -62.07 -40.86
N ARG Q 67 1.70 -61.78 -40.62
CA ARG Q 67 2.06 -60.53 -39.94
C ARG Q 67 1.59 -59.31 -40.73
N LEU Q 68 1.88 -59.28 -42.03
CA LEU Q 68 1.45 -58.15 -42.85
C LEU Q 68 -0.07 -58.06 -42.92
N ARG Q 69 -0.76 -59.20 -43.04
CA ARG Q 69 -2.22 -59.17 -43.09
C ARG Q 69 -2.81 -58.62 -41.80
N VAL Q 70 -2.29 -59.05 -40.66
CA VAL Q 70 -2.80 -58.55 -39.38
C VAL Q 70 -2.53 -57.06 -39.25
N GLU Q 71 -1.32 -56.63 -39.64
CA GLU Q 71 -0.99 -55.21 -39.59
C GLU Q 71 -1.98 -54.40 -40.44
N GLN Q 72 -2.21 -54.84 -41.67
CA GLN Q 72 -3.09 -54.08 -42.57
C GLN Q 72 -4.52 -54.06 -42.05
N LYS Q 73 -5.02 -55.20 -41.57
CA LYS Q 73 -6.42 -55.24 -41.12
C LYS Q 73 -6.61 -54.42 -39.85
N LEU Q 74 -5.67 -54.47 -38.91
CA LEU Q 74 -5.77 -53.61 -37.74
C LEU Q 74 -5.66 -52.14 -38.13
N THR Q 75 -4.81 -51.83 -39.11
CA THR Q 75 -4.68 -50.47 -39.58
C THR Q 75 -6.00 -49.95 -40.14
N GLU Q 76 -6.66 -50.75 -40.97
CA GLU Q 76 -7.93 -50.29 -41.54
C GLU Q 76 -9.05 -50.30 -40.51
N LEU Q 77 -8.96 -51.17 -39.50
CA LEU Q 77 -9.94 -51.14 -38.41
C LEU Q 77 -9.81 -49.85 -37.62
N ALA Q 78 -8.59 -49.41 -37.36
CA ALA Q 78 -8.37 -48.16 -36.63
C ALA Q 78 -8.56 -46.93 -37.50
N LEU Q 79 -8.47 -47.06 -38.82
CA LEU Q 79 -8.48 -45.89 -39.71
C LEU Q 79 -9.63 -44.92 -39.48
N PRO Q 80 -10.87 -45.33 -39.23
CA PRO Q 80 -11.95 -44.34 -39.08
C PRO Q 80 -11.70 -43.30 -38.00
N LYS Q 81 -10.81 -43.55 -37.04
CA LYS Q 81 -10.62 -42.62 -35.92
C LYS Q 81 -9.25 -41.95 -35.89
N LEU Q 82 -8.33 -42.29 -36.79
CA LEU Q 82 -7.03 -41.59 -36.82
C LEU Q 82 -7.15 -40.14 -37.27
N GLU Q 83 -8.19 -39.78 -38.02
CA GLU Q 83 -8.36 -38.36 -38.38
C GLU Q 83 -8.59 -37.49 -37.15
N SER Q 84 -9.34 -38.01 -36.17
CA SER Q 84 -9.59 -37.24 -34.96
C SER Q 84 -8.36 -37.18 -34.07
N ASP Q 85 -7.69 -38.31 -33.85
CA ASP Q 85 -6.58 -38.40 -32.90
C ASP Q 85 -5.28 -38.65 -33.66
N ARG Q 86 -4.32 -37.74 -33.47
CA ARG Q 86 -3.00 -37.86 -34.07
C ARG Q 86 -2.02 -38.48 -33.08
N ALA Q 87 -0.80 -38.75 -33.56
CA ALA Q 87 0.22 -39.44 -32.77
C ALA Q 87 -0.32 -40.75 -32.22
N ARG Q 88 -1.01 -41.50 -33.06
CA ARG Q 88 -1.77 -42.68 -32.67
C ARG Q 88 -1.50 -43.84 -33.64
N VAL Q 89 -0.23 -44.13 -33.88
CA VAL Q 89 0.16 -45.18 -34.82
C VAL Q 89 -0.54 -46.48 -34.42
N PRO Q 90 -1.33 -47.08 -35.30
CA PRO Q 90 -2.14 -48.24 -34.90
C PRO Q 90 -1.32 -49.45 -34.49
N VAL Q 91 -0.46 -49.93 -35.39
CA VAL Q 91 0.38 -51.08 -35.12
C VAL Q 91 1.80 -50.77 -35.58
N VAL Q 92 2.76 -51.46 -34.97
CA VAL Q 92 4.17 -51.31 -35.28
C VAL Q 92 4.77 -52.70 -35.49
N GLY Q 93 5.39 -52.91 -36.64
CA GLY Q 93 6.02 -54.18 -36.91
C GLY Q 93 7.42 -54.04 -37.48
N ILE Q 94 8.41 -54.55 -36.76
CA ILE Q 94 9.81 -54.50 -37.17
C ILE Q 94 10.39 -55.90 -37.09
N GLU Q 95 11.53 -56.08 -37.76
CA GLU Q 95 12.20 -57.37 -37.84
C GLU Q 95 13.53 -57.30 -37.09
N ALA Q 96 13.78 -58.31 -36.26
CA ALA Q 96 15.02 -58.36 -35.50
C ALA Q 96 16.21 -58.60 -36.43
N ILE Q 97 17.36 -58.07 -36.03
CA ILE Q 97 18.58 -58.13 -36.82
C ILE Q 97 19.54 -59.09 -36.16
N ALA Q 98 20.07 -60.03 -36.93
CA ALA Q 98 21.14 -60.89 -36.43
C ALA Q 98 22.39 -60.05 -36.17
N PRO Q 99 23.07 -60.25 -35.06
CA PRO Q 99 24.19 -59.37 -34.71
C PRO Q 99 25.47 -59.76 -35.43
N GLU Q 100 26.20 -58.74 -35.90
CA GLU Q 100 27.52 -58.98 -36.47
C GLU Q 100 28.49 -59.52 -35.43
N SER Q 101 28.43 -58.99 -34.21
CA SER Q 101 29.26 -59.47 -33.11
C SER Q 101 28.68 -60.78 -32.57
N ARG Q 102 29.33 -61.34 -31.56
CA ARG Q 102 28.88 -62.60 -30.98
C ARG Q 102 27.55 -62.45 -30.24
N TYR Q 103 27.36 -61.34 -29.54
CA TYR Q 103 26.18 -61.12 -28.71
C TYR Q 103 25.19 -60.22 -29.42
N PHE Q 104 23.91 -60.41 -29.11
CA PHE Q 104 22.86 -59.56 -29.67
C PHE Q 104 23.02 -58.12 -29.18
N ASN Q 105 22.81 -57.18 -30.10
CA ASN Q 105 22.97 -55.76 -29.81
C ASN Q 105 21.60 -55.16 -29.54
N TRP Q 106 21.45 -54.49 -28.41
CA TRP Q 106 20.19 -53.86 -28.03
C TRP Q 106 20.12 -52.39 -28.38
N LYS Q 107 21.27 -51.70 -28.50
CA LYS Q 107 21.26 -50.33 -28.97
C LYS Q 107 20.70 -50.26 -30.38
N GLU Q 108 21.10 -51.21 -31.24
CA GLU Q 108 20.56 -51.27 -32.59
C GLU Q 108 19.06 -51.53 -32.57
N TYR Q 109 18.61 -52.43 -31.70
CA TYR Q 109 17.18 -52.71 -31.58
C TYR Q 109 16.40 -51.46 -31.21
N TYR Q 110 16.87 -50.74 -30.18
CA TYR Q 110 16.17 -49.54 -29.73
C TYR Q 110 16.18 -48.46 -30.80
N THR Q 111 17.31 -48.24 -31.46
CA THR Q 111 17.37 -47.18 -32.45
C THR Q 111 16.54 -47.52 -33.68
N ARG Q 112 16.47 -48.81 -34.06
CA ARG Q 112 15.62 -49.20 -35.18
C ARG Q 112 14.15 -49.04 -34.82
N ALA Q 113 13.77 -49.40 -33.59
CA ALA Q 113 12.40 -49.17 -33.16
C ALA Q 113 12.06 -47.70 -33.17
N LEU Q 114 13.00 -46.84 -32.76
CA LEU Q 114 12.78 -45.40 -32.82
C LEU Q 114 12.64 -44.92 -34.27
N ILE Q 115 13.45 -45.48 -35.17
CA ILE Q 115 13.35 -45.11 -36.58
C ILE Q 115 11.98 -45.46 -37.14
N THR Q 116 11.46 -46.64 -36.75
CA THR Q 116 10.15 -47.04 -37.23
C THR Q 116 9.07 -46.06 -36.78
N LEU Q 117 9.14 -45.60 -35.54
CA LEU Q 117 8.17 -44.65 -34.99
C LEU Q 117 8.40 -43.22 -35.47
N GLU Q 118 9.29 -43.01 -36.44
CA GLU Q 118 9.59 -41.67 -36.97
C GLU Q 118 10.03 -40.70 -35.87
N GLU Q 119 10.83 -41.20 -34.92
CA GLU Q 119 11.33 -40.35 -33.85
C GLU Q 119 12.27 -39.31 -34.42
N PRO Q 120 12.08 -38.03 -34.10
CA PRO Q 120 13.04 -37.00 -34.53
C PRO Q 120 14.28 -36.96 -33.66
N LEU Q 121 15.41 -36.66 -34.31
CA LEU Q 121 16.71 -36.49 -33.64
C LEU Q 121 17.08 -37.72 -32.81
N ILE Q 122 17.08 -38.89 -33.46
CA ILE Q 122 17.38 -40.13 -32.77
C ILE Q 122 18.85 -40.17 -32.34
N ASP Q 123 19.75 -39.79 -33.25
CA ASP Q 123 21.17 -39.91 -32.96
C ASP Q 123 21.60 -38.98 -31.83
N HIS Q 124 21.09 -37.75 -31.82
CA HIS Q 124 21.49 -36.76 -30.83
C HIS Q 124 21.11 -37.22 -29.42
N LYS Q 125 19.81 -37.27 -29.15
CA LYS Q 125 19.24 -37.83 -27.92
C LYS Q 125 19.80 -37.20 -26.65
N PHE Q 126 19.44 -37.76 -25.50
CA PHE Q 126 19.92 -37.35 -24.19
C PHE Q 126 19.31 -38.29 -23.15
N ASP Q 127 19.95 -38.37 -22.00
CA ASP Q 127 19.46 -39.17 -20.87
C ASP Q 127 19.10 -38.23 -19.73
N TYR Q 128 17.81 -38.20 -19.37
CA TYR Q 128 17.30 -37.32 -18.33
C TYR Q 128 17.50 -37.98 -16.95
N GLY Q 129 18.76 -38.04 -16.54
CA GLY Q 129 19.10 -38.63 -15.26
C GLY Q 129 20.56 -38.43 -14.88
N ALA Q 149 22.32 -48.93 -23.25
CA ALA Q 149 21.83 -47.64 -23.69
C ALA Q 149 20.57 -47.23 -22.93
N PRO Q 150 20.74 -46.44 -21.88
CA PRO Q 150 19.58 -46.05 -21.06
C PRO Q 150 18.75 -44.95 -21.72
N ALA Q 151 19.42 -44.00 -22.38
CA ALA Q 151 18.71 -42.91 -23.04
C ALA Q 151 17.84 -43.42 -24.17
N LEU Q 152 18.38 -44.31 -25.01
CA LEU Q 152 17.59 -44.87 -26.10
C LEU Q 152 16.42 -45.69 -25.59
N ARG Q 153 16.65 -46.47 -24.52
CA ARG Q 153 15.58 -47.27 -23.94
C ARG Q 153 14.47 -46.38 -23.39
N ARG Q 154 14.84 -45.31 -22.66
CA ARG Q 154 13.85 -44.40 -22.13
C ARG Q 154 13.09 -43.70 -23.26
N ALA Q 155 13.79 -43.32 -24.33
CA ALA Q 155 13.11 -42.70 -25.46
C ALA Q 155 12.11 -43.65 -26.09
N LEU Q 156 12.50 -44.93 -26.24
CA LEU Q 156 11.57 -45.92 -26.79
C LEU Q 156 10.36 -46.11 -25.88
N GLU Q 157 10.60 -46.15 -24.57
CA GLU Q 157 9.49 -46.29 -23.62
C GLU Q 157 8.51 -45.13 -23.74
N ASN Q 158 9.04 -43.91 -23.76
CA ASN Q 158 8.18 -42.73 -23.86
C ASN Q 158 7.44 -42.70 -25.20
N ALA Q 159 8.12 -43.08 -26.29
CA ALA Q 159 7.47 -43.11 -27.59
C ALA Q 159 6.34 -44.14 -27.62
N LEU Q 160 6.56 -45.30 -27.02
CA LEU Q 160 5.51 -46.31 -26.96
C LEU Q 160 4.35 -45.84 -26.10
N ILE Q 161 4.65 -45.14 -25.00
CA ILE Q 161 3.58 -44.66 -24.12
C ILE Q 161 2.72 -43.62 -24.84
N HIS Q 162 3.36 -42.67 -25.51
CA HIS Q 162 2.62 -41.55 -26.09
C HIS Q 162 1.99 -41.90 -27.43
N ARG Q 163 2.76 -42.52 -28.33
CA ARG Q 163 2.22 -42.86 -29.65
C ARG Q 163 1.11 -43.89 -29.55
N HIS Q 164 1.09 -44.68 -28.47
CA HIS Q 164 0.01 -45.61 -28.15
C HIS Q 164 -0.22 -46.63 -29.27
N PRO Q 165 0.71 -47.55 -29.49
CA PRO Q 165 0.48 -48.61 -30.48
C PRO Q 165 -0.35 -49.73 -29.91
N ASP Q 166 -1.20 -50.32 -30.75
CA ASP Q 166 -2.05 -51.43 -30.30
C ASP Q 166 -1.23 -52.68 -30.06
N VAL Q 167 -0.35 -53.02 -31.00
CA VAL Q 167 0.51 -54.19 -30.91
C VAL Q 167 1.92 -53.81 -31.33
N PHE Q 168 2.85 -54.75 -31.12
CA PHE Q 168 4.26 -54.58 -31.49
C PHE Q 168 4.79 -55.93 -31.98
N PHE Q 169 4.76 -56.13 -33.30
CA PHE Q 169 5.34 -57.33 -33.89
C PHE Q 169 6.85 -57.21 -33.92
N VAL Q 170 7.53 -58.31 -33.59
CA VAL Q 170 8.99 -58.40 -33.69
C VAL Q 170 9.28 -59.67 -34.48
N ASP Q 171 9.44 -59.52 -35.79
CA ASP Q 171 9.69 -60.67 -36.65
C ASP Q 171 11.11 -61.20 -36.43
N GLU Q 172 11.29 -62.47 -36.78
CA GLU Q 172 12.57 -63.17 -36.65
C GLU Q 172 13.10 -63.08 -35.21
N ALA Q 173 12.26 -63.56 -34.28
CA ALA Q 173 12.61 -63.51 -32.86
C ALA Q 173 13.68 -64.52 -32.49
N GLN Q 174 14.03 -65.44 -33.38
CA GLN Q 174 15.12 -66.36 -33.09
C GLN Q 174 16.46 -65.64 -32.96
N HIS Q 175 16.60 -64.49 -33.63
CA HIS Q 175 17.82 -63.71 -33.54
C HIS Q 175 17.99 -63.06 -32.18
N PHE Q 176 16.95 -63.05 -31.35
CA PHE Q 176 17.07 -62.49 -30.00
C PHE Q 176 18.08 -63.29 -29.17
N GLY Q 177 18.06 -64.61 -29.30
CA GLY Q 177 18.92 -65.46 -28.52
C GLY Q 177 20.28 -65.72 -29.15
N LYS Q 178 20.87 -64.70 -29.76
CA LYS Q 178 22.23 -64.80 -30.28
C LYS Q 178 23.24 -64.38 -29.21
N VAL Q 179 23.13 -65.05 -28.06
CA VAL Q 179 24.01 -64.79 -26.92
C VAL Q 179 24.63 -66.11 -26.48
N ALA Q 180 25.91 -66.04 -26.11
CA ALA Q 180 26.64 -67.22 -25.67
C ALA Q 180 26.30 -67.64 -24.25
N SER Q 181 25.59 -66.81 -23.50
CA SER Q 181 25.19 -67.14 -22.14
C SER Q 181 23.79 -67.76 -22.15
N GLY Q 182 23.68 -68.95 -21.57
CA GLY Q 182 22.39 -69.62 -21.54
C GLY Q 182 21.36 -68.87 -20.72
N TYR Q 183 21.80 -68.26 -19.62
CA TYR Q 183 20.87 -67.49 -18.78
C TYR Q 183 20.55 -66.13 -19.38
N LYS Q 184 21.47 -65.54 -20.15
CA LYS Q 184 21.14 -64.30 -20.83
C LYS Q 184 20.17 -64.51 -21.98
N LEU Q 185 19.98 -65.77 -22.41
CA LEU Q 185 18.97 -66.08 -23.41
C LEU Q 185 17.60 -65.59 -22.98
N GLN Q 186 17.23 -65.87 -21.72
CA GLN Q 186 16.00 -65.32 -21.17
C GLN Q 186 16.16 -63.89 -20.68
N ASP Q 187 17.40 -63.41 -20.47
CA ASP Q 187 17.58 -62.01 -20.13
C ASP Q 187 17.26 -61.09 -21.31
N GLN Q 188 17.38 -61.58 -22.53
CA GLN Q 188 16.90 -60.81 -23.68
C GLN Q 188 15.41 -60.52 -23.54
N LEU Q 189 14.62 -61.56 -23.30
CA LEU Q 189 13.20 -61.37 -23.05
C LEU Q 189 12.95 -60.59 -21.76
N ASP Q 190 13.86 -60.66 -20.79
CA ASP Q 190 13.73 -59.83 -19.60
C ASP Q 190 13.84 -58.34 -19.94
N CYS Q 191 14.78 -57.98 -20.80
CA CYS Q 191 14.89 -56.61 -21.26
C CYS Q 191 13.65 -56.20 -22.04
N LEU Q 192 13.17 -57.07 -22.93
CA LEU Q 192 11.95 -56.77 -23.68
C LEU Q 192 10.77 -56.60 -22.73
N LYS Q 193 10.70 -57.43 -21.69
CA LYS Q 193 9.60 -57.41 -20.73
C LYS Q 193 9.63 -56.12 -19.92
N SER Q 194 10.83 -55.71 -19.49
CA SER Q 194 10.96 -54.44 -18.78
C SER Q 194 10.58 -53.27 -19.68
N LEU Q 195 10.87 -53.38 -20.98
CA LEU Q 195 10.37 -52.38 -21.93
C LEU Q 195 8.84 -52.40 -21.97
N ALA Q 196 8.24 -53.60 -21.93
CA ALA Q 196 6.80 -53.72 -22.12
C ALA Q 196 6.02 -53.18 -20.92
N ASN Q 197 6.44 -53.52 -19.70
CA ASN Q 197 5.61 -53.20 -18.53
C ASN Q 197 5.42 -51.70 -18.34
N MET Q 198 6.50 -50.92 -18.45
CA MET Q 198 6.36 -49.48 -18.21
C MET Q 198 5.61 -48.77 -19.32
N THR Q 199 5.32 -49.45 -20.44
CA THR Q 199 4.45 -48.90 -21.47
C THR Q 199 3.17 -49.68 -21.69
N GLY Q 200 3.10 -50.94 -21.25
CA GLY Q 200 1.88 -51.72 -21.41
C GLY Q 200 1.47 -51.95 -22.85
N ILE Q 201 2.44 -52.25 -23.71
CA ILE Q 201 2.19 -52.47 -25.13
C ILE Q 201 2.41 -53.95 -25.43
N LEU Q 202 1.44 -54.56 -26.12
CA LEU Q 202 1.51 -55.97 -26.44
C LEU Q 202 2.68 -56.25 -27.38
N HIS Q 203 3.41 -57.33 -27.10
CA HIS Q 203 4.57 -57.75 -27.88
C HIS Q 203 4.30 -59.15 -28.42
N CYS Q 204 4.01 -59.26 -29.72
CA CYS Q 204 3.74 -60.54 -30.36
C CYS Q 204 4.95 -60.86 -31.25
N LEU Q 205 5.85 -61.69 -30.72
CA LEU Q 205 7.05 -62.04 -31.45
C LEU Q 205 6.78 -63.20 -32.40
N LEU Q 206 7.41 -63.14 -33.57
CA LEU Q 206 7.31 -64.18 -34.59
C LEU Q 206 8.70 -64.69 -34.94
N GLY Q 207 8.81 -66.00 -35.12
CA GLY Q 207 10.08 -66.60 -35.45
C GLY Q 207 9.93 -68.06 -35.81
N THR Q 208 11.07 -68.69 -36.07
CA THR Q 208 11.10 -70.10 -36.43
C THR Q 208 11.06 -70.95 -35.17
N TYR Q 209 11.34 -72.24 -35.32
CA TYR Q 209 11.27 -73.15 -34.18
C TYR Q 209 12.36 -72.91 -33.15
N GLU Q 210 13.35 -72.09 -33.49
CA GLU Q 210 14.40 -71.77 -32.55
C GLU Q 210 13.85 -70.94 -31.39
N LEU Q 211 12.67 -70.36 -31.58
CA LEU Q 211 12.06 -69.55 -30.52
C LEU Q 211 11.59 -70.41 -29.36
N LEU Q 212 11.44 -71.70 -29.59
CA LEU Q 212 10.92 -72.59 -28.54
C LEU Q 212 11.75 -72.59 -27.25
N THR Q 213 12.96 -72.08 -27.27
CA THR Q 213 13.75 -72.01 -26.05
C THR Q 213 13.48 -70.74 -25.26
N PHE Q 214 12.49 -69.94 -25.68
CA PHE Q 214 12.15 -68.69 -25.01
C PHE Q 214 10.72 -68.63 -24.50
N ARG Q 215 9.88 -69.63 -24.82
CA ARG Q 215 8.44 -69.52 -24.63
C ARG Q 215 8.02 -69.29 -23.19
N ASN Q 216 8.27 -70.28 -22.31
CA ASN Q 216 7.73 -70.26 -20.96
C ASN Q 216 8.81 -70.33 -19.89
N LEU Q 217 10.03 -69.88 -20.19
CA LEU Q 217 11.05 -69.80 -19.18
C LEU Q 217 10.67 -68.77 -18.12
N SER Q 218 10.77 -69.16 -16.85
CA SER Q 218 10.38 -68.34 -15.70
C SER Q 218 8.87 -68.07 -15.69
N GLY Q 219 8.33 -67.82 -14.50
CA GLY Q 219 6.89 -67.60 -14.37
C GLY Q 219 6.40 -66.36 -15.09
N GLN Q 220 7.23 -65.31 -15.14
CA GLN Q 220 6.83 -64.08 -15.81
C GLN Q 220 6.54 -64.31 -17.29
N LEU Q 221 7.41 -65.07 -17.96
CA LEU Q 221 7.18 -65.41 -19.35
C LEU Q 221 6.29 -66.64 -19.51
N SER Q 222 5.97 -67.33 -18.42
CA SER Q 222 5.07 -68.48 -18.52
C SER Q 222 3.61 -68.10 -18.33
N ARG Q 223 3.34 -66.97 -17.67
CA ARG Q 223 1.97 -66.56 -17.40
C ARG Q 223 1.43 -65.60 -18.46
N ARG Q 224 2.13 -64.49 -18.70
CA ARG Q 224 1.68 -63.45 -19.61
C ARG Q 224 2.07 -63.71 -21.06
N SER Q 225 2.32 -64.96 -21.43
CA SER Q 225 2.63 -65.33 -22.81
C SER Q 225 1.59 -66.32 -23.31
N VAL Q 226 1.00 -66.02 -24.46
CA VAL Q 226 0.06 -66.91 -25.13
C VAL Q 226 0.75 -67.46 -26.36
N ASP Q 227 0.75 -68.78 -26.49
CA ASP Q 227 1.52 -69.47 -27.52
C ASP Q 227 0.60 -69.90 -28.66
N ILE Q 228 0.92 -69.45 -29.86
CA ILE Q 228 0.21 -69.85 -31.08
C ILE Q 228 1.20 -70.59 -31.97
N HIS Q 229 0.81 -71.78 -32.43
CA HIS Q 229 1.66 -72.61 -33.27
C HIS Q 229 1.11 -72.57 -34.69
N PHE Q 230 1.91 -72.06 -35.62
CA PHE Q 230 1.56 -72.07 -37.04
C PHE Q 230 1.88 -73.45 -37.59
N ARG Q 231 0.98 -74.39 -37.35
CA ARG Q 231 1.18 -75.77 -37.77
C ARG Q 231 1.18 -75.86 -39.29
N ARG Q 232 2.07 -76.68 -39.82
CA ARG Q 232 2.11 -76.95 -41.25
C ARG Q 232 1.11 -78.06 -41.59
N TYR Q 233 1.05 -78.42 -42.86
CA TYR Q 233 0.16 -79.48 -43.33
C TYR Q 233 0.94 -80.78 -43.41
N CYS Q 234 0.76 -81.63 -42.40
CA CYS Q 234 1.41 -82.93 -42.37
C CYS Q 234 0.66 -83.92 -43.26
N ALA Q 235 1.39 -84.91 -43.75
CA ALA Q 235 0.85 -85.86 -44.72
C ALA Q 235 0.17 -87.07 -44.07
N ASP Q 236 0.03 -87.08 -42.75
CA ASP Q 236 -0.57 -88.23 -42.08
C ASP Q 236 -2.09 -88.14 -42.10
N SER Q 237 -2.65 -87.03 -41.62
CA SER Q 237 -4.10 -86.87 -41.54
C SER Q 237 -4.68 -86.73 -42.94
N PRO Q 238 -5.66 -87.55 -43.32
CA PRO Q 238 -6.27 -87.40 -44.65
C PRO Q 238 -6.89 -86.04 -44.88
N GLU Q 239 -7.40 -85.38 -43.83
CA GLU Q 239 -7.96 -84.04 -44.00
C GLU Q 239 -6.89 -83.05 -44.44
N ASP Q 240 -5.70 -83.14 -43.86
CA ASP Q 240 -4.62 -82.25 -44.26
C ASP Q 240 -4.15 -82.56 -45.68
N VAL Q 241 -4.15 -83.84 -46.06
CA VAL Q 241 -3.80 -84.21 -47.43
C VAL Q 241 -4.81 -83.63 -48.41
N GLN Q 242 -6.10 -83.70 -48.06
CA GLN Q 242 -7.14 -83.12 -48.91
C GLN Q 242 -6.99 -81.62 -49.00
N ALA Q 243 -6.64 -80.97 -47.88
CA ALA Q 243 -6.41 -79.53 -47.91
C ALA Q 243 -5.23 -79.17 -48.81
N PHE Q 244 -4.16 -79.95 -48.74
CA PHE Q 244 -3.00 -79.71 -49.61
C PHE Q 244 -3.37 -79.90 -51.08
N LYS Q 245 -4.16 -80.93 -51.38
CA LYS Q 245 -4.63 -81.12 -52.74
C LYS Q 245 -5.50 -79.95 -53.20
N SER Q 246 -6.35 -79.43 -52.30
CA SER Q 246 -7.21 -78.32 -52.65
C SER Q 246 -6.41 -77.04 -52.91
N VAL Q 247 -5.38 -76.78 -52.10
CA VAL Q 247 -4.56 -75.60 -52.35
C VAL Q 247 -3.75 -75.77 -53.64
N LEU Q 248 -3.33 -77.00 -53.95
CA LEU Q 248 -2.71 -77.24 -55.25
C LEU Q 248 -3.68 -76.94 -56.38
N LEU Q 249 -4.94 -77.37 -56.23
CA LEU Q 249 -5.94 -77.14 -57.26
C LEU Q 249 -6.20 -75.65 -57.45
N THR Q 250 -6.33 -74.91 -56.36
CA THR Q 250 -6.60 -73.48 -56.49
C THR Q 250 -5.38 -72.71 -57.02
N PHE Q 251 -4.17 -73.16 -56.68
CA PHE Q 251 -2.98 -72.57 -57.27
C PHE Q 251 -2.92 -72.83 -58.77
N GLN Q 252 -3.29 -74.04 -59.19
CA GLN Q 252 -3.35 -74.34 -60.61
C GLN Q 252 -4.38 -73.48 -61.32
N GLN Q 253 -5.57 -73.35 -60.73
CA GLN Q 253 -6.63 -72.55 -61.34
C GLN Q 253 -6.33 -71.07 -61.32
N HIS Q 254 -5.44 -70.62 -60.43
CA HIS Q 254 -5.04 -69.22 -60.38
C HIS Q 254 -3.69 -68.96 -61.03
N LEU Q 255 -3.13 -69.96 -61.71
CA LEU Q 255 -1.86 -69.75 -62.42
C LEU Q 255 -2.14 -69.04 -63.74
N PRO Q 256 -1.58 -67.85 -63.96
CA PRO Q 256 -1.90 -67.10 -65.18
C PRO Q 256 -1.19 -67.65 -66.42
N LEU Q 257 -1.77 -68.69 -67.02
CA LEU Q 257 -1.21 -69.31 -68.21
C LEU Q 257 -2.30 -69.43 -69.27
N ALA Q 258 -1.85 -69.59 -70.53
CA ALA Q 258 -2.79 -69.77 -71.62
C ALA Q 258 -3.61 -71.06 -71.44
N GLU Q 259 -2.96 -72.12 -71.00
CA GLU Q 259 -3.62 -73.38 -70.68
C GLU Q 259 -3.33 -73.73 -69.23
N THR Q 260 -4.32 -74.34 -68.58
CA THR Q 260 -4.19 -74.71 -67.17
C THR Q 260 -3.48 -76.06 -67.07
N PRO Q 261 -2.29 -76.13 -66.48
CA PRO Q 261 -1.63 -77.42 -66.32
C PRO Q 261 -2.23 -78.21 -65.16
N ASN Q 262 -2.17 -79.54 -65.28
CA ASN Q 262 -2.71 -80.41 -64.24
C ASN Q 262 -1.63 -80.58 -63.16
N LEU Q 263 -1.88 -80.00 -61.99
CA LEU Q 263 -0.90 -80.02 -60.91
C LEU Q 263 -1.29 -80.95 -59.78
N VAL Q 264 -2.59 -81.28 -59.65
CA VAL Q 264 -3.04 -82.10 -58.53
C VAL Q 264 -2.50 -83.52 -58.61
N ASP Q 265 -2.21 -84.01 -59.82
CA ASP Q 265 -1.76 -85.38 -59.97
C ASP Q 265 -0.43 -85.61 -59.26
N HIS Q 266 0.54 -84.72 -59.48
CA HIS Q 266 1.83 -84.85 -58.81
C HIS Q 266 1.78 -84.24 -57.43
N TRP Q 267 0.76 -84.60 -56.64
CA TRP Q 267 0.66 -84.07 -55.29
C TRP Q 267 1.76 -84.62 -54.40
N GLU Q 268 2.13 -85.88 -54.59
CA GLU Q 268 3.24 -86.46 -53.83
C GLU Q 268 4.55 -85.73 -54.15
N TYR Q 269 4.81 -85.47 -55.43
CA TYR Q 269 6.03 -84.75 -55.79
C TYR Q 269 6.03 -83.34 -55.24
N PHE Q 270 4.88 -82.65 -55.31
CA PHE Q 270 4.80 -81.29 -54.79
C PHE Q 270 5.00 -81.26 -53.28
N TYR Q 271 4.49 -82.28 -52.57
CA TYR Q 271 4.66 -82.34 -51.12
C TYR Q 271 6.09 -82.73 -50.73
N GLU Q 272 6.77 -83.50 -51.58
CA GLU Q 272 8.11 -83.98 -51.21
C GLU Q 272 9.09 -82.83 -51.05
N ARG Q 273 9.03 -81.85 -51.95
CA ARG Q 273 9.99 -80.74 -51.96
C ARG Q 273 9.46 -79.50 -51.25
N THR Q 274 8.26 -79.57 -50.67
CA THR Q 274 7.69 -78.44 -49.95
C THR Q 274 7.38 -78.73 -48.49
N LEU Q 275 7.32 -80.00 -48.08
CA LEU Q 275 7.08 -80.40 -46.69
C LEU Q 275 5.75 -79.89 -46.16
N GLY Q 276 4.82 -79.53 -47.05
CA GLY Q 276 3.55 -78.96 -46.65
C GLY Q 276 3.56 -77.47 -46.42
N CYS Q 277 4.72 -76.82 -46.51
CA CYS Q 277 4.80 -75.37 -46.34
C CYS Q 277 4.20 -74.68 -47.56
N ILE Q 278 3.12 -73.93 -47.34
CA ILE Q 278 2.41 -73.31 -48.45
C ILE Q 278 3.26 -72.24 -49.13
N GLY Q 279 4.04 -71.51 -48.34
CA GLY Q 279 4.92 -70.50 -48.93
C GLY Q 279 5.96 -71.11 -49.85
N THR Q 280 6.48 -72.28 -49.49
CA THR Q 280 7.42 -72.98 -50.37
C THR Q 280 6.76 -73.32 -51.70
N LEU Q 281 5.53 -73.84 -51.64
CA LEU Q 281 4.79 -74.12 -52.86
C LEU Q 281 4.57 -72.85 -53.68
N LYS Q 282 4.25 -71.75 -53.01
CA LYS Q 282 4.00 -70.50 -53.73
C LYS Q 282 5.25 -70.03 -54.46
N ASP Q 283 6.39 -70.03 -53.77
CA ASP Q 283 7.61 -69.53 -54.42
C ASP Q 283 8.08 -70.49 -55.51
N TRP Q 284 7.93 -71.80 -55.31
CA TRP Q 284 8.29 -72.75 -56.35
C TRP Q 284 7.43 -72.57 -57.59
N LEU Q 285 6.12 -72.40 -57.39
CA LEU Q 285 5.23 -72.17 -58.52
C LEU Q 285 5.51 -70.83 -59.19
N LYS Q 286 5.90 -69.81 -58.42
CA LYS Q 286 6.30 -68.55 -59.01
C LYS Q 286 7.53 -68.72 -59.90
N ARG Q 287 8.51 -69.50 -59.43
CA ARG Q 287 9.69 -69.77 -60.25
C ARG Q 287 9.30 -70.48 -61.54
N VAL Q 288 8.47 -71.52 -61.44
CA VAL Q 288 8.08 -72.27 -62.62
C VAL Q 288 7.29 -71.40 -63.59
N LEU Q 289 6.38 -70.58 -63.08
CA LEU Q 289 5.57 -69.71 -63.93
C LEU Q 289 6.45 -68.68 -64.63
N SER Q 290 7.42 -68.10 -63.91
CA SER Q 290 8.32 -67.15 -64.55
C SER Q 290 9.17 -67.82 -65.62
N ASP Q 291 9.64 -69.03 -65.35
CA ASP Q 291 10.40 -69.76 -66.37
C ASP Q 291 9.55 -70.02 -67.61
N ALA Q 292 8.28 -70.40 -67.41
CA ALA Q 292 7.40 -70.62 -68.55
C ALA Q 292 7.14 -69.34 -69.32
N LEU Q 293 6.93 -68.23 -68.60
CA LEU Q 293 6.62 -66.97 -69.26
C LEU Q 293 7.82 -66.44 -70.04
N ASP Q 294 9.03 -66.64 -69.51
CA ASP Q 294 10.23 -66.20 -70.22
C ASP Q 294 10.39 -66.94 -71.55
N ARG Q 295 9.98 -68.20 -71.60
CA ARG Q 295 10.02 -68.98 -72.83
C ARG Q 295 8.72 -68.92 -73.62
N GLU Q 296 7.76 -68.10 -73.18
CA GLU Q 296 6.47 -67.97 -73.84
C GLU Q 296 5.73 -69.30 -73.95
N ALA Q 297 5.89 -70.16 -72.96
CA ALA Q 297 5.21 -71.45 -72.95
C ALA Q 297 3.74 -71.27 -72.58
N THR Q 298 2.95 -72.30 -72.85
CA THR Q 298 1.52 -72.30 -72.56
C THR Q 298 1.12 -73.32 -71.52
N THR Q 299 2.03 -74.17 -71.05
CA THR Q 299 1.69 -75.19 -70.07
C THR Q 299 2.92 -75.50 -69.24
N ILE Q 300 2.69 -76.11 -68.07
CA ILE Q 300 3.75 -76.48 -67.14
C ILE Q 300 4.01 -77.97 -67.26
N THR Q 301 5.24 -78.34 -67.52
CA THR Q 301 5.66 -79.74 -67.59
C THR Q 301 6.31 -80.17 -66.28
N LEU Q 302 6.42 -81.48 -66.11
CA LEU Q 302 7.06 -82.02 -64.90
C LEU Q 302 8.53 -81.60 -64.83
N LYS Q 303 9.23 -81.63 -65.96
CA LYS Q 303 10.63 -81.21 -65.97
C LYS Q 303 10.78 -79.73 -65.65
N ASP Q 304 9.76 -78.92 -65.95
CA ASP Q 304 9.80 -77.51 -65.57
C ASP Q 304 9.83 -77.36 -64.05
N LEU Q 305 9.02 -78.15 -63.35
CA LEU Q 305 9.06 -78.16 -61.89
C LEU Q 305 10.38 -78.76 -61.39
N GLN Q 306 10.89 -79.77 -62.10
CA GLN Q 306 12.14 -80.41 -61.70
C GLN Q 306 13.33 -79.47 -61.81
N LYS Q 307 13.28 -78.52 -62.74
CA LYS Q 307 14.41 -77.60 -62.92
C LYS Q 307 14.64 -76.75 -61.68
N ARG Q 308 13.57 -76.22 -61.09
CA ARG Q 308 13.69 -75.28 -59.98
C ARG Q 308 13.28 -75.91 -58.64
N ALA Q 309 13.27 -77.24 -58.56
CA ALA Q 309 12.96 -77.90 -57.30
C ALA Q 309 14.13 -77.73 -56.32
N LEU Q 310 13.78 -77.77 -55.04
CA LEU Q 310 14.79 -77.65 -53.99
C LEU Q 310 15.63 -78.92 -53.90
N SER Q 311 16.87 -78.75 -53.45
CA SER Q 311 17.78 -79.87 -53.32
C SER Q 311 17.32 -80.84 -52.25
N VAL Q 312 17.59 -82.13 -52.46
CA VAL Q 312 17.15 -83.15 -51.52
C VAL Q 312 17.76 -82.92 -50.14
N ALA Q 313 19.04 -82.55 -50.10
CA ALA Q 313 19.69 -82.28 -48.82
C ALA Q 313 19.02 -81.12 -48.10
N GLN Q 314 18.65 -80.06 -48.84
CA GLN Q 314 17.97 -78.93 -48.23
C GLN Q 314 16.65 -79.35 -47.61
N CYS Q 315 15.86 -80.14 -48.35
CA CYS Q 315 14.58 -80.61 -47.82
C CYS Q 315 14.79 -81.50 -46.59
N GLN Q 316 15.81 -82.36 -46.63
CA GLN Q 316 16.12 -83.18 -45.46
C GLN Q 316 16.44 -82.32 -44.25
N LYS Q 317 17.22 -81.26 -44.45
CA LYS Q 317 17.60 -80.40 -43.33
C LYS Q 317 16.40 -79.68 -42.74
N MET Q 318 15.56 -79.08 -43.61
CA MET Q 318 14.41 -78.38 -43.06
C MET Q 318 13.42 -79.34 -42.42
N PHE Q 319 13.28 -80.55 -42.97
CA PHE Q 319 12.41 -81.54 -42.35
C PHE Q 319 12.94 -81.94 -40.98
N LYS Q 320 14.25 -82.14 -40.85
CA LYS Q 320 14.82 -82.43 -39.54
C LYS Q 320 14.55 -81.31 -38.55
N GLU Q 321 14.72 -80.06 -39.00
CA GLU Q 321 14.49 -78.93 -38.11
C GLU Q 321 13.03 -78.88 -37.66
N ILE Q 322 12.09 -79.05 -38.60
CA ILE Q 322 10.69 -78.90 -38.22
C ILE Q 322 10.23 -80.10 -37.40
N GLN Q 323 10.82 -81.27 -37.64
CA GLN Q 323 10.51 -82.42 -36.80
C GLN Q 323 10.97 -82.21 -35.37
N GLU Q 324 12.18 -81.67 -35.20
CA GLU Q 324 12.66 -81.35 -33.86
C GLU Q 324 11.78 -80.30 -33.20
N GLY Q 325 11.37 -79.28 -33.95
CA GLY Q 325 10.50 -78.26 -33.39
C GLY Q 325 9.15 -78.82 -32.97
N GLU Q 326 8.56 -79.67 -33.80
CA GLU Q 326 7.29 -80.28 -33.46
C GLU Q 326 7.42 -81.20 -32.24
N ARG Q 327 8.53 -81.94 -32.13
CA ARG Q 327 8.75 -82.76 -30.96
C ARG Q 327 8.84 -81.90 -29.69
N GLN Q 328 9.59 -80.80 -29.77
CA GLN Q 328 9.71 -79.91 -28.61
C GLN Q 328 8.36 -79.30 -28.24
N LEU Q 329 7.57 -78.91 -29.24
CA LEU Q 329 6.27 -78.28 -28.99
C LEU Q 329 5.18 -79.29 -28.67
N SER Q 330 5.45 -80.59 -28.79
CA SER Q 330 4.47 -81.62 -28.53
C SER Q 330 4.18 -81.82 -27.05
N GLU Q 331 4.70 -80.95 -26.18
CA GLU Q 331 4.42 -81.03 -24.74
C GLU Q 331 2.94 -80.82 -24.49
N THR Q 332 2.35 -81.72 -23.70
CA THR Q 332 0.92 -81.64 -23.40
C THR Q 332 0.68 -81.55 -21.90
N SER R 4 36.67 -68.41 -90.12
CA SER R 4 37.23 -69.71 -89.80
C SER R 4 37.04 -70.05 -88.33
N THR R 5 37.28 -71.31 -87.97
CA THR R 5 37.15 -71.77 -86.60
C THR R 5 38.40 -71.50 -85.77
N GLY R 6 39.45 -70.95 -86.37
CA GLY R 6 40.68 -70.67 -85.68
C GLY R 6 40.89 -69.18 -85.44
N PHE R 7 42.08 -68.87 -84.90
CA PHE R 7 42.44 -67.50 -84.63
C PHE R 7 42.66 -66.73 -85.93
N PRO R 8 42.47 -65.41 -85.93
CA PRO R 8 42.71 -64.63 -87.13
C PRO R 8 44.16 -64.73 -87.59
N LEU R 9 44.35 -64.85 -88.91
CA LEU R 9 45.66 -65.17 -89.45
C LEU R 9 46.61 -63.99 -89.45
N GLU R 10 46.10 -62.76 -89.49
CA GLU R 10 46.98 -61.59 -89.59
C GLU R 10 47.80 -61.36 -88.32
N LEU R 11 47.44 -62.02 -87.22
CA LEU R 11 48.16 -61.80 -85.97
C LEU R 11 49.60 -62.32 -86.04
N LEU R 12 49.89 -63.21 -86.98
CA LEU R 12 51.26 -63.71 -87.13
C LEU R 12 52.24 -62.58 -87.46
N THR R 13 51.79 -61.59 -88.23
CA THR R 13 52.66 -60.45 -88.52
C THR R 13 52.80 -59.53 -87.31
N ARG R 14 51.84 -59.55 -86.41
CA ARG R 14 51.85 -58.67 -85.24
C ARG R 14 52.86 -59.14 -84.21
N PRO R 15 53.35 -58.23 -83.35
CA PRO R 15 54.31 -58.64 -82.31
C PRO R 15 53.72 -59.58 -81.28
N ALA R 16 54.56 -60.03 -80.35
CA ALA R 16 54.12 -61.00 -79.36
C ALA R 16 53.06 -60.43 -78.43
N THR R 17 53.15 -59.13 -78.12
CA THR R 17 52.23 -58.54 -77.15
C THR R 17 50.79 -58.61 -77.65
N GLU R 18 50.57 -58.31 -78.93
CA GLU R 18 49.21 -58.35 -79.47
C GLU R 18 48.65 -59.77 -79.47
N ARG R 19 49.47 -60.76 -79.83
CA ARG R 19 49.02 -62.15 -79.81
C ARG R 19 48.68 -62.60 -78.40
N LEU R 20 49.53 -62.23 -77.43
CA LEU R 20 49.27 -62.59 -76.04
C LEU R 20 47.98 -61.94 -75.54
N ALA R 21 47.77 -60.67 -75.87
CA ALA R 21 46.55 -59.98 -75.47
C ALA R 21 45.32 -60.62 -76.09
N TYR R 22 45.40 -60.98 -77.38
CA TYR R 22 44.28 -61.65 -78.02
C TYR R 22 43.97 -62.98 -77.35
N PHE R 23 45.00 -63.75 -77.04
CA PHE R 23 44.78 -65.04 -76.40
C PHE R 23 44.17 -64.89 -75.00
N GLU R 24 44.66 -63.92 -74.22
CA GLU R 24 44.16 -63.77 -72.85
C GLU R 24 42.74 -63.22 -72.84
N ASN R 25 42.42 -62.33 -73.77
CA ASN R 25 41.08 -61.77 -73.80
C ASN R 25 40.05 -62.68 -74.47
N TYR R 26 40.49 -63.71 -75.18
CA TYR R 26 39.55 -64.63 -75.82
C TYR R 26 38.94 -65.54 -74.76
N THR R 27 37.62 -65.73 -74.84
CA THR R 27 36.89 -66.57 -73.91
C THR R 27 36.18 -67.67 -74.69
N VAL R 28 36.36 -68.91 -74.25
CA VAL R 28 35.75 -70.07 -74.89
C VAL R 28 34.46 -70.41 -74.14
N ALA R 29 33.50 -70.98 -74.87
CA ALA R 29 32.22 -71.39 -74.31
C ALA R 29 32.15 -72.92 -74.31
N HIS R 30 31.83 -73.49 -73.16
CA HIS R 30 31.74 -74.93 -72.99
C HIS R 30 30.43 -75.25 -72.29
N PRO R 31 29.91 -76.48 -72.49
CA PRO R 31 28.54 -76.77 -72.03
C PRO R 31 28.29 -76.53 -70.55
N ARG R 32 29.25 -76.88 -69.69
CA ARG R 32 29.05 -76.66 -68.26
C ARG R 32 28.92 -75.17 -67.94
N LEU R 33 29.78 -74.35 -68.53
CA LEU R 33 29.71 -72.91 -68.31
C LEU R 33 28.40 -72.34 -68.82
N LYS R 34 27.95 -72.77 -70.00
CA LYS R 34 26.69 -72.27 -70.54
C LYS R 34 25.51 -72.67 -69.65
N GLU R 35 25.50 -73.92 -69.18
CA GLU R 35 24.42 -74.39 -68.32
C GLU R 35 24.38 -73.61 -67.01
N VAL R 36 25.54 -73.45 -66.37
CA VAL R 36 25.57 -72.73 -65.10
C VAL R 36 25.20 -71.27 -65.31
N TYR R 37 25.65 -70.67 -66.41
CA TYR R 37 25.32 -69.28 -66.71
C TYR R 37 23.82 -69.10 -66.91
N GLU R 38 23.18 -70.00 -67.66
CA GLU R 38 21.74 -69.85 -67.88
C GLU R 38 20.96 -70.11 -66.60
N ILE R 39 21.44 -71.05 -65.76
CA ILE R 39 20.78 -71.28 -64.48
C ILE R 39 20.88 -70.05 -63.60
N LEU R 40 22.06 -69.44 -63.54
CA LEU R 40 22.24 -68.25 -62.72
C LEU R 40 21.40 -67.09 -63.26
N MET R 41 21.32 -66.94 -64.58
CA MET R 41 20.51 -65.87 -65.15
C MET R 41 19.02 -66.08 -64.84
N ARG R 42 18.54 -67.32 -64.94
CA ARG R 42 17.15 -67.60 -64.59
C ARG R 42 16.89 -67.31 -63.12
N THR R 43 17.82 -67.72 -62.24
CA THR R 43 17.65 -67.48 -60.81
C THR R 43 17.65 -65.98 -60.51
N ILE R 44 18.51 -65.22 -61.18
CA ILE R 44 18.59 -63.78 -60.97
C ILE R 44 17.36 -63.07 -61.53
N ALA R 45 16.73 -63.64 -62.57
CA ALA R 45 15.53 -63.02 -63.11
C ALA R 45 14.42 -62.94 -62.07
N GLU R 46 14.33 -63.93 -61.18
CA GLU R 46 13.38 -63.87 -60.08
C GLU R 46 13.86 -64.74 -58.93
N PRO R 47 14.13 -64.14 -57.76
CA PRO R 47 14.58 -64.96 -56.62
C PRO R 47 13.46 -65.78 -56.03
N ALA R 48 12.24 -65.24 -55.95
CA ALA R 48 11.08 -65.91 -55.39
C ALA R 48 11.35 -66.41 -53.97
N GLY R 49 11.63 -65.45 -53.09
CA GLY R 49 11.83 -65.77 -51.69
C GLY R 49 13.18 -66.35 -51.33
N ALA R 50 14.08 -66.50 -52.30
CA ALA R 50 15.42 -67.01 -52.05
C ALA R 50 16.36 -65.82 -51.89
N SER R 51 17.12 -65.82 -50.79
CA SER R 51 18.01 -64.71 -50.48
C SER R 51 19.48 -65.06 -50.60
N PHE R 52 19.81 -66.27 -51.07
CA PHE R 52 21.20 -66.67 -51.22
C PHE R 52 21.36 -67.55 -52.45
N ILE R 53 22.36 -67.22 -53.27
CA ILE R 53 22.72 -68.00 -54.45
C ILE R 53 24.11 -68.57 -54.16
N PHE R 54 24.16 -69.84 -53.77
CA PHE R 54 25.42 -70.49 -53.42
C PHE R 54 25.99 -71.14 -54.68
N VAL R 55 27.10 -70.61 -55.18
CA VAL R 55 27.79 -71.15 -56.34
C VAL R 55 29.08 -71.80 -55.87
N TYR R 56 29.10 -73.13 -55.87
CA TYR R 56 30.30 -73.88 -55.49
C TYR R 56 31.07 -74.27 -56.75
N GLY R 57 32.39 -74.26 -56.63
CA GLY R 57 33.24 -74.66 -57.74
C GLY R 57 34.68 -74.75 -57.29
N ALA R 58 35.44 -75.62 -57.94
CA ALA R 58 36.85 -75.77 -57.61
C ALA R 58 37.62 -74.53 -58.06
N SER R 59 38.89 -74.50 -57.66
CA SER R 59 39.75 -73.41 -58.11
C SER R 59 40.24 -73.74 -59.51
N GLY R 60 39.55 -73.23 -60.52
CA GLY R 60 39.96 -73.44 -61.90
C GLY R 60 38.72 -73.56 -62.75
N VAL R 61 37.55 -73.51 -62.11
CA VAL R 61 36.31 -73.72 -62.85
C VAL R 61 35.75 -72.52 -63.60
N GLY R 62 36.23 -71.31 -63.33
CA GLY R 62 35.62 -70.21 -64.04
C GLY R 62 34.58 -69.42 -63.27
N LYS R 63 34.70 -69.35 -61.93
CA LYS R 63 33.71 -68.63 -61.14
C LYS R 63 33.81 -67.12 -61.37
N THR R 64 35.03 -66.58 -61.33
CA THR R 64 35.20 -65.13 -61.45
C THR R 64 34.80 -64.64 -62.84
N THR R 65 35.19 -65.37 -63.88
CA THR R 65 34.82 -64.96 -65.23
C THR R 65 33.32 -65.09 -65.47
N LEU R 66 32.68 -66.10 -64.90
CA LEU R 66 31.23 -66.21 -65.00
C LEU R 66 30.54 -65.05 -64.28
N ARG R 67 31.05 -64.67 -63.11
CA ARG R 67 30.52 -63.50 -62.41
C ARG R 67 30.67 -62.24 -63.25
N LEU R 68 31.85 -62.07 -63.87
CA LEU R 68 32.07 -60.89 -64.70
C LEU R 68 31.12 -60.87 -65.90
N ARG R 69 30.94 -62.01 -66.55
CA ARG R 69 30.04 -62.07 -67.70
C ARG R 69 28.60 -61.80 -67.29
N VAL R 70 28.16 -62.36 -66.16
CA VAL R 70 26.80 -62.12 -65.70
C VAL R 70 26.59 -60.65 -65.38
N GLU R 71 27.57 -60.04 -64.70
CA GLU R 71 27.46 -58.62 -64.38
C GLU R 71 27.42 -57.77 -65.64
N GLN R 72 28.27 -58.08 -66.62
CA GLN R 72 28.27 -57.33 -67.86
C GLN R 72 26.95 -57.48 -68.62
N LYS R 73 26.41 -58.70 -68.68
CA LYS R 73 25.16 -58.93 -69.37
C LYS R 73 24.02 -58.19 -68.70
N LEU R 74 23.98 -58.22 -67.36
CA LEU R 74 22.93 -57.48 -66.66
C LEU R 74 23.07 -55.98 -66.86
N THR R 75 24.31 -55.47 -66.91
CA THR R 75 24.51 -54.05 -67.18
C THR R 75 24.00 -53.67 -68.56
N GLU R 76 24.32 -54.49 -69.58
CA GLU R 76 23.82 -54.21 -70.92
C GLU R 76 22.30 -54.30 -70.99
N LEU R 77 21.71 -55.27 -70.28
CA LEU R 77 20.25 -55.38 -70.26
C LEU R 77 19.60 -54.19 -69.59
N ALA R 78 20.24 -53.63 -68.55
CA ALA R 78 19.66 -52.53 -67.80
C ALA R 78 20.02 -51.16 -68.37
N LEU R 79 20.91 -51.09 -69.36
CA LEU R 79 21.20 -49.79 -69.99
C LEU R 79 19.95 -49.06 -70.48
N PRO R 80 19.04 -49.68 -71.23
CA PRO R 80 17.83 -48.93 -71.66
C PRO R 80 17.01 -48.41 -70.50
N LYS R 81 16.90 -49.17 -69.41
CA LYS R 81 16.16 -48.70 -68.25
C LYS R 81 16.98 -47.69 -67.45
N LEU R 82 18.30 -47.85 -67.43
CA LEU R 82 19.16 -46.89 -66.75
C LEU R 82 19.09 -45.52 -67.41
N GLU R 83 18.95 -45.48 -68.74
CA GLU R 83 18.84 -44.21 -69.43
C GLU R 83 17.60 -43.44 -68.97
N SER R 84 16.48 -44.13 -68.78
CA SER R 84 15.25 -43.48 -68.34
C SER R 84 15.23 -43.29 -66.83
N ASP R 85 15.62 -44.31 -66.07
CA ASP R 85 15.59 -44.26 -64.62
C ASP R 85 17.01 -44.15 -64.09
N ARG R 86 17.29 -43.07 -63.37
CA ARG R 86 18.61 -42.85 -62.79
C ARG R 86 18.62 -43.37 -61.35
N ALA R 87 19.76 -43.21 -60.67
CA ALA R 87 19.94 -43.67 -59.29
C ALA R 87 19.63 -45.16 -59.16
N ARG R 88 20.07 -45.94 -60.14
CA ARG R 88 19.82 -47.39 -60.18
C ARG R 88 21.07 -48.07 -60.73
N VAL R 89 21.83 -48.73 -59.85
CA VAL R 89 22.96 -49.55 -60.25
C VAL R 89 22.43 -50.95 -60.54
N PRO R 90 22.69 -51.51 -61.72
CA PRO R 90 22.14 -52.84 -62.02
C PRO R 90 22.74 -53.95 -61.15
N VAL R 91 24.06 -54.03 -61.09
CA VAL R 91 24.76 -55.08 -60.36
C VAL R 91 25.91 -54.45 -59.59
N VAL R 92 26.04 -54.80 -58.32
CA VAL R 92 27.18 -54.40 -57.50
C VAL R 92 27.84 -55.65 -56.95
N GLY R 93 29.14 -55.76 -57.14
CA GLY R 93 29.89 -56.92 -56.70
C GLY R 93 31.14 -56.54 -55.96
N ILE R 94 31.38 -57.21 -54.83
CA ILE R 94 32.53 -56.97 -53.99
C ILE R 94 33.24 -58.29 -53.73
N GLU R 95 34.42 -58.20 -53.12
CA GLU R 95 35.26 -59.35 -52.84
C GLU R 95 35.34 -59.54 -51.32
N ALA R 96 35.36 -60.81 -50.89
CA ALA R 96 35.47 -61.12 -49.47
C ALA R 96 36.92 -60.98 -49.02
N ILE R 97 37.13 -60.39 -47.85
CA ILE R 97 38.47 -60.11 -47.34
C ILE R 97 38.85 -61.19 -46.33
N ALA R 98 39.98 -61.83 -46.57
CA ALA R 98 40.54 -62.70 -45.55
C ALA R 98 41.16 -61.84 -44.44
N PRO R 99 40.74 -62.01 -43.19
CA PRO R 99 41.19 -61.11 -42.13
C PRO R 99 42.52 -61.53 -41.53
N GLU R 100 43.29 -60.50 -41.11
CA GLU R 100 44.56 -60.76 -40.45
C GLU R 100 44.35 -61.44 -39.10
N SER R 101 43.31 -61.03 -38.37
CA SER R 101 43.00 -61.63 -37.08
C SER R 101 42.20 -62.92 -37.29
N ARG R 102 41.82 -63.56 -36.20
CA ARG R 102 41.06 -64.80 -36.25
C ARG R 102 39.58 -64.57 -36.51
N TYR R 103 39.12 -63.33 -36.49
CA TYR R 103 37.71 -63.00 -36.68
C TYR R 103 37.53 -62.26 -37.99
N PHE R 104 36.46 -62.58 -38.71
CA PHE R 104 36.08 -61.79 -39.87
C PHE R 104 35.67 -60.40 -39.40
N ASN R 105 36.22 -59.38 -40.05
CA ASN R 105 35.97 -57.99 -39.67
C ASN R 105 34.76 -57.51 -40.47
N TRP R 106 33.60 -57.45 -39.82
CA TRP R 106 32.38 -57.03 -40.50
C TRP R 106 32.39 -55.53 -40.80
N LYS R 107 33.10 -54.74 -40.00
CA LYS R 107 33.19 -53.30 -40.27
C LYS R 107 33.88 -53.04 -41.59
N GLU R 108 34.99 -53.74 -41.85
CA GLU R 108 35.69 -53.58 -43.12
C GLU R 108 34.84 -54.04 -44.29
N TYR R 109 34.11 -55.15 -44.11
CA TYR R 109 33.23 -55.64 -45.17
C TYR R 109 32.15 -54.61 -45.47
N TYR R 110 31.56 -54.02 -44.43
CA TYR R 110 30.50 -53.04 -44.63
C TYR R 110 31.02 -51.79 -45.32
N THR R 111 32.18 -51.27 -44.89
CA THR R 111 32.68 -50.07 -45.51
C THR R 111 33.16 -50.32 -46.94
N ARG R 112 33.71 -51.50 -47.23
CA ARG R 112 34.11 -51.81 -48.59
C ARG R 112 32.90 -51.98 -49.49
N ALA R 113 31.83 -52.61 -48.97
CA ALA R 113 30.59 -52.70 -49.74
C ALA R 113 30.03 -51.31 -50.04
N LEU R 114 30.07 -50.42 -49.04
CA LEU R 114 29.56 -49.07 -49.27
C LEU R 114 30.39 -48.32 -50.31
N ILE R 115 31.72 -48.42 -50.23
CA ILE R 115 32.56 -47.68 -51.16
C ILE R 115 32.45 -48.25 -52.57
N THR R 116 32.33 -49.58 -52.69
CA THR R 116 32.21 -50.19 -54.00
C THR R 116 30.85 -49.89 -54.63
N LEU R 117 29.78 -50.00 -53.85
CA LEU R 117 28.45 -49.70 -54.38
C LEU R 117 28.31 -48.23 -54.75
N GLU R 118 28.87 -47.35 -53.92
CA GLU R 118 28.77 -45.90 -54.15
C GLU R 118 29.96 -45.44 -55.02
N GLU R 119 29.87 -45.76 -56.31
CA GLU R 119 30.76 -45.16 -57.29
C GLU R 119 30.05 -44.72 -58.57
N PRO R 120 28.90 -44.00 -58.50
CA PRO R 120 28.37 -43.38 -59.70
C PRO R 120 28.88 -41.96 -59.84
N LEU R 121 28.40 -41.22 -60.84
CA LEU R 121 28.76 -39.81 -60.94
C LEU R 121 28.16 -39.03 -59.78
N ILE R 122 28.71 -37.83 -59.56
CA ILE R 122 28.47 -37.09 -58.31
C ILE R 122 27.06 -36.54 -58.20
N ASP R 123 26.24 -36.67 -59.24
CA ASP R 123 24.93 -36.02 -59.23
C ASP R 123 24.00 -36.59 -58.17
N HIS R 124 24.07 -37.89 -57.89
CA HIS R 124 23.24 -38.49 -56.85
C HIS R 124 23.70 -37.96 -55.49
N LYS R 125 22.83 -37.20 -54.84
CA LYS R 125 23.05 -36.76 -53.46
C LYS R 125 22.01 -37.47 -52.60
N PHE R 126 22.34 -38.68 -52.15
CA PHE R 126 21.41 -39.52 -51.42
C PHE R 126 21.22 -39.09 -49.97
N ASP R 127 22.24 -38.53 -49.34
CA ASP R 127 22.18 -38.12 -47.92
C ASP R 127 21.86 -39.34 -47.03
N TYR R 128 22.82 -40.26 -47.01
CA TYR R 128 22.72 -41.49 -46.24
C TYR R 128 22.45 -41.22 -44.76
N GLY R 129 21.97 -42.23 -44.04
CA GLY R 129 21.84 -42.12 -42.61
C GLY R 129 23.20 -42.10 -41.93
N VAL R 130 23.16 -41.78 -40.63
CA VAL R 130 24.34 -41.68 -39.77
C VAL R 130 25.18 -40.48 -40.19
N ARG R 131 25.73 -39.77 -39.19
CA ARG R 131 26.48 -38.55 -39.46
C ARG R 131 27.91 -38.82 -39.95
N GLY R 132 28.43 -40.03 -39.71
CA GLY R 132 29.83 -40.30 -39.96
C GLY R 132 30.19 -40.60 -41.40
N ILE R 133 29.22 -40.68 -42.30
CA ILE R 133 29.45 -41.04 -43.70
C ILE R 133 28.94 -39.91 -44.58
N SER R 134 29.79 -39.45 -45.49
CA SER R 134 29.44 -38.37 -46.42
C SER R 134 30.40 -38.42 -47.60
N ARG R 135 30.16 -37.57 -48.59
CA ARG R 135 31.00 -37.47 -49.77
C ARG R 135 32.24 -36.63 -49.46
N ASP R 136 33.00 -36.29 -50.49
CA ASP R 136 34.18 -35.45 -50.32
C ASP R 136 34.36 -34.61 -51.60
N ASN R 137 35.48 -33.89 -51.68
CA ASN R 137 35.75 -33.08 -52.86
C ASN R 137 35.96 -33.96 -54.09
N PHE R 138 36.65 -35.07 -53.94
CA PHE R 138 36.99 -35.94 -55.06
C PHE R 138 35.89 -36.93 -55.41
N GLY R 139 34.81 -36.98 -54.65
CA GLY R 139 33.69 -37.85 -54.94
C GLY R 139 33.72 -39.19 -54.24
N LYS R 140 34.86 -39.59 -53.68
CA LYS R 140 34.95 -40.84 -52.95
C LYS R 140 34.53 -40.63 -51.50
N ILE R 141 33.52 -41.39 -51.05
CA ILE R 141 33.02 -41.21 -49.70
C ILE R 141 34.09 -41.59 -48.68
N ASN R 142 34.02 -40.97 -47.52
CA ASN R 142 34.96 -41.22 -46.43
C ASN R 142 34.21 -41.65 -45.18
N VAL R 143 34.76 -42.63 -44.47
CA VAL R 143 34.19 -43.12 -43.23
C VAL R 143 35.27 -43.06 -42.15
N GLU R 144 34.95 -42.40 -41.04
CA GLU R 144 35.88 -42.28 -39.94
C GLU R 144 35.86 -43.53 -39.07
N SER R 145 36.99 -43.81 -38.42
CA SER R 145 37.07 -44.95 -37.53
C SER R 145 36.18 -44.78 -36.30
N LYS R 146 35.73 -43.56 -36.02
CA LYS R 146 34.82 -43.33 -34.90
C LYS R 146 33.47 -44.00 -35.14
N VAL R 147 33.03 -44.07 -36.40
CA VAL R 147 31.72 -44.63 -36.72
C VAL R 147 31.69 -46.10 -36.33
N VAL R 148 30.66 -46.48 -35.58
CA VAL R 148 30.51 -47.87 -35.16
C VAL R 148 30.01 -48.70 -36.33
N ALA R 149 30.31 -50.00 -36.29
CA ALA R 149 29.95 -50.89 -37.39
C ALA R 149 28.45 -50.98 -37.64
N PRO R 150 27.59 -51.16 -36.64
CA PRO R 150 26.14 -51.25 -36.94
C PRO R 150 25.56 -50.03 -37.63
N ALA R 151 26.03 -48.82 -37.30
CA ALA R 151 25.55 -47.63 -37.99
C ALA R 151 25.97 -47.65 -39.46
N LEU R 152 27.19 -48.07 -39.73
CA LEU R 152 27.64 -48.26 -41.11
C LEU R 152 26.78 -49.30 -41.82
N ARG R 153 26.41 -50.36 -41.11
CA ARG R 153 25.53 -51.37 -41.67
C ARG R 153 24.18 -50.77 -42.05
N ARG R 154 23.60 -49.97 -41.16
CA ARG R 154 22.32 -49.34 -41.44
C ARG R 154 22.41 -48.40 -42.64
N ALA R 155 23.51 -47.65 -42.73
CA ALA R 155 23.72 -46.80 -43.90
C ALA R 155 23.79 -47.63 -45.18
N LEU R 156 24.46 -48.80 -45.10
CA LEU R 156 24.50 -49.70 -46.25
C LEU R 156 23.10 -50.20 -46.60
N GLU R 157 22.28 -50.48 -45.59
CA GLU R 157 20.90 -50.89 -45.85
C GLU R 157 20.13 -49.81 -46.58
N ASN R 158 20.25 -48.57 -46.13
CA ASN R 158 19.57 -47.46 -46.80
C ASN R 158 20.06 -47.30 -48.23
N ALA R 159 21.37 -47.39 -48.43
CA ALA R 159 21.92 -47.26 -49.78
C ALA R 159 21.42 -48.37 -50.68
N LEU R 160 21.36 -49.60 -50.17
CA LEU R 160 20.93 -50.73 -50.97
C LEU R 160 19.45 -50.61 -51.33
N ILE R 161 18.61 -50.21 -50.38
CA ILE R 161 17.19 -50.09 -50.69
C ILE R 161 16.95 -48.94 -51.67
N HIS R 162 17.71 -47.86 -51.56
CA HIS R 162 17.54 -46.76 -52.50
C HIS R 162 18.01 -47.13 -53.90
N ARG R 163 19.21 -47.69 -54.01
CA ARG R 163 19.74 -48.04 -55.33
C ARG R 163 19.03 -49.25 -55.91
N HIS R 164 18.73 -50.24 -55.07
CA HIS R 164 18.04 -51.47 -55.45
C HIS R 164 18.77 -52.21 -56.56
N PRO R 165 19.94 -52.77 -56.30
CA PRO R 165 20.61 -53.59 -57.31
C PRO R 165 19.92 -54.94 -57.46
N ASP R 166 20.14 -55.56 -58.62
CA ASP R 166 19.50 -56.85 -58.89
C ASP R 166 20.12 -57.95 -58.05
N VAL R 167 21.45 -57.97 -57.94
CA VAL R 167 22.16 -59.01 -57.21
C VAL R 167 23.42 -58.42 -56.59
N PHE R 168 23.77 -58.89 -55.40
CA PHE R 168 24.99 -58.50 -54.71
C PHE R 168 25.98 -59.66 -54.79
N PHE R 169 27.03 -59.50 -55.58
CA PHE R 169 28.02 -60.55 -55.78
C PHE R 169 29.10 -60.46 -54.72
N VAL R 170 29.45 -61.61 -54.15
CA VAL R 170 30.56 -61.73 -53.21
C VAL R 170 31.43 -62.88 -53.67
N ASP R 171 32.69 -62.57 -54.01
CA ASP R 171 33.63 -63.59 -54.45
C ASP R 171 34.38 -64.16 -53.26
N GLU R 172 34.92 -65.37 -53.45
CA GLU R 172 35.55 -66.18 -52.41
C GLU R 172 34.82 -66.04 -51.08
N ALA R 173 33.53 -66.39 -51.07
CA ALA R 173 32.70 -66.21 -49.88
C ALA R 173 33.10 -67.12 -48.74
N GLN R 174 33.99 -68.09 -48.98
CA GLN R 174 34.46 -68.95 -47.90
C GLN R 174 35.26 -68.18 -46.85
N HIS R 175 35.66 -66.94 -47.14
CA HIS R 175 36.35 -66.14 -46.14
C HIS R 175 35.45 -65.80 -44.96
N PHE R 176 34.13 -65.97 -45.10
CA PHE R 176 33.24 -65.78 -43.96
C PHE R 176 33.45 -66.83 -42.89
N GLY R 177 34.14 -67.92 -43.20
CA GLY R 177 34.34 -69.01 -42.27
C GLY R 177 35.49 -68.86 -41.30
N LYS R 178 36.15 -67.70 -41.29
CA LYS R 178 37.28 -67.48 -40.39
C LYS R 178 36.76 -66.93 -39.08
N VAL R 179 36.46 -67.82 -38.13
CA VAL R 179 35.98 -67.47 -36.81
C VAL R 179 36.69 -68.36 -35.79
N ALA R 180 36.37 -68.14 -34.51
CA ALA R 180 36.89 -68.97 -33.44
C ALA R 180 35.84 -69.80 -32.73
N SER R 181 34.60 -69.32 -32.65
CA SER R 181 33.50 -70.07 -32.04
C SER R 181 32.94 -71.05 -33.05
N GLY R 182 32.66 -72.26 -32.60
CA GLY R 182 32.13 -73.27 -33.50
C GLY R 182 30.77 -72.90 -34.07
N TYR R 183 29.88 -72.40 -33.22
CA TYR R 183 28.55 -72.02 -33.66
C TYR R 183 28.55 -70.70 -34.43
N LYS R 184 29.68 -70.00 -34.48
CA LYS R 184 29.70 -68.67 -35.06
C LYS R 184 29.47 -68.69 -36.56
N LEU R 185 29.59 -69.84 -37.21
CA LEU R 185 29.28 -69.95 -38.63
C LEU R 185 27.81 -69.63 -38.88
N GLN R 186 26.93 -70.19 -38.04
CA GLN R 186 25.51 -69.90 -38.14
C GLN R 186 25.25 -68.42 -37.88
N ASP R 187 26.00 -67.82 -36.95
CA ASP R 187 25.84 -66.39 -36.67
C ASP R 187 26.22 -65.54 -37.88
N GLN R 188 27.33 -65.88 -38.53
CA GLN R 188 27.75 -65.14 -39.72
C GLN R 188 26.71 -65.26 -40.83
N LEU R 189 26.23 -66.49 -41.07
CA LEU R 189 25.24 -66.68 -42.12
C LEU R 189 23.93 -65.98 -41.78
N ASP R 190 23.56 -65.96 -40.49
CA ASP R 190 22.36 -65.25 -40.07
C ASP R 190 22.50 -63.74 -40.26
N CYS R 191 23.70 -63.22 -40.01
CA CYS R 191 23.93 -61.79 -40.25
C CYS R 191 23.79 -61.47 -41.73
N LEU R 192 24.37 -62.32 -42.59
CA LEU R 192 24.24 -62.08 -44.03
C LEU R 192 22.78 -62.19 -44.48
N LYS R 193 22.07 -63.19 -43.95
CA LYS R 193 20.65 -63.37 -44.29
C LYS R 193 19.82 -62.17 -43.84
N SER R 194 20.09 -61.66 -42.64
CA SER R 194 19.41 -60.47 -42.18
C SER R 194 19.69 -59.28 -43.10
N LEU R 195 20.96 -59.04 -43.42
CA LEU R 195 21.30 -57.96 -44.34
C LEU R 195 20.57 -58.10 -45.67
N ALA R 196 20.34 -59.34 -46.12
CA ALA R 196 19.58 -59.55 -47.33
C ALA R 196 18.09 -59.27 -47.12
N ASN R 197 17.58 -59.59 -45.91
CA ASN R 197 16.14 -59.57 -45.70
C ASN R 197 15.53 -58.18 -45.87
N MET R 198 15.89 -57.23 -44.99
CA MET R 198 15.24 -55.93 -45.04
C MET R 198 15.64 -55.16 -46.30
N THR R 199 16.81 -55.45 -46.86
CA THR R 199 17.22 -54.80 -48.10
C THR R 199 16.57 -55.44 -49.30
N GLY R 200 16.25 -56.71 -49.19
CA GLY R 200 15.67 -57.42 -50.32
C GLY R 200 16.66 -57.49 -51.46
N ILE R 201 17.94 -57.60 -51.13
CA ILE R 201 18.96 -57.69 -52.17
C ILE R 201 19.50 -59.12 -52.27
N LEU R 202 19.08 -59.83 -53.32
CA LEU R 202 19.56 -61.19 -53.52
C LEU R 202 21.07 -61.22 -53.39
N HIS R 203 21.55 -62.09 -52.52
CA HIS R 203 23.00 -62.17 -52.30
C HIS R 203 23.53 -63.44 -52.93
N CYS R 204 24.44 -63.30 -53.89
CA CYS R 204 25.07 -64.44 -54.54
C CYS R 204 26.48 -64.61 -54.01
N LEU R 205 26.80 -65.82 -53.53
CA LEU R 205 28.09 -66.12 -52.96
C LEU R 205 28.81 -67.14 -53.84
N LEU R 206 30.01 -66.79 -54.28
CA LEU R 206 30.85 -67.66 -55.09
C LEU R 206 32.13 -67.96 -54.32
N GLY R 207 32.49 -69.24 -54.24
CA GLY R 207 33.68 -69.63 -53.51
C GLY R 207 34.11 -71.03 -53.87
N THR R 208 35.17 -71.48 -53.22
CA THR R 208 35.72 -72.81 -53.45
C THR R 208 34.85 -73.85 -52.75
N TYR R 209 35.30 -75.11 -52.76
CA TYR R 209 34.51 -76.18 -52.17
C TYR R 209 34.42 -76.08 -50.66
N GLU R 210 35.31 -75.33 -50.02
CA GLU R 210 35.21 -75.14 -48.58
C GLU R 210 34.08 -74.19 -48.22
N LEU R 211 33.46 -73.55 -49.21
CA LEU R 211 32.23 -72.78 -48.94
C LEU R 211 31.10 -73.69 -48.47
N LEU R 212 31.21 -74.99 -48.73
CA LEU R 212 30.17 -75.94 -48.34
C LEU R 212 29.93 -76.00 -46.84
N THR R 213 30.77 -75.36 -46.03
CA THR R 213 30.55 -75.33 -44.60
C THR R 213 29.25 -74.64 -44.22
N PHE R 214 28.74 -73.75 -45.08
CA PHE R 214 27.50 -73.04 -44.84
C PHE R 214 26.37 -73.53 -45.73
N ARG R 215 26.46 -74.75 -46.24
CA ARG R 215 25.54 -75.23 -47.26
C ARG R 215 24.10 -75.26 -46.75
N ASN R 216 23.80 -76.14 -45.80
CA ASN R 216 22.48 -76.27 -45.18
C ASN R 216 22.62 -76.22 -43.67
N LEU R 217 23.36 -75.23 -43.16
CA LEU R 217 23.66 -75.16 -41.74
C LEU R 217 22.42 -74.91 -40.87
N SER R 218 21.32 -74.47 -41.44
CA SER R 218 20.07 -74.35 -40.69
C SER R 218 18.90 -74.32 -41.67
N GLY R 219 17.71 -74.63 -41.15
CA GLY R 219 16.54 -74.75 -42.02
C GLY R 219 16.15 -73.43 -42.66
N GLN R 220 16.21 -72.34 -41.89
CA GLN R 220 15.84 -71.03 -42.43
C GLN R 220 16.75 -70.64 -43.58
N LEU R 221 18.05 -70.87 -43.44
CA LEU R 221 18.97 -70.60 -44.53
C LEU R 221 18.87 -71.67 -45.61
N SER R 222 18.47 -72.89 -45.22
CA SER R 222 18.34 -73.97 -46.20
C SER R 222 17.24 -73.67 -47.21
N ARG R 223 16.07 -73.23 -46.73
CA ARG R 223 14.98 -72.90 -47.64
C ARG R 223 15.32 -71.67 -48.49
N ARG R 224 15.82 -70.62 -47.86
CA ARG R 224 15.99 -69.33 -48.51
C ARG R 224 17.22 -69.26 -49.40
N SER R 225 17.84 -70.40 -49.70
CA SER R 225 19.01 -70.46 -50.55
C SER R 225 18.86 -71.59 -51.56
N VAL R 226 19.26 -71.32 -52.79
CA VAL R 226 19.38 -72.34 -53.83
C VAL R 226 20.86 -72.44 -54.19
N ASP R 227 21.29 -73.62 -54.61
CA ASP R 227 22.69 -73.90 -54.86
C ASP R 227 22.91 -74.26 -56.31
N ILE R 228 23.95 -73.67 -56.91
CA ILE R 228 24.36 -73.95 -58.28
C ILE R 228 25.75 -74.56 -58.23
N HIS R 229 25.91 -75.72 -58.85
CA HIS R 229 27.16 -76.45 -58.83
C HIS R 229 27.93 -76.17 -60.12
N PHE R 230 29.13 -75.62 -59.98
CA PHE R 230 30.01 -75.38 -61.12
C PHE R 230 30.94 -76.58 -61.28
N ARG R 231 30.34 -77.67 -61.75
CA ARG R 231 31.05 -78.95 -61.84
C ARG R 231 32.19 -78.87 -62.84
N ARG R 232 33.30 -79.52 -62.50
CA ARG R 232 34.40 -79.66 -63.44
C ARG R 232 34.11 -80.77 -64.44
N TYR R 233 35.11 -81.12 -65.23
CA TYR R 233 34.99 -82.18 -66.21
C TYR R 233 35.61 -83.46 -65.64
N CYS R 234 34.81 -84.52 -65.58
CA CYS R 234 35.23 -85.79 -64.99
C CYS R 234 35.92 -86.64 -66.05
N ALA R 235 36.13 -87.91 -65.74
CA ALA R 235 36.72 -88.87 -66.66
C ALA R 235 35.87 -90.11 -66.88
N ASP R 236 35.10 -90.54 -65.88
CA ASP R 236 34.27 -91.73 -66.03
C ASP R 236 33.21 -91.54 -67.11
N SER R 237 32.56 -90.38 -67.13
CA SER R 237 31.53 -90.11 -68.13
C SER R 237 32.19 -89.70 -69.43
N PRO R 238 31.94 -90.40 -70.54
CA PRO R 238 32.55 -89.99 -71.82
C PRO R 238 32.08 -88.63 -72.31
N GLU R 239 30.92 -88.15 -71.85
CA GLU R 239 30.38 -86.90 -72.37
C GLU R 239 31.26 -85.72 -71.99
N ASP R 240 31.61 -85.60 -70.71
CA ASP R 240 32.48 -84.51 -70.30
C ASP R 240 33.88 -84.68 -70.88
N VAL R 241 34.31 -85.92 -71.13
CA VAL R 241 35.59 -86.16 -71.79
C VAL R 241 35.57 -85.57 -73.20
N GLN R 242 34.48 -85.82 -73.95
CA GLN R 242 34.35 -85.25 -75.28
C GLN R 242 34.27 -83.73 -75.23
N ALA R 243 33.59 -83.20 -74.22
CA ALA R 243 33.55 -81.74 -74.06
C ALA R 243 34.94 -81.17 -73.83
N PHE R 244 35.73 -81.83 -73.00
CA PHE R 244 37.11 -81.39 -72.76
C PHE R 244 37.93 -81.48 -74.04
N LYS R 245 37.73 -82.55 -74.83
CA LYS R 245 38.41 -82.67 -76.11
C LYS R 245 38.07 -81.51 -77.02
N SER R 246 36.78 -81.15 -77.09
CA SER R 246 36.35 -80.03 -77.93
C SER R 246 36.96 -78.72 -77.46
N VAL R 247 37.01 -78.51 -76.14
CA VAL R 247 37.63 -77.31 -75.60
C VAL R 247 39.10 -77.25 -75.98
N LEU R 248 39.80 -78.38 -75.87
CA LEU R 248 41.21 -78.41 -76.25
C LEU R 248 41.40 -78.12 -77.72
N LEU R 249 40.53 -78.67 -78.58
CA LEU R 249 40.62 -78.39 -80.01
C LEU R 249 40.39 -76.91 -80.30
N THR R 250 39.40 -76.30 -79.64
CA THR R 250 39.16 -74.88 -79.86
C THR R 250 40.35 -74.05 -79.40
N PHE R 251 40.94 -74.40 -78.26
CA PHE R 251 42.11 -73.66 -77.77
C PHE R 251 43.29 -73.79 -78.72
N GLN R 252 43.53 -75.01 -79.24
CA GLN R 252 44.64 -75.19 -80.15
C GLN R 252 44.39 -74.52 -81.49
N GLN R 253 43.12 -74.39 -81.89
CA GLN R 253 42.82 -73.64 -83.11
C GLN R 253 42.97 -72.14 -82.89
N HIS R 254 42.75 -71.66 -81.67
CA HIS R 254 42.83 -70.24 -81.38
C HIS R 254 44.20 -69.81 -80.86
N LEU R 255 45.18 -70.70 -80.83
CA LEU R 255 46.52 -70.33 -80.41
C LEU R 255 47.19 -69.48 -81.48
N PRO R 256 47.65 -68.26 -81.17
CA PRO R 256 48.31 -67.44 -82.19
C PRO R 256 49.70 -67.93 -82.52
N LEU R 257 49.79 -69.06 -83.23
CA LEU R 257 51.06 -69.65 -83.62
C LEU R 257 51.02 -70.01 -85.10
N ALA R 258 52.21 -70.05 -85.71
CA ALA R 258 52.30 -70.38 -87.13
C ALA R 258 51.80 -71.79 -87.40
N GLU R 259 52.16 -72.74 -86.54
CA GLU R 259 51.74 -74.13 -86.65
C GLU R 259 50.80 -74.44 -85.50
N THR R 260 49.63 -75.00 -85.81
CA THR R 260 48.66 -75.33 -84.78
C THR R 260 49.04 -76.65 -84.12
N PRO R 261 49.48 -76.64 -82.86
CA PRO R 261 49.94 -77.89 -82.23
C PRO R 261 48.79 -78.87 -82.02
N ASN R 262 49.15 -80.15 -81.99
CA ASN R 262 48.20 -81.22 -81.75
C ASN R 262 48.11 -81.36 -80.23
N LEU R 263 47.06 -80.82 -79.65
CA LEU R 263 46.77 -80.99 -78.23
C LEU R 263 45.83 -82.15 -77.96
N VAL R 264 45.31 -82.79 -79.00
CA VAL R 264 44.35 -83.87 -78.82
C VAL R 264 45.02 -85.17 -78.38
N ASP R 265 46.31 -85.36 -78.67
CA ASP R 265 46.98 -86.59 -78.29
C ASP R 265 47.20 -86.65 -76.79
N HIS R 266 47.76 -85.59 -76.21
CA HIS R 266 48.01 -85.56 -74.77
C HIS R 266 46.84 -84.94 -74.01
N TRP R 267 45.63 -85.41 -74.30
CA TRP R 267 44.48 -84.97 -73.51
C TRP R 267 44.53 -85.54 -72.11
N GLU R 268 45.07 -86.76 -71.95
CA GLU R 268 45.24 -87.34 -70.63
C GLU R 268 46.20 -86.48 -69.79
N TYR R 269 47.28 -85.99 -70.41
CA TYR R 269 48.23 -85.16 -69.69
C TYR R 269 47.60 -83.83 -69.25
N PHE R 270 46.86 -83.19 -70.15
CA PHE R 270 46.19 -81.93 -69.79
C PHE R 270 45.16 -82.15 -68.70
N TYR R 271 44.39 -83.23 -68.79
CA TYR R 271 43.43 -83.52 -67.73
C TYR R 271 44.13 -83.83 -66.41
N GLU R 272 45.27 -84.52 -66.47
CA GLU R 272 46.02 -84.82 -65.25
C GLU R 272 46.52 -83.56 -64.57
N ARG R 273 46.93 -82.58 -65.35
CA ARG R 273 47.43 -81.34 -64.79
C ARG R 273 46.35 -80.26 -64.57
N THR R 274 45.21 -80.39 -65.23
CA THR R 274 44.16 -79.36 -65.11
C THR R 274 42.86 -79.89 -64.52
N LEU R 275 42.71 -81.21 -64.45
CA LEU R 275 41.49 -81.80 -63.92
C LEU R 275 40.25 -81.19 -64.55
N GLY R 276 40.32 -80.87 -65.84
CA GLY R 276 39.18 -80.30 -66.53
C GLY R 276 39.00 -78.81 -66.31
N CYS R 277 39.53 -78.30 -65.20
CA CYS R 277 39.39 -76.88 -64.88
C CYS R 277 39.74 -76.02 -66.09
N ILE R 278 38.74 -75.42 -66.71
CA ILE R 278 39.00 -74.63 -67.91
C ILE R 278 39.92 -73.46 -67.61
N GLY R 279 39.76 -72.84 -66.44
CA GLY R 279 40.62 -71.72 -66.09
C GLY R 279 42.08 -72.13 -65.91
N THR R 280 42.31 -73.25 -65.22
CA THR R 280 43.68 -73.73 -65.05
C THR R 280 44.32 -74.07 -66.39
N LEU R 281 43.56 -74.71 -67.28
CA LEU R 281 44.06 -75.01 -68.61
C LEU R 281 44.37 -73.74 -69.37
N LYS R 282 43.52 -72.72 -69.24
CA LYS R 282 43.77 -71.44 -69.91
C LYS R 282 45.04 -70.79 -69.39
N ASP R 283 45.26 -70.81 -68.08
CA ASP R 283 46.48 -70.23 -67.53
C ASP R 283 47.71 -71.01 -67.98
N TRP R 284 47.63 -72.34 -68.01
CA TRP R 284 48.73 -73.16 -68.49
C TRP R 284 49.07 -72.82 -69.94
N LEU R 285 48.04 -72.73 -70.78
CA LEU R 285 48.26 -72.39 -72.18
C LEU R 285 48.81 -70.98 -72.33
N LYS R 286 48.38 -70.06 -71.46
CA LYS R 286 48.93 -68.71 -71.48
C LYS R 286 50.42 -68.71 -71.19
N ARG R 287 50.83 -69.44 -70.16
CA ARG R 287 52.26 -69.53 -69.83
C ARG R 287 53.05 -70.14 -70.97
N VAL R 288 52.52 -71.24 -71.54
CA VAL R 288 53.23 -71.93 -72.61
C VAL R 288 53.34 -71.04 -73.85
N LEU R 289 52.27 -70.32 -74.18
CA LEU R 289 52.29 -69.42 -75.33
C LEU R 289 53.26 -68.26 -75.09
N SER R 290 53.31 -67.74 -73.87
CA SER R 290 54.28 -66.68 -73.58
C SER R 290 55.71 -67.17 -73.76
N ASP R 291 56.00 -68.38 -73.26
CA ASP R 291 57.34 -68.93 -73.45
C ASP R 291 57.64 -69.15 -74.93
N ALA R 292 56.67 -69.67 -75.68
CA ALA R 292 56.88 -69.91 -77.11
C ALA R 292 57.15 -68.61 -77.85
N LEU R 293 56.40 -67.55 -77.51
CA LEU R 293 56.64 -66.25 -78.13
C LEU R 293 58.00 -65.69 -77.74
N ASP R 294 58.44 -65.95 -76.51
CA ASP R 294 59.79 -65.54 -76.12
C ASP R 294 60.84 -66.26 -76.96
N ARG R 295 60.67 -67.55 -77.17
CA ARG R 295 61.57 -68.32 -78.04
C ARG R 295 61.22 -68.17 -79.53
N GLU R 296 60.12 -67.51 -79.86
CA GLU R 296 59.67 -67.32 -81.24
C GLU R 296 59.47 -68.65 -81.96
N ALA R 297 59.20 -69.71 -81.21
CA ALA R 297 59.01 -71.03 -81.79
C ALA R 297 57.62 -71.17 -82.38
N THR R 298 57.53 -71.65 -83.61
CA THR R 298 56.23 -71.72 -84.26
C THR R 298 55.35 -72.83 -83.74
N THR R 299 55.69 -73.36 -82.56
CA THR R 299 54.93 -74.49 -82.04
C THR R 299 55.09 -74.68 -80.55
N ILE R 300 54.23 -75.52 -79.98
CA ILE R 300 54.33 -75.82 -78.56
C ILE R 300 54.80 -77.25 -78.38
N THR R 301 56.05 -77.41 -77.96
CA THR R 301 56.59 -78.75 -77.75
C THR R 301 56.11 -79.30 -76.42
N LEU R 302 55.99 -80.62 -76.34
CA LEU R 302 55.52 -81.24 -75.11
C LEU R 302 56.30 -80.71 -73.92
N LYS R 303 57.63 -80.86 -73.94
CA LYS R 303 58.41 -80.45 -72.79
C LYS R 303 58.06 -79.03 -72.35
N ASP R 304 57.60 -78.19 -73.27
CA ASP R 304 57.19 -76.83 -72.91
C ASP R 304 56.01 -76.86 -71.94
N LEU R 305 55.08 -77.79 -72.16
CA LEU R 305 53.97 -77.95 -71.21
C LEU R 305 54.48 -78.37 -69.84
N GLN R 306 55.47 -79.26 -69.79
CA GLN R 306 56.02 -79.67 -68.51
C GLN R 306 56.75 -78.54 -67.80
N LYS R 307 57.23 -77.55 -68.56
CA LYS R 307 57.94 -76.44 -67.95
C LYS R 307 57.03 -75.59 -67.08
N ARG R 308 55.82 -75.30 -67.57
CA ARG R 308 54.87 -74.45 -66.87
C ARG R 308 53.67 -75.23 -66.34
N ALA R 309 53.82 -76.55 -66.17
CA ALA R 309 52.77 -77.34 -65.56
C ALA R 309 52.76 -77.12 -64.04
N LEU R 310 51.91 -77.87 -63.36
CA LEU R 310 51.81 -77.81 -61.91
C LEU R 310 52.39 -79.07 -61.30
N SER R 311 53.00 -78.91 -60.13
CA SER R 311 53.60 -80.04 -59.43
C SER R 311 52.53 -81.07 -59.07
N VAL R 312 52.91 -82.34 -59.14
CA VAL R 312 51.97 -83.41 -58.81
C VAL R 312 51.48 -83.27 -57.38
N ALA R 313 52.33 -82.73 -56.50
CA ALA R 313 51.90 -82.44 -55.14
C ALA R 313 50.77 -81.41 -55.13
N GLN R 314 50.88 -80.37 -55.96
CA GLN R 314 49.80 -79.41 -56.08
C GLN R 314 48.54 -80.06 -56.64
N CYS R 315 48.69 -80.84 -57.72
CA CYS R 315 47.54 -81.46 -58.36
C CYS R 315 46.88 -82.47 -57.44
N GLN R 316 47.68 -83.21 -56.66
CA GLN R 316 47.11 -84.17 -55.72
C GLN R 316 46.30 -83.45 -54.65
N LYS R 317 46.78 -82.30 -54.18
CA LYS R 317 46.02 -81.54 -53.19
C LYS R 317 44.75 -80.98 -53.82
N MET R 318 44.80 -80.60 -55.10
CA MET R 318 43.60 -80.20 -55.82
C MET R 318 42.52 -81.27 -55.74
N PHE R 319 42.84 -82.45 -56.27
CA PHE R 319 41.86 -83.52 -56.37
C PHE R 319 41.45 -84.04 -55.01
N LYS R 320 42.31 -83.91 -54.00
CA LYS R 320 41.97 -84.35 -52.65
C LYS R 320 40.78 -83.58 -52.11
N GLU R 321 40.75 -82.27 -52.32
CA GLU R 321 39.65 -81.46 -51.84
C GLU R 321 38.46 -81.49 -52.80
N ILE R 322 38.71 -81.76 -54.08
CA ILE R 322 37.63 -81.80 -55.06
C ILE R 322 36.74 -83.02 -54.83
N GLN R 323 37.35 -84.20 -54.65
CA GLN R 323 36.55 -85.40 -54.43
C GLN R 323 35.86 -85.37 -53.08
N GLU R 324 36.50 -84.75 -52.09
CA GLU R 324 35.90 -84.66 -50.76
C GLU R 324 34.61 -83.84 -50.79
N GLY R 325 34.61 -82.74 -51.53
CA GLY R 325 33.42 -81.91 -51.62
C GLY R 325 32.35 -82.47 -52.53
N GLU R 326 32.75 -83.23 -53.56
CA GLU R 326 31.79 -83.75 -54.53
C GLU R 326 30.83 -84.75 -53.89
N ARG R 327 31.34 -85.62 -53.02
CA ARG R 327 30.46 -86.57 -52.35
C ARG R 327 29.47 -85.87 -51.44
N GLN R 328 29.88 -84.75 -50.83
CA GLN R 328 28.94 -83.94 -50.06
C GLN R 328 27.87 -83.35 -50.96
N LEU R 329 28.25 -82.95 -52.17
CA LEU R 329 27.34 -82.32 -53.13
C LEU R 329 26.71 -83.33 -54.09
N SER R 330 26.61 -84.59 -53.69
CA SER R 330 26.06 -85.64 -54.53
C SER R 330 24.65 -85.99 -54.04
N GLU R 331 23.69 -85.97 -54.96
CA GLU R 331 22.30 -86.30 -54.65
C GLU R 331 21.93 -87.55 -55.43
N THR R 332 21.48 -88.59 -54.71
CA THR R 332 21.12 -89.87 -55.30
C THR R 332 19.66 -90.17 -55.01
N GLU R 333 19.12 -91.15 -55.74
CA GLU R 333 17.75 -91.58 -55.51
C GLU R 333 17.59 -92.23 -54.13
N ALA R 334 18.69 -92.75 -53.57
CA ALA R 334 18.63 -93.30 -52.22
C ALA R 334 18.30 -92.22 -51.21
N ASP R 335 18.85 -91.02 -51.38
CA ASP R 335 18.54 -89.90 -50.50
C ASP R 335 17.10 -89.43 -50.68
N VAL R 336 16.44 -89.84 -51.76
CA VAL R 336 15.04 -89.43 -51.97
C VAL R 336 14.11 -90.32 -51.17
N GLN R 337 14.37 -91.63 -51.16
CA GLN R 337 13.43 -92.58 -50.57
C GLN R 337 13.26 -92.34 -49.07
N ASN R 338 14.36 -92.17 -48.34
CA ASN R 338 14.24 -91.92 -46.91
C ASN R 338 13.54 -90.61 -46.63
N LEU R 339 13.82 -89.58 -47.45
CA LEU R 339 13.09 -88.33 -47.32
C LEU R 339 11.61 -88.53 -47.53
N ARG R 340 11.23 -89.33 -48.54
CA ARG R 340 9.84 -89.73 -48.70
C ARG R 340 9.38 -90.59 -47.53
N SER R 341 10.25 -91.48 -47.06
CA SER R 341 9.89 -92.36 -45.94
C SER R 341 9.75 -91.57 -44.64
N ALA R 342 10.70 -90.66 -44.38
CA ALA R 342 10.66 -89.89 -43.14
C ALA R 342 9.41 -89.01 -43.07
N LEU R 343 9.05 -88.38 -44.19
CA LEU R 343 7.83 -87.59 -44.24
C LEU R 343 6.56 -88.43 -44.15
N GLY R 344 6.67 -89.75 -44.29
CA GLY R 344 5.51 -90.60 -44.43
C GLY R 344 4.91 -90.62 -45.81
N LEU R 345 5.50 -89.91 -46.77
CA LEU R 345 4.99 -89.84 -48.13
C LEU R 345 5.20 -91.13 -48.90
N GLY R 346 6.06 -92.03 -48.42
CA GLY R 346 6.30 -93.27 -49.12
C GLY R 346 5.01 -94.08 -49.29
N SER S 4 92.16 -62.59 -69.89
CA SER S 4 92.39 -63.66 -68.93
C SER S 4 91.09 -64.05 -68.23
N THR S 5 90.98 -65.33 -67.87
CA THR S 5 89.83 -65.85 -67.16
C THR S 5 89.92 -65.62 -65.65
N GLY S 6 91.04 -65.09 -65.17
CA GLY S 6 91.24 -64.85 -63.76
C GLY S 6 91.09 -63.39 -63.37
N PHE S 7 91.43 -63.11 -62.13
CA PHE S 7 91.30 -61.75 -61.60
C PHE S 7 92.31 -60.82 -62.26
N PRO S 8 92.03 -59.52 -62.28
CA PRO S 8 93.01 -58.57 -62.82
C PRO S 8 94.30 -58.60 -62.02
N LEU S 9 95.41 -58.83 -62.72
CA LEU S 9 96.72 -58.91 -62.09
C LEU S 9 97.21 -57.56 -61.58
N GLU S 10 96.53 -56.47 -61.95
CA GLU S 10 96.88 -55.15 -61.43
C GLU S 10 96.55 -55.01 -59.94
N LEU S 11 95.67 -55.88 -59.42
CA LEU S 11 95.21 -55.73 -58.04
C LEU S 11 96.33 -55.92 -57.03
N LEU S 12 97.40 -56.62 -57.40
CA LEU S 12 98.49 -56.86 -56.46
C LEU S 12 99.14 -55.56 -56.01
N THR S 13 99.16 -54.55 -56.88
CA THR S 13 99.69 -53.25 -56.48
C THR S 13 98.73 -52.51 -55.57
N ARG S 14 97.43 -52.81 -55.66
CA ARG S 14 96.43 -52.12 -54.86
C ARG S 14 96.50 -52.57 -53.41
N PRO S 15 96.06 -51.72 -52.47
CA PRO S 15 96.06 -52.11 -51.04
C PRO S 15 95.04 -53.19 -50.72
N ALA S 16 94.93 -53.53 -49.43
CA ALA S 16 94.07 -54.62 -49.01
C ALA S 16 92.59 -54.32 -49.24
N THR S 17 92.17 -53.08 -48.97
CA THR S 17 90.75 -52.75 -49.05
C THR S 17 90.22 -52.91 -50.47
N GLU S 18 90.99 -52.48 -51.47
CA GLU S 18 90.53 -52.60 -52.85
C GLU S 18 90.36 -54.06 -53.26
N ARG S 19 91.32 -54.91 -52.89
CA ARG S 19 91.21 -56.33 -53.23
C ARG S 19 90.02 -56.97 -52.51
N LEU S 20 89.83 -56.64 -51.24
CA LEU S 20 88.68 -57.18 -50.50
C LEU S 20 87.37 -56.75 -51.15
N ALA S 21 87.27 -55.47 -51.52
CA ALA S 21 86.04 -54.99 -52.16
C ALA S 21 85.82 -55.68 -53.51
N TYR S 22 86.89 -55.85 -54.29
CA TYR S 22 86.74 -56.53 -55.58
C TYR S 22 86.25 -57.96 -55.40
N PHE S 23 86.81 -58.68 -54.43
CA PHE S 23 86.38 -60.06 -54.21
C PHE S 23 84.94 -60.10 -53.71
N GLU S 24 84.56 -59.15 -52.84
CA GLU S 24 83.20 -59.14 -52.32
C GLU S 24 82.18 -58.85 -53.42
N ASN S 25 82.50 -57.92 -54.31
CA ASN S 25 81.56 -57.51 -55.35
C ASN S 25 81.44 -58.51 -56.49
N TYR S 26 82.31 -59.51 -56.55
CA TYR S 26 82.25 -60.48 -57.63
C TYR S 26 81.03 -61.38 -57.48
N THR S 27 80.26 -61.52 -58.56
CA THR S 27 79.15 -62.45 -58.64
C THR S 27 79.49 -63.51 -59.68
N VAL S 28 79.51 -64.77 -59.26
CA VAL S 28 79.82 -65.89 -60.15
C VAL S 28 78.51 -66.45 -60.70
N ALA S 29 78.57 -67.00 -61.91
CA ALA S 29 77.41 -67.61 -62.56
C ALA S 29 77.61 -69.12 -62.60
N HIS S 30 76.64 -69.84 -62.06
CA HIS S 30 76.66 -71.29 -62.00
C HIS S 30 75.33 -71.84 -62.48
N PRO S 31 75.30 -73.07 -63.01
CA PRO S 31 74.10 -73.56 -63.70
C PRO S 31 72.83 -73.52 -62.86
N ARG S 32 72.91 -73.85 -61.56
CA ARG S 32 71.70 -73.85 -60.74
C ARG S 32 71.13 -72.45 -60.59
N LEU S 33 72.00 -71.47 -60.30
CA LEU S 33 71.54 -70.09 -60.21
C LEU S 33 71.00 -69.62 -61.56
N LYS S 34 71.66 -69.99 -62.65
CA LYS S 34 71.19 -69.58 -63.97
C LYS S 34 69.80 -70.12 -64.27
N GLU S 35 69.57 -71.42 -64.03
CA GLU S 35 68.27 -72.00 -64.32
C GLU S 35 67.19 -71.44 -63.41
N VAL S 36 67.50 -71.27 -62.13
CA VAL S 36 66.51 -70.70 -61.21
C VAL S 36 66.16 -69.29 -61.61
N TYR S 37 67.17 -68.49 -61.98
CA TYR S 37 66.94 -67.12 -62.41
C TYR S 37 66.10 -67.07 -63.68
N GLU S 38 66.37 -67.97 -64.64
CA GLU S 38 65.57 -68.00 -65.86
C GLU S 38 64.12 -68.37 -65.57
N ILE S 39 63.90 -69.36 -64.70
CA ILE S 39 62.53 -69.75 -64.36
C ILE S 39 61.81 -68.61 -63.66
N LEU S 40 62.52 -67.91 -62.77
CA LEU S 40 61.88 -66.80 -62.05
C LEU S 40 61.57 -65.64 -63.00
N MET S 41 62.46 -65.35 -63.95
CA MET S 41 62.17 -64.35 -64.97
C MET S 41 60.95 -64.75 -65.79
N ARG S 42 60.85 -66.02 -66.16
CA ARG S 42 59.71 -66.45 -66.97
C ARG S 42 58.40 -66.35 -66.19
N THR S 43 58.41 -66.71 -64.91
CA THR S 43 57.17 -66.70 -64.14
C THR S 43 56.79 -65.27 -63.73
N ILE S 44 57.77 -64.36 -63.70
CA ILE S 44 57.43 -62.96 -63.41
C ILE S 44 57.03 -62.20 -64.67
N ALA S 45 57.50 -62.64 -65.84
CA ALA S 45 57.08 -61.98 -67.09
C ALA S 45 55.58 -62.08 -67.29
N GLU S 46 55.00 -63.25 -67.04
CA GLU S 46 53.56 -63.38 -67.03
C GLU S 46 53.12 -64.29 -65.87
N PRO S 47 52.30 -63.78 -64.96
CA PRO S 47 51.82 -64.63 -63.85
C PRO S 47 50.78 -65.65 -64.30
N ALA S 48 49.86 -65.25 -65.19
CA ALA S 48 48.80 -66.11 -65.70
C ALA S 48 47.96 -66.68 -64.55
N GLY S 49 47.28 -65.79 -63.85
CA GLY S 49 46.43 -66.18 -62.74
C GLY S 49 47.17 -66.77 -61.56
N ALA S 50 48.36 -66.27 -61.26
CA ALA S 50 49.14 -66.71 -60.11
C ALA S 50 49.50 -65.50 -59.28
N SER S 51 49.41 -65.64 -57.95
CA SER S 51 49.69 -64.56 -57.03
C SER S 51 50.89 -64.81 -56.14
N PHE S 52 51.44 -66.02 -56.11
CA PHE S 52 52.56 -66.35 -55.26
C PHE S 52 53.65 -67.05 -56.05
N ILE S 53 54.90 -66.70 -55.76
CA ILE S 53 56.06 -67.45 -56.20
C ILE S 53 56.83 -67.87 -54.97
N PHE S 54 56.85 -69.17 -54.68
CA PHE S 54 57.55 -69.71 -53.52
C PHE S 54 58.93 -70.16 -53.97
N VAL S 55 59.96 -69.50 -53.45
CA VAL S 55 61.34 -69.80 -53.79
C VAL S 55 61.99 -70.43 -52.56
N TYR S 56 61.95 -71.76 -52.49
CA TYR S 56 62.64 -72.50 -51.45
C TYR S 56 64.13 -72.54 -51.76
N GLY S 57 64.96 -72.27 -50.75
CA GLY S 57 66.39 -72.35 -50.90
C GLY S 57 67.07 -72.49 -49.55
N ALA S 58 68.09 -73.34 -49.48
CA ALA S 58 68.81 -73.55 -48.22
C ALA S 58 69.67 -72.34 -47.86
N SER S 59 70.22 -72.34 -46.65
CA SER S 59 71.05 -71.22 -46.20
C SER S 59 72.37 -71.17 -46.93
N GLY S 60 72.40 -70.56 -48.11
CA GLY S 60 73.65 -70.42 -48.84
C GLY S 60 73.43 -70.61 -50.33
N VAL S 61 72.18 -70.64 -50.76
CA VAL S 61 71.87 -70.85 -52.17
C VAL S 61 71.96 -69.55 -52.96
N GLY S 62 71.80 -68.42 -52.30
CA GLY S 62 71.87 -67.13 -52.98
C GLY S 62 70.50 -66.54 -53.24
N LYS S 63 69.58 -66.72 -52.30
CA LYS S 63 68.24 -66.17 -52.46
C LYS S 63 68.26 -64.66 -52.52
N THR S 64 68.96 -64.02 -51.57
CA THR S 64 68.96 -62.56 -51.51
C THR S 64 69.69 -61.95 -52.70
N THR S 65 70.82 -62.55 -53.10
CA THR S 65 71.53 -62.01 -54.26
C THR S 65 70.76 -62.23 -55.55
N LEU S 66 70.02 -63.35 -55.63
CA LEU S 66 69.13 -63.55 -56.77
C LEU S 66 68.03 -62.50 -56.80
N ARG S 67 67.48 -62.16 -55.62
CA ARG S 67 66.48 -61.12 -55.55
C ARG S 67 67.05 -59.78 -55.99
N LEU S 68 68.27 -59.47 -55.56
CA LEU S 68 68.91 -58.22 -55.98
C LEU S 68 69.16 -58.19 -57.48
N ARG S 69 69.62 -59.31 -58.04
CA ARG S 69 69.88 -59.39 -59.47
C ARG S 69 68.60 -59.22 -60.29
N VAL S 70 67.53 -59.90 -59.88
CA VAL S 70 66.27 -59.78 -60.61
C VAL S 70 65.67 -58.38 -60.42
N GLU S 71 65.88 -57.77 -59.25
CA GLU S 71 65.44 -56.39 -59.05
C GLU S 71 66.16 -55.45 -60.00
N GLN S 72 67.48 -55.61 -60.12
CA GLN S 72 68.24 -54.77 -61.04
C GLN S 72 67.81 -54.98 -62.48
N LYS S 73 67.60 -56.25 -62.88
CA LYS S 73 67.19 -56.53 -64.25
C LYS S 73 65.81 -55.98 -64.55
N LEU S 74 64.87 -56.11 -63.59
CA LEU S 74 63.54 -55.55 -63.77
C LEU S 74 63.58 -54.03 -63.89
N THR S 75 64.39 -53.38 -63.06
CA THR S 75 64.52 -51.94 -63.15
C THR S 75 65.11 -51.53 -64.50
N GLU S 76 66.13 -52.25 -64.96
CA GLU S 76 66.73 -51.94 -66.26
C GLU S 76 65.73 -52.11 -67.40
N LEU S 77 64.96 -53.20 -67.36
CA LEU S 77 63.98 -53.44 -68.41
C LEU S 77 62.85 -52.42 -68.38
N ALA S 78 62.49 -51.95 -67.18
CA ALA S 78 61.44 -50.94 -67.05
C ALA S 78 61.94 -49.53 -67.34
N LEU S 79 63.26 -49.31 -67.34
CA LEU S 79 63.82 -47.98 -67.51
C LEU S 79 63.37 -47.24 -68.75
N PRO S 80 63.43 -47.80 -69.97
CA PRO S 80 63.13 -46.96 -71.14
C PRO S 80 61.67 -46.58 -71.27
N LYS S 81 60.75 -47.43 -70.82
CA LYS S 81 59.35 -47.02 -70.73
C LYS S 81 59.07 -46.18 -69.51
N LEU S 82 59.90 -46.27 -68.47
CA LEU S 82 59.75 -45.39 -67.31
C LEU S 82 59.99 -43.93 -67.69
N GLU S 83 60.89 -43.68 -68.64
CA GLU S 83 61.06 -42.32 -69.14
C GLU S 83 59.79 -41.81 -69.81
N SER S 84 58.98 -42.71 -70.36
CA SER S 84 57.72 -42.36 -71.00
C SER S 84 56.51 -42.51 -70.09
N ASP S 85 56.52 -43.50 -69.21
CA ASP S 85 55.39 -43.78 -68.33
C ASP S 85 55.77 -43.54 -66.88
N ARG S 86 54.94 -42.79 -66.17
CA ARG S 86 55.12 -42.50 -64.75
C ARG S 86 54.02 -43.19 -63.94
N ALA S 87 54.02 -42.91 -62.63
CA ALA S 87 53.08 -43.53 -61.70
C ALA S 87 53.21 -45.06 -61.72
N ARG S 88 54.44 -45.54 -61.87
CA ARG S 88 54.70 -46.96 -61.95
C ARG S 88 56.09 -47.26 -61.41
N VAL S 89 56.17 -48.20 -60.47
CA VAL S 89 57.44 -48.68 -59.96
C VAL S 89 57.70 -50.05 -60.56
N PRO S 90 58.93 -50.39 -60.93
CA PRO S 90 59.21 -51.70 -61.53
C PRO S 90 58.99 -52.84 -60.55
N VAL S 91 59.55 -52.72 -59.35
CA VAL S 91 59.58 -53.80 -58.38
C VAL S 91 59.75 -53.21 -56.99
N VAL S 92 59.03 -53.79 -56.01
CA VAL S 92 59.14 -53.40 -54.62
C VAL S 92 59.69 -54.59 -53.85
N GLY S 93 60.77 -54.37 -53.10
CA GLY S 93 61.45 -55.44 -52.39
C GLY S 93 61.43 -55.19 -50.89
N ILE S 94 60.86 -56.14 -50.15
CA ILE S 94 60.72 -56.04 -48.70
C ILE S 94 61.14 -57.37 -48.09
N GLU S 95 61.46 -57.35 -46.80
CA GLU S 95 61.79 -58.55 -46.05
C GLU S 95 60.86 -58.68 -44.85
N ALA S 96 60.38 -59.90 -44.60
CA ALA S 96 59.47 -60.14 -43.49
C ALA S 96 60.21 -59.96 -42.17
N ILE S 97 59.48 -59.52 -41.14
CA ILE S 97 60.05 -59.19 -39.84
C ILE S 97 59.63 -60.27 -38.85
N ALA S 98 60.60 -60.84 -38.15
CA ALA S 98 60.29 -61.78 -37.08
C ALA S 98 59.72 -61.00 -35.90
N PRO S 99 58.50 -61.29 -35.46
CA PRO S 99 57.89 -60.48 -34.41
C PRO S 99 58.45 -60.81 -33.03
N GLU S 100 58.45 -59.79 -32.16
CA GLU S 100 58.85 -60.01 -30.77
C GLU S 100 57.86 -60.90 -30.04
N SER S 101 56.57 -60.73 -30.32
CA SER S 101 55.53 -61.50 -29.65
C SER S 101 55.40 -62.87 -30.31
N ARG S 102 54.37 -63.63 -29.92
CA ARG S 102 54.18 -64.97 -30.46
C ARG S 102 53.66 -64.97 -31.89
N TYR S 103 52.82 -64.00 -32.23
CA TYR S 103 52.18 -63.97 -33.54
C TYR S 103 52.80 -62.91 -34.44
N PHE S 104 52.71 -63.13 -35.74
CA PHE S 104 53.19 -62.16 -36.71
C PHE S 104 52.32 -60.90 -36.64
N ASN S 105 52.97 -59.74 -36.71
CA ASN S 105 52.28 -58.46 -36.59
C ASN S 105 52.03 -57.93 -37.99
N TRP S 106 50.76 -57.94 -38.42
CA TRP S 106 50.41 -57.48 -39.76
C TRP S 106 50.42 -55.96 -39.88
N LYS S 107 50.18 -55.25 -38.78
CA LYS S 107 50.18 -53.79 -38.84
C LYS S 107 51.56 -53.26 -39.22
N GLU S 108 52.61 -53.79 -38.58
CA GLU S 108 53.96 -53.37 -38.92
C GLU S 108 54.33 -53.77 -40.35
N TYR S 109 53.89 -54.95 -40.78
CA TYR S 109 54.13 -55.36 -42.16
C TYR S 109 53.51 -54.39 -43.14
N TYR S 110 52.25 -54.01 -42.89
CA TYR S 110 51.56 -53.09 -43.79
C TYR S 110 52.23 -51.72 -43.81
N THR S 111 52.55 -51.18 -42.63
CA THR S 111 53.13 -49.84 -42.59
C THR S 111 54.51 -49.82 -43.21
N ARG S 112 55.32 -50.87 -43.00
CA ARG S 112 56.64 -50.89 -43.59
C ARG S 112 56.59 -51.17 -45.09
N ALA S 113 55.59 -51.93 -45.54
CA ALA S 113 55.38 -52.09 -46.98
C ALA S 113 55.04 -50.76 -47.62
N LEU S 114 54.18 -49.97 -46.98
CA LEU S 114 53.88 -48.65 -47.48
C LEU S 114 55.12 -47.76 -47.46
N ILE S 115 55.93 -47.88 -46.42
CA ILE S 115 57.15 -47.06 -46.33
C ILE S 115 58.10 -47.39 -47.48
N THR S 116 58.38 -48.68 -47.69
CA THR S 116 59.36 -49.08 -48.70
C THR S 116 58.84 -48.81 -50.10
N LEU S 117 57.57 -49.10 -50.36
CA LEU S 117 57.02 -48.85 -51.70
C LEU S 117 56.99 -47.36 -52.01
N GLU S 118 56.70 -46.54 -51.01
CA GLU S 118 56.51 -45.10 -51.22
C GLU S 118 57.81 -44.36 -50.93
N GLU S 119 58.77 -44.50 -51.84
CA GLU S 119 59.96 -43.65 -51.87
C GLU S 119 60.28 -43.17 -53.29
N PRO S 120 59.30 -42.55 -53.99
CA PRO S 120 59.61 -41.95 -55.30
C PRO S 120 60.00 -40.50 -55.15
N LEU S 121 60.20 -39.80 -56.28
CA LEU S 121 60.43 -38.37 -56.23
C LEU S 121 59.18 -37.65 -55.72
N ILE S 122 59.40 -36.48 -55.10
CA ILE S 122 58.34 -35.78 -54.38
C ILE S 122 57.18 -35.38 -55.28
N ASP S 123 57.38 -35.34 -56.60
CA ASP S 123 56.31 -34.94 -57.51
C ASP S 123 55.11 -35.88 -57.46
N HIS S 124 55.32 -37.13 -57.08
CA HIS S 124 54.27 -38.14 -57.10
C HIS S 124 53.37 -37.98 -55.88
N LYS S 125 52.15 -37.49 -56.10
CA LYS S 125 51.15 -37.32 -55.05
C LYS S 125 49.92 -38.13 -55.43
N PHE S 126 49.41 -38.92 -54.48
CA PHE S 126 48.21 -39.71 -54.72
C PHE S 126 47.06 -39.39 -53.77
N ASP S 127 47.34 -38.93 -52.55
CA ASP S 127 46.33 -38.71 -51.52
C ASP S 127 45.63 -40.03 -51.18
N TYR S 128 46.40 -40.93 -50.59
CA TYR S 128 45.93 -42.24 -50.18
C TYR S 128 44.74 -42.12 -49.24
N GLY S 129 43.97 -43.20 -49.13
CA GLY S 129 42.88 -43.24 -48.20
C GLY S 129 43.35 -43.20 -46.76
N VAL S 130 42.38 -42.98 -45.86
CA VAL S 130 42.59 -42.84 -44.42
C VAL S 130 43.39 -41.57 -44.13
N ARG S 131 43.02 -40.88 -43.05
CA ARG S 131 43.65 -39.60 -42.72
C ARG S 131 44.95 -39.76 -41.95
N GLY S 132 45.29 -40.97 -41.51
CA GLY S 132 46.49 -41.19 -40.73
C GLY S 132 47.77 -41.36 -41.53
N ILE S 133 47.70 -41.27 -42.85
CA ILE S 133 48.87 -41.49 -43.71
C ILE S 133 49.04 -40.26 -44.60
N SER S 134 50.27 -39.76 -44.66
CA SER S 134 50.58 -38.56 -45.44
C SER S 134 52.09 -38.53 -45.68
N ARG S 135 52.54 -37.47 -46.34
CA ARG S 135 53.96 -37.22 -46.51
C ARG S 135 54.46 -36.35 -45.35
N ASP S 136 55.69 -35.85 -45.46
CA ASP S 136 56.25 -34.95 -44.47
C ASP S 136 57.18 -33.98 -45.18
N ASN S 137 57.92 -33.19 -44.41
CA ASN S 137 58.86 -32.24 -44.98
C ASN S 137 60.10 -32.91 -45.57
N PHE S 138 60.44 -34.10 -45.11
CA PHE S 138 61.56 -34.86 -45.67
C PHE S 138 61.13 -35.79 -46.79
N GLY S 139 59.84 -35.84 -47.11
CA GLY S 139 59.34 -36.68 -48.18
C GLY S 139 59.04 -38.11 -47.79
N LYS S 140 59.26 -38.49 -46.54
CA LYS S 140 58.97 -39.85 -46.09
C LYS S 140 57.55 -39.96 -45.56
N ILE S 141 56.91 -41.10 -45.81
CA ILE S 141 55.57 -41.33 -45.32
C ILE S 141 55.57 -41.42 -43.81
N ASN S 142 54.68 -40.68 -43.16
CA ASN S 142 54.50 -40.77 -41.72
C ASN S 142 53.19 -41.50 -41.43
N VAL S 143 53.26 -42.49 -40.55
CA VAL S 143 52.11 -43.31 -40.20
C VAL S 143 51.92 -43.18 -38.69
N GLU S 144 50.76 -42.69 -38.28
CA GLU S 144 50.46 -42.54 -36.87
C GLU S 144 50.24 -43.90 -36.22
N SER S 145 50.24 -43.92 -34.89
CA SER S 145 49.97 -45.13 -34.15
C SER S 145 48.48 -45.40 -33.96
N LYS S 146 47.62 -44.47 -34.35
CA LYS S 146 46.19 -44.59 -34.15
C LYS S 146 45.47 -45.27 -35.32
N VAL S 147 46.15 -45.52 -36.43
CA VAL S 147 45.51 -46.12 -37.60
C VAL S 147 45.40 -47.62 -37.40
N VAL S 148 44.20 -48.16 -37.57
CA VAL S 148 43.97 -49.58 -37.40
C VAL S 148 44.45 -50.34 -38.64
N ALA S 149 44.68 -51.64 -38.45
CA ALA S 149 45.25 -52.47 -39.52
C ALA S 149 44.43 -52.50 -40.80
N PRO S 150 43.10 -52.66 -40.77
CA PRO S 150 42.36 -52.62 -42.04
C PRO S 150 42.51 -51.33 -42.81
N ALA S 151 42.62 -50.18 -42.13
CA ALA S 151 42.84 -48.92 -42.82
C ALA S 151 44.19 -48.91 -43.54
N LEU S 152 45.24 -49.41 -42.87
CA LEU S 152 46.54 -49.53 -43.50
C LEU S 152 46.48 -50.47 -44.69
N ARG S 153 45.72 -51.57 -44.57
CA ARG S 153 45.55 -52.49 -45.68
C ARG S 153 44.88 -51.83 -46.87
N ARG S 154 43.83 -51.03 -46.62
CA ARG S 154 43.16 -50.33 -47.71
C ARG S 154 44.10 -49.33 -48.38
N ALA S 155 44.86 -48.58 -47.59
CA ALA S 155 45.80 -47.64 -48.17
C ALA S 155 46.87 -48.35 -49.00
N LEU S 156 47.37 -49.48 -48.49
CA LEU S 156 48.36 -50.25 -49.23
C LEU S 156 47.78 -50.79 -50.52
N GLU S 157 46.52 -51.23 -50.49
CA GLU S 157 45.87 -51.70 -51.71
C GLU S 157 45.74 -50.59 -52.73
N ASN S 158 45.36 -49.39 -52.28
CA ASN S 158 45.27 -48.26 -53.21
C ASN S 158 46.62 -47.92 -53.81
N ALA S 159 47.66 -47.92 -52.98
CA ALA S 159 49.01 -47.64 -53.48
C ALA S 159 49.45 -48.70 -54.49
N LEU S 160 49.17 -49.98 -54.21
CA LEU S 160 49.54 -51.04 -55.12
C LEU S 160 48.80 -50.94 -56.45
N ILE S 161 47.49 -50.67 -56.41
CA ILE S 161 46.73 -50.59 -57.65
C ILE S 161 47.13 -49.36 -58.45
N HIS S 162 47.61 -48.31 -57.78
CA HIS S 162 48.08 -47.14 -58.52
C HIS S 162 49.45 -47.39 -59.15
N ARG S 163 50.46 -47.68 -58.32
CA ARG S 163 51.81 -47.87 -58.81
C ARG S 163 51.92 -49.09 -59.73
N HIS S 164 51.23 -50.18 -59.37
CA HIS S 164 51.22 -51.42 -60.12
C HIS S 164 52.64 -51.96 -60.35
N PRO S 165 53.36 -52.35 -59.30
CA PRO S 165 54.66 -52.98 -59.51
C PRO S 165 54.51 -54.34 -60.16
N ASP S 166 55.55 -54.73 -60.93
CA ASP S 166 55.53 -56.02 -61.60
C ASP S 166 55.49 -57.17 -60.61
N VAL S 167 56.29 -57.08 -59.55
CA VAL S 167 56.34 -58.12 -58.52
C VAL S 167 56.49 -57.44 -57.17
N PHE S 168 56.14 -58.17 -56.12
CA PHE S 168 56.18 -57.67 -54.75
C PHE S 168 57.00 -58.65 -53.92
N PHE S 169 58.25 -58.28 -53.64
CA PHE S 169 59.19 -59.18 -53.00
C PHE S 169 59.05 -59.13 -51.48
N VAL S 170 58.87 -60.29 -50.87
CA VAL S 170 58.81 -60.42 -49.42
C VAL S 170 59.94 -61.37 -49.03
N ASP S 171 61.10 -60.81 -48.71
CA ASP S 171 62.25 -61.61 -48.32
C ASP S 171 62.07 -62.17 -46.92
N GLU S 172 62.82 -63.24 -46.63
CA GLU S 172 62.76 -63.92 -45.34
C GLU S 172 61.32 -64.27 -44.96
N ALA S 173 60.61 -64.87 -45.91
CA ALA S 173 59.19 -65.19 -45.71
C ALA S 173 58.99 -66.27 -44.65
N GLN S 174 60.05 -66.84 -44.10
CA GLN S 174 59.91 -67.82 -43.02
C GLN S 174 59.23 -67.22 -41.80
N HIS S 175 59.29 -65.89 -41.65
CA HIS S 175 58.75 -65.26 -40.46
C HIS S 175 57.22 -65.19 -40.47
N PHE S 176 56.60 -65.54 -41.59
CA PHE S 176 55.14 -65.59 -41.66
C PHE S 176 54.55 -66.73 -40.83
N GLY S 177 55.34 -67.73 -40.49
CA GLY S 177 54.86 -68.89 -39.76
C GLY S 177 54.80 -68.75 -38.27
N LYS S 178 55.15 -67.59 -37.72
CA LYS S 178 55.13 -67.37 -36.28
C LYS S 178 53.70 -66.98 -35.88
N VAL S 179 52.92 -67.96 -35.44
CA VAL S 179 51.54 -67.76 -35.03
C VAL S 179 51.27 -68.59 -33.79
N ALA S 180 50.07 -68.42 -33.22
CA ALA S 180 49.65 -69.15 -32.04
C ALA S 180 48.77 -70.36 -32.35
N SER S 181 47.74 -70.18 -33.16
CA SER S 181 46.86 -71.27 -33.55
C SER S 181 47.48 -72.10 -34.65
N GLY S 182 47.31 -73.42 -34.55
CA GLY S 182 47.89 -74.31 -35.55
C GLY S 182 47.32 -74.09 -36.94
N TYR S 183 46.01 -73.88 -37.02
CA TYR S 183 45.34 -73.68 -38.30
C TYR S 183 45.56 -72.26 -38.85
N LYS S 184 46.13 -71.36 -38.04
CA LYS S 184 46.23 -69.96 -38.43
C LYS S 184 47.18 -69.75 -39.61
N LEU S 185 47.96 -70.78 -39.98
CA LEU S 185 48.82 -70.69 -41.15
C LEU S 185 48.00 -70.47 -42.42
N GLN S 186 46.90 -71.23 -42.53
CA GLN S 186 45.97 -71.05 -43.66
C GLN S 186 45.42 -69.63 -43.68
N ASP S 187 45.03 -69.12 -42.51
CA ASP S 187 44.46 -67.77 -42.46
C ASP S 187 45.49 -66.73 -42.86
N GLN S 188 46.75 -66.89 -42.44
CA GLN S 188 47.80 -65.97 -42.83
C GLN S 188 48.00 -65.97 -44.34
N LEU S 189 48.08 -67.16 -44.93
CA LEU S 189 48.30 -67.25 -46.36
C LEU S 189 47.08 -66.74 -47.14
N ASP S 190 45.88 -66.94 -46.61
CA ASP S 190 44.68 -66.42 -47.26
C ASP S 190 44.63 -64.89 -47.16
N CYS S 191 45.12 -64.33 -46.06
CA CYS S 191 45.22 -62.88 -45.97
C CYS S 191 46.18 -62.34 -47.02
N LEU S 192 47.32 -63.00 -47.21
CA LEU S 192 48.24 -62.59 -48.26
C LEU S 192 47.59 -62.72 -49.64
N LYS S 193 46.86 -63.80 -49.86
CA LYS S 193 46.20 -64.01 -51.14
C LYS S 193 45.15 -62.92 -51.39
N SER S 194 44.39 -62.56 -50.37
CA SER S 194 43.39 -61.51 -50.50
C SER S 194 44.04 -60.17 -50.77
N LEU S 195 45.18 -59.89 -50.15
CA LEU S 195 45.91 -58.67 -50.48
C LEU S 195 46.37 -58.68 -51.92
N ALA S 196 46.81 -59.83 -52.42
CA ALA S 196 47.28 -59.91 -53.81
C ALA S 196 46.13 -59.79 -54.80
N ASN S 197 44.95 -60.32 -54.45
CA ASN S 197 43.87 -60.44 -55.43
C ASN S 197 43.32 -59.08 -55.85
N MET S 198 43.00 -58.22 -54.88
CA MET S 198 42.42 -56.93 -55.22
C MET S 198 43.39 -56.04 -55.98
N THR S 199 44.69 -56.25 -55.81
CA THR S 199 45.69 -55.42 -56.45
C THR S 199 46.26 -56.03 -57.72
N GLY S 200 46.06 -57.32 -57.96
CA GLY S 200 46.61 -57.96 -59.12
C GLY S 200 48.13 -57.92 -59.18
N ILE S 201 48.78 -57.99 -58.02
CA ILE S 201 50.23 -57.86 -57.92
C ILE S 201 50.80 -59.21 -57.54
N LEU S 202 51.71 -59.72 -58.36
CA LEU S 202 52.34 -61.00 -58.13
C LEU S 202 53.31 -60.89 -56.96
N HIS S 203 53.11 -61.70 -55.93
CA HIS S 203 53.99 -61.74 -54.77
C HIS S 203 54.98 -62.89 -54.91
N CYS S 204 56.23 -62.62 -54.54
CA CYS S 204 57.26 -63.64 -54.52
C CYS S 204 57.80 -63.74 -53.09
N LEU S 205 57.70 -64.94 -52.52
CA LEU S 205 58.15 -65.19 -51.15
C LEU S 205 59.46 -65.97 -51.18
N LEU S 206 60.48 -65.41 -50.54
CA LEU S 206 61.79 -66.04 -50.45
C LEU S 206 62.01 -66.50 -49.01
N GLY S 207 62.46 -67.74 -48.87
CA GLY S 207 62.68 -68.28 -47.53
C GLY S 207 63.43 -69.58 -47.59
N THR S 208 63.79 -70.06 -46.41
CA THR S 208 64.52 -71.32 -46.29
C THR S 208 63.56 -72.49 -46.53
N TYR S 209 64.08 -73.70 -46.32
CA TYR S 209 63.27 -74.90 -46.54
C TYR S 209 62.13 -75.02 -45.54
N GLU S 210 62.13 -74.21 -44.48
CA GLU S 210 61.00 -74.19 -43.56
C GLU S 210 59.74 -73.69 -44.27
N LEU S 211 59.90 -72.85 -45.29
CA LEU S 211 58.77 -72.28 -46.02
C LEU S 211 57.89 -73.35 -46.66
N LEU S 212 58.29 -74.61 -46.64
CA LEU S 212 57.45 -75.69 -47.17
C LEU S 212 56.20 -75.90 -46.31
N THR S 213 56.15 -75.30 -45.11
CA THR S 213 54.93 -75.33 -44.33
C THR S 213 53.79 -74.58 -44.99
N PHE S 214 54.08 -73.70 -45.95
CA PHE S 214 53.08 -72.97 -46.70
C PHE S 214 52.85 -73.55 -48.09
N ARG S 215 53.41 -74.72 -48.37
CA ARG S 215 53.50 -75.20 -49.75
C ARG S 215 52.11 -75.45 -50.35
N ASN S 216 51.41 -76.47 -49.87
CA ASN S 216 50.14 -76.90 -50.46
C ASN S 216 49.11 -77.09 -49.35
N LEU S 217 48.99 -76.09 -48.48
CA LEU S 217 48.07 -76.18 -47.35
C LEU S 217 46.63 -75.90 -47.75
N SER S 218 46.39 -75.49 -48.99
CA SER S 218 45.04 -75.30 -49.51
C SER S 218 45.07 -75.41 -51.02
N GLY S 219 44.05 -76.04 -51.59
CA GLY S 219 44.00 -76.20 -53.04
C GLY S 219 43.85 -74.88 -53.77
N GLN S 220 43.01 -73.99 -53.25
CA GLN S 220 42.88 -72.67 -53.83
C GLN S 220 44.20 -71.91 -53.81
N LEU S 221 44.91 -72.00 -52.68
CA LEU S 221 46.25 -71.42 -52.60
C LEU S 221 47.24 -72.22 -53.44
N SER S 222 47.00 -73.51 -53.63
CA SER S 222 47.89 -74.31 -54.45
C SER S 222 47.80 -73.94 -55.91
N ARG S 223 46.65 -73.43 -56.35
CA ARG S 223 46.49 -73.08 -57.76
C ARG S 223 47.29 -71.84 -58.14
N ARG S 224 47.33 -70.84 -57.26
CA ARG S 224 47.92 -69.54 -57.58
C ARG S 224 49.32 -69.39 -57.00
N SER S 225 50.04 -70.49 -56.84
CA SER S 225 51.41 -70.48 -56.34
C SER S 225 52.32 -71.25 -57.28
N VAL S 226 53.54 -70.75 -57.44
CA VAL S 226 54.56 -71.40 -58.27
C VAL S 226 55.73 -71.75 -57.37
N ASP S 227 56.14 -73.02 -57.42
CA ASP S 227 57.20 -73.55 -56.55
C ASP S 227 58.51 -73.56 -57.34
N ILE S 228 59.41 -72.66 -56.99
CA ILE S 228 60.76 -72.65 -57.54
C ILE S 228 61.72 -73.15 -56.47
N HIS S 229 62.49 -74.18 -56.81
CA HIS S 229 63.41 -74.81 -55.86
C HIS S 229 64.83 -74.35 -56.19
N PHE S 230 65.46 -73.66 -55.24
CA PHE S 230 66.85 -73.22 -55.38
C PHE S 230 67.75 -74.32 -54.81
N ARG S 231 67.85 -75.40 -55.57
CA ARG S 231 68.55 -76.59 -55.10
C ARG S 231 70.04 -76.31 -54.94
N ARG S 232 70.63 -76.94 -53.93
CA ARG S 232 72.06 -76.93 -53.74
C ARG S 232 72.72 -77.95 -54.67
N TYR S 233 74.03 -78.12 -54.50
CA TYR S 233 74.78 -79.10 -55.28
C TYR S 233 74.93 -80.38 -54.49
N CYS S 234 74.46 -81.49 -55.06
CA CYS S 234 74.53 -82.77 -54.39
C CYS S 234 75.89 -83.41 -54.60
N ALA S 235 76.10 -84.56 -53.95
CA ALA S 235 77.33 -85.32 -54.10
C ALA S 235 77.11 -86.69 -54.74
N ASP S 236 75.91 -87.25 -54.62
CA ASP S 236 75.61 -88.53 -55.27
C ASP S 236 75.66 -88.38 -56.78
N SER S 237 75.14 -87.27 -57.30
CA SER S 237 75.16 -87.03 -58.74
C SER S 237 76.53 -86.50 -59.15
N PRO S 238 77.24 -87.17 -60.05
CA PRO S 238 78.55 -86.66 -60.48
C PRO S 238 78.48 -85.30 -61.17
N GLU S 239 77.35 -84.96 -61.79
CA GLU S 239 77.22 -83.68 -62.47
C GLU S 239 77.32 -82.52 -61.50
N ASP S 240 76.64 -82.61 -60.36
CA ASP S 240 76.73 -81.55 -59.36
C ASP S 240 78.13 -81.48 -58.77
N VAL S 241 78.79 -82.62 -58.60
CA VAL S 241 80.15 -82.65 -58.10
C VAL S 241 81.07 -81.91 -59.05
N GLN S 242 80.94 -82.17 -60.35
CA GLN S 242 81.77 -81.51 -61.34
C GLN S 242 81.47 -80.02 -61.40
N ALA S 243 80.19 -79.65 -61.27
CA ALA S 243 79.83 -78.23 -61.26
C ALA S 243 80.45 -77.51 -60.07
N PHE S 244 80.39 -78.13 -58.89
CA PHE S 244 81.00 -77.53 -57.71
C PHE S 244 82.51 -77.42 -57.85
N LYS S 245 83.14 -78.44 -58.44
CA LYS S 245 84.57 -78.37 -58.74
C LYS S 245 84.88 -77.19 -59.66
N SER S 246 84.08 -77.02 -60.70
CA SER S 246 84.31 -75.92 -61.65
C SER S 246 84.14 -74.57 -60.97
N VAL S 247 83.13 -74.44 -60.11
CA VAL S 247 82.91 -73.17 -59.41
C VAL S 247 84.06 -72.88 -58.45
N LEU S 248 84.56 -73.93 -57.79
CA LEU S 248 85.73 -73.76 -56.92
C LEU S 248 86.94 -73.31 -57.74
N LEU S 249 87.11 -73.88 -58.93
CA LEU S 249 88.19 -73.47 -59.81
C LEU S 249 88.06 -72.00 -60.20
N THR S 250 86.83 -71.57 -60.53
CA THR S 250 86.61 -70.18 -60.88
C THR S 250 86.90 -69.26 -59.70
N PHE S 251 86.50 -69.65 -58.49
CA PHE S 251 86.76 -68.83 -57.32
C PHE S 251 88.26 -68.72 -57.04
N GLN S 252 88.98 -69.84 -57.06
CA GLN S 252 90.41 -69.79 -56.81
C GLN S 252 91.16 -69.09 -57.94
N GLN S 253 90.56 -69.04 -59.13
CA GLN S 253 91.20 -68.38 -60.26
C GLN S 253 91.16 -66.86 -60.08
N HIS S 254 90.13 -66.35 -59.41
CA HIS S 254 89.91 -64.92 -59.30
C HIS S 254 90.27 -64.36 -57.92
N LEU S 255 90.92 -65.15 -57.07
CA LEU S 255 91.30 -64.68 -55.75
C LEU S 255 92.46 -63.71 -55.87
N PRO S 256 92.34 -62.48 -55.38
CA PRO S 256 93.42 -61.50 -55.56
C PRO S 256 94.63 -61.77 -54.67
N LEU S 257 95.42 -62.79 -55.03
CA LEU S 257 96.61 -63.15 -54.28
C LEU S 257 97.80 -63.27 -55.24
N ALA S 258 99.00 -63.12 -54.69
CA ALA S 258 100.21 -63.22 -55.51
C ALA S 258 100.37 -64.61 -56.10
N GLU S 259 100.10 -65.64 -55.30
CA GLU S 259 100.16 -67.02 -55.75
C GLU S 259 98.75 -67.60 -55.77
N THR S 260 98.35 -68.12 -56.91
CA THR S 260 97.01 -68.71 -57.03
C THR S 260 96.98 -70.04 -56.30
N PRO S 261 96.15 -70.19 -55.28
CA PRO S 261 96.11 -71.46 -54.54
C PRO S 261 95.40 -72.55 -55.32
N ASN S 262 95.67 -73.79 -54.92
CA ASN S 262 95.01 -74.96 -55.51
C ASN S 262 93.93 -75.38 -54.52
N LEU S 263 92.69 -75.41 -54.99
CA LEU S 263 91.54 -75.73 -54.14
C LEU S 263 90.77 -76.96 -54.57
N VAL S 264 90.94 -77.43 -55.82
CA VAL S 264 90.14 -78.54 -56.30
C VAL S 264 90.55 -79.85 -55.62
N ASP S 265 91.74 -79.90 -55.02
CA ASP S 265 92.16 -81.12 -54.35
C ASP S 265 91.27 -81.43 -53.15
N HIS S 266 91.08 -80.45 -52.27
CA HIS S 266 90.18 -80.62 -51.13
C HIS S 266 88.77 -80.12 -51.45
N TRP S 267 88.25 -80.59 -52.59
CA TRP S 267 86.84 -80.37 -52.88
C TRP S 267 85.96 -81.07 -51.85
N GLU S 268 86.41 -82.23 -51.35
CA GLU S 268 85.68 -82.92 -50.30
C GLU S 268 85.62 -82.07 -49.03
N TYR S 269 86.74 -81.44 -48.68
CA TYR S 269 86.76 -80.55 -47.52
C TYR S 269 85.83 -79.35 -47.72
N PHE S 270 85.89 -78.74 -48.91
CA PHE S 270 85.05 -77.57 -49.16
C PHE S 270 83.57 -77.94 -49.15
N TYR S 271 83.20 -79.08 -49.72
CA TYR S 271 81.84 -79.57 -49.65
C TYR S 271 81.42 -79.91 -48.22
N GLU S 272 82.37 -80.37 -47.40
CA GLU S 272 82.05 -80.78 -46.03
C GLU S 272 81.54 -79.62 -45.20
N ARG S 273 82.17 -78.45 -45.33
CA ARG S 273 81.83 -77.29 -44.52
C ARG S 273 80.89 -76.31 -45.23
N THR S 274 80.44 -76.64 -46.44
CA THR S 274 79.50 -75.79 -47.17
C THR S 274 78.28 -76.52 -47.68
N LEU S 275 78.27 -77.86 -47.71
CA LEU S 275 77.16 -78.67 -48.20
C LEU S 275 76.77 -78.32 -49.63
N GLY S 276 77.70 -77.75 -50.40
CA GLY S 276 77.42 -77.32 -51.74
C GLY S 276 76.80 -75.94 -51.86
N CYS S 277 76.50 -75.29 -50.74
CA CYS S 277 75.96 -73.94 -50.78
C CYS S 277 77.00 -72.98 -51.35
N ILE S 278 76.52 -72.03 -52.15
CA ILE S 278 77.43 -71.12 -52.85
C ILE S 278 77.71 -69.86 -52.03
N GLY S 279 76.68 -69.30 -51.40
CA GLY S 279 76.90 -68.13 -50.56
C GLY S 279 77.79 -68.43 -49.36
N THR S 280 77.59 -69.59 -48.74
CA THR S 280 78.43 -69.98 -47.61
C THR S 280 79.88 -70.14 -48.04
N LEU S 281 80.11 -70.76 -49.20
CA LEU S 281 81.47 -70.91 -49.71
C LEU S 281 82.08 -69.56 -50.02
N LYS S 282 81.30 -68.65 -50.61
CA LYS S 282 81.81 -67.32 -50.92
C LYS S 282 82.19 -66.57 -49.65
N ASP S 283 81.36 -66.67 -48.61
CA ASP S 283 81.68 -66.03 -47.34
C ASP S 283 82.90 -66.65 -46.69
N TRP S 284 83.03 -67.97 -46.75
CA TRP S 284 84.20 -68.65 -46.23
C TRP S 284 85.47 -68.15 -46.92
N LEU S 285 85.43 -68.06 -48.25
CA LEU S 285 86.58 -67.59 -48.99
C LEU S 285 86.85 -66.12 -48.71
N LYS S 286 85.81 -65.32 -48.50
CA LYS S 286 86.02 -63.91 -48.14
C LYS S 286 86.74 -63.78 -46.81
N ARG S 287 86.31 -64.55 -45.81
CA ARG S 287 86.99 -64.50 -44.51
C ARG S 287 88.42 -65.01 -44.61
N VAL S 288 88.63 -66.08 -45.37
CA VAL S 288 89.97 -66.62 -45.54
C VAL S 288 90.88 -65.61 -46.23
N LEU S 289 90.35 -64.94 -47.26
CA LEU S 289 91.12 -63.90 -47.95
C LEU S 289 91.45 -62.76 -47.01
N SER S 290 90.49 -62.34 -46.18
CA SER S 290 90.77 -61.27 -45.22
C SER S 290 91.87 -61.68 -44.24
N ASP S 291 91.82 -62.92 -43.75
CA ASP S 291 92.86 -63.39 -42.84
C ASP S 291 94.21 -63.42 -43.52
N ALA S 292 94.29 -64.01 -44.71
CA ALA S 292 95.56 -64.15 -45.40
C ALA S 292 96.10 -62.79 -45.84
N LEU S 293 95.21 -61.81 -46.00
CA LEU S 293 95.62 -60.48 -46.43
C LEU S 293 95.99 -59.60 -45.25
N ASP S 294 95.53 -59.92 -44.05
CA ASP S 294 96.02 -59.22 -42.86
C ASP S 294 97.47 -59.59 -42.57
N ARG S 295 97.82 -60.86 -42.72
CA ARG S 295 99.20 -61.31 -42.58
C ARG S 295 100.03 -61.07 -43.83
N GLU S 296 99.42 -60.58 -44.91
CA GLU S 296 100.09 -60.29 -46.17
C GLU S 296 100.71 -61.53 -46.81
N ALA S 297 100.18 -62.72 -46.49
CA ALA S 297 100.68 -63.94 -47.08
C ALA S 297 100.30 -64.01 -48.56
N THR S 298 101.23 -64.48 -49.40
CA THR S 298 100.96 -64.50 -50.83
C THR S 298 100.07 -65.65 -51.25
N THR S 299 99.48 -66.35 -50.28
CA THR S 299 98.63 -67.49 -50.59
C THR S 299 97.70 -67.86 -49.45
N ILE S 300 96.87 -68.87 -49.71
CA ILE S 300 96.00 -69.46 -48.70
C ILE S 300 96.53 -70.81 -48.28
N THR S 301 96.51 -71.08 -46.99
CA THR S 301 96.93 -72.37 -46.47
C THR S 301 95.71 -73.14 -45.99
N LEU S 302 95.81 -74.47 -45.97
CA LEU S 302 94.71 -75.28 -45.50
C LEU S 302 94.30 -74.81 -44.12
N LYS S 303 95.23 -74.81 -43.17
CA LYS S 303 94.86 -74.43 -41.80
C LYS S 303 94.12 -73.09 -41.78
N ASP S 304 94.34 -72.24 -42.78
CA ASP S 304 93.58 -71.00 -42.88
C ASP S 304 92.10 -71.30 -43.12
N LEU S 305 91.82 -72.28 -43.98
CA LEU S 305 90.44 -72.72 -44.16
C LEU S 305 89.86 -73.28 -42.88
N GLN S 306 90.67 -74.03 -42.12
CA GLN S 306 90.22 -74.57 -40.84
C GLN S 306 89.93 -73.48 -39.82
N LYS S 307 90.50 -72.29 -40.00
CA LYS S 307 90.31 -71.20 -39.04
C LYS S 307 88.90 -70.63 -39.11
N ARG S 308 88.40 -70.38 -40.32
CA ARG S 308 87.09 -69.76 -40.51
C ARG S 308 86.04 -70.74 -40.99
N ALA S 309 86.34 -72.03 -41.02
CA ALA S 309 85.33 -73.02 -41.36
C ALA S 309 84.29 -73.10 -40.26
N LEU S 310 83.04 -73.33 -40.66
CA LEU S 310 81.96 -73.45 -39.69
C LEU S 310 82.16 -74.71 -38.85
N SER S 311 81.56 -74.70 -37.67
CA SER S 311 81.68 -75.83 -36.77
C SER S 311 81.01 -77.06 -37.35
N VAL S 312 81.53 -78.24 -37.00
CA VAL S 312 80.96 -79.49 -37.48
C VAL S 312 79.52 -79.62 -37.01
N ALA S 313 79.24 -79.17 -35.78
CA ALA S 313 77.87 -79.21 -35.27
C ALA S 313 76.94 -78.33 -36.11
N GLN S 314 77.42 -77.17 -36.53
CA GLN S 314 76.61 -76.28 -37.37
C GLN S 314 76.29 -76.95 -38.70
N CYS S 315 77.31 -77.51 -39.35
CA CYS S 315 77.09 -78.15 -40.65
C CYS S 315 76.33 -79.46 -40.52
N GLN S 316 76.49 -80.16 -39.39
CA GLN S 316 75.75 -81.41 -39.19
C GLN S 316 74.25 -81.17 -39.17
N LYS S 317 73.81 -80.11 -38.49
CA LYS S 317 72.37 -79.86 -38.37
C LYS S 317 71.81 -79.27 -39.66
N MET S 318 72.58 -78.44 -40.35
CA MET S 318 72.13 -77.87 -41.62
C MET S 318 71.74 -78.97 -42.60
N PHE S 319 72.51 -80.06 -42.62
CA PHE S 319 72.15 -81.18 -43.47
C PHE S 319 70.85 -81.84 -43.00
N LYS S 320 70.63 -81.87 -41.67
CA LYS S 320 69.43 -82.50 -41.14
C LYS S 320 68.17 -81.78 -41.62
N GLU S 321 68.17 -80.45 -41.60
CA GLU S 321 67.01 -79.71 -42.07
C GLU S 321 66.94 -79.66 -43.58
N ILE S 322 68.09 -79.71 -44.26
CA ILE S 322 68.09 -79.76 -45.72
C ILE S 322 67.58 -81.12 -46.22
N GLN S 323 68.05 -82.21 -45.59
CA GLN S 323 67.68 -83.54 -46.04
C GLN S 323 66.17 -83.76 -45.93
N GLU S 324 65.57 -83.32 -44.83
CA GLU S 324 64.13 -83.45 -44.67
C GLU S 324 63.40 -82.44 -45.55
N GLY S 325 64.03 -81.29 -45.81
CA GLY S 325 63.41 -80.32 -46.70
C GLY S 325 63.35 -80.81 -48.13
N GLU S 326 64.42 -81.42 -48.62
CA GLU S 326 64.42 -81.97 -49.98
C GLU S 326 63.45 -83.14 -50.10
N ARG S 327 63.29 -83.90 -49.01
CA ARG S 327 62.36 -85.04 -49.04
C ARG S 327 60.94 -84.59 -49.30
N GLN S 328 60.52 -83.47 -48.70
CA GLN S 328 59.19 -82.93 -48.96
C GLN S 328 59.09 -82.43 -50.40
N LEU S 329 60.20 -81.98 -50.97
CA LEU S 329 60.23 -81.45 -52.33
C LEU S 329 60.53 -82.51 -53.38
N SER S 330 60.65 -83.77 -52.98
CA SER S 330 61.02 -84.84 -53.88
C SER S 330 59.81 -85.26 -54.69
N GLU S 331 59.95 -85.25 -56.01
CA GLU S 331 58.90 -85.68 -56.92
C GLU S 331 59.37 -86.91 -57.66
N THR S 332 58.62 -88.01 -57.55
CA THR S 332 58.99 -89.28 -58.14
C THR S 332 57.89 -89.74 -59.11
N GLU S 333 58.24 -90.71 -59.94
CA GLU S 333 57.27 -91.30 -60.87
C GLU S 333 56.14 -92.00 -60.13
N ALA S 334 56.36 -92.45 -58.90
CA ALA S 334 55.30 -93.10 -58.14
C ALA S 334 54.15 -92.13 -57.88
N ASP S 335 54.46 -90.88 -57.53
CA ASP S 335 53.41 -89.89 -57.27
C ASP S 335 52.56 -89.65 -58.51
N VAL S 336 53.19 -89.65 -59.69
CA VAL S 336 52.43 -89.46 -60.93
C VAL S 336 51.44 -90.61 -61.12
N GLN S 337 51.87 -91.84 -60.85
CA GLN S 337 50.99 -92.99 -61.04
C GLN S 337 49.80 -92.94 -60.08
N ASN S 338 50.04 -92.55 -58.82
CA ASN S 338 48.92 -92.38 -57.88
C ASN S 338 47.98 -91.30 -58.34
N LEU S 339 48.50 -90.23 -58.95
CA LEU S 339 47.65 -89.19 -59.50
C LEU S 339 46.77 -89.75 -60.62
N ARG S 340 47.35 -90.55 -61.51
CA ARG S 340 46.57 -91.17 -62.58
C ARG S 340 45.52 -92.11 -62.02
N SER S 341 45.90 -92.93 -61.04
CA SER S 341 44.94 -93.86 -60.45
C SER S 341 43.81 -93.13 -59.75
N ALA S 342 44.13 -92.07 -59.00
CA ALA S 342 43.10 -91.29 -58.35
C ALA S 342 42.21 -90.59 -59.37
N LEU S 343 42.81 -90.04 -60.42
CA LEU S 343 42.06 -89.32 -61.44
C LEU S 343 41.28 -90.24 -62.36
N GLY S 344 41.51 -91.56 -62.29
CA GLY S 344 40.87 -92.48 -63.20
C GLY S 344 41.49 -92.53 -64.58
N LEU S 345 42.64 -91.90 -64.78
CA LEU S 345 43.30 -91.87 -66.08
C LEU S 345 44.19 -93.09 -66.33
N GLY S 346 44.28 -94.00 -65.37
CA GLY S 346 45.13 -95.17 -65.55
C GLY S 346 44.60 -96.07 -66.66
N SER T 4 112.00 -54.32 -14.40
CA SER T 4 111.55 -55.43 -13.57
C SER T 4 110.33 -56.11 -14.19
N THR T 5 110.08 -57.35 -13.78
CA THR T 5 108.96 -58.13 -14.27
C THR T 5 107.77 -58.11 -13.33
N GLY T 6 107.80 -57.28 -12.29
CA GLY T 6 106.72 -57.24 -11.34
C GLY T 6 106.22 -55.83 -11.04
N PHE T 7 105.60 -55.66 -9.88
CA PHE T 7 105.08 -54.36 -9.49
C PHE T 7 106.22 -53.37 -9.25
N PRO T 8 105.99 -52.09 -9.51
CA PRO T 8 107.02 -51.08 -9.18
C PRO T 8 107.28 -51.05 -7.68
N LEU T 9 108.56 -50.92 -7.32
CA LEU T 9 108.94 -50.96 -5.92
C LEU T 9 108.62 -49.65 -5.20
N GLU T 10 108.36 -48.58 -5.95
CA GLU T 10 108.06 -47.29 -5.34
C GLU T 10 106.70 -47.31 -4.63
N LEU T 11 105.80 -48.22 -5.02
CA LEU T 11 104.45 -48.21 -4.48
C LEU T 11 104.41 -48.56 -2.99
N LEU T 12 105.48 -49.14 -2.44
CA LEU T 12 105.50 -49.46 -1.02
C LEU T 12 105.36 -48.23 -0.13
N THR T 13 106.00 -47.12 -0.52
CA THR T 13 105.90 -45.89 0.27
C THR T 13 104.50 -45.30 0.24
N ARG T 14 103.77 -45.48 -0.86
CA ARG T 14 102.43 -44.94 -0.99
C ARG T 14 101.46 -45.68 -0.06
N PRO T 15 100.40 -45.01 0.39
CA PRO T 15 99.38 -45.69 1.20
C PRO T 15 98.67 -46.81 0.46
N ALA T 16 97.79 -47.51 1.17
CA ALA T 16 97.22 -48.75 0.65
C ALA T 16 96.28 -48.52 -0.53
N THR T 17 95.66 -47.34 -0.62
CA THR T 17 94.66 -47.10 -1.65
C THR T 17 95.27 -47.18 -3.04
N GLU T 18 96.44 -46.57 -3.22
CA GLU T 18 97.09 -46.61 -4.53
C GLU T 18 97.54 -48.02 -4.90
N ARG T 19 98.01 -48.79 -3.91
CA ARG T 19 98.39 -50.17 -4.17
C ARG T 19 97.17 -50.99 -4.60
N LEU T 20 96.04 -50.81 -3.90
CA LEU T 20 94.82 -51.50 -4.28
C LEU T 20 94.39 -51.13 -5.69
N ALA T 21 94.43 -49.83 -6.01
CA ALA T 21 94.05 -49.39 -7.35
C ALA T 21 94.98 -49.97 -8.40
N TYR T 22 96.29 -49.96 -8.15
CA TYR T 22 97.24 -50.48 -9.12
C TYR T 22 97.00 -51.96 -9.39
N PHE T 23 96.76 -52.74 -8.33
CA PHE T 23 96.47 -54.15 -8.55
C PHE T 23 95.14 -54.35 -9.26
N GLU T 24 94.17 -53.46 -9.01
CA GLU T 24 92.88 -53.59 -9.67
C GLU T 24 92.98 -53.34 -11.16
N ASN T 25 93.65 -52.25 -11.56
CA ASN T 25 93.75 -51.92 -12.97
C ASN T 25 94.75 -52.78 -13.72
N TYR T 26 95.64 -53.49 -13.02
CA TYR T 26 96.59 -54.35 -13.70
C TYR T 26 95.87 -55.52 -14.36
N THR T 27 96.22 -55.80 -15.61
CA THR T 27 95.66 -56.91 -16.37
C THR T 27 96.78 -57.78 -16.90
N VAL T 28 96.55 -59.08 -16.87
CA VAL T 28 97.54 -60.05 -17.33
C VAL T 28 97.12 -60.59 -18.69
N ALA T 29 98.11 -61.04 -19.46
CA ALA T 29 97.88 -61.63 -20.77
C ALA T 29 98.22 -63.11 -20.70
N HIS T 30 97.26 -63.95 -21.04
CA HIS T 30 97.43 -65.39 -21.03
C HIS T 30 96.97 -65.98 -22.36
N PRO T 31 97.51 -67.14 -22.74
CA PRO T 31 97.28 -67.63 -24.12
C PRO T 31 95.83 -67.73 -24.53
N ARG T 32 94.94 -68.20 -23.64
CA ARG T 32 93.54 -68.33 -24.03
C ARG T 32 92.90 -66.97 -24.29
N LEU T 33 93.17 -65.98 -23.43
CA LEU T 33 92.61 -64.64 -23.64
C LEU T 33 93.12 -64.04 -24.93
N LYS T 34 94.42 -64.16 -25.20
CA LYS T 34 94.98 -63.61 -26.43
C LYS T 34 94.40 -64.28 -27.66
N GLU T 35 94.27 -65.61 -27.63
CA GLU T 35 93.70 -66.34 -28.76
C GLU T 35 92.26 -65.93 -29.01
N VAL T 36 91.46 -65.85 -27.94
CA VAL T 36 90.05 -65.49 -28.11
C VAL T 36 89.92 -64.05 -28.59
N TYR T 37 90.77 -63.15 -28.08
CA TYR T 37 90.75 -61.76 -28.54
C TYR T 37 91.11 -61.66 -30.02
N GLU T 38 92.12 -62.40 -30.45
CA GLU T 38 92.49 -62.38 -31.86
C GLU T 38 91.36 -62.92 -32.73
N ILE T 39 90.73 -64.02 -32.30
CA ILE T 39 89.62 -64.59 -33.08
C ILE T 39 88.47 -63.61 -33.17
N LEU T 40 88.12 -62.97 -32.04
CA LEU T 40 87.02 -62.02 -32.04
C LEU T 40 87.32 -60.82 -32.92
N MET T 41 88.56 -60.31 -32.86
CA MET T 41 88.92 -59.17 -33.72
C MET T 41 88.89 -59.55 -35.19
N ARG T 42 89.37 -60.75 -35.53
CA ARG T 42 89.32 -61.20 -36.91
C ARG T 42 87.88 -61.34 -37.40
N THR T 43 87.00 -61.88 -36.54
CA THR T 43 85.60 -62.02 -36.93
C THR T 43 84.93 -60.66 -37.09
N ILE T 44 85.23 -59.72 -36.21
CA ILE T 44 84.60 -58.40 -36.25
C ILE T 44 85.08 -57.63 -37.48
N ALA T 45 86.37 -57.76 -37.82
CA ALA T 45 86.91 -57.01 -38.96
C ALA T 45 86.24 -57.40 -40.26
N GLU T 46 86.02 -58.71 -40.47
CA GLU T 46 85.39 -59.22 -41.69
C GLU T 46 84.30 -60.21 -41.30
N PRO T 47 83.12 -59.73 -40.90
CA PRO T 47 82.03 -60.65 -40.58
C PRO T 47 81.62 -61.53 -41.76
N ALA T 48 81.63 -60.98 -42.97
CA ALA T 48 81.32 -61.71 -44.20
C ALA T 48 79.98 -62.44 -44.10
N GLY T 49 78.92 -61.64 -43.98
CA GLY T 49 77.58 -62.20 -43.96
C GLY T 49 77.22 -62.95 -42.70
N ALA T 50 77.93 -62.69 -41.60
CA ALA T 50 77.63 -63.30 -40.31
C ALA T 50 77.10 -62.23 -39.38
N SER T 51 75.96 -62.51 -38.75
CA SER T 51 75.30 -61.54 -37.90
C SER T 51 75.44 -61.82 -36.41
N PHE T 52 75.93 -62.99 -36.03
CA PHE T 52 76.04 -63.36 -34.62
C PHE T 52 77.44 -63.89 -34.32
N ILE T 53 77.96 -63.49 -33.16
CA ILE T 53 79.17 -64.08 -32.59
C ILE T 53 78.81 -64.51 -31.17
N PHE T 54 78.65 -65.81 -30.97
CA PHE T 54 78.30 -66.35 -29.66
C PHE T 54 79.60 -66.62 -28.91
N VAL T 55 79.90 -65.79 -27.92
CA VAL T 55 81.13 -65.92 -27.13
C VAL T 55 80.74 -66.66 -25.85
N TYR T 56 80.87 -67.98 -25.89
CA TYR T 56 80.62 -68.77 -24.70
C TYR T 56 81.81 -68.71 -23.75
N GLY T 57 81.57 -69.12 -22.51
CA GLY T 57 82.60 -69.12 -21.49
C GLY T 57 82.05 -69.21 -20.10
N ALA T 58 82.78 -69.85 -19.19
CA ALA T 58 82.33 -69.99 -17.82
C ALA T 58 82.28 -68.64 -17.13
N SER T 59 81.64 -68.61 -15.97
CA SER T 59 81.64 -67.38 -15.20
C SER T 59 83.04 -67.34 -14.66
N GLY T 60 83.96 -66.78 -15.44
CA GLY T 60 85.35 -66.75 -15.06
C GLY T 60 86.18 -67.04 -16.26
N VAL T 61 86.46 -66.02 -17.07
CA VAL T 61 87.30 -66.19 -18.25
C VAL T 61 87.72 -64.82 -18.64
N GLY T 62 86.89 -63.85 -18.31
CA GLY T 62 87.20 -62.48 -18.66
C GLY T 62 86.28 -61.99 -19.77
N LYS T 63 85.13 -62.61 -19.94
CA LYS T 63 84.29 -62.20 -21.06
C LYS T 63 84.05 -60.70 -21.05
N THR T 64 83.74 -60.13 -19.88
CA THR T 64 83.49 -58.70 -19.80
C THR T 64 84.77 -57.91 -20.04
N THR T 65 85.89 -58.37 -19.49
CA THR T 65 87.17 -57.70 -19.75
C THR T 65 87.56 -57.81 -21.22
N LEU T 66 87.31 -58.96 -21.83
CA LEU T 66 87.55 -59.10 -23.26
C LEU T 66 86.70 -58.13 -24.05
N ARG T 67 85.42 -58.00 -23.69
CA ARG T 67 84.55 -57.05 -24.39
C ARG T 67 85.06 -55.62 -24.23
N LEU T 68 85.48 -55.25 -23.02
CA LEU T 68 85.98 -53.89 -22.80
C LEU T 68 87.26 -53.64 -23.59
N ARG T 69 88.17 -54.62 -23.62
CA ARG T 69 89.41 -54.47 -24.37
C ARG T 69 89.13 -54.32 -25.86
N VAL T 70 88.22 -55.15 -26.39
CA VAL T 70 87.87 -55.06 -27.81
C VAL T 70 87.23 -53.71 -28.10
N GLU T 71 86.36 -53.24 -27.21
CA GLU T 71 85.71 -51.95 -27.39
C GLU T 71 86.73 -50.82 -27.43
N GLN T 72 87.67 -50.82 -26.49
CA GLN T 72 88.69 -49.78 -26.46
C GLN T 72 89.57 -49.82 -27.69
N LYS T 73 90.00 -51.02 -28.10
CA LYS T 73 90.86 -51.13 -29.26
C LYS T 73 90.14 -50.71 -30.54
N LEU T 74 88.86 -51.08 -30.67
CA LEU T 74 88.09 -50.64 -31.83
C LEU T 74 87.90 -49.13 -31.85
N THR T 75 87.63 -48.52 -30.69
CA THR T 75 87.51 -47.07 -30.64
C THR T 75 88.82 -46.39 -31.05
N GLU T 76 89.95 -46.89 -30.54
CA GLU T 76 91.24 -46.34 -30.92
C GLU T 76 91.51 -46.52 -32.40
N LEU T 77 91.17 -47.68 -32.96
CA LEU T 77 91.40 -47.93 -34.39
C LEU T 77 90.54 -47.02 -35.24
N ALA T 78 89.29 -46.78 -34.85
CA ALA T 78 88.38 -45.96 -35.62
C ALA T 78 88.60 -44.47 -35.40
N LEU T 79 89.34 -44.08 -34.38
CA LEU T 79 89.60 -42.66 -34.12
C LEU T 79 90.21 -41.92 -35.30
N PRO T 80 91.29 -42.40 -35.96
CA PRO T 80 91.84 -41.63 -37.09
C PRO T 80 90.84 -41.40 -38.21
N LYS T 81 90.00 -42.39 -38.52
CA LYS T 81 88.92 -42.20 -39.48
C LYS T 81 87.75 -41.41 -38.90
N LEU T 82 87.53 -41.49 -37.59
CA LEU T 82 86.49 -40.67 -36.97
C LEU T 82 86.84 -39.19 -37.01
N GLU T 83 88.13 -38.86 -37.12
CA GLU T 83 88.51 -37.46 -37.27
C GLU T 83 87.93 -36.86 -38.56
N SER T 84 87.93 -37.64 -39.64
CA SER T 84 87.43 -37.15 -40.92
C SER T 84 85.93 -37.36 -41.05
N ASP T 85 85.47 -38.59 -40.84
CA ASP T 85 84.05 -38.94 -40.98
C ASP T 85 83.37 -38.87 -39.62
N ARG T 86 82.21 -38.22 -39.59
CA ARG T 86 81.44 -38.04 -38.36
C ARG T 86 80.14 -38.84 -38.46
N ALA T 87 79.30 -38.69 -37.43
CA ALA T 87 78.04 -39.43 -37.31
C ALA T 87 78.27 -40.93 -37.30
N ARG T 88 79.45 -41.36 -36.83
CA ARG T 88 79.82 -42.77 -36.81
C ARG T 88 80.28 -43.13 -35.41
N VAL T 89 79.65 -44.15 -34.83
CA VAL T 89 80.07 -44.72 -33.55
C VAL T 89 80.87 -45.99 -33.84
N PRO T 90 82.08 -46.14 -33.29
CA PRO T 90 82.88 -47.32 -33.58
C PRO T 90 82.24 -48.61 -33.09
N VAL T 91 81.71 -48.59 -31.86
CA VAL T 91 81.19 -49.79 -31.22
C VAL T 91 80.25 -49.36 -30.10
N VAL T 92 79.12 -50.06 -30.01
CA VAL T 92 78.11 -49.79 -28.99
C VAL T 92 77.90 -51.07 -28.18
N GLY T 93 77.96 -50.94 -26.86
CA GLY T 93 77.80 -52.09 -25.99
C GLY T 93 76.71 -51.90 -24.95
N ILE T 94 75.80 -52.86 -24.86
CA ILE T 94 74.70 -52.83 -23.90
C ILE T 94 74.64 -54.19 -23.22
N GLU T 95 74.14 -54.20 -21.99
CA GLU T 95 74.00 -55.42 -21.21
C GLU T 95 72.53 -55.82 -21.14
N ALA T 96 72.24 -57.07 -21.44
CA ALA T 96 70.87 -57.57 -21.37
C ALA T 96 70.37 -57.57 -19.92
N ILE T 97 69.07 -57.36 -19.77
CA ILE T 97 68.43 -57.22 -18.47
C ILE T 97 67.57 -58.45 -18.20
N ALA T 98 67.79 -59.08 -17.05
CA ALA T 98 66.88 -60.14 -16.62
C ALA T 98 65.53 -59.54 -16.27
N PRO T 99 64.44 -60.03 -16.86
CA PRO T 99 63.14 -59.39 -16.66
C PRO T 99 62.55 -59.67 -15.29
N GLU T 100 61.70 -58.73 -14.86
CA GLU T 100 60.94 -58.94 -13.63
C GLU T 100 59.85 -59.98 -13.82
N SER T 101 59.21 -59.97 -14.99
CA SER T 101 58.15 -60.93 -15.30
C SER T 101 58.77 -62.25 -15.76
N ARG T 102 57.91 -63.19 -16.17
CA ARG T 102 58.36 -64.50 -16.62
C ARG T 102 58.90 -64.48 -18.04
N TYR T 103 58.61 -63.45 -18.81
CA TYR T 103 59.06 -63.33 -20.19
C TYR T 103 60.07 -62.19 -20.30
N PHE T 104 61.05 -62.36 -21.20
CA PHE T 104 62.02 -61.30 -21.46
C PHE T 104 61.34 -60.20 -22.24
N ASN T 105 61.21 -59.02 -21.64
CA ASN T 105 60.55 -57.90 -22.30
C ASN T 105 61.48 -57.30 -23.35
N TRP T 106 60.93 -56.99 -24.51
CA TRP T 106 61.69 -56.40 -25.60
C TRP T 106 61.63 -54.89 -25.65
N LYS T 107 60.59 -54.27 -25.08
CA LYS T 107 60.48 -52.82 -25.08
C LYS T 107 61.64 -52.18 -24.32
N GLU T 108 61.96 -52.73 -23.15
CA GLU T 108 63.09 -52.20 -22.39
C GLU T 108 64.40 -52.40 -23.14
N TYR T 109 64.57 -53.56 -23.79
CA TYR T 109 65.78 -53.79 -24.56
C TYR T 109 65.93 -52.77 -25.67
N TYR T 110 64.84 -52.51 -26.40
CA TYR T 110 64.89 -51.54 -27.49
C TYR T 110 65.19 -50.14 -26.98
N THR T 111 64.52 -49.70 -25.91
CA THR T 111 64.74 -48.35 -25.42
C THR T 111 66.14 -48.20 -24.82
N ARG T 112 66.65 -49.24 -24.15
CA ARG T 112 67.99 -49.16 -23.59
C ARG T 112 69.05 -49.19 -24.68
N ALA T 113 68.82 -49.95 -25.75
CA ALA T 113 69.73 -49.93 -26.88
C ALA T 113 69.72 -48.54 -27.53
N LEU T 114 68.55 -47.92 -27.64
CA LEU T 114 68.48 -46.56 -28.18
C LEU T 114 69.23 -45.58 -27.30
N ILE T 115 69.09 -45.71 -25.98
CA ILE T 115 69.78 -44.81 -25.05
C ILE T 115 71.28 -44.98 -25.18
N THR T 116 71.76 -46.22 -25.10
CA THR T 116 73.20 -46.47 -25.10
C THR T 116 73.83 -46.12 -26.45
N LEU T 117 73.18 -46.47 -27.55
CA LEU T 117 73.70 -46.15 -28.87
C LEU T 117 73.79 -44.65 -29.08
N GLU T 118 72.76 -43.91 -28.67
CA GLU T 118 72.67 -42.49 -28.97
C GLU T 118 73.14 -41.67 -27.76
N GLU T 119 74.46 -41.58 -27.61
CA GLU T 119 75.09 -40.62 -26.72
C GLU T 119 76.30 -39.94 -27.37
N PRO T 120 76.14 -39.40 -28.60
CA PRO T 120 77.27 -38.72 -29.25
C PRO T 120 77.28 -37.24 -28.94
N LEU T 121 78.17 -36.50 -29.58
CA LEU T 121 78.12 -35.05 -29.51
C LEU T 121 76.78 -34.55 -30.08
N ILE T 122 76.26 -33.50 -29.46
CA ILE T 122 74.92 -33.01 -29.78
C ILE T 122 74.82 -32.59 -31.24
N ASP T 123 75.96 -32.28 -31.87
CA ASP T 123 75.95 -31.84 -33.26
C ASP T 123 75.31 -32.87 -34.19
N HIS T 124 75.33 -34.15 -33.80
CA HIS T 124 74.73 -35.20 -34.62
C HIS T 124 73.22 -35.16 -34.44
N LYS T 125 72.51 -34.79 -35.51
CA LYS T 125 71.06 -34.77 -35.52
C LYS T 125 70.56 -35.72 -36.61
N PHE T 126 69.61 -36.58 -36.26
CA PHE T 126 69.14 -37.60 -37.18
C PHE T 126 67.62 -37.74 -37.17
N ASP T 127 66.91 -36.98 -36.33
CA ASP T 127 65.44 -36.94 -36.26
C ASP T 127 64.81 -38.32 -36.31
N TYR T 128 65.03 -39.10 -35.25
CA TYR T 128 64.58 -40.48 -35.13
C TYR T 128 63.14 -40.65 -35.61
N GLY T 129 62.86 -41.79 -36.20
CA GLY T 129 61.50 -42.12 -36.58
C GLY T 129 60.59 -42.25 -35.36
N VAL T 130 59.29 -42.13 -35.64
CA VAL T 130 58.22 -42.10 -34.63
C VAL T 130 58.34 -40.84 -33.78
N ARG T 131 57.20 -40.21 -33.49
CA ARG T 131 57.21 -38.91 -32.82
C ARG T 131 57.45 -39.02 -31.31
N GLY T 132 57.38 -40.22 -30.74
CA GLY T 132 57.55 -40.38 -29.31
C GLY T 132 58.96 -40.43 -28.81
N ILE T 133 59.95 -40.33 -29.69
CA ILE T 133 61.36 -40.35 -29.31
C ILE T 133 62.01 -39.09 -29.83
N SER T 134 62.69 -38.36 -28.96
CA SER T 134 63.30 -37.08 -29.30
C SER T 134 64.41 -36.77 -28.32
N ARG T 135 65.17 -35.71 -28.63
CA ARG T 135 66.23 -35.23 -27.76
C ARG T 135 65.63 -34.26 -26.73
N ASP T 136 66.42 -33.88 -25.73
CA ASP T 136 65.94 -32.96 -24.69
C ASP T 136 67.00 -31.88 -24.48
N ASN T 137 66.84 -31.12 -23.38
CA ASN T 137 67.77 -30.05 -23.07
C ASN T 137 69.11 -30.54 -22.55
N PHE T 138 69.20 -31.80 -22.09
CA PHE T 138 70.42 -32.35 -21.52
C PHE T 138 71.08 -33.38 -22.43
N GLY T 139 70.62 -33.50 -23.67
CA GLY T 139 71.23 -34.45 -24.60
C GLY T 139 70.85 -35.89 -24.36
N LYS T 140 69.88 -36.17 -23.49
CA LYS T 140 69.48 -37.53 -23.18
C LYS T 140 68.28 -37.93 -24.04
N ILE T 141 68.28 -39.18 -24.50
CA ILE T 141 67.20 -39.66 -25.36
C ILE T 141 65.93 -39.79 -24.53
N ASN T 142 64.84 -39.22 -25.03
CA ASN T 142 63.54 -39.27 -24.38
C ASN T 142 62.67 -40.31 -25.06
N VAL T 143 62.28 -41.34 -24.32
CA VAL T 143 61.39 -42.39 -24.81
C VAL T 143 60.21 -42.46 -23.85
N GLU T 144 59.01 -42.18 -24.36
CA GLU T 144 57.81 -42.22 -23.54
C GLU T 144 57.16 -43.59 -23.61
N SER T 145 56.22 -43.83 -22.69
CA SER T 145 55.41 -45.03 -22.72
C SER T 145 54.40 -45.03 -23.86
N LYS T 146 54.24 -43.90 -24.56
CA LYS T 146 53.31 -43.82 -25.68
C LYS T 146 53.68 -44.79 -26.79
N VAL T 147 54.97 -44.88 -27.10
CA VAL T 147 55.41 -45.68 -28.25
C VAL T 147 55.23 -47.17 -27.96
N VAL T 148 54.82 -47.90 -28.99
CA VAL T 148 54.71 -49.35 -28.92
C VAL T 148 56.02 -49.97 -29.38
N ALA T 149 56.22 -51.24 -29.04
CA ALA T 149 57.50 -51.89 -29.31
C ALA T 149 57.90 -51.88 -30.79
N PRO T 150 57.03 -52.14 -31.76
CA PRO T 150 57.45 -52.00 -33.17
C PRO T 150 57.94 -50.61 -33.53
N ALA T 151 57.34 -49.55 -32.96
CA ALA T 151 57.82 -48.20 -33.23
C ALA T 151 59.24 -48.00 -32.71
N LEU T 152 59.51 -48.48 -31.49
CA LEU T 152 60.86 -48.42 -30.96
C LEU T 152 61.83 -49.23 -31.81
N ARG T 153 61.39 -50.39 -32.30
CA ARG T 153 62.24 -51.19 -33.18
C ARG T 153 62.56 -50.45 -34.46
N ARG T 154 61.58 -49.77 -35.04
CA ARG T 154 61.82 -49.00 -36.26
C ARG T 154 62.80 -47.86 -35.99
N ALA T 155 62.61 -47.15 -34.89
CA ALA T 155 63.52 -46.05 -34.56
C ALA T 155 64.94 -46.57 -34.33
N LEU T 156 65.07 -47.70 -33.62
CA LEU T 156 66.38 -48.28 -33.38
C LEU T 156 67.03 -48.74 -34.69
N GLU T 157 66.23 -49.31 -35.59
CA GLU T 157 66.78 -49.77 -36.86
C GLU T 157 67.30 -48.60 -37.68
N ASN T 158 66.53 -47.50 -37.75
CA ASN T 158 66.99 -46.32 -38.48
C ASN T 158 68.24 -45.74 -37.84
N ALA T 159 68.28 -45.67 -36.51
CA ALA T 159 69.45 -45.14 -35.82
C ALA T 159 70.68 -46.00 -36.08
N LEU T 160 70.51 -47.32 -36.04
CA LEU T 160 71.64 -48.22 -36.29
C LEU T 160 72.13 -48.10 -37.72
N ILE T 161 71.21 -47.97 -38.68
CA ILE T 161 71.61 -47.82 -40.08
C ILE T 161 72.37 -46.51 -40.27
N HIS T 162 71.89 -45.42 -39.65
CA HIS T 162 72.56 -44.14 -39.81
C HIS T 162 73.93 -44.13 -39.15
N ARG T 163 74.01 -44.62 -37.91
CA ARG T 163 75.28 -44.60 -37.18
C ARG T 163 76.24 -45.65 -37.71
N HIS T 164 75.74 -46.85 -38.00
CA HIS T 164 76.52 -47.97 -38.55
C HIS T 164 77.70 -48.34 -37.65
N PRO T 165 77.46 -48.84 -36.45
CA PRO T 165 78.58 -49.31 -35.62
C PRO T 165 79.19 -50.58 -36.18
N ASP T 166 80.47 -50.78 -35.88
CA ASP T 166 81.17 -51.97 -36.36
C ASP T 166 80.59 -53.23 -35.74
N VAL T 167 80.28 -53.19 -34.44
CA VAL T 167 79.71 -54.33 -33.74
C VAL T 167 78.85 -53.81 -32.60
N PHE T 168 77.78 -54.54 -32.30
CA PHE T 168 76.82 -54.17 -31.27
C PHE T 168 76.91 -55.21 -30.16
N PHE T 169 77.70 -54.91 -29.12
CA PHE T 169 77.94 -55.86 -28.05
C PHE T 169 76.69 -56.00 -27.18
N VAL T 170 76.35 -57.25 -26.84
CA VAL T 170 75.27 -57.54 -25.91
C VAL T 170 75.84 -58.46 -24.84
N ASP T 171 76.08 -57.92 -23.66
CA ASP T 171 76.61 -58.69 -22.55
C ASP T 171 75.48 -59.34 -21.77
N GLU T 172 75.83 -60.41 -21.05
CA GLU T 172 74.86 -61.21 -20.30
C GLU T 172 73.72 -61.67 -21.21
N ALA T 173 74.09 -62.28 -22.33
CA ALA T 173 73.12 -62.69 -23.34
C ALA T 173 72.25 -63.86 -22.89
N GLN T 174 72.57 -64.50 -21.77
CA GLN T 174 71.75 -65.62 -21.30
C GLN T 174 70.35 -65.16 -20.92
N HIS T 175 70.17 -63.87 -20.65
CA HIS T 175 68.86 -63.37 -20.24
C HIS T 175 67.86 -63.41 -21.39
N PHE T 176 68.32 -63.66 -22.61
CA PHE T 176 67.42 -63.82 -23.74
C PHE T 176 66.58 -65.09 -23.65
N GLY T 177 66.96 -66.03 -22.79
CA GLY T 177 66.27 -67.29 -22.64
C GLY T 177 65.08 -67.28 -21.69
N LYS T 178 64.75 -66.14 -21.09
CA LYS T 178 63.61 -66.02 -20.20
C LYS T 178 62.35 -65.89 -21.06
N VAL T 179 61.73 -67.03 -21.36
CA VAL T 179 60.56 -67.09 -22.21
C VAL T 179 59.53 -68.00 -21.54
N ALA T 180 58.30 -67.95 -22.07
CA ALA T 180 57.21 -68.78 -21.57
C ALA T 180 56.95 -70.02 -22.41
N SER T 181 57.44 -70.06 -23.64
CA SER T 181 57.25 -71.20 -24.53
C SER T 181 58.60 -71.66 -25.08
N GLY T 182 58.71 -72.96 -25.34
CA GLY T 182 59.95 -73.51 -25.86
C GLY T 182 60.29 -72.99 -27.25
N TYR T 183 59.29 -72.92 -28.12
CA TYR T 183 59.52 -72.41 -29.48
C TYR T 183 59.84 -70.91 -29.44
N LYS T 184 59.34 -70.21 -28.42
CA LYS T 184 59.67 -68.80 -28.28
C LYS T 184 61.17 -68.58 -28.05
N LEU T 185 61.88 -69.58 -27.56
CA LEU T 185 63.33 -69.48 -27.43
C LEU T 185 63.98 -69.31 -28.80
N GLN T 186 63.52 -70.09 -29.79
CA GLN T 186 64.01 -69.90 -31.15
C GLN T 186 63.47 -68.61 -31.75
N ASP T 187 62.24 -68.24 -31.40
CA ASP T 187 61.65 -67.01 -31.93
C ASP T 187 62.42 -65.77 -31.51
N GLN T 188 62.96 -65.76 -30.28
CA GLN T 188 63.75 -64.63 -29.83
C GLN T 188 65.00 -64.45 -30.69
N LEU T 189 65.70 -65.56 -30.97
CA LEU T 189 66.88 -65.49 -31.83
C LEU T 189 66.49 -65.13 -33.25
N ASP T 190 65.32 -65.56 -33.71
CA ASP T 190 64.85 -65.15 -35.03
C ASP T 190 64.62 -63.64 -35.10
N CYS T 191 64.04 -63.08 -34.03
CA CYS T 191 63.85 -61.63 -33.97
C CYS T 191 65.20 -60.91 -33.99
N LEU T 192 66.17 -61.40 -33.22
CA LEU T 192 67.51 -60.81 -33.25
C LEU T 192 68.14 -60.91 -34.63
N LYS T 193 67.95 -62.04 -35.29
CA LYS T 193 68.51 -62.22 -36.63
C LYS T 193 67.88 -61.25 -37.63
N SER T 194 66.57 -61.05 -37.54
CA SER T 194 65.91 -60.08 -38.41
C SER T 194 66.41 -58.66 -38.14
N LEU T 195 66.58 -58.33 -36.85
CA LEU T 195 67.10 -57.01 -36.50
C LEU T 195 68.50 -56.80 -37.07
N ALA T 196 69.36 -57.81 -36.97
CA ALA T 196 70.71 -57.69 -37.51
C ALA T 196 70.71 -57.68 -39.04
N ASN T 197 69.79 -58.41 -39.67
CA ASN T 197 69.73 -58.48 -41.12
C ASN T 197 69.29 -57.14 -41.71
N MET T 198 68.23 -56.55 -41.17
CA MET T 198 67.66 -55.35 -41.75
C MET T 198 68.46 -54.09 -41.44
N THR T 199 69.49 -54.19 -40.60
CA THR T 199 70.40 -53.07 -40.36
C THR T 199 71.84 -53.40 -40.76
N GLY T 200 72.17 -54.66 -40.95
CA GLY T 200 73.53 -55.03 -41.30
C GLY T 200 74.55 -54.73 -40.23
N ILE T 201 74.20 -54.93 -38.97
CA ILE T 201 75.07 -54.65 -37.84
C ILE T 201 75.43 -55.96 -37.17
N LEU T 202 76.73 -56.21 -37.02
CA LEU T 202 77.20 -57.45 -36.40
C LEU T 202 76.86 -57.45 -34.91
N HIS T 203 76.24 -58.53 -34.46
CA HIS T 203 75.85 -58.69 -33.06
C HIS T 203 76.74 -59.73 -32.40
N CYS T 204 77.35 -59.37 -31.28
CA CYS T 204 78.19 -60.28 -30.52
C CYS T 204 77.50 -60.59 -29.20
N LEU T 205 77.26 -61.87 -28.94
CA LEU T 205 76.61 -62.32 -27.72
C LEU T 205 77.65 -62.93 -26.79
N LEU T 206 77.79 -62.35 -25.60
CA LEU T 206 78.68 -62.87 -24.57
C LEU T 206 77.84 -63.39 -23.42
N GLY T 207 78.07 -64.64 -23.03
CA GLY T 207 77.28 -65.25 -21.98
C GLY T 207 77.93 -66.49 -21.42
N THR T 208 77.31 -67.02 -20.38
CA THR T 208 77.79 -68.23 -19.72
C THR T 208 77.43 -69.44 -20.57
N TYR T 209 77.70 -70.64 -20.04
CA TYR T 209 77.47 -71.86 -20.80
C TYR T 209 76.00 -72.19 -20.97
N GLU T 210 75.11 -71.48 -20.28
CA GLU T 210 73.68 -71.69 -20.51
C GLU T 210 73.23 -71.04 -21.81
N LEU T 211 74.12 -70.25 -22.44
CA LEU T 211 73.87 -69.75 -23.78
C LEU T 211 73.89 -70.85 -24.83
N LEU T 212 74.34 -72.06 -24.47
CA LEU T 212 74.38 -73.17 -25.41
C LEU T 212 72.99 -73.58 -25.88
N THR T 213 71.94 -73.13 -25.19
CA THR T 213 70.58 -73.36 -25.68
C THR T 213 70.32 -72.63 -26.99
N PHE T 214 71.16 -71.65 -27.34
CA PHE T 214 71.05 -70.91 -28.57
C PHE T 214 72.02 -71.40 -29.64
N ARG T 215 72.69 -72.53 -29.41
CA ARG T 215 73.80 -72.93 -30.26
C ARG T 215 73.33 -73.34 -31.64
N ASN T 216 72.52 -74.39 -31.72
CA ASN T 216 72.05 -74.92 -32.99
C ASN T 216 70.52 -74.95 -32.99
N LEU T 217 69.91 -74.08 -33.78
CA LEU T 217 68.46 -74.02 -33.92
C LEU T 217 68.15 -73.30 -35.23
N SER T 218 67.46 -74.00 -36.14
CA SER T 218 67.25 -73.56 -37.52
C SER T 218 68.58 -73.47 -38.28
N GLY T 219 68.60 -73.98 -39.50
CA GLY T 219 69.81 -73.95 -40.29
C GLY T 219 70.31 -72.54 -40.53
N GLN T 220 69.42 -71.66 -41.00
CA GLN T 220 69.80 -70.28 -41.29
C GLN T 220 70.62 -69.71 -40.14
N LEU T 221 70.03 -69.71 -38.95
CA LEU T 221 70.75 -69.20 -37.78
C LEU T 221 72.13 -69.83 -37.72
N SER T 222 72.19 -71.15 -37.72
CA SER T 222 73.48 -71.83 -37.63
C SER T 222 74.46 -71.30 -38.67
N ARG T 223 73.97 -70.94 -39.85
CA ARG T 223 74.87 -70.46 -40.90
C ARG T 223 75.49 -69.12 -40.54
N ARG T 224 74.72 -68.21 -39.95
CA ARG T 224 75.17 -66.84 -39.68
C ARG T 224 75.60 -66.64 -38.23
N SER T 225 76.08 -67.68 -37.57
CA SER T 225 76.57 -67.59 -36.21
C SER T 225 77.99 -68.13 -36.14
N VAL T 226 78.85 -67.41 -35.42
CA VAL T 226 80.24 -67.80 -35.22
C VAL T 226 80.42 -68.13 -33.74
N ASP T 227 80.93 -69.34 -33.47
CA ASP T 227 81.08 -69.84 -32.10
C ASP T 227 82.52 -69.60 -31.66
N ILE T 228 82.69 -68.83 -30.60
CA ILE T 228 83.98 -68.63 -29.95
C ILE T 228 83.89 -69.17 -28.54
N HIS T 229 84.78 -70.10 -28.20
CA HIS T 229 84.79 -70.76 -26.91
C HIS T 229 85.92 -70.18 -26.07
N PHE T 230 85.56 -69.51 -24.98
CA PHE T 230 86.54 -68.98 -24.03
C PHE T 230 86.81 -70.07 -22.99
N ARG T 231 87.57 -71.09 -23.42
CA ARG T 231 87.80 -72.25 -22.59
C ARG T 231 88.68 -71.89 -21.39
N ARG T 232 88.45 -72.60 -20.29
CA ARG T 232 89.23 -72.48 -19.08
C ARG T 232 90.49 -73.34 -19.19
N TYR T 233 91.36 -73.21 -18.19
CA TYR T 233 92.59 -74.00 -18.13
C TYR T 233 92.29 -75.31 -17.41
N CYS T 234 92.29 -76.41 -18.16
CA CYS T 234 92.05 -77.72 -17.58
C CYS T 234 93.27 -78.20 -16.81
N ALA T 235 93.05 -79.18 -15.94
CA ALA T 235 94.13 -79.78 -15.16
C ALA T 235 94.72 -81.02 -15.81
N ASP T 236 93.95 -81.70 -16.66
CA ASP T 236 94.45 -82.93 -17.28
C ASP T 236 95.62 -82.66 -18.20
N SER T 237 95.54 -81.59 -19.00
CA SER T 237 96.61 -81.28 -19.95
C SER T 237 97.74 -80.55 -19.23
N PRO T 238 98.97 -81.06 -19.29
CA PRO T 238 100.08 -80.36 -18.61
C PRO T 238 100.32 -78.95 -19.12
N GLU T 239 100.04 -78.67 -20.39
CA GLU T 239 100.28 -77.33 -20.93
C GLU T 239 99.41 -76.29 -20.25
N ASP T 240 98.14 -76.61 -20.02
CA ASP T 240 97.26 -75.68 -19.32
C ASP T 240 97.70 -75.48 -17.87
N VAL T 241 98.19 -76.55 -17.24
CA VAL T 241 98.72 -76.42 -15.88
C VAL T 241 99.93 -75.49 -15.87
N GLN T 242 100.81 -75.62 -16.86
CA GLN T 242 101.98 -74.74 -16.94
C GLN T 242 101.55 -73.30 -17.17
N ALA T 243 100.56 -73.08 -18.03
CA ALA T 243 100.06 -71.72 -18.26
C ALA T 243 99.46 -71.13 -16.98
N PHE T 244 98.68 -71.93 -16.24
CA PHE T 244 98.11 -71.46 -14.99
C PHE T 244 99.19 -71.13 -13.97
N LYS T 245 100.23 -71.96 -13.90
CA LYS T 245 101.35 -71.67 -13.01
C LYS T 245 102.08 -70.40 -13.41
N SER T 246 102.24 -70.16 -14.71
CA SER T 246 102.86 -68.91 -15.16
C SER T 246 102.00 -67.71 -14.78
N VAL T 247 100.68 -67.83 -14.91
CA VAL T 247 99.78 -66.76 -14.50
C VAL T 247 99.91 -66.50 -13.00
N LEU T 248 99.97 -67.58 -12.20
CA LEU T 248 100.15 -67.43 -10.77
C LEU T 248 101.48 -66.75 -10.44
N LEU T 249 102.53 -67.13 -11.16
CA LEU T 249 103.86 -66.56 -10.93
C LEU T 249 103.89 -65.07 -11.25
N THR T 250 103.30 -64.66 -12.37
CA THR T 250 103.28 -63.23 -12.67
C THR T 250 102.35 -62.47 -11.74
N PHE T 251 101.28 -63.10 -11.25
CA PHE T 251 100.44 -62.45 -10.25
C PHE T 251 101.19 -62.21 -8.95
N GLN T 252 101.93 -63.22 -8.48
CA GLN T 252 102.70 -63.04 -7.24
C GLN T 252 103.85 -62.06 -7.45
N GLN T 253 104.38 -61.99 -8.67
CA GLN T 253 105.36 -60.95 -8.99
C GLN T 253 104.73 -59.57 -8.96
N HIS T 254 103.46 -59.46 -9.34
CA HIS T 254 102.76 -58.18 -9.41
C HIS T 254 101.98 -57.84 -8.15
N LEU T 255 102.14 -58.61 -7.08
CA LEU T 255 101.49 -58.28 -5.82
C LEU T 255 102.28 -57.22 -5.09
N PRO T 256 101.74 -56.01 -4.89
CA PRO T 256 102.49 -54.96 -4.20
C PRO T 256 102.61 -55.20 -2.71
N LEU T 257 103.55 -56.05 -2.32
CA LEU T 257 103.83 -56.34 -0.93
C LEU T 257 105.32 -56.18 -0.67
N ALA T 258 105.67 -55.95 0.60
CA ALA T 258 107.08 -55.84 0.97
C ALA T 258 107.82 -57.14 0.69
N GLU T 259 107.18 -58.28 0.95
CA GLU T 259 107.73 -59.58 0.64
C GLU T 259 106.83 -60.28 -0.37
N THR T 260 107.43 -60.78 -1.44
CA THR T 260 106.66 -61.51 -2.45
C THR T 260 106.41 -62.94 -1.96
N PRO T 261 105.17 -63.37 -1.85
CA PRO T 261 104.87 -64.71 -1.34
C PRO T 261 105.16 -65.78 -2.40
N ASN T 262 105.04 -67.03 -1.97
CA ASN T 262 105.17 -68.19 -2.86
C ASN T 262 103.75 -68.67 -3.17
N LEU T 263 103.35 -68.56 -4.43
CA LEU T 263 102.01 -68.95 -4.86
C LEU T 263 102.00 -70.18 -5.76
N VAL T 264 103.10 -70.45 -6.46
CA VAL T 264 103.16 -71.65 -7.30
C VAL T 264 103.10 -72.91 -6.45
N ASP T 265 103.55 -72.83 -5.19
CA ASP T 265 103.52 -74.00 -4.32
C ASP T 265 102.10 -74.50 -4.12
N HIS T 266 101.18 -73.61 -3.76
CA HIS T 266 99.78 -73.98 -3.59
C HIS T 266 98.98 -73.76 -4.86
N TRP T 267 99.48 -74.28 -5.99
CA TRP T 267 98.74 -74.14 -7.24
C TRP T 267 97.53 -75.06 -7.28
N GLU T 268 97.61 -76.22 -6.62
CA GLU T 268 96.48 -77.13 -6.56
C GLU T 268 95.29 -76.49 -5.83
N TYR T 269 95.55 -75.80 -4.72
CA TYR T 269 94.49 -75.12 -4.00
C TYR T 269 93.86 -74.02 -4.85
N PHE T 270 94.70 -73.25 -5.55
CA PHE T 270 94.18 -72.20 -6.43
C PHE T 270 93.31 -72.79 -7.53
N TYR T 271 93.74 -73.89 -8.13
CA TYR T 271 92.93 -74.55 -9.15
C TYR T 271 91.62 -75.06 -8.56
N GLU T 272 91.68 -75.62 -7.35
CA GLU T 272 90.48 -76.16 -6.71
C GLU T 272 89.46 -75.06 -6.46
N ARG T 273 89.92 -73.87 -6.10
CA ARG T 273 89.01 -72.76 -5.88
C ARG T 273 88.74 -71.95 -7.15
N THR T 274 89.78 -71.33 -7.70
CA THR T 274 89.60 -70.49 -8.90
C THR T 274 89.09 -71.27 -10.11
N LEU T 275 89.13 -72.60 -10.02
CA LEU T 275 88.70 -73.44 -11.14
C LEU T 275 89.35 -72.99 -12.44
N GLY T 276 90.63 -72.63 -12.37
CA GLY T 276 91.34 -72.20 -13.56
C GLY T 276 90.97 -70.82 -14.05
N CYS T 277 89.69 -70.46 -13.94
CA CYS T 277 89.23 -69.17 -14.43
C CYS T 277 90.16 -68.07 -13.95
N ILE T 278 90.63 -67.24 -14.87
CA ILE T 278 91.58 -66.19 -14.52
C ILE T 278 90.90 -65.10 -13.71
N GLY T 279 89.64 -64.79 -14.01
CA GLY T 279 88.93 -63.78 -13.24
C GLY T 279 88.74 -64.16 -11.79
N THR T 280 88.42 -65.44 -11.54
CA THR T 280 88.26 -65.90 -10.16
C THR T 280 89.57 -65.78 -9.40
N LEU T 281 90.67 -66.20 -10.02
CA LEU T 281 91.98 -66.05 -9.38
C LEU T 281 92.29 -64.57 -9.12
N LYS T 282 91.98 -63.71 -10.09
CA LYS T 282 92.29 -62.29 -9.95
C LYS T 282 91.54 -61.67 -8.78
N ASP T 283 90.23 -61.92 -8.70
CA ASP T 283 89.47 -61.29 -7.62
C ASP T 283 89.72 -61.95 -6.27
N TRP T 284 90.04 -63.25 -6.25
CA TRP T 284 90.46 -63.89 -5.00
C TRP T 284 91.74 -63.26 -4.47
N LEU T 285 92.73 -63.07 -5.35
CA LEU T 285 93.95 -62.39 -4.96
C LEU T 285 93.69 -60.95 -4.57
N LYS T 286 92.72 -60.30 -5.21
CA LYS T 286 92.35 -58.95 -4.82
C LYS T 286 91.83 -58.91 -3.39
N ARG T 287 90.97 -59.88 -3.04
CA ARG T 287 90.45 -59.95 -1.68
C ARG T 287 91.57 -60.21 -0.67
N VAL T 288 92.46 -61.15 -0.99
CA VAL T 288 93.56 -61.48 -0.07
C VAL T 288 94.47 -60.28 0.11
N LEU T 289 94.79 -59.58 -0.98
CA LEU T 289 95.65 -58.41 -0.91
C LEU T 289 94.99 -57.28 -0.13
N SER T 290 93.68 -57.09 -0.31
CA SER T 290 92.98 -56.08 0.46
C SER T 290 93.03 -56.38 1.95
N ASP T 291 92.82 -57.66 2.31
CA ASP T 291 92.94 -58.04 3.72
C ASP T 291 94.34 -57.78 4.25
N ALA T 292 95.36 -58.13 3.47
CA ALA T 292 96.75 -57.92 3.90
C ALA T 292 97.05 -56.45 4.09
N LEU T 293 96.59 -55.60 3.15
CA LEU T 293 96.83 -54.18 3.26
C LEU T 293 96.08 -53.57 4.44
N ASP T 294 94.87 -54.09 4.74
CA ASP T 294 94.16 -53.63 5.92
C ASP T 294 94.92 -54.00 7.19
N ARG T 295 95.50 -55.19 7.23
CA ARG T 295 96.28 -55.62 8.38
C ARG T 295 97.72 -55.11 8.32
N GLU T 296 98.12 -54.45 7.24
CA GLU T 296 99.50 -53.95 7.07
C GLU T 296 100.52 -55.07 7.22
N ALA T 297 100.15 -56.27 6.74
CA ALA T 297 101.03 -57.42 6.84
C ALA T 297 101.95 -57.49 5.63
N THR T 298 103.24 -57.64 5.87
CA THR T 298 104.21 -57.67 4.77
C THR T 298 103.92 -58.72 3.70
N THR T 299 103.21 -59.79 4.05
CA THR T 299 103.00 -60.87 3.09
C THR T 299 101.69 -61.62 3.28
N ILE T 300 101.51 -62.66 2.47
CA ILE T 300 100.29 -63.45 2.44
C ILE T 300 100.52 -64.84 2.98
N THR T 301 99.50 -65.41 3.62
CA THR T 301 99.54 -66.77 4.12
C THR T 301 98.40 -67.59 3.57
N LEU T 302 98.55 -68.91 3.58
CA LEU T 302 97.49 -69.77 3.09
C LEU T 302 96.22 -69.48 3.86
N LYS T 303 96.34 -69.28 5.16
CA LYS T 303 95.18 -68.95 5.97
C LYS T 303 94.42 -67.83 5.29
N ASP T 304 95.12 -66.73 5.01
CA ASP T 304 94.48 -65.59 4.37
C ASP T 304 93.76 -66.01 3.09
N LEU T 305 94.36 -66.91 2.32
CA LEU T 305 93.68 -67.46 1.16
C LEU T 305 92.43 -68.22 1.56
N GLN T 306 92.51 -68.99 2.66
CA GLN T 306 91.36 -69.74 3.14
C GLN T 306 90.25 -68.82 3.64
N LYS T 307 90.59 -67.61 4.07
CA LYS T 307 89.58 -66.69 4.60
C LYS T 307 88.62 -66.25 3.49
N ARG T 308 89.17 -65.84 2.34
CA ARG T 308 88.37 -65.30 1.25
C ARG T 308 88.27 -66.25 0.06
N ALA T 309 88.42 -67.55 0.28
CA ALA T 309 88.27 -68.51 -0.79
C ALA T 309 86.80 -68.69 -1.13
N LEU T 310 86.52 -69.61 -2.05
CA LEU T 310 85.16 -69.94 -2.43
C LEU T 310 84.76 -71.26 -1.77
N SER T 311 83.49 -71.32 -1.36
CA SER T 311 82.99 -72.50 -0.68
C SER T 311 83.01 -73.71 -1.61
N VAL T 312 83.16 -74.89 -1.01
CA VAL T 312 83.17 -76.13 -1.79
C VAL T 312 81.86 -76.31 -2.53
N ALA T 313 80.74 -75.98 -1.87
CA ALA T 313 79.45 -76.05 -2.53
C ALA T 313 79.37 -75.10 -3.72
N GLN T 314 79.94 -73.91 -3.59
CA GLN T 314 79.95 -72.96 -4.69
C GLN T 314 80.74 -73.51 -5.87
N CYS T 315 81.95 -74.02 -5.61
CA CYS T 315 82.80 -74.51 -6.69
C CYS T 315 82.25 -75.81 -7.28
N GLN T 316 81.60 -76.63 -6.47
CA GLN T 316 81.04 -77.88 -6.98
C GLN T 316 79.93 -77.60 -7.99
N LYS T 317 79.11 -76.58 -7.73
CA LYS T 317 78.09 -76.20 -8.70
C LYS T 317 78.73 -75.61 -9.95
N MET T 318 79.84 -74.88 -9.80
CA MET T 318 80.57 -74.36 -10.94
C MET T 318 80.97 -75.48 -11.90
N PHE T 319 81.63 -76.51 -11.38
CA PHE T 319 82.20 -77.54 -12.24
C PHE T 319 81.12 -78.36 -12.91
N LYS T 320 79.95 -78.49 -12.26
CA LYS T 320 78.84 -79.20 -12.86
C LYS T 320 78.35 -78.51 -14.13
N GLU T 321 78.26 -77.17 -14.10
CA GLU T 321 77.83 -76.44 -15.28
C GLU T 321 78.94 -76.37 -16.32
N ILE T 322 80.19 -76.20 -15.87
CA ILE T 322 81.32 -76.19 -16.79
C ILE T 322 81.49 -77.54 -17.47
N GLN T 323 81.32 -78.62 -16.71
CA GLN T 323 81.44 -79.96 -17.28
C GLN T 323 80.41 -80.19 -18.39
N GLU T 324 79.17 -79.76 -18.15
CA GLU T 324 78.13 -79.90 -19.17
C GLU T 324 78.34 -78.96 -20.33
N GLY T 325 78.86 -77.75 -20.06
CA GLY T 325 79.11 -76.81 -21.14
C GLY T 325 80.19 -77.28 -22.09
N GLU T 326 81.29 -77.79 -21.55
CA GLU T 326 82.37 -78.29 -22.39
C GLU T 326 82.00 -79.61 -23.06
N ARG T 327 81.18 -80.43 -22.41
CA ARG T 327 80.74 -81.67 -23.01
C ARG T 327 79.90 -81.41 -24.25
N GLN T 328 79.00 -80.42 -24.19
CA GLN T 328 78.16 -80.10 -25.33
C GLN T 328 78.96 -79.46 -26.46
N LEU T 329 80.04 -78.75 -26.13
CA LEU T 329 80.87 -78.06 -27.10
C LEU T 329 82.04 -78.91 -27.59
N SER T 330 82.09 -80.18 -27.21
CA SER T 330 83.20 -81.06 -27.57
C SER T 330 83.06 -81.48 -29.03
N GLU T 331 84.03 -81.08 -29.85
CA GLU T 331 84.08 -81.44 -31.25
C GLU T 331 85.17 -82.49 -31.45
N THR T 332 84.78 -83.70 -31.83
CA THR T 332 85.70 -84.81 -31.99
C THR T 332 85.81 -85.18 -33.46
N GLU T 333 86.90 -85.89 -33.79
CA GLU T 333 87.09 -86.37 -35.15
C GLU T 333 86.02 -87.39 -35.54
N ALA T 334 85.44 -88.07 -34.55
CA ALA T 334 84.35 -89.00 -34.84
C ALA T 334 83.14 -88.25 -35.39
N ASP T 335 82.87 -87.05 -34.88
CA ASP T 335 81.74 -86.26 -35.35
C ASP T 335 81.88 -85.94 -36.84
N VAL T 336 83.10 -85.67 -37.29
CA VAL T 336 83.32 -85.39 -38.71
C VAL T 336 83.02 -86.63 -39.55
N GLN T 337 83.31 -87.82 -38.99
CA GLN T 337 83.07 -89.05 -39.73
C GLN T 337 81.59 -89.22 -40.08
N ASN T 338 80.69 -88.95 -39.13
CA ASN T 338 79.26 -89.03 -39.42
C ASN T 338 78.85 -88.00 -40.46
N LEU T 339 79.42 -86.79 -40.37
CA LEU T 339 79.08 -85.74 -41.33
C LEU T 339 79.46 -86.15 -42.74
N ARG T 340 80.67 -86.69 -42.92
CA ARG T 340 81.07 -87.18 -44.23
C ARG T 340 80.24 -88.40 -44.64
N SER T 341 79.95 -89.29 -43.69
CA SER T 341 79.11 -90.43 -43.98
C SER T 341 77.70 -90.00 -44.37
N ALA T 342 77.14 -89.03 -43.65
CA ALA T 342 75.82 -88.51 -44.01
C ALA T 342 75.85 -87.82 -45.36
N LEU T 343 76.90 -87.05 -45.64
CA LEU T 343 77.03 -86.37 -46.92
C LEU T 343 77.38 -87.30 -48.05
N GLY T 344 77.72 -88.57 -47.76
CA GLY T 344 78.12 -89.50 -48.79
C GLY T 344 79.53 -89.33 -49.30
N LEU T 345 80.38 -88.62 -48.57
CA LEU T 345 81.76 -88.37 -48.99
C LEU T 345 82.75 -89.34 -48.35
N GLY T 346 82.27 -90.32 -47.60
CA GLY T 346 83.16 -91.25 -46.94
C GLY T 346 83.84 -92.20 -47.91
N SER U 4 82.71 -49.86 37.25
CA SER U 4 81.97 -51.10 37.44
C SER U 4 81.71 -51.78 36.10
N THR U 5 81.73 -53.11 36.10
CA THR U 5 81.47 -53.89 34.90
C THR U 5 79.99 -54.18 34.68
N GLY U 6 79.13 -53.82 35.64
CA GLY U 6 77.72 -54.05 35.50
C GLY U 6 76.92 -52.79 35.27
N PHE U 7 75.62 -52.83 35.55
CA PHE U 7 74.78 -51.66 35.38
C PHE U 7 75.14 -50.59 36.41
N PRO U 8 75.05 -49.31 36.04
CA PRO U 8 75.30 -48.25 37.02
C PRO U 8 74.32 -48.30 38.17
N LEU U 9 74.82 -48.00 39.38
CA LEU U 9 74.00 -48.12 40.57
C LEU U 9 72.98 -46.99 40.69
N GLU U 10 73.26 -45.83 40.09
CA GLU U 10 72.38 -44.68 40.25
C GLU U 10 71.05 -44.88 39.56
N LEU U 11 70.91 -45.89 38.70
CA LEU U 11 69.64 -46.15 38.05
C LEU U 11 68.55 -46.58 39.03
N LEU U 12 68.93 -47.06 40.21
CA LEU U 12 67.94 -47.51 41.19
C LEU U 12 67.03 -46.38 41.64
N THR U 13 67.60 -45.20 41.90
CA THR U 13 66.79 -44.06 42.32
C THR U 13 65.83 -43.60 41.21
N ARG U 14 66.30 -43.60 39.97
CA ARG U 14 65.47 -43.26 38.82
C ARG U 14 64.41 -44.34 38.61
N PRO U 15 63.27 -43.99 37.99
CA PRO U 15 62.14 -44.93 37.96
C PRO U 15 62.37 -46.08 36.98
N ALA U 16 61.37 -46.95 36.91
CA ALA U 16 61.48 -48.20 36.17
C ALA U 16 61.60 -47.99 34.67
N THR U 17 60.94 -46.95 34.14
CA THR U 17 60.90 -46.76 32.69
C THR U 17 62.30 -46.55 32.13
N GLU U 18 63.11 -45.73 32.80
CA GLU U 18 64.46 -45.48 32.28
C GLU U 18 65.34 -46.71 32.44
N ARG U 19 65.08 -47.54 33.46
CA ARG U 19 65.82 -48.79 33.59
C ARG U 19 65.51 -49.74 32.44
N LEU U 20 64.22 -49.85 32.08
CA LEU U 20 63.85 -50.66 30.93
C LEU U 20 64.45 -50.09 29.65
N ALA U 21 64.47 -48.76 29.52
CA ALA U 21 65.07 -48.14 28.35
C ALA U 21 66.56 -48.44 28.27
N TYR U 22 67.25 -48.39 29.41
CA TYR U 22 68.68 -48.70 29.44
C TYR U 22 68.91 -50.15 29.04
N PHE U 23 68.09 -51.07 29.53
CA PHE U 23 68.28 -52.47 29.18
C PHE U 23 68.00 -52.71 27.69
N GLU U 24 66.99 -52.04 27.14
CA GLU U 24 66.73 -52.16 25.70
C GLU U 24 67.89 -51.62 24.88
N ASN U 25 68.39 -50.44 25.25
CA ASN U 25 69.49 -49.84 24.50
C ASN U 25 70.82 -50.54 24.74
N TYR U 26 70.89 -51.40 25.76
CA TYR U 26 72.13 -52.12 26.03
C TYR U 26 72.33 -53.24 25.02
N THR U 27 73.55 -53.35 24.50
CA THR U 27 73.92 -54.39 23.55
C THR U 27 75.14 -55.13 24.07
N VAL U 28 75.14 -56.46 23.90
CA VAL U 28 76.24 -57.30 24.37
C VAL U 28 77.07 -57.73 23.17
N ALA U 29 78.33 -58.03 23.43
CA ALA U 29 79.25 -58.49 22.40
C ALA U 29 79.65 -59.94 22.70
N HIS U 30 79.44 -60.82 21.73
CA HIS U 30 79.78 -62.22 21.88
C HIS U 30 80.55 -62.69 20.65
N PRO U 31 81.38 -63.73 20.78
CA PRO U 31 82.37 -64.02 19.73
C PRO U 31 81.78 -64.21 18.33
N ARG U 32 80.64 -64.90 18.21
CA ARG U 32 80.06 -65.10 16.90
C ARG U 32 79.64 -63.80 16.25
N LEU U 33 79.03 -62.90 17.04
CA LEU U 33 78.59 -61.62 16.50
C LEU U 33 79.77 -60.82 15.98
N LYS U 34 80.85 -60.74 16.77
CA LYS U 34 82.01 -59.95 16.36
C LYS U 34 82.72 -60.57 15.16
N GLU U 35 82.78 -61.91 15.11
CA GLU U 35 83.42 -62.57 13.98
C GLU U 35 82.64 -62.32 12.70
N VAL U 36 81.32 -62.50 12.76
CA VAL U 36 80.49 -62.26 11.57
C VAL U 36 80.54 -60.79 11.18
N TYR U 37 80.58 -59.90 12.17
CA TYR U 37 80.65 -58.47 11.90
C TYR U 37 81.94 -58.11 11.17
N GLU U 38 83.07 -58.64 11.63
CA GLU U 38 84.34 -58.31 10.98
C GLU U 38 84.40 -58.93 9.58
N ILE U 39 83.85 -60.14 9.41
CA ILE U 39 83.83 -60.75 8.08
C ILE U 39 82.98 -59.93 7.13
N LEU U 40 81.80 -59.51 7.59
CA LEU U 40 80.91 -58.71 6.76
C LEU U 40 81.52 -57.36 6.43
N MET U 41 82.18 -56.73 7.39
CA MET U 41 82.83 -55.45 7.13
C MET U 41 83.96 -55.59 6.12
N ARG U 42 84.74 -56.67 6.23
CA ARG U 42 85.80 -56.91 5.24
C ARG U 42 85.22 -57.13 3.85
N THR U 43 84.12 -57.89 3.77
CA THR U 43 83.50 -58.14 2.47
C THR U 43 82.91 -56.85 1.88
N ILE U 44 82.30 -56.01 2.72
CA ILE U 44 81.70 -54.77 2.25
C ILE U 44 82.78 -53.78 1.80
N ALA U 45 83.91 -53.75 2.53
CA ALA U 45 84.97 -52.81 2.20
C ALA U 45 85.46 -52.98 0.76
N GLU U 46 85.42 -54.21 0.24
CA GLU U 46 85.74 -54.46 -1.16
C GLU U 46 85.04 -55.74 -1.63
N PRO U 47 84.19 -55.64 -2.64
CA PRO U 47 83.46 -56.84 -3.10
C PRO U 47 84.30 -57.72 -4.02
N ALA U 48 85.15 -57.10 -4.84
CA ALA U 48 86.00 -57.81 -5.79
C ALA U 48 85.18 -58.70 -6.72
N GLY U 49 84.32 -58.06 -7.51
CA GLY U 49 83.52 -58.79 -8.48
C GLY U 49 82.38 -59.59 -7.90
N ALA U 50 82.05 -59.37 -6.63
CA ALA U 50 80.94 -60.04 -5.98
C ALA U 50 79.76 -59.07 -5.87
N SER U 51 78.56 -59.59 -6.10
CA SER U 51 77.36 -58.77 -6.03
C SER U 51 76.37 -59.23 -4.96
N PHE U 52 76.61 -60.36 -4.31
CA PHE U 52 75.69 -60.90 -3.32
C PHE U 52 76.45 -61.36 -2.08
N ILE U 53 75.85 -61.11 -0.91
CA ILE U 53 76.27 -61.72 0.35
C ILE U 53 75.05 -62.39 0.94
N PHE U 54 75.10 -63.71 1.07
CA PHE U 54 74.00 -64.49 1.62
C PHE U 54 74.31 -64.78 3.08
N VAL U 55 73.80 -63.93 3.97
CA VAL U 55 73.98 -64.13 5.41
C VAL U 55 72.77 -64.91 5.92
N TYR U 56 73.01 -66.11 6.42
CA TYR U 56 71.97 -66.95 6.97
C TYR U 56 71.99 -66.88 8.49
N GLY U 57 71.12 -67.67 9.11
CA GLY U 57 71.06 -67.73 10.56
C GLY U 57 69.65 -67.99 11.03
N ALA U 58 69.53 -68.42 12.29
CA ALA U 58 68.23 -68.80 12.82
C ALA U 58 67.27 -67.68 13.14
N SER U 59 66.03 -68.03 13.46
CA SER U 59 65.10 -67.01 13.89
C SER U 59 65.59 -66.70 15.27
N GLY U 60 66.29 -65.59 15.43
CA GLY U 60 66.89 -65.28 16.70
C GLY U 60 68.37 -65.47 16.45
N VAL U 61 69.11 -64.38 16.31
CA VAL U 61 70.56 -64.47 16.13
C VAL U 61 71.24 -63.12 16.25
N GLY U 62 70.57 -62.05 15.81
CA GLY U 62 71.26 -60.78 15.82
C GLY U 62 71.51 -60.23 14.44
N LYS U 63 70.82 -60.79 13.44
CA LYS U 63 71.04 -60.36 12.06
C LYS U 63 70.66 -58.89 11.86
N THR U 64 69.48 -58.50 12.36
CA THR U 64 69.05 -57.12 12.21
C THR U 64 69.94 -56.16 13.00
N THR U 65 70.31 -56.56 14.23
CA THR U 65 71.21 -55.73 15.02
C THR U 65 72.57 -55.61 14.36
N LEU U 66 73.06 -56.72 13.78
CA LEU U 66 74.32 -56.68 13.04
C LEU U 66 74.21 -55.71 11.87
N ARG U 67 73.09 -55.75 11.15
CA ARG U 67 72.89 -54.83 10.03
C ARG U 67 72.92 -53.39 10.50
N LEU U 68 72.20 -53.08 11.58
CA LEU U 68 72.17 -51.70 12.08
C LEU U 68 73.55 -51.24 12.52
N ARG U 69 74.30 -52.13 13.20
CA ARG U 69 75.64 -51.78 13.61
C ARG U 69 76.54 -51.52 12.41
N VAL U 70 76.42 -52.34 11.36
CA VAL U 70 77.23 -52.14 10.16
C VAL U 70 76.89 -50.81 9.50
N GLU U 71 75.59 -50.49 9.39
CA GLU U 71 75.20 -49.22 8.78
C GLU U 71 75.72 -48.03 9.57
N GLN U 72 75.60 -48.07 10.90
CA GLN U 72 76.08 -46.94 11.71
C GLN U 72 77.60 -46.81 11.62
N LYS U 73 78.31 -47.93 11.62
CA LYS U 73 79.76 -47.89 11.49
C LYS U 73 80.17 -47.31 10.14
N LEU U 74 79.53 -47.74 9.06
CA LEU U 74 79.89 -47.22 7.75
C LEU U 74 79.54 -45.74 7.62
N THR U 75 78.42 -45.32 8.20
CA THR U 75 78.07 -43.90 8.17
C THR U 75 79.09 -43.05 8.92
N GLU U 76 79.50 -43.50 10.12
CA GLU U 76 80.50 -42.76 10.86
C GLU U 76 81.85 -42.78 10.18
N LEU U 77 82.15 -43.85 9.43
CA LEU U 77 83.39 -43.89 8.64
C LEU U 77 83.33 -42.93 7.46
N ALA U 78 82.16 -42.81 6.85
CA ALA U 78 82.04 -41.98 5.64
C ALA U 78 81.77 -40.51 5.91
N LEU U 79 81.25 -40.18 7.08
CA LEU U 79 80.92 -38.79 7.39
C LEU U 79 82.04 -37.80 7.00
N PRO U 80 83.32 -38.14 7.26
CA PRO U 80 84.34 -37.19 6.83
C PRO U 80 84.23 -36.89 5.35
N LYS U 81 84.34 -37.91 4.51
CA LYS U 81 84.25 -37.70 3.06
C LYS U 81 82.93 -37.06 2.69
N LEU U 82 81.85 -37.34 3.42
CA LEU U 82 80.59 -36.65 3.18
C LEU U 82 80.71 -35.16 3.46
N GLU U 83 81.59 -34.76 4.37
CA GLU U 83 81.81 -33.34 4.62
C GLU U 83 82.37 -32.62 3.41
N SER U 84 83.10 -33.34 2.55
CA SER U 84 83.70 -32.73 1.36
C SER U 84 82.85 -32.95 0.11
N ASP U 85 82.53 -34.19 -0.21
CA ASP U 85 81.78 -34.53 -1.41
C ASP U 85 80.30 -34.72 -1.06
N ARG U 86 79.45 -33.98 -1.74
CA ARG U 86 78.00 -34.06 -1.52
C ARG U 86 77.41 -35.16 -2.39
N ALA U 87 76.08 -35.28 -2.37
CA ALA U 87 75.34 -36.24 -3.19
C ALA U 87 75.83 -37.67 -2.96
N ARG U 88 75.98 -38.06 -1.70
CA ARG U 88 76.52 -39.37 -1.36
C ARG U 88 75.69 -39.94 -0.22
N VAL U 89 75.25 -41.19 -0.36
CA VAL U 89 74.64 -41.93 0.73
C VAL U 89 75.50 -43.17 0.97
N PRO U 90 76.08 -43.34 2.16
CA PRO U 90 77.01 -44.45 2.39
C PRO U 90 76.35 -45.82 2.27
N VAL U 91 75.27 -46.02 3.01
CA VAL U 91 74.56 -47.30 3.05
C VAL U 91 73.08 -47.07 2.85
N VAL U 92 72.48 -47.88 1.99
CA VAL U 92 71.03 -47.95 1.85
C VAL U 92 70.59 -49.32 2.33
N GLY U 93 69.81 -49.36 3.40
CA GLY U 93 69.35 -50.62 3.97
C GLY U 93 67.86 -50.79 3.86
N ILE U 94 67.40 -51.88 3.24
CA ILE U 94 66.00 -52.11 2.95
C ILE U 94 65.64 -53.51 3.41
N GLU U 95 64.39 -53.68 3.82
CA GLU U 95 63.80 -54.96 4.17
C GLU U 95 62.80 -55.39 3.10
N ALA U 96 62.68 -56.69 2.88
CA ALA U 96 61.75 -57.18 1.88
C ALA U 96 60.32 -57.13 2.41
N ILE U 97 59.36 -57.18 1.48
CA ILE U 97 57.94 -57.12 1.81
C ILE U 97 57.28 -58.41 1.32
N ALA U 98 56.60 -59.10 2.22
CA ALA U 98 55.85 -60.28 1.84
C ALA U 98 54.61 -59.85 1.06
N PRO U 99 54.42 -60.34 -0.17
CA PRO U 99 53.31 -59.87 -1.00
C PRO U 99 51.97 -60.42 -0.53
N GLU U 100 50.93 -59.62 -0.78
CA GLU U 100 49.57 -60.09 -0.53
C GLU U 100 49.21 -61.23 -1.46
N SER U 101 49.62 -61.14 -2.72
CA SER U 101 49.39 -62.20 -3.70
C SER U 101 50.46 -63.27 -3.56
N ARG U 102 50.49 -64.21 -4.49
CA ARG U 102 51.42 -65.34 -4.44
C ARG U 102 52.74 -65.05 -5.14
N TYR U 103 52.88 -63.93 -5.83
CA TYR U 103 54.10 -63.58 -6.53
C TYR U 103 54.69 -62.31 -5.93
N PHE U 104 56.02 -62.28 -5.79
CA PHE U 104 56.68 -61.12 -5.21
C PHE U 104 56.47 -59.90 -6.10
N ASN U 105 56.15 -58.77 -5.48
CA ASN U 105 55.82 -57.55 -6.20
C ASN U 105 57.11 -56.76 -6.43
N TRP U 106 57.61 -56.80 -7.67
CA TRP U 106 58.82 -56.05 -8.00
C TRP U 106 58.57 -54.55 -8.08
N LYS U 107 57.36 -54.13 -8.50
CA LYS U 107 57.04 -52.72 -8.56
C LYS U 107 57.10 -52.08 -7.18
N GLU U 108 56.55 -52.75 -6.17
CA GLU U 108 56.60 -52.22 -4.82
C GLU U 108 58.02 -52.20 -4.29
N TYR U 109 58.82 -53.22 -4.63
CA TYR U 109 60.22 -53.22 -4.23
C TYR U 109 60.96 -52.03 -4.83
N TYR U 110 60.73 -51.75 -6.11
CA TYR U 110 61.40 -50.64 -6.77
C TYR U 110 60.97 -49.30 -6.18
N THR U 111 59.66 -49.12 -5.93
CA THR U 111 59.22 -47.84 -5.39
C THR U 111 59.68 -47.67 -3.94
N ARG U 112 59.75 -48.75 -3.17
CA ARG U 112 60.30 -48.66 -1.82
C ARG U 112 61.78 -48.30 -1.86
N ALA U 113 62.53 -48.88 -2.80
CA ALA U 113 63.93 -48.53 -2.97
C ALA U 113 64.08 -47.05 -3.31
N LEU U 114 63.24 -46.54 -4.21
CA LEU U 114 63.27 -45.12 -4.54
C LEU U 114 62.94 -44.26 -3.32
N ILE U 115 61.96 -44.68 -2.53
CA ILE U 115 61.55 -43.90 -1.36
C ILE U 115 62.68 -43.83 -0.34
N THR U 116 63.26 -44.98 0.01
CA THR U 116 64.25 -44.99 1.08
C THR U 116 65.59 -44.42 0.63
N LEU U 117 66.00 -44.73 -0.61
CA LEU U 117 67.31 -44.29 -1.08
C LEU U 117 67.39 -42.77 -1.17
N GLU U 118 66.35 -42.13 -1.68
CA GLU U 118 66.38 -40.70 -1.96
C GLU U 118 65.68 -39.95 -0.83
N GLU U 119 66.41 -39.76 0.27
CA GLU U 119 65.99 -38.85 1.34
C GLU U 119 67.15 -37.94 1.77
N PRO U 120 67.83 -37.27 0.82
CA PRO U 120 68.91 -36.36 1.21
C PRO U 120 68.40 -34.95 1.42
N LEU U 121 69.31 -34.00 1.67
CA LEU U 121 68.93 -32.60 1.67
C LEU U 121 68.37 -32.22 0.29
N ILE U 122 67.37 -31.34 0.29
CA ILE U 122 66.61 -31.05 -0.93
C ILE U 122 67.51 -30.44 -2.00
N ASP U 123 68.68 -29.93 -1.62
CA ASP U 123 69.58 -29.29 -2.58
C ASP U 123 69.94 -30.24 -3.72
N HIS U 124 70.09 -31.52 -3.43
CA HIS U 124 70.43 -32.51 -4.45
C HIS U 124 69.22 -32.74 -5.36
N LYS U 125 69.34 -32.37 -6.63
CA LYS U 125 68.30 -32.56 -7.63
C LYS U 125 68.83 -33.42 -8.76
N PHE U 126 68.01 -34.38 -9.20
CA PHE U 126 68.40 -35.24 -10.30
C PHE U 126 67.29 -35.59 -11.29
N ASP U 127 66.10 -35.01 -11.15
CA ASP U 127 65.03 -35.04 -12.15
C ASP U 127 65.02 -36.36 -12.94
N TYR U 128 64.91 -37.45 -12.17
CA TYR U 128 65.23 -38.78 -12.66
C TYR U 128 64.48 -39.12 -13.94
N GLY U 129 65.02 -40.09 -14.69
CA GLY U 129 64.36 -40.57 -15.87
C GLY U 129 62.95 -41.06 -15.58
N VAL U 130 62.15 -41.17 -16.64
CA VAL U 130 60.72 -41.43 -16.58
C VAL U 130 60.01 -40.25 -15.92
N ARG U 131 58.90 -39.82 -16.52
CA ARG U 131 58.26 -38.58 -16.12
C ARG U 131 57.31 -38.78 -14.94
N GLY U 132 57.07 -40.03 -14.54
CA GLY U 132 56.18 -40.33 -13.45
C GLY U 132 56.80 -40.30 -12.07
N ILE U 133 58.07 -39.94 -11.95
CA ILE U 133 58.75 -39.86 -10.67
C ILE U 133 59.30 -38.45 -10.50
N SER U 134 58.95 -37.81 -9.40
CA SER U 134 59.37 -36.43 -9.15
C SER U 134 59.28 -36.14 -7.67
N ARG U 135 59.84 -35.00 -7.27
CA ARG U 135 59.76 -34.54 -5.89
C ARG U 135 58.40 -33.89 -5.65
N ASP U 136 58.25 -33.24 -4.50
CA ASP U 136 57.00 -32.58 -4.16
C ASP U 136 57.31 -31.36 -3.30
N ASN U 137 56.28 -30.79 -2.69
CA ASN U 137 56.44 -29.62 -1.83
C ASN U 137 56.95 -29.97 -0.44
N PHE U 138 57.05 -31.25 -0.10
CA PHE U 138 57.51 -31.68 1.21
C PHE U 138 58.77 -32.53 1.15
N GLY U 139 59.40 -32.65 -0.02
CA GLY U 139 60.60 -33.42 -0.18
C GLY U 139 60.38 -34.90 -0.42
N LYS U 140 59.14 -35.38 -0.34
CA LYS U 140 58.87 -36.79 -0.57
C LYS U 140 58.96 -37.13 -2.06
N ILE U 141 59.25 -38.40 -2.34
CA ILE U 141 59.31 -38.88 -3.72
C ILE U 141 57.92 -39.34 -4.12
N ASN U 142 57.43 -38.84 -5.25
CA ASN U 142 56.09 -39.16 -5.73
C ASN U 142 56.20 -40.22 -6.83
N VAL U 143 55.59 -41.38 -6.60
CA VAL U 143 55.57 -42.47 -7.56
C VAL U 143 54.11 -42.82 -7.82
N GLU U 144 53.64 -42.48 -9.02
CA GLU U 144 52.27 -42.82 -9.43
C GLU U 144 52.21 -44.26 -9.90
N SER U 145 50.99 -44.82 -9.85
CA SER U 145 50.78 -46.18 -10.34
C SER U 145 50.91 -46.27 -11.87
N LYS U 146 50.89 -45.13 -12.56
CA LYS U 146 51.05 -45.15 -14.01
C LYS U 146 52.45 -45.59 -14.43
N VAL U 147 53.44 -45.47 -13.55
CA VAL U 147 54.81 -45.81 -13.89
C VAL U 147 54.95 -47.33 -13.93
N VAL U 148 55.27 -47.86 -15.10
CA VAL U 148 55.47 -49.30 -15.22
C VAL U 148 56.74 -49.73 -14.49
N ALA U 149 56.79 -51.00 -14.10
CA ALA U 149 57.91 -51.50 -13.30
C ALA U 149 59.27 -51.33 -13.98
N PRO U 150 59.45 -51.63 -15.26
CA PRO U 150 60.77 -51.38 -15.88
C PRO U 150 61.21 -49.93 -15.82
N ALA U 151 60.27 -48.99 -15.92
CA ALA U 151 60.62 -47.57 -15.79
C ALA U 151 61.14 -47.27 -14.39
N LEU U 152 60.49 -47.81 -13.36
CA LEU U 152 60.99 -47.66 -12.00
C LEU U 152 62.35 -48.30 -11.84
N ARG U 153 62.57 -49.44 -12.51
CA ARG U 153 63.89 -50.08 -12.47
C ARG U 153 64.96 -49.18 -13.08
N ARG U 154 64.65 -48.54 -14.20
CA ARG U 154 65.62 -47.64 -14.83
C ARG U 154 65.92 -46.45 -13.93
N ALA U 155 64.89 -45.86 -13.32
CA ALA U 155 65.12 -44.73 -12.43
C ALA U 155 65.95 -45.14 -11.22
N LEU U 156 65.65 -46.30 -10.64
CA LEU U 156 66.42 -46.81 -9.51
C LEU U 156 67.86 -47.09 -9.92
N GLU U 157 68.06 -47.61 -11.13
CA GLU U 157 69.42 -47.84 -11.62
C GLU U 157 70.19 -46.54 -11.71
N ASN U 158 69.57 -45.50 -12.26
CA ASN U 158 70.25 -44.20 -12.34
C ASN U 158 70.60 -43.68 -10.95
N ALA U 159 69.64 -43.73 -10.02
CA ALA U 159 69.90 -43.22 -8.68
C ALA U 159 71.01 -44.00 -8.00
N LEU U 160 70.99 -45.33 -8.11
CA LEU U 160 72.04 -46.15 -7.51
C LEU U 160 73.39 -45.87 -8.14
N ILE U 161 73.43 -45.69 -9.46
CA ILE U 161 74.69 -45.42 -10.13
C ILE U 161 75.29 -44.11 -9.64
N HIS U 162 74.47 -43.07 -9.52
CA HIS U 162 75.03 -41.78 -9.07
C HIS U 162 75.39 -41.81 -7.60
N ARG U 163 74.41 -42.09 -6.73
CA ARG U 163 74.66 -42.07 -5.29
C ARG U 163 75.75 -43.06 -4.89
N HIS U 164 75.72 -44.26 -5.46
CA HIS U 164 76.72 -45.30 -5.30
C HIS U 164 76.96 -45.57 -3.81
N PRO U 165 76.03 -46.25 -3.15
CA PRO U 165 76.29 -46.69 -1.77
C PRO U 165 77.29 -47.84 -1.74
N ASP U 166 77.95 -47.99 -0.60
CA ASP U 166 78.95 -49.04 -0.46
C ASP U 166 78.30 -50.42 -0.43
N VAL U 167 77.12 -50.53 0.19
CA VAL U 167 76.43 -51.81 0.31
C VAL U 167 74.94 -51.54 0.37
N PHE U 168 74.16 -52.42 -0.25
CA PHE U 168 72.71 -52.31 -0.29
C PHE U 168 72.14 -53.52 0.45
N PHE U 169 71.62 -53.27 1.65
CA PHE U 169 71.09 -54.34 2.49
C PHE U 169 69.67 -54.69 2.07
N VAL U 170 69.39 -55.99 1.99
CA VAL U 170 68.06 -56.50 1.74
C VAL U 170 67.71 -57.42 2.89
N ASP U 171 67.06 -56.87 3.93
CA ASP U 171 66.70 -57.65 5.10
C ASP U 171 65.52 -58.57 4.80
N GLU U 172 65.43 -59.64 5.58
CA GLU U 172 64.48 -60.74 5.40
C GLU U 172 64.29 -61.06 3.91
N ALA U 173 65.42 -61.38 3.27
CA ALA U 173 65.45 -61.65 1.84
C ALA U 173 64.74 -62.93 1.46
N GLN U 174 64.34 -63.76 2.43
CA GLN U 174 63.62 -64.98 2.11
C GLN U 174 62.25 -64.70 1.48
N HIS U 175 61.77 -63.46 1.54
CA HIS U 175 60.50 -63.13 0.91
C HIS U 175 60.60 -63.13 -0.61
N PHE U 176 61.81 -63.20 -1.18
CA PHE U 176 61.95 -63.35 -2.61
C PHE U 176 61.46 -64.70 -3.12
N GLY U 177 61.24 -65.67 -2.23
CA GLY U 177 60.79 -66.99 -2.63
C GLY U 177 59.32 -67.10 -2.94
N LYS U 178 58.54 -66.05 -2.70
CA LYS U 178 57.11 -66.06 -2.99
C LYS U 178 56.93 -65.93 -4.49
N VAL U 179 56.99 -67.06 -5.20
CA VAL U 179 56.86 -67.09 -6.64
C VAL U 179 55.85 -68.17 -7.03
N ALA U 180 55.31 -68.03 -8.23
CA ALA U 180 54.33 -68.99 -8.74
C ALA U 180 54.97 -70.15 -9.47
N SER U 181 56.13 -69.95 -10.09
CA SER U 181 56.83 -70.98 -10.83
C SER U 181 58.06 -71.43 -10.06
N GLY U 182 58.29 -72.74 -10.02
CA GLY U 182 59.43 -73.27 -9.30
C GLY U 182 60.76 -72.80 -9.88
N TYR U 183 60.87 -72.78 -11.20
CA TYR U 183 62.10 -72.32 -11.85
C TYR U 183 62.28 -70.81 -11.69
N LYS U 184 61.21 -70.10 -11.35
CA LYS U 184 61.26 -68.63 -11.31
C LYS U 184 62.13 -68.13 -10.17
N LEU U 185 62.56 -69.00 -9.25
CA LEU U 185 63.48 -68.61 -8.19
C LEU U 185 64.79 -68.09 -8.79
N GLN U 186 65.34 -68.86 -9.73
CA GLN U 186 66.56 -68.44 -10.41
C GLN U 186 66.32 -67.17 -11.21
N ASP U 187 65.12 -67.00 -11.76
CA ASP U 187 64.80 -65.78 -12.49
C ASP U 187 64.80 -64.56 -11.56
N GLN U 188 64.24 -64.72 -10.36
CA GLN U 188 64.25 -63.65 -9.38
C GLN U 188 65.68 -63.28 -8.99
N LEU U 189 66.50 -64.29 -8.74
CA LEU U 189 67.89 -64.03 -8.37
C LEU U 189 68.65 -63.39 -9.53
N ASP U 190 68.33 -63.79 -10.76
CA ASP U 190 68.95 -63.19 -11.93
C ASP U 190 68.54 -61.73 -12.10
N CYS U 191 67.27 -61.43 -11.81
CA CYS U 191 66.82 -60.04 -11.85
C CYS U 191 67.59 -59.20 -10.84
N LEU U 192 67.75 -59.72 -9.63
CA LEU U 192 68.53 -59.00 -8.62
C LEU U 192 69.98 -58.83 -9.06
N LYS U 193 70.56 -59.88 -9.65
CA LYS U 193 71.94 -59.80 -10.13
C LYS U 193 72.09 -58.77 -11.24
N SER U 194 71.13 -58.74 -12.18
CA SER U 194 71.17 -57.75 -13.25
C SER U 194 71.03 -56.34 -12.72
N LEU U 195 70.18 -56.15 -11.70
CA LEU U 195 70.09 -54.86 -11.04
C LEU U 195 71.41 -54.48 -10.38
N ALA U 196 72.12 -55.44 -9.78
CA ALA U 196 73.39 -55.18 -9.14
C ALA U 196 74.55 -55.07 -10.11
N ASN U 197 74.36 -55.45 -11.38
CA ASN U 197 75.47 -55.46 -12.32
C ASN U 197 75.72 -54.07 -12.90
N MET U 198 74.73 -53.53 -13.62
CA MET U 198 74.87 -52.23 -14.25
C MET U 198 74.96 -51.08 -13.25
N THR U 199 74.54 -51.29 -12.01
CA THR U 199 74.69 -50.26 -10.99
C THR U 199 76.03 -50.37 -10.28
N GLY U 200 76.65 -51.55 -10.29
CA GLY U 200 77.89 -51.75 -9.57
C GLY U 200 77.75 -51.55 -8.07
N ILE U 201 76.62 -51.96 -7.52
CA ILE U 201 76.32 -51.77 -6.10
C ILE U 201 76.24 -53.13 -5.43
N LEU U 202 76.97 -53.29 -4.33
CA LEU U 202 77.02 -54.56 -3.63
C LEU U 202 75.70 -54.81 -2.92
N HIS U 203 75.06 -55.93 -3.21
CA HIS U 203 73.79 -56.32 -2.62
C HIS U 203 74.06 -57.34 -1.52
N CYS U 204 73.61 -57.05 -0.30
CA CYS U 204 73.70 -57.98 0.81
C CYS U 204 72.32 -58.46 1.19
N LEU U 205 72.11 -59.78 1.16
CA LEU U 205 70.81 -60.39 1.39
C LEU U 205 70.78 -60.97 2.79
N LEU U 206 70.06 -60.31 3.69
CA LEU U 206 69.84 -60.80 5.06
C LEU U 206 68.60 -61.68 5.04
N GLY U 207 68.75 -62.92 5.48
CA GLY U 207 67.62 -63.83 5.50
C GLY U 207 67.79 -64.93 6.52
N THR U 208 66.67 -65.60 6.80
CA THR U 208 66.68 -66.77 7.67
C THR U 208 67.13 -67.99 6.87
N TYR U 209 66.99 -69.18 7.45
CA TYR U 209 67.40 -70.40 6.77
C TYR U 209 66.51 -70.76 5.59
N GLU U 210 65.36 -70.11 5.45
CA GLU U 210 64.56 -70.29 4.24
C GLU U 210 65.27 -69.76 3.01
N LEU U 211 66.20 -68.81 3.18
CA LEU U 211 66.97 -68.25 2.08
C LEU U 211 67.88 -69.27 1.41
N LEU U 212 68.08 -70.44 2.02
CA LEU U 212 68.94 -71.45 1.44
C LEU U 212 68.42 -71.96 0.10
N THR U 213 67.16 -71.71 -0.22
CA THR U 213 66.65 -72.04 -1.55
C THR U 213 67.35 -71.25 -2.65
N PHE U 214 67.91 -70.09 -2.31
CA PHE U 214 68.68 -69.27 -3.26
C PHE U 214 70.18 -69.50 -3.15
N ARG U 215 70.61 -70.46 -2.33
CA ARG U 215 72.02 -70.51 -1.93
C ARG U 215 72.94 -70.82 -3.11
N ASN U 216 72.51 -71.70 -4.01
CA ASN U 216 73.35 -72.09 -5.15
C ASN U 216 72.46 -72.43 -6.34
N LEU U 217 72.24 -71.44 -7.21
CA LEU U 217 71.55 -71.64 -8.47
C LEU U 217 72.42 -71.06 -9.57
N SER U 218 72.81 -71.91 -10.52
CA SER U 218 73.66 -71.53 -11.66
C SER U 218 75.07 -71.15 -11.22
N GLY U 219 76.05 -71.37 -12.10
CA GLY U 219 77.43 -71.07 -11.74
C GLY U 219 77.69 -69.59 -11.56
N GLN U 220 77.06 -68.75 -12.39
CA GLN U 220 77.31 -67.31 -12.32
C GLN U 220 76.89 -66.73 -10.97
N LEU U 221 75.71 -67.11 -10.49
CA LEU U 221 75.27 -66.62 -9.18
C LEU U 221 76.15 -67.17 -8.06
N SER U 222 76.69 -68.38 -8.26
CA SER U 222 77.63 -68.92 -7.28
C SER U 222 78.91 -68.08 -7.23
N ARG U 223 79.39 -67.64 -8.39
CA ARG U 223 80.63 -66.86 -8.42
C ARG U 223 80.45 -65.52 -7.72
N ARG U 224 79.35 -64.83 -7.97
CA ARG U 224 79.15 -63.48 -7.50
C ARG U 224 78.45 -63.41 -6.15
N SER U 225 78.61 -64.45 -5.32
CA SER U 225 78.01 -64.49 -3.99
C SER U 225 79.01 -65.07 -3.01
N VAL U 226 78.95 -64.60 -1.77
CA VAL U 226 79.73 -65.14 -0.67
C VAL U 226 78.76 -65.56 0.43
N ASP U 227 79.05 -66.68 1.09
CA ASP U 227 78.17 -67.26 2.10
C ASP U 227 78.74 -66.97 3.48
N ILE U 228 78.01 -66.16 4.26
CA ILE U 228 78.36 -65.91 5.65
C ILE U 228 77.32 -66.59 6.52
N HIS U 229 77.77 -67.42 7.46
CA HIS U 229 76.89 -68.22 8.30
C HIS U 229 76.93 -67.67 9.72
N PHE U 230 75.80 -67.11 10.17
CA PHE U 230 75.66 -66.64 11.55
C PHE U 230 75.24 -67.84 12.39
N ARG U 231 76.22 -68.69 12.69
CA ARG U 231 75.95 -69.91 13.43
C ARG U 231 75.51 -69.60 14.86
N ARG U 232 74.64 -70.46 15.37
CA ARG U 232 74.19 -70.38 16.75
C ARG U 232 75.17 -71.10 17.65
N TYR U 233 75.17 -70.72 18.93
CA TYR U 233 76.02 -71.38 19.91
C TYR U 233 75.49 -72.78 20.19
N CYS U 234 76.17 -73.79 19.65
CA CYS U 234 75.73 -75.17 19.81
C CYS U 234 76.00 -75.66 21.23
N ALA U 235 75.49 -76.85 21.53
CA ALA U 235 75.65 -77.44 22.86
C ALA U 235 76.73 -78.50 22.94
N ASP U 236 77.07 -79.15 21.81
CA ASP U 236 78.07 -80.21 21.86
C ASP U 236 79.47 -79.67 22.08
N SER U 237 79.82 -78.59 21.40
CA SER U 237 81.16 -78.01 21.53
C SER U 237 81.29 -77.28 22.86
N PRO U 238 82.25 -77.65 23.71
CA PRO U 238 82.35 -76.98 25.03
C PRO U 238 82.57 -75.48 24.93
N GLU U 239 83.33 -75.02 23.92
CA GLU U 239 83.63 -73.60 23.82
C GLU U 239 82.36 -72.77 23.61
N ASP U 240 81.41 -73.29 22.85
CA ASP U 240 80.14 -72.60 22.68
C ASP U 240 79.38 -72.53 24.02
N VAL U 241 79.48 -73.59 24.83
CA VAL U 241 78.86 -73.58 26.14
C VAL U 241 79.50 -72.52 27.03
N GLN U 242 80.82 -72.40 26.98
CA GLN U 242 81.50 -71.35 27.75
C GLN U 242 81.09 -69.97 27.28
N ALA U 243 80.95 -69.79 25.95
CA ALA U 243 80.49 -68.50 25.44
C ALA U 243 79.07 -68.19 25.90
N PHE U 244 78.20 -69.19 25.90
CA PHE U 244 76.83 -69.01 26.37
C PHE U 244 76.81 -68.62 27.85
N LYS U 245 77.62 -69.28 28.67
CA LYS U 245 77.69 -68.93 30.08
C LYS U 245 78.26 -67.53 30.27
N SER U 246 79.25 -67.15 29.46
CA SER U 246 79.83 -65.82 29.56
C SER U 246 78.81 -64.73 29.22
N VAL U 247 78.03 -64.95 28.15
CA VAL U 247 77.03 -63.94 27.80
C VAL U 247 75.90 -63.93 28.81
N LEU U 248 75.59 -65.08 29.42
CA LEU U 248 74.61 -65.11 30.50
C LEU U 248 75.08 -64.29 31.69
N LEU U 249 76.35 -64.44 32.05
CA LEU U 249 76.91 -63.64 33.15
C LEU U 249 76.92 -62.17 32.80
N THR U 250 77.26 -61.83 31.56
CA THR U 250 77.27 -60.43 31.13
C THR U 250 75.89 -59.83 31.21
N PHE U 251 74.87 -60.57 30.78
CA PHE U 251 73.50 -60.11 30.93
C PHE U 251 73.13 -59.94 32.40
N GLN U 252 73.52 -60.90 33.24
CA GLN U 252 73.21 -60.83 34.67
C GLN U 252 73.83 -59.61 35.32
N GLN U 253 75.03 -59.21 34.89
CA GLN U 253 75.70 -58.06 35.49
C GLN U 253 74.94 -56.77 35.19
N HIS U 254 74.34 -56.66 34.02
CA HIS U 254 73.68 -55.43 33.59
C HIS U 254 72.16 -55.50 33.71
N LEU U 255 71.65 -56.15 34.77
CA LEU U 255 70.23 -56.15 35.03
C LEU U 255 69.92 -55.07 36.06
N PRO U 256 69.19 -54.02 35.71
CA PRO U 256 68.97 -52.91 36.66
C PRO U 256 68.05 -53.30 37.80
N LEU U 257 68.55 -54.09 38.74
CA LEU U 257 67.79 -54.53 39.89
C LEU U 257 68.54 -54.20 41.17
N ALA U 258 67.80 -54.09 42.27
CA ALA U 258 68.43 -53.84 43.56
C ALA U 258 69.38 -54.97 43.94
N GLU U 259 68.98 -56.21 43.68
CA GLU U 259 69.82 -57.37 43.89
C GLU U 259 70.08 -58.04 42.54
N THR U 260 71.33 -58.33 42.25
CA THR U 260 71.68 -59.00 41.00
C THR U 260 71.36 -60.48 41.11
N PRO U 261 70.46 -61.02 40.28
CA PRO U 261 70.12 -62.44 40.38
C PRO U 261 71.24 -63.32 39.87
N ASN U 262 71.26 -64.55 40.37
CA ASN U 262 72.17 -65.58 39.90
C ASN U 262 71.51 -66.28 38.72
N LEU U 263 72.14 -66.20 37.55
CA LEU U 263 71.51 -66.62 36.31
C LEU U 263 72.23 -67.75 35.60
N VAL U 264 73.55 -67.86 35.76
CA VAL U 264 74.32 -68.87 35.05
C VAL U 264 73.94 -70.28 35.52
N ASP U 265 73.44 -70.40 36.75
CA ASP U 265 73.14 -71.72 37.30
C ASP U 265 72.09 -72.45 36.47
N HIS U 266 71.03 -71.76 36.07
CA HIS U 266 69.97 -72.37 35.27
C HIS U 266 70.22 -72.17 33.78
N TRP U 267 71.43 -72.50 33.32
CA TRP U 267 71.77 -72.26 31.92
C TRP U 267 71.14 -73.29 31.00
N GLU U 268 70.90 -74.51 31.49
CA GLU U 268 70.30 -75.54 30.67
C GLU U 268 68.90 -75.14 30.21
N TYR U 269 68.11 -74.56 31.12
CA TYR U 269 66.78 -74.08 30.76
C TYR U 269 66.86 -72.99 29.70
N PHE U 270 67.80 -72.06 29.85
CA PHE U 270 67.96 -71.00 28.88
C PHE U 270 68.33 -71.55 27.51
N TYR U 271 69.24 -72.51 27.46
CA TYR U 271 69.60 -73.12 26.18
C TYR U 271 68.42 -73.88 25.60
N GLU U 272 67.63 -74.54 26.44
CA GLU U 272 66.45 -75.25 25.96
C GLU U 272 65.47 -74.29 25.30
N ARG U 273 65.20 -73.14 25.92
CA ARG U 273 64.18 -72.23 25.43
C ARG U 273 64.72 -71.13 24.53
N THR U 274 66.02 -71.13 24.22
CA THR U 274 66.59 -70.16 23.30
C THR U 274 67.44 -70.77 22.20
N LEU U 275 67.87 -72.02 22.33
CA LEU U 275 68.65 -72.73 21.33
C LEU U 275 69.98 -72.05 21.03
N GLY U 276 70.47 -71.21 21.94
CA GLY U 276 71.73 -70.53 21.77
C GLY U 276 71.66 -69.18 21.07
N CYS U 277 70.50 -68.81 20.56
CA CYS U 277 70.36 -67.51 19.91
C CYS U 277 70.35 -66.40 20.94
N ILE U 278 71.24 -65.43 20.77
CA ILE U 278 71.38 -64.35 21.75
C ILE U 278 70.13 -63.46 21.74
N GLY U 279 69.54 -63.25 20.57
CA GLY U 279 68.35 -62.41 20.50
C GLY U 279 67.18 -62.97 21.30
N THR U 280 66.96 -64.28 21.22
CA THR U 280 65.89 -64.90 21.99
C THR U 280 66.12 -64.75 23.49
N LEU U 281 67.37 -64.95 23.93
CA LEU U 281 67.67 -64.79 25.35
C LEU U 281 67.49 -63.35 25.80
N LYS U 282 67.88 -62.40 24.95
CA LYS U 282 67.68 -60.99 25.28
C LYS U 282 66.19 -60.67 25.38
N ASP U 283 65.38 -61.22 24.47
CA ASP U 283 63.93 -61.06 24.54
C ASP U 283 63.40 -61.62 25.86
N TRP U 284 63.82 -62.82 26.22
CA TRP U 284 63.37 -63.46 27.46
C TRP U 284 63.71 -62.60 28.67
N LEU U 285 64.96 -62.16 28.76
CA LEU U 285 65.39 -61.37 29.91
C LEU U 285 64.70 -60.01 29.93
N LYS U 286 64.43 -59.44 28.76
CA LYS U 286 63.69 -58.19 28.70
C LYS U 286 62.28 -58.35 29.26
N ARG U 287 61.61 -59.43 28.86
CA ARG U 287 60.27 -59.69 29.38
C ARG U 287 60.29 -59.89 30.90
N VAL U 288 61.25 -60.67 31.38
CA VAL U 288 61.32 -60.94 32.81
C VAL U 288 61.62 -59.67 33.59
N LEU U 289 62.54 -58.84 33.08
CA LEU U 289 62.87 -57.59 33.74
C LEU U 289 61.69 -56.63 33.75
N SER U 290 60.94 -56.58 32.64
CA SER U 290 59.75 -55.74 32.60
C SER U 290 58.74 -56.18 33.65
N ASP U 291 58.52 -57.50 33.76
CA ASP U 291 57.59 -57.98 34.78
C ASP U 291 58.07 -57.64 36.18
N ALA U 292 59.37 -57.84 36.45
CA ALA U 292 59.91 -57.56 37.77
C ALA U 292 59.79 -56.08 38.12
N LEU U 293 60.09 -55.20 37.16
CA LEU U 293 59.98 -53.77 37.41
C LEU U 293 58.53 -53.35 37.59
N ASP U 294 57.60 -54.02 36.90
CA ASP U 294 56.18 -53.76 37.15
C ASP U 294 55.81 -54.14 38.58
N ARG U 295 56.29 -55.28 39.05
CA ARG U 295 56.04 -55.68 40.43
C ARG U 295 56.94 -54.97 41.42
N GLU U 296 57.95 -54.23 40.95
CA GLU U 296 58.88 -53.51 41.81
C GLU U 296 59.58 -54.43 42.80
N ALA U 297 59.80 -55.68 42.40
CA ALA U 297 60.47 -56.64 43.26
C ALA U 297 61.98 -56.46 43.18
N THR U 298 62.67 -56.74 44.27
CA THR U 298 64.13 -56.65 44.27
C THR U 298 64.82 -57.49 43.20
N THR U 299 64.47 -58.77 43.08
CA THR U 299 65.19 -59.62 42.13
C THR U 299 64.34 -60.70 41.43
N ILE U 300 64.99 -61.47 40.56
CA ILE U 300 64.33 -62.40 39.64
C ILE U 300 64.28 -63.82 40.18
N THR U 301 63.38 -64.64 39.63
CA THR U 301 63.27 -66.04 39.99
C THR U 301 62.91 -66.90 38.78
N LEU U 302 63.09 -68.21 38.90
CA LEU U 302 62.75 -69.12 37.82
C LEU U 302 61.28 -69.01 37.48
N LYS U 303 60.46 -68.77 38.49
CA LYS U 303 59.04 -68.60 38.24
C LYS U 303 58.82 -67.56 37.17
N ASP U 304 59.14 -66.30 37.48
CA ASP U 304 59.02 -65.25 36.47
C ASP U 304 59.58 -65.72 35.13
N LEU U 305 60.61 -66.55 35.16
CA LEU U 305 61.20 -67.05 33.91
C LEU U 305 60.21 -67.93 33.15
N GLN U 306 59.50 -68.79 33.87
CA GLN U 306 58.58 -69.73 33.22
C GLN U 306 57.34 -69.04 32.67
N LYS U 307 56.96 -67.90 33.24
CA LYS U 307 55.77 -67.20 32.77
C LYS U 307 55.94 -66.71 31.33
N ARG U 308 57.09 -66.12 31.03
CA ARG U 308 57.36 -65.58 29.70
C ARG U 308 58.21 -66.52 28.86
N ALA U 309 58.38 -67.77 29.27
CA ALA U 309 59.17 -68.72 28.52
C ALA U 309 58.48 -69.10 27.22
N LEU U 310 59.29 -69.37 26.20
CA LEU U 310 58.77 -69.89 24.94
C LEU U 310 58.26 -71.31 25.14
N SER U 311 57.11 -71.61 24.56
CA SER U 311 56.50 -72.92 24.76
C SER U 311 57.30 -73.99 24.03
N VAL U 312 57.08 -75.24 24.44
CA VAL U 312 57.84 -76.36 23.88
C VAL U 312 57.53 -76.54 22.41
N ALA U 313 56.26 -76.41 22.03
CA ALA U 313 55.87 -76.68 20.64
C ALA U 313 56.53 -75.71 19.67
N GLN U 314 56.48 -74.41 19.97
CA GLN U 314 57.08 -73.44 19.06
C GLN U 314 58.60 -73.56 19.04
N CYS U 315 59.20 -73.84 20.20
CA CYS U 315 60.64 -74.05 20.23
C CYS U 315 61.05 -75.31 19.48
N GLN U 316 60.17 -76.33 19.47
CA GLN U 316 60.46 -77.55 18.72
C GLN U 316 60.52 -77.28 17.22
N LYS U 317 59.61 -76.44 16.71
CA LYS U 317 59.58 -76.16 15.28
C LYS U 317 60.86 -75.42 14.85
N MET U 318 61.34 -74.48 15.69
CA MET U 318 62.55 -73.76 15.35
C MET U 318 63.72 -74.70 15.17
N PHE U 319 63.92 -75.63 16.10
CA PHE U 319 65.06 -76.54 16.02
C PHE U 319 64.96 -77.43 14.80
N LYS U 320 63.74 -77.82 14.40
CA LYS U 320 63.56 -78.57 13.18
C LYS U 320 64.02 -77.76 11.98
N GLU U 321 63.68 -76.47 11.93
CA GLU U 321 64.17 -75.60 10.87
C GLU U 321 65.67 -75.42 10.96
N ILE U 322 66.20 -75.26 12.17
CA ILE U 322 67.63 -75.02 12.34
C ILE U 322 68.43 -76.27 12.00
N GLN U 323 67.92 -77.44 12.37
CA GLN U 323 68.64 -78.69 12.13
C GLN U 323 68.85 -78.92 10.63
N GLU U 324 67.81 -78.70 9.82
CA GLU U 324 67.94 -78.88 8.39
C GLU U 324 68.81 -77.79 7.77
N GLY U 325 68.67 -76.55 8.24
CA GLY U 325 69.47 -75.47 7.68
C GLY U 325 70.95 -75.65 7.91
N GLU U 326 71.34 -76.01 9.14
CA GLU U 326 72.74 -76.24 9.43
C GLU U 326 73.26 -77.48 8.71
N ARG U 327 72.42 -78.50 8.55
CA ARG U 327 72.83 -79.69 7.80
C ARG U 327 73.13 -79.35 6.35
N GLN U 328 72.31 -78.48 5.75
CA GLN U 328 72.56 -78.06 4.37
C GLN U 328 73.83 -77.24 4.25
N LEU U 329 74.14 -76.40 5.24
CA LEU U 329 75.25 -75.48 5.21
C LEU U 329 76.53 -76.08 5.78
N SER U 330 76.52 -77.37 6.10
CA SER U 330 77.66 -78.03 6.72
C SER U 330 78.65 -78.44 5.63
N GLU U 331 79.84 -77.83 5.67
CA GLU U 331 80.92 -78.17 4.76
C GLU U 331 81.96 -78.98 5.50
N THR U 332 82.18 -80.22 5.05
CA THR U 332 83.13 -81.12 5.67
C THR U 332 84.37 -81.24 4.80
N GLU U 333 85.42 -81.84 5.37
CA GLU U 333 86.64 -82.08 4.61
C GLU U 333 86.37 -83.07 3.49
N ALA U 334 85.44 -83.99 3.69
CA ALA U 334 85.10 -84.96 2.64
C ALA U 334 84.61 -84.27 1.38
N ASP U 335 83.78 -83.24 1.53
CA ASP U 335 83.27 -82.51 0.36
C ASP U 335 84.40 -81.95 -0.48
N VAL U 336 85.52 -81.59 0.14
CA VAL U 336 86.68 -81.13 -0.60
C VAL U 336 87.24 -82.27 -1.46
N GLN U 337 87.17 -83.50 -0.95
CA GLN U 337 87.82 -84.62 -1.63
C GLN U 337 87.17 -84.91 -2.97
N ASN U 338 85.82 -84.94 -3.02
CA ASN U 338 85.15 -85.17 -4.31
C ASN U 338 85.41 -84.02 -5.26
N LEU U 339 85.47 -82.78 -4.76
CA LEU U 339 85.76 -81.64 -5.62
C LEU U 339 87.14 -81.78 -6.25
N ARG U 340 88.13 -82.18 -5.44
CA ARG U 340 89.47 -82.42 -5.98
C ARG U 340 89.50 -83.65 -6.89
N SER U 341 88.77 -84.70 -6.52
CA SER U 341 88.73 -85.90 -7.35
C SER U 341 88.10 -85.62 -8.71
N ALA U 342 87.02 -84.85 -8.73
CA ALA U 342 86.37 -84.53 -10.00
C ALA U 342 87.27 -83.69 -10.89
N LEU U 343 87.98 -82.72 -10.30
CA LEU U 343 88.87 -81.86 -11.07
C LEU U 343 90.14 -82.56 -11.51
N GLY U 344 90.52 -83.66 -10.86
CA GLY U 344 91.78 -84.32 -11.16
C GLY U 344 92.95 -83.90 -10.30
N LEU U 345 92.70 -83.20 -9.20
CA LEU U 345 93.75 -82.75 -8.30
C LEU U 345 94.01 -83.74 -7.17
N GLY U 346 93.36 -84.91 -7.18
CA GLY U 346 93.54 -85.86 -6.11
C GLY U 346 94.95 -86.43 -6.08
N SER V 4 24.72 -54.35 49.23
CA SER V 4 24.54 -55.77 48.95
C SER V 4 25.45 -56.23 47.82
N THR V 5 25.71 -57.54 47.77
CA THR V 5 26.55 -58.12 46.74
C THR V 5 25.79 -58.39 45.45
N GLY V 6 24.48 -58.18 45.44
CA GLY V 6 23.67 -58.43 44.26
C GLY V 6 23.11 -57.17 43.63
N PHE V 7 22.03 -57.33 42.88
CA PHE V 7 21.40 -56.20 42.20
C PHE V 7 20.79 -55.24 43.22
N PRO V 8 20.84 -53.93 42.97
CA PRO V 8 20.11 -52.99 43.83
C PRO V 8 18.61 -53.22 43.73
N LEU V 9 17.91 -52.98 44.84
CA LEU V 9 16.47 -53.24 44.88
C LEU V 9 15.66 -52.18 44.18
N GLU V 10 16.26 -51.04 43.83
CA GLU V 10 15.51 -49.98 43.17
C GLU V 10 15.14 -50.35 41.74
N LEU V 11 15.81 -51.35 41.16
CA LEU V 11 15.53 -51.74 39.79
C LEU V 11 14.14 -52.36 39.64
N LEU V 12 13.56 -52.85 40.75
CA LEU V 12 12.26 -53.49 40.68
C LEU V 12 11.18 -52.51 40.21
N THR V 13 11.20 -51.28 40.72
CA THR V 13 10.22 -50.29 40.30
C THR V 13 10.39 -49.93 38.83
N ARG V 14 11.62 -49.88 38.34
CA ARG V 14 11.89 -49.55 36.95
C ARG V 14 11.35 -50.65 36.04
N PRO V 15 11.04 -50.32 34.78
CA PRO V 15 10.43 -51.32 33.88
C PRO V 15 11.40 -52.44 33.55
N ALA V 16 10.87 -53.44 32.82
CA ALA V 16 11.67 -54.59 32.46
C ALA V 16 12.84 -54.23 31.57
N THR V 17 12.68 -53.21 30.71
CA THR V 17 13.76 -52.82 29.82
C THR V 17 14.98 -52.35 30.61
N GLU V 18 14.75 -51.56 31.66
CA GLU V 18 15.88 -51.05 32.45
C GLU V 18 16.60 -52.18 33.18
N ARG V 19 15.84 -53.14 33.72
CA ARG V 19 16.46 -54.29 34.38
C ARG V 19 17.26 -55.12 33.40
N LEU V 20 16.72 -55.34 32.20
CA LEU V 20 17.43 -56.09 31.18
C LEU V 20 18.71 -55.37 30.78
N ALA V 21 18.66 -54.05 30.63
CA ALA V 21 19.85 -53.28 30.31
C ALA V 21 20.90 -53.38 31.41
N TYR V 22 20.46 -53.30 32.67
CA TYR V 22 21.39 -53.41 33.77
C TYR V 22 22.06 -54.78 33.80
N PHE V 23 21.29 -55.84 33.56
CA PHE V 23 21.88 -57.18 33.55
C PHE V 23 22.80 -57.37 32.34
N GLU V 24 22.47 -56.76 31.21
CA GLU V 24 23.31 -56.89 30.02
C GLU V 24 24.65 -56.18 30.20
N ASN V 25 24.63 -54.92 30.66
CA ASN V 25 25.88 -54.19 30.81
C ASN V 25 26.70 -54.70 31.99
N TYR V 26 26.11 -55.50 32.87
CA TYR V 26 26.86 -56.16 33.93
C TYR V 26 27.77 -57.22 33.33
N THR V 27 29.00 -57.29 33.82
CA THR V 27 29.99 -58.25 33.36
C THR V 27 30.69 -58.84 34.59
N VAL V 28 30.40 -60.11 34.89
CA VAL V 28 31.03 -60.76 36.03
C VAL V 28 32.49 -61.07 35.71
N ALA V 29 33.27 -61.31 36.77
CA ALA V 29 34.68 -61.64 36.65
C ALA V 29 34.92 -63.03 37.22
N HIS V 30 35.70 -63.83 36.51
CA HIS V 30 36.06 -65.18 36.90
C HIS V 30 37.57 -65.37 36.85
N PRO V 31 38.11 -66.33 37.60
CA PRO V 31 39.58 -66.45 37.69
C PRO V 31 40.29 -66.57 36.36
N ARG V 32 39.73 -67.32 35.40
CA ARG V 32 40.37 -67.41 34.09
C ARG V 32 40.35 -66.05 33.38
N LEU V 33 39.23 -65.33 33.49
CA LEU V 33 39.14 -64.01 32.85
C LEU V 33 40.23 -63.08 33.37
N LYS V 34 40.34 -62.96 34.70
CA LYS V 34 41.32 -62.03 35.26
C LYS V 34 42.75 -62.51 35.02
N GLU V 35 42.97 -63.83 35.05
CA GLU V 35 44.31 -64.36 34.79
C GLU V 35 44.75 -64.05 33.36
N VAL V 36 43.88 -64.35 32.39
CA VAL V 36 44.23 -64.09 30.99
C VAL V 36 44.34 -62.59 30.75
N TYR V 37 43.50 -61.79 31.41
CA TYR V 37 43.59 -60.34 31.28
C TYR V 37 44.93 -59.82 31.77
N GLU V 38 45.37 -60.29 32.93
CA GLU V 38 46.67 -59.86 33.46
C GLU V 38 47.81 -60.34 32.56
N ILE V 39 47.72 -61.57 32.06
CA ILE V 39 48.76 -62.10 31.19
C ILE V 39 48.86 -61.27 29.91
N LEU V 40 47.71 -60.96 29.31
CA LEU V 40 47.72 -60.14 28.10
C LEU V 40 48.19 -58.73 28.39
N MET V 41 47.81 -58.16 29.53
CA MET V 41 48.29 -56.83 29.88
C MET V 41 49.80 -56.80 30.01
N ARG V 42 50.38 -57.83 30.64
CA ARG V 42 51.82 -57.87 30.78
C ARG V 42 52.51 -58.18 29.46
N THR V 43 51.82 -58.88 28.56
CA THR V 43 52.41 -59.18 27.26
C THR V 43 52.42 -57.96 26.35
N ILE V 44 51.34 -57.16 26.37
CA ILE V 44 51.27 -55.98 25.52
C ILE V 44 51.80 -54.72 26.18
N ALA V 45 52.07 -54.76 27.49
CA ALA V 45 52.78 -53.64 28.11
C ALA V 45 54.16 -53.43 27.50
N GLU V 46 54.78 -54.50 27.02
CA GLU V 46 55.99 -54.44 26.23
C GLU V 46 56.09 -55.71 25.40
N PRO V 47 56.23 -55.60 24.07
CA PRO V 47 56.22 -56.82 23.25
C PRO V 47 57.56 -57.54 23.23
N ALA V 48 58.66 -56.80 23.30
CA ALA V 48 60.01 -57.35 23.32
C ALA V 48 60.27 -58.22 22.08
N GLY V 49 60.22 -57.58 20.93
CA GLY V 49 60.55 -58.27 19.69
C GLY V 49 59.53 -59.30 19.24
N ALA V 50 58.36 -59.33 19.87
CA ALA V 50 57.30 -60.24 19.49
C ALA V 50 56.24 -59.48 18.71
N SER V 51 55.88 -60.00 17.54
CA SER V 51 54.93 -59.33 16.66
C SER V 51 53.54 -59.91 16.69
N PHE V 52 53.36 -61.13 17.21
CA PHE V 52 52.08 -61.83 17.16
C PHE V 52 51.70 -62.32 18.54
N ILE V 53 50.43 -62.11 18.90
CA ILE V 53 49.83 -62.71 20.09
C ILE V 53 48.65 -63.55 19.63
N PHE V 54 48.65 -64.82 20.01
CA PHE V 54 47.63 -65.77 19.58
C PHE V 54 46.76 -66.12 20.78
N VAL V 55 45.66 -65.39 20.93
CA VAL V 55 44.69 -65.68 21.98
C VAL V 55 43.76 -66.77 21.47
N TYR V 56 43.93 -67.97 22.01
CA TYR V 56 43.15 -69.13 21.60
C TYR V 56 41.98 -69.34 22.56
N GLY V 57 40.79 -69.55 22.01
CA GLY V 57 39.62 -69.73 22.83
C GLY V 57 38.39 -70.15 22.06
N ALA V 58 37.54 -70.95 22.69
CA ALA V 58 36.31 -71.40 22.07
C ALA V 58 35.35 -70.23 21.88
N SER V 59 34.36 -70.53 21.04
CA SER V 59 33.31 -69.57 20.82
C SER V 59 32.37 -69.77 21.97
N GLY V 60 32.71 -69.22 23.12
CA GLY V 60 31.84 -69.29 24.27
C GLY V 60 32.44 -68.56 25.46
N VAL V 61 33.77 -68.47 25.53
CA VAL V 61 34.42 -67.86 26.68
C VAL V 61 34.14 -66.36 26.82
N GLY V 62 35.04 -65.53 26.32
CA GLY V 62 34.87 -64.09 26.43
C GLY V 62 35.96 -63.33 25.72
N LYS V 63 36.35 -63.80 24.54
CA LYS V 63 37.41 -63.13 23.78
C LYS V 63 37.05 -61.70 23.44
N THR V 64 35.82 -61.47 22.97
CA THR V 64 35.43 -60.13 22.56
C THR V 64 35.34 -59.19 23.75
N THR V 65 34.76 -59.64 24.86
CA THR V 65 34.67 -58.78 26.04
C THR V 65 36.05 -58.55 26.65
N LEU V 66 36.95 -59.53 26.56
CA LEU V 66 38.32 -59.31 27.00
C LEU V 66 39.01 -58.25 26.15
N ARG V 67 38.79 -58.29 24.83
CA ARG V 67 39.33 -57.27 23.95
C ARG V 67 38.79 -55.89 24.31
N LEU V 68 37.48 -55.80 24.55
CA LEU V 68 36.88 -54.52 24.93
C LEU V 68 37.44 -54.01 26.25
N ARG V 69 37.62 -54.91 27.22
CA ARG V 69 38.20 -54.53 28.50
C ARG V 69 39.62 -54.01 28.33
N VAL V 70 40.43 -54.67 27.49
CA VAL V 70 41.80 -54.23 27.28
C VAL V 70 41.81 -52.85 26.62
N GLU V 71 40.97 -52.66 25.60
CA GLU V 71 40.92 -51.36 24.93
C GLU V 71 40.50 -50.25 25.89
N GLN V 72 39.47 -50.51 26.70
CA GLN V 72 39.02 -49.47 27.63
C GLN V 72 40.07 -49.17 28.68
N LYS V 73 40.78 -50.20 29.15
CA LYS V 73 41.82 -49.98 30.14
C LYS V 73 42.96 -49.13 29.58
N LEU V 74 43.44 -49.47 28.38
CA LEU V 74 44.55 -48.70 27.82
C LEU V 74 44.10 -47.31 27.39
N THR V 75 42.83 -47.17 26.97
CA THR V 75 42.31 -45.84 26.68
C THR V 75 42.26 -44.98 27.93
N GLU V 76 41.88 -45.57 29.06
CA GLU V 76 41.93 -44.85 30.33
C GLU V 76 43.35 -44.47 30.70
N LEU V 77 44.30 -45.38 30.46
CA LEU V 77 45.68 -45.13 30.88
C LEU V 77 46.33 -44.00 30.11
N ALA V 78 45.91 -43.76 28.87
CA ALA V 78 46.62 -42.85 27.97
C ALA V 78 46.03 -41.44 27.95
N LEU V 79 45.00 -41.15 28.74
CA LEU V 79 44.41 -39.82 28.70
C LEU V 79 45.34 -38.70 29.14
N PRO V 80 46.14 -38.82 30.22
CA PRO V 80 46.98 -37.67 30.61
C PRO V 80 48.01 -37.29 29.54
N LYS V 81 48.56 -38.28 28.85
CA LYS V 81 49.51 -37.99 27.78
C LYS V 81 48.80 -37.45 26.54
N LEU V 82 47.59 -37.94 26.27
CA LEU V 82 46.82 -37.42 25.15
C LEU V 82 46.46 -35.95 25.36
N GLU V 83 46.14 -35.56 26.59
CA GLU V 83 45.86 -34.16 26.87
C GLU V 83 47.07 -33.27 26.60
N SER V 84 48.28 -33.84 26.70
CA SER V 84 49.51 -33.10 26.45
C SER V 84 50.06 -33.30 25.05
N ASP V 85 49.91 -34.49 24.47
CA ASP V 85 50.42 -34.81 23.16
C ASP V 85 49.28 -35.23 22.24
N ARG V 86 49.21 -34.62 21.06
CA ARG V 86 48.19 -34.95 20.08
C ARG V 86 48.74 -36.00 19.11
N ALA V 87 47.96 -36.31 18.08
CA ALA V 87 48.35 -37.20 16.99
C ALA V 87 48.78 -38.58 17.47
N ARG V 88 48.13 -39.10 18.50
CA ARG V 88 48.42 -40.44 19.01
C ARG V 88 47.13 -41.14 19.39
N VAL V 89 47.02 -42.41 19.01
CA VAL V 89 45.89 -43.25 19.38
C VAL V 89 46.41 -44.34 20.31
N PRO V 90 45.80 -44.54 21.48
CA PRO V 90 46.30 -45.57 22.41
C PRO V 90 46.24 -46.97 21.80
N VAL V 91 45.04 -47.42 21.45
CA VAL V 91 44.81 -48.76 20.91
C VAL V 91 43.79 -48.68 19.79
N VAL V 92 44.03 -49.43 18.72
CA VAL V 92 43.06 -49.59 17.64
C VAL V 92 42.87 -51.07 17.39
N GLY V 93 41.69 -51.45 16.90
CA GLY V 93 41.38 -52.84 16.65
C GLY V 93 40.20 -53.02 15.72
N ILE V 94 40.21 -54.10 14.94
CA ILE V 94 39.17 -54.40 13.97
C ILE V 94 38.86 -55.89 14.02
N GLU V 95 37.92 -56.31 13.17
CA GLU V 95 37.53 -57.71 13.05
C GLU V 95 37.73 -58.17 11.63
N ALA V 96 38.33 -59.35 11.46
CA ALA V 96 38.58 -59.88 10.12
C ALA V 96 37.28 -60.12 9.39
N ILE V 97 37.31 -59.92 8.08
CA ILE V 97 36.14 -60.07 7.21
C ILE V 97 36.22 -61.43 6.52
N ALA V 98 35.15 -62.20 6.64
CA ALA V 98 35.03 -63.39 5.80
C ALA V 98 34.71 -62.93 4.37
N PRO V 99 35.55 -63.26 3.39
CA PRO V 99 35.37 -62.70 2.05
C PRO V 99 34.23 -63.37 1.30
N GLU V 100 33.59 -62.59 0.43
CA GLU V 100 32.55 -63.14 -0.43
C GLU V 100 33.12 -64.19 -1.37
N SER V 101 34.28 -63.91 -1.95
CA SER V 101 34.94 -64.85 -2.85
C SER V 101 35.76 -65.86 -2.03
N ARG V 102 36.57 -66.66 -2.73
CA ARG V 102 37.39 -67.66 -2.08
C ARG V 102 38.51 -67.04 -1.24
N TYR V 103 39.26 -66.10 -1.82
CA TYR V 103 40.47 -65.57 -1.20
C TYR V 103 40.13 -64.43 -0.26
N PHE V 104 40.86 -64.36 0.86
CA PHE V 104 40.77 -63.21 1.74
C PHE V 104 41.18 -61.95 0.98
N ASN V 105 40.35 -60.91 1.07
CA ASN V 105 40.57 -59.69 0.31
C ASN V 105 41.42 -58.76 1.17
N TRP V 106 42.66 -58.53 0.75
CA TRP V 106 43.56 -57.67 1.52
C TRP V 106 43.21 -56.20 1.34
N LYS V 107 42.61 -55.83 0.21
CA LYS V 107 42.24 -54.44 -0.02
C LYS V 107 41.23 -53.98 1.02
N GLU V 108 40.20 -54.80 1.28
CA GLU V 108 39.19 -54.43 2.27
C GLU V 108 39.77 -54.40 3.67
N TYR V 109 40.66 -55.35 3.98
CA TYR V 109 41.32 -55.34 5.28
C TYR V 109 42.11 -54.05 5.49
N TYR V 110 42.91 -53.67 4.48
CA TYR V 110 43.73 -52.47 4.60
C TYR V 110 42.85 -51.23 4.71
N THR V 111 41.80 -51.13 3.90
CA THR V 111 40.98 -49.93 3.93
C THR V 111 40.18 -49.83 5.23
N ARG V 112 39.74 -50.97 5.77
CA ARG V 112 39.03 -50.92 7.05
C ARG V 112 39.97 -50.57 8.20
N ALA V 113 41.20 -51.09 8.15
CA ALA V 113 42.19 -50.69 9.16
C ALA V 113 42.47 -49.20 9.10
N LEU V 114 42.61 -48.67 7.88
CA LEU V 114 42.85 -47.24 7.72
C LEU V 114 41.66 -46.43 8.21
N ILE V 115 40.45 -46.89 7.92
CA ILE V 115 39.24 -46.16 8.36
C ILE V 115 39.18 -46.14 9.88
N THR V 116 39.40 -47.29 10.52
CA THR V 116 39.26 -47.37 11.97
C THR V 116 40.37 -46.61 12.68
N LEU V 117 41.60 -46.74 12.21
CA LEU V 117 42.72 -46.05 12.86
C LEU V 117 42.59 -44.54 12.74
N GLU V 118 42.19 -44.04 11.57
CA GLU V 118 42.18 -42.61 11.32
C GLU V 118 40.79 -42.03 11.59
N GLU V 119 40.45 -41.97 12.88
CA GLU V 119 39.29 -41.21 13.35
C GLU V 119 39.63 -40.32 14.54
N PRO V 120 40.67 -39.47 14.43
CA PRO V 120 40.93 -38.50 15.50
C PRO V 120 40.20 -37.19 15.24
N LEU V 121 40.42 -36.20 16.09
CA LEU V 121 39.87 -34.88 15.84
C LEU V 121 40.52 -34.28 14.59
N ILE V 122 39.76 -33.45 13.89
CA ILE V 122 40.08 -33.07 12.51
C ILE V 122 41.34 -32.23 12.40
N ASP V 123 41.90 -31.80 13.53
CA ASP V 123 43.10 -30.97 13.49
C ASP V 123 44.29 -31.75 12.94
N HIS V 124 44.42 -33.03 13.31
CA HIS V 124 45.56 -33.82 12.91
C HIS V 124 45.55 -34.09 11.41
N LYS V 125 46.39 -33.37 10.66
CA LYS V 125 46.55 -33.57 9.22
C LYS V 125 47.95 -34.11 8.97
N PHE V 126 48.04 -35.23 8.24
CA PHE V 126 49.30 -35.89 7.97
C PHE V 126 49.51 -36.13 6.47
N ASP V 127 48.63 -35.56 5.64
CA ASP V 127 48.68 -35.59 4.17
C ASP V 127 49.19 -36.93 3.65
N TYR V 128 48.44 -38.00 3.98
CA TYR V 128 48.83 -39.37 3.70
C TYR V 128 49.34 -39.53 2.28
N GLY V 129 50.23 -40.51 2.09
CA GLY V 129 50.64 -40.88 0.76
C GLY V 129 49.49 -41.44 -0.05
N VAL V 130 49.77 -41.69 -1.33
CA VAL V 130 48.77 -42.08 -2.33
C VAL V 130 47.74 -40.98 -2.52
N ARG V 131 47.62 -40.48 -3.74
CA ARG V 131 46.65 -39.44 -4.06
C ARG V 131 45.21 -39.88 -3.82
N GLY V 132 44.93 -41.18 -3.79
CA GLY V 132 43.56 -41.63 -3.58
C GLY V 132 43.09 -41.61 -2.14
N ILE V 133 43.95 -41.26 -1.19
CA ILE V 133 43.60 -41.25 0.22
C ILE V 133 43.67 -39.80 0.71
N SER V 134 42.59 -39.35 1.34
CA SER V 134 42.49 -37.97 1.83
C SER V 134 41.31 -37.90 2.81
N ARG V 135 41.02 -36.69 3.27
CA ARG V 135 39.84 -36.41 4.07
C ARG V 135 38.70 -35.99 3.14
N ASP V 136 37.62 -35.49 3.71
CA ASP V 136 36.48 -35.00 2.94
C ASP V 136 35.80 -33.88 3.72
N ASN V 137 34.70 -33.36 3.18
CA ASN V 137 33.99 -32.26 3.82
C ASN V 137 33.42 -32.65 5.18
N PHE V 138 33.11 -33.93 5.38
CA PHE V 138 32.54 -34.40 6.64
C PHE V 138 33.57 -35.00 7.58
N GLY V 139 34.85 -34.95 7.21
CA GLY V 139 35.92 -35.48 8.05
C GLY V 139 36.20 -36.95 7.88
N LYS V 140 35.42 -37.66 7.06
CA LYS V 140 35.66 -39.07 6.84
C LYS V 140 36.83 -39.29 5.90
N ILE V 141 37.40 -40.49 5.95
CA ILE V 141 38.50 -40.86 5.06
C ILE V 141 37.92 -41.58 3.86
N ASN V 142 38.20 -41.06 2.66
CA ASN V 142 37.67 -41.63 1.42
C ASN V 142 38.75 -42.43 0.73
N VAL V 143 38.43 -43.66 0.35
CA VAL V 143 39.36 -44.56 -0.33
C VAL V 143 38.79 -44.85 -1.72
N GLU V 144 39.50 -44.42 -2.75
CA GLU V 144 39.07 -44.66 -4.11
C GLU V 144 39.40 -46.09 -4.53
N SER V 145 38.49 -46.67 -5.32
CA SER V 145 38.69 -48.04 -5.80
C SER V 145 39.89 -48.14 -6.75
N LYS V 146 40.29 -47.03 -7.37
CA LYS V 146 41.45 -47.05 -8.26
C LYS V 146 42.75 -47.25 -7.50
N VAL V 147 42.75 -47.12 -6.18
CA VAL V 147 43.97 -47.27 -5.41
C VAL V 147 44.36 -48.75 -5.35
N VAL V 148 45.57 -49.06 -5.78
CA VAL V 148 46.05 -50.43 -5.75
C VAL V 148 46.37 -50.85 -4.32
N ALA V 149 46.36 -52.16 -4.09
CA ALA V 149 46.55 -52.69 -2.74
C ALA V 149 47.89 -52.31 -2.13
N PRO V 150 49.03 -52.44 -2.81
CA PRO V 150 50.29 -51.99 -2.18
C PRO V 150 50.30 -50.53 -1.78
N ALA V 151 49.64 -49.67 -2.55
CA ALA V 151 49.54 -48.26 -2.15
C ALA V 151 48.78 -48.11 -0.85
N LEU V 152 47.66 -48.84 -0.70
CA LEU V 152 46.94 -48.83 0.57
C LEU V 152 47.80 -49.36 1.71
N ARG V 153 48.61 -50.38 1.43
CA ARG V 153 49.49 -50.92 2.45
C ARG V 153 50.51 -49.88 2.90
N ARG V 154 51.10 -49.16 1.94
CA ARG V 154 52.05 -48.11 2.30
C ARG V 154 51.40 -47.00 3.11
N ALA V 155 50.19 -46.59 2.70
CA ALA V 155 49.48 -45.55 3.44
C ALA V 155 49.15 -46.01 4.86
N LEU V 156 48.68 -47.25 5.00
CA LEU V 156 48.40 -47.78 6.33
C LEU V 156 49.67 -47.86 7.17
N GLU V 157 50.79 -48.22 6.54
CA GLU V 157 52.06 -48.25 7.26
C GLU V 157 52.45 -46.87 7.78
N ASN V 158 52.33 -45.85 6.93
CA ASN V 158 52.68 -44.49 7.36
C ASN V 158 51.76 -44.03 8.49
N ALA V 159 50.47 -44.33 8.38
CA ALA V 159 49.54 -43.96 9.45
C ALA V 159 49.87 -44.69 10.75
N LEU V 160 50.20 -45.98 10.66
CA LEU V 160 50.55 -46.74 11.85
C LEU V 160 51.81 -46.21 12.51
N ILE V 161 52.81 -45.86 11.70
CA ILE V 161 54.06 -45.34 12.26
C ILE V 161 53.82 -43.98 12.92
N HIS V 162 53.04 -43.11 12.29
CA HIS V 162 52.82 -41.78 12.84
C HIS V 162 51.97 -41.84 14.10
N ARG V 163 50.85 -42.56 14.04
CA ARG V 163 49.93 -42.61 15.18
C ARG V 163 50.54 -43.39 16.34
N HIS V 164 51.30 -44.43 16.04
CA HIS V 164 52.02 -45.25 17.01
C HIS V 164 51.04 -45.84 18.02
N PRO V 165 50.21 -46.79 17.61
CA PRO V 165 49.34 -47.47 18.58
C PRO V 165 50.12 -48.44 19.45
N ASP V 166 49.54 -48.75 20.60
CA ASP V 166 50.19 -49.68 21.53
C ASP V 166 50.05 -51.12 21.04
N VAL V 167 48.90 -51.49 20.51
CA VAL V 167 48.67 -52.85 20.04
C VAL V 167 47.55 -52.79 18.99
N PHE V 168 47.67 -53.66 17.99
CA PHE V 168 46.68 -53.77 16.92
C PHE V 168 45.88 -55.05 17.13
N PHE V 169 44.59 -54.90 17.41
CA PHE V 169 43.72 -56.04 17.64
C PHE V 169 43.07 -56.49 16.35
N VAL V 170 43.08 -57.80 16.11
CA VAL V 170 42.42 -58.41 14.97
C VAL V 170 41.50 -59.49 15.52
N ASP V 171 40.24 -59.13 15.79
CA ASP V 171 39.27 -60.09 16.29
C ASP V 171 38.80 -61.00 15.16
N GLU V 172 38.36 -62.21 15.54
CA GLU V 172 37.90 -63.21 14.58
C GLU V 172 38.98 -63.50 13.53
N ALA V 173 40.21 -63.70 14.02
CA ALA V 173 41.36 -63.83 13.14
C ALA V 173 41.38 -65.13 12.35
N GLN V 174 40.50 -66.09 12.67
CA GLN V 174 40.45 -67.33 11.92
C GLN V 174 39.97 -67.12 10.49
N HIS V 175 39.42 -65.95 10.17
CA HIS V 175 38.98 -65.65 8.82
C HIS V 175 40.15 -65.51 7.84
N PHE V 176 41.39 -65.44 8.33
CA PHE V 176 42.52 -65.31 7.43
C PHE V 176 42.88 -66.61 6.73
N GLY V 177 42.25 -67.73 7.11
CA GLY V 177 42.56 -69.02 6.53
C GLY V 177 41.88 -69.35 5.22
N LYS V 178 41.10 -68.41 4.66
CA LYS V 178 40.41 -68.64 3.39
C LYS V 178 41.43 -68.55 2.27
N VAL V 179 42.13 -69.67 2.04
CA VAL V 179 43.17 -69.75 1.02
C VAL V 179 42.94 -71.01 0.19
N ALA V 180 43.56 -71.04 -0.99
CA ALA V 180 43.46 -72.16 -1.90
C ALA V 180 44.75 -72.96 -2.04
N SER V 181 45.88 -72.39 -1.63
CA SER V 181 47.17 -73.07 -1.69
C SER V 181 47.65 -73.37 -0.28
N GLY V 182 48.32 -74.52 -0.12
CA GLY V 182 48.85 -74.87 1.17
C GLY V 182 49.85 -73.86 1.69
N TYR V 183 50.72 -73.37 0.80
CA TYR V 183 51.69 -72.34 1.20
C TYR V 183 51.04 -70.96 1.30
N LYS V 184 49.90 -70.75 0.65
CA LYS V 184 49.21 -69.48 0.83
C LYS V 184 48.79 -69.32 2.28
N LEU V 185 48.44 -70.42 2.93
CA LEU V 185 48.13 -70.40 4.36
C LEU V 185 49.25 -69.72 5.14
N GLN V 186 50.51 -69.96 4.76
CA GLN V 186 51.65 -69.40 5.48
C GLN V 186 52.02 -67.99 5.05
N ASP V 187 52.02 -67.68 3.75
CA ASP V 187 52.48 -66.33 3.41
C ASP V 187 51.39 -65.29 3.71
N GLN V 188 50.17 -65.73 4.00
CA GLN V 188 49.25 -64.78 4.64
C GLN V 188 49.80 -64.30 5.98
N LEU V 189 50.19 -65.23 6.86
CA LEU V 189 50.78 -64.84 8.13
C LEU V 189 52.09 -64.12 7.92
N ASP V 190 52.82 -64.47 6.85
CA ASP V 190 54.04 -63.75 6.51
C ASP V 190 53.74 -62.29 6.15
N CYS V 191 52.65 -62.05 5.42
CA CYS V 191 52.26 -60.68 5.11
C CYS V 191 51.89 -59.91 6.37
N LEU V 192 51.16 -60.56 7.28
CA LEU V 192 50.88 -59.94 8.58
C LEU V 192 52.16 -59.59 9.33
N LYS V 193 53.12 -60.51 9.33
CA LYS V 193 54.38 -60.28 10.04
C LYS V 193 55.18 -59.16 9.39
N SER V 194 55.19 -59.08 8.05
CA SER V 194 55.87 -57.99 7.39
C SER V 194 55.20 -56.66 7.70
N LEU V 195 53.87 -56.62 7.72
CA LEU V 195 53.17 -55.40 8.09
C LEU V 195 53.50 -54.98 9.52
N ALA V 196 53.59 -55.96 10.44
CA ALA V 196 53.87 -55.63 11.83
C ALA V 196 55.31 -55.17 12.01
N ASN V 197 56.26 -55.85 11.35
CA ASN V 197 57.67 -55.50 11.51
C ASN V 197 57.93 -54.11 10.97
N MET V 198 57.48 -53.83 9.75
CA MET V 198 57.74 -52.56 9.09
C MET V 198 57.12 -51.39 9.84
N THR V 199 56.11 -51.64 10.68
CA THR V 199 55.54 -50.61 11.53
C THR V 199 55.97 -50.70 12.98
N GLY V 200 56.52 -51.84 13.40
CA GLY V 200 56.88 -52.01 14.81
C GLY V 200 55.70 -52.01 15.74
N ILE V 201 54.60 -52.65 15.34
CA ILE V 201 53.36 -52.65 16.11
C ILE V 201 52.99 -54.10 16.41
N LEU V 202 52.77 -54.39 17.70
CA LEU V 202 52.35 -55.72 18.11
C LEU V 202 50.97 -56.01 17.57
N HIS V 203 50.79 -57.22 17.01
CA HIS V 203 49.52 -57.63 16.42
C HIS V 203 48.96 -58.78 17.25
N CYS V 204 47.89 -58.52 17.99
CA CYS V 204 47.22 -59.56 18.75
C CYS V 204 46.06 -60.13 17.95
N LEU V 205 46.05 -61.45 17.78
CA LEU V 205 45.06 -62.14 16.97
C LEU V 205 44.13 -62.93 17.89
N LEU V 206 42.91 -62.45 18.04
CA LEU V 206 41.87 -63.14 18.82
C LEU V 206 41.01 -63.94 17.85
N GLY V 207 40.97 -65.25 18.04
CA GLY V 207 40.19 -66.10 17.16
C GLY V 207 39.83 -67.38 17.86
N THR V 208 38.97 -68.16 17.19
CA THR V 208 38.54 -69.45 17.72
C THR V 208 39.64 -70.49 17.55
N TYR V 209 39.31 -71.74 17.84
CA TYR V 209 40.26 -72.84 17.72
C TYR V 209 40.65 -73.13 16.28
N GLU V 210 39.95 -72.54 15.30
CA GLU V 210 40.39 -72.64 13.92
C GLU V 210 41.76 -71.99 13.72
N LEU V 211 42.14 -71.07 14.61
CA LEU V 211 43.44 -70.42 14.56
C LEU V 211 44.60 -71.35 14.89
N LEU V 212 44.32 -72.57 15.36
CA LEU V 212 45.39 -73.54 15.59
C LEU V 212 46.09 -73.90 14.28
N THR V 213 45.47 -73.59 13.14
CA THR V 213 46.15 -73.71 11.86
C THR V 213 47.36 -72.79 11.77
N PHE V 214 47.26 -71.57 12.27
CA PHE V 214 48.34 -70.59 12.24
C PHE V 214 49.34 -70.80 13.37
N ARG V 215 49.27 -71.92 14.09
CA ARG V 215 50.02 -72.07 15.33
C ARG V 215 51.52 -72.03 15.08
N ASN V 216 52.05 -73.00 14.33
CA ASN V 216 53.49 -73.15 14.16
C ASN V 216 53.81 -73.32 12.68
N LEU V 217 54.33 -72.26 12.06
CA LEU V 217 54.80 -72.31 10.68
C LEU V 217 56.15 -71.61 10.61
N SER V 218 57.21 -72.41 10.45
CA SER V 218 58.59 -71.93 10.33
C SER V 218 59.11 -71.29 11.61
N GLY V 219 60.43 -71.28 11.76
CA GLY V 219 61.04 -70.82 13.00
C GLY V 219 60.80 -69.36 13.28
N GLN V 220 60.75 -68.53 12.23
CA GLN V 220 60.55 -67.10 12.43
C GLN V 220 59.20 -66.82 13.09
N LEU V 221 58.12 -67.36 12.51
CA LEU V 221 56.80 -67.11 13.07
C LEU V 221 56.58 -67.93 14.35
N SER V 222 57.36 -68.99 14.54
CA SER V 222 57.32 -69.70 15.82
C SER V 222 57.96 -68.88 16.94
N ARG V 223 58.99 -68.10 16.63
CA ARG V 223 59.68 -67.29 17.63
C ARG V 223 58.95 -65.99 17.92
N ARG V 224 58.55 -65.26 16.87
CA ARG V 224 57.97 -63.94 17.04
C ARG V 224 56.50 -63.98 17.46
N SER V 225 56.01 -65.12 17.93
CA SER V 225 54.63 -65.26 18.38
C SER V 225 54.61 -65.89 19.76
N VAL V 226 53.69 -65.40 20.61
CA VAL V 226 53.47 -65.96 21.93
C VAL V 226 52.01 -66.38 22.01
N ASP V 227 51.78 -67.61 22.47
CA ASP V 227 50.45 -68.22 22.47
C ASP V 227 49.82 -68.06 23.85
N ILE V 228 48.61 -67.52 23.87
CA ILE V 228 47.83 -67.37 25.10
C ILE V 228 46.55 -68.19 24.93
N HIS V 229 46.30 -69.09 25.86
CA HIS V 229 45.19 -70.02 25.75
C HIS V 229 44.10 -69.61 26.75
N PHE V 230 42.93 -69.24 26.23
CA PHE V 230 41.76 -68.94 27.06
C PHE V 230 41.03 -70.25 27.32
N ARG V 231 41.57 -71.02 28.24
CA ARG V 231 41.01 -72.33 28.56
C ARG V 231 39.62 -72.19 29.18
N ARG V 232 38.77 -73.17 28.88
CA ARG V 232 37.43 -73.23 29.45
C ARG V 232 37.46 -73.99 30.78
N TYR V 233 36.50 -73.67 31.64
CA TYR V 233 36.37 -74.36 32.92
C TYR V 233 35.91 -75.79 32.67
N CYS V 234 36.82 -76.74 32.84
CA CYS V 234 36.51 -78.14 32.62
C CYS V 234 35.75 -78.71 33.80
N ALA V 235 35.39 -79.99 33.70
CA ALA V 235 34.67 -80.67 34.78
C ALA V 235 35.57 -81.54 35.64
N ASP V 236 36.73 -81.96 35.13
CA ASP V 236 37.61 -82.83 35.90
C ASP V 236 38.23 -82.10 37.08
N SER V 237 38.67 -80.86 36.88
CA SER V 237 39.32 -80.11 37.93
C SER V 237 38.31 -79.67 38.98
N PRO V 238 38.47 -80.07 40.25
CA PRO V 238 37.56 -79.55 41.29
C PRO V 238 37.62 -78.04 41.44
N GLU V 239 38.79 -77.43 41.24
CA GLU V 239 38.89 -75.97 41.28
C GLU V 239 38.08 -75.34 40.15
N ASP V 240 38.11 -75.96 38.97
CA ASP V 240 37.30 -75.47 37.86
C ASP V 240 35.82 -75.54 38.19
N VAL V 241 35.38 -76.64 38.81
CA VAL V 241 33.98 -76.77 39.20
C VAL V 241 33.61 -75.72 40.24
N GLN V 242 34.51 -75.49 41.21
CA GLN V 242 34.24 -74.48 42.23
C GLN V 242 34.14 -73.09 41.61
N ALA V 243 35.03 -72.76 40.68
CA ALA V 243 34.96 -71.46 40.02
C ALA V 243 33.68 -71.33 39.20
N PHE V 244 33.28 -72.40 38.50
CA PHE V 244 32.03 -72.39 37.74
C PHE V 244 30.85 -72.14 38.66
N LYS V 245 30.81 -72.82 39.81
CA LYS V 245 29.70 -72.64 40.73
C LYS V 245 29.70 -71.26 41.36
N SER V 246 30.89 -70.70 41.63
CA SER V 246 30.96 -69.35 42.17
C SER V 246 30.45 -68.32 41.16
N VAL V 247 30.84 -68.47 39.89
CA VAL V 247 30.36 -67.57 38.85
C VAL V 247 28.85 -67.70 38.70
N LEU V 248 28.35 -68.94 38.74
CA LEU V 248 26.92 -69.17 38.62
C LEU V 248 26.16 -68.55 39.79
N LEU V 249 26.71 -68.67 41.01
CA LEU V 249 26.07 -68.07 42.17
C LEU V 249 26.06 -66.54 42.08
N THR V 250 27.15 -65.96 41.60
CA THR V 250 27.18 -64.52 41.38
C THR V 250 26.13 -64.10 40.36
N PHE V 251 25.99 -64.87 39.28
CA PHE V 251 24.96 -64.60 38.29
C PHE V 251 23.58 -64.67 38.92
N GLN V 252 23.33 -65.69 39.74
CA GLN V 252 22.04 -65.82 40.42
C GLN V 252 21.78 -64.62 41.31
N GLN V 253 22.78 -64.17 42.06
CA GLN V 253 22.62 -63.02 42.94
C GLN V 253 22.43 -61.72 42.16
N HIS V 254 22.93 -61.65 40.93
CA HIS V 254 22.86 -60.42 40.16
C HIS V 254 21.67 -60.37 39.21
N LEU V 255 20.74 -61.30 39.30
CA LEU V 255 19.53 -61.24 38.47
C LEU V 255 18.57 -60.21 39.03
N PRO V 256 18.20 -59.17 38.28
CA PRO V 256 17.20 -58.22 38.77
C PRO V 256 15.81 -58.82 38.80
N LEU V 257 15.58 -59.76 39.71
CA LEU V 257 14.32 -60.47 39.82
C LEU V 257 13.69 -60.17 41.18
N ALA V 258 12.35 -60.23 41.23
CA ALA V 258 11.65 -59.94 42.47
C ALA V 258 12.07 -60.89 43.59
N GLU V 259 12.16 -62.19 43.28
CA GLU V 259 12.65 -63.18 44.21
C GLU V 259 13.79 -63.95 43.55
N THR V 260 14.93 -64.02 44.24
CA THR V 260 16.09 -64.69 43.67
C THR V 260 15.90 -66.20 43.70
N PRO V 261 16.07 -66.89 42.58
CA PRO V 261 15.92 -68.35 42.58
C PRO V 261 17.23 -69.04 42.92
N ASN V 262 17.12 -70.33 43.24
CA ASN V 262 18.28 -71.17 43.52
C ASN V 262 18.80 -71.71 42.19
N LEU V 263 20.01 -71.30 41.82
CA LEU V 263 20.58 -71.64 40.53
C LEU V 263 21.64 -72.75 40.60
N VAL V 264 22.25 -72.95 41.76
CA VAL V 264 23.39 -73.88 41.86
C VAL V 264 22.93 -75.32 41.75
N ASP V 265 21.62 -75.57 41.86
CA ASP V 265 21.12 -76.95 41.85
C ASP V 265 21.41 -77.62 40.52
N HIS V 266 21.02 -76.99 39.41
CA HIS V 266 21.18 -77.60 38.09
C HIS V 266 22.51 -77.21 37.45
N TRP V 267 23.58 -77.34 38.22
CA TRP V 267 24.91 -77.04 37.70
C TRP V 267 25.32 -78.05 36.65
N GLU V 268 24.91 -79.31 36.80
CA GLU V 268 25.20 -80.31 35.79
C GLU V 268 24.52 -79.96 34.47
N TYR V 269 23.26 -79.54 34.52
CA TYR V 269 22.57 -79.14 33.29
C TYR V 269 23.24 -77.91 32.66
N PHE V 270 23.61 -76.93 33.50
CA PHE V 270 24.25 -75.73 32.97
C PHE V 270 25.60 -76.06 32.33
N TYR V 271 26.38 -76.94 32.94
CA TYR V 271 27.66 -77.32 32.34
C TYR V 271 27.43 -78.19 31.10
N GLU V 272 26.36 -78.96 31.08
CA GLU V 272 26.04 -79.74 29.88
C GLU V 272 25.76 -78.83 28.70
N ARG V 273 24.99 -77.76 28.92
CA ARG V 273 24.61 -76.87 27.83
C ARG V 273 25.59 -75.72 27.63
N THR V 274 26.61 -75.58 28.47
CA THR V 274 27.60 -74.53 28.30
C THR V 274 29.04 -75.04 28.29
N LEU V 275 29.32 -76.21 28.85
CA LEU V 275 30.63 -76.84 28.89
C LEU V 275 31.76 -75.90 29.29
N GLY V 276 31.46 -74.93 30.15
CA GLY V 276 32.49 -74.08 30.71
C GLY V 276 32.52 -72.66 30.20
N CYS V 277 32.09 -72.44 28.95
CA CYS V 277 32.11 -71.10 28.38
C CYS V 277 31.23 -70.16 29.19
N ILE V 278 31.88 -69.15 29.80
CA ILE V 278 31.15 -68.21 30.63
C ILE V 278 30.19 -67.37 29.80
N GLY V 279 30.59 -67.01 28.57
CA GLY V 279 29.71 -66.23 27.72
C GLY V 279 28.42 -66.95 27.36
N THR V 280 28.52 -68.27 27.13
CA THR V 280 27.33 -69.05 26.84
C THR V 280 26.37 -69.05 28.03
N LEU V 281 26.90 -69.23 29.23
CA LEU V 281 26.06 -69.14 30.42
C LEU V 281 25.45 -67.75 30.56
N LYS V 282 26.24 -66.71 30.27
CA LYS V 282 25.78 -65.34 30.45
C LYS V 282 24.62 -65.03 29.50
N ASP V 283 24.78 -65.34 28.21
CA ASP V 283 23.70 -64.99 27.29
C ASP V 283 22.52 -65.96 27.42
N TRP V 284 22.75 -67.19 27.87
CA TRP V 284 21.64 -68.06 28.23
C TRP V 284 20.82 -67.44 29.37
N LEU V 285 21.49 -66.95 30.41
CA LEU V 285 20.78 -66.34 31.52
C LEU V 285 20.09 -65.05 31.09
N LYS V 286 20.73 -64.29 30.19
CA LYS V 286 20.08 -63.12 29.61
C LYS V 286 18.79 -63.51 28.91
N ARG V 287 18.84 -64.57 28.09
CA ARG V 287 17.65 -65.06 27.41
C ARG V 287 16.56 -65.43 28.41
N VAL V 288 16.91 -66.21 29.42
CA VAL V 288 15.92 -66.70 30.38
C VAL V 288 15.32 -65.56 31.17
N LEU V 289 16.16 -64.62 31.61
CA LEU V 289 15.67 -63.47 32.38
C LEU V 289 14.76 -62.59 31.55
N SER V 290 15.11 -62.37 30.28
CA SER V 290 14.23 -61.59 29.41
C SER V 290 12.90 -62.29 29.20
N ASP V 291 12.92 -63.61 29.00
CA ASP V 291 11.68 -64.35 28.83
C ASP V 291 10.82 -64.27 30.09
N ALA V 292 11.44 -64.36 31.27
CA ALA V 292 10.69 -64.24 32.52
C ALA V 292 10.11 -62.83 32.67
N LEU V 293 10.89 -61.81 32.35
CA LEU V 293 10.42 -60.44 32.48
C LEU V 293 9.33 -60.09 31.47
N ASP V 294 9.28 -60.80 30.33
CA ASP V 294 8.22 -60.57 29.37
C ASP V 294 6.85 -60.89 29.97
N ARG V 295 6.77 -61.97 30.73
CA ARG V 295 5.52 -62.38 31.36
C ARG V 295 5.34 -61.79 32.77
N GLU V 296 6.26 -60.92 33.19
CA GLU V 296 6.17 -60.23 34.49
C GLU V 296 6.16 -61.23 35.64
N ALA V 297 6.74 -62.40 35.42
CA ALA V 297 6.79 -63.42 36.47
C ALA V 297 7.81 -63.05 37.53
N THR V 298 7.49 -63.39 38.78
CA THR V 298 8.39 -63.19 39.90
C THR V 298 9.54 -64.18 39.92
N THR V 299 9.52 -65.18 39.05
CA THR V 299 10.62 -66.13 38.98
C THR V 299 10.62 -66.99 37.73
N ILE V 300 11.74 -67.66 37.46
CA ILE V 300 11.81 -68.56 36.31
C ILE V 300 11.74 -69.99 36.78
N THR V 301 11.78 -70.92 35.83
CA THR V 301 11.75 -72.34 36.19
C THR V 301 12.70 -73.15 35.32
N LEU V 302 12.91 -74.40 35.68
CA LEU V 302 13.75 -75.26 34.88
C LEU V 302 13.27 -75.24 33.44
N LYS V 303 11.96 -75.38 33.26
CA LYS V 303 11.43 -75.36 31.90
C LYS V 303 11.75 -74.07 31.18
N ASP V 304 11.86 -72.96 31.92
CA ASP V 304 12.27 -71.70 31.30
C ASP V 304 13.69 -71.80 30.74
N LEU V 305 14.59 -72.42 31.51
CA LEU V 305 15.93 -72.70 30.99
C LEU V 305 15.86 -73.67 29.82
N GLN V 306 15.03 -74.70 29.93
CA GLN V 306 14.90 -75.68 28.86
C GLN V 306 14.26 -75.07 27.61
N LYS V 307 13.38 -74.08 27.79
CA LYS V 307 12.71 -73.46 26.66
C LYS V 307 13.69 -72.78 25.73
N ARG V 308 14.80 -72.25 26.25
CA ARG V 308 15.74 -71.46 25.48
C ARG V 308 17.17 -71.90 25.75
N ALA V 309 17.39 -73.21 25.79
CA ALA V 309 18.73 -73.76 26.00
C ALA V 309 19.42 -73.94 24.65
N LEU V 310 20.56 -74.61 24.65
CA LEU V 310 21.28 -74.97 23.43
C LEU V 310 21.03 -76.44 23.14
N SER V 311 20.60 -76.72 21.91
CA SER V 311 20.23 -78.08 21.57
C SER V 311 21.46 -79.00 21.58
N VAL V 312 21.18 -80.30 21.71
CA VAL V 312 22.26 -81.29 21.80
C VAL V 312 23.08 -81.30 20.52
N ALA V 313 22.41 -81.13 19.37
CA ALA V 313 23.09 -81.24 18.08
C ALA V 313 24.22 -80.24 17.96
N GLN V 314 23.98 -78.99 18.35
CA GLN V 314 25.06 -78.01 18.35
C GLN V 314 26.01 -78.23 19.52
N CYS V 315 25.46 -78.52 20.71
CA CYS V 315 26.28 -78.54 21.92
C CYS V 315 27.44 -79.53 21.80
N GLN V 316 27.21 -80.68 21.17
CA GLN V 316 28.30 -81.62 20.97
C GLN V 316 29.29 -81.12 19.91
N LYS V 317 28.84 -80.20 19.05
CA LYS V 317 29.70 -79.76 17.95
C LYS V 317 30.87 -78.92 18.45
N MET V 318 30.62 -78.00 19.40
CA MET V 318 31.74 -77.25 19.96
C MET V 318 32.70 -78.18 20.71
N PHE V 319 32.15 -79.20 21.39
CA PHE V 319 32.99 -80.16 22.08
C PHE V 319 33.99 -80.81 21.13
N LYS V 320 33.52 -81.21 19.94
CA LYS V 320 34.42 -81.81 18.97
C LYS V 320 35.54 -80.85 18.59
N GLU V 321 35.21 -79.58 18.36
CA GLU V 321 36.24 -78.59 18.06
C GLU V 321 37.10 -78.30 19.29
N ILE V 322 36.47 -78.19 20.46
CA ILE V 322 37.19 -77.74 21.65
C ILE V 322 38.18 -78.81 22.12
N GLN V 323 37.75 -80.07 22.15
CA GLN V 323 38.66 -81.13 22.59
C GLN V 323 39.84 -81.27 21.64
N GLU V 324 39.62 -80.95 20.35
CA GLU V 324 40.71 -81.00 19.39
C GLU V 324 41.73 -79.90 19.65
N GLY V 325 41.26 -78.66 19.84
CA GLY V 325 42.18 -77.57 20.11
C GLY V 325 42.91 -77.71 21.43
N GLU V 326 42.19 -78.17 22.47
CA GLU V 326 42.84 -78.40 23.75
C GLU V 326 43.84 -79.54 23.66
N ARG V 327 43.62 -80.48 22.73
CA ARG V 327 44.56 -81.58 22.55
C ARG V 327 45.88 -81.07 21.97
N GLN V 328 45.81 -80.24 20.94
CA GLN V 328 47.02 -79.71 20.32
C GLN V 328 47.72 -78.70 21.21
N LEU V 329 46.97 -77.92 21.99
CA LEU V 329 47.52 -76.90 22.86
C LEU V 329 48.00 -77.47 24.20
N SER V 330 48.12 -78.78 24.31
CA SER V 330 48.52 -79.43 25.55
C SER V 330 50.03 -79.62 25.57
N GLU V 331 50.70 -78.92 26.47
CA GLU V 331 52.14 -79.03 26.66
C GLU V 331 52.41 -79.87 27.90
N THR V 332 52.98 -81.05 27.70
CA THR V 332 53.24 -82.00 28.77
C THR V 332 54.73 -82.06 29.09
N GLU V 333 55.06 -82.75 30.17
CA GLU V 333 56.45 -82.90 30.57
C GLU V 333 57.21 -83.82 29.61
N ALA V 334 56.50 -84.71 28.91
CA ALA V 334 57.15 -85.57 27.93
C ALA V 334 57.73 -84.75 26.79
N ASP V 335 57.00 -83.72 26.33
CA ASP V 335 57.53 -82.85 25.29
C ASP V 335 58.76 -82.09 25.77
N VAL V 336 58.76 -81.69 27.04
CA VAL V 336 59.91 -80.97 27.59
C VAL V 336 61.15 -81.84 27.54
N GLN V 337 61.02 -83.10 27.96
CA GLN V 337 62.16 -84.01 27.93
C GLN V 337 62.55 -84.39 26.51
N ASN V 338 61.61 -84.31 25.57
CA ASN V 338 61.94 -84.55 24.17
C ASN V 338 62.87 -83.47 23.64
N LEU V 339 62.63 -82.22 24.02
CA LEU V 339 63.55 -81.15 23.65
C LEU V 339 64.92 -81.35 24.30
N ARG V 340 64.95 -81.87 25.52
CA ARG V 340 66.23 -82.14 26.18
C ARG V 340 67.06 -83.15 25.41
N SER V 341 66.42 -84.22 24.94
CA SER V 341 67.15 -85.27 24.23
C SER V 341 67.62 -84.79 22.86
N ALA V 342 66.73 -84.14 22.10
CA ALA V 342 67.09 -83.69 20.76
C ALA V 342 68.20 -82.64 20.81
N LEU V 343 68.11 -81.69 21.74
CA LEU V 343 69.10 -80.63 21.82
C LEU V 343 70.36 -81.06 22.57
N GLY V 344 70.32 -82.15 23.31
CA GLY V 344 71.50 -82.64 24.01
C GLY V 344 71.65 -82.16 25.43
N LEU V 345 70.61 -81.59 26.04
CA LEU V 345 70.68 -81.15 27.43
C LEU V 345 70.14 -82.17 28.42
N GLY V 346 69.86 -83.39 27.97
CA GLY V 346 69.40 -84.43 28.87
C GLY V 346 70.42 -84.74 29.94
N SER W 4 -21.68 -63.93 13.39
CA SER W 4 -21.49 -65.28 12.87
C SER W 4 -20.02 -65.65 12.84
N THR W 5 -19.74 -66.95 12.95
CA THR W 5 -18.38 -67.46 12.93
C THR W 5 -17.85 -67.73 11.53
N GLY W 6 -18.68 -67.54 10.50
CA GLY W 6 -18.29 -67.79 9.14
C GLY W 6 -18.07 -66.52 8.34
N PHE W 7 -17.98 -66.69 7.03
CA PHE W 7 -17.75 -65.57 6.13
C PHE W 7 -19.00 -64.68 6.08
N PRO W 8 -18.82 -63.38 5.81
CA PRO W 8 -19.98 -62.47 5.73
C PRO W 8 -20.96 -62.91 4.65
N LEU W 9 -22.25 -62.73 4.95
CA LEU W 9 -23.29 -63.23 4.07
C LEU W 9 -23.45 -62.37 2.82
N GLU W 10 -23.03 -61.10 2.89
CA GLU W 10 -23.27 -60.19 1.78
C GLU W 10 -22.28 -60.34 0.63
N LEU W 11 -21.24 -61.17 0.79
CA LEU W 11 -20.28 -61.34 -0.30
C LEU W 11 -20.88 -62.08 -1.49
N LEU W 12 -21.95 -62.85 -1.25
CA LEU W 12 -22.62 -63.51 -2.37
C LEU W 12 -23.20 -62.50 -3.35
N THR W 13 -23.80 -61.42 -2.83
CA THR W 13 -24.29 -60.35 -3.69
C THR W 13 -23.15 -59.66 -4.43
N ARG W 14 -21.96 -59.62 -3.83
CA ARG W 14 -20.81 -59.01 -4.48
C ARG W 14 -20.36 -59.89 -5.64
N PRO W 15 -19.64 -59.32 -6.61
CA PRO W 15 -19.18 -60.12 -7.75
C PRO W 15 -18.19 -61.20 -7.33
N ALA W 16 -17.83 -62.04 -8.30
CA ALA W 16 -16.95 -63.17 -8.03
C ALA W 16 -15.56 -62.70 -7.61
N THR W 17 -15.03 -61.66 -8.26
CA THR W 17 -13.67 -61.22 -7.99
C THR W 17 -13.52 -60.76 -6.55
N GLU W 18 -14.52 -60.08 -6.00
CA GLU W 18 -14.48 -59.67 -4.61
C GLU W 18 -14.44 -60.89 -3.69
N ARG W 19 -15.19 -61.94 -4.04
CA ARG W 19 -15.16 -63.16 -3.24
C ARG W 19 -13.79 -63.81 -3.27
N LEU W 20 -13.16 -63.88 -4.45
CA LEU W 20 -11.80 -64.42 -4.53
C LEU W 20 -10.83 -63.58 -3.71
N ALA W 21 -10.96 -62.25 -3.78
CA ALA W 21 -10.09 -61.38 -3.00
C ALA W 21 -10.26 -61.61 -1.51
N TYR W 22 -11.51 -61.75 -1.06
CA TYR W 22 -11.76 -62.01 0.36
C TYR W 22 -11.16 -63.35 0.78
N PHE W 23 -11.33 -64.38 -0.05
CA PHE W 23 -10.81 -65.69 0.31
C PHE W 23 -9.29 -65.69 0.37
N GLU W 24 -8.63 -65.04 -0.59
CA GLU W 24 -7.17 -64.99 -0.59
C GLU W 24 -6.64 -64.16 0.57
N ASN W 25 -7.29 -63.02 0.85
CA ASN W 25 -6.86 -62.18 1.96
C ASN W 25 -7.11 -62.82 3.32
N TYR W 26 -7.94 -63.85 3.38
CA TYR W 26 -8.17 -64.55 4.64
C TYR W 26 -6.91 -65.28 5.09
N THR W 27 -6.60 -65.18 6.38
CA THR W 27 -5.55 -65.97 7.00
C THR W 27 -6.11 -66.60 8.28
N VAL W 28 -5.68 -67.82 8.58
CA VAL W 28 -6.20 -68.58 9.70
C VAL W 28 -5.08 -68.82 10.70
N ALA W 29 -5.43 -68.80 11.98
CA ALA W 29 -4.47 -69.05 13.05
C ALA W 29 -4.66 -70.46 13.58
N HIS W 30 -3.58 -71.22 13.58
CA HIS W 30 -3.56 -72.59 14.08
C HIS W 30 -2.46 -72.73 15.11
N PRO W 31 -2.55 -73.71 16.02
CA PRO W 31 -1.64 -73.73 17.18
C PRO W 31 -0.16 -73.69 16.83
N ARG W 32 0.27 -74.41 15.79
CA ARG W 32 1.68 -74.38 15.41
C ARG W 32 2.09 -72.99 14.95
N LEU W 33 1.26 -72.34 14.14
CA LEU W 33 1.59 -71.01 13.65
C LEU W 33 1.70 -70.04 14.82
N LYS W 34 0.75 -70.08 15.75
CA LYS W 34 0.78 -69.15 16.86
C LYS W 34 1.95 -69.42 17.79
N GLU W 35 2.29 -70.70 18.01
CA GLU W 35 3.42 -71.02 18.88
C GLU W 35 4.74 -70.57 18.26
N VAL W 36 4.92 -70.84 16.96
CA VAL W 36 6.13 -70.41 16.28
C VAL W 36 6.21 -68.89 16.23
N TYR W 37 5.07 -68.23 16.02
CA TYR W 37 5.04 -66.77 16.01
C TYR W 37 5.44 -66.19 17.37
N GLU W 38 4.91 -66.77 18.45
CA GLU W 38 5.29 -66.31 19.79
C GLU W 38 6.77 -66.52 20.05
N ILE W 39 7.30 -67.70 19.67
CA ILE W 39 8.71 -67.99 19.89
C ILE W 39 9.58 -67.02 19.09
N LEU W 40 9.22 -66.79 17.83
CA LEU W 40 9.99 -65.87 16.99
C LEU W 40 9.95 -64.46 17.53
N MET W 41 8.79 -64.00 18.00
CA MET W 41 8.71 -62.65 18.56
C MET W 41 9.53 -62.53 19.84
N ARG W 42 9.48 -63.55 20.70
CA ARG W 42 10.29 -63.51 21.91
C ARG W 42 11.78 -63.47 21.59
N THR W 43 12.18 -64.21 20.55
CA THR W 43 13.60 -64.21 20.16
C THR W 43 14.00 -62.89 19.51
N ILE W 44 13.13 -62.31 18.69
CA ILE W 44 13.45 -61.06 18.02
C ILE W 44 13.52 -59.92 19.03
N ALA W 45 12.66 -59.95 20.06
CA ALA W 45 12.68 -58.90 21.07
C ALA W 45 14.04 -58.78 21.74
N GLU W 46 14.76 -59.90 21.87
CA GLU W 46 16.11 -59.91 22.40
C GLU W 46 16.85 -61.14 21.90
N PRO W 47 17.93 -60.94 21.13
CA PRO W 47 18.67 -62.11 20.62
C PRO W 47 19.66 -62.68 21.61
N ALA W 48 20.26 -61.84 22.46
CA ALA W 48 21.24 -62.26 23.46
C ALA W 48 22.42 -62.99 22.81
N GLY W 49 23.14 -62.24 21.98
CA GLY W 49 24.36 -62.73 21.38
C GLY W 49 24.17 -63.86 20.38
N ALA W 50 23.12 -63.80 19.57
CA ALA W 50 22.90 -64.75 18.49
C ALA W 50 22.75 -63.99 17.18
N SER W 51 23.38 -64.49 16.13
CA SER W 51 23.33 -63.83 14.83
C SER W 51 22.50 -64.58 13.79
N PHE W 52 22.21 -65.86 14.02
CA PHE W 52 21.45 -66.65 13.07
C PHE W 52 20.24 -67.27 13.75
N ILE W 53 19.07 -67.10 13.13
CA ILE W 53 17.85 -67.76 13.56
C ILE W 53 17.40 -68.65 12.42
N PHE W 54 17.36 -69.96 12.66
CA PHE W 54 16.98 -70.90 11.64
C PHE W 54 15.50 -71.28 11.78
N VAL W 55 14.73 -71.01 10.73
CA VAL W 55 13.32 -71.37 10.72
C VAL W 55 13.14 -72.54 9.76
N TYR W 56 13.10 -73.76 10.32
CA TYR W 56 13.07 -74.98 9.53
C TYR W 56 11.63 -75.45 9.33
N GLY W 57 11.25 -75.59 8.06
CA GLY W 57 9.90 -76.00 7.73
C GLY W 57 9.74 -76.38 6.28
N ALA W 58 8.81 -77.30 6.00
CA ALA W 58 8.66 -77.84 4.64
C ALA W 58 8.37 -76.80 3.57
N SER W 59 8.45 -77.21 2.31
CA SER W 59 8.14 -76.30 1.22
C SER W 59 6.65 -75.99 1.26
N GLY W 60 5.97 -76.45 2.30
CA GLY W 60 4.55 -76.19 2.44
C GLY W 60 4.21 -75.92 3.89
N VAL W 61 3.97 -74.65 4.24
CA VAL W 61 3.58 -74.30 5.61
C VAL W 61 2.95 -72.92 5.67
N GLY W 62 3.75 -71.91 5.98
CA GLY W 62 3.24 -70.55 6.08
C GLY W 62 4.39 -69.66 6.46
N LYS W 63 5.61 -70.14 6.24
CA LYS W 63 6.80 -69.38 6.60
C LYS W 63 6.73 -67.95 6.06
N THR W 64 6.32 -67.79 4.80
CA THR W 64 6.15 -66.46 4.24
C THR W 64 5.06 -65.68 4.97
N THR W 65 3.94 -66.35 5.26
CA THR W 65 2.87 -65.70 6.01
C THR W 65 3.32 -65.33 7.42
N LEU W 66 4.09 -66.21 8.05
CA LEU W 66 4.63 -65.91 9.37
C LEU W 66 5.54 -64.69 9.32
N ARG W 67 6.39 -64.61 8.29
CA ARG W 67 7.28 -63.47 8.16
C ARG W 67 6.49 -62.18 7.94
N LEU W 68 5.45 -62.23 7.11
CA LEU W 68 4.62 -61.06 6.88
C LEU W 68 3.94 -60.62 8.17
N ARG W 69 3.39 -61.56 8.93
CA ARG W 69 2.74 -61.22 10.19
C ARG W 69 3.74 -60.59 11.16
N VAL W 70 4.93 -61.18 11.27
CA VAL W 70 5.93 -60.67 12.20
C VAL W 70 6.36 -59.27 11.82
N GLU W 71 6.63 -59.02 10.53
CA GLU W 71 7.09 -57.70 10.13
C GLU W 71 5.99 -56.66 10.28
N GLN W 72 4.73 -57.04 9.98
CA GLN W 72 3.63 -56.10 10.15
C GLN W 72 3.47 -55.72 11.62
N LYS W 73 3.52 -56.70 12.53
CA LYS W 73 3.33 -56.39 13.94
C LYS W 73 4.52 -55.61 14.50
N LEU W 74 5.73 -55.91 14.04
CA LEU W 74 6.88 -55.12 14.47
C LEU W 74 6.78 -53.69 13.96
N THR W 75 6.31 -53.50 12.72
CA THR W 75 6.13 -52.16 12.19
C THR W 75 5.09 -51.38 12.99
N GLU W 76 3.97 -52.02 13.31
CA GLU W 76 2.95 -51.33 14.10
C GLU W 76 3.40 -51.11 15.54
N LEU W 77 4.35 -51.90 16.03
CA LEU W 77 4.83 -51.73 17.40
C LEU W 77 5.66 -50.46 17.54
N ALA W 78 6.44 -50.12 16.51
CA ALA W 78 7.41 -49.02 16.62
C ALA W 78 6.82 -47.66 16.28
N LEU W 79 5.56 -47.60 15.84
CA LEU W 79 4.96 -46.31 15.48
C LEU W 79 5.04 -45.26 16.58
N PRO W 80 4.73 -45.57 17.85
CA PRO W 80 4.87 -44.52 18.89
C PRO W 80 6.28 -43.95 18.99
N LYS W 81 7.31 -44.78 18.80
CA LYS W 81 8.67 -44.27 18.86
C LYS W 81 9.05 -43.51 17.59
N LEU W 82 8.55 -43.96 16.45
CA LEU W 82 8.86 -43.29 15.19
C LEU W 82 8.25 -41.89 15.12
N GLU W 83 7.20 -41.62 15.89
CA GLU W 83 6.62 -40.28 15.90
C GLU W 83 7.59 -39.26 16.47
N SER W 84 8.45 -39.66 17.41
CA SER W 84 9.43 -38.77 18.01
C SER W 84 10.82 -38.95 17.40
N ASP W 85 11.27 -40.19 17.23
CA ASP W 85 12.59 -40.49 16.69
C ASP W 85 12.46 -40.86 15.22
N ARG W 86 13.31 -40.26 14.39
CA ARG W 86 13.32 -40.50 12.96
C ARG W 86 14.55 -41.34 12.58
N ALA W 87 14.70 -41.57 11.27
CA ALA W 87 15.83 -42.32 10.72
C ALA W 87 15.93 -43.71 11.35
N ARG W 88 14.78 -44.36 11.53
CA ARG W 88 14.73 -45.69 12.12
C ARG W 88 13.72 -46.52 11.35
N VAL W 89 14.09 -47.76 11.05
CA VAL W 89 13.17 -48.72 10.43
C VAL W 89 12.94 -49.87 11.40
N PRO W 90 11.69 -50.29 11.60
CA PRO W 90 11.42 -51.34 12.59
C PRO W 90 11.99 -52.69 12.18
N VAL W 91 11.69 -53.13 10.97
CA VAL W 91 12.10 -54.46 10.51
C VAL W 91 12.21 -54.43 8.99
N VAL W 92 13.21 -55.12 8.47
CA VAL W 92 13.42 -55.25 7.03
C VAL W 92 13.43 -56.74 6.70
N GLY W 93 12.52 -57.15 5.82
CA GLY W 93 12.43 -58.54 5.40
C GLY W 93 12.39 -58.68 3.89
N ILE W 94 13.43 -59.27 3.31
CA ILE W 94 13.59 -59.33 1.86
C ILE W 94 13.84 -60.76 1.43
N GLU W 95 13.47 -61.06 0.18
CA GLU W 95 13.84 -62.31 -0.48
C GLU W 95 15.28 -62.12 -0.96
N ALA W 96 16.21 -62.49 -0.09
CA ALA W 96 17.57 -61.98 -0.21
C ALA W 96 18.39 -62.71 -1.27
N ILE W 97 17.99 -63.92 -1.64
CA ILE W 97 18.87 -64.80 -2.41
C ILE W 97 18.11 -65.41 -3.58
N ALA W 98 18.77 -65.41 -4.75
CA ALA W 98 18.30 -65.96 -6.01
C ALA W 98 16.84 -65.61 -6.29
N PRO W 99 16.48 -64.34 -6.38
CA PRO W 99 15.10 -64.00 -6.73
C PRO W 99 14.90 -64.04 -8.23
N GLU W 100 13.83 -64.72 -8.65
CA GLU W 100 13.53 -64.90 -10.06
C GLU W 100 14.70 -65.58 -10.77
N SER W 101 15.76 -64.82 -11.03
CA SER W 101 16.96 -65.37 -11.67
C SER W 101 17.60 -66.45 -10.80
N ARG W 102 18.55 -67.16 -11.38
CA ARG W 102 19.18 -68.30 -10.73
C ARG W 102 20.53 -67.92 -10.13
N TYR W 103 21.11 -68.88 -9.40
CA TYR W 103 22.42 -68.75 -8.77
C TYR W 103 22.50 -67.66 -7.70
N PHE W 104 23.54 -67.73 -6.88
CA PHE W 104 23.77 -66.77 -5.80
C PHE W 104 24.89 -65.81 -6.20
N ASN W 105 24.60 -64.52 -6.18
CA ASN W 105 25.58 -63.48 -6.44
C ASN W 105 25.59 -62.53 -5.25
N TRP W 106 26.78 -62.22 -4.74
CA TRP W 106 26.89 -61.45 -3.51
C TRP W 106 26.58 -59.97 -3.71
N LYS W 107 27.05 -59.39 -4.82
CA LYS W 107 26.79 -57.96 -5.03
C LYS W 107 25.31 -57.71 -5.28
N GLU W 108 24.62 -58.65 -5.93
CA GLU W 108 23.16 -58.54 -6.07
C GLU W 108 22.48 -58.58 -4.70
N TYR W 109 22.92 -59.50 -3.83
CA TYR W 109 22.49 -59.50 -2.44
C TYR W 109 22.63 -58.12 -1.80
N TYR W 110 23.83 -57.55 -1.90
CA TYR W 110 24.12 -56.32 -1.18
C TYR W 110 23.28 -55.17 -1.72
N THR W 111 23.22 -55.02 -3.05
CA THR W 111 22.46 -53.91 -3.62
C THR W 111 20.97 -54.07 -3.36
N ARG W 112 20.45 -55.30 -3.42
CA ARG W 112 19.03 -55.51 -3.15
C ARG W 112 18.69 -55.21 -1.70
N ALA W 113 19.53 -55.66 -0.77
CA ALA W 113 19.31 -55.34 0.64
C ALA W 113 19.35 -53.85 0.86
N LEU W 114 20.30 -53.15 0.23
CA LEU W 114 20.37 -51.70 0.38
C LEU W 114 19.11 -51.03 -0.14
N ILE W 115 18.69 -51.34 -1.37
CA ILE W 115 17.55 -50.63 -1.95
C ILE W 115 16.27 -50.95 -1.18
N THR W 116 16.14 -52.20 -0.70
CA THR W 116 14.93 -52.58 0.01
C THR W 116 14.87 -51.94 1.39
N LEU W 117 15.99 -51.93 2.12
CA LEU W 117 15.98 -51.33 3.45
C LEU W 117 15.75 -49.83 3.37
N GLU W 118 16.28 -49.17 2.34
CA GLU W 118 16.20 -47.72 2.20
C GLU W 118 14.98 -47.37 1.35
N GLU W 119 13.82 -47.30 2.00
CA GLU W 119 12.64 -46.67 1.40
C GLU W 119 11.98 -45.70 2.39
N PRO W 120 12.76 -44.79 3.00
CA PRO W 120 12.15 -43.83 3.94
C PRO W 120 11.74 -42.55 3.22
N LEU W 121 11.26 -41.56 3.98
CA LEU W 121 11.06 -40.24 3.41
C LEU W 121 12.39 -39.64 2.99
N ILE W 122 12.33 -38.72 2.02
CA ILE W 122 13.54 -38.18 1.41
C ILE W 122 14.36 -37.33 2.37
N ASP W 123 13.78 -36.91 3.50
CA ASP W 123 14.47 -36.00 4.40
C ASP W 123 15.69 -36.62 5.07
N HIS W 124 15.69 -37.92 5.32
CA HIS W 124 16.82 -38.56 5.98
C HIS W 124 18.02 -38.59 5.04
N LYS W 125 19.04 -37.79 5.37
CA LYS W 125 20.29 -37.72 4.61
C LYS W 125 21.44 -38.07 5.55
N PHE W 126 21.99 -39.28 5.41
CA PHE W 126 23.13 -39.71 6.21
C PHE W 126 24.34 -39.99 5.31
N ASP W 127 24.31 -39.46 4.08
CA ASP W 127 25.45 -39.31 3.17
C ASP W 127 26.38 -40.52 3.11
N TYR W 128 25.86 -41.63 2.58
CA TYR W 128 26.54 -42.91 2.57
C TYR W 128 27.98 -42.78 2.08
N GLY W 129 28.82 -43.72 2.53
CA GLY W 129 30.16 -43.85 1.99
C GLY W 129 30.12 -44.47 0.62
N VAL W 130 31.32 -44.56 0.01
CA VAL W 130 31.51 -45.05 -1.36
C VAL W 130 30.88 -44.06 -2.34
N ARG W 131 31.71 -43.50 -3.22
CA ARG W 131 31.24 -42.46 -4.14
C ARG W 131 30.28 -42.98 -5.20
N GLY W 132 30.18 -44.29 -5.38
CA GLY W 132 29.32 -44.85 -6.39
C GLY W 132 27.86 -45.03 -6.01
N ILE W 133 27.47 -44.68 -4.79
CA ILE W 133 26.09 -44.81 -4.36
C ILE W 133 25.65 -43.51 -3.72
N SER W 134 24.37 -43.17 -3.92
CA SER W 134 23.81 -41.92 -3.44
C SER W 134 22.31 -41.92 -3.67
N ARG W 135 21.59 -41.14 -2.85
CA ARG W 135 20.19 -40.89 -3.11
C ARG W 135 20.03 -39.87 -4.22
N ASP W 136 18.99 -40.04 -5.03
CA ASP W 136 18.77 -39.15 -6.16
C ASP W 136 18.20 -37.81 -5.68
N ASN W 137 17.80 -36.98 -6.63
CA ASN W 137 17.22 -35.68 -6.28
C ASN W 137 15.93 -35.84 -5.50
N PHE W 138 15.05 -36.76 -5.91
CA PHE W 138 13.74 -36.92 -5.29
C PHE W 138 13.38 -38.40 -5.28
N GLY W 139 13.27 -38.99 -4.10
CA GLY W 139 12.73 -40.32 -3.96
C GLY W 139 13.72 -41.45 -3.90
N LYS W 140 13.91 -42.14 -5.04
CA LYS W 140 14.63 -43.40 -5.07
C LYS W 140 16.11 -43.20 -4.77
N ILE W 141 16.80 -44.31 -4.58
CA ILE W 141 18.25 -44.34 -4.44
C ILE W 141 18.83 -45.05 -5.66
N ASN W 142 20.04 -44.66 -6.03
CA ASN W 142 20.68 -45.22 -7.21
C ASN W 142 22.03 -45.81 -6.84
N VAL W 143 22.34 -46.96 -7.41
CA VAL W 143 23.63 -47.60 -7.27
C VAL W 143 24.28 -47.66 -8.64
N GLU W 144 25.54 -47.25 -8.70
CA GLU W 144 26.28 -47.32 -9.96
C GLU W 144 26.86 -48.73 -10.14
N SER W 145 26.93 -49.14 -11.40
CA SER W 145 27.49 -50.46 -11.72
C SER W 145 29.00 -50.53 -11.51
N LYS W 146 29.66 -49.39 -11.33
CA LYS W 146 31.10 -49.39 -11.10
C LYS W 146 31.46 -49.78 -9.68
N VAL W 147 30.49 -49.87 -8.78
CA VAL W 147 30.77 -50.16 -7.37
C VAL W 147 31.19 -51.62 -7.25
N VAL W 148 32.33 -51.84 -6.59
CA VAL W 148 32.79 -53.20 -6.32
C VAL W 148 32.04 -53.75 -5.11
N ALA W 149 32.02 -55.08 -5.00
CA ALA W 149 31.25 -55.72 -3.94
C ALA W 149 31.68 -55.33 -2.53
N PRO W 150 32.97 -55.33 -2.18
CA PRO W 150 33.34 -54.93 -0.80
C PRO W 150 32.90 -53.52 -0.44
N ALA W 151 32.98 -52.57 -1.37
CA ALA W 151 32.55 -51.22 -1.08
C ALA W 151 31.04 -51.17 -0.84
N LEU W 152 30.27 -51.91 -1.65
CA LEU W 152 28.84 -51.96 -1.46
C LEU W 152 28.49 -52.61 -0.12
N ARG W 153 29.27 -53.62 0.29
CA ARG W 153 29.07 -54.22 1.60
C ARG W 153 29.37 -53.23 2.72
N ARG W 154 30.42 -52.42 2.56
CA ARG W 154 30.71 -51.38 3.54
C ARG W 154 29.57 -50.39 3.65
N ALA W 155 29.02 -49.98 2.51
CA ALA W 155 27.87 -49.07 2.54
C ALA W 155 26.66 -49.72 3.21
N LEU W 156 26.42 -50.99 2.93
CA LEU W 156 25.33 -51.72 3.58
C LEU W 156 25.53 -51.77 5.08
N GLU W 157 26.76 -52.02 5.53
CA GLU W 157 27.04 -52.05 6.96
C GLU W 157 26.82 -50.68 7.60
N ASN W 158 27.23 -49.60 6.93
CA ASN W 158 27.00 -48.28 7.48
C ASN W 158 25.51 -47.98 7.60
N ALA W 159 24.73 -48.35 6.57
CA ALA W 159 23.29 -48.15 6.62
C ALA W 159 22.66 -48.98 7.74
N LEU W 160 23.13 -50.22 7.92
CA LEU W 160 22.62 -51.07 9.00
C LEU W 160 22.91 -50.47 10.36
N ILE W 161 24.12 -49.93 10.55
CA ILE W 161 24.46 -49.29 11.81
C ILE W 161 23.57 -48.08 12.06
N HIS W 162 23.36 -47.25 11.04
CA HIS W 162 22.56 -46.04 11.25
C HIS W 162 21.10 -46.40 11.53
N ARG W 163 20.44 -47.06 10.58
CA ARG W 163 19.01 -47.30 10.68
C ARG W 163 18.67 -48.19 11.87
N HIS W 164 19.51 -49.20 12.13
CA HIS W 164 19.40 -50.08 13.28
C HIS W 164 18.03 -50.78 13.24
N PRO W 165 17.85 -51.74 12.33
CA PRO W 165 16.61 -52.53 12.35
C PRO W 165 16.65 -53.59 13.44
N ASP W 166 15.45 -54.07 13.78
CA ASP W 166 15.35 -55.07 14.84
C ASP W 166 15.84 -56.43 14.37
N VAL W 167 15.50 -56.82 13.14
CA VAL W 167 15.90 -58.12 12.60
C VAL W 167 15.90 -58.03 11.08
N PHE W 168 16.84 -58.75 10.46
CA PHE W 168 16.94 -58.84 9.00
C PHE W 168 16.45 -60.22 8.59
N PHE W 169 15.30 -60.27 7.93
CA PHE W 169 14.69 -61.52 7.50
C PHE W 169 15.28 -61.93 6.15
N VAL W 170 15.71 -63.18 6.05
CA VAL W 170 16.17 -63.76 4.80
C VAL W 170 15.19 -64.87 4.46
N ASP W 171 14.18 -64.55 3.66
CA ASP W 171 13.15 -65.51 3.30
C ASP W 171 13.70 -66.54 2.32
N GLU W 172 13.28 -67.79 2.51
CA GLU W 172 13.65 -68.90 1.63
C GLU W 172 15.18 -69.00 1.52
N ALA W 173 15.78 -69.30 2.67
CA ALA W 173 17.23 -69.23 2.84
C ALA W 173 18.00 -70.36 2.16
N GLN W 174 17.31 -71.35 1.58
CA GLN W 174 18.01 -72.49 1.03
C GLN W 174 18.77 -72.17 -0.26
N HIS W 175 18.57 -70.99 -0.83
CA HIS W 175 19.29 -70.63 -2.06
C HIS W 175 20.75 -70.28 -1.80
N PHE W 176 21.16 -70.18 -0.53
CA PHE W 176 22.56 -69.92 -0.22
C PHE W 176 23.49 -70.95 -0.84
N GLY W 177 23.11 -72.23 -0.79
CA GLY W 177 24.00 -73.29 -1.22
C GLY W 177 24.34 -73.24 -2.70
N LYS W 178 23.39 -72.82 -3.54
CA LYS W 178 23.59 -72.83 -4.99
C LYS W 178 24.57 -71.73 -5.37
N VAL W 179 25.85 -72.09 -5.47
CA VAL W 179 26.90 -71.17 -5.85
C VAL W 179 27.82 -71.90 -6.83
N ALA W 180 28.69 -71.14 -7.48
CA ALA W 180 29.48 -71.68 -8.59
C ALA W 180 30.40 -72.81 -8.13
N SER W 181 31.19 -72.58 -7.09
CA SER W 181 32.17 -73.54 -6.63
C SER W 181 31.84 -74.01 -5.22
N GLY W 182 32.12 -75.28 -4.94
CA GLY W 182 31.78 -75.89 -3.68
C GLY W 182 32.72 -75.52 -2.56
N TYR W 183 32.38 -76.04 -1.37
CA TYR W 183 33.09 -75.88 -0.10
C TYR W 183 32.96 -74.48 0.49
N LYS W 184 32.34 -73.54 -0.22
CA LYS W 184 32.16 -72.19 0.30
C LYS W 184 30.89 -72.04 1.13
N LEU W 185 30.12 -73.11 1.29
CA LEU W 185 28.92 -73.04 2.13
C LEU W 185 29.28 -72.60 3.54
N GLN W 186 30.33 -73.19 4.11
CA GLN W 186 30.84 -72.70 5.38
C GLN W 186 31.36 -71.28 5.24
N ASP W 187 32.00 -70.96 4.11
CA ASP W 187 32.48 -69.61 3.89
C ASP W 187 31.33 -68.63 3.68
N GLN W 188 30.26 -69.06 3.01
CA GLN W 188 29.09 -68.21 2.88
C GLN W 188 28.47 -67.92 4.24
N LEU W 189 28.36 -68.95 5.08
CA LEU W 189 27.84 -68.74 6.43
C LEU W 189 28.76 -67.84 7.24
N ASP W 190 30.07 -67.97 7.06
CA ASP W 190 31.01 -67.08 7.73
C ASP W 190 30.84 -65.63 7.28
N CYS W 191 30.61 -65.42 5.98
CA CYS W 191 30.38 -64.08 5.47
C CYS W 191 29.12 -63.47 6.08
N LEU W 192 28.04 -64.25 6.13
CA LEU W 192 26.83 -63.75 6.77
C LEU W 192 27.05 -63.48 8.26
N LYS W 193 27.81 -64.34 8.92
CA LYS W 193 28.09 -64.16 10.34
C LYS W 193 28.87 -62.88 10.59
N SER W 194 29.87 -62.58 9.76
CA SER W 194 30.61 -61.33 9.89
C SER W 194 29.71 -60.14 9.60
N LEU W 195 28.85 -60.28 8.59
CA LEU W 195 27.90 -59.23 8.29
C LEU W 195 27.06 -59.02 9.51
N ALA W 196 26.24 -60.02 9.84
CA ALA W 196 25.40 -59.93 11.03
C ALA W 196 26.17 -59.24 12.15
N ASN W 197 27.39 -59.68 12.40
CA ASN W 197 28.21 -59.04 13.42
C ASN W 197 28.40 -57.58 13.10
N MET W 198 29.11 -57.30 12.01
CA MET W 198 29.37 -55.92 11.62
C MET W 198 28.07 -55.12 11.56
N THR W 199 27.17 -55.53 10.68
CA THR W 199 25.88 -54.85 10.59
C THR W 199 25.28 -54.67 11.97
N GLY W 200 25.48 -55.66 12.84
CA GLY W 200 24.97 -55.57 14.20
C GLY W 200 23.49 -55.84 14.28
N ILE W 201 22.98 -56.65 13.35
CA ILE W 201 21.55 -56.94 13.33
C ILE W 201 21.28 -58.43 13.19
N LEU W 202 20.43 -58.97 14.04
CA LEU W 202 20.12 -60.40 14.00
C LEU W 202 19.68 -60.79 12.59
N HIS W 203 20.29 -61.84 12.06
CA HIS W 203 19.93 -62.40 10.77
C HIS W 203 19.10 -63.66 11.00
N CYS W 204 17.88 -63.68 10.49
CA CYS W 204 16.97 -64.80 10.71
C CYS W 204 16.73 -65.50 9.38
N LEU W 205 16.95 -66.82 9.35
CA LEU W 205 16.95 -67.60 8.12
C LEU W 205 15.69 -68.46 8.07
N LEU W 206 14.74 -68.09 7.20
CA LEU W 206 13.62 -68.94 6.85
C LEU W 206 14.02 -69.79 5.66
N GLY W 207 13.89 -71.11 5.79
CA GLY W 207 14.27 -71.97 4.69
C GLY W 207 13.53 -73.29 4.74
N THR W 208 13.71 -74.07 3.68
CA THR W 208 13.09 -75.39 3.58
C THR W 208 13.96 -76.41 4.31
N TYR W 209 13.64 -77.70 4.14
CA TYR W 209 14.35 -78.73 4.87
C TYR W 209 15.74 -79.01 4.31
N GLU W 210 16.03 -78.57 3.08
CA GLU W 210 17.38 -78.72 2.56
C GLU W 210 18.34 -77.70 3.15
N LEU W 211 17.84 -76.71 3.90
CA LEU W 211 18.68 -75.77 4.63
C LEU W 211 19.44 -76.44 5.76
N LEU W 212 19.10 -77.68 6.10
CA LEU W 212 19.76 -78.41 7.19
C LEU W 212 21.24 -78.65 6.91
N THR W 213 21.69 -78.50 5.67
CA THR W 213 23.12 -78.56 5.40
C THR W 213 23.88 -77.38 5.99
N PHE W 214 23.15 -76.36 6.45
CA PHE W 214 23.75 -75.18 7.07
C PHE W 214 23.59 -75.17 8.58
N ARG W 215 23.04 -76.23 9.17
CA ARG W 215 22.68 -76.19 10.59
C ARG W 215 23.93 -76.10 11.46
N ASN W 216 24.90 -76.99 11.24
CA ASN W 216 26.16 -76.96 11.99
C ASN W 216 27.32 -77.12 11.01
N LEU W 217 28.20 -76.13 10.97
CA LEU W 217 29.46 -76.22 10.25
C LEU W 217 30.66 -75.98 11.15
N SER W 218 30.61 -74.93 11.97
CA SER W 218 31.69 -74.59 12.89
C SER W 218 31.10 -74.24 14.25
N GLY W 219 31.95 -74.35 15.28
CA GLY W 219 31.52 -73.96 16.61
C GLY W 219 31.07 -72.52 16.69
N GLN W 220 31.77 -71.63 15.98
CA GLN W 220 31.38 -70.23 15.92
C GLN W 220 29.98 -70.08 15.34
N LEU W 221 29.70 -70.80 14.26
CA LEU W 221 28.37 -70.73 13.65
C LEU W 221 27.32 -71.39 14.53
N SER W 222 27.69 -72.45 15.25
CA SER W 222 26.74 -73.13 16.11
C SER W 222 26.36 -72.31 17.33
N ARG W 223 27.31 -71.61 17.95
CA ARG W 223 27.03 -70.89 19.18
C ARG W 223 26.07 -69.72 18.99
N ARG W 224 26.23 -68.94 17.93
CA ARG W 224 25.38 -67.77 17.68
C ARG W 224 24.12 -68.13 16.92
N SER W 225 23.74 -69.41 16.88
CA SER W 225 22.59 -69.87 16.11
C SER W 225 21.57 -70.52 17.03
N VAL W 226 20.30 -70.16 16.85
CA VAL W 226 19.19 -70.78 17.56
C VAL W 226 18.25 -71.36 16.52
N ASP W 227 17.90 -72.63 16.70
CA ASP W 227 17.13 -73.38 15.72
C ASP W 227 15.66 -73.40 16.15
N ILE W 228 14.78 -72.97 15.24
CA ILE W 228 13.33 -73.02 15.45
C ILE W 228 12.75 -73.95 14.40
N HIS W 229 11.94 -74.90 14.85
CA HIS W 229 11.32 -75.90 13.98
C HIS W 229 9.87 -75.52 13.73
N PHE W 230 9.50 -75.38 12.46
CA PHE W 230 8.10 -75.17 12.07
C PHE W 230 7.50 -76.54 11.77
N ARG W 231 7.19 -77.27 12.84
CA ARG W 231 6.72 -78.64 12.71
C ARG W 231 5.38 -78.69 11.98
N ARG W 232 5.20 -79.73 11.19
CA ARG W 232 3.94 -79.99 10.49
C ARG W 232 2.99 -80.76 11.39
N TYR W 233 1.71 -80.71 11.05
CA TYR W 233 0.69 -81.44 11.79
C TYR W 233 0.72 -82.90 11.38
N CYS W 234 1.52 -83.70 12.09
CA CYS W 234 1.62 -85.11 11.79
C CYS W 234 0.34 -85.84 12.19
N ALA W 235 -0.01 -86.87 11.41
CA ALA W 235 -1.23 -87.63 11.68
C ALA W 235 -1.10 -88.56 12.88
N ASP W 236 0.13 -88.90 13.27
CA ASP W 236 0.32 -89.84 14.38
C ASP W 236 -0.20 -89.27 15.69
N SER W 237 0.12 -88.03 15.98
CA SER W 237 -0.30 -87.41 17.24
C SER W 237 -1.75 -86.95 17.11
N PRO W 238 -2.65 -87.37 18.01
CA PRO W 238 -4.05 -86.96 17.89
C PRO W 238 -4.28 -85.46 17.98
N GLU W 239 -3.44 -84.73 18.72
CA GLU W 239 -3.63 -83.29 18.86
C GLU W 239 -3.51 -82.58 17.52
N ASP W 240 -2.52 -82.95 16.73
CA ASP W 240 -2.42 -82.38 15.39
C ASP W 240 -3.61 -82.79 14.52
N VAL W 241 -4.18 -83.96 14.77
CA VAL W 241 -5.38 -84.37 14.03
C VAL W 241 -6.54 -83.45 14.37
N GLN W 242 -6.71 -83.13 15.65
CA GLN W 242 -7.77 -82.19 16.05
C GLN W 242 -7.52 -80.82 15.46
N ALA W 243 -6.27 -80.37 15.46
CA ALA W 243 -5.94 -79.07 14.87
C ALA W 243 -6.25 -79.06 13.38
N PHE W 244 -5.91 -80.14 12.67
CA PHE W 244 -6.22 -80.24 11.25
C PHE W 244 -7.72 -80.21 11.01
N LYS W 245 -8.48 -80.92 11.85
CA LYS W 245 -9.93 -80.92 11.71
C LYS W 245 -10.50 -79.52 11.95
N SER W 246 -9.97 -78.80 12.95
CA SER W 246 -10.43 -77.44 13.20
C SER W 246 -10.10 -76.52 12.03
N VAL W 247 -8.92 -76.72 11.42
CA VAL W 247 -8.57 -75.94 10.23
C VAL W 247 -9.56 -76.21 9.11
N LEU W 248 -9.94 -77.48 8.92
CA LEU W 248 -10.94 -77.81 7.91
C LEU W 248 -12.29 -77.16 8.21
N LEU W 249 -12.71 -77.17 9.49
CA LEU W 249 -13.97 -76.52 9.85
C LEU W 249 -13.92 -75.04 9.54
N THR W 250 -12.83 -74.36 9.91
CA THR W 250 -12.72 -72.93 9.62
C THR W 250 -12.71 -72.66 8.13
N PHE W 251 -12.00 -73.48 7.36
CA PHE W 251 -11.96 -73.31 5.91
C PHE W 251 -13.35 -73.48 5.30
N GLN W 252 -14.10 -74.47 5.78
CA GLN W 252 -15.49 -74.62 5.35
C GLN W 252 -16.31 -73.37 5.71
N GLN W 253 -16.14 -72.88 6.94
CA GLN W 253 -17.01 -71.81 7.43
C GLN W 253 -16.77 -70.50 6.68
N HIS W 254 -15.52 -70.22 6.30
CA HIS W 254 -15.21 -68.99 5.59
C HIS W 254 -15.03 -69.19 4.09
N LEU W 255 -15.42 -70.33 3.54
CA LEU W 255 -15.48 -70.46 2.08
C LEU W 255 -16.68 -69.68 1.56
N PRO W 256 -16.49 -68.75 0.61
CA PRO W 256 -17.62 -67.91 0.13
C PRO W 256 -18.49 -68.60 -0.92
N LEU W 257 -19.41 -69.44 -0.44
CA LEU W 257 -20.36 -70.16 -1.27
C LEU W 257 -21.76 -69.95 -0.74
N ALA W 258 -22.75 -70.40 -1.53
CA ALA W 258 -24.13 -70.32 -1.08
C ALA W 258 -24.37 -71.18 0.15
N GLU W 259 -23.75 -72.35 0.16
CA GLU W 259 -23.84 -73.25 1.31
C GLU W 259 -22.48 -73.88 1.48
N THR W 260 -22.15 -74.33 2.69
CA THR W 260 -20.82 -74.87 2.94
C THR W 260 -20.64 -76.30 2.45
N PRO W 261 -19.56 -76.54 1.69
CA PRO W 261 -19.27 -77.91 1.24
C PRO W 261 -18.59 -78.71 2.34
N ASN W 262 -18.52 -80.02 2.17
CA ASN W 262 -17.90 -80.87 3.19
C ASN W 262 -16.55 -81.39 2.75
N LEU W 263 -15.51 -81.04 3.50
CA LEU W 263 -14.18 -81.53 3.18
C LEU W 263 -13.63 -82.28 4.38
N VAL W 264 -14.16 -81.97 5.56
CA VAL W 264 -13.68 -82.62 6.76
C VAL W 264 -13.86 -84.12 6.63
N ASP W 265 -14.84 -84.54 5.85
CA ASP W 265 -15.07 -85.96 5.65
C ASP W 265 -13.84 -86.62 5.04
N HIS W 266 -13.21 -85.95 4.10
CA HIS W 266 -12.04 -86.51 3.44
C HIS W 266 -10.77 -86.06 4.15
N TRP W 267 -10.89 -85.60 5.38
CA TRP W 267 -9.73 -85.07 6.09
C TRP W 267 -8.52 -85.99 5.91
N GLU W 268 -8.72 -87.28 6.09
CA GLU W 268 -7.63 -88.22 5.97
C GLU W 268 -7.01 -88.13 4.58
N TYR W 269 -7.86 -88.11 3.56
CA TYR W 269 -7.37 -88.03 2.19
C TYR W 269 -6.59 -86.76 1.99
N PHE W 270 -7.12 -85.65 2.49
CA PHE W 270 -6.43 -84.39 2.35
C PHE W 270 -5.05 -84.51 2.97
N TYR W 271 -4.98 -85.11 4.14
CA TYR W 271 -3.71 -85.24 4.83
C TYR W 271 -2.71 -85.97 3.96
N GLU W 272 -3.17 -87.02 3.29
CA GLU W 272 -2.28 -87.79 2.43
C GLU W 272 -1.69 -86.86 1.40
N ARG W 273 -2.54 -86.01 0.82
CA ARG W 273 -2.07 -85.07 -0.18
C ARG W 273 -1.20 -83.97 0.41
N THR W 274 -1.59 -83.46 1.58
CA THR W 274 -0.86 -82.34 2.17
C THR W 274 0.29 -82.77 3.06
N LEU W 275 0.32 -84.06 3.42
CA LEU W 275 1.37 -84.57 4.29
C LEU W 275 1.35 -83.84 5.63
N GLY W 276 0.23 -83.22 5.96
CA GLY W 276 0.10 -82.52 7.22
C GLY W 276 0.48 -81.05 7.17
N CYS W 277 0.68 -80.52 5.97
CA CYS W 277 1.03 -79.11 5.82
C CYS W 277 -0.20 -78.28 5.51
N ILE W 278 -0.54 -77.36 6.40
CA ILE W 278 -1.74 -76.55 6.22
C ILE W 278 -1.68 -75.75 4.93
N GLY W 279 -0.52 -75.15 4.65
CA GLY W 279 -0.38 -74.35 3.45
C GLY W 279 -0.60 -75.18 2.21
N THR W 280 -0.03 -76.39 2.20
CA THR W 280 -0.22 -77.27 1.07
C THR W 280 -1.71 -77.49 0.88
N LEU W 281 -2.40 -77.77 1.97
CA LEU W 281 -3.83 -77.98 1.90
C LEU W 281 -4.50 -76.74 1.33
N LYS W 282 -4.17 -75.59 1.88
CA LYS W 282 -4.81 -74.36 1.44
C LYS W 282 -4.59 -74.17 -0.06
N ASP W 283 -3.38 -74.39 -0.52
CA ASP W 283 -3.08 -74.20 -1.93
C ASP W 283 -3.95 -75.10 -2.77
N TRP W 284 -3.99 -76.38 -2.42
CA TRP W 284 -4.80 -77.31 -3.18
C TRP W 284 -6.26 -76.89 -3.13
N LEU W 285 -6.74 -76.55 -1.94
CA LEU W 285 -8.13 -76.17 -1.79
C LEU W 285 -8.47 -74.93 -2.61
N LYS W 286 -7.62 -73.91 -2.51
CA LYS W 286 -7.88 -72.68 -3.24
C LYS W 286 -7.84 -72.95 -4.73
N ARG W 287 -6.90 -73.80 -5.14
CA ARG W 287 -6.79 -74.13 -6.55
C ARG W 287 -8.08 -74.78 -6.99
N VAL W 288 -8.55 -75.74 -6.22
CA VAL W 288 -9.80 -76.40 -6.54
C VAL W 288 -10.93 -75.38 -6.56
N LEU W 289 -10.93 -74.48 -5.58
CA LEU W 289 -11.98 -73.48 -5.49
C LEU W 289 -12.00 -72.65 -6.76
N SER W 290 -10.82 -72.38 -7.31
CA SER W 290 -10.73 -71.59 -8.52
C SER W 290 -11.61 -72.21 -9.59
N ASP W 291 -11.46 -73.51 -9.80
CA ASP W 291 -12.27 -74.20 -10.81
C ASP W 291 -13.72 -74.21 -10.40
N ALA W 292 -13.99 -74.49 -9.13
CA ALA W 292 -15.37 -74.57 -8.69
C ALA W 292 -16.09 -73.25 -8.92
N LEU W 293 -15.46 -72.16 -8.49
CA LEU W 293 -16.06 -70.85 -8.69
C LEU W 293 -16.02 -70.52 -10.16
N ASP W 294 -15.02 -71.01 -10.87
CA ASP W 294 -14.99 -70.82 -12.30
C ASP W 294 -16.24 -71.43 -12.86
N ARG W 295 -16.67 -72.54 -12.26
CA ARG W 295 -17.90 -73.20 -12.69
C ARG W 295 -19.05 -72.70 -11.83
N GLU W 296 -18.77 -71.75 -10.95
CA GLU W 296 -19.80 -71.20 -10.07
C GLU W 296 -20.54 -72.30 -9.31
N ALA W 297 -19.78 -73.22 -8.71
CA ALA W 297 -20.40 -74.30 -7.94
C ALA W 297 -20.69 -73.84 -6.52
N THR W 298 -21.95 -73.90 -6.11
CA THR W 298 -22.32 -73.48 -4.77
C THR W 298 -21.71 -74.39 -3.72
N THR W 299 -21.33 -75.60 -4.13
CA THR W 299 -20.67 -76.52 -3.22
C THR W 299 -19.53 -77.22 -3.93
N ILE W 300 -18.60 -77.76 -3.16
CA ILE W 300 -17.45 -78.43 -3.74
C ILE W 300 -17.67 -79.94 -3.81
N THR W 301 -18.00 -80.41 -5.00
CA THR W 301 -18.08 -81.84 -5.27
C THR W 301 -16.72 -82.47 -5.11
N LEU W 302 -16.71 -83.73 -4.68
CA LEU W 302 -15.44 -84.43 -4.53
C LEU W 302 -14.62 -84.32 -5.80
N LYS W 303 -15.28 -84.33 -6.95
CA LYS W 303 -14.50 -84.32 -8.20
C LYS W 303 -13.66 -83.05 -8.32
N ASP W 304 -14.09 -81.95 -7.71
CA ASP W 304 -13.35 -80.70 -7.81
C ASP W 304 -11.96 -80.83 -7.20
N LEU W 305 -11.84 -81.57 -6.09
CA LEU W 305 -10.54 -81.75 -5.46
C LEU W 305 -9.59 -82.53 -6.36
N GLN W 306 -10.08 -83.55 -7.07
CA GLN W 306 -9.22 -84.35 -7.93
C GLN W 306 -8.71 -83.55 -9.12
N LYS W 307 -9.45 -82.51 -9.54
CA LYS W 307 -9.00 -81.70 -10.67
C LYS W 307 -7.67 -81.02 -10.36
N ARG W 308 -7.54 -80.46 -9.15
CA ARG W 308 -6.33 -79.79 -8.72
C ARG W 308 -5.52 -80.62 -7.75
N ALA W 309 -5.81 -81.92 -7.63
CA ALA W 309 -5.14 -82.77 -6.66
C ALA W 309 -3.65 -82.88 -6.98
N LEU W 310 -2.84 -82.90 -5.92
CA LEU W 310 -1.40 -83.09 -6.09
C LEU W 310 -1.11 -84.55 -6.43
N SER W 311 -0.12 -84.74 -7.31
CA SER W 311 0.23 -86.07 -7.77
C SER W 311 0.80 -86.91 -6.62
N VAL W 312 0.62 -88.23 -6.73
CA VAL W 312 1.15 -89.15 -5.73
C VAL W 312 2.67 -89.06 -5.68
N ALA W 313 3.30 -89.04 -6.85
CA ALA W 313 4.76 -88.89 -6.90
C ALA W 313 5.20 -87.56 -6.32
N GLN W 314 4.48 -86.48 -6.63
CA GLN W 314 4.77 -85.19 -6.02
C GLN W 314 4.55 -85.24 -4.52
N CYS W 315 3.46 -85.88 -4.07
CA CYS W 315 3.22 -86.02 -2.64
C CYS W 315 4.28 -86.90 -2.00
N GLN W 316 4.78 -87.89 -2.72
CA GLN W 316 5.80 -88.77 -2.17
C GLN W 316 7.14 -88.06 -2.02
N LYS W 317 7.52 -87.27 -3.02
CA LYS W 317 8.84 -86.62 -2.98
C LYS W 317 8.93 -85.58 -1.88
N MET W 318 7.84 -84.84 -1.61
CA MET W 318 7.82 -83.98 -0.42
C MET W 318 7.96 -84.80 0.84
N PHE W 319 7.25 -85.93 0.93
CA PHE W 319 7.28 -86.74 2.13
C PHE W 319 8.69 -87.28 2.40
N LYS W 320 9.42 -87.64 1.33
CA LYS W 320 10.80 -88.06 1.50
C LYS W 320 11.66 -86.93 2.06
N GLU W 321 11.45 -85.71 1.57
CA GLU W 321 12.21 -84.56 2.07
C GLU W 321 11.88 -84.29 3.53
N ILE W 322 10.59 -84.26 3.87
CA ILE W 322 10.18 -83.94 5.23
C ILE W 322 10.56 -85.06 6.20
N GLN W 323 10.63 -86.31 5.70
CA GLN W 323 10.99 -87.41 6.59
C GLN W 323 12.46 -87.37 6.96
N GLU W 324 13.34 -87.15 5.97
CA GLU W 324 14.78 -87.08 6.26
C GLU W 324 15.11 -85.89 7.14
N GLY W 325 14.53 -84.73 6.83
CA GLY W 325 14.82 -83.54 7.61
C GLY W 325 14.33 -83.64 9.04
N GLU W 326 13.11 -84.16 9.24
CA GLU W 326 12.61 -84.35 10.60
C GLU W 326 13.47 -85.35 11.36
N ARG W 327 14.09 -86.30 10.64
CA ARG W 327 15.00 -87.23 11.28
C ARG W 327 16.28 -86.54 11.73
N GLN W 328 16.83 -85.65 10.90
CA GLN W 328 18.03 -84.92 11.28
C GLN W 328 17.76 -84.01 12.47
N LEU W 329 16.61 -83.33 12.49
CA LEU W 329 16.27 -82.39 13.54
C LEU W 329 15.64 -83.06 14.75
N SER W 330 15.74 -84.37 14.87
CA SER W 330 15.13 -85.11 15.97
C SER W 330 16.09 -85.14 17.14
N GLU W 331 15.81 -84.35 18.17
CA GLU W 331 16.58 -84.32 19.40
C GLU W 331 15.79 -85.04 20.48
N THR W 332 16.28 -86.20 20.90
CA THR W 332 15.61 -87.03 21.89
C THR W 332 16.43 -87.06 23.18
N GLU W 333 15.91 -87.81 24.16
CA GLU W 333 16.62 -87.95 25.43
C GLU W 333 17.92 -88.74 25.25
N ALA W 334 17.95 -89.69 24.32
CA ALA W 334 19.17 -90.45 24.07
C ALA W 334 20.30 -89.54 23.61
N ASP W 335 19.95 -88.50 22.84
CA ASP W 335 20.95 -87.50 22.47
C ASP W 335 21.48 -86.76 23.69
N VAL W 336 20.59 -86.45 24.64
CA VAL W 336 21.01 -85.75 25.86
C VAL W 336 21.99 -86.61 26.65
N GLN W 337 21.69 -87.91 26.77
CA GLN W 337 22.54 -88.79 27.56
C GLN W 337 23.93 -88.92 26.94
N ASN W 338 24.01 -88.94 25.61
CA ASN W 338 25.32 -89.03 24.96
C ASN W 338 26.17 -87.81 25.27
N LEU W 339 25.56 -86.63 25.30
CA LEU W 339 26.28 -85.43 25.72
C LEU W 339 26.71 -85.53 27.18
N ARG W 340 25.85 -86.12 28.02
CA ARG W 340 26.21 -86.32 29.43
C ARG W 340 27.44 -87.20 29.55
N SER W 341 27.50 -88.28 28.78
CA SER W 341 28.65 -89.18 28.84
C SER W 341 29.89 -88.53 28.24
N ALA W 342 29.73 -87.78 27.14
CA ALA W 342 30.88 -87.15 26.49
C ALA W 342 31.55 -86.14 27.40
N LEU W 343 30.76 -85.36 28.13
CA LEU W 343 31.29 -84.33 29.03
C LEU W 343 31.78 -84.91 30.35
N GLY W 344 31.59 -86.20 30.60
CA GLY W 344 31.94 -86.76 31.88
C GLY W 344 30.99 -86.40 33.00
N LEU W 345 29.76 -86.01 32.66
CA LEU W 345 28.78 -85.58 33.64
C LEU W 345 27.77 -86.66 33.99
N GLY W 346 28.01 -87.91 33.59
CA GLY W 346 27.07 -88.97 33.89
C GLY W 346 26.98 -89.24 35.38
#